data_5LEY
#
_entry.id   5LEY
#
_cell.length_a   113.390
_cell.length_b   202.650
_cell.length_c   315.140
_cell.angle_alpha   90.00
_cell.angle_beta   90.00
_cell.angle_gamma   90.00
#
_symmetry.space_group_name_H-M   'P 21 21 21'
#
loop_
_entity.id
_entity.type
_entity.pdbx_description
1 polymer 'Proteasome subunit alpha type-2'
2 polymer 'Proteasome subunit alpha type-4'
3 polymer 'Proteasome subunit alpha type-7'
4 polymer 'Proteasome subunit alpha type-5'
5 polymer 'Proteasome subunit alpha type-1'
6 polymer 'Proteasome subunit alpha type-3'
7 polymer 'Proteasome subunit alpha type-6'
8 polymer 'Proteasome subunit beta type-7'
9 polymer 'Proteasome subunit beta type-3'
10 polymer 'Proteasome subunit beta type-2'
11 polymer 'Proteasome subunit beta type-5'
12 polymer 'Proteasome subunit beta type-1'
13 polymer 'Proteasome subunit beta type-4'
14 polymer 'Proteasome subunit beta type-6'
15 polymer 'bound Oprozomib'
16 non-polymer 'CHLORIDE ION'
17 non-polymer 'POTASSIUM ION'
18 non-polymer 'MAGNESIUM ION'
19 non-polymer 'PENTAETHYLENE GLYCOL'
20 water water
#
loop_
_entity_poly.entity_id
_entity_poly.type
_entity_poly.pdbx_seq_one_letter_code
_entity_poly.pdbx_strand_id
1 'polypeptide(L)'
;MAERGYSFSLTTFSPSGKLVQIEYALAAVAGGAPSVGIKAANGVVLATEKKQKSILYDERSVHKVEPITKHIGLVYSGMG
PDYRVLVHRARKLAQQYYLVYQEPIPTAQLVQRVASVMQEYTQSGGVRPFGVSLLICGWNEGRPYLFQSDPSGAYFAWKA
TAMGKNYVNGKTFLEKRYNEDLELEDAIHTAILTLKESFEGQMTEDNIEVGICNEAGFRRLTPTEVKDYLAAIA
;
A,O
2 'polypeptide(L)'
;MSRRYDSRTTIFSPEGRLYQVEYAMEAIGHAGTCLGILANDGVLLAAERRNIHKLLDEVFFSEKIYKLNEDMACSVAGIT
SDANVLTNELRLIAQRYLLQYQEPIPCEQLVTALCDIKQAYTQFGGKRPFGVSLLYIGWDKHYGFQLYQSDPSGNYGGWK
ATCIGNNSAAAVSMLKQDYKEGEMTLKSALALAIKVLNKTMDVSKLSAEKVEIATLTRENGKTVIRVLKQKEVEQLIKKH
EEEEAKAEREKKEKEQKEKDK
;
B,P
3 'polypeptide(L)'
;MSYDRAITVFSPDGHLFQVEYAQEAVKKGSTAVGVRGRDIVVLGVEKKSVAKLQDERTVRKI(YCM)ALDDNVCMAFAGL
TADARIVINRARVECQSHRLTVEDPVTVEYITRYIASLKQRYTQSNGRRPFGISALIVGFDFDGTPRLYQTDPSGTYHAW
KANAIGRGAKSVREFLEKNYTDEAIETDDLTIKLVIKALLEVVQSGGKNIELAVMRRDQSLKILNPEEIEKYVAEIEKEK
EENEKKKQKKAS
;
C,Q
4 'polypeptide(L)'
;MFLTRSEYDRGVNTFSPEGRLFQVEYAIEAIKLGSTAIGIQTSEGVCLAVEKRITSPLMEPSSIEKIVEIDAHIGCAMSG
LIADAKTLIDKARVETQNHWFTYNETMTVESVTQAVSNLALQFGEEDADPGAMSRPFGVALLFGGVDEKGPQLFHMDPSG
TFVQCDARAIGSASEGAQSSLQEVYHKSMTLKEAIKSSLIILKQVMEEKLNATNIELATVQPGQNFHMFTKEELEEVIKD
I
;
D,R
5 'polypeptide(L)'
;MFRNQYDNDVTVWSPQGRIHQIEYAMEAVKQGSATVGLKSKTHAVLVALKRAQSELAAHQKKILHVDNHIGISIAGLTAD
ARLLCNFMRQECLDSRFVFDRPLPVSRLVSLIGSKTQIPTQRYGRRPYGVGLLIAGYDDMGPHIFQT(6V1)PSANYFDC
RAMSIGARSQSARTYLERHMSEFMECNLNELVKHGLRALRETLPAEQDLTTKNVSIGIVGKDLEFTIYDDDDVSPFLEGL
EERPQRKAQPAQPADEPAEKADEPMEH
;
E,S
6 'polypeptide(L)'
;MSSIGTGYDLSASTFSPDGRVFQVEYAMKAVENSSTAIGIRCKDGVVFGVEKLVLSKLYEEGSNKRLFNVDRHVGMAVAG
LLADARSLADIAREEASNFRSNFGYNIPLKHLADRVAMYVHAYTLYSAVRPFGCSFMLGSYSVNDGAQLYMIDPSGVSYG
YWGCAIGKARQAAKTEIEKLQMKEMTCRDIVKEVAKIIYIVHDEVKDKAFELELSWVGELTNGRHEIVPKDIREEAEKYA
KESLKEEDESDDDNM
;
F,T
7 'polypeptide(L)'
;MSRGSSAGFDRHITIFSPEGRLYQVEYAFKAINQGGLTSVAVRGKD(6V1)AVIVTQKKVPDKLLDSSTVTHLFKITENI
GCVMTGMTADSRSQVQRARYEAANWKYKYGYEIPVDMLCKRIADISQVYTQNAEMRPLGC(YCM)MILIGIDEEQGPQVY
KCDPAGYY(6V1)GFKATAAGVKQTESTSFLEKKVKKKFDWTFEQTVETAITCLSTVLSIDFKPSEIEVGVVTVENPKFR
ILTEAEIDAHLVALAERD
;
G,U
8 'polypeptide(L)'
;TTIAGVVYKDGIVLGADTRATEGMVVADKNCSKIHFISPNIYCCGAGTAADTDMTTQLISSNLELHSLSTGRLPRVVTAN
RMLKQMLFRYQGYIGAALVLGGVDVTGPHLYSIYPHGSTDKLPYVTMGSGSLAAMAVFEDKFRPDMEEEEAKNLVSEAIA
AGIFNDLGSGSNIDLCVISKNKLDFLRPYTVPNKKGTRLGRYRCEKGTTAVLTEKITPLEIEVLEETVQTMDTS
;
H,V
9 'polypeptide(L)'
;MSIMSYNGGAVMAMKGKNCVAIAADRRFGIQAQMVTTDFQKIFPMGDRLYIGLAGLATDVQTVAQRLKFRLNLYELKEGR
QIKPYTLMSMVANLLYEKRFGPYYTEPVIAGLDPKTFKPFICSLDLIGCPMVTDDFVVSGTCAEQMYGMCESLWEPNMDP
DHLFETISQAMLNAVDRDAVSGMGVIVHIIEKDKITTRTLKARMD
;
I,W
10 'polypeptide(L)'
;MEYLIGIQGPDYVLVASDRVAASNIVQMKDDHDKMFKMSEKILLLCVGEAGDTVQFAEYIQKNVQLYKMRNGYELSPTAA
ANFTRRNLAD(6V1)LRSRTPYHVNLLLAGYDEHEGPALYYMDYLAALAKAPFAAHGYGAFLTLSILDRYYTPTISRERA
VELLRKCLEELQKRFILNLPTFSVRIIDKNGIHDLDNISFPKQGS
;
J,X
11 'polypeptide(L)'
;TTTLAFKFRHGVIVAADSRATAGAYIASQTVKKVIEINPYLLGTMAGGAADCSFWERLLARQCRIYELRNKERISVAAAS
KLLANMVYQYKGMGLSMGTMICGWDKRGPGLYYVDSEGNRISGATFSVGSGSVYAYGVMDRGYSYDLEVEQAYDLARRAI
YQATYRDAYSGGAVNLYHVREDGWIRVSSDNVADLHEKYSGSTP
;
K,Y
12 'polypeptide(L)'
;RFSPYVFNGGTILAIAGEDFAIVASDTRLSEGFSIHTRDSPKCYKLTDKTVIGCSGFHGDCLTLTKIIEARLKMYKHSNN
KAMTTGAIAAMLSTILYSRRFFPYYVYNIIGGLDEEGKGAVYSFDPVGSYQRDSFKAGGSASAMLQPLLDNQVGFKNMQN
VEHVPLSLDRAMRLVKDVFISAAERDVYTGDALRICIVTKEGIREETVSLRKD
;
L,Z
13 'polypeptide(L)'
;TQNPMVTGTSVLGVKFEGGVVIAADMLGSYGSLARFRNISRIMRVNNSTMLGASGDYADFQYLKQVLGQMVIDEELLGDG
HSYSPRAIHSWLTRAMYSRRSKMNPLWNTMVIGGYADGESFLGYVDMLGVAYEAPSLATGYGAYLAQPLLREVLEKQPVL
SQTEARDLVERCMRVLYYRDARSYNRFQIATVTEKGVEIEGPLSTETNWDIAHMISGFE
;
M,a
14 'polypeptide(L)'
;TTIMAVQFDGGVVLGADSRTTTGSYIANRVTDKLTPIHDRIFCCRSGSAADTQAVADAVTYQLGFHSIELNEPPLVHTAA
SLFKEMCYRYREDLMAGIIIAGWDPQEGGQVYSVPMGGMMVRQSFAIGGSGSSYIYGYVDATYREGMTKEECLQFTANAL
ALAMERDGSSGGVIRLAAIAESGVERQVLLGDQIPKFAVATLPPA
;
N,b
15 'polypeptide(L)' (6V9)(OAS)(OAS)(6VA) c,d
#
# COMPACT_ATOMS: atom_id res chain seq x y z
N ARG A 4 1.06 -29.17 -46.17
CA ARG A 4 1.01 -29.46 -44.67
C ARG A 4 2.02 -30.56 -44.20
N GLY A 5 2.04 -31.72 -44.90
CA GLY A 5 2.72 -32.97 -44.43
C GLY A 5 1.73 -34.13 -44.78
N TYR A 6 2.15 -35.32 -45.21
CA TYR A 6 1.20 -36.41 -45.42
C TYR A 6 1.06 -37.10 -44.03
N SER A 7 -0.16 -37.37 -43.59
CA SER A 7 -0.37 -37.91 -42.30
C SER A 7 -0.54 -39.44 -42.24
N PHE A 8 -0.53 -40.10 -43.41
CA PHE A 8 -0.63 -41.56 -43.49
C PHE A 8 0.73 -42.23 -43.53
N SER A 9 0.81 -43.47 -43.11
CA SER A 9 2.01 -44.27 -43.16
C SER A 9 2.37 -44.56 -44.66
N LEU A 10 3.67 -44.52 -44.96
CA LEU A 10 4.18 -44.95 -46.28
C LEU A 10 4.74 -46.34 -46.18
N THR A 11 4.87 -46.89 -44.95
CA THR A 11 5.18 -48.26 -44.78
C THR A 11 3.93 -48.91 -44.21
N THR A 12 3.51 -49.98 -44.91
CA THR A 12 2.37 -50.79 -44.47
C THR A 12 2.64 -52.30 -44.64
N PHE A 13 1.77 -53.09 -44.03
CA PHE A 13 1.86 -54.56 -44.21
C PHE A 13 1.39 -54.96 -45.57
N SER A 14 2.19 -55.80 -46.22
CA SER A 14 1.74 -56.53 -47.43
C SER A 14 0.87 -57.70 -46.95
N PRO A 15 0.14 -58.38 -47.90
CA PRO A 15 -0.72 -59.48 -47.50
C PRO A 15 0.01 -60.57 -46.72
N SER A 16 1.27 -60.77 -47.05
CA SER A 16 2.08 -61.88 -46.47
C SER A 16 2.74 -61.48 -45.20
N GLY A 17 2.38 -60.31 -44.66
CA GLY A 17 2.88 -59.89 -43.42
C GLY A 17 4.21 -59.16 -43.46
N LYS A 18 4.68 -58.75 -44.64
CA LYS A 18 5.95 -58.08 -44.78
C LYS A 18 5.78 -56.55 -44.82
N LEU A 19 6.72 -55.83 -44.20
CA LEU A 19 6.80 -54.37 -44.31
C LEU A 19 7.82 -54.11 -45.42
N VAL A 20 7.36 -54.13 -46.66
CA VAL A 20 8.33 -54.13 -47.77
C VAL A 20 9.20 -52.85 -47.81
N GLN A 21 8.69 -51.68 -47.42
CA GLN A 21 9.60 -50.50 -47.41
C GLN A 21 10.82 -50.71 -46.53
N ILE A 22 10.67 -51.45 -45.44
CA ILE A 22 11.80 -51.76 -44.59
C ILE A 22 12.71 -52.80 -45.21
N GLU A 23 12.15 -53.81 -45.89
CA GLU A 23 13.02 -54.67 -46.62
C GLU A 23 13.89 -53.80 -47.62
N TYR A 24 13.19 -52.87 -48.29
CA TYR A 24 13.82 -52.18 -49.42
C TYR A 24 14.90 -51.22 -48.90
N ALA A 25 14.66 -50.66 -47.71
CA ALA A 25 15.69 -50.00 -46.99
C ALA A 25 16.87 -50.89 -46.71
N LEU A 26 16.63 -52.14 -46.26
CA LEU A 26 17.71 -53.10 -46.10
C LEU A 26 18.49 -53.41 -47.38
N ALA A 27 17.82 -53.35 -48.53
CA ALA A 27 18.54 -53.50 -49.81
C ALA A 27 19.46 -52.29 -50.07
N ALA A 28 19.05 -51.09 -49.68
CA ALA A 28 19.98 -49.93 -49.78
C ALA A 28 21.19 -50.11 -48.86
N VAL A 29 20.97 -50.68 -47.67
CA VAL A 29 22.08 -50.99 -46.78
C VAL A 29 23.03 -52.01 -47.39
N ALA A 30 22.46 -53.09 -47.94
CA ALA A 30 23.27 -54.15 -48.51
C ALA A 30 24.10 -53.70 -49.68
N GLY A 31 23.66 -52.68 -50.38
CA GLY A 31 24.41 -52.13 -51.50
C GLY A 31 25.36 -51.07 -51.07
N GLY A 32 25.38 -50.72 -49.78
CA GLY A 32 26.28 -49.71 -49.29
C GLY A 32 27.70 -50.22 -49.23
N ALA A 33 28.64 -49.32 -48.98
CA ALA A 33 30.01 -49.67 -48.78
C ALA A 33 30.18 -50.53 -47.52
N PRO A 34 31.14 -51.45 -47.54
CA PRO A 34 31.29 -52.33 -46.36
C PRO A 34 31.72 -51.63 -45.08
N SER A 35 31.17 -52.10 -43.96
CA SER A 35 31.57 -51.74 -42.59
C SER A 35 31.68 -52.99 -41.74
N VAL A 36 32.60 -52.93 -40.78
CA VAL A 36 32.96 -54.03 -39.90
C VAL A 36 33.09 -53.49 -38.50
N GLY A 37 32.66 -54.30 -37.53
CA GLY A 37 32.95 -54.02 -36.13
C GLY A 37 33.34 -55.29 -35.42
N ILE A 38 34.38 -55.21 -34.60
CA ILE A 38 34.89 -56.36 -33.86
C ILE A 38 35.00 -55.89 -32.42
N LYS A 39 34.44 -56.66 -31.52
CA LYS A 39 34.61 -56.40 -30.08
C LYS A 39 35.72 -57.28 -29.53
N ALA A 40 36.86 -56.67 -29.17
CA ALA A 40 37.96 -57.36 -28.53
C ALA A 40 37.67 -57.42 -27.03
N ALA A 41 38.55 -58.09 -26.32
CA ALA A 41 38.47 -58.23 -24.88
C ALA A 41 38.55 -56.86 -24.21
N ASN A 42 39.49 -56.03 -24.69
CA ASN A 42 39.83 -54.70 -24.11
C ASN A 42 39.40 -53.48 -24.95
N GLY A 43 38.55 -53.69 -25.96
CA GLY A 43 38.10 -52.59 -26.78
C GLY A 43 37.27 -52.98 -27.97
N VAL A 44 36.91 -51.98 -28.78
CA VAL A 44 36.13 -52.23 -29.96
C VAL A 44 36.77 -51.49 -31.11
N VAL A 45 36.75 -52.10 -32.29
CA VAL A 45 37.17 -51.43 -33.53
C VAL A 45 36.01 -51.37 -34.51
N LEU A 46 35.82 -50.22 -35.12
CA LEU A 46 34.93 -50.02 -36.25
C LEU A 46 35.75 -49.64 -37.48
N ALA A 47 35.45 -50.26 -38.61
CA ALA A 47 36.19 -49.98 -39.85
C ALA A 47 35.27 -49.97 -41.04
N THR A 48 35.59 -49.12 -41.99
CA THR A 48 34.73 -48.92 -43.13
C THR A 48 35.55 -48.57 -44.35
N GLU A 49 35.04 -49.01 -45.48
CA GLU A 49 35.54 -48.63 -46.76
C GLU A 49 34.96 -47.29 -47.20
N LYS A 50 35.82 -46.39 -47.62
CA LYS A 50 35.35 -45.25 -48.42
C LYS A 50 35.13 -45.61 -49.89
N LYS A 51 33.85 -45.63 -50.32
CA LYS A 51 33.46 -45.49 -51.78
C LYS A 51 34.06 -44.20 -52.52
N GLN A 52 35.39 -44.03 -52.34
CA GLN A 52 36.17 -42.86 -52.73
C GLN A 52 36.70 -43.03 -54.13
N LYS A 53 35.91 -42.55 -55.08
CA LYS A 53 36.38 -42.36 -56.43
C LYS A 53 37.61 -41.46 -56.37
N SER A 54 37.73 -40.65 -57.40
CA SER A 54 38.64 -39.54 -57.51
C SER A 54 39.69 -39.27 -56.41
N ILE A 55 40.91 -39.13 -56.84
CA ILE A 55 41.93 -38.34 -56.15
C ILE A 55 41.48 -36.88 -55.80
N LEU A 56 40.45 -36.36 -56.46
CA LEU A 56 39.96 -35.02 -56.20
C LEU A 56 39.27 -34.83 -54.87
N TYR A 57 38.73 -35.88 -54.26
CA TYR A 57 38.10 -35.83 -52.96
C TYR A 57 39.10 -35.47 -51.89
N ASP A 58 38.67 -34.65 -50.93
CA ASP A 58 39.47 -34.35 -49.77
C ASP A 58 38.91 -35.33 -48.79
N GLU A 59 39.66 -36.40 -48.55
N GLU A 59 39.65 -36.40 -48.56
CA GLU A 59 39.21 -37.55 -47.74
CA GLU A 59 39.15 -37.54 -47.77
C GLU A 59 38.91 -37.18 -46.30
C GLU A 59 38.92 -37.19 -46.30
N ARG A 60 39.66 -36.19 -45.82
CA ARG A 60 39.56 -35.66 -44.46
C ARG A 60 38.32 -34.76 -44.23
N SER A 61 37.59 -34.38 -45.30
CA SER A 61 36.51 -33.40 -45.21
C SER A 61 35.19 -33.90 -44.69
N VAL A 62 34.88 -35.17 -44.87
CA VAL A 62 33.76 -35.76 -44.18
C VAL A 62 34.15 -37.16 -43.68
N HIS A 63 33.55 -37.60 -42.57
CA HIS A 63 33.95 -38.83 -41.93
C HIS A 63 32.73 -39.71 -41.82
N LYS A 64 32.95 -40.99 -41.99
CA LYS A 64 31.94 -42.00 -41.77
C LYS A 64 32.00 -42.56 -40.33
N VAL A 65 33.18 -42.53 -39.71
CA VAL A 65 33.33 -42.98 -38.35
C VAL A 65 33.26 -41.72 -37.52
N GLU A 66 32.30 -41.64 -36.62
CA GLU A 66 31.94 -40.39 -35.96
C GLU A 66 31.81 -40.59 -34.43
N PRO A 67 32.32 -39.64 -33.65
CA PRO A 67 32.05 -39.63 -32.18
C PRO A 67 30.65 -39.14 -31.83
N ILE A 68 30.01 -39.88 -30.92
CA ILE A 68 28.74 -39.46 -30.32
C ILE A 68 29.01 -38.76 -28.99
N THR A 69 29.86 -39.38 -28.18
CA THR A 69 30.28 -38.85 -26.87
C THR A 69 31.75 -39.18 -26.78
N LYS A 70 32.34 -38.88 -25.64
CA LYS A 70 33.70 -39.24 -25.39
C LYS A 70 33.95 -40.74 -25.42
N HIS A 71 32.91 -41.51 -25.16
CA HIS A 71 33.03 -42.96 -24.94
C HIS A 71 32.23 -43.83 -25.95
N ILE A 72 31.55 -43.20 -26.91
CA ILE A 72 30.69 -43.85 -27.87
C ILE A 72 30.97 -43.29 -29.25
N GLY A 73 31.06 -44.19 -30.22
CA GLY A 73 31.16 -43.82 -31.64
C GLY A 73 30.39 -44.77 -32.55
N LEU A 74 30.23 -44.35 -33.82
CA LEU A 74 29.33 -45.00 -34.76
C LEU A 74 30.03 -45.15 -36.14
N VAL A 75 29.52 -46.10 -36.90
CA VAL A 75 29.73 -46.13 -38.35
C VAL A 75 28.45 -46.70 -38.99
N TYR A 76 28.37 -46.81 -40.33
CA TYR A 76 27.16 -47.28 -40.96
C TYR A 76 27.53 -47.87 -42.29
N SER A 77 26.54 -48.54 -42.85
CA SER A 77 26.45 -48.87 -44.25
C SER A 77 25.08 -48.41 -44.75
N GLY A 78 25.06 -47.87 -45.97
CA GLY A 78 23.85 -47.44 -46.65
C GLY A 78 23.95 -45.99 -47.07
N MET A 79 22.88 -45.23 -46.83
CA MET A 79 22.84 -43.86 -47.35
C MET A 79 23.44 -42.85 -46.44
N GLY A 80 24.54 -42.28 -46.88
CA GLY A 80 25.24 -41.23 -46.08
C GLY A 80 24.37 -40.11 -45.49
N PRO A 81 23.55 -39.44 -46.29
CA PRO A 81 22.79 -38.33 -45.75
C PRO A 81 21.79 -38.74 -44.66
N ASP A 82 21.20 -39.94 -44.79
CA ASP A 82 20.37 -40.51 -43.74
C ASP A 82 21.15 -40.74 -42.41
N TYR A 83 22.35 -41.24 -42.55
CA TYR A 83 23.26 -41.40 -41.42
C TYR A 83 23.55 -40.10 -40.65
N ARG A 84 23.75 -38.99 -41.38
CA ARG A 84 24.00 -37.72 -40.72
C ARG A 84 22.86 -37.26 -39.81
N VAL A 85 21.63 -37.53 -40.23
CA VAL A 85 20.45 -37.33 -39.42
C VAL A 85 20.57 -38.08 -38.08
N LEU A 86 20.91 -39.36 -38.14
CA LEU A 86 20.95 -40.23 -37.00
C LEU A 86 22.14 -39.90 -36.06
N VAL A 87 23.30 -39.52 -36.62
CA VAL A 87 24.44 -39.02 -35.87
C VAL A 87 24.02 -37.80 -35.05
N HIS A 88 23.35 -36.85 -35.71
CA HIS A 88 22.91 -35.63 -35.03
C HIS A 88 21.90 -35.95 -33.87
N ARG A 89 20.94 -36.82 -34.12
CA ARG A 89 19.97 -37.19 -33.11
CA ARG A 89 19.96 -37.20 -33.12
C ARG A 89 20.64 -37.95 -31.97
N ALA A 90 21.60 -38.81 -32.30
CA ALA A 90 22.27 -39.60 -31.30
C ALA A 90 23.04 -38.65 -30.34
N ARG A 91 23.70 -37.67 -30.91
CA ARG A 91 24.44 -36.69 -30.13
C ARG A 91 23.50 -35.94 -29.18
N LYS A 92 22.38 -35.49 -29.71
CA LYS A 92 21.36 -34.76 -28.98
C LYS A 92 20.75 -35.62 -27.86
N LEU A 93 20.46 -36.87 -28.20
CA LEU A 93 20.03 -37.86 -27.18
C LEU A 93 21.02 -38.06 -26.08
N ALA A 94 22.27 -38.16 -26.43
CA ALA A 94 23.28 -38.36 -25.43
C ALA A 94 23.38 -37.18 -24.47
N GLN A 95 23.28 -35.98 -25.01
CA GLN A 95 23.35 -34.78 -24.17
C GLN A 95 22.12 -34.62 -23.28
N GLN A 96 20.94 -34.89 -23.83
CA GLN A 96 19.71 -34.89 -23.02
C GLN A 96 19.81 -35.81 -21.78
N TYR A 97 20.32 -37.02 -21.99
CA TYR A 97 20.62 -37.96 -20.94
C TYR A 97 21.63 -37.37 -19.92
N TYR A 98 22.71 -36.80 -20.44
CA TYR A 98 23.74 -36.28 -19.56
C TYR A 98 23.23 -35.12 -18.69
N LEU A 99 22.35 -34.32 -19.25
CA LEU A 99 21.83 -33.16 -18.48
C LEU A 99 21.00 -33.65 -17.27
N VAL A 100 20.21 -34.69 -17.46
CA VAL A 100 19.38 -35.19 -16.42
C VAL A 100 20.24 -35.97 -15.38
N TYR A 101 20.95 -36.98 -15.84
CA TYR A 101 21.62 -37.92 -14.96
C TYR A 101 23.03 -37.60 -14.53
N GLN A 102 23.66 -36.65 -15.19
CA GLN A 102 25.06 -36.28 -14.92
C GLN A 102 26.03 -37.48 -14.96
N GLU A 103 25.79 -38.37 -15.92
CA GLU A 103 26.64 -39.49 -16.14
C GLU A 103 26.57 -39.73 -17.67
N PRO A 104 27.69 -40.11 -18.32
CA PRO A 104 27.56 -40.42 -19.75
C PRO A 104 26.52 -41.57 -20.05
N ILE A 105 25.79 -41.40 -21.08
CA ILE A 105 24.77 -42.37 -21.49
C ILE A 105 25.43 -43.76 -21.71
N PRO A 106 24.90 -44.81 -21.06
CA PRO A 106 25.38 -46.16 -21.33
C PRO A 106 25.09 -46.48 -22.80
N THR A 107 26.02 -47.18 -23.41
CA THR A 107 25.95 -47.50 -24.81
C THR A 107 24.64 -48.12 -25.17
N ALA A 108 24.20 -49.10 -24.43
CA ALA A 108 22.93 -49.73 -24.70
C ALA A 108 21.75 -48.78 -24.64
N GLN A 109 21.80 -47.77 -23.75
CA GLN A 109 20.73 -46.80 -23.65
C GLN A 109 20.70 -45.89 -24.86
N LEU A 110 21.87 -45.49 -25.31
CA LEU A 110 21.98 -44.73 -26.50
C LEU A 110 21.45 -45.50 -27.73
N VAL A 111 21.80 -46.75 -27.83
CA VAL A 111 21.30 -47.59 -28.95
C VAL A 111 19.79 -47.68 -28.89
N GLN A 112 19.24 -47.97 -27.70
CA GLN A 112 17.77 -48.03 -27.58
C GLN A 112 17.09 -46.77 -28.03
N ARG A 113 17.61 -45.61 -27.67
CA ARG A 113 16.90 -44.38 -28.03
C ARG A 113 17.02 -44.06 -29.54
N VAL A 114 18.20 -44.30 -30.11
CA VAL A 114 18.39 -44.14 -31.57
C VAL A 114 17.52 -45.13 -32.36
N ALA A 115 17.48 -46.40 -31.90
CA ALA A 115 16.70 -47.41 -32.56
C ALA A 115 15.23 -47.01 -32.56
N SER A 116 14.83 -46.36 -31.50
CA SER A 116 13.44 -45.92 -31.38
C SER A 116 13.11 -44.83 -32.41
N VAL A 117 14.07 -43.94 -32.68
CA VAL A 117 13.87 -42.97 -33.71
C VAL A 117 13.67 -43.66 -35.07
N MET A 118 14.53 -44.62 -35.34
CA MET A 118 14.46 -45.37 -36.63
C MET A 118 13.11 -46.06 -36.75
N GLN A 119 12.59 -46.67 -35.66
CA GLN A 119 11.25 -47.24 -35.65
C GLN A 119 10.18 -46.25 -36.03
N GLU A 120 10.27 -45.02 -35.55
CA GLU A 120 9.27 -43.98 -35.90
C GLU A 120 9.08 -43.74 -37.39
N TYR A 121 10.20 -43.77 -38.07
CA TYR A 121 10.25 -43.51 -39.50
C TYR A 121 9.72 -44.71 -40.30
N THR A 122 9.37 -45.79 -39.63
CA THR A 122 8.66 -46.89 -40.27
C THR A 122 7.15 -46.83 -40.15
N GLN A 123 6.63 -45.85 -39.43
CA GLN A 123 5.19 -45.80 -39.12
C GLN A 123 4.59 -44.44 -39.20
N SER A 124 5.37 -43.44 -38.85
CA SER A 124 4.87 -42.12 -38.79
C SER A 124 4.48 -41.61 -40.21
N GLY A 125 3.73 -40.55 -40.30
CA GLY A 125 3.14 -40.13 -41.52
C GLY A 125 4.09 -39.52 -42.53
N GLY A 126 3.94 -39.89 -43.80
CA GLY A 126 4.62 -39.16 -44.90
C GLY A 126 6.15 -39.25 -45.02
N VAL A 127 6.73 -40.26 -44.44
CA VAL A 127 8.14 -40.50 -44.45
C VAL A 127 8.47 -41.98 -44.78
N ARG A 128 9.67 -42.19 -45.32
CA ARG A 128 10.23 -43.51 -45.55
C ARG A 128 11.20 -43.84 -44.44
N PRO A 129 11.48 -45.13 -44.25
CA PRO A 129 12.51 -45.50 -43.31
C PRO A 129 13.87 -45.01 -43.68
N PHE A 130 14.79 -44.99 -42.71
CA PHE A 130 16.18 -44.72 -42.95
C PHE A 130 16.82 -45.83 -43.72
N GLY A 131 17.61 -45.48 -44.72
CA GLY A 131 18.30 -46.51 -45.53
C GLY A 131 19.69 -46.73 -45.02
N VAL A 132 19.81 -46.96 -43.70
CA VAL A 132 21.07 -47.24 -43.08
C VAL A 132 20.94 -48.28 -41.99
N SER A 133 22.02 -49.01 -41.80
CA SER A 133 22.22 -49.74 -40.57
C SER A 133 23.46 -49.14 -39.88
N LEU A 134 23.37 -49.04 -38.56
CA LEU A 134 24.41 -48.43 -37.72
C LEU A 134 25.18 -49.50 -36.97
N LEU A 135 26.50 -49.35 -36.85
CA LEU A 135 27.28 -50.06 -35.87
C LEU A 135 27.77 -49.04 -34.81
N ILE A 136 27.41 -49.31 -33.57
CA ILE A 136 27.64 -48.37 -32.44
C ILE A 136 28.53 -49.10 -31.43
N CYS A 137 29.66 -48.48 -31.12
CA CYS A 137 30.57 -49.04 -30.13
C CYS A 137 30.61 -48.10 -28.90
N GLY A 138 30.90 -48.70 -27.78
CA GLY A 138 31.09 -47.94 -26.56
C GLY A 138 31.81 -48.72 -25.50
N TRP A 139 32.17 -48.00 -24.43
CA TRP A 139 32.79 -48.60 -23.24
C TRP A 139 32.14 -47.98 -22.03
N ASN A 140 31.55 -48.80 -21.20
CA ASN A 140 31.01 -48.36 -19.89
C ASN A 140 30.74 -49.57 -18.99
N GLU A 141 30.67 -49.34 -17.67
CA GLU A 141 30.75 -50.43 -16.68
C GLU A 141 32.01 -51.28 -16.91
N GLY A 142 33.14 -50.62 -17.14
CA GLY A 142 34.43 -51.27 -17.38
C GLY A 142 34.43 -52.33 -18.48
N ARG A 143 33.73 -52.10 -19.58
CA ARG A 143 33.53 -53.21 -20.57
C ARG A 143 33.13 -52.70 -21.92
N PRO A 144 33.64 -53.34 -23.02
CA PRO A 144 33.24 -52.94 -24.39
C PRO A 144 31.86 -53.44 -24.89
N TYR A 145 31.21 -52.64 -25.72
CA TYR A 145 29.96 -52.97 -26.34
C TYR A 145 30.02 -52.68 -27.87
N LEU A 146 29.46 -53.61 -28.65
CA LEU A 146 29.25 -53.43 -30.09
C LEU A 146 27.78 -53.77 -30.39
N PHE A 147 27.07 -52.82 -30.97
CA PHE A 147 25.67 -52.97 -31.36
C PHE A 147 25.48 -52.56 -32.86
N GLN A 148 24.50 -53.23 -33.48
CA GLN A 148 23.97 -52.84 -34.78
C GLN A 148 22.52 -52.33 -34.60
N SER A 149 22.13 -51.26 -35.24
CA SER A 149 20.71 -50.87 -35.29
C SER A 149 20.27 -50.80 -36.78
N ASP A 150 19.15 -51.47 -37.12
CA ASP A 150 18.75 -51.67 -38.52
CA ASP A 150 18.73 -51.69 -38.53
C ASP A 150 17.61 -50.70 -38.89
N PRO A 151 17.26 -50.62 -40.18
CA PRO A 151 16.19 -49.71 -40.56
C PRO A 151 14.81 -49.93 -39.93
N SER A 152 14.48 -51.12 -39.49
CA SER A 152 13.23 -51.31 -38.71
C SER A 152 13.25 -50.67 -37.33
N GLY A 153 14.42 -50.43 -36.76
CA GLY A 153 14.54 -50.03 -35.35
C GLY A 153 14.87 -51.23 -34.48
N ALA A 154 15.10 -52.41 -35.06
CA ALA A 154 15.61 -53.55 -34.28
C ALA A 154 17.10 -53.33 -34.05
N TYR A 155 17.57 -53.77 -32.87
CA TYR A 155 19.01 -53.72 -32.57
C TYR A 155 19.50 -55.04 -32.00
N PHE A 156 20.79 -55.26 -32.08
CA PHE A 156 21.40 -56.54 -31.74
C PHE A 156 22.76 -56.22 -31.21
N ALA A 157 23.22 -56.97 -30.24
CA ALA A 157 24.56 -56.86 -29.71
C ALA A 157 25.41 -57.94 -30.37
N TRP A 158 26.56 -57.53 -30.91
CA TRP A 158 27.48 -58.44 -31.61
C TRP A 158 28.86 -58.49 -30.95
N LYS A 159 29.50 -59.63 -31.07
CA LYS A 159 30.93 -59.78 -30.83
C LYS A 159 31.75 -59.31 -32.06
N ALA A 160 31.22 -59.60 -33.24
CA ALA A 160 31.79 -59.15 -34.49
C ALA A 160 30.72 -59.31 -35.56
N THR A 161 30.75 -58.38 -36.51
CA THR A 161 29.85 -58.45 -37.67
C THR A 161 30.32 -57.56 -38.83
N ALA A 162 29.57 -57.68 -39.91
CA ALA A 162 29.82 -56.96 -41.16
C ALA A 162 28.49 -56.56 -41.75
N MET A 163 28.49 -55.43 -42.45
CA MET A 163 27.31 -54.94 -43.10
C MET A 163 27.73 -54.28 -44.43
N GLY A 164 26.76 -53.95 -45.28
CA GLY A 164 27.05 -53.42 -46.60
C GLY A 164 27.32 -54.54 -47.63
N LYS A 165 27.78 -54.16 -48.82
CA LYS A 165 28.23 -55.09 -49.84
C LYS A 165 29.04 -56.24 -49.28
N ASN A 166 28.68 -57.47 -49.68
CA ASN A 166 29.45 -58.66 -49.37
C ASN A 166 29.51 -59.03 -47.91
N TYR A 167 28.51 -58.59 -47.15
CA TYR A 167 28.51 -58.79 -45.71
C TYR A 167 28.35 -60.27 -45.29
N VAL A 168 27.66 -61.09 -46.10
CA VAL A 168 27.40 -62.48 -45.77
C VAL A 168 28.74 -63.15 -45.62
N ASN A 169 29.59 -62.96 -46.63
CA ASN A 169 30.94 -63.46 -46.65
C ASN A 169 31.79 -62.91 -45.55
N GLY A 170 31.66 -61.60 -45.29
CA GLY A 170 32.41 -60.93 -44.24
C GLY A 170 32.15 -61.56 -42.91
N LYS A 171 30.88 -61.92 -42.67
CA LYS A 171 30.45 -62.56 -41.42
C LYS A 171 31.03 -63.94 -41.27
N THR A 172 31.03 -64.75 -42.35
CA THR A 172 31.68 -66.05 -42.29
C THR A 172 33.21 -65.89 -42.17
N PHE A 173 33.81 -64.87 -42.80
CA PHE A 173 35.24 -64.61 -42.59
C PHE A 173 35.59 -64.35 -41.08
N LEU A 174 34.76 -63.57 -40.40
CA LEU A 174 34.92 -63.27 -38.95
C LEU A 174 34.61 -64.46 -38.03
N GLU A 175 33.60 -65.26 -38.38
CA GLU A 175 33.31 -66.50 -37.61
C GLU A 175 34.60 -67.28 -37.52
N LYS A 176 35.25 -67.49 -38.66
CA LYS A 176 36.45 -68.33 -38.71
C LYS A 176 37.68 -67.51 -38.39
N ARG A 177 37.65 -66.65 -37.38
CA ARG A 177 38.78 -65.73 -37.12
C ARG A 177 38.71 -64.96 -35.83
N TYR A 178 37.52 -64.60 -35.37
CA TYR A 178 37.35 -63.99 -34.07
C TYR A 178 37.56 -65.02 -32.95
N ASN A 179 38.28 -64.66 -31.89
CA ASN A 179 38.22 -65.42 -30.63
C ASN A 179 37.92 -64.47 -29.45
N GLU A 180 37.33 -65.01 -28.37
CA GLU A 180 36.83 -64.22 -27.21
C GLU A 180 37.97 -63.41 -26.57
N ASP A 181 39.14 -64.04 -26.42
CA ASP A 181 40.28 -63.45 -25.70
C ASP A 181 41.18 -62.60 -26.59
N LEU A 182 40.71 -62.16 -27.75
CA LEU A 182 41.52 -61.37 -28.68
C LEU A 182 41.74 -59.94 -28.16
N GLU A 183 42.94 -59.40 -28.39
CA GLU A 183 43.31 -58.00 -28.04
C GLU A 183 42.81 -57.02 -29.09
N LEU A 184 42.80 -55.74 -28.74
CA LEU A 184 42.33 -54.69 -29.63
C LEU A 184 43.26 -54.51 -30.85
N GLU A 185 44.56 -54.57 -30.66
CA GLU A 185 45.45 -54.32 -31.77
C GLU A 185 45.36 -55.42 -32.80
N ASP A 186 45.18 -56.64 -32.35
CA ASP A 186 44.96 -57.79 -33.25
C ASP A 186 43.64 -57.64 -33.98
N ALA A 187 42.60 -57.28 -33.24
CA ALA A 187 41.27 -56.97 -33.76
C ALA A 187 41.22 -55.93 -34.88
N ILE A 188 42.04 -54.89 -34.76
CA ILE A 188 42.17 -53.86 -35.80
C ILE A 188 42.70 -54.52 -37.06
N HIS A 189 43.77 -55.30 -36.93
CA HIS A 189 44.32 -56.08 -38.03
C HIS A 189 43.23 -56.95 -38.68
N THR A 190 42.43 -57.66 -37.89
CA THR A 190 41.45 -58.62 -38.49
C THR A 190 40.28 -57.85 -39.15
N ALA A 191 39.91 -56.71 -38.58
CA ALA A 191 38.91 -55.82 -39.18
C ALA A 191 39.30 -55.31 -40.57
N ILE A 192 40.57 -54.90 -40.71
CA ILE A 192 41.12 -54.42 -41.97
C ILE A 192 41.21 -55.56 -42.99
N LEU A 193 41.62 -56.75 -42.55
CA LEU A 193 41.58 -57.94 -43.42
C LEU A 193 40.15 -58.29 -43.89
N THR A 194 39.16 -58.11 -43.04
CA THR A 194 37.80 -58.35 -43.41
C THR A 194 37.37 -57.40 -44.52
N LEU A 195 37.74 -56.13 -44.45
CA LEU A 195 37.51 -55.21 -45.57
C LEU A 195 38.26 -55.62 -46.84
N LYS A 196 39.51 -56.08 -46.73
CA LYS A 196 40.33 -56.48 -47.87
C LYS A 196 39.70 -57.64 -48.59
N GLU A 197 38.90 -58.46 -47.91
CA GLU A 197 38.14 -59.56 -48.56
C GLU A 197 37.23 -59.05 -49.65
N SER A 198 36.64 -57.89 -49.50
CA SER A 198 35.76 -57.38 -50.53
C SER A 198 36.23 -56.02 -51.06
N PHE A 199 37.54 -55.72 -51.06
CA PHE A 199 37.93 -54.34 -51.34
C PHE A 199 37.83 -53.97 -52.84
N GLU A 200 38.80 -54.34 -53.64
CA GLU A 200 38.90 -53.84 -55.04
C GLU A 200 39.51 -52.44 -55.06
N GLY A 201 40.78 -52.35 -55.42
CA GLY A 201 41.38 -51.05 -55.67
C GLY A 201 42.68 -50.74 -54.97
N GLN A 202 43.17 -51.64 -54.13
CA GLN A 202 44.36 -51.36 -53.35
C GLN A 202 44.05 -50.32 -52.22
N MET A 203 44.25 -50.78 -50.99
CA MET A 203 43.95 -50.03 -49.81
C MET A 203 45.04 -49.06 -49.44
N THR A 204 44.63 -47.86 -49.08
CA THR A 204 45.51 -46.86 -48.53
C THR A 204 44.83 -46.34 -47.30
N GLU A 205 45.57 -45.57 -46.53
CA GLU A 205 45.06 -44.95 -45.32
C GLU A 205 44.05 -43.87 -45.58
N ASP A 206 43.82 -43.55 -46.86
CA ASP A 206 42.89 -42.52 -47.26
C ASP A 206 41.56 -43.05 -47.73
N ASN A 207 41.46 -44.33 -48.05
CA ASN A 207 40.18 -44.84 -48.53
C ASN A 207 39.57 -45.89 -47.58
N ILE A 208 40.14 -46.04 -46.40
CA ILE A 208 39.43 -46.67 -45.28
C ILE A 208 39.52 -45.76 -44.07
N GLU A 209 38.61 -45.98 -43.14
CA GLU A 209 38.47 -45.16 -41.97
C GLU A 209 38.25 -46.14 -40.82
N VAL A 210 38.94 -45.89 -39.70
CA VAL A 210 38.96 -46.79 -38.56
C VAL A 210 38.76 -45.97 -37.30
N GLY A 211 37.89 -46.47 -36.44
CA GLY A 211 37.65 -45.92 -35.11
C GLY A 211 37.82 -47.00 -34.08
N ILE A 212 38.26 -46.59 -32.90
CA ILE A 212 38.50 -47.53 -31.81
C ILE A 212 37.85 -46.98 -30.54
N CYS A 213 37.58 -47.89 -29.64
CA CYS A 213 36.90 -47.60 -28.39
C CYS A 213 37.50 -48.44 -27.28
N ASN A 214 37.94 -47.82 -26.21
CA ASN A 214 38.42 -48.57 -25.04
C ASN A 214 38.15 -47.77 -23.75
N GLU A 215 38.79 -48.17 -22.66
CA GLU A 215 38.70 -47.47 -21.41
C GLU A 215 38.99 -45.98 -21.60
N ALA A 216 40.02 -45.60 -22.37
CA ALA A 216 40.35 -44.17 -22.52
C ALA A 216 39.33 -43.38 -23.35
N GLY A 217 38.44 -44.07 -24.10
CA GLY A 217 37.40 -43.39 -24.90
C GLY A 217 37.33 -43.80 -26.37
N PHE A 218 36.50 -43.11 -27.13
CA PHE A 218 36.33 -43.34 -28.55
C PHE A 218 37.10 -42.33 -29.35
N ARG A 219 37.78 -42.76 -30.40
CA ARG A 219 38.41 -41.84 -31.31
C ARG A 219 38.63 -42.51 -32.68
N ARG A 220 38.71 -41.69 -33.70
CA ARG A 220 39.16 -42.14 -35.01
C ARG A 220 40.63 -42.33 -34.94
N LEU A 221 41.11 -43.36 -35.57
CA LEU A 221 42.51 -43.47 -35.88
C LEU A 221 42.87 -42.41 -36.94
N THR A 222 44.09 -41.93 -36.83
CA THR A 222 44.62 -40.96 -37.72
C THR A 222 45.08 -41.69 -39.01
N PRO A 223 45.14 -40.96 -40.15
CA PRO A 223 45.79 -41.51 -41.35
C PRO A 223 47.11 -42.23 -41.08
N THR A 224 48.02 -41.59 -40.35
CA THR A 224 49.31 -42.20 -40.04
C THR A 224 49.18 -43.53 -39.23
N GLU A 225 48.23 -43.62 -38.31
CA GLU A 225 48.03 -44.87 -37.56
C GLU A 225 47.49 -45.97 -38.45
N VAL A 226 46.59 -45.60 -39.35
CA VAL A 226 46.04 -46.54 -40.30
C VAL A 226 47.12 -47.06 -41.25
N LYS A 227 47.93 -46.13 -41.79
CA LYS A 227 49.13 -46.46 -42.62
C LYS A 227 49.98 -47.57 -42.03
N ASP A 228 50.25 -47.44 -40.72
CA ASP A 228 51.03 -48.41 -39.92
C ASP A 228 50.39 -49.80 -39.86
N TYR A 229 49.10 -49.88 -39.56
CA TYR A 229 48.40 -51.14 -39.60
C TYR A 229 48.42 -51.74 -41.04
N LEU A 230 48.34 -50.86 -42.05
CA LEU A 230 48.37 -51.29 -43.48
C LEU A 230 49.68 -51.89 -43.98
N ALA A 231 50.81 -51.56 -43.36
CA ALA A 231 52.06 -52.17 -43.82
C ALA A 231 52.03 -53.76 -43.86
N ALA A 232 51.65 -54.38 -42.75
CA ALA A 232 51.35 -55.86 -42.62
C ALA A 232 50.38 -56.43 -43.70
N ILE A 233 49.39 -55.62 -44.10
CA ILE A 233 48.38 -55.94 -45.14
C ILE A 233 48.71 -55.28 -46.48
N SER B 2 -2.50 -36.27 -49.49
CA SER B 2 -2.65 -36.58 -50.91
C SER B 2 -3.31 -37.97 -51.07
N ARG B 3 -4.41 -37.89 -51.78
CA ARG B 3 -5.37 -38.99 -51.83
C ARG B 3 -4.82 -40.08 -52.68
N ARG B 4 -3.98 -39.77 -53.64
CA ARG B 4 -3.44 -40.77 -54.54
C ARG B 4 -2.49 -41.70 -53.80
N TYR B 5 -1.75 -41.22 -52.83
CA TYR B 5 -0.73 -42.03 -52.27
C TYR B 5 -1.21 -42.71 -50.98
N ASP B 6 -2.36 -42.32 -50.46
CA ASP B 6 -2.81 -42.79 -49.11
C ASP B 6 -3.25 -44.25 -49.27
N SER B 7 -2.55 -45.17 -48.67
CA SER B 7 -2.97 -46.58 -48.77
C SER B 7 -4.20 -46.95 -47.84
N ARG B 8 -4.66 -46.03 -47.00
CA ARG B 8 -5.94 -46.12 -46.29
C ARG B 8 -5.92 -47.30 -45.32
N THR B 9 -5.05 -47.22 -44.36
CA THR B 9 -4.83 -48.32 -43.46
C THR B 9 -5.97 -48.58 -42.48
N THR B 10 -6.89 -47.63 -42.30
CA THR B 10 -7.87 -47.66 -41.24
C THR B 10 -9.26 -47.69 -41.77
N ILE B 11 -9.51 -48.40 -42.86
CA ILE B 11 -10.84 -48.45 -43.45
C ILE B 11 -11.34 -49.90 -43.49
N PHE B 12 -12.64 -50.10 -43.53
CA PHE B 12 -13.17 -51.44 -43.83
C PHE B 12 -13.05 -51.82 -45.30
N SER B 13 -12.73 -53.09 -45.52
CA SER B 13 -12.95 -53.79 -46.78
C SER B 13 -14.42 -54.25 -46.94
N PRO B 14 -14.81 -54.73 -48.14
CA PRO B 14 -16.19 -55.13 -48.33
C PRO B 14 -16.81 -56.20 -47.43
N GLU B 15 -16.02 -57.04 -46.73
CA GLU B 15 -16.67 -58.06 -45.88
C GLU B 15 -16.69 -57.65 -44.43
N GLY B 16 -16.36 -56.38 -44.17
CA GLY B 16 -16.24 -55.87 -42.85
C GLY B 16 -14.91 -56.24 -42.25
N ARG B 17 -13.85 -56.37 -43.04
CA ARG B 17 -12.54 -56.72 -42.52
C ARG B 17 -11.62 -55.53 -42.52
N LEU B 18 -10.57 -55.66 -41.75
CA LEU B 18 -9.53 -54.71 -41.60
C LEU B 18 -8.29 -55.41 -42.07
N TYR B 19 -7.92 -55.12 -43.34
CA TYR B 19 -6.85 -55.86 -43.94
C TYR B 19 -5.53 -55.72 -43.26
N GLN B 20 -5.13 -54.47 -42.87
CA GLN B 20 -3.85 -54.30 -42.23
C GLN B 20 -3.72 -55.29 -41.03
N VAL B 21 -4.81 -55.32 -40.25
CA VAL B 21 -4.83 -56.08 -38.95
C VAL B 21 -4.56 -57.53 -39.25
N GLU B 22 -5.28 -58.03 -40.24
CA GLU B 22 -5.05 -59.38 -40.71
C GLU B 22 -3.61 -59.57 -41.17
N TYR B 23 -3.09 -58.60 -41.96
CA TYR B 23 -1.76 -58.77 -42.50
C TYR B 23 -0.73 -58.74 -41.39
N ALA B 24 -0.95 -57.89 -40.41
CA ALA B 24 -0.06 -57.83 -39.25
C ALA B 24 -0.09 -59.21 -38.52
N MET B 25 -1.28 -59.78 -38.43
CA MET B 25 -1.44 -61.16 -37.84
CA MET B 25 -1.45 -61.16 -37.85
C MET B 25 -0.67 -62.22 -38.64
N GLU B 26 -0.52 -62.05 -39.96
CA GLU B 26 0.39 -62.93 -40.72
C GLU B 26 1.86 -62.75 -40.36
N ALA B 27 2.28 -61.52 -40.10
CA ALA B 27 3.67 -61.26 -39.66
C ALA B 27 3.98 -62.02 -38.34
N ILE B 28 3.04 -61.98 -37.43
CA ILE B 28 3.18 -62.59 -36.10
C ILE B 28 3.32 -64.11 -36.17
N GLY B 29 2.51 -64.71 -37.04
CA GLY B 29 2.47 -66.15 -37.22
C GLY B 29 3.76 -66.73 -37.70
N HIS B 30 4.59 -65.89 -38.30
CA HIS B 30 5.93 -66.23 -38.76
C HIS B 30 6.99 -65.96 -37.71
N ALA B 31 6.72 -65.13 -36.70
CA ALA B 31 7.71 -64.84 -35.66
C ALA B 31 7.92 -66.03 -34.67
N GLY B 32 8.91 -65.85 -33.81
CA GLY B 32 9.32 -66.88 -32.86
C GLY B 32 8.15 -67.37 -32.06
N THR B 33 8.07 -68.67 -31.90
CA THR B 33 6.99 -69.24 -31.06
C THR B 33 7.15 -68.77 -29.58
N CYS B 34 6.01 -68.44 -29.00
CA CYS B 34 6.03 -67.93 -27.66
C CYS B 34 4.83 -68.46 -26.89
N LEU B 35 5.07 -69.22 -25.83
CA LEU B 35 3.96 -69.76 -25.06
C LEU B 35 3.93 -69.27 -23.59
N GLY B 36 2.72 -69.34 -23.04
CA GLY B 36 2.46 -68.96 -21.67
C GLY B 36 1.69 -70.06 -21.01
N ILE B 37 2.05 -70.40 -19.77
CA ILE B 37 1.35 -71.47 -19.01
C ILE B 37 1.13 -71.09 -17.54
N LEU B 38 -0.14 -71.11 -17.13
CA LEU B 38 -0.57 -70.80 -15.77
C LEU B 38 -0.59 -72.02 -14.87
N ALA B 39 -0.02 -71.88 -13.68
CA ALA B 39 -0.07 -72.92 -12.67
C ALA B 39 -0.66 -72.44 -11.34
N ASN B 40 -0.82 -73.37 -10.39
CA ASN B 40 -1.30 -73.03 -9.04
C ASN B 40 -0.36 -72.18 -8.24
N ASP B 41 0.92 -72.43 -8.36
CA ASP B 41 1.96 -71.67 -7.67
C ASP B 41 2.74 -70.65 -8.55
N GLY B 42 2.17 -70.21 -9.67
CA GLY B 42 2.97 -69.39 -10.59
C GLY B 42 2.57 -69.45 -12.04
N VAL B 43 3.28 -68.67 -12.85
CA VAL B 43 3.01 -68.54 -14.26
C VAL B 43 4.35 -68.49 -14.99
N LEU B 44 4.38 -68.94 -16.24
CA LEU B 44 5.62 -68.92 -17.00
C LEU B 44 5.42 -68.47 -18.44
N LEU B 45 6.54 -68.02 -19.01
CA LEU B 45 6.66 -67.72 -20.42
C LEU B 45 7.82 -68.51 -20.92
N ALA B 46 7.64 -69.10 -22.09
CA ALA B 46 8.74 -69.75 -22.81
C ALA B 46 8.71 -69.33 -24.29
N ALA B 47 9.86 -68.93 -24.80
CA ALA B 47 9.95 -68.37 -26.16
C ALA B 47 11.14 -68.91 -26.92
N GLU B 48 10.91 -69.14 -28.22
CA GLU B 48 11.95 -69.42 -29.18
C GLU B 48 12.79 -68.18 -29.35
N ARG B 49 14.09 -68.31 -29.20
CA ARG B 49 14.98 -67.23 -29.54
C ARG B 49 15.22 -67.21 -31.08
N ARG B 50 15.12 -66.05 -31.68
CA ARG B 50 15.61 -65.85 -33.05
C ARG B 50 17.08 -65.29 -33.07
N ASN B 51 17.45 -64.49 -32.08
CA ASN B 51 18.88 -64.13 -31.86
C ASN B 51 19.82 -65.30 -31.47
N ILE B 52 20.16 -66.13 -32.48
CA ILE B 52 20.97 -67.35 -32.33
C ILE B 52 22.28 -67.52 -33.10
N HIS B 53 22.61 -66.64 -34.03
CA HIS B 53 23.96 -66.65 -34.67
C HIS B 53 25.12 -66.69 -33.65
N LYS B 54 26.20 -67.33 -34.03
CA LYS B 54 27.31 -67.64 -33.14
C LYS B 54 28.00 -66.35 -32.61
N LEU B 55 28.29 -65.44 -33.53
CA LEU B 55 28.85 -64.13 -33.24
C LEU B 55 27.99 -63.09 -32.44
N LEU B 56 26.72 -63.38 -32.11
CA LEU B 56 25.96 -62.48 -31.21
C LEU B 56 26.61 -62.35 -29.81
N ASP B 57 26.36 -61.26 -29.08
CA ASP B 57 27.12 -60.99 -27.83
C ASP B 57 26.46 -61.27 -26.55
N GLU B 58 25.14 -61.26 -26.43
CA GLU B 58 24.58 -61.60 -25.06
C GLU B 58 24.93 -60.55 -23.99
N VAL B 59 24.03 -59.60 -23.84
CA VAL B 59 24.29 -58.38 -23.11
C VAL B 59 23.11 -58.08 -22.22
N PHE B 60 21.89 -58.40 -22.62
CA PHE B 60 20.74 -58.25 -21.73
C PHE B 60 20.39 -59.59 -21.06
N PHE B 61 19.50 -59.52 -20.08
CA PHE B 61 19.08 -60.73 -19.36
C PHE B 61 18.04 -61.56 -20.15
N SER B 62 17.47 -60.99 -21.21
CA SER B 62 16.70 -61.76 -22.16
C SER B 62 16.61 -61.10 -23.54
N GLU B 63 15.94 -61.79 -24.47
CA GLU B 63 15.75 -61.33 -25.83
C GLU B 63 14.37 -60.79 -25.99
N LYS B 64 13.38 -61.49 -25.46
CA LYS B 64 11.97 -61.19 -25.74
C LYS B 64 11.11 -61.24 -24.47
N ILE B 65 11.72 -61.36 -23.30
CA ILE B 65 10.96 -61.28 -22.05
C ILE B 65 11.17 -59.87 -21.44
N TYR B 66 10.10 -59.15 -21.16
CA TYR B 66 10.20 -57.83 -20.62
C TYR B 66 9.48 -57.73 -19.25
N LYS B 67 10.20 -57.22 -18.27
CA LYS B 67 9.58 -56.78 -16.98
C LYS B 67 8.76 -55.54 -17.23
N LEU B 68 7.51 -55.52 -16.80
CA LEU B 68 6.63 -54.35 -16.98
C LEU B 68 6.53 -53.42 -15.70
N ASN B 69 6.44 -54.06 -14.55
CA ASN B 69 6.44 -53.45 -13.22
C ASN B 69 6.80 -54.56 -12.21
N GLU B 70 6.57 -54.30 -10.91
CA GLU B 70 6.96 -55.22 -9.91
C GLU B 70 6.33 -56.63 -10.01
N ASP B 71 5.09 -56.64 -10.45
CA ASP B 71 4.24 -57.82 -10.44
C ASP B 71 3.93 -58.42 -11.80
N MET B 72 4.53 -57.91 -12.89
CA MET B 72 4.14 -58.33 -14.24
C MET B 72 5.29 -58.35 -15.24
N ALA B 73 5.22 -59.32 -16.14
CA ALA B 73 6.11 -59.41 -17.32
C ALA B 73 5.34 -59.77 -18.58
N CYS B 74 6.03 -59.60 -19.71
CA CYS B 74 5.46 -60.00 -20.96
C CYS B 74 6.46 -60.60 -21.90
N SER B 75 5.95 -61.30 -22.89
CA SER B 75 6.75 -61.64 -24.07
C SER B 75 5.99 -61.25 -25.28
N VAL B 76 6.66 -61.31 -26.41
CA VAL B 76 6.09 -60.77 -27.65
C VAL B 76 6.45 -61.69 -28.84
N ALA B 77 5.62 -61.65 -29.86
CA ALA B 77 5.92 -62.23 -31.12
C ALA B 77 5.57 -61.20 -32.18
N GLY B 78 6.49 -61.01 -33.10
CA GLY B 78 6.25 -60.09 -34.25
C GLY B 78 7.37 -59.07 -34.50
N ILE B 79 7.02 -57.87 -34.89
CA ILE B 79 8.04 -56.86 -35.25
C ILE B 79 8.72 -56.36 -33.95
N THR B 80 10.01 -56.58 -33.79
CA THR B 80 10.68 -56.26 -32.57
C THR B 80 10.61 -54.77 -32.18
N SER B 81 10.90 -53.91 -33.14
CA SER B 81 10.92 -52.47 -32.87
C SER B 81 9.51 -52.04 -32.40
N ASP B 82 8.47 -52.57 -33.04
CA ASP B 82 7.13 -52.29 -32.60
C ASP B 82 6.94 -52.79 -31.13
N ALA B 83 7.46 -53.97 -30.80
CA ALA B 83 7.33 -54.49 -29.46
C ALA B 83 8.00 -53.54 -28.41
N ASN B 84 9.15 -52.97 -28.76
CA ASN B 84 9.85 -51.97 -27.90
C ASN B 84 9.02 -50.73 -27.61
N VAL B 85 8.34 -50.18 -28.60
CA VAL B 85 7.38 -49.10 -28.38
C VAL B 85 6.28 -49.52 -27.39
N LEU B 86 5.66 -50.68 -27.60
CA LEU B 86 4.52 -51.10 -26.81
C LEU B 86 4.91 -51.42 -25.34
N THR B 87 6.11 -51.99 -25.12
CA THR B 87 6.50 -52.39 -23.85
C THR B 87 6.90 -51.17 -23.07
N ASN B 88 7.51 -50.20 -23.75
CA ASN B 88 7.75 -48.90 -23.14
C ASN B 88 6.45 -48.22 -22.68
N GLU B 89 5.46 -48.25 -23.54
CA GLU B 89 4.16 -47.72 -23.18
C GLU B 89 3.52 -48.50 -22.01
N LEU B 90 3.58 -49.84 -22.00
CA LEU B 90 3.07 -50.60 -20.85
C LEU B 90 3.69 -50.09 -19.48
N ARG B 91 5.00 -49.91 -19.46
CA ARG B 91 5.71 -49.51 -18.26
C ARG B 91 5.20 -48.12 -17.82
N LEU B 92 5.05 -47.20 -18.77
CA LEU B 92 4.46 -45.90 -18.50
CA LEU B 92 4.47 -45.90 -18.49
C LEU B 92 3.05 -45.97 -17.88
N ILE B 93 2.18 -46.77 -18.45
CA ILE B 93 0.84 -46.90 -17.97
C ILE B 93 0.87 -47.40 -16.56
N ALA B 94 1.73 -48.41 -16.30
CA ALA B 94 1.77 -49.06 -15.00
C ALA B 94 2.29 -48.05 -13.94
N GLN B 95 3.19 -47.16 -14.30
CA GLN B 95 3.66 -46.12 -13.37
C GLN B 95 2.66 -44.99 -13.15
N ARG B 96 1.88 -44.65 -14.20
CA ARG B 96 0.80 -43.69 -14.07
C ARG B 96 -0.25 -44.12 -13.10
N TYR B 97 -0.65 -45.38 -13.19
CA TYR B 97 -1.56 -45.89 -12.28
C TYR B 97 -0.91 -45.69 -10.85
N LEU B 98 0.33 -46.17 -10.66
CA LEU B 98 0.92 -46.33 -9.31
C LEU B 98 1.04 -44.98 -8.62
N LEU B 99 1.39 -43.99 -9.47
CA LEU B 99 1.42 -42.61 -9.07
C LEU B 99 0.09 -42.11 -8.54
N GLN B 100 -0.93 -42.37 -9.32
CA GLN B 100 -2.27 -41.97 -8.97
C GLN B 100 -2.98 -42.71 -7.79
N TYR B 101 -2.80 -43.98 -7.71
CA TYR B 101 -3.55 -44.82 -6.70
C TYR B 101 -2.69 -45.35 -5.57
N GLN B 102 -1.38 -45.35 -5.78
CA GLN B 102 -0.40 -45.90 -4.82
C GLN B 102 -0.61 -47.35 -4.57
N GLU B 103 -0.97 -48.08 -5.63
CA GLU B 103 -0.99 -49.54 -5.61
C GLU B 103 -0.70 -49.99 -7.06
N PRO B 104 -0.16 -51.20 -7.21
CA PRO B 104 0.15 -51.76 -8.58
C PRO B 104 -1.08 -51.88 -9.47
N ILE B 105 -0.94 -51.57 -10.75
CA ILE B 105 -2.03 -51.75 -11.71
C ILE B 105 -2.46 -53.25 -11.83
N PRO B 106 -3.76 -53.52 -11.69
CA PRO B 106 -4.21 -54.91 -11.83
C PRO B 106 -3.96 -55.33 -13.27
N CYS B 107 -3.60 -56.58 -13.42
CA CYS B 107 -3.12 -57.12 -14.67
C CYS B 107 -4.03 -56.82 -15.87
N GLU B 108 -5.30 -57.07 -15.71
CA GLU B 108 -6.23 -56.95 -16.82
C GLU B 108 -6.37 -55.49 -17.23
N GLN B 109 -6.25 -54.59 -16.25
CA GLN B 109 -6.30 -53.14 -16.50
C GLN B 109 -5.14 -52.61 -17.29
N LEU B 110 -3.95 -53.14 -17.09
CA LEU B 110 -2.81 -52.74 -17.90
C LEU B 110 -2.99 -53.24 -19.37
N VAL B 111 -3.40 -54.50 -19.50
CA VAL B 111 -3.61 -55.06 -20.84
C VAL B 111 -4.64 -54.29 -21.67
N THR B 112 -5.79 -54.04 -21.06
CA THR B 112 -6.87 -53.25 -21.63
C THR B 112 -6.45 -51.85 -22.01
N ALA B 113 -5.69 -51.17 -21.15
CA ALA B 113 -5.13 -49.83 -21.52
C ALA B 113 -4.28 -49.85 -22.80
N LEU B 114 -3.37 -50.83 -22.91
CA LEU B 114 -2.56 -50.96 -24.13
C LEU B 114 -3.45 -51.32 -25.34
N CYS B 115 -4.36 -52.26 -25.15
CA CYS B 115 -5.28 -52.69 -26.19
C CYS B 115 -6.12 -51.54 -26.73
N ASP B 116 -6.46 -50.55 -25.89
CA ASP B 116 -7.16 -49.37 -26.37
C ASP B 116 -6.32 -48.49 -27.33
N ILE B 117 -5.01 -48.44 -27.11
CA ILE B 117 -4.07 -47.77 -27.99
C ILE B 117 -4.01 -48.53 -29.35
N LYS B 118 -3.82 -49.85 -29.28
CA LYS B 118 -3.86 -50.71 -30.49
C LYS B 118 -5.14 -50.55 -31.28
N GLN B 119 -6.28 -50.55 -30.59
CA GLN B 119 -7.58 -50.34 -31.23
C GLN B 119 -7.65 -49.01 -31.99
N ALA B 120 -7.17 -47.95 -31.36
CA ALA B 120 -7.22 -46.63 -31.99
C ALA B 120 -6.52 -46.64 -33.34
N TYR B 121 -5.38 -47.34 -33.41
CA TYR B 121 -4.55 -47.43 -34.59
C TYR B 121 -5.27 -48.19 -35.76
N THR B 122 -6.32 -48.96 -35.46
CA THR B 122 -7.14 -49.63 -36.46
C THR B 122 -8.31 -48.80 -36.88
N GLN B 123 -8.60 -47.70 -36.17
CA GLN B 123 -9.82 -46.93 -36.42
C GLN B 123 -9.65 -45.53 -36.94
N PHE B 124 -8.57 -44.87 -36.52
CA PHE B 124 -8.30 -43.55 -37.03
C PHE B 124 -6.79 -43.28 -37.09
N GLY B 125 -6.42 -42.18 -37.74
CA GLY B 125 -5.01 -41.78 -37.88
C GLY B 125 -4.24 -42.26 -39.10
N GLY B 126 -4.77 -43.19 -39.86
CA GLY B 126 -4.16 -43.52 -41.19
C GLY B 126 -2.78 -44.15 -41.11
N LYS B 127 -2.45 -44.71 -39.95
CA LYS B 127 -1.14 -45.33 -39.77
C LYS B 127 -1.23 -46.87 -39.81
N ARG B 128 -0.12 -47.55 -40.12
CA ARG B 128 -0.06 -49.01 -39.95
C ARG B 128 -0.16 -49.39 -38.49
N PRO B 129 -0.83 -50.52 -38.21
CA PRO B 129 -0.94 -50.96 -36.84
C PRO B 129 0.42 -51.52 -36.43
N PHE B 130 0.54 -51.76 -35.14
CA PHE B 130 1.69 -52.41 -34.56
C PHE B 130 1.62 -53.89 -34.91
N GLY B 131 2.73 -54.46 -35.34
CA GLY B 131 2.79 -55.87 -35.73
C GLY B 131 3.24 -56.80 -34.62
N VAL B 132 2.53 -56.72 -33.49
CA VAL B 132 2.94 -57.38 -32.28
C VAL B 132 1.75 -58.09 -31.65
N SER B 133 1.96 -59.34 -31.23
CA SER B 133 1.06 -59.99 -30.25
C SER B 133 1.87 -60.15 -28.96
N LEU B 134 1.19 -60.06 -27.81
CA LEU B 134 1.86 -60.17 -26.53
C LEU B 134 1.23 -61.18 -25.62
N LEU B 135 2.07 -61.85 -24.85
CA LEU B 135 1.57 -62.68 -23.71
C LEU B 135 2.02 -61.98 -22.42
N TYR B 136 1.10 -61.79 -21.51
CA TYR B 136 1.35 -61.05 -20.25
C TYR B 136 1.16 -62.04 -19.11
N ILE B 137 2.15 -62.08 -18.20
CA ILE B 137 2.04 -62.85 -16.95
C ILE B 137 2.15 -61.90 -15.74
N GLY B 138 1.42 -62.25 -14.69
CA GLY B 138 1.36 -61.37 -13.56
C GLY B 138 0.66 -61.97 -12.36
N TRP B 139 0.79 -61.25 -11.23
CA TRP B 139 -0.03 -61.46 -10.04
C TRP B 139 -0.68 -60.15 -9.62
N ASP B 140 -1.97 -60.18 -9.31
CA ASP B 140 -2.52 -59.07 -8.51
C ASP B 140 -3.40 -59.61 -7.38
N LYS B 141 -3.75 -58.70 -6.49
CA LYS B 141 -4.57 -59.07 -5.31
C LYS B 141 -6.02 -59.33 -5.62
N HIS B 142 -6.50 -59.11 -6.86
CA HIS B 142 -7.89 -59.40 -7.22
C HIS B 142 -8.11 -60.80 -7.80
N TYR B 143 -7.22 -61.23 -8.70
CA TYR B 143 -7.33 -62.57 -9.33
C TYR B 143 -6.08 -63.42 -9.25
N GLY B 144 -5.07 -63.00 -8.48
CA GLY B 144 -3.88 -63.84 -8.26
C GLY B 144 -3.07 -63.98 -9.56
N PHE B 145 -2.61 -65.21 -9.82
CA PHE B 145 -1.79 -65.50 -11.01
C PHE B 145 -2.61 -65.44 -12.29
N GLN B 146 -2.11 -64.71 -13.30
CA GLN B 146 -2.86 -64.48 -14.50
C GLN B 146 -1.97 -64.50 -15.76
N LEU B 147 -2.61 -64.88 -16.86
CA LEU B 147 -2.00 -64.94 -18.20
C LEU B 147 -2.98 -64.36 -19.18
N TYR B 148 -2.52 -63.36 -19.96
CA TYR B 148 -3.32 -62.67 -20.97
C TYR B 148 -2.60 -62.69 -22.32
N GLN B 149 -3.39 -62.55 -23.39
CA GLN B 149 -2.90 -62.48 -24.70
C GLN B 149 -3.57 -61.34 -25.40
N SER B 150 -2.78 -60.56 -26.12
CA SER B 150 -3.35 -59.51 -26.97
C SER B 150 -2.79 -59.62 -28.41
N ASP B 151 -3.53 -59.08 -29.37
CA ASP B 151 -3.06 -59.01 -30.75
C ASP B 151 -3.29 -57.63 -31.42
N PRO B 152 -2.84 -57.49 -32.69
CA PRO B 152 -2.90 -56.16 -33.27
C PRO B 152 -4.28 -55.58 -33.45
N SER B 153 -5.35 -56.35 -33.37
CA SER B 153 -6.72 -55.74 -33.38
C SER B 153 -7.09 -54.95 -32.14
N GLY B 154 -6.25 -54.99 -31.10
CA GLY B 154 -6.64 -54.47 -29.81
C GLY B 154 -7.53 -55.42 -29.04
N ASN B 155 -7.61 -56.66 -29.48
CA ASN B 155 -8.35 -57.70 -28.76
C ASN B 155 -7.47 -58.41 -27.75
N TYR B 156 -8.02 -58.85 -26.63
CA TYR B 156 -7.23 -59.62 -25.64
C TYR B 156 -8.14 -60.57 -24.95
N GLY B 157 -7.53 -61.55 -24.32
CA GLY B 157 -8.21 -62.51 -23.50
C GLY B 157 -7.28 -63.12 -22.47
N GLY B 158 -7.90 -63.70 -21.42
CA GLY B 158 -7.20 -64.43 -20.40
C GLY B 158 -7.23 -65.90 -20.77
N TRP B 159 -6.15 -66.60 -20.45
CA TRP B 159 -5.90 -68.01 -20.77
C TRP B 159 -5.23 -68.72 -19.59
N LYS B 160 -5.47 -70.01 -19.50
CA LYS B 160 -4.75 -70.88 -18.59
C LYS B 160 -3.49 -71.39 -19.26
N ALA B 161 -3.56 -71.50 -20.59
CA ALA B 161 -2.36 -71.72 -21.41
C ALA B 161 -2.64 -71.27 -22.85
N THR B 162 -1.60 -70.83 -23.54
CA THR B 162 -1.76 -70.43 -24.90
C THR B 162 -0.39 -70.46 -25.60
N CYS B 163 -0.47 -69.94 -26.86
CA CYS B 163 0.72 -69.76 -27.74
C CYS B 163 0.48 -68.75 -28.87
N ILE B 164 1.50 -67.98 -29.14
CA ILE B 164 1.50 -67.08 -30.31
C ILE B 164 2.76 -67.38 -31.13
N GLY B 165 2.78 -66.90 -32.38
CA GLY B 165 3.97 -67.03 -33.20
C GLY B 165 3.99 -68.34 -33.95
N ASN B 166 5.18 -68.74 -34.37
CA ASN B 166 5.29 -69.88 -35.28
C ASN B 166 4.69 -71.20 -34.69
N ASN B 167 3.90 -71.87 -35.52
CA ASN B 167 3.21 -73.13 -35.14
C ASN B 167 2.24 -73.04 -33.95
N SER B 168 1.68 -71.85 -33.72
CA SER B 168 0.68 -71.64 -32.63
C SER B 168 -0.40 -72.68 -32.54
N ALA B 169 -1.02 -73.01 -33.69
CA ALA B 169 -2.17 -73.94 -33.74
C ALA B 169 -1.74 -75.27 -33.18
N ALA B 170 -0.62 -75.79 -33.67
CA ALA B 170 -0.10 -77.08 -33.17
C ALA B 170 0.18 -76.99 -31.67
N ALA B 171 0.82 -75.91 -31.24
CA ALA B 171 1.16 -75.75 -29.80
C ALA B 171 -0.09 -75.76 -28.93
N VAL B 172 -1.15 -75.07 -29.36
CA VAL B 172 -2.42 -75.05 -28.61
C VAL B 172 -3.09 -76.41 -28.55
N SER B 173 -2.98 -77.22 -29.61
CA SER B 173 -3.51 -78.56 -29.58
C SER B 173 -2.85 -79.37 -28.49
N MET B 174 -1.51 -79.35 -28.45
CA MET B 174 -0.77 -80.10 -27.44
C MET B 174 -1.06 -79.61 -26.03
N LEU B 175 -1.26 -78.30 -25.88
CA LEU B 175 -1.70 -77.75 -24.61
C LEU B 175 -3.09 -78.25 -24.21
N LYS B 176 -4.09 -78.13 -25.10
CA LYS B 176 -5.44 -78.67 -24.91
C LYS B 176 -5.42 -80.10 -24.37
N GLN B 177 -4.44 -80.87 -24.77
CA GLN B 177 -4.44 -82.25 -24.41
C GLN B 177 -3.72 -82.55 -23.16
N ASP B 178 -2.68 -81.82 -22.84
CA ASP B 178 -1.89 -82.17 -21.66
C ASP B 178 -2.16 -81.32 -20.43
N TYR B 179 -2.78 -80.16 -20.61
CA TYR B 179 -2.89 -79.21 -19.53
C TYR B 179 -4.01 -79.68 -18.58
N LYS B 180 -3.71 -79.75 -17.29
CA LYS B 180 -4.67 -80.23 -16.27
C LYS B 180 -5.26 -79.03 -15.51
N GLU B 181 -6.44 -78.58 -15.88
CA GLU B 181 -7.07 -77.41 -15.26
C GLU B 181 -7.17 -77.54 -13.70
N GLY B 182 -6.54 -76.64 -12.97
CA GLY B 182 -6.62 -76.63 -11.49
C GLY B 182 -5.57 -77.50 -10.81
N GLU B 183 -4.77 -78.23 -11.57
CA GLU B 183 -3.86 -79.21 -11.01
C GLU B 183 -2.39 -79.01 -11.47
N MET B 184 -2.08 -77.97 -12.24
CA MET B 184 -0.68 -77.74 -12.72
C MET B 184 0.17 -77.13 -11.61
N THR B 185 1.43 -77.53 -11.54
CA THR B 185 2.44 -76.83 -10.77
C THR B 185 3.43 -76.17 -11.72
N LEU B 186 4.30 -75.30 -11.18
CA LEU B 186 5.28 -74.59 -12.00
C LEU B 186 6.24 -75.62 -12.62
N LYS B 187 6.50 -76.67 -11.87
CA LYS B 187 7.40 -77.74 -12.29
C LYS B 187 6.83 -78.57 -13.43
N SER B 188 5.52 -78.83 -13.39
CA SER B 188 4.84 -79.58 -14.45
C SER B 188 4.50 -78.68 -15.64
N ALA B 189 4.21 -77.40 -15.39
CA ALA B 189 4.05 -76.42 -16.49
C ALA B 189 5.36 -76.27 -17.26
N LEU B 190 6.47 -76.25 -16.53
CA LEU B 190 7.78 -76.19 -17.12
C LEU B 190 8.02 -77.40 -18.02
N ALA B 191 7.77 -78.60 -17.51
CA ALA B 191 7.89 -79.81 -18.32
C ALA B 191 7.03 -79.71 -19.56
N LEU B 192 5.79 -79.26 -19.42
CA LEU B 192 4.88 -79.16 -20.55
C LEU B 192 5.39 -78.13 -21.63
N ALA B 193 5.89 -76.99 -21.17
CA ALA B 193 6.44 -75.96 -22.03
C ALA B 193 7.52 -76.54 -22.88
N ILE B 194 8.41 -77.33 -22.27
CA ILE B 194 9.49 -77.96 -23.03
C ILE B 194 8.97 -79.01 -24.01
N LYS B 195 7.99 -79.78 -23.57
CA LYS B 195 7.36 -80.75 -24.47
C LYS B 195 6.81 -80.05 -25.72
N VAL B 196 6.14 -78.92 -25.51
CA VAL B 196 5.46 -78.20 -26.60
C VAL B 196 6.48 -77.60 -27.56
N LEU B 197 7.49 -76.91 -27.03
CA LEU B 197 8.55 -76.33 -27.88
C LEU B 197 9.33 -77.35 -28.67
N ASN B 198 9.50 -78.52 -28.05
CA ASN B 198 10.17 -79.64 -28.69
C ASN B 198 9.46 -80.08 -29.97
N LYS B 199 8.13 -80.13 -29.95
CA LYS B 199 7.35 -80.47 -31.12
C LYS B 199 7.29 -79.32 -32.13
N THR B 200 7.10 -78.08 -31.66
CA THR B 200 6.82 -76.94 -32.54
C THR B 200 8.02 -76.19 -33.08
N MET B 201 9.21 -76.48 -32.57
CA MET B 201 10.43 -76.06 -33.23
C MET B 201 10.90 -77.23 -34.10
N ASP B 202 10.12 -77.66 -35.11
CA ASP B 202 10.50 -78.77 -36.04
C ASP B 202 11.41 -78.22 -37.16
N VAL B 203 12.29 -77.25 -36.85
CA VAL B 203 13.47 -76.90 -37.69
C VAL B 203 14.63 -76.27 -36.82
N SER B 204 15.24 -77.00 -35.84
CA SER B 204 15.21 -78.49 -35.66
C SER B 204 15.32 -79.15 -34.23
N LYS B 205 16.50 -79.69 -33.82
CA LYS B 205 16.72 -80.40 -32.50
C LYS B 205 17.01 -79.43 -31.29
N LEU B 206 16.10 -79.44 -30.30
CA LEU B 206 15.99 -78.38 -29.26
C LEU B 206 17.15 -78.27 -28.26
N SER B 207 17.48 -77.04 -27.93
CA SER B 207 18.72 -76.73 -27.24
C SER B 207 18.48 -75.49 -26.39
N ALA B 208 19.23 -75.36 -25.30
CA ALA B 208 19.04 -74.28 -24.35
C ALA B 208 19.33 -72.91 -24.97
N GLU B 209 20.42 -72.82 -25.74
CA GLU B 209 20.75 -71.62 -26.54
C GLU B 209 19.55 -71.13 -27.37
N LYS B 210 18.59 -72.00 -27.70
CA LYS B 210 17.45 -71.66 -28.59
C LYS B 210 16.14 -71.29 -27.90
N VAL B 211 16.07 -71.39 -26.55
CA VAL B 211 14.88 -70.96 -25.82
C VAL B 211 15.16 -70.07 -24.60
N GLU B 212 14.12 -69.37 -24.20
CA GLU B 212 14.16 -68.46 -23.07
C GLU B 212 12.96 -68.78 -22.24
N ILE B 213 13.15 -68.93 -20.95
CA ILE B 213 12.04 -69.20 -20.04
C ILE B 213 12.11 -68.25 -18.85
N ALA B 214 10.98 -67.62 -18.56
CA ALA B 214 10.84 -66.81 -17.37
C ALA B 214 9.74 -67.38 -16.48
N THR B 215 9.94 -67.34 -15.17
CA THR B 215 8.88 -67.71 -14.20
C THR B 215 8.48 -66.50 -13.35
N LEU B 216 7.20 -66.51 -12.96
CA LEU B 216 6.61 -65.52 -12.10
C LEU B 216 5.95 -66.29 -10.95
N THR B 217 6.50 -66.07 -9.74
CA THR B 217 6.05 -66.70 -8.48
C THR B 217 5.86 -65.66 -7.37
N ARG B 218 5.34 -66.10 -6.24
CA ARG B 218 5.14 -65.25 -5.04
C ARG B 218 5.93 -65.86 -3.89
N GLU B 219 6.74 -65.06 -3.21
CA GLU B 219 7.56 -65.49 -2.10
C GLU B 219 7.53 -64.40 -1.03
N ASN B 220 6.91 -64.73 0.10
CA ASN B 220 6.87 -63.84 1.28
C ASN B 220 6.21 -62.51 1.00
N GLY B 221 5.04 -62.57 0.37
CA GLY B 221 4.26 -61.40 0.05
C GLY B 221 4.86 -60.48 -1.03
N LYS B 222 5.79 -60.99 -1.84
CA LYS B 222 6.48 -60.26 -2.91
C LYS B 222 6.48 -61.11 -4.22
N THR B 223 6.26 -60.48 -5.36
CA THR B 223 6.38 -61.13 -6.66
C THR B 223 7.85 -61.32 -7.10
N VAL B 224 8.22 -62.54 -7.52
CA VAL B 224 9.59 -62.77 -8.00
C VAL B 224 9.46 -63.19 -9.48
N ILE B 225 10.24 -62.52 -10.31
CA ILE B 225 10.20 -62.70 -11.77
C ILE B 225 11.62 -63.05 -12.13
N ARG B 226 11.86 -64.25 -12.67
CA ARG B 226 13.23 -64.71 -12.94
C ARG B 226 13.28 -65.29 -14.34
N VAL B 227 14.40 -65.10 -15.01
CA VAL B 227 14.71 -65.73 -16.28
C VAL B 227 15.65 -66.84 -15.95
N LEU B 228 15.25 -68.06 -16.29
CA LEU B 228 16.06 -69.25 -15.94
C LEU B 228 17.41 -69.24 -16.60
N LYS B 229 18.43 -69.69 -15.88
CA LYS B 229 19.78 -69.72 -16.45
C LYS B 229 19.90 -70.96 -17.34
N GLN B 230 20.96 -71.01 -18.14
CA GLN B 230 21.08 -72.07 -19.16
C GLN B 230 21.28 -73.45 -18.58
N LYS B 231 21.91 -73.48 -17.41
CA LYS B 231 22.04 -74.70 -16.63
C LYS B 231 20.65 -75.33 -16.36
N GLU B 232 19.71 -74.51 -15.92
CA GLU B 232 18.37 -75.00 -15.61
C GLU B 232 17.57 -75.43 -16.84
N VAL B 233 17.74 -74.69 -17.93
CA VAL B 233 17.06 -74.98 -19.18
C VAL B 233 17.58 -76.34 -19.73
N GLU B 234 18.89 -76.56 -19.74
CA GLU B 234 19.43 -77.85 -20.21
C GLU B 234 18.95 -79.02 -19.35
N GLN B 235 18.88 -78.80 -18.03
CA GLN B 235 18.35 -79.78 -17.09
C GLN B 235 16.91 -80.13 -17.46
N LEU B 236 16.08 -79.14 -17.77
CA LEU B 236 14.68 -79.47 -18.13
C LEU B 236 14.58 -80.24 -19.46
N ILE B 237 15.50 -79.90 -20.38
CA ILE B 237 15.56 -80.54 -21.69
C ILE B 237 16.01 -81.97 -21.49
N LYS B 238 17.09 -82.17 -20.71
CA LYS B 238 17.50 -83.49 -20.25
C LYS B 238 16.35 -84.31 -19.67
N LYS B 239 15.59 -83.71 -18.75
CA LYS B 239 14.49 -84.42 -18.10
C LYS B 239 13.39 -84.85 -19.08
N HIS B 240 13.02 -83.96 -19.98
CA HIS B 240 12.09 -84.30 -21.04
C HIS B 240 12.59 -85.46 -21.96
N GLU B 241 13.90 -85.50 -22.23
CA GLU B 241 14.50 -86.52 -23.11
C GLU B 241 14.60 -87.84 -22.37
N GLU B 242 14.95 -87.82 -21.08
CA GLU B 242 14.79 -89.01 -20.20
C GLU B 242 13.33 -89.49 -20.20
N GLU B 243 12.39 -88.55 -20.04
CA GLU B 243 10.96 -88.91 -20.00
C GLU B 243 10.45 -89.64 -21.24
N GLU B 244 10.76 -89.14 -22.45
CA GLU B 244 10.44 -89.84 -23.73
C GLU B 244 11.09 -91.23 -23.89
N ALA B 245 12.18 -91.52 -23.17
CA ALA B 245 12.74 -92.88 -23.09
C ALA B 245 11.80 -93.84 -22.37
N LYS B 246 11.06 -93.34 -21.37
CA LYS B 246 10.00 -94.13 -20.72
C LYS B 246 8.79 -94.41 -21.63
N ALA B 247 8.63 -93.65 -22.71
CA ALA B 247 7.34 -93.55 -23.43
C ALA B 247 6.69 -94.88 -23.93
N GLU B 248 7.46 -95.95 -24.16
CA GLU B 248 6.91 -97.22 -24.72
C GLU B 248 6.75 -98.26 -23.61
N ARG B 249 7.89 -98.61 -22.99
CA ARG B 249 7.92 -99.44 -21.79
C ARG B 249 8.44 -98.55 -20.67
N SER C 2 -2.12 -34.22 -38.35
CA SER C 2 -3.21 -35.14 -38.07
C SER C 2 -4.02 -35.58 -39.33
N TYR C 3 -4.54 -36.78 -39.31
CA TYR C 3 -5.07 -37.41 -40.49
C TYR C 3 -6.49 -37.02 -40.72
N ASP C 4 -6.76 -36.33 -41.82
CA ASP C 4 -8.06 -35.74 -42.13
C ASP C 4 -8.74 -36.31 -43.34
N ARG C 5 -8.35 -37.47 -43.84
CA ARG C 5 -9.02 -38.06 -44.98
C ARG C 5 -10.49 -38.30 -44.73
N ALA C 6 -11.33 -37.97 -45.69
CA ALA C 6 -12.72 -38.35 -45.66
C ALA C 6 -12.84 -39.85 -45.94
N ILE C 7 -13.32 -40.62 -44.98
CA ILE C 7 -13.31 -42.07 -45.06
C ILE C 7 -14.66 -42.59 -45.43
N THR C 8 -15.69 -42.11 -44.75
CA THR C 8 -17.02 -42.46 -45.12
C THR C 8 -17.53 -41.37 -46.06
N VAL C 9 -17.79 -41.76 -47.29
CA VAL C 9 -18.32 -40.85 -48.33
C VAL C 9 -19.47 -41.54 -49.02
N PHE C 10 -20.31 -40.77 -49.68
CA PHE C 10 -21.37 -41.31 -50.49
C PHE C 10 -20.81 -41.87 -51.78
N SER C 11 -21.50 -42.87 -52.25
CA SER C 11 -21.27 -43.43 -53.62
C SER C 11 -22.46 -43.12 -54.44
N PRO C 12 -22.35 -43.42 -55.77
CA PRO C 12 -23.53 -43.23 -56.58
C PRO C 12 -24.73 -44.11 -55.94
N ASP C 13 -25.92 -43.50 -56.00
CA ASP C 13 -27.21 -44.15 -55.47
C ASP C 13 -27.38 -44.05 -54.03
N GLY C 14 -26.57 -43.22 -53.41
CA GLY C 14 -26.78 -42.86 -52.06
C GLY C 14 -26.24 -43.82 -51.05
N HIS C 15 -25.34 -44.73 -51.43
CA HIS C 15 -24.74 -45.61 -50.44
C HIS C 15 -23.60 -44.98 -49.67
N LEU C 16 -23.51 -45.35 -48.39
CA LEU C 16 -22.36 -45.14 -47.57
C LEU C 16 -21.66 -46.47 -47.35
N PHE C 17 -20.72 -46.78 -48.23
CA PHE C 17 -20.06 -48.08 -48.23
C PHE C 17 -19.34 -48.47 -46.92
N GLN C 18 -18.65 -47.56 -46.23
CA GLN C 18 -18.02 -47.93 -45.01
C GLN C 18 -19.05 -48.49 -43.99
N VAL C 19 -20.23 -47.87 -43.99
CA VAL C 19 -21.25 -48.12 -43.02
C VAL C 19 -21.82 -49.49 -43.34
N GLU C 20 -22.10 -49.71 -44.63
CA GLU C 20 -22.52 -51.01 -45.11
C GLU C 20 -21.49 -52.08 -44.78
N TYR C 21 -20.19 -51.75 -44.87
CA TYR C 21 -19.15 -52.71 -44.50
C TYR C 21 -19.06 -52.92 -42.97
N ALA C 22 -19.30 -51.87 -42.22
CA ALA C 22 -19.37 -52.00 -40.78
C ALA C 22 -20.50 -53.01 -40.40
N GLN C 23 -21.67 -52.84 -41.05
CA GLN C 23 -22.83 -53.75 -40.88
C GLN C 23 -22.49 -55.18 -41.23
N GLU C 24 -21.61 -55.40 -42.20
CA GLU C 24 -21.14 -56.76 -42.52
C GLU C 24 -20.32 -57.34 -41.40
N ALA C 25 -19.56 -56.49 -40.74
CA ALA C 25 -18.78 -56.93 -39.55
C ALA C 25 -19.72 -57.40 -38.44
N VAL C 26 -20.80 -56.65 -38.23
CA VAL C 26 -21.74 -56.96 -37.20
C VAL C 26 -22.38 -58.33 -37.53
N LYS C 27 -22.65 -58.57 -38.81
CA LYS C 27 -23.33 -59.81 -39.23
C LYS C 27 -22.52 -61.05 -39.01
N LYS C 28 -21.20 -60.91 -39.01
CA LYS C 28 -20.30 -62.00 -38.62
C LYS C 28 -20.02 -62.10 -37.10
N GLY C 29 -20.56 -61.23 -36.27
CA GLY C 29 -20.41 -61.37 -34.83
C GLY C 29 -21.31 -62.49 -34.30
N SER C 30 -21.09 -62.87 -33.04
CA SER C 30 -21.91 -63.86 -32.38
C SER C 30 -23.30 -63.28 -32.16
N THR C 31 -24.26 -64.17 -32.24
CA THR C 31 -25.64 -63.78 -32.11
C THR C 31 -25.87 -63.21 -30.75
N ALA C 32 -26.68 -62.16 -30.65
CA ALA C 32 -27.10 -61.63 -29.36
C ALA C 32 -28.60 -61.42 -29.38
N VAL C 33 -29.30 -61.69 -28.26
CA VAL C 33 -30.75 -61.56 -28.19
C VAL C 33 -31.21 -60.86 -26.93
N GLY C 34 -32.21 -60.00 -27.08
CA GLY C 34 -32.78 -59.25 -25.97
C GLY C 34 -34.27 -59.46 -25.98
N VAL C 35 -34.85 -59.68 -24.77
CA VAL C 35 -36.29 -59.55 -24.62
C VAL C 35 -36.63 -58.68 -23.45
N ARG C 36 -37.54 -57.77 -23.73
CA ARG C 36 -38.22 -56.99 -22.73
C ARG C 36 -39.44 -57.73 -22.12
N GLY C 37 -39.28 -58.14 -20.85
CA GLY C 37 -40.36 -58.66 -20.04
C GLY C 37 -41.29 -57.58 -19.49
N ARG C 38 -42.11 -58.02 -18.58
CA ARG C 38 -43.10 -57.18 -17.91
C ARG C 38 -42.37 -56.38 -16.80
N ASP C 39 -41.57 -57.09 -15.99
CA ASP C 39 -40.77 -56.46 -14.96
C ASP C 39 -39.35 -57.07 -14.85
N ILE C 40 -38.89 -57.60 -15.97
CA ILE C 40 -37.52 -58.09 -16.12
C ILE C 40 -37.08 -57.78 -17.58
N VAL C 41 -35.78 -57.67 -17.79
CA VAL C 41 -35.23 -57.62 -19.14
C VAL C 41 -34.10 -58.64 -19.20
N VAL C 42 -33.99 -59.33 -20.34
CA VAL C 42 -33.02 -60.40 -20.45
C VAL C 42 -32.16 -60.24 -21.69
N LEU C 43 -30.87 -60.55 -21.57
CA LEU C 43 -29.96 -60.58 -22.66
C LEU C 43 -29.32 -61.93 -22.68
N GLY C 44 -29.16 -62.47 -23.88
CA GLY C 44 -28.43 -63.72 -24.06
C GLY C 44 -27.56 -63.59 -25.25
N VAL C 45 -26.40 -64.24 -25.23
CA VAL C 45 -25.52 -64.21 -26.38
C VAL C 45 -24.77 -65.52 -26.60
N GLU C 46 -24.55 -65.84 -27.87
CA GLU C 46 -23.86 -67.05 -28.31
C GLU C 46 -22.37 -67.05 -27.99
N LYS C 47 -21.90 -68.26 -27.71
CA LYS C 47 -20.49 -68.78 -27.81
C LYS C 47 -19.45 -68.03 -27.01
N LYS C 48 -18.43 -67.41 -27.62
CA LYS C 48 -18.17 -67.23 -29.09
C LYS C 48 -17.36 -68.41 -29.73
N SER C 49 -16.14 -68.63 -29.20
CA SER C 49 -15.31 -69.78 -29.60
C SER C 49 -15.63 -71.10 -28.83
N VAL C 50 -15.98 -71.04 -27.53
CA VAL C 50 -15.68 -72.13 -26.60
C VAL C 50 -14.14 -72.07 -26.36
N ALA C 51 -13.49 -73.21 -26.11
CA ALA C 51 -12.02 -73.28 -25.83
C ALA C 51 -11.77 -73.44 -24.33
N LYS C 52 -11.44 -74.65 -23.92
CA LYS C 52 -11.28 -75.04 -22.51
C LYS C 52 -10.18 -74.27 -21.81
N LEU C 53 -9.19 -73.77 -22.55
CA LEU C 53 -8.06 -73.08 -21.94
C LEU C 53 -8.29 -71.57 -21.75
N GLN C 54 -9.44 -71.09 -22.19
CA GLN C 54 -9.89 -69.74 -21.96
C GLN C 54 -10.32 -69.51 -20.51
N ASP C 55 -9.93 -68.36 -19.94
CA ASP C 55 -10.54 -67.82 -18.74
C ASP C 55 -11.83 -67.10 -19.15
N GLU C 56 -12.95 -67.77 -18.97
CA GLU C 56 -14.30 -67.32 -19.43
C GLU C 56 -14.65 -65.83 -19.02
N ARG C 57 -14.37 -65.46 -17.75
CA ARG C 57 -14.63 -64.09 -17.18
C ARG C 57 -14.16 -62.93 -18.09
N THR C 58 -13.05 -63.17 -18.79
CA THR C 58 -12.33 -62.14 -19.59
C THR C 58 -12.92 -61.83 -20.97
N VAL C 59 -13.93 -62.57 -21.42
CA VAL C 59 -14.50 -62.33 -22.76
C VAL C 59 -16.02 -62.14 -22.81
N ARG C 60 -16.67 -61.86 -21.68
CA ARG C 60 -18.11 -61.62 -21.70
C ARG C 60 -18.50 -60.56 -22.72
N LYS C 61 -19.67 -60.74 -23.30
CA LYS C 61 -20.22 -59.84 -24.28
C LYS C 61 -21.41 -59.10 -23.75
N ILE C 62 -21.70 -59.25 -22.47
CA ILE C 62 -22.76 -58.47 -21.81
C ILE C 62 -22.00 -57.61 -20.79
N ALA C 64 -22.19 -54.12 -17.97
CA ALA C 64 -22.88 -53.03 -17.25
C ALA C 64 -22.37 -51.65 -17.72
N LEU C 65 -23.30 -50.74 -17.99
CA LEU C 65 -22.94 -49.37 -18.31
C LEU C 65 -23.02 -48.51 -17.02
N ASP C 66 -24.04 -48.78 -16.23
CA ASP C 66 -24.32 -48.14 -14.96
C ASP C 66 -25.11 -49.20 -14.15
N ASP C 67 -25.60 -48.84 -12.97
CA ASP C 67 -26.38 -49.77 -12.14
C ASP C 67 -27.71 -50.16 -12.76
N ASN C 68 -28.35 -49.23 -13.45
CA ASN C 68 -29.67 -49.48 -14.04
C ASN C 68 -29.68 -49.73 -15.59
N VAL C 69 -28.52 -49.87 -16.24
CA VAL C 69 -28.43 -50.03 -17.74
C VAL C 69 -27.30 -50.99 -18.10
N CYS C 70 -27.56 -51.96 -18.97
CA CYS C 70 -26.45 -52.80 -19.47
C CYS C 70 -26.62 -52.97 -20.96
N MET C 71 -25.70 -53.69 -21.56
CA MET C 71 -25.75 -53.85 -22.98
C MET C 71 -25.06 -55.09 -23.38
N ALA C 72 -25.55 -55.64 -24.49
CA ALA C 72 -24.84 -56.65 -25.24
C ALA C 72 -24.44 -56.02 -26.60
N PHE C 73 -23.47 -56.60 -27.26
CA PHE C 73 -23.13 -56.17 -28.61
C PHE C 73 -22.85 -57.36 -29.49
N ALA C 74 -22.89 -57.18 -30.81
CA ALA C 74 -22.26 -58.08 -31.77
C ALA C 74 -21.41 -57.26 -32.75
N GLY C 75 -20.28 -57.82 -33.13
CA GLY C 75 -19.43 -57.25 -34.12
C GLY C 75 -17.99 -57.27 -33.61
N LEU C 76 -17.22 -56.22 -33.95
CA LEU C 76 -15.82 -56.10 -33.58
C LEU C 76 -15.69 -55.81 -32.08
N THR C 77 -15.11 -56.76 -31.34
CA THR C 77 -15.15 -56.70 -29.89
C THR C 77 -14.28 -55.51 -29.38
N ALA C 78 -13.14 -55.23 -30.03
CA ALA C 78 -12.31 -54.02 -29.67
C ALA C 78 -13.09 -52.74 -29.85
N ASP C 79 -13.77 -52.58 -30.99
CA ASP C 79 -14.64 -51.45 -31.16
C ASP C 79 -15.67 -51.33 -30.04
N ALA C 80 -16.34 -52.44 -29.73
CA ALA C 80 -17.33 -52.43 -28.63
C ALA C 80 -16.77 -51.86 -27.28
N ARG C 81 -15.59 -52.30 -26.91
CA ARG C 81 -14.98 -51.89 -25.67
C ARG C 81 -14.87 -50.34 -25.64
N ILE C 82 -14.52 -49.71 -26.78
CA ILE C 82 -14.41 -48.25 -26.85
C ILE C 82 -15.77 -47.60 -26.66
N VAL C 83 -16.79 -48.18 -27.28
CA VAL C 83 -18.12 -47.63 -27.17
C VAL C 83 -18.58 -47.77 -25.69
N ILE C 84 -18.31 -48.93 -25.12
CA ILE C 84 -18.79 -49.21 -23.76
C ILE C 84 -18.17 -48.21 -22.75
N ASN C 85 -16.88 -48.03 -22.85
CA ASN C 85 -16.18 -47.11 -21.97
CA ASN C 85 -16.18 -47.06 -22.00
C ASN C 85 -16.66 -45.66 -22.17
N ARG C 86 -16.87 -45.26 -23.40
CA ARG C 86 -17.42 -43.94 -23.67
C ARG C 86 -18.79 -43.81 -22.99
N ALA C 87 -19.67 -44.82 -23.13
CA ALA C 87 -20.99 -44.76 -22.51
C ALA C 87 -20.89 -44.76 -20.97
N ARG C 88 -19.92 -45.45 -20.42
CA ARG C 88 -19.79 -45.52 -18.97
C ARG C 88 -19.40 -44.15 -18.40
N VAL C 89 -18.53 -43.44 -19.10
CA VAL C 89 -18.11 -42.08 -18.73
C VAL C 89 -19.36 -41.20 -18.79
N GLU C 90 -20.08 -41.26 -19.91
CA GLU C 90 -21.26 -40.43 -20.08
C GLU C 90 -22.32 -40.66 -19.01
N CYS C 91 -22.53 -41.92 -18.59
CA CYS C 91 -23.49 -42.19 -17.46
C CYS C 91 -23.15 -41.46 -16.16
N GLN C 92 -21.87 -41.41 -15.84
CA GLN C 92 -21.37 -40.58 -14.73
C GLN C 92 -21.49 -39.04 -14.99
N SER C 93 -21.23 -38.48 -16.19
CA SER C 93 -21.61 -37.05 -16.42
C SER C 93 -23.12 -36.83 -16.15
N HIS C 94 -23.97 -37.61 -16.79
CA HIS C 94 -25.42 -37.46 -16.55
C HIS C 94 -25.77 -37.38 -15.05
N ARG C 95 -25.47 -38.44 -14.28
CA ARG C 95 -25.63 -38.42 -12.82
C ARG C 95 -25.02 -37.16 -12.17
N LEU C 96 -23.87 -36.74 -12.65
CA LEU C 96 -23.22 -35.55 -12.11
C LEU C 96 -24.13 -34.36 -12.26
N THR C 97 -24.65 -34.13 -13.48
CA THR C 97 -25.31 -32.82 -13.85
C THR C 97 -26.86 -32.80 -13.69
N VAL C 98 -27.45 -34.00 -13.59
CA VAL C 98 -28.89 -34.20 -13.43
C VAL C 98 -29.29 -34.88 -12.13
N GLU C 99 -28.37 -35.60 -11.49
CA GLU C 99 -28.62 -36.28 -10.23
C GLU C 99 -29.76 -37.28 -10.35
N ASP C 100 -29.88 -37.83 -11.55
CA ASP C 100 -30.70 -39.00 -11.75
C ASP C 100 -29.82 -39.89 -12.57
N PRO C 101 -30.05 -41.20 -12.46
CA PRO C 101 -29.45 -42.08 -13.45
C PRO C 101 -30.02 -41.76 -14.88
N VAL C 102 -29.28 -42.18 -15.88
CA VAL C 102 -29.66 -41.95 -17.25
C VAL C 102 -30.93 -42.73 -17.44
N THR C 103 -31.83 -42.27 -18.26
CA THR C 103 -32.78 -43.21 -18.85
C THR C 103 -32.04 -44.09 -19.88
N VAL C 104 -32.63 -45.24 -20.21
CA VAL C 104 -32.05 -46.15 -21.17
C VAL C 104 -32.05 -45.47 -22.57
N GLU C 105 -33.10 -44.67 -22.82
CA GLU C 105 -33.21 -43.93 -24.03
C GLU C 105 -32.11 -42.85 -24.12
N TYR C 106 -31.82 -42.13 -23.04
CA TYR C 106 -30.78 -41.14 -23.02
C TYR C 106 -29.46 -41.76 -23.42
N ILE C 107 -29.06 -42.85 -22.77
CA ILE C 107 -27.74 -43.41 -23.05
C ILE C 107 -27.65 -44.07 -24.45
N THR C 108 -28.77 -44.67 -24.88
CA THR C 108 -28.89 -45.19 -26.22
C THR C 108 -28.70 -44.07 -27.25
N ARG C 109 -29.46 -43.00 -27.08
CA ARG C 109 -29.37 -41.84 -27.93
C ARG C 109 -27.89 -41.29 -27.98
N TYR C 110 -27.22 -41.25 -26.82
CA TYR C 110 -25.81 -40.87 -26.76
C TYR C 110 -24.92 -41.84 -27.57
N ILE C 111 -25.12 -43.14 -27.39
CA ILE C 111 -24.32 -44.13 -28.12
C ILE C 111 -24.56 -44.04 -29.66
N ALA C 112 -25.81 -43.87 -30.04
CA ALA C 112 -26.19 -43.81 -31.42
C ALA C 112 -25.56 -42.56 -32.10
N SER C 113 -25.55 -41.47 -31.36
CA SER C 113 -25.03 -40.23 -31.84
C SER C 113 -23.52 -40.31 -31.98
N LEU C 114 -22.85 -41.02 -31.09
CA LEU C 114 -21.43 -41.33 -31.24
C LEU C 114 -21.11 -42.13 -32.50
N LYS C 115 -21.89 -43.18 -32.70
CA LYS C 115 -21.80 -43.99 -33.86
C LYS C 115 -22.06 -43.19 -35.17
N GLN C 116 -23.10 -42.36 -35.21
CA GLN C 116 -23.36 -41.52 -36.34
C GLN C 116 -22.17 -40.56 -36.65
N ARG C 117 -21.58 -39.97 -35.62
CA ARG C 117 -20.46 -39.06 -35.79
C ARG C 117 -19.26 -39.74 -36.41
N TYR C 118 -19.02 -41.01 -36.06
CA TYR C 118 -17.93 -41.74 -36.66
C TYR C 118 -18.26 -42.20 -38.11
N THR C 119 -19.45 -41.89 -38.61
CA THR C 119 -19.75 -42.07 -40.04
C THR C 119 -19.67 -40.75 -40.85
N GLN C 120 -19.40 -39.64 -40.19
CA GLN C 120 -19.41 -38.32 -40.81
C GLN C 120 -18.19 -37.43 -40.38
N SER C 121 -17.15 -38.00 -39.79
CA SER C 121 -15.97 -37.26 -39.39
C SER C 121 -14.75 -37.75 -40.07
N ASN C 122 -13.93 -36.80 -40.46
CA ASN C 122 -12.71 -37.13 -41.15
C ASN C 122 -11.77 -37.95 -40.31
N GLY C 123 -11.00 -38.78 -41.00
CA GLY C 123 -9.92 -39.53 -40.40
C GLY C 123 -10.31 -40.81 -39.66
N ARG C 124 -11.60 -41.08 -39.56
CA ARG C 124 -12.13 -42.24 -38.79
C ARG C 124 -12.99 -43.13 -39.63
N ARG C 125 -12.94 -44.42 -39.34
CA ARG C 125 -13.96 -45.36 -39.84
C ARG C 125 -15.10 -45.57 -38.83
N PRO C 126 -16.29 -46.00 -39.27
CA PRO C 126 -17.39 -46.33 -38.38
C PRO C 126 -17.09 -47.46 -37.41
N PHE C 127 -17.85 -47.47 -36.31
CA PHE C 127 -17.74 -48.59 -35.35
C PHE C 127 -18.40 -49.81 -35.97
N GLY C 128 -17.71 -50.94 -35.98
CA GLY C 128 -18.29 -52.18 -36.49
C GLY C 128 -19.09 -52.98 -35.41
N ILE C 129 -20.08 -52.34 -34.76
CA ILE C 129 -20.89 -53.00 -33.77
C ILE C 129 -22.31 -52.51 -33.79
N SER C 130 -23.20 -53.40 -33.38
CA SER C 130 -24.57 -53.07 -32.97
C SER C 130 -24.70 -53.44 -31.50
N ALA C 131 -25.57 -52.74 -30.80
CA ALA C 131 -25.76 -52.96 -29.38
C ALA C 131 -27.21 -53.12 -29.07
N LEU C 132 -27.48 -53.98 -28.09
CA LEU C 132 -28.80 -54.07 -27.46
C LEU C 132 -28.62 -53.56 -26.05
N ILE C 133 -29.39 -52.53 -25.73
CA ILE C 133 -29.21 -51.80 -24.51
C ILE C 133 -30.50 -51.97 -23.70
N VAL C 134 -30.35 -52.38 -22.45
CA VAL C 134 -31.53 -52.66 -21.63
C VAL C 134 -31.41 -52.05 -20.27
N GLY C 135 -32.58 -51.74 -19.73
CA GLY C 135 -32.74 -51.53 -18.30
C GLY C 135 -34.11 -51.01 -17.95
N PHE C 136 -34.19 -50.27 -16.85
CA PHE C 136 -35.40 -49.64 -16.38
C PHE C 136 -35.24 -48.13 -16.17
N ASP C 137 -36.30 -47.40 -16.49
CA ASP C 137 -36.41 -45.97 -16.15
C ASP C 137 -36.83 -45.72 -14.70
N PHE C 138 -36.37 -44.57 -14.15
CA PHE C 138 -36.71 -44.14 -12.75
C PHE C 138 -38.11 -44.60 -12.32
N ASP C 139 -39.12 -44.51 -13.20
CA ASP C 139 -40.52 -44.92 -12.87
C ASP C 139 -40.86 -46.46 -12.98
N GLY C 140 -39.85 -47.32 -13.13
CA GLY C 140 -40.06 -48.78 -13.25
C GLY C 140 -40.31 -49.38 -14.65
N THR C 141 -40.49 -48.56 -15.71
CA THR C 141 -40.76 -49.09 -17.09
C THR C 141 -39.54 -49.81 -17.66
N PRO C 142 -39.68 -51.07 -18.12
CA PRO C 142 -38.56 -51.83 -18.67
C PRO C 142 -38.30 -51.43 -20.15
N ARG C 143 -37.05 -51.51 -20.58
CA ARG C 143 -36.65 -51.00 -21.93
C ARG C 143 -35.63 -51.87 -22.66
N LEU C 144 -35.81 -51.96 -23.99
CA LEU C 144 -34.85 -52.62 -24.84
C LEU C 144 -34.70 -51.74 -26.09
N TYR C 145 -33.48 -51.27 -26.33
CA TYR C 145 -33.17 -50.45 -27.51
C TYR C 145 -32.13 -51.17 -28.29
N GLN C 146 -32.09 -50.91 -29.61
CA GLN C 146 -30.99 -51.37 -30.41
C GLN C 146 -30.33 -50.20 -31.22
N THR C 147 -29.01 -50.21 -31.30
CA THR C 147 -28.21 -49.23 -32.11
C THR C 147 -27.43 -49.99 -33.20
N ASP C 148 -27.21 -49.36 -34.34
CA ASP C 148 -26.32 -49.98 -35.31
C ASP C 148 -25.26 -49.02 -35.81
N PRO C 149 -24.30 -49.54 -36.60
CA PRO C 149 -23.18 -48.70 -37.06
C PRO C 149 -23.56 -47.40 -37.66
N SER C 150 -24.73 -47.29 -38.24
CA SER C 150 -25.16 -46.03 -38.83
C SER C 150 -25.44 -44.91 -37.84
N GLY C 151 -25.68 -45.29 -36.58
CA GLY C 151 -26.23 -44.39 -35.56
C GLY C 151 -27.76 -44.44 -35.46
N THR C 152 -28.42 -45.25 -36.26
CA THR C 152 -29.90 -45.37 -36.12
C THR C 152 -30.19 -46.15 -34.84
N TYR C 153 -31.29 -45.80 -34.19
CA TYR C 153 -31.72 -46.58 -33.02
C TYR C 153 -33.23 -46.65 -32.95
N HIS C 154 -33.69 -47.75 -32.38
CA HIS C 154 -35.12 -47.93 -32.10
C HIS C 154 -35.32 -48.73 -30.81
N ALA C 155 -36.53 -48.67 -30.26
CA ALA C 155 -36.91 -49.53 -29.12
C ALA C 155 -37.55 -50.78 -29.70
N TRP C 156 -37.38 -51.88 -28.99
CA TRP C 156 -37.90 -53.19 -29.39
C TRP C 156 -38.54 -53.89 -28.20
N LYS C 157 -39.52 -54.76 -28.51
CA LYS C 157 -40.09 -55.70 -27.53
C LYS C 157 -39.11 -56.84 -27.31
N ALA C 158 -38.48 -57.25 -28.40
CA ALA C 158 -37.46 -58.30 -28.42
C ALA C 158 -36.72 -58.09 -29.76
N ASN C 159 -35.49 -58.56 -29.86
CA ASN C 159 -34.69 -58.45 -31.06
C ASN C 159 -33.44 -59.34 -30.93
N ALA C 160 -32.83 -59.63 -32.09
CA ALA C 160 -31.54 -60.30 -32.14
C ALA C 160 -30.61 -59.45 -33.07
N ILE C 161 -29.29 -59.50 -32.87
CA ILE C 161 -28.27 -58.94 -33.77
C ILE C 161 -27.17 -59.99 -33.91
N GLY C 162 -26.29 -59.83 -34.91
CA GLY C 162 -25.22 -60.83 -35.15
C GLY C 162 -25.65 -61.89 -36.14
N ARG C 163 -24.82 -62.92 -36.29
CA ARG C 163 -25.05 -63.94 -37.28
C ARG C 163 -26.33 -64.68 -36.88
N GLY C 164 -27.17 -64.96 -37.85
CA GLY C 164 -28.46 -65.62 -37.57
C GLY C 164 -29.53 -64.73 -36.94
N ALA C 165 -29.29 -63.42 -36.79
CA ALA C 165 -30.37 -62.50 -36.43
C ALA C 165 -31.71 -62.65 -37.19
N LYS C 166 -31.66 -62.95 -38.52
CA LYS C 166 -32.89 -62.97 -39.37
C LYS C 166 -33.81 -64.05 -38.87
N SER C 167 -33.28 -65.26 -38.73
CA SER C 167 -34.06 -66.41 -38.28
C SER C 167 -34.45 -66.24 -36.79
N VAL C 168 -33.51 -65.76 -35.92
CA VAL C 168 -33.87 -65.55 -34.52
C VAL C 168 -34.99 -64.50 -34.41
N ARG C 169 -34.89 -63.43 -35.19
CA ARG C 169 -35.99 -62.45 -35.20
C ARG C 169 -37.32 -63.03 -35.65
N GLU C 170 -37.28 -63.92 -36.68
CA GLU C 170 -38.48 -64.60 -37.17
C GLU C 170 -39.07 -65.39 -36.03
N PHE C 171 -38.23 -66.18 -35.37
CA PHE C 171 -38.67 -66.96 -34.22
C PHE C 171 -39.32 -66.14 -33.08
N LEU C 172 -38.72 -65.01 -32.73
CA LEU C 172 -39.30 -64.09 -31.76
C LEU C 172 -40.66 -63.53 -32.19
N GLU C 173 -40.77 -63.12 -33.46
CA GLU C 173 -42.05 -62.59 -34.01
C GLU C 173 -43.18 -63.57 -33.79
N LYS C 174 -42.89 -64.86 -33.91
CA LYS C 174 -43.92 -65.89 -33.75
C LYS C 174 -44.11 -66.22 -32.25
N ASN C 175 -43.06 -66.11 -31.44
CA ASN C 175 -43.09 -66.59 -30.04
C ASN C 175 -43.19 -65.49 -28.96
N TYR C 176 -43.10 -64.22 -29.33
CA TYR C 176 -43.27 -63.19 -28.34
C TYR C 176 -44.74 -62.84 -28.15
N THR C 177 -45.30 -63.31 -27.03
CA THR C 177 -46.70 -63.05 -26.66
C THR C 177 -46.81 -62.69 -25.17
N ASP C 178 -47.95 -62.09 -24.76
CA ASP C 178 -48.24 -61.84 -23.32
C ASP C 178 -48.00 -63.08 -22.46
N GLU C 179 -48.36 -64.25 -23.00
CA GLU C 179 -48.11 -65.54 -22.36
C GLU C 179 -46.65 -65.95 -22.19
N ALA C 180 -45.83 -65.77 -23.22
CA ALA C 180 -44.39 -66.12 -23.09
C ALA C 180 -43.59 -65.24 -22.10
N ILE C 181 -44.10 -64.03 -21.82
CA ILE C 181 -43.45 -63.07 -20.85
C ILE C 181 -44.29 -62.77 -19.56
N GLU C 182 -45.23 -63.65 -19.26
CA GLU C 182 -46.05 -63.39 -18.08
C GLU C 182 -45.18 -63.38 -16.82
N THR C 183 -44.18 -64.31 -16.80
CA THR C 183 -43.29 -64.48 -15.69
C THR C 183 -41.87 -64.38 -16.06
N ASP C 184 -41.05 -64.30 -15.02
CA ASP C 184 -39.61 -64.25 -15.14
C ASP C 184 -38.91 -65.44 -15.80
N ASP C 185 -39.24 -66.61 -15.33
CA ASP C 185 -38.69 -67.86 -15.87
C ASP C 185 -38.99 -68.07 -17.39
N LEU C 186 -40.16 -67.64 -17.86
CA LEU C 186 -40.64 -67.85 -19.22
C LEU C 186 -39.95 -66.86 -20.18
N THR C 187 -39.84 -65.60 -19.75
CA THR C 187 -39.02 -64.60 -20.39
C THR C 187 -37.58 -65.10 -20.61
N ILE C 188 -36.97 -65.56 -19.52
CA ILE C 188 -35.65 -66.17 -19.64
C ILE C 188 -35.67 -67.34 -20.62
N LYS C 189 -36.66 -68.27 -20.47
CA LYS C 189 -36.77 -69.46 -21.36
C LYS C 189 -37.06 -69.16 -22.86
N LEU C 190 -37.78 -68.04 -23.09
CA LEU C 190 -37.93 -67.46 -24.44
C LEU C 190 -36.58 -67.07 -25.08
N VAL C 191 -35.71 -66.38 -24.31
CA VAL C 191 -34.34 -66.02 -24.79
C VAL C 191 -33.50 -67.23 -25.08
N ILE C 192 -33.55 -68.23 -24.21
CA ILE C 192 -32.77 -69.45 -24.42
C ILE C 192 -33.30 -70.20 -25.66
N LYS C 193 -34.62 -70.38 -25.76
CA LYS C 193 -35.20 -71.05 -26.94
C LYS C 193 -34.73 -70.30 -28.20
N ALA C 194 -34.80 -68.97 -28.18
CA ALA C 194 -34.37 -68.15 -29.32
C ALA C 194 -32.90 -68.41 -29.75
N LEU C 195 -31.98 -68.38 -28.81
CA LEU C 195 -30.57 -68.79 -29.04
C LEU C 195 -30.46 -70.25 -29.51
N LEU C 196 -31.15 -71.16 -28.81
CA LEU C 196 -30.98 -72.63 -29.00
C LEU C 196 -31.36 -73.02 -30.42
N GLU C 197 -32.07 -72.15 -31.10
CA GLU C 197 -32.21 -72.28 -32.53
C GLU C 197 -30.93 -72.16 -33.38
N VAL C 198 -30.16 -71.16 -33.09
CA VAL C 198 -28.97 -70.91 -33.89
C VAL C 198 -27.69 -71.51 -33.25
N VAL C 199 -27.69 -71.71 -31.93
CA VAL C 199 -26.45 -71.99 -31.21
C VAL C 199 -25.84 -73.35 -31.53
N GLN C 200 -24.75 -73.36 -32.29
CA GLN C 200 -24.03 -74.60 -32.74
C GLN C 200 -24.20 -75.86 -31.88
N SER C 201 -23.55 -75.94 -30.71
CA SER C 201 -23.59 -77.17 -29.87
C SER C 201 -24.45 -76.99 -28.60
N GLY C 202 -25.72 -76.61 -28.79
CA GLY C 202 -26.59 -76.04 -27.74
C GLY C 202 -26.43 -76.85 -26.46
N GLY C 203 -26.16 -76.24 -25.32
CA GLY C 203 -25.89 -74.83 -25.11
C GLY C 203 -25.68 -74.60 -23.62
N LYS C 204 -24.53 -74.98 -23.05
CA LYS C 204 -23.20 -75.07 -23.62
C LYS C 204 -22.90 -73.58 -23.68
N ASN C 205 -22.90 -72.97 -24.85
CA ASN C 205 -22.31 -71.66 -24.94
C ASN C 205 -23.34 -70.61 -25.29
N ILE C 206 -24.35 -70.50 -24.45
CA ILE C 206 -25.14 -69.30 -24.29
C ILE C 206 -24.55 -68.65 -23.01
N GLU C 207 -24.20 -67.37 -23.07
CA GLU C 207 -24.00 -66.53 -21.87
C GLU C 207 -25.32 -65.77 -21.66
N LEU C 208 -25.75 -65.62 -20.41
CA LEU C 208 -27.04 -64.99 -20.13
C LEU C 208 -27.11 -64.11 -18.88
N ALA C 209 -27.84 -63.00 -18.99
CA ALA C 209 -27.98 -62.07 -17.89
C ALA C 209 -29.36 -61.47 -17.86
N VAL C 210 -29.73 -61.11 -16.64
CA VAL C 210 -31.02 -60.61 -16.33
C VAL C 210 -30.91 -59.32 -15.56
N MET C 211 -31.92 -58.46 -15.71
CA MET C 211 -32.04 -57.26 -14.91
C MET C 211 -33.44 -57.08 -14.43
N ARG C 212 -33.59 -57.02 -13.11
CA ARG C 212 -34.86 -56.78 -12.49
C ARG C 212 -34.99 -55.35 -12.03
N ARG C 213 -36.25 -54.90 -11.97
CA ARG C 213 -36.58 -53.52 -11.51
C ARG C 213 -35.86 -53.26 -10.18
N ASP C 214 -34.95 -52.28 -10.18
CA ASP C 214 -34.12 -51.88 -9.01
C ASP C 214 -32.99 -52.85 -8.62
N GLN C 215 -32.93 -54.05 -9.19
CA GLN C 215 -32.13 -55.13 -8.59
C GLN C 215 -30.74 -55.32 -9.19
N SER C 216 -30.35 -54.51 -10.17
CA SER C 216 -29.03 -54.62 -10.86
C SER C 216 -28.60 -55.97 -11.52
N LEU C 217 -27.79 -55.84 -12.54
CA LEU C 217 -27.41 -56.96 -13.42
C LEU C 217 -27.01 -58.23 -12.64
N LYS C 218 -27.71 -59.35 -12.86
CA LYS C 218 -27.29 -60.70 -12.38
C LYS C 218 -26.93 -61.50 -13.64
N ILE C 219 -25.69 -61.99 -13.74
CA ILE C 219 -25.34 -62.93 -14.80
C ILE C 219 -25.61 -64.35 -14.28
N LEU C 220 -26.24 -65.21 -15.09
CA LEU C 220 -26.42 -66.62 -14.72
C LEU C 220 -25.14 -67.40 -14.94
N ASN C 221 -25.02 -68.51 -14.21
CA ASN C 221 -23.81 -69.35 -14.26
CA ASN C 221 -23.82 -69.36 -14.25
C ASN C 221 -24.19 -70.59 -15.04
N PRO C 222 -23.18 -71.37 -15.51
CA PRO C 222 -23.51 -72.57 -16.28
C PRO C 222 -24.48 -73.52 -15.57
N GLU C 223 -24.30 -73.69 -14.24
CA GLU C 223 -25.19 -74.54 -13.41
C GLU C 223 -26.66 -74.05 -13.51
N GLU C 224 -26.89 -72.72 -13.37
CA GLU C 224 -28.26 -72.16 -13.43
C GLU C 224 -28.82 -72.13 -14.87
N ILE C 225 -27.94 -72.10 -15.87
CA ILE C 225 -28.34 -72.06 -17.32
C ILE C 225 -28.86 -73.44 -17.76
N GLU C 226 -28.03 -74.46 -17.56
CA GLU C 226 -28.42 -75.84 -17.94
C GLU C 226 -29.62 -76.40 -17.13
N LYS C 227 -30.01 -75.73 -16.04
CA LYS C 227 -31.31 -75.96 -15.36
C LYS C 227 -32.46 -75.55 -16.29
N TYR C 228 -32.40 -74.31 -16.82
CA TYR C 228 -33.40 -73.80 -17.77
C TYR C 228 -33.44 -74.63 -19.06
N VAL C 229 -32.28 -75.12 -19.51
CA VAL C 229 -32.15 -75.85 -20.78
C VAL C 229 -32.93 -77.16 -20.73
N ALA C 230 -32.70 -77.93 -19.68
CA ALA C 230 -33.42 -79.19 -19.40
C ALA C 230 -34.94 -78.96 -19.20
N GLU C 231 -35.26 -77.97 -18.36
CA GLU C 231 -36.63 -77.46 -18.11
C GLU C 231 -37.42 -76.98 -19.37
N ILE C 232 -36.74 -76.69 -20.49
CA ILE C 232 -37.37 -76.37 -21.83
C ILE C 232 -37.37 -77.56 -22.84
N GLU C 233 -36.36 -78.42 -22.75
CA GLU C 233 -36.08 -79.53 -23.69
C GLU C 233 -36.97 -80.76 -23.40
N LYS C 234 -37.14 -81.04 -22.11
CA LYS C 234 -38.12 -81.98 -21.67
C LYS C 234 -39.58 -81.50 -21.82
N GLU C 235 -39.81 -80.19 -21.86
CA GLU C 235 -41.14 -79.65 -22.23
C GLU C 235 -41.44 -79.82 -23.73
N LYS C 236 -40.41 -79.69 -24.58
CA LYS C 236 -40.50 -80.01 -26.02
C LYS C 236 -40.32 -81.52 -26.28
N GLU C 237 -41.21 -82.37 -25.75
CA GLU C 237 -41.28 -83.79 -26.12
C GLU C 237 -42.73 -84.23 -26.27
N GLU C 238 -43.48 -84.10 -25.19
CA GLU C 238 -44.92 -83.79 -25.20
C GLU C 238 -45.60 -83.76 -26.57
N ASP D 9 -11.57 -42.84 -57.82
CA ASP D 9 -11.71 -42.13 -56.48
C ASP D 9 -11.02 -40.71 -56.61
N ARG D 10 -11.74 -39.75 -56.04
CA ARG D 10 -11.58 -38.31 -56.18
C ARG D 10 -12.00 -37.73 -54.84
N GLY D 11 -11.83 -36.44 -54.66
CA GLY D 11 -12.13 -35.85 -53.43
C GLY D 11 -13.57 -35.50 -53.28
N VAL D 12 -13.97 -35.33 -52.05
CA VAL D 12 -15.34 -34.98 -51.74
C VAL D 12 -15.82 -33.62 -52.27
N ASN D 13 -14.88 -32.72 -52.54
CA ASN D 13 -15.27 -31.42 -53.09
C ASN D 13 -15.00 -31.30 -54.60
N THR D 14 -15.07 -32.42 -55.31
CA THR D 14 -14.88 -32.45 -56.75
C THR D 14 -16.22 -32.17 -57.48
N PHE D 15 -16.13 -31.25 -58.44
CA PHE D 15 -17.22 -30.98 -59.39
C PHE D 15 -17.22 -32.01 -60.53
N SER D 16 -18.41 -32.35 -60.96
CA SER D 16 -18.62 -33.15 -62.20
C SER D 16 -18.57 -32.17 -63.39
N PRO D 17 -18.45 -32.71 -64.64
CA PRO D 17 -18.51 -31.86 -65.80
C PRO D 17 -19.80 -31.03 -65.91
N GLU D 18 -20.88 -31.45 -65.27
CA GLU D 18 -22.11 -30.71 -65.30
C GLU D 18 -22.19 -29.70 -64.23
N GLY D 19 -21.15 -29.51 -63.42
CA GLY D 19 -21.20 -28.38 -62.51
C GLY D 19 -21.90 -28.73 -61.19
N ARG D 20 -21.88 -29.99 -60.84
CA ARG D 20 -22.52 -30.45 -59.60
C ARG D 20 -21.47 -31.12 -58.78
N LEU D 21 -21.60 -30.99 -57.46
CA LEU D 21 -20.77 -31.72 -56.55
C LEU D 21 -21.28 -33.16 -56.46
N PHE D 22 -20.43 -34.10 -56.81
CA PHE D 22 -20.74 -35.51 -56.79
C PHE D 22 -21.39 -35.91 -55.46
N GLN D 23 -20.72 -35.53 -54.35
CA GLN D 23 -21.22 -35.91 -53.03
C GLN D 23 -22.63 -35.42 -52.77
N VAL D 24 -22.94 -34.20 -53.21
CA VAL D 24 -24.25 -33.65 -53.04
C VAL D 24 -25.28 -34.39 -53.89
N GLU D 25 -24.90 -34.72 -55.12
CA GLU D 25 -25.82 -35.44 -55.95
C GLU D 25 -26.13 -36.77 -55.31
N TYR D 26 -25.09 -37.44 -54.79
CA TYR D 26 -25.22 -38.74 -54.26
C TYR D 26 -26.05 -38.71 -52.98
N ALA D 27 -25.88 -37.64 -52.19
CA ALA D 27 -26.71 -37.42 -51.01
C ALA D 27 -28.20 -37.19 -51.35
N ILE D 28 -28.47 -36.51 -52.48
CA ILE D 28 -29.84 -36.31 -52.92
C ILE D 28 -30.47 -37.68 -53.29
N GLU D 29 -29.70 -38.55 -53.90
CA GLU D 29 -30.17 -39.92 -54.14
C GLU D 29 -30.49 -40.75 -52.88
N ALA D 30 -29.76 -40.52 -51.80
CA ALA D 30 -30.07 -41.20 -50.52
C ALA D 30 -31.42 -40.80 -49.99
N ILE D 31 -31.92 -39.62 -50.30
CA ILE D 31 -33.28 -39.16 -49.87
C ILE D 31 -34.43 -40.05 -50.41
N LYS D 32 -34.19 -40.57 -51.61
CA LYS D 32 -35.11 -41.54 -52.22
C LYS D 32 -35.22 -42.87 -51.46
N LEU D 33 -34.24 -43.21 -50.62
CA LEU D 33 -34.32 -44.39 -49.77
C LEU D 33 -35.15 -44.14 -48.51
N GLY D 34 -35.58 -42.91 -48.27
CA GLY D 34 -36.39 -42.62 -47.09
C GLY D 34 -37.88 -42.87 -47.28
N SER D 35 -38.59 -42.93 -46.17
CA SER D 35 -40.05 -42.94 -46.17
C SER D 35 -40.63 -41.63 -46.59
N THR D 36 -41.86 -41.70 -47.05
CA THR D 36 -42.49 -40.52 -47.60
C THR D 36 -42.99 -39.61 -46.49
N ALA D 37 -42.74 -38.31 -46.62
CA ALA D 37 -43.35 -37.33 -45.74
C ALA D 37 -43.98 -36.27 -46.59
N ILE D 38 -45.04 -35.68 -46.06
CA ILE D 38 -45.84 -34.65 -46.74
C ILE D 38 -46.02 -33.42 -45.81
N GLY D 39 -46.00 -32.24 -46.43
CA GLY D 39 -46.29 -31.01 -45.75
C GLY D 39 -47.28 -30.24 -46.54
N ILE D 40 -48.24 -29.63 -45.88
CA ILE D 40 -49.21 -28.75 -46.56
C ILE D 40 -49.39 -27.51 -45.72
N GLN D 41 -49.37 -26.36 -46.39
CA GLN D 41 -49.55 -25.07 -45.77
C GLN D 41 -50.89 -24.48 -46.16
N THR D 42 -51.71 -24.21 -45.15
CA THR D 42 -53.02 -23.60 -45.34
C THR D 42 -53.05 -22.32 -44.57
N SER D 43 -54.05 -21.48 -44.84
CA SER D 43 -54.22 -20.26 -44.07
C SER D 43 -54.58 -20.55 -42.58
N GLU D 44 -55.04 -21.76 -42.26
CA GLU D 44 -55.35 -22.14 -40.88
C GLU D 44 -54.24 -22.91 -40.15
N GLY D 45 -53.11 -23.11 -40.79
CA GLY D 45 -52.00 -23.79 -40.14
C GLY D 45 -51.33 -24.75 -41.10
N VAL D 46 -50.29 -25.42 -40.63
CA VAL D 46 -49.63 -26.40 -41.47
C VAL D 46 -49.71 -27.76 -40.83
N CYS D 47 -49.81 -28.78 -41.69
CA CYS D 47 -49.67 -30.16 -41.26
C CYS D 47 -48.51 -30.89 -41.90
N LEU D 48 -48.01 -31.86 -41.18
CA LEU D 48 -46.83 -32.62 -41.52
C LEU D 48 -47.28 -34.03 -41.24
N ALA D 49 -47.10 -34.91 -42.22
CA ALA D 49 -47.46 -36.31 -42.11
C ALA D 49 -46.38 -37.19 -42.69
N VAL D 50 -46.14 -38.35 -42.07
CA VAL D 50 -45.02 -39.16 -42.45
C VAL D 50 -45.36 -40.62 -42.25
N GLU D 51 -44.89 -41.41 -43.19
CA GLU D 51 -44.98 -42.84 -43.18
C GLU D 51 -43.93 -43.35 -42.24
N LYS D 52 -44.29 -44.21 -41.32
CA LYS D 52 -43.27 -44.69 -40.36
C LYS D 52 -42.35 -45.73 -40.94
N ARG D 53 -42.90 -46.62 -41.72
CA ARG D 53 -42.19 -47.75 -42.34
C ARG D 53 -41.72 -48.78 -41.35
N ILE D 54 -42.68 -49.50 -40.79
CA ILE D 54 -42.40 -50.42 -39.69
C ILE D 54 -41.84 -51.65 -40.38
N THR D 55 -40.71 -52.18 -39.94
CA THR D 55 -40.08 -53.36 -40.53
C THR D 55 -40.28 -54.66 -39.76
N SER D 56 -40.84 -54.60 -38.54
CA SER D 56 -41.10 -55.81 -37.68
C SER D 56 -42.18 -55.44 -36.70
N PRO D 57 -43.12 -56.36 -36.44
CA PRO D 57 -44.08 -56.07 -35.36
C PRO D 57 -43.45 -55.91 -33.96
N LEU D 58 -42.25 -56.47 -33.77
CA LEU D 58 -41.50 -56.38 -32.49
C LEU D 58 -40.93 -54.98 -32.22
N MET D 59 -40.75 -54.18 -33.27
CA MET D 59 -40.30 -52.79 -33.11
C MET D 59 -41.39 -51.97 -32.44
N GLU D 60 -41.07 -51.11 -31.45
CA GLU D 60 -42.01 -50.12 -30.93
C GLU D 60 -42.25 -48.93 -31.88
N PRO D 61 -43.45 -48.82 -32.44
CA PRO D 61 -43.75 -47.73 -33.37
C PRO D 61 -43.49 -46.34 -32.82
N SER D 62 -43.81 -46.11 -31.54
CA SER D 62 -43.58 -44.79 -30.97
C SER D 62 -42.07 -44.42 -30.93
N SER D 63 -41.15 -45.39 -31.02
CA SER D 63 -39.73 -45.08 -31.12
C SER D 63 -39.31 -44.63 -32.51
N ILE D 64 -40.19 -44.61 -33.49
CA ILE D 64 -39.84 -44.01 -34.80
C ILE D 64 -40.29 -42.57 -34.69
N GLU D 65 -39.38 -41.60 -34.77
CA GLU D 65 -39.80 -40.20 -34.70
C GLU D 65 -39.23 -39.46 -35.88
N LYS D 66 -40.10 -39.17 -36.83
CA LYS D 66 -39.69 -38.58 -38.08
C LYS D 66 -40.36 -37.24 -38.17
N ILE D 67 -41.17 -36.88 -37.17
CA ILE D 67 -41.67 -35.53 -36.99
C ILE D 67 -41.21 -35.11 -35.57
N VAL D 68 -40.56 -33.95 -35.48
CA VAL D 68 -40.03 -33.44 -34.20
C VAL D 68 -40.44 -31.97 -34.05
N GLU D 69 -40.60 -31.60 -32.79
CA GLU D 69 -40.78 -30.21 -32.41
C GLU D 69 -39.40 -29.48 -32.44
N ILE D 70 -39.34 -28.37 -33.14
CA ILE D 70 -38.14 -27.48 -33.11
C ILE D 70 -38.29 -26.45 -32.00
N ASP D 71 -39.46 -25.82 -31.97
CA ASP D 71 -39.92 -24.94 -30.95
C ASP D 71 -41.47 -25.00 -30.95
N ALA D 72 -42.13 -24.18 -30.11
CA ALA D 72 -43.57 -24.32 -29.91
C ALA D 72 -44.33 -24.02 -31.19
N HIS D 73 -43.71 -23.24 -32.05
CA HIS D 73 -44.35 -22.74 -33.25
C HIS D 73 -43.79 -23.39 -34.54
N ILE D 74 -42.95 -24.42 -34.39
CA ILE D 74 -42.21 -24.97 -35.51
C ILE D 74 -41.96 -26.45 -35.34
N GLY D 75 -42.46 -27.24 -36.31
CA GLY D 75 -42.15 -28.66 -36.36
C GLY D 75 -41.28 -28.94 -37.55
N CYS D 76 -40.75 -30.15 -37.56
CA CYS D 76 -39.93 -30.61 -38.66
C CYS D 76 -40.12 -32.09 -38.97
N ALA D 77 -40.38 -32.36 -40.26
CA ALA D 77 -40.48 -33.74 -40.79
C ALA D 77 -39.21 -34.05 -41.62
N MET D 78 -38.69 -35.25 -41.49
CA MET D 78 -37.47 -35.65 -42.16
C MET D 78 -37.71 -36.92 -42.98
N SER D 79 -36.90 -37.06 -44.04
CA SER D 79 -36.77 -38.27 -44.81
C SER D 79 -35.34 -38.44 -45.33
N GLY D 80 -34.85 -39.66 -45.27
CA GLY D 80 -33.58 -40.00 -45.84
C GLY D 80 -32.83 -40.76 -44.82
N LEU D 81 -31.56 -40.47 -44.60
CA LEU D 81 -30.76 -41.17 -43.62
C LEU D 81 -30.95 -40.44 -42.26
N ILE D 82 -31.81 -41.03 -41.44
CA ILE D 82 -32.43 -40.36 -40.30
C ILE D 82 -31.39 -40.04 -39.27
N ALA D 83 -30.38 -40.88 -39.11
CA ALA D 83 -29.37 -40.63 -38.12
C ALA D 83 -28.64 -39.27 -38.41
N ASP D 84 -28.40 -39.00 -39.70
CA ASP D 84 -27.85 -37.72 -40.11
C ASP D 84 -28.67 -36.52 -39.69
N ALA D 85 -29.98 -36.68 -39.54
CA ALA D 85 -30.81 -35.55 -39.23
C ALA D 85 -30.60 -34.98 -37.83
N LYS D 86 -29.95 -35.73 -36.93
CA LYS D 86 -29.93 -35.35 -35.49
C LYS D 86 -29.19 -34.06 -35.26
N THR D 87 -28.02 -33.91 -35.84
CA THR D 87 -27.30 -32.68 -35.64
C THR D 87 -28.03 -31.50 -36.29
N LEU D 88 -28.76 -31.74 -37.39
CA LEU D 88 -29.51 -30.66 -38.02
C LEU D 88 -30.65 -30.15 -37.16
N ILE D 89 -31.36 -31.09 -36.58
CA ILE D 89 -32.52 -30.82 -35.73
C ILE D 89 -32.01 -30.08 -34.44
N ASP D 90 -30.91 -30.54 -33.90
CA ASP D 90 -30.35 -29.90 -32.71
C ASP D 90 -29.88 -28.49 -32.98
N LYS D 91 -29.25 -28.27 -34.14
CA LYS D 91 -28.88 -26.91 -34.59
C LYS D 91 -30.11 -26.04 -34.72
N ALA D 92 -31.20 -26.56 -35.28
CA ALA D 92 -32.39 -25.74 -35.39
C ALA D 92 -32.89 -25.36 -33.98
N ARG D 93 -32.86 -26.31 -33.06
CA ARG D 93 -33.39 -26.10 -31.71
C ARG D 93 -32.60 -25.03 -30.95
N VAL D 94 -31.30 -25.19 -30.99
CA VAL D 94 -30.31 -24.26 -30.39
C VAL D 94 -30.42 -22.87 -30.99
N GLU D 95 -30.50 -22.78 -32.32
CA GLU D 95 -30.67 -21.50 -32.98
C GLU D 95 -31.97 -20.75 -32.54
N THR D 96 -33.10 -21.46 -32.44
CA THR D 96 -34.36 -20.76 -32.06
C THR D 96 -34.28 -20.30 -30.61
N GLN D 97 -33.65 -21.09 -29.76
CA GLN D 97 -33.41 -20.67 -28.38
C GLN D 97 -32.42 -19.56 -28.22
N ASN D 98 -31.36 -19.51 -29.05
CA ASN D 98 -30.46 -18.39 -29.07
C ASN D 98 -31.15 -17.12 -29.49
N HIS D 99 -32.04 -17.23 -30.46
CA HIS D 99 -32.73 -16.09 -30.96
C HIS D 99 -33.66 -15.56 -29.92
N TRP D 100 -34.39 -16.46 -29.22
CA TRP D 100 -35.23 -16.05 -28.14
C TRP D 100 -34.37 -15.33 -27.03
N PHE D 101 -33.25 -15.95 -26.67
CA PHE D 101 -32.38 -15.44 -25.64
C PHE D 101 -31.96 -13.99 -25.97
N THR D 102 -31.50 -13.79 -27.19
CA THR D 102 -30.90 -12.53 -27.59
C THR D 102 -31.93 -11.45 -27.86
N TYR D 103 -32.98 -11.87 -28.57
CA TYR D 103 -34.00 -10.94 -29.12
C TYR D 103 -35.37 -10.96 -28.48
N ASN D 104 -35.60 -11.87 -27.52
CA ASN D 104 -36.87 -11.99 -26.84
C ASN D 104 -38.07 -12.06 -27.79
N GLU D 105 -37.96 -12.91 -28.78
CA GLU D 105 -38.98 -13.02 -29.80
C GLU D 105 -38.75 -14.37 -30.45
N THR D 106 -39.77 -14.87 -31.14
CA THR D 106 -39.67 -16.15 -31.82
C THR D 106 -38.95 -15.92 -33.14
N MET D 107 -38.18 -16.92 -33.54
CA MET D 107 -37.45 -16.88 -34.78
C MET D 107 -38.42 -17.34 -35.94
N THR D 108 -38.33 -16.70 -37.10
CA THR D 108 -39.22 -17.09 -38.22
C THR D 108 -38.86 -18.47 -38.80
N VAL D 109 -39.82 -19.08 -39.44
CA VAL D 109 -39.63 -20.41 -40.01
C VAL D 109 -38.55 -20.33 -41.05
N GLU D 110 -38.63 -19.30 -41.89
CA GLU D 110 -37.62 -19.05 -42.91
C GLU D 110 -36.23 -18.93 -42.31
N SER D 111 -36.13 -18.15 -41.21
CA SER D 111 -34.82 -17.92 -40.58
C SER D 111 -34.23 -19.20 -40.03
N VAL D 112 -35.07 -20.02 -39.42
CA VAL D 112 -34.61 -21.29 -38.91
C VAL D 112 -34.10 -22.14 -40.00
N THR D 113 -34.85 -22.17 -41.09
CA THR D 113 -34.50 -23.03 -42.19
C THR D 113 -33.16 -22.57 -42.76
N GLN D 114 -33.02 -21.25 -42.92
CA GLN D 114 -31.75 -20.65 -43.40
C GLN D 114 -30.55 -21.05 -42.54
N ALA D 115 -30.68 -20.93 -41.22
CA ALA D 115 -29.62 -21.31 -40.30
C ALA D 115 -29.17 -22.75 -40.48
N VAL D 116 -30.13 -23.64 -40.60
CA VAL D 116 -29.78 -25.05 -40.77
C VAL D 116 -29.14 -25.27 -42.13
N SER D 117 -29.67 -24.61 -43.14
CA SER D 117 -29.18 -24.84 -44.50
C SER D 117 -27.72 -24.33 -44.70
N ASN D 118 -27.30 -23.37 -43.90
CA ASN D 118 -25.88 -22.98 -43.85
C ASN D 118 -24.85 -24.05 -43.42
N LEU D 119 -25.32 -25.14 -42.81
CA LEU D 119 -24.45 -26.28 -42.55
C LEU D 119 -24.21 -27.13 -43.80
N ALA D 120 -25.08 -27.03 -44.79
CA ALA D 120 -25.11 -28.13 -45.78
C ALA D 120 -23.79 -28.46 -46.56
N LEU D 121 -23.04 -27.44 -47.05
CA LEU D 121 -21.84 -27.68 -47.80
C LEU D 121 -20.57 -27.56 -46.95
N GLN D 122 -20.72 -27.56 -45.64
CA GLN D 122 -19.57 -27.46 -44.76
C GLN D 122 -18.97 -28.84 -44.55
N PHE D 123 -18.47 -29.46 -45.60
CA PHE D 123 -17.70 -30.65 -45.50
C PHE D 123 -16.44 -30.53 -46.32
N GLY D 124 -15.46 -31.37 -46.07
CA GLY D 124 -14.21 -31.38 -46.80
C GLY D 124 -13.06 -31.77 -45.92
N GLU D 125 -11.98 -32.17 -46.53
CA GLU D 125 -10.83 -32.79 -45.84
C GLU D 125 -9.49 -32.09 -45.83
N GLU D 126 -9.46 -30.78 -46.10
CA GLU D 126 -8.20 -30.01 -45.82
C GLU D 126 -8.34 -28.46 -45.62
N ASP D 127 -9.57 -27.95 -45.44
CA ASP D 127 -9.77 -26.57 -44.89
C ASP D 127 -9.77 -26.60 -43.31
N ALA D 128 -10.29 -27.68 -42.71
CA ALA D 128 -11.15 -27.57 -41.49
C ALA D 128 -10.56 -28.17 -40.13
N ASP D 129 -11.39 -28.24 -39.06
CA ASP D 129 -10.92 -28.68 -37.70
C ASP D 129 -10.49 -30.16 -37.67
N PRO D 130 -9.69 -30.59 -36.64
CA PRO D 130 -9.08 -31.94 -36.68
C PRO D 130 -10.01 -33.13 -37.10
N GLY D 131 -11.33 -33.05 -36.82
CA GLY D 131 -12.31 -34.02 -37.37
C GLY D 131 -13.72 -33.50 -37.74
N ALA D 132 -13.74 -32.53 -38.67
CA ALA D 132 -14.93 -31.82 -39.21
C ALA D 132 -15.72 -32.77 -40.14
N MET D 133 -16.86 -32.31 -40.69
CA MET D 133 -17.74 -33.16 -41.55
C MET D 133 -17.00 -33.68 -42.79
N SER D 134 -17.09 -34.97 -43.07
CA SER D 134 -16.42 -35.61 -44.20
C SER D 134 -17.31 -35.73 -45.48
N ARG D 135 -18.58 -35.42 -45.31
CA ARG D 135 -19.57 -35.64 -46.35
C ARG D 135 -20.78 -34.84 -46.04
N PRO D 136 -21.58 -34.56 -47.02
CA PRO D 136 -22.86 -33.93 -46.77
C PRO D 136 -23.88 -34.88 -46.00
N PHE D 137 -25.00 -34.27 -45.62
CA PHE D 137 -26.07 -34.87 -44.87
C PHE D 137 -27.00 -35.55 -45.84
N GLY D 138 -27.31 -36.82 -45.57
CA GLY D 138 -28.24 -37.60 -46.43
C GLY D 138 -29.72 -37.46 -46.10
N VAL D 139 -30.21 -36.22 -46.00
CA VAL D 139 -31.45 -35.92 -45.39
C VAL D 139 -32.15 -34.82 -46.07
N ALA D 140 -33.47 -34.94 -46.24
CA ALA D 140 -34.27 -33.77 -46.60
C ALA D 140 -35.20 -33.41 -45.45
N LEU D 141 -35.61 -32.14 -45.38
CA LEU D 141 -36.39 -31.64 -44.25
C LEU D 141 -37.49 -30.73 -44.69
N LEU D 142 -38.65 -30.89 -44.04
CA LEU D 142 -39.78 -30.00 -44.15
C LEU D 142 -39.98 -29.29 -42.78
N PHE D 143 -39.84 -27.96 -42.77
CA PHE D 143 -40.08 -27.15 -41.58
C PHE D 143 -41.46 -26.55 -41.77
N GLY D 144 -42.37 -26.86 -40.87
CA GLY D 144 -43.73 -26.30 -40.87
C GLY D 144 -44.01 -25.56 -39.57
N GLY D 145 -44.54 -24.36 -39.69
CA GLY D 145 -44.78 -23.54 -38.52
C GLY D 145 -45.59 -22.29 -38.81
N VAL D 146 -45.72 -21.49 -37.76
CA VAL D 146 -46.46 -20.25 -37.79
C VAL D 146 -45.58 -19.16 -37.18
N ASP D 147 -45.46 -18.04 -37.87
CA ASP D 147 -44.75 -16.86 -37.35
C ASP D 147 -45.58 -15.64 -37.79
N GLU D 148 -45.05 -14.43 -37.66
CA GLU D 148 -45.84 -13.26 -38.10
C GLU D 148 -46.15 -13.20 -39.59
N LYS D 149 -45.46 -13.99 -40.43
CA LYS D 149 -45.87 -14.13 -41.83
C LYS D 149 -47.11 -15.02 -41.97
N GLY D 150 -47.59 -15.62 -40.88
CA GLY D 150 -48.67 -16.61 -40.95
C GLY D 150 -48.07 -18.01 -41.01
N PRO D 151 -48.88 -19.01 -41.35
CA PRO D 151 -48.38 -20.39 -41.48
C PRO D 151 -47.42 -20.55 -42.64
N GLN D 152 -46.47 -21.45 -42.48
CA GLN D 152 -45.41 -21.57 -43.43
C GLN D 152 -44.73 -22.91 -43.47
N LEU D 153 -44.46 -23.33 -44.70
CA LEU D 153 -43.80 -24.60 -44.96
C LEU D 153 -42.60 -24.36 -45.84
N PHE D 154 -41.47 -24.90 -45.42
CA PHE D 154 -40.24 -24.71 -46.13
C PHE D 154 -39.62 -26.08 -46.33
N HIS D 155 -38.99 -26.26 -47.49
CA HIS D 155 -38.27 -27.49 -47.78
C HIS D 155 -36.78 -27.23 -47.87
N MET D 156 -35.99 -28.17 -47.39
CA MET D 156 -34.56 -28.11 -47.57
C MET D 156 -33.99 -29.47 -47.92
N ASP D 157 -32.97 -29.48 -48.79
CA ASP D 157 -32.26 -30.71 -49.22
C ASP D 157 -30.74 -30.65 -48.99
N PRO D 158 -30.01 -31.72 -49.27
CA PRO D 158 -28.59 -31.71 -48.97
C PRO D 158 -27.70 -30.68 -49.72
N SER D 159 -28.23 -30.01 -50.70
CA SER D 159 -27.49 -28.92 -51.37
C SER D 159 -27.47 -27.63 -50.56
N GLY D 160 -28.25 -27.57 -49.50
CA GLY D 160 -28.45 -26.35 -48.74
C GLY D 160 -29.43 -25.42 -49.41
N THR D 161 -30.04 -25.87 -50.49
CA THR D 161 -31.10 -25.09 -51.12
C THR D 161 -32.39 -25.22 -50.27
N PHE D 162 -33.05 -24.10 -50.00
CA PHE D 162 -34.29 -24.11 -49.27
C PHE D 162 -35.25 -23.15 -49.90
N VAL D 163 -36.52 -23.44 -49.77
CA VAL D 163 -37.57 -22.68 -50.46
C VAL D 163 -38.92 -22.93 -49.74
N GLN D 164 -39.81 -21.93 -49.73
CA GLN D 164 -41.18 -22.07 -49.21
C GLN D 164 -41.97 -22.90 -50.23
N CYS D 165 -42.82 -23.82 -49.77
CA CYS D 165 -43.75 -24.59 -50.62
C CYS D 165 -45.15 -24.55 -50.07
N ASP D 166 -46.17 -24.48 -50.93
CA ASP D 166 -47.55 -24.57 -50.47
C ASP D 166 -47.89 -26.01 -50.07
N ALA D 167 -47.34 -27.00 -50.78
CA ALA D 167 -47.39 -28.41 -50.41
C ALA D 167 -46.21 -29.14 -51.00
N ARG D 168 -45.64 -30.08 -50.29
CA ARG D 168 -44.49 -30.79 -50.79
C ARG D 168 -44.41 -32.18 -50.24
N ALA D 169 -43.99 -33.14 -51.07
CA ALA D 169 -43.63 -34.46 -50.56
C ALA D 169 -42.12 -34.73 -50.71
N ILE D 170 -41.55 -35.58 -49.85
CA ILE D 170 -40.15 -35.97 -49.93
C ILE D 170 -40.03 -37.41 -49.62
N GLY D 171 -38.92 -38.03 -50.01
CA GLY D 171 -38.68 -39.44 -49.77
C GLY D 171 -39.09 -40.31 -50.98
N SER D 172 -39.16 -41.64 -50.75
CA SER D 172 -39.37 -42.69 -51.81
C SER D 172 -40.48 -42.41 -52.83
N ALA D 173 -41.67 -42.05 -52.37
CA ALA D 173 -42.76 -41.89 -53.33
C ALA D 173 -43.06 -40.45 -53.64
N SER D 174 -42.08 -39.54 -53.46
CA SER D 174 -42.41 -38.10 -53.61
C SER D 174 -42.97 -37.72 -54.97
N GLU D 175 -42.51 -38.42 -56.00
N GLU D 175 -42.55 -38.38 -56.06
CA GLU D 175 -43.13 -38.36 -57.28
CA GLU D 175 -43.10 -38.03 -57.43
C GLU D 175 -44.09 -39.51 -57.15
C GLU D 175 -44.63 -38.08 -57.58
N GLY D 176 -45.24 -39.25 -57.66
CA GLY D 176 -46.44 -39.65 -57.08
C GLY D 176 -47.16 -38.73 -56.13
N ALA D 177 -46.64 -38.65 -54.90
CA ALA D 177 -47.28 -37.84 -53.91
C ALA D 177 -47.37 -36.37 -54.32
N GLN D 178 -46.32 -35.86 -54.95
CA GLN D 178 -46.31 -34.46 -55.40
C GLN D 178 -47.33 -34.19 -56.46
N SER D 179 -47.55 -35.17 -57.36
CA SER D 179 -48.63 -35.08 -58.36
C SER D 179 -50.00 -34.98 -57.70
N SER D 180 -50.26 -35.89 -56.77
CA SER D 180 -51.57 -35.88 -56.09
C SER D 180 -51.72 -34.56 -55.34
N LEU D 181 -50.62 -34.02 -54.84
CA LEU D 181 -50.67 -32.72 -54.17
C LEU D 181 -51.05 -31.58 -55.11
N GLN D 182 -50.45 -31.49 -56.30
CA GLN D 182 -50.87 -30.47 -57.32
C GLN D 182 -52.36 -30.62 -57.61
N GLU D 183 -52.83 -31.86 -57.72
CA GLU D 183 -54.23 -32.14 -58.00
C GLU D 183 -55.18 -31.61 -56.92
N VAL D 184 -54.94 -31.95 -55.66
CA VAL D 184 -55.82 -31.55 -54.55
C VAL D 184 -55.59 -30.14 -53.90
N TYR D 185 -54.39 -29.59 -53.94
CA TYR D 185 -54.16 -28.33 -53.23
C TYR D 185 -54.95 -27.16 -53.80
N HIS D 186 -55.43 -26.28 -52.93
CA HIS D 186 -55.87 -24.95 -53.35
C HIS D 186 -55.58 -23.97 -52.23
N LYS D 187 -55.34 -22.70 -52.56
CA LYS D 187 -54.89 -21.67 -51.58
C LYS D 187 -55.88 -21.50 -50.43
N SER D 188 -57.18 -21.59 -50.71
CA SER D 188 -58.24 -21.42 -49.69
C SER D 188 -58.71 -22.74 -48.98
N MET D 189 -57.99 -23.83 -49.20
CA MET D 189 -58.20 -25.11 -48.51
C MET D 189 -58.09 -25.00 -46.98
N THR D 190 -58.98 -25.68 -46.26
CA THR D 190 -58.91 -25.68 -44.79
C THR D 190 -57.83 -26.62 -44.27
N LEU D 191 -57.44 -26.45 -43.01
CA LEU D 191 -56.51 -27.37 -42.39
C LEU D 191 -57.05 -28.79 -42.33
N LYS D 192 -58.33 -28.95 -42.00
CA LYS D 192 -58.90 -30.31 -41.90
C LYS D 192 -58.88 -31.05 -43.23
N GLU D 193 -59.19 -30.32 -44.31
CA GLU D 193 -59.04 -30.80 -45.69
C GLU D 193 -57.62 -31.22 -46.02
N ALA D 194 -56.65 -30.41 -45.62
CA ALA D 194 -55.25 -30.74 -45.88
C ALA D 194 -54.80 -32.01 -45.11
N ILE D 195 -55.27 -32.15 -43.89
CA ILE D 195 -55.00 -33.35 -43.10
C ILE D 195 -55.54 -34.61 -43.79
N LYS D 196 -56.82 -34.56 -44.17
CA LYS D 196 -57.45 -35.68 -44.93
C LYS D 196 -56.63 -35.97 -46.21
N SER D 197 -56.38 -34.93 -47.02
CA SER D 197 -55.64 -35.08 -48.29
C SER D 197 -54.28 -35.78 -48.11
N SER D 198 -53.51 -35.39 -47.08
CA SER D 198 -52.19 -35.98 -46.89
C SER D 198 -52.30 -37.43 -46.37
N LEU D 199 -53.33 -37.76 -45.60
CA LEU D 199 -53.50 -39.15 -45.25
C LEU D 199 -54.01 -39.98 -46.44
N ILE D 200 -54.90 -39.43 -47.27
CA ILE D 200 -55.33 -40.13 -48.49
C ILE D 200 -54.10 -40.42 -49.39
N ILE D 201 -53.22 -39.43 -49.53
CA ILE D 201 -52.03 -39.60 -50.39
C ILE D 201 -51.03 -40.58 -49.78
N LEU D 202 -50.74 -40.46 -48.50
CA LEU D 202 -49.91 -41.48 -47.87
C LEU D 202 -50.50 -42.87 -48.09
N LYS D 203 -51.80 -42.99 -47.89
CA LYS D 203 -52.46 -44.27 -48.09
C LYS D 203 -52.20 -44.86 -49.50
N GLN D 204 -52.33 -44.06 -50.56
CA GLN D 204 -51.97 -44.53 -51.92
C GLN D 204 -50.56 -45.02 -52.01
N VAL D 205 -49.60 -44.23 -51.52
CA VAL D 205 -48.21 -44.48 -51.84
C VAL D 205 -47.56 -45.52 -50.96
N MET D 206 -48.08 -45.71 -49.75
CA MET D 206 -47.51 -46.65 -48.77
C MET D 206 -47.64 -48.09 -49.24
N GLU D 207 -46.56 -48.87 -49.11
CA GLU D 207 -46.61 -50.33 -49.42
C GLU D 207 -47.55 -51.07 -48.44
N GLU D 208 -47.49 -50.75 -47.14
CA GLU D 208 -48.41 -51.32 -46.13
C GLU D 208 -49.75 -50.58 -46.04
N LYS D 209 -50.73 -51.27 -45.47
CA LYS D 209 -52.05 -50.70 -45.20
C LYS D 209 -51.87 -49.62 -44.15
N LEU D 210 -52.31 -48.39 -44.44
CA LEU D 210 -52.28 -47.32 -43.48
C LEU D 210 -53.14 -47.63 -42.25
N ASN D 211 -52.63 -47.26 -41.07
CA ASN D 211 -53.37 -47.33 -39.81
C ASN D 211 -52.81 -46.29 -38.82
N ALA D 212 -53.44 -46.22 -37.66
CA ALA D 212 -53.09 -45.25 -36.65
C ALA D 212 -51.74 -45.44 -35.92
N THR D 213 -51.02 -46.54 -36.15
CA THR D 213 -49.68 -46.71 -35.57
C THR D 213 -48.51 -46.63 -36.56
N ASN D 214 -48.74 -46.73 -37.87
CA ASN D 214 -47.62 -46.71 -38.86
C ASN D 214 -47.49 -45.42 -39.67
N ILE D 215 -48.14 -44.38 -39.18
CA ILE D 215 -47.96 -43.02 -39.63
C ILE D 215 -47.81 -42.09 -38.41
N GLU D 216 -47.30 -40.88 -38.61
CA GLU D 216 -47.40 -39.80 -37.63
C GLU D 216 -47.94 -38.57 -38.33
N LEU D 217 -48.54 -37.68 -37.56
CA LEU D 217 -49.04 -36.44 -38.07
C LEU D 217 -48.94 -35.36 -37.00
N ALA D 218 -48.52 -34.16 -37.40
CA ALA D 218 -48.49 -33.03 -36.53
C ALA D 218 -49.03 -31.81 -37.22
N THR D 219 -49.53 -30.88 -36.43
CA THR D 219 -49.93 -29.59 -36.91
C THR D 219 -49.30 -28.45 -36.11
N VAL D 220 -49.31 -27.28 -36.71
CA VAL D 220 -49.08 -26.01 -36.03
C VAL D 220 -50.11 -25.01 -36.61
N GLN D 221 -50.79 -24.26 -35.74
CA GLN D 221 -51.86 -23.33 -36.14
C GLN D 221 -51.66 -22.01 -35.46
N PRO D 222 -52.20 -20.90 -36.04
CA PRO D 222 -52.02 -19.60 -35.39
C PRO D 222 -52.52 -19.65 -33.95
N GLY D 223 -53.63 -20.31 -33.71
CA GLY D 223 -54.08 -20.47 -32.34
C GLY D 223 -53.03 -21.11 -31.43
N GLN D 224 -52.45 -22.19 -31.91
CA GLN D 224 -52.09 -23.30 -31.07
C GLN D 224 -50.68 -23.82 -31.39
N ASN D 225 -50.00 -24.30 -30.35
CA ASN D 225 -48.65 -24.78 -30.47
C ASN D 225 -48.54 -26.08 -31.26
N PHE D 226 -47.32 -26.38 -31.69
CA PHE D 226 -46.95 -27.70 -32.22
C PHE D 226 -47.73 -28.80 -31.51
N HIS D 227 -48.45 -29.59 -32.29
CA HIS D 227 -49.21 -30.67 -31.76
C HIS D 227 -49.09 -31.98 -32.56
N MET D 228 -48.50 -32.99 -31.91
CA MET D 228 -48.41 -34.33 -32.43
C MET D 228 -49.76 -35.01 -32.17
N PHE D 229 -50.34 -35.62 -33.21
CA PHE D 229 -51.58 -36.38 -33.08
C PHE D 229 -51.36 -37.66 -32.29
N THR D 230 -52.27 -37.88 -31.35
CA THR D 230 -52.30 -39.10 -30.56
C THR D 230 -52.85 -40.25 -31.45
N LYS D 231 -52.72 -41.49 -30.97
CA LYS D 231 -53.33 -42.65 -31.60
C LYS D 231 -54.80 -42.38 -31.85
N GLU D 232 -55.46 -41.90 -30.80
CA GLU D 232 -56.90 -41.70 -30.80
C GLU D 232 -57.28 -40.60 -31.80
N GLU D 233 -56.52 -39.52 -31.84
CA GLU D 233 -56.82 -38.44 -32.81
C GLU D 233 -56.56 -38.87 -34.28
N LEU D 234 -55.62 -39.79 -34.47
CA LEU D 234 -55.34 -40.35 -35.80
C LEU D 234 -56.51 -41.24 -36.23
N GLU D 235 -56.89 -42.16 -35.33
CA GLU D 235 -58.03 -43.06 -35.55
C GLU D 235 -59.28 -42.32 -36.00
N GLU D 236 -59.61 -41.21 -35.33
CA GLU D 236 -60.72 -40.34 -35.76
C GLU D 236 -60.58 -39.87 -37.21
N VAL D 237 -59.44 -39.28 -37.55
CA VAL D 237 -59.19 -38.84 -38.95
C VAL D 237 -59.20 -40.00 -39.96
N ILE D 238 -58.69 -41.16 -39.55
CA ILE D 238 -58.54 -42.30 -40.44
C ILE D 238 -59.89 -42.93 -40.84
N LYS D 239 -60.97 -42.69 -40.07
CA LYS D 239 -62.32 -43.24 -40.35
C LYS D 239 -62.88 -42.91 -41.74
N ASP D 240 -62.74 -41.64 -42.11
CA ASP D 240 -63.20 -41.12 -43.43
C ASP D 240 -62.40 -41.67 -44.61
N ILE D 241 -61.17 -42.11 -44.32
CA ILE D 241 -60.13 -42.47 -45.30
C ILE D 241 -59.87 -43.96 -45.33
N ASN E 4 -8.80 -35.57 -67.74
CA ASN E 4 -9.24 -37.00 -67.31
C ASN E 4 -8.51 -37.48 -66.01
N GLN E 5 -7.23 -37.84 -66.08
CA GLN E 5 -6.31 -37.71 -64.91
C GLN E 5 -6.14 -36.24 -64.48
N TYR E 6 -6.54 -35.29 -65.35
CA TYR E 6 -6.45 -33.88 -65.13
C TYR E 6 -7.76 -33.22 -64.69
N ASP E 7 -8.82 -33.94 -64.40
CA ASP E 7 -10.02 -33.18 -64.08
C ASP E 7 -10.60 -33.27 -62.68
N ASN E 8 -9.87 -33.84 -61.74
CA ASN E 8 -10.50 -34.02 -60.49
C ASN E 8 -10.02 -33.08 -59.39
N ASP E 9 -8.89 -32.37 -59.61
CA ASP E 9 -8.26 -31.57 -58.58
C ASP E 9 -8.02 -30.18 -59.12
N VAL E 10 -8.44 -29.18 -58.37
CA VAL E 10 -8.25 -27.83 -58.78
C VAL E 10 -6.77 -27.45 -58.87
N THR E 11 -5.89 -28.21 -58.23
CA THR E 11 -4.47 -28.03 -58.30
C THR E 11 -3.76 -28.65 -59.49
N VAL E 12 -4.48 -29.32 -60.38
CA VAL E 12 -3.86 -30.05 -61.50
C VAL E 12 -4.10 -29.28 -62.78
N TRP E 13 -3.04 -28.61 -63.28
CA TRP E 13 -3.05 -28.05 -64.62
C TRP E 13 -3.12 -29.14 -65.66
N SER E 14 -3.93 -28.95 -66.68
CA SER E 14 -3.86 -29.88 -67.84
C SER E 14 -2.69 -29.50 -68.79
N PRO E 15 -2.34 -30.39 -69.70
CA PRO E 15 -1.26 -30.10 -70.65
C PRO E 15 -1.56 -28.96 -71.64
N GLN E 16 -2.79 -28.48 -71.73
CA GLN E 16 -3.16 -27.31 -72.48
C GLN E 16 -3.19 -26.05 -71.68
N GLY E 17 -2.78 -26.06 -70.39
CA GLY E 17 -2.81 -24.86 -69.63
C GLY E 17 -4.19 -24.46 -69.17
N ARG E 18 -5.00 -25.48 -68.82
CA ARG E 18 -6.32 -25.27 -68.30
C ARG E 18 -6.50 -25.99 -66.95
N ILE E 19 -7.55 -25.61 -66.26
CA ILE E 19 -7.89 -26.22 -64.95
C ILE E 19 -9.34 -26.65 -65.06
N HIS E 20 -9.49 -27.94 -65.32
CA HIS E 20 -10.83 -28.48 -65.58
C HIS E 20 -11.83 -28.27 -64.40
N GLN E 21 -11.36 -28.37 -63.13
CA GLN E 21 -12.27 -28.11 -62.02
C GLN E 21 -12.87 -26.70 -62.05
N ILE E 22 -12.11 -25.71 -62.48
CA ILE E 22 -12.65 -24.37 -62.62
C ILE E 22 -13.65 -24.28 -63.74
N GLU E 23 -13.33 -24.89 -64.89
CA GLU E 23 -14.30 -24.94 -65.99
C GLU E 23 -15.61 -25.64 -65.57
N TYR E 24 -15.48 -26.72 -64.83
CA TYR E 24 -16.68 -27.46 -64.35
C TYR E 24 -17.52 -26.65 -63.41
N ALA E 25 -16.87 -25.89 -62.51
CA ALA E 25 -17.57 -24.91 -61.63
C ALA E 25 -18.35 -23.88 -62.40
N MET E 26 -17.78 -23.43 -63.53
CA MET E 26 -18.50 -22.48 -64.38
C MET E 26 -19.77 -23.06 -65.02
N GLU E 27 -19.81 -24.36 -65.22
CA GLU E 27 -21.05 -24.98 -65.68
C GLU E 27 -22.16 -24.88 -64.67
N ALA E 28 -21.85 -24.86 -63.37
CA ALA E 28 -22.89 -24.62 -62.35
C ALA E 28 -23.56 -23.29 -62.63
N VAL E 29 -22.82 -22.26 -63.01
CA VAL E 29 -23.54 -20.98 -63.36
C VAL E 29 -24.35 -21.01 -64.64
N LYS E 30 -23.81 -21.66 -65.69
CA LYS E 30 -24.51 -21.76 -66.98
C LYS E 30 -25.84 -22.49 -66.88
N GLN E 31 -25.95 -23.44 -65.93
CA GLN E 31 -27.19 -24.13 -65.65
C GLN E 31 -28.13 -23.45 -64.69
N GLY E 32 -27.72 -22.40 -64.00
CA GLY E 32 -28.67 -21.63 -63.22
C GLY E 32 -29.73 -20.93 -64.05
N SER E 33 -30.81 -20.49 -63.41
CA SER E 33 -31.77 -19.66 -64.15
C SER E 33 -31.14 -18.31 -64.52
N ALA E 34 -31.53 -17.72 -65.62
CA ALA E 34 -30.93 -16.49 -66.11
C ALA E 34 -31.22 -15.26 -65.25
N THR E 35 -30.23 -14.37 -65.21
CA THR E 35 -30.38 -13.07 -64.63
C THR E 35 -29.69 -12.04 -65.50
N VAL E 36 -30.21 -10.82 -65.42
CA VAL E 36 -29.75 -9.68 -66.20
C VAL E 36 -29.42 -8.53 -65.24
N GLY E 37 -28.35 -7.82 -65.58
CA GLY E 37 -27.93 -6.59 -64.93
C GLY E 37 -27.59 -5.51 -65.96
N LEU E 38 -28.08 -4.31 -65.73
CA LEU E 38 -27.80 -3.18 -66.61
C LEU E 38 -27.82 -1.84 -65.82
N LYS E 39 -27.21 -0.80 -66.41
CA LYS E 39 -27.14 0.51 -65.78
C LYS E 39 -27.36 1.67 -66.73
N SER E 40 -27.87 2.75 -66.16
CA SER E 40 -27.93 4.07 -66.82
C SER E 40 -26.87 4.98 -66.17
N LYS E 41 -26.94 6.28 -66.46
CA LYS E 41 -26.15 7.31 -65.73
C LYS E 41 -26.46 7.30 -64.19
N THR E 42 -27.70 7.01 -63.81
CA THR E 42 -28.19 7.20 -62.44
C THR E 42 -28.59 5.94 -61.69
N HIS E 43 -28.88 4.81 -62.36
CA HIS E 43 -29.35 3.61 -61.63
C HIS E 43 -28.69 2.35 -62.13
N ALA E 44 -28.68 1.34 -61.25
CA ALA E 44 -28.19 0.02 -61.63
C ALA E 44 -29.32 -0.92 -61.30
N VAL E 45 -29.69 -1.76 -62.28
CA VAL E 45 -30.81 -2.71 -62.13
C VAL E 45 -30.40 -4.15 -62.33
N LEU E 46 -31.00 -5.02 -61.53
CA LEU E 46 -30.93 -6.46 -61.67
C LEU E 46 -32.35 -7.03 -61.92
N VAL E 47 -32.41 -8.02 -62.78
CA VAL E 47 -33.68 -8.66 -63.12
C VAL E 47 -33.39 -10.15 -63.11
N ALA E 48 -34.21 -10.93 -62.44
CA ALA E 48 -33.91 -12.36 -62.37
C ALA E 48 -35.12 -13.25 -62.60
N LEU E 49 -34.88 -14.38 -63.25
CA LEU E 49 -35.89 -15.40 -63.37
C LEU E 49 -35.78 -16.36 -62.24
N LYS E 50 -36.88 -16.60 -61.57
CA LYS E 50 -36.90 -17.56 -60.49
C LYS E 50 -37.46 -18.88 -61.04
N ARG E 51 -36.69 -19.96 -60.84
CA ARG E 51 -37.11 -21.35 -61.14
C ARG E 51 -37.95 -21.87 -59.89
N ALA E 52 -39.10 -22.46 -60.16
CA ALA E 52 -39.95 -23.08 -59.10
C ALA E 52 -39.89 -24.61 -59.22
N GLN E 53 -39.39 -25.27 -58.15
CA GLN E 53 -39.28 -26.75 -58.06
C GLN E 53 -40.58 -27.46 -58.54
N SER E 54 -41.65 -27.35 -57.75
CA SER E 54 -43.01 -27.81 -58.14
C SER E 54 -43.90 -26.57 -58.51
N GLU E 55 -45.11 -26.88 -59.01
CA GLU E 55 -46.18 -25.87 -59.27
C GLU E 55 -46.70 -25.19 -57.98
N LEU E 56 -46.44 -25.80 -56.82
CA LEU E 56 -46.83 -25.29 -55.50
C LEU E 56 -45.66 -24.66 -54.67
N ALA E 57 -44.41 -24.78 -55.15
CA ALA E 57 -43.25 -24.02 -54.61
C ALA E 57 -43.24 -22.48 -54.97
N ALA E 58 -42.77 -21.65 -54.03
CA ALA E 58 -42.70 -20.15 -54.14
C ALA E 58 -41.88 -19.63 -55.30
N HIS E 59 -40.76 -20.31 -55.60
CA HIS E 59 -39.81 -19.74 -56.56
C HIS E 59 -38.58 -19.26 -55.71
N GLN E 60 -37.43 -19.80 -56.07
CA GLN E 60 -36.18 -19.56 -55.36
C GLN E 60 -35.79 -18.08 -55.42
N LYS E 61 -35.45 -17.50 -54.28
CA LYS E 61 -34.78 -16.20 -54.26
C LYS E 61 -33.50 -16.08 -55.16
N LYS E 62 -33.51 -15.08 -56.02
CA LYS E 62 -32.35 -14.81 -56.84
C LYS E 62 -31.57 -13.53 -56.49
N ILE E 63 -32.18 -12.63 -55.74
CA ILE E 63 -31.68 -11.30 -55.57
C ILE E 63 -31.53 -11.11 -54.05
N LEU E 64 -30.38 -10.59 -53.64
CA LEU E 64 -30.01 -10.49 -52.20
C LEU E 64 -29.46 -9.11 -51.92
N HIS E 65 -29.87 -8.58 -50.76
CA HIS E 65 -29.35 -7.31 -50.22
C HIS E 65 -27.94 -7.54 -49.62
N VAL E 66 -27.03 -6.63 -49.94
CA VAL E 66 -25.67 -6.66 -49.40
C VAL E 66 -25.47 -5.43 -48.48
N ASP E 67 -25.79 -4.22 -48.96
CA ASP E 67 -25.73 -3.02 -48.14
C ASP E 67 -26.65 -1.99 -48.75
N ASN E 68 -26.84 -0.84 -48.13
CA ASN E 68 -27.77 0.14 -48.68
C ASN E 68 -27.51 0.49 -50.14
N HIS E 69 -26.27 0.36 -50.56
CA HIS E 69 -25.77 0.78 -51.87
C HIS E 69 -25.40 -0.39 -52.82
N ILE E 70 -25.57 -1.64 -52.37
CA ILE E 70 -25.16 -2.83 -53.08
C ILE E 70 -26.15 -4.01 -52.94
N GLY E 71 -26.51 -4.61 -54.06
CA GLY E 71 -27.25 -5.86 -54.08
C GLY E 71 -26.72 -6.78 -55.14
N ILE E 72 -27.04 -8.07 -55.01
CA ILE E 72 -26.54 -9.09 -55.93
C ILE E 72 -27.67 -9.96 -56.51
N SER E 73 -27.38 -10.55 -57.68
CA SER E 73 -28.16 -11.60 -58.30
C SER E 73 -27.23 -12.77 -58.49
N ILE E 74 -27.79 -13.95 -58.35
CA ILE E 74 -26.95 -15.15 -58.21
C ILE E 74 -27.28 -16.17 -59.28
N ALA E 75 -26.31 -17.00 -59.62
CA ALA E 75 -26.55 -18.14 -60.50
C ALA E 75 -25.54 -19.23 -60.20
N GLY E 76 -26.03 -20.43 -59.88
CA GLY E 76 -25.21 -21.55 -59.48
C GLY E 76 -25.56 -22.12 -58.13
N LEU E 77 -24.59 -22.61 -57.38
CA LEU E 77 -24.93 -23.24 -56.07
C LEU E 77 -25.41 -22.20 -55.07
N THR E 78 -26.63 -22.37 -54.62
CA THR E 78 -27.24 -21.38 -53.75
C THR E 78 -26.43 -21.24 -52.39
N ALA E 79 -25.82 -22.34 -51.92
CA ALA E 79 -25.14 -22.32 -50.62
C ALA E 79 -23.85 -21.57 -50.75
N ASP E 80 -23.19 -21.69 -51.92
CA ASP E 80 -22.06 -20.87 -52.20
C ASP E 80 -22.43 -19.41 -52.40
N ALA E 81 -23.59 -19.15 -52.96
CA ALA E 81 -24.05 -17.81 -53.11
C ALA E 81 -24.23 -17.15 -51.71
N ARG E 82 -24.88 -17.84 -50.80
CA ARG E 82 -25.05 -17.31 -49.44
C ARG E 82 -23.69 -17.08 -48.74
N LEU E 83 -22.77 -18.02 -48.87
CA LEU E 83 -21.46 -17.86 -48.25
C LEU E 83 -20.74 -16.58 -48.74
N LEU E 84 -20.79 -16.37 -50.06
CA LEU E 84 -20.20 -15.21 -50.65
C LEU E 84 -20.93 -13.91 -50.30
N CYS E 85 -22.26 -13.96 -50.32
CA CYS E 85 -23.09 -12.86 -49.96
C CYS E 85 -22.78 -12.43 -48.48
N ASN E 86 -22.57 -13.42 -47.62
CA ASN E 86 -22.29 -13.13 -46.18
C ASN E 86 -20.90 -12.48 -46.05
N PHE E 87 -19.94 -12.95 -46.86
CA PHE E 87 -18.62 -12.30 -46.95
C PHE E 87 -18.73 -10.81 -47.38
N MET E 88 -19.49 -10.58 -48.43
CA MET E 88 -19.70 -9.23 -48.93
C MET E 88 -20.34 -8.31 -47.90
N ARG E 89 -21.35 -8.85 -47.21
CA ARG E 89 -22.07 -8.13 -46.17
C ARG E 89 -21.13 -7.69 -45.09
N GLN E 90 -20.29 -8.62 -44.67
CA GLN E 90 -19.34 -8.38 -43.60
C GLN E 90 -18.29 -7.34 -44.03
N GLU E 91 -17.78 -7.44 -45.27
CA GLU E 91 -16.87 -6.45 -45.80
C GLU E 91 -17.46 -5.03 -45.81
N CYS E 92 -18.72 -4.92 -46.22
CA CYS E 92 -19.44 -3.69 -46.15
C CYS E 92 -19.61 -3.14 -44.71
N LEU E 93 -19.97 -4.01 -43.78
CA LEU E 93 -20.15 -3.57 -42.40
C LEU E 93 -18.81 -3.06 -41.84
N ASP E 94 -17.74 -3.81 -42.11
CA ASP E 94 -16.40 -3.41 -41.69
C ASP E 94 -16.01 -2.03 -42.14
N SER E 95 -16.30 -1.73 -43.38
CA SER E 95 -15.95 -0.45 -43.90
C SER E 95 -16.74 0.69 -43.28
N ARG E 96 -18.05 0.51 -43.07
CA ARG E 96 -18.84 1.54 -42.35
C ARG E 96 -18.43 1.69 -40.88
N PHE E 97 -18.03 0.60 -40.25
CA PHE E 97 -17.59 0.67 -38.87
C PHE E 97 -16.27 1.47 -38.77
N VAL E 98 -15.33 1.17 -39.64
CA VAL E 98 -14.02 1.74 -39.57
C VAL E 98 -14.03 3.18 -40.09
N PHE E 99 -14.60 3.38 -41.26
CA PHE E 99 -14.46 4.65 -42.03
C PHE E 99 -15.70 5.51 -42.06
N ASP E 100 -16.81 4.96 -41.59
CA ASP E 100 -18.07 5.63 -41.59
C ASP E 100 -18.56 6.04 -42.97
N ARG E 101 -18.23 5.26 -43.98
CA ARG E 101 -18.70 5.51 -45.34
CA ARG E 101 -18.70 5.51 -45.34
C ARG E 101 -18.84 4.21 -46.09
N PRO E 102 -19.66 4.21 -47.16
CA PRO E 102 -19.85 2.95 -47.88
C PRO E 102 -18.61 2.40 -48.55
N LEU E 103 -18.51 1.08 -48.67
CA LEU E 103 -17.38 0.45 -49.28
C LEU E 103 -17.52 0.65 -50.79
N PRO E 104 -16.52 1.27 -51.44
CA PRO E 104 -16.69 1.44 -52.84
C PRO E 104 -16.88 0.06 -53.59
N VAL E 105 -17.77 0.06 -54.55
CA VAL E 105 -18.21 -1.17 -55.18
C VAL E 105 -17.04 -1.90 -55.81
N SER E 106 -16.16 -1.17 -56.51
CA SER E 106 -15.00 -1.80 -57.16
C SER E 106 -14.03 -2.40 -56.16
N ARG E 107 -13.92 -1.82 -54.97
CA ARG E 107 -13.11 -2.44 -53.97
C ARG E 107 -13.73 -3.75 -53.42
N LEU E 108 -15.03 -3.74 -53.22
CA LEU E 108 -15.66 -4.95 -52.76
C LEU E 108 -15.45 -6.07 -53.80
N VAL E 109 -15.53 -5.72 -55.10
CA VAL E 109 -15.40 -6.77 -56.10
C VAL E 109 -13.96 -7.32 -56.10
N SER E 110 -12.95 -6.44 -55.93
CA SER E 110 -11.58 -6.88 -55.71
C SER E 110 -11.42 -7.89 -54.59
N LEU E 111 -12.03 -7.60 -53.45
CA LEU E 111 -12.02 -8.47 -52.31
C LEU E 111 -12.63 -9.83 -52.67
N ILE E 112 -13.68 -9.81 -53.47
CA ILE E 112 -14.29 -11.10 -53.96
C ILE E 112 -13.30 -11.90 -54.79
N GLY E 113 -12.64 -11.24 -55.74
CA GLY E 113 -11.61 -11.89 -56.54
C GLY E 113 -10.50 -12.53 -55.74
N SER E 114 -10.01 -11.79 -54.79
CA SER E 114 -8.95 -12.32 -53.93
C SER E 114 -9.44 -13.46 -53.05
N LYS E 115 -10.59 -13.32 -52.45
CA LYS E 115 -11.14 -14.40 -51.62
C LYS E 115 -11.40 -15.67 -52.44
N THR E 116 -12.02 -15.52 -53.60
CA THR E 116 -12.44 -16.70 -54.40
C THR E 116 -11.30 -17.35 -55.18
N GLN E 117 -10.15 -16.66 -55.32
CA GLN E 117 -9.00 -17.25 -56.00
C GLN E 117 -8.32 -18.28 -55.14
N ILE E 118 -8.33 -18.03 -53.82
CA ILE E 118 -7.53 -18.83 -52.89
C ILE E 118 -7.81 -20.35 -53.01
N PRO E 119 -9.08 -20.78 -52.90
CA PRO E 119 -9.26 -22.23 -53.03
C PRO E 119 -8.96 -22.79 -54.43
N THR E 120 -8.71 -21.99 -55.48
CA THR E 120 -8.38 -22.56 -56.80
C THR E 120 -6.97 -23.03 -56.84
N GLN E 121 -6.21 -22.78 -55.80
CA GLN E 121 -4.81 -23.06 -55.84
C GLN E 121 -4.35 -24.04 -54.74
N ARG E 122 -5.25 -24.54 -53.91
CA ARG E 122 -4.92 -25.42 -52.85
C ARG E 122 -5.60 -26.79 -52.97
N TYR E 123 -4.84 -27.83 -52.68
CA TYR E 123 -5.29 -29.18 -52.78
C TYR E 123 -6.43 -29.45 -51.84
N GLY E 124 -7.44 -30.08 -52.38
CA GLY E 124 -8.58 -30.51 -51.55
C GLY E 124 -9.63 -29.38 -51.39
N ARG E 125 -9.36 -28.21 -51.95
CA ARG E 125 -10.32 -27.14 -51.96
C ARG E 125 -10.99 -27.12 -53.34
N ARG E 126 -12.01 -26.31 -53.50
CA ARG E 126 -12.67 -26.22 -54.75
C ARG E 126 -13.05 -24.79 -55.07
N PRO E 127 -13.28 -24.49 -56.36
CA PRO E 127 -13.81 -23.20 -56.60
C PRO E 127 -15.20 -23.00 -55.99
N TYR E 128 -15.56 -21.72 -55.87
CA TYR E 128 -16.92 -21.33 -55.67
C TYR E 128 -17.77 -21.60 -56.92
N GLY E 129 -18.93 -22.21 -56.74
CA GLY E 129 -19.72 -22.66 -57.90
C GLY E 129 -20.85 -21.70 -58.17
N VAL E 130 -20.55 -20.42 -58.14
CA VAL E 130 -21.56 -19.42 -58.25
C VAL E 130 -21.01 -18.27 -59.05
N GLY E 131 -21.91 -17.61 -59.76
CA GLY E 131 -21.57 -16.39 -60.48
C GLY E 131 -22.52 -15.37 -59.94
N LEU E 132 -22.04 -14.13 -59.81
CA LEU E 132 -22.85 -13.03 -59.38
C LEU E 132 -22.92 -11.88 -60.38
N LEU E 133 -24.10 -11.28 -60.47
CA LEU E 133 -24.20 -9.94 -60.96
C LEU E 133 -24.35 -9.02 -59.77
N ILE E 134 -23.54 -7.97 -59.75
CA ILE E 134 -23.45 -7.00 -58.61
C ILE E 134 -23.86 -5.63 -59.07
N ALA E 135 -24.96 -5.13 -58.51
CA ALA E 135 -25.43 -3.79 -58.80
C ALA E 135 -25.06 -2.90 -57.61
N GLY E 136 -24.47 -1.76 -57.89
CA GLY E 136 -24.14 -0.81 -56.83
C GLY E 136 -24.14 0.61 -57.26
N TYR E 137 -24.09 1.52 -56.29
CA TYR E 137 -24.02 2.97 -56.54
C TYR E 137 -23.08 3.60 -55.50
N ASP E 138 -22.06 4.30 -55.96
CA ASP E 138 -21.12 5.03 -55.07
C ASP E 138 -20.70 6.36 -55.74
N ASP E 139 -19.61 6.96 -55.28
CA ASP E 139 -19.15 8.25 -55.78
C ASP E 139 -18.79 8.20 -57.22
N MET E 140 -18.46 7.03 -57.76
CA MET E 140 -18.23 6.92 -59.18
C MET E 140 -19.50 6.49 -59.96
N GLY E 141 -20.68 6.60 -59.36
CA GLY E 141 -21.92 6.36 -60.05
C GLY E 141 -22.38 4.91 -59.96
N PRO E 142 -23.28 4.51 -60.88
CA PRO E 142 -23.81 3.15 -60.86
C PRO E 142 -22.82 2.16 -61.42
N HIS E 143 -22.92 0.92 -60.93
CA HIS E 143 -22.06 -0.17 -61.45
C HIS E 143 -22.85 -1.47 -61.62
N ILE E 144 -22.41 -2.24 -62.59
CA ILE E 144 -22.75 -3.65 -62.72
C ILE E 144 -21.43 -4.42 -62.87
N PHE E 145 -21.15 -5.31 -61.95
CA PHE E 145 -20.00 -6.15 -62.03
C PHE E 145 -20.52 -7.60 -62.16
N GLN E 146 -19.67 -8.45 -62.74
CA GLN E 146 -19.88 -9.87 -62.82
C GLN E 146 -18.73 -10.63 -62.21
N THR E 147 -19.01 -11.63 -61.38
CA THR E 147 -17.97 -12.45 -60.73
C THR E 147 -18.17 -13.90 -61.15
N PRO E 149 -16.60 -18.23 -61.02
CA PRO E 149 -15.91 -19.27 -60.24
C PRO E 149 -14.42 -19.33 -60.47
N SER E 150 -13.94 -18.81 -61.60
CA SER E 150 -12.55 -18.67 -61.87
C SER E 150 -11.88 -17.58 -60.96
N ALA E 151 -12.71 -16.80 -60.28
CA ALA E 151 -12.26 -15.65 -59.46
C ALA E 151 -11.99 -14.41 -60.26
N ASN E 152 -12.20 -14.48 -61.60
CA ASN E 152 -12.15 -13.33 -62.44
C ASN E 152 -13.43 -12.54 -62.24
N TYR E 153 -13.36 -11.28 -62.58
CA TYR E 153 -14.49 -10.42 -62.51
C TYR E 153 -14.41 -9.40 -63.58
N PHE E 154 -15.55 -8.79 -63.86
CA PHE E 154 -15.72 -7.91 -64.98
C PHE E 154 -16.57 -6.72 -64.61
N ASP E 155 -16.20 -5.56 -65.15
CA ASP E 155 -16.95 -4.36 -65.05
C ASP E 155 -17.76 -4.22 -66.29
N CYS E 156 -19.08 -4.08 -66.16
CA CYS E 156 -20.00 -4.26 -67.30
C CYS E 156 -20.88 -3.08 -67.53
N ARG E 157 -21.13 -2.84 -68.80
CA ARG E 157 -22.20 -1.95 -69.20
C ARG E 157 -23.56 -2.62 -68.90
N ALA E 158 -23.58 -3.92 -69.11
CA ALA E 158 -24.73 -4.77 -68.83
C ALA E 158 -24.26 -6.18 -68.97
N MET E 159 -25.03 -7.11 -68.42
CA MET E 159 -24.61 -8.50 -68.46
C MET E 159 -25.80 -9.44 -68.20
N SER E 160 -25.64 -10.68 -68.68
CA SER E 160 -26.54 -11.80 -68.35
C SER E 160 -25.71 -13.07 -68.18
N ILE E 161 -26.06 -13.84 -67.16
CA ILE E 161 -25.45 -15.13 -66.90
C ILE E 161 -26.63 -16.09 -66.70
N GLY E 162 -26.35 -17.38 -66.85
CA GLY E 162 -27.33 -18.44 -66.59
C GLY E 162 -27.82 -19.07 -67.88
N ALA E 163 -28.87 -19.88 -67.77
CA ALA E 163 -29.29 -20.69 -68.89
C ALA E 163 -29.92 -19.79 -69.95
N ARG E 164 -29.45 -20.03 -71.18
CA ARG E 164 -29.87 -19.27 -72.38
C ARG E 164 -29.60 -17.75 -72.27
N SER E 165 -28.65 -17.37 -71.43
CA SER E 165 -28.24 -16.01 -71.31
C SER E 165 -27.61 -15.38 -72.55
N GLN E 166 -27.08 -16.20 -73.49
CA GLN E 166 -26.57 -15.72 -74.78
C GLN E 166 -27.62 -14.79 -75.38
N SER E 167 -28.90 -15.18 -75.34
CA SER E 167 -29.98 -14.41 -75.93
C SER E 167 -30.13 -13.05 -75.26
N ALA E 168 -30.07 -13.08 -73.96
CA ALA E 168 -30.15 -11.87 -73.16
C ALA E 168 -28.94 -10.92 -73.44
N ARG E 169 -27.76 -11.48 -73.55
CA ARG E 169 -26.57 -10.76 -73.97
C ARG E 169 -26.67 -10.13 -75.35
N THR E 170 -27.25 -10.86 -76.30
CA THR E 170 -27.46 -10.33 -77.63
C THR E 170 -28.40 -9.11 -77.56
N TYR E 171 -29.51 -9.24 -76.83
CA TYR E 171 -30.47 -8.15 -76.74
C TYR E 171 -29.76 -6.90 -76.17
N LEU E 172 -29.00 -7.15 -75.13
CA LEU E 172 -28.30 -6.07 -74.41
C LEU E 172 -27.29 -5.35 -75.32
N GLU E 173 -26.49 -6.10 -76.11
CA GLU E 173 -25.65 -5.49 -77.14
C GLU E 173 -26.41 -4.69 -78.15
N ARG E 174 -27.56 -5.19 -78.56
CA ARG E 174 -28.39 -4.50 -79.51
C ARG E 174 -28.88 -3.13 -79.02
N HIS E 175 -29.21 -3.00 -77.76
CA HIS E 175 -29.78 -1.77 -77.25
C HIS E 175 -28.88 -0.95 -76.30
N MET E 176 -27.63 -1.35 -76.10
CA MET E 176 -26.84 -0.79 -74.99
C MET E 176 -26.49 0.69 -75.19
N SER E 177 -26.44 1.17 -76.40
CA SER E 177 -26.25 2.59 -76.64
C SER E 177 -27.39 3.46 -76.13
N GLU E 178 -28.55 2.87 -75.85
CA GLU E 178 -29.68 3.61 -75.30
C GLU E 178 -29.59 3.68 -73.75
N PHE E 179 -28.81 2.83 -73.09
CA PHE E 179 -29.01 2.62 -71.64
C PHE E 179 -28.67 3.88 -70.80
N MET E 180 -27.61 4.57 -71.18
CA MET E 180 -27.04 5.62 -70.31
C MET E 180 -28.05 6.74 -70.05
N GLU E 181 -28.82 7.05 -71.08
CA GLU E 181 -29.79 8.12 -71.06
C GLU E 181 -31.20 7.69 -70.63
N CYS E 182 -31.41 6.43 -70.28
CA CYS E 182 -32.75 5.94 -69.94
C CYS E 182 -33.20 6.40 -68.57
N ASN E 183 -34.47 6.80 -68.43
CA ASN E 183 -35.08 6.91 -67.11
C ASN E 183 -35.23 5.50 -66.50
N LEU E 184 -35.63 5.41 -65.26
CA LEU E 184 -35.60 4.14 -64.56
C LEU E 184 -36.58 3.11 -65.14
N ASN E 185 -37.79 3.55 -65.45
CA ASN E 185 -38.79 2.66 -66.02
C ASN E 185 -38.33 2.06 -67.31
N GLU E 186 -37.78 2.91 -68.16
CA GLU E 186 -37.17 2.47 -69.43
C GLU E 186 -36.09 1.45 -69.25
N LEU E 187 -35.21 1.70 -68.30
CA LEU E 187 -34.09 0.82 -68.05
C LEU E 187 -34.52 -0.56 -67.50
N VAL E 188 -35.49 -0.59 -66.60
CA VAL E 188 -35.99 -1.85 -66.08
C VAL E 188 -36.74 -2.66 -67.20
N LYS E 189 -37.55 -1.97 -67.97
CA LYS E 189 -38.19 -2.53 -69.20
C LYS E 189 -37.15 -3.23 -70.10
N HIS E 190 -36.02 -2.57 -70.36
CA HIS E 190 -34.92 -3.16 -71.13
C HIS E 190 -34.40 -4.44 -70.45
N GLY E 191 -34.23 -4.42 -69.15
CA GLY E 191 -33.79 -5.57 -68.39
C GLY E 191 -34.75 -6.71 -68.50
N LEU E 192 -36.04 -6.40 -68.41
CA LEU E 192 -37.07 -7.40 -68.57
C LEU E 192 -37.12 -7.98 -70.00
N ARG E 193 -37.01 -7.13 -71.02
CA ARG E 193 -37.06 -7.61 -72.38
C ARG E 193 -35.88 -8.53 -72.67
N ALA E 194 -34.71 -8.18 -72.16
CA ALA E 194 -33.55 -9.03 -72.30
C ALA E 194 -33.78 -10.38 -71.65
N LEU E 195 -34.28 -10.34 -70.41
CA LEU E 195 -34.56 -11.59 -69.66
C LEU E 195 -35.60 -12.47 -70.40
N ARG E 196 -36.59 -11.82 -70.99
CA ARG E 196 -37.63 -12.49 -71.71
C ARG E 196 -37.14 -13.27 -72.95
N GLU E 197 -36.04 -12.83 -73.56
CA GLU E 197 -35.40 -13.56 -74.63
C GLU E 197 -34.89 -14.92 -74.19
N THR E 198 -34.65 -15.12 -72.90
CA THR E 198 -34.12 -16.40 -72.44
C THR E 198 -35.23 -17.46 -72.37
N LEU E 199 -36.50 -17.07 -72.42
CA LEU E 199 -37.62 -17.99 -72.25
C LEU E 199 -38.06 -18.78 -73.47
N PRO E 200 -38.52 -20.05 -73.23
CA PRO E 200 -39.19 -20.79 -74.30
C PRO E 200 -40.36 -19.97 -74.81
N ALA E 201 -40.60 -20.04 -76.12
CA ALA E 201 -41.49 -19.12 -76.85
C ALA E 201 -42.94 -19.09 -76.33
N GLU E 202 -43.40 -20.23 -75.82
CA GLU E 202 -44.70 -20.30 -75.17
C GLU E 202 -44.77 -19.22 -74.06
N GLN E 203 -43.75 -19.22 -73.20
CA GLN E 203 -43.89 -18.79 -71.83
C GLN E 203 -43.58 -17.30 -71.66
N ASP E 204 -44.07 -16.73 -70.56
CA ASP E 204 -43.97 -15.28 -70.34
C ASP E 204 -43.48 -14.90 -68.93
N LEU E 205 -43.07 -13.64 -68.83
CA LEU E 205 -42.74 -13.06 -67.54
C LEU E 205 -44.01 -12.87 -66.77
N THR E 206 -44.00 -13.30 -65.51
CA THR E 206 -45.18 -13.17 -64.65
C THR E 206 -44.70 -12.66 -63.32
N THR E 207 -45.65 -12.25 -62.50
CA THR E 207 -45.36 -11.81 -61.14
C THR E 207 -44.83 -12.94 -60.28
N LYS E 208 -45.05 -14.19 -60.65
CA LYS E 208 -44.54 -15.35 -59.89
C LYS E 208 -43.10 -15.69 -60.26
N ASN E 209 -42.66 -15.42 -61.49
CA ASN E 209 -41.29 -15.78 -61.92
C ASN E 209 -40.20 -14.68 -62.02
N VAL E 210 -40.58 -13.40 -61.86
CA VAL E 210 -39.64 -12.28 -62.03
C VAL E 210 -39.36 -11.62 -60.67
N SER E 211 -38.09 -11.32 -60.46
CA SER E 211 -37.65 -10.58 -59.31
C SER E 211 -36.80 -9.42 -59.86
N ILE E 212 -36.96 -8.23 -59.27
CA ILE E 212 -36.24 -7.00 -59.66
C ILE E 212 -35.48 -6.36 -58.43
N GLY E 213 -34.25 -5.89 -58.67
CA GLY E 213 -33.46 -5.14 -57.72
C GLY E 213 -32.94 -3.84 -58.37
N ILE E 214 -33.08 -2.72 -57.65
CA ILE E 214 -32.72 -1.40 -58.17
C ILE E 214 -31.96 -0.64 -57.10
N VAL E 215 -30.88 0.03 -57.50
CA VAL E 215 -30.22 1.01 -56.63
C VAL E 215 -29.87 2.19 -57.52
N GLY E 216 -29.89 3.40 -56.97
CA GLY E 216 -29.27 4.53 -57.67
C GLY E 216 -29.07 5.74 -56.77
N LYS E 217 -28.79 6.87 -57.41
CA LYS E 217 -28.51 8.14 -56.70
C LYS E 217 -29.57 8.45 -55.60
N ASP E 218 -30.83 8.38 -55.99
CA ASP E 218 -31.94 8.66 -55.05
C ASP E 218 -32.47 7.45 -54.24
N LEU E 219 -31.87 6.28 -54.35
CA LEU E 219 -32.56 5.04 -54.03
C LEU E 219 -31.65 3.94 -53.50
N GLU E 220 -31.88 3.54 -52.26
CA GLU E 220 -31.15 2.43 -51.66
C GLU E 220 -31.52 1.12 -52.30
N PHE E 221 -30.64 0.11 -52.20
CA PHE E 221 -30.89 -1.12 -52.88
C PHE E 221 -32.24 -1.74 -52.40
N THR E 222 -33.17 -1.90 -53.33
CA THR E 222 -34.55 -2.35 -53.04
C THR E 222 -34.90 -3.55 -53.97
N ILE E 223 -35.57 -4.55 -53.37
CA ILE E 223 -35.99 -5.75 -54.04
C ILE E 223 -37.51 -5.72 -54.26
N TYR E 224 -37.94 -6.02 -55.50
CA TYR E 224 -39.34 -6.11 -55.88
C TYR E 224 -39.69 -7.54 -56.29
N ASP E 225 -40.69 -8.13 -55.61
CA ASP E 225 -41.17 -9.51 -55.84
C ASP E 225 -42.69 -9.53 -55.84
N ASP E 226 -43.23 -10.54 -56.53
CA ASP E 226 -44.65 -10.87 -56.51
C ASP E 226 -45.49 -9.70 -56.94
N ASP E 227 -46.46 -9.27 -56.16
CA ASP E 227 -47.28 -8.16 -56.60
C ASP E 227 -46.49 -6.88 -56.85
N ASP E 228 -45.34 -6.69 -56.20
CA ASP E 228 -44.51 -5.47 -56.45
C ASP E 228 -43.80 -5.35 -57.82
N VAL E 229 -43.76 -6.44 -58.60
CA VAL E 229 -43.21 -6.36 -59.96
C VAL E 229 -44.25 -5.94 -61.01
N SER E 230 -45.55 -6.01 -60.70
CA SER E 230 -46.61 -5.70 -61.65
C SER E 230 -46.53 -4.33 -62.31
N PRO E 231 -46.28 -3.26 -61.55
CA PRO E 231 -46.07 -1.96 -62.21
C PRO E 231 -45.02 -2.01 -63.35
N PHE E 232 -43.94 -2.72 -63.12
CA PHE E 232 -42.86 -2.83 -64.11
C PHE E 232 -43.26 -3.77 -65.29
N LEU E 233 -44.07 -4.78 -65.02
CA LEU E 233 -44.49 -5.70 -66.06
C LEU E 233 -45.58 -5.19 -66.95
N GLU E 234 -46.49 -4.38 -66.42
CA GLU E 234 -47.49 -3.76 -67.28
C GLU E 234 -46.84 -2.68 -68.10
N GLY E 235 -47.41 -2.41 -69.27
CA GLY E 235 -46.69 -1.57 -70.24
C GLY E 235 -45.27 -2.10 -70.45
N LEU E 236 -45.18 -3.39 -70.78
CA LEU E 236 -44.18 -3.90 -71.72
C LEU E 236 -45.00 -3.74 -72.99
N GLU E 237 -45.13 -2.47 -73.39
CA GLU E 237 -45.96 -1.99 -74.50
C GLU E 237 -45.02 -1.42 -75.56
N GLY F 7 1.11 -41.63 -64.35
CA GLY F 7 1.70 -40.47 -65.04
C GLY F 7 2.42 -39.44 -64.13
N TYR F 8 3.48 -38.85 -64.75
CA TYR F 8 4.49 -38.04 -64.07
C TYR F 8 4.21 -36.55 -64.09
N ASP F 9 3.02 -36.14 -64.45
CA ASP F 9 2.72 -34.77 -64.72
C ASP F 9 1.57 -34.27 -63.91
N LEU F 10 1.28 -34.91 -62.77
CA LEU F 10 0.14 -34.52 -61.98
C LEU F 10 0.41 -33.62 -60.75
N SER F 11 1.64 -33.54 -60.33
CA SER F 11 2.00 -32.83 -59.11
C SER F 11 3.27 -32.09 -59.30
N ALA F 12 3.32 -30.87 -58.76
CA ALA F 12 4.60 -30.14 -58.71
C ALA F 12 5.65 -30.71 -57.78
N SER F 13 5.31 -31.69 -56.90
CA SER F 13 6.29 -32.39 -56.14
C SER F 13 6.81 -33.68 -56.77
N THR F 14 6.57 -33.90 -58.07
CA THR F 14 7.08 -35.06 -58.76
C THR F 14 7.90 -34.66 -59.98
N PHE F 15 9.16 -35.08 -60.02
CA PHE F 15 9.97 -34.97 -61.21
C PHE F 15 9.60 -36.09 -62.20
N SER F 16 9.65 -35.80 -63.51
CA SER F 16 9.62 -36.80 -64.50
C SER F 16 10.97 -37.50 -64.51
N PRO F 17 11.08 -38.68 -65.16
CA PRO F 17 12.38 -39.35 -65.38
C PRO F 17 13.48 -38.56 -66.08
N ASP F 18 13.13 -37.53 -66.83
CA ASP F 18 14.14 -36.62 -67.48
C ASP F 18 14.44 -35.35 -66.66
N GLY F 19 13.84 -35.23 -65.47
CA GLY F 19 14.15 -34.16 -64.60
C GLY F 19 13.32 -32.93 -64.86
N ARG F 20 12.10 -33.08 -65.36
CA ARG F 20 11.22 -31.93 -65.62
C ARG F 20 10.13 -31.87 -64.56
N VAL F 21 9.52 -30.71 -64.37
CA VAL F 21 8.41 -30.57 -63.51
C VAL F 21 7.25 -30.14 -64.37
N PHE F 22 6.46 -31.09 -64.90
CA PHE F 22 5.51 -30.78 -65.93
C PHE F 22 4.44 -29.85 -65.47
N GLN F 23 4.02 -29.93 -64.20
CA GLN F 23 3.01 -28.99 -63.75
C GLN F 23 3.48 -27.51 -63.94
N VAL F 24 4.75 -27.20 -63.71
CA VAL F 24 5.25 -25.85 -63.95
C VAL F 24 5.20 -25.53 -65.46
N GLU F 25 5.58 -26.51 -66.27
CA GLU F 25 5.48 -26.34 -67.74
C GLU F 25 4.05 -26.11 -68.17
N TYR F 26 3.07 -26.72 -67.51
CA TYR F 26 1.70 -26.55 -67.93
C TYR F 26 1.17 -25.20 -67.59
N ALA F 27 1.57 -24.70 -66.40
CA ALA F 27 1.27 -23.38 -65.98
C ALA F 27 1.84 -22.36 -66.99
N MET F 28 3.04 -22.62 -67.47
CA MET F 28 3.64 -21.77 -68.53
C MET F 28 2.82 -21.77 -69.81
N LYS F 29 2.13 -22.89 -70.11
CA LYS F 29 1.33 -22.94 -71.28
C LYS F 29 0.16 -21.99 -71.10
N ALA F 30 -0.39 -21.85 -69.89
CA ALA F 30 -1.47 -20.88 -69.68
C ALA F 30 -1.05 -19.42 -70.00
N VAL F 31 0.16 -19.09 -69.70
CA VAL F 31 0.71 -17.76 -69.98
C VAL F 31 0.86 -17.65 -71.48
N GLU F 32 1.42 -18.69 -72.06
CA GLU F 32 1.56 -18.70 -73.52
C GLU F 32 0.29 -18.68 -74.40
N ASN F 33 -0.86 -18.95 -73.84
CA ASN F 33 -2.16 -18.83 -74.49
C ASN F 33 -2.77 -17.45 -74.42
N SER F 34 -2.22 -16.64 -73.53
CA SER F 34 -2.70 -15.34 -73.29
C SER F 34 -2.25 -14.39 -74.39
N SER F 35 -2.97 -13.31 -74.59
CA SER F 35 -2.51 -12.24 -75.48
C SER F 35 -1.27 -11.48 -74.90
N THR F 36 -0.65 -10.63 -75.71
CA THR F 36 0.72 -10.27 -75.48
C THR F 36 0.84 -8.96 -74.68
N ALA F 37 1.79 -8.97 -73.75
CA ALA F 37 2.20 -7.80 -73.02
C ALA F 37 3.66 -7.58 -73.28
N ILE F 38 4.06 -6.31 -73.35
CA ILE F 38 5.50 -5.98 -73.56
C ILE F 38 5.94 -4.88 -72.60
N GLY F 39 7.21 -4.93 -72.28
CA GLY F 39 7.85 -3.84 -71.54
C GLY F 39 9.11 -3.43 -72.25
N ILE F 40 9.41 -2.13 -72.20
CA ILE F 40 10.66 -1.63 -72.76
C ILE F 40 11.25 -0.61 -71.80
N ARG F 41 12.49 -0.87 -71.48
CA ARG F 41 13.29 0.06 -70.72
C ARG F 41 13.99 1.00 -71.67
N CYS F 42 14.07 2.27 -71.33
CA CYS F 42 14.76 3.23 -72.17
C CYS F 42 15.60 4.17 -71.32
N LYS F 43 15.98 5.30 -71.92
CA LYS F 43 16.96 6.18 -71.35
C LYS F 43 16.50 6.68 -69.98
N ASP F 44 15.23 7.02 -69.84
CA ASP F 44 14.66 7.78 -68.72
C ASP F 44 13.43 7.08 -68.10
N GLY F 45 13.32 5.76 -68.27
CA GLY F 45 12.11 5.02 -67.74
C GLY F 45 11.76 3.73 -68.45
N VAL F 46 10.60 3.21 -68.06
CA VAL F 46 10.04 1.97 -68.54
C VAL F 46 8.61 2.17 -68.97
N VAL F 47 8.25 1.56 -70.14
CA VAL F 47 6.93 1.68 -70.72
C VAL F 47 6.39 0.24 -70.88
N PHE F 48 5.14 0.05 -70.52
CA PHE F 48 4.38 -1.16 -70.68
C PHE F 48 3.24 -1.01 -71.63
N GLY F 49 3.00 -2.07 -72.41
CA GLY F 49 1.84 -2.13 -73.30
C GLY F 49 1.21 -3.52 -73.24
N VAL F 50 -0.11 -3.58 -73.28
CA VAL F 50 -0.83 -4.83 -73.35
C VAL F 50 -1.90 -4.80 -74.41
N GLU F 51 -1.90 -5.89 -75.16
CA GLU F 51 -2.96 -6.23 -76.12
C GLU F 51 -4.09 -6.83 -75.32
N LYS F 52 -5.13 -6.06 -75.04
CA LYS F 52 -6.09 -6.54 -74.07
C LYS F 52 -7.33 -6.98 -74.80
N LEU F 53 -7.50 -8.31 -74.91
CA LEU F 53 -8.55 -8.79 -75.80
C LEU F 53 -9.89 -8.45 -75.16
N VAL F 54 -10.84 -8.00 -75.94
CA VAL F 54 -12.15 -7.66 -75.44
C VAL F 54 -13.11 -8.79 -75.90
N LEU F 55 -13.54 -9.58 -74.93
CA LEU F 55 -14.24 -10.81 -75.20
C LEU F 55 -15.70 -10.59 -75.32
N SER F 56 -16.19 -9.47 -74.80
CA SER F 56 -17.57 -9.02 -75.03
C SER F 56 -17.63 -7.51 -75.13
N LYS F 57 -18.42 -7.04 -76.07
CA LYS F 57 -18.75 -5.62 -76.17
C LYS F 57 -19.54 -5.06 -74.97
N LEU F 58 -20.10 -5.96 -74.15
CA LEU F 58 -20.83 -5.58 -72.96
C LEU F 58 -19.92 -5.06 -71.83
N TYR F 59 -18.63 -5.32 -71.91
CA TYR F 59 -17.68 -4.89 -70.92
C TYR F 59 -17.34 -3.41 -71.08
N GLU F 60 -17.10 -2.76 -69.94
CA GLU F 60 -16.59 -1.36 -69.87
C GLU F 60 -15.20 -1.31 -70.36
N GLU F 61 -14.86 -0.23 -71.04
CA GLU F 61 -13.43 0.19 -71.20
C GLU F 61 -12.69 0.14 -69.86
N GLY F 62 -11.47 -0.42 -69.83
CA GLY F 62 -10.75 -0.57 -68.60
C GLY F 62 -11.02 -1.89 -67.85
N SER F 63 -12.11 -2.61 -68.14
CA SER F 63 -12.35 -3.87 -67.44
C SER F 63 -11.18 -4.86 -67.59
N ASN F 64 -10.94 -5.67 -66.58
CA ASN F 64 -9.86 -6.66 -66.64
C ASN F 64 -8.51 -6.07 -67.05
N LYS F 65 -8.16 -4.94 -66.40
CA LYS F 65 -6.80 -4.37 -66.50
C LYS F 65 -5.74 -5.43 -66.31
N ARG F 66 -4.70 -5.33 -67.09
CA ARG F 66 -3.53 -6.15 -66.95
C ARG F 66 -2.29 -5.36 -66.52
N LEU F 67 -2.49 -4.09 -66.21
CA LEU F 67 -1.43 -3.24 -65.71
C LEU F 67 -1.84 -2.74 -64.33
N PHE F 68 -0.94 -2.87 -63.35
CA PHE F 68 -1.22 -2.59 -61.94
C PHE F 68 -0.15 -1.68 -61.35
N ASN F 69 -0.51 -0.85 -60.39
CA ASN F 69 0.48 -0.18 -59.50
C ASN F 69 0.70 -1.07 -58.28
N VAL F 70 1.93 -1.52 -58.11
CA VAL F 70 2.23 -2.33 -56.92
C VAL F 70 2.97 -1.54 -55.79
N ASP F 71 3.63 -0.45 -56.14
CA ASP F 71 4.04 0.55 -55.20
C ASP F 71 4.01 1.86 -55.95
N ARG F 72 4.18 2.97 -55.27
CA ARG F 72 4.06 4.23 -55.99
C ARG F 72 5.09 4.38 -57.14
N HIS F 73 6.24 3.73 -57.01
CA HIS F 73 7.29 3.72 -57.98
C HIS F 73 7.35 2.44 -58.90
N VAL F 74 6.43 1.51 -58.74
CA VAL F 74 6.54 0.21 -59.35
C VAL F 74 5.25 -0.16 -60.07
N GLY F 75 5.41 -0.38 -61.39
CA GLY F 75 4.34 -0.99 -62.18
C GLY F 75 4.49 -2.48 -62.41
N MET F 76 3.35 -3.15 -62.62
CA MET F 76 3.32 -4.55 -62.94
C MET F 76 2.44 -4.78 -64.14
N ALA F 77 2.99 -5.52 -65.09
CA ALA F 77 2.27 -5.95 -66.31
C ALA F 77 2.22 -7.51 -66.40
N VAL F 78 1.03 -8.04 -66.66
CA VAL F 78 0.77 -9.47 -66.49
C VAL F 78 0.29 -10.15 -67.76
N ALA F 79 0.57 -11.43 -67.82
CA ALA F 79 -0.08 -12.35 -68.81
C ALA F 79 -0.37 -13.66 -68.16
N GLY F 80 -1.47 -14.29 -68.56
CA GLY F 80 -1.85 -15.60 -68.03
C GLY F 80 -3.17 -15.55 -67.35
N LEU F 81 -3.38 -16.40 -66.36
CA LEU F 81 -4.67 -16.47 -65.69
C LEU F 81 -4.81 -15.24 -64.80
N LEU F 82 -5.83 -14.47 -65.01
CA LEU F 82 -5.85 -13.14 -64.48
C LEU F 82 -6.04 -13.14 -62.92
N ALA F 83 -6.89 -14.05 -62.40
CA ALA F 83 -7.07 -14.22 -60.98
C ALA F 83 -5.73 -14.57 -60.29
N ASP F 84 -4.91 -15.43 -60.88
CA ASP F 84 -3.59 -15.67 -60.32
C ASP F 84 -2.72 -14.40 -60.35
N ALA F 85 -2.76 -13.62 -61.45
CA ALA F 85 -1.95 -12.44 -61.57
C ALA F 85 -2.31 -11.36 -60.51
N ARG F 86 -3.59 -11.19 -60.28
CA ARG F 86 -4.06 -10.24 -59.31
C ARG F 86 -3.64 -10.60 -57.92
N SER F 87 -3.65 -11.87 -57.63
CA SER F 87 -3.18 -12.36 -56.38
C SER F 87 -1.69 -12.06 -56.17
N LEU F 88 -0.94 -12.17 -57.24
CA LEU F 88 0.45 -11.84 -57.22
C LEU F 88 0.72 -10.34 -57.07
N ALA F 89 -0.11 -9.51 -57.69
CA ALA F 89 -0.06 -8.12 -57.51
C ALA F 89 -0.31 -7.77 -56.01
N ASP F 90 -1.26 -8.46 -55.37
CA ASP F 90 -1.44 -8.28 -53.93
C ASP F 90 -0.23 -8.70 -53.07
N ILE F 91 0.40 -9.79 -53.45
CA ILE F 91 1.64 -10.21 -52.82
C ILE F 91 2.73 -9.18 -53.00
N ALA F 92 2.91 -8.69 -54.24
CA ALA F 92 3.87 -7.63 -54.52
C ALA F 92 3.59 -6.39 -53.68
N ARG F 93 2.31 -5.99 -53.56
CA ARG F 93 1.93 -4.82 -52.81
C ARG F 93 2.28 -4.96 -51.34
N GLU F 94 1.92 -6.12 -50.78
CA GLU F 94 2.18 -6.43 -49.40
C GLU F 94 3.71 -6.44 -49.16
N GLU F 95 4.48 -6.98 -50.08
CA GLU F 95 5.91 -6.99 -49.92
C GLU F 95 6.57 -5.58 -49.92
N ALA F 96 6.05 -4.73 -50.79
CA ALA F 96 6.55 -3.37 -50.88
C ALA F 96 6.17 -2.56 -49.61
N SER F 97 4.94 -2.78 -49.12
CA SER F 97 4.45 -2.16 -47.92
C SER F 97 5.26 -2.56 -46.66
N ASN F 98 5.49 -3.84 -46.50
CA ASN F 98 6.25 -4.40 -45.41
C ASN F 98 7.68 -3.98 -45.41
N PHE F 99 8.25 -3.89 -46.60
CA PHE F 99 9.59 -3.39 -46.71
C PHE F 99 9.67 -1.93 -46.23
N ARG F 100 8.80 -1.05 -46.68
CA ARG F 100 8.78 0.30 -46.21
C ARG F 100 8.61 0.42 -44.64
N SER F 101 7.69 -0.34 -44.10
CA SER F 101 7.48 -0.35 -42.65
C SER F 101 8.71 -0.79 -41.84
N ASN F 102 9.43 -1.78 -42.32
CA ASN F 102 10.59 -2.39 -41.64
C ASN F 102 11.88 -1.66 -41.83
N PHE F 103 12.15 -1.23 -43.06
CA PHE F 103 13.42 -0.58 -43.40
C PHE F 103 13.36 0.90 -43.60
N GLY F 104 12.16 1.43 -43.77
CA GLY F 104 11.93 2.89 -43.85
C GLY F 104 12.27 3.57 -45.14
N TYR F 105 12.24 2.85 -46.26
CA TYR F 105 12.45 3.51 -47.57
C TYR F 105 11.80 2.64 -48.68
N ASN F 106 11.65 3.19 -49.87
CA ASN F 106 11.02 2.47 -50.98
C ASN F 106 11.78 1.22 -51.45
N ILE F 107 11.08 0.12 -51.58
CA ILE F 107 11.75 -1.12 -51.94
C ILE F 107 12.48 -1.02 -53.29
N PRO F 108 13.73 -1.46 -53.36
CA PRO F 108 14.45 -1.41 -54.67
C PRO F 108 13.81 -2.45 -55.56
N LEU F 109 13.73 -2.14 -56.82
CA LEU F 109 13.01 -2.99 -57.78
C LEU F 109 13.53 -4.41 -57.78
N LYS F 110 14.83 -4.54 -57.86
CA LYS F 110 15.40 -5.84 -57.95
C LYS F 110 15.01 -6.67 -56.73
N HIS F 111 15.07 -6.06 -55.53
CA HIS F 111 14.73 -6.82 -54.33
C HIS F 111 13.26 -7.25 -54.34
N LEU F 112 12.38 -6.36 -54.79
CA LEU F 112 11.00 -6.68 -54.88
C LEU F 112 10.76 -7.87 -55.87
N ALA F 113 11.40 -7.76 -57.02
CA ALA F 113 11.37 -8.87 -57.99
C ALA F 113 11.86 -10.18 -57.36
N ASP F 114 12.99 -10.17 -56.66
CA ASP F 114 13.52 -11.37 -56.10
C ASP F 114 12.57 -11.92 -55.03
N ARG F 115 11.92 -11.04 -54.27
CA ARG F 115 11.05 -11.51 -53.19
C ARG F 115 9.75 -12.16 -53.70
N VAL F 116 9.12 -11.51 -54.63
CA VAL F 116 7.91 -12.07 -55.20
C VAL F 116 8.24 -13.39 -56.00
N ALA F 117 9.37 -13.41 -56.72
CA ALA F 117 9.85 -14.62 -57.41
C ALA F 117 10.03 -15.79 -56.45
N MET F 118 10.48 -15.53 -55.22
CA MET F 118 10.60 -16.66 -54.29
C MET F 118 9.24 -17.15 -53.84
N TYR F 119 8.27 -16.24 -53.78
CA TYR F 119 6.92 -16.61 -53.45
C TYR F 119 6.29 -17.52 -54.57
N VAL F 120 6.49 -17.10 -55.82
CA VAL F 120 6.07 -17.87 -56.98
C VAL F 120 6.76 -19.24 -56.93
N HIS F 121 8.07 -19.25 -56.67
CA HIS F 121 8.85 -20.45 -56.58
C HIS F 121 8.32 -21.46 -55.56
N ALA F 122 7.83 -20.95 -54.43
CA ALA F 122 7.33 -21.79 -53.36
C ALA F 122 6.11 -22.58 -53.81
N TYR F 123 5.44 -22.17 -54.85
CA TYR F 123 4.32 -22.91 -55.39
C TYR F 123 4.70 -23.94 -56.47
N THR F 124 5.96 -24.34 -56.56
CA THR F 124 6.47 -25.27 -57.54
C THR F 124 7.10 -26.50 -56.96
N LEU F 125 6.97 -26.69 -55.64
CA LEU F 125 7.63 -27.76 -54.91
C LEU F 125 6.67 -28.88 -54.36
N TYR F 126 5.37 -28.64 -54.34
CA TYR F 126 4.43 -29.33 -53.48
C TYR F 126 3.17 -29.88 -54.19
N SER F 127 2.72 -31.07 -53.76
CA SER F 127 1.37 -31.53 -54.14
C SER F 127 0.26 -30.68 -53.53
N ALA F 128 0.57 -29.93 -52.42
CA ALA F 128 -0.46 -29.21 -51.70
C ALA F 128 -1.01 -27.99 -52.43
N VAL F 129 -0.23 -27.47 -53.38
CA VAL F 129 -0.62 -26.29 -54.06
C VAL F 129 -0.19 -26.41 -55.54
N ARG F 130 -0.75 -25.57 -56.39
CA ARG F 130 -0.31 -25.51 -57.80
C ARG F 130 0.45 -24.24 -58.15
N PRO F 131 1.28 -24.34 -59.20
CA PRO F 131 1.99 -23.16 -59.69
C PRO F 131 1.01 -22.12 -60.22
N PHE F 132 1.42 -20.84 -60.08
CA PHE F 132 0.74 -19.70 -60.66
C PHE F 132 0.78 -19.78 -62.20
N GLY F 133 -0.36 -19.53 -62.84
CA GLY F 133 -0.47 -19.52 -64.28
C GLY F 133 -0.26 -18.14 -64.85
N CYS F 134 0.82 -17.50 -64.46
CA CYS F 134 1.08 -16.14 -64.89
CA CYS F 134 1.09 -16.12 -64.79
C CYS F 134 2.56 -15.82 -64.90
N SER F 135 2.90 -14.95 -65.84
CA SER F 135 4.18 -14.31 -65.94
C SER F 135 3.88 -12.81 -65.78
N PHE F 136 4.85 -12.05 -65.25
CA PHE F 136 4.61 -10.64 -65.01
C PHE F 136 5.93 -9.86 -65.06
N MET F 137 5.82 -8.60 -65.48
CA MET F 137 6.92 -7.72 -65.54
C MET F 137 6.74 -6.68 -64.43
N LEU F 138 7.87 -6.27 -63.85
CA LEU F 138 7.91 -5.15 -62.90
C LEU F 138 8.81 -4.02 -63.47
N GLY F 139 8.34 -2.79 -63.43
CA GLY F 139 9.10 -1.67 -63.96
C GLY F 139 9.19 -0.55 -62.94
N SER F 140 10.36 0.05 -62.83
CA SER F 140 10.47 1.28 -62.06
CA SER F 140 10.49 1.25 -62.04
C SER F 140 11.54 2.21 -62.59
N TYR F 141 11.56 3.41 -62.00
CA TYR F 141 12.55 4.41 -62.31
C TYR F 141 12.81 5.30 -61.08
N SER F 142 14.08 5.61 -60.85
CA SER F 142 14.51 6.62 -59.85
C SER F 142 15.79 7.21 -60.34
N VAL F 143 16.15 8.39 -59.79
CA VAL F 143 17.42 9.00 -60.17
C VAL F 143 18.56 8.14 -59.75
N ASN F 144 18.53 7.58 -58.55
CA ASN F 144 19.62 6.71 -58.07
C ASN F 144 19.85 5.35 -58.77
N ASP F 145 18.76 4.64 -59.04
CA ASP F 145 18.83 3.32 -59.61
C ASP F 145 18.62 3.27 -61.12
N GLY F 146 18.23 4.38 -61.72
CA GLY F 146 17.83 4.43 -63.15
C GLY F 146 16.53 3.62 -63.45
N ALA F 147 16.39 3.26 -64.70
CA ALA F 147 15.22 2.52 -65.19
C ALA F 147 15.53 1.06 -65.00
N GLN F 148 14.55 0.32 -64.51
CA GLN F 148 14.71 -1.11 -64.36
C GLN F 148 13.43 -1.85 -64.72
N LEU F 149 13.63 -2.98 -65.42
CA LEU F 149 12.55 -3.84 -65.95
C LEU F 149 12.96 -5.28 -65.67
N TYR F 150 12.11 -5.97 -64.90
CA TYR F 150 12.32 -7.36 -64.54
C TYR F 150 11.13 -8.19 -65.02
N MET F 151 11.40 -9.46 -65.24
CA MET F 151 10.30 -10.40 -65.62
C MET F 151 10.47 -11.69 -64.88
N ILE F 152 9.33 -12.16 -64.42
CA ILE F 152 9.20 -13.31 -63.53
C ILE F 152 8.17 -14.26 -64.20
N ASP F 153 8.55 -15.54 -64.26
CA ASP F 153 7.72 -16.57 -64.88
C ASP F 153 7.19 -17.57 -63.81
N PRO F 154 6.30 -18.50 -64.22
CA PRO F 154 5.77 -19.45 -63.23
C PRO F 154 6.74 -20.31 -62.47
N SER F 155 7.95 -20.56 -62.95
CA SER F 155 8.91 -21.30 -62.19
C SER F 155 9.53 -20.48 -61.04
N GLY F 156 9.37 -19.15 -61.10
CA GLY F 156 9.99 -18.26 -60.16
C GLY F 156 11.31 -17.70 -60.59
N VAL F 157 11.68 -17.88 -61.83
CA VAL F 157 12.92 -17.24 -62.35
C VAL F 157 12.63 -15.73 -62.57
N SER F 158 13.66 -14.93 -62.30
CA SER F 158 13.59 -13.49 -62.36
C SER F 158 14.85 -12.96 -63.04
N TYR F 159 14.71 -12.18 -64.06
CA TYR F 159 15.86 -11.58 -64.75
C TYR F 159 15.48 -10.14 -65.08
N GLY F 160 16.50 -9.34 -65.29
CA GLY F 160 16.34 -8.02 -65.82
C GLY F 160 16.53 -7.93 -67.35
N TYR F 161 15.84 -6.97 -67.94
CA TYR F 161 15.69 -6.80 -69.38
C TYR F 161 15.82 -5.35 -69.86
N TRP F 162 16.31 -5.20 -71.08
CA TRP F 162 16.09 -4.02 -71.89
C TRP F 162 14.71 -3.97 -72.51
N GLY F 163 14.25 -5.14 -72.93
CA GLY F 163 12.92 -5.31 -73.56
C GLY F 163 12.42 -6.74 -73.28
N CYS F 164 11.13 -6.88 -73.20
CA CYS F 164 10.55 -8.10 -72.76
C CYS F 164 9.14 -8.23 -73.32
N ALA F 165 8.77 -9.47 -73.58
CA ALA F 165 7.41 -9.78 -74.02
C ALA F 165 7.01 -11.15 -73.51
N ILE F 166 5.73 -11.24 -73.20
CA ILE F 166 5.13 -12.42 -72.60
C ILE F 166 3.78 -12.60 -73.27
N GLY F 167 3.38 -13.87 -73.36
CA GLY F 167 2.11 -14.24 -73.98
C GLY F 167 2.38 -14.83 -75.35
N LYS F 168 1.32 -14.92 -76.17
CA LYS F 168 1.34 -15.79 -77.33
C LYS F 168 2.08 -15.27 -78.53
N ALA F 169 2.30 -13.96 -78.65
CA ALA F 169 3.08 -13.46 -79.78
C ALA F 169 4.46 -12.88 -79.27
N ARG F 170 4.93 -13.50 -78.23
CA ARG F 170 6.18 -13.17 -77.57
CA ARG F 170 6.19 -13.19 -77.56
C ARG F 170 7.36 -12.99 -78.51
N GLN F 171 7.58 -14.01 -79.36
CA GLN F 171 8.70 -14.02 -80.29
C GLN F 171 8.56 -12.96 -81.33
N ALA F 172 7.41 -12.87 -81.99
CA ALA F 172 7.17 -11.78 -82.93
C ALA F 172 7.40 -10.39 -82.24
N ALA F 173 6.94 -10.24 -80.99
CA ALA F 173 7.18 -8.96 -80.26
C ALA F 173 8.67 -8.65 -80.05
N LYS F 174 9.42 -9.62 -79.55
CA LYS F 174 10.83 -9.51 -79.32
C LYS F 174 11.59 -9.13 -80.53
N THR F 175 11.26 -9.77 -81.65
CA THR F 175 11.94 -9.39 -82.89
C THR F 175 11.70 -7.91 -83.29
N GLU F 176 10.51 -7.37 -83.06
CA GLU F 176 10.25 -5.95 -83.29
C GLU F 176 10.97 -5.03 -82.27
N ILE F 177 10.97 -5.43 -80.99
CA ILE F 177 11.67 -4.72 -79.92
C ILE F 177 13.18 -4.61 -80.23
N GLU F 178 13.80 -5.71 -80.68
CA GLU F 178 15.20 -5.74 -81.09
C GLU F 178 15.60 -4.68 -82.12
N LYS F 179 14.67 -4.16 -82.90
CA LYS F 179 14.96 -3.12 -83.89
C LYS F 179 15.14 -1.74 -83.28
N LEU F 180 14.69 -1.54 -82.07
CA LEU F 180 14.82 -0.23 -81.44
C LEU F 180 16.17 -0.12 -80.78
N GLN F 181 16.76 1.07 -80.86
CA GLN F 181 17.85 1.46 -80.00
C GLN F 181 17.26 2.12 -78.73
N MET F 182 16.69 1.29 -77.85
CA MET F 182 15.97 1.82 -76.72
C MET F 182 16.85 2.56 -75.70
N LYS F 183 18.13 2.20 -75.55
CA LYS F 183 19.07 2.87 -74.60
C LYS F 183 19.18 4.38 -74.81
N GLU F 184 18.87 4.85 -76.00
CA GLU F 184 19.02 6.23 -76.36
C GLU F 184 17.67 6.90 -76.58
N MET F 185 16.57 6.26 -76.26
CA MET F 185 15.26 6.85 -76.55
C MET F 185 14.62 7.24 -75.23
N THR F 186 13.66 8.15 -75.29
CA THR F 186 12.90 8.60 -74.14
C THR F 186 11.55 7.89 -74.09
N CYS F 187 10.94 7.93 -72.92
CA CYS F 187 9.63 7.31 -72.72
C CYS F 187 8.60 7.83 -73.69
N ARG F 188 8.62 9.13 -73.95
CA ARG F 188 7.65 9.73 -74.86
C ARG F 188 7.72 9.15 -76.32
N ASP F 189 8.93 8.82 -76.79
CA ASP F 189 9.22 8.20 -78.11
C ASP F 189 8.83 6.72 -78.06
N ILE F 190 9.19 6.06 -76.95
CA ILE F 190 8.98 4.62 -76.79
C ILE F 190 7.48 4.22 -76.78
N VAL F 191 6.60 5.00 -76.12
CA VAL F 191 5.16 4.69 -76.07
C VAL F 191 4.60 4.44 -77.47
N LYS F 192 4.98 5.29 -78.40
CA LYS F 192 4.52 5.09 -79.78
C LYS F 192 4.98 3.76 -80.34
N GLU F 193 6.21 3.39 -80.06
CA GLU F 193 6.80 2.17 -80.54
C GLU F 193 6.20 0.88 -79.86
N VAL F 194 5.84 1.04 -78.59
CA VAL F 194 5.09 0.02 -77.89
C VAL F 194 3.76 -0.20 -78.60
N ALA F 195 3.03 0.86 -78.83
CA ALA F 195 1.75 0.71 -79.50
C ALA F 195 1.92 0.11 -80.85
N LYS F 196 2.88 0.60 -81.60
CA LYS F 196 3.20 0.04 -82.93
C LYS F 196 3.38 -1.49 -82.89
N ILE F 197 4.21 -1.98 -81.97
CA ILE F 197 4.52 -3.37 -81.86
C ILE F 197 3.28 -4.23 -81.44
N ILE F 198 2.46 -3.73 -80.50
CA ILE F 198 1.24 -4.44 -80.17
C ILE F 198 0.35 -4.63 -81.46
N TYR F 199 0.21 -3.59 -82.27
CA TYR F 199 -0.53 -3.69 -83.51
C TYR F 199 0.06 -4.60 -84.54
N ILE F 200 1.37 -4.67 -84.59
CA ILE F 200 2.05 -5.60 -85.48
C ILE F 200 1.73 -7.06 -85.07
N VAL F 201 1.89 -7.41 -83.81
CA VAL F 201 1.77 -8.81 -83.39
C VAL F 201 0.30 -9.31 -83.19
N HIS F 202 -0.63 -8.38 -83.07
CA HIS F 202 -2.03 -8.65 -83.00
C HIS F 202 -2.49 -9.33 -84.27
N ASP F 203 -3.19 -10.41 -84.10
CA ASP F 203 -3.78 -11.17 -85.23
C ASP F 203 -5.22 -10.69 -85.45
N GLU F 204 -5.40 -9.72 -86.32
CA GLU F 204 -6.73 -9.11 -86.51
C GLU F 204 -7.79 -10.13 -87.06
N VAL F 205 -7.35 -11.17 -87.81
CA VAL F 205 -8.29 -12.26 -88.26
C VAL F 205 -8.77 -13.10 -87.07
N LYS F 206 -7.86 -13.73 -86.35
CA LYS F 206 -8.25 -14.69 -85.29
C LYS F 206 -8.89 -14.05 -84.05
N ASP F 207 -8.41 -12.90 -83.59
CA ASP F 207 -9.07 -12.25 -82.41
C ASP F 207 -9.43 -10.77 -82.69
N LYS F 208 -10.71 -10.46 -82.61
CA LYS F 208 -11.29 -9.40 -83.42
C LYS F 208 -11.07 -8.03 -82.83
N ALA F 209 -11.11 -7.94 -81.50
CA ALA F 209 -11.19 -6.65 -80.81
C ALA F 209 -10.28 -6.63 -79.64
N PHE F 210 -9.46 -5.57 -79.56
CA PHE F 210 -8.62 -5.36 -78.41
C PHE F 210 -8.57 -3.86 -77.99
N GLU F 211 -8.19 -3.66 -76.75
CA GLU F 211 -7.90 -2.34 -76.20
C GLU F 211 -6.39 -2.31 -75.99
N LEU F 212 -5.76 -1.22 -76.37
CA LEU F 212 -4.42 -1.05 -75.99
C LEU F 212 -4.35 -0.47 -74.54
N GLU F 213 -3.60 -1.11 -73.69
CA GLU F 213 -3.36 -0.60 -72.35
C GLU F 213 -1.92 -0.15 -72.28
N LEU F 214 -1.68 1.06 -71.78
CA LEU F 214 -0.35 1.62 -71.66
C LEU F 214 -0.11 2.26 -70.27
N SER F 215 1.05 1.99 -69.72
CA SER F 215 1.51 2.62 -68.53
C SER F 215 3.03 2.91 -68.61
N TRP F 216 3.48 3.80 -67.74
CA TRP F 216 4.87 4.15 -67.69
C TRP F 216 5.32 4.66 -66.33
N VAL F 217 6.62 4.58 -66.15
CA VAL F 217 7.26 5.16 -64.99
C VAL F 217 8.58 5.69 -65.44
N GLY F 218 8.87 6.95 -65.16
CA GLY F 218 10.15 7.51 -65.61
C GLY F 218 10.42 8.90 -65.10
N GLU F 219 11.50 9.52 -65.61
CA GLU F 219 11.79 10.90 -65.22
C GLU F 219 10.55 11.76 -65.42
N LEU F 220 9.84 11.55 -66.51
CA LEU F 220 8.67 12.35 -66.85
C LEU F 220 7.46 12.17 -65.93
N THR F 221 7.41 11.10 -65.14
CA THR F 221 6.38 10.96 -64.13
C THR F 221 6.94 11.16 -62.69
N ASN F 222 8.18 11.59 -62.63
CA ASN F 222 8.94 11.71 -61.39
C ASN F 222 9.07 10.44 -60.62
N GLY F 223 9.28 9.33 -61.31
CA GLY F 223 9.41 8.10 -60.65
C GLY F 223 8.13 7.50 -60.10
N ARG F 224 6.98 8.03 -60.44
CA ARG F 224 5.70 7.42 -60.13
C ARG F 224 5.19 6.54 -61.34
N HIS F 225 4.71 5.31 -61.06
CA HIS F 225 4.11 4.48 -62.10
C HIS F 225 2.70 4.96 -62.29
N GLU F 226 2.33 5.23 -63.53
CA GLU F 226 1.07 5.90 -63.88
C GLU F 226 0.57 5.30 -65.23
N ILE F 227 -0.73 5.39 -65.45
CA ILE F 227 -1.32 5.15 -66.76
C ILE F 227 -0.82 6.19 -67.73
N VAL F 228 -0.61 5.87 -68.99
CA VAL F 228 -0.24 6.89 -69.97
C VAL F 228 -1.49 7.72 -70.13
N PRO F 229 -1.37 9.05 -70.08
CA PRO F 229 -2.56 9.83 -70.36
C PRO F 229 -3.30 9.49 -71.67
N LYS F 230 -4.62 9.62 -71.60
CA LYS F 230 -5.54 9.31 -72.69
C LYS F 230 -5.12 9.92 -74.01
N ASP F 231 -4.87 11.23 -74.05
CA ASP F 231 -4.47 11.87 -75.28
C ASP F 231 -3.15 11.29 -75.89
N ILE F 232 -2.16 11.03 -75.06
CA ILE F 232 -0.95 10.38 -75.55
C ILE F 232 -1.17 8.92 -76.03
N ARG F 233 -2.03 8.14 -75.34
CA ARG F 233 -2.36 6.80 -75.81
CA ARG F 233 -2.39 6.79 -75.78
C ARG F 233 -3.01 6.86 -77.18
N GLU F 234 -3.94 7.80 -77.38
CA GLU F 234 -4.68 7.88 -78.65
C GLU F 234 -3.78 8.27 -79.79
N GLU F 235 -2.86 9.17 -79.51
CA GLU F 235 -1.88 9.52 -80.55
C GLU F 235 -0.97 8.29 -80.90
N ALA F 236 -0.58 7.53 -79.87
CA ALA F 236 0.26 6.40 -80.11
C ALA F 236 -0.53 5.33 -80.93
N GLU F 237 -1.81 5.12 -80.64
CA GLU F 237 -2.63 4.18 -81.40
C GLU F 237 -2.71 4.64 -82.84
N LYS F 238 -3.04 5.90 -83.03
CA LYS F 238 -3.13 6.43 -84.37
C LYS F 238 -1.81 6.25 -85.14
N TYR F 239 -0.66 6.52 -84.52
CA TYR F 239 0.63 6.26 -85.13
C TYR F 239 0.87 4.78 -85.48
N ALA F 240 0.50 3.88 -84.58
CA ALA F 240 0.61 2.40 -84.78
C ALA F 240 -0.27 1.90 -85.94
N LYS F 241 -1.48 2.43 -85.99
CA LYS F 241 -2.48 2.06 -86.96
C LYS F 241 -2.04 2.53 -88.35
N GLU F 242 -1.67 3.80 -88.45
CA GLU F 242 -1.16 4.30 -89.71
C GLU F 242 0.12 3.63 -90.15
N SER F 243 0.99 3.33 -89.22
CA SER F 243 2.21 2.59 -89.52
C SER F 243 1.96 1.20 -90.08
N LEU F 244 0.87 0.55 -89.66
CA LEU F 244 0.43 -0.75 -90.21
C LEU F 244 -0.03 -0.74 -91.71
N LYS F 245 -0.78 0.29 -92.17
CA LYS F 245 -1.02 0.59 -93.59
C LYS F 245 -0.85 -0.62 -94.51
N SER G 2 14.96 -56.74 -59.24
CA SER G 2 16.15 -55.84 -59.32
C SER G 2 16.69 -55.71 -60.77
N ARG G 3 17.58 -54.73 -60.97
CA ARG G 3 18.03 -54.11 -62.25
C ARG G 3 16.88 -53.24 -62.82
N GLY G 4 16.74 -52.03 -62.29
CA GLY G 4 15.68 -51.13 -62.69
C GLY G 4 14.25 -51.49 -62.33
N SER G 5 14.00 -52.32 -61.31
CA SER G 5 12.61 -52.66 -60.93
C SER G 5 11.89 -51.53 -60.19
N SER G 6 10.56 -51.60 -60.25
CA SER G 6 9.67 -50.59 -59.71
C SER G 6 8.42 -51.24 -59.12
N ALA G 7 8.03 -50.79 -57.91
CA ALA G 7 6.73 -51.12 -57.32
C ALA G 7 6.00 -49.84 -56.86
N GLY G 8 4.68 -49.87 -57.05
CA GLY G 8 3.80 -48.90 -56.43
C GLY G 8 4.23 -47.52 -56.86
N PHE G 9 4.39 -46.62 -55.89
CA PHE G 9 4.62 -45.22 -56.22
C PHE G 9 6.09 -44.78 -56.20
N ASP G 10 6.98 -45.73 -56.31
CA ASP G 10 8.40 -45.50 -56.15
C ASP G 10 9.06 -44.66 -57.28
N ARG G 11 8.36 -44.29 -58.33
CA ARG G 11 8.87 -43.29 -59.27
C ARG G 11 8.26 -41.91 -59.19
N HIS G 12 7.25 -41.77 -58.33
CA HIS G 12 6.50 -40.56 -58.13
C HIS G 12 6.88 -39.80 -56.84
N ILE G 13 7.16 -40.53 -55.76
CA ILE G 13 7.58 -39.96 -54.46
C ILE G 13 8.79 -40.65 -53.95
N THR G 14 9.43 -40.07 -52.97
CA THR G 14 10.65 -40.57 -52.38
C THR G 14 10.43 -41.73 -51.40
N ILE G 15 9.97 -42.87 -51.93
CA ILE G 15 10.00 -44.16 -51.21
C ILE G 15 11.01 -45.06 -51.92
N PHE G 16 11.43 -46.14 -51.25
CA PHE G 16 12.46 -47.00 -51.78
C PHE G 16 11.87 -47.85 -52.92
N SER G 17 12.66 -48.04 -53.95
CA SER G 17 12.38 -49.07 -55.00
C SER G 17 12.90 -50.40 -54.49
N PRO G 18 12.59 -51.52 -55.18
CA PRO G 18 13.01 -52.85 -54.69
C PRO G 18 14.54 -53.13 -54.65
N GLU G 19 15.30 -52.33 -55.38
CA GLU G 19 16.78 -52.34 -55.21
C GLU G 19 17.22 -51.41 -54.10
N GLY G 20 16.33 -50.63 -53.50
CA GLY G 20 16.76 -49.62 -52.47
C GLY G 20 17.19 -48.29 -53.01
N ARG G 21 16.75 -47.98 -54.24
CA ARG G 21 16.98 -46.68 -54.84
C ARG G 21 15.89 -45.66 -54.57
N LEU G 22 16.22 -44.39 -54.76
CA LEU G 22 15.27 -43.32 -54.69
C LEU G 22 15.19 -42.65 -56.08
N TYR G 23 14.30 -43.14 -56.94
CA TYR G 23 14.19 -42.61 -58.27
C TYR G 23 13.95 -41.08 -58.34
N GLN G 24 13.10 -40.54 -57.45
CA GLN G 24 12.84 -39.16 -57.47
C GLN G 24 14.11 -38.30 -57.25
N VAL G 25 15.00 -38.80 -56.38
CA VAL G 25 16.30 -38.19 -56.16
C VAL G 25 17.22 -38.28 -57.42
N GLU G 26 17.29 -39.46 -58.01
CA GLU G 26 17.96 -39.65 -59.26
C GLU G 26 17.45 -38.66 -60.30
N TYR G 27 16.15 -38.47 -60.39
CA TYR G 27 15.58 -37.57 -61.38
C TYR G 27 15.96 -36.10 -61.13
N ALA G 28 16.15 -35.74 -59.86
CA ALA G 28 16.57 -34.39 -59.50
C ALA G 28 17.97 -34.14 -60.05
N PHE G 29 18.82 -35.14 -60.12
CA PHE G 29 20.13 -34.98 -60.74
C PHE G 29 20.02 -34.68 -62.23
N LYS G 30 19.09 -35.33 -62.91
CA LYS G 30 18.82 -35.02 -64.33
C LYS G 30 18.33 -33.59 -64.49
N ALA G 31 17.53 -33.10 -63.53
CA ALA G 31 17.04 -31.72 -63.60
C ALA G 31 18.18 -30.69 -63.60
N ILE G 32 19.27 -30.99 -62.92
CA ILE G 32 20.50 -30.12 -62.90
C ILE G 32 21.04 -29.84 -64.33
N ASN G 33 20.98 -30.84 -65.17
CA ASN G 33 21.38 -30.68 -66.60
C ASN G 33 20.38 -29.99 -67.52
N GLN G 34 19.13 -29.83 -67.10
CA GLN G 34 18.15 -29.17 -67.97
C GLN G 34 18.63 -27.83 -68.40
N GLY G 35 19.27 -27.10 -67.48
CA GLY G 35 19.86 -25.78 -67.73
C GLY G 35 20.92 -25.68 -68.82
N GLY G 36 21.56 -26.78 -69.20
CA GLY G 36 22.56 -26.76 -70.29
C GLY G 36 23.92 -26.22 -69.88
N LEU G 37 24.16 -25.96 -68.59
CA LEU G 37 25.41 -25.28 -68.15
C LEU G 37 26.34 -26.22 -67.38
N THR G 38 27.65 -25.91 -67.45
CA THR G 38 28.68 -26.55 -66.65
C THR G 38 29.46 -25.48 -65.82
N SER G 39 29.77 -25.87 -64.57
CA SER G 39 30.60 -25.10 -63.63
C SER G 39 31.82 -25.92 -63.15
N VAL G 40 32.93 -25.23 -62.89
CA VAL G 40 34.18 -25.80 -62.42
C VAL G 40 34.67 -25.03 -61.18
N ALA G 41 35.28 -25.72 -60.22
CA ALA G 41 35.85 -25.05 -59.04
C ALA G 41 37.14 -25.68 -58.69
N VAL G 42 38.17 -24.89 -58.41
CA VAL G 42 39.48 -25.45 -58.06
C VAL G 42 40.15 -24.66 -56.91
N ARG G 43 40.90 -25.40 -56.11
CA ARG G 43 41.56 -24.86 -54.93
C ARG G 43 43.06 -25.15 -55.02
N GLY G 44 43.85 -24.15 -54.67
CA GLY G 44 45.25 -24.30 -54.42
C GLY G 44 45.62 -23.94 -53.00
N LYS G 45 46.92 -23.77 -52.77
CA LYS G 45 47.45 -23.35 -51.46
C LYS G 45 47.01 -21.92 -51.16
N ASP G 46 46.89 -21.06 -52.15
CA ASP G 46 46.63 -19.61 -51.95
C ASP G 46 45.23 -19.16 -52.25
N ALA G 48 41.01 -20.22 -53.98
CA ALA G 48 39.96 -21.04 -54.52
C ALA G 48 39.19 -20.21 -55.49
N VAL G 49 38.79 -20.88 -56.59
CA VAL G 49 38.17 -20.22 -57.74
CA VAL G 49 38.18 -20.26 -57.74
C VAL G 49 36.93 -21.00 -58.19
N ILE G 50 35.92 -20.27 -58.60
CA ILE G 50 34.74 -20.81 -59.27
C ILE G 50 34.63 -20.14 -60.64
N VAL G 51 34.44 -20.99 -61.67
CA VAL G 51 34.20 -20.54 -63.09
C VAL G 51 32.92 -21.20 -63.60
N THR G 52 32.06 -20.46 -64.27
CA THR G 52 30.86 -21.07 -64.87
C THR G 52 30.64 -20.38 -66.20
N GLN G 53 29.84 -21.03 -67.04
CA GLN G 53 29.42 -20.45 -68.32
C GLN G 53 28.43 -19.37 -68.09
N LYS G 54 28.51 -18.36 -68.90
CA LYS G 54 27.53 -17.31 -68.86
C LYS G 54 26.94 -17.28 -70.28
N LYS G 55 25.69 -17.72 -70.43
CA LYS G 55 24.99 -17.74 -71.70
C LYS G 55 23.85 -16.75 -71.68
N VAL G 56 23.96 -15.78 -72.56
CA VAL G 56 22.99 -14.70 -72.78
C VAL G 56 22.54 -14.80 -74.26
N PRO G 57 21.65 -15.78 -74.57
CA PRO G 57 21.19 -16.01 -75.98
C PRO G 57 20.40 -14.82 -76.50
N ASP G 58 19.53 -14.29 -75.62
CA ASP G 58 18.68 -13.14 -75.88
C ASP G 58 19.46 -11.80 -75.71
N LYS G 59 19.66 -11.09 -76.79
CA LYS G 59 20.06 -9.66 -76.80
C LYS G 59 19.31 -8.70 -75.85
N LEU G 60 18.04 -8.99 -75.59
CA LEU G 60 17.19 -8.11 -74.83
C LEU G 60 17.32 -8.24 -73.33
N LEU G 61 18.04 -9.24 -72.86
CA LEU G 61 18.41 -9.41 -71.47
C LEU G 61 19.41 -8.36 -71.08
N ASP G 62 19.26 -7.91 -69.83
CA ASP G 62 20.25 -7.08 -69.17
C ASP G 62 21.21 -8.09 -68.63
N SER G 63 22.34 -8.19 -69.32
CA SER G 63 23.27 -9.27 -69.00
C SER G 63 23.95 -9.11 -67.64
N SER G 64 23.97 -7.91 -67.09
CA SER G 64 24.43 -7.74 -65.69
C SER G 64 23.56 -8.46 -64.67
N THR G 65 22.33 -8.84 -65.02
CA THR G 65 21.48 -9.59 -64.09
C THR G 65 21.53 -11.11 -64.35
N VAL G 66 22.26 -11.57 -65.37
CA VAL G 66 22.44 -12.99 -65.59
C VAL G 66 23.72 -13.47 -64.94
N THR G 67 23.58 -14.13 -63.79
CA THR G 67 24.71 -14.72 -63.10
C THR G 67 24.32 -16.01 -62.41
N HIS G 68 25.27 -16.89 -62.27
CA HIS G 68 25.18 -18.02 -61.33
C HIS G 68 26.13 -17.96 -60.15
N LEU G 69 26.78 -16.81 -59.96
CA LEU G 69 27.71 -16.58 -58.85
C LEU G 69 26.98 -15.78 -57.78
N PHE G 70 27.17 -16.16 -56.53
CA PHE G 70 26.47 -15.51 -55.47
C PHE G 70 27.33 -15.32 -54.22
N LYS G 71 27.28 -14.11 -53.66
CA LYS G 71 27.90 -13.90 -52.34
C LYS G 71 26.96 -14.45 -51.24
N ILE G 72 27.47 -15.34 -50.41
CA ILE G 72 26.72 -15.85 -49.28
C ILE G 72 26.97 -15.01 -48.00
N THR G 73 28.23 -14.75 -47.72
CA THR G 73 28.65 -13.84 -46.68
C THR G 73 29.76 -13.04 -47.35
N GLU G 74 30.39 -12.16 -46.61
CA GLU G 74 31.55 -11.47 -47.18
C GLU G 74 32.66 -12.39 -47.66
N ASN G 75 32.84 -13.47 -46.93
CA ASN G 75 33.90 -14.42 -47.14
C ASN G 75 33.56 -15.77 -47.80
N ILE G 76 32.30 -15.93 -48.20
CA ILE G 76 31.88 -17.17 -48.80
C ILE G 76 31.16 -16.85 -50.09
N GLY G 77 31.64 -17.49 -51.16
CA GLY G 77 31.04 -17.33 -52.45
C GLY G 77 30.46 -18.65 -52.94
N CYS G 78 29.57 -18.56 -53.92
CA CYS G 78 29.07 -19.79 -54.49
C CYS G 78 28.72 -19.73 -55.94
N VAL G 79 28.85 -20.87 -56.55
CA VAL G 79 28.28 -21.09 -57.91
C VAL G 79 27.15 -22.14 -57.83
N MET G 80 26.03 -21.80 -58.44
CA MET G 80 24.84 -22.62 -58.52
C MET G 80 24.72 -23.21 -59.96
N THR G 81 24.35 -24.50 -60.02
CA THR G 81 24.17 -25.16 -61.30
C THR G 81 22.81 -25.89 -61.21
N GLY G 82 21.99 -25.76 -62.26
CA GLY G 82 20.75 -26.43 -62.29
C GLY G 82 19.60 -25.46 -62.38
N MET G 83 18.43 -25.89 -61.90
CA MET G 83 17.20 -25.16 -62.08
C MET G 83 17.35 -23.82 -61.31
N THR G 84 17.07 -22.72 -61.98
CA THR G 84 17.49 -21.38 -61.56
C THR G 84 16.72 -20.92 -60.29
N ALA G 85 15.41 -20.98 -60.34
CA ALA G 85 14.61 -20.64 -59.18
C ALA G 85 14.86 -21.48 -57.93
N ASP G 86 14.98 -22.80 -58.06
CA ASP G 86 15.49 -23.64 -57.03
C ASP G 86 16.86 -23.14 -56.48
N SER G 87 17.74 -22.85 -57.38
CA SER G 87 19.06 -22.38 -56.99
C SER G 87 18.98 -21.08 -56.10
N ARG G 88 18.17 -20.14 -56.56
CA ARG G 88 18.02 -18.91 -55.85
C ARG G 88 17.48 -19.13 -54.43
N SER G 89 16.55 -20.07 -54.32
CA SER G 89 15.99 -20.45 -53.05
CA SER G 89 15.98 -20.45 -53.03
C SER G 89 17.07 -21.00 -52.13
N GLN G 90 17.90 -21.85 -52.68
CA GLN G 90 18.93 -22.45 -51.91
C GLN G 90 20.01 -21.40 -51.46
N VAL G 91 20.31 -20.44 -52.36
CA VAL G 91 21.18 -19.34 -52.04
C VAL G 91 20.61 -18.51 -50.83
N GLN G 92 19.33 -18.16 -50.86
CA GLN G 92 18.67 -17.47 -49.78
C GLN G 92 18.78 -18.22 -48.45
N ARG G 93 18.57 -19.51 -48.49
CA ARG G 93 18.67 -20.36 -47.30
C ARG G 93 20.09 -20.37 -46.79
N ALA G 94 21.04 -20.50 -47.67
CA ALA G 94 22.44 -20.43 -47.27
C ALA G 94 22.77 -19.09 -46.57
N ARG G 95 22.30 -17.99 -47.14
CA ARG G 95 22.54 -16.64 -46.59
C ARG G 95 21.94 -16.53 -45.14
N TYR G 96 20.74 -17.10 -44.97
CA TYR G 96 20.02 -17.12 -43.73
C TYR G 96 20.79 -17.97 -42.70
N GLU G 97 21.20 -19.17 -43.10
CA GLU G 97 21.93 -20.05 -42.20
C GLU G 97 23.23 -19.39 -41.73
N ALA G 98 23.97 -18.75 -42.64
CA ALA G 98 25.21 -18.14 -42.26
C ALA G 98 24.97 -16.98 -41.28
N ALA G 99 24.02 -16.12 -41.60
CA ALA G 99 23.76 -14.96 -40.78
C ALA G 99 23.32 -15.38 -39.35
N ASN G 100 22.49 -16.40 -39.31
CA ASN G 100 22.01 -16.96 -38.08
C ASN G 100 23.14 -17.56 -37.22
N TRP G 101 24.03 -18.32 -37.84
CA TRP G 101 25.20 -18.83 -37.21
C TRP G 101 26.06 -17.72 -36.57
N LYS G 102 26.34 -16.66 -37.30
CA LYS G 102 27.11 -15.59 -36.76
C LYS G 102 26.45 -14.87 -35.53
N TYR G 103 25.16 -14.61 -35.66
CA TYR G 103 24.35 -14.05 -34.55
C TYR G 103 24.41 -14.95 -33.26
N LYS G 104 24.22 -16.24 -33.43
CA LYS G 104 24.22 -17.20 -32.29
C LYS G 104 25.58 -17.50 -31.74
N TYR G 105 26.60 -17.58 -32.59
CA TYR G 105 27.88 -18.11 -32.15
C TYR G 105 29.02 -17.14 -32.10
N GLY G 106 28.85 -15.98 -32.71
CA GLY G 106 29.83 -14.93 -32.67
C GLY G 106 31.04 -15.04 -33.56
N TYR G 107 31.04 -15.97 -34.51
CA TYR G 107 32.12 -16.08 -35.53
C TYR G 107 31.49 -16.58 -36.81
N GLU G 108 32.16 -16.37 -37.91
CA GLU G 108 31.66 -16.68 -39.22
C GLU G 108 31.51 -18.20 -39.40
N ILE G 109 30.43 -18.63 -40.04
CA ILE G 109 30.22 -20.07 -40.32
C ILE G 109 31.37 -20.60 -41.23
N PRO G 110 32.01 -21.72 -40.83
CA PRO G 110 33.00 -22.39 -41.71
C PRO G 110 32.28 -22.88 -42.97
N VAL G 111 32.99 -22.80 -44.07
CA VAL G 111 32.44 -23.25 -45.34
C VAL G 111 31.94 -24.70 -45.25
N ASP G 112 32.69 -25.58 -44.62
CA ASP G 112 32.28 -26.98 -44.46
C ASP G 112 30.94 -27.13 -43.73
N MET G 113 30.73 -26.29 -42.70
CA MET G 113 29.53 -26.34 -41.90
C MET G 113 28.36 -25.78 -42.67
N LEU G 114 28.55 -24.71 -43.43
CA LEU G 114 27.50 -24.18 -44.23
C LEU G 114 27.04 -25.27 -45.31
N CYS G 115 28.02 -25.91 -45.93
CA CYS G 115 27.74 -26.94 -46.92
C CYS G 115 26.98 -28.10 -46.27
N LYS G 116 27.43 -28.55 -45.13
CA LYS G 116 26.73 -29.58 -44.37
C LYS G 116 25.34 -29.19 -44.01
N ARG G 117 25.13 -27.97 -43.50
CA ARG G 117 23.82 -27.54 -43.23
C ARG G 117 22.85 -27.56 -44.45
N ILE G 118 23.29 -27.04 -45.58
CA ILE G 118 22.41 -27.05 -46.77
C ILE G 118 22.14 -28.54 -47.17
N ALA G 119 23.16 -29.37 -47.11
CA ALA G 119 22.99 -30.75 -47.46
C ALA G 119 22.01 -31.48 -46.53
N ASP G 120 22.07 -31.13 -45.25
CA ASP G 120 21.12 -31.71 -44.27
C ASP G 120 19.68 -31.27 -44.55
N ILE G 121 19.48 -30.04 -44.96
CA ILE G 121 18.18 -29.53 -45.30
C ILE G 121 17.70 -30.30 -46.56
N SER G 122 18.58 -30.51 -47.54
CA SER G 122 18.23 -31.28 -48.76
C SER G 122 17.88 -32.75 -48.46
N GLN G 123 18.56 -33.29 -47.46
CA GLN G 123 18.27 -34.67 -47.02
C GLN G 123 16.80 -34.82 -46.68
N VAL G 124 16.23 -33.83 -46.02
CA VAL G 124 14.84 -33.91 -45.60
C VAL G 124 13.88 -34.10 -46.79
N TYR G 125 14.19 -33.45 -47.93
CA TYR G 125 13.39 -33.62 -49.14
C TYR G 125 13.50 -35.01 -49.76
N THR G 126 14.53 -35.75 -49.45
CA THR G 126 14.66 -37.12 -49.89
C THR G 126 13.89 -38.16 -49.05
N GLN G 127 13.41 -37.77 -47.89
CA GLN G 127 12.78 -38.70 -46.90
C GLN G 127 11.31 -38.42 -46.62
N ASN G 128 10.88 -37.17 -46.83
CA ASN G 128 9.54 -36.76 -46.74
C ASN G 128 8.87 -36.68 -48.10
N ALA G 129 7.67 -37.21 -48.20
CA ALA G 129 7.05 -37.47 -49.53
C ALA G 129 6.41 -36.31 -50.19
N GLU G 130 6.09 -35.27 -49.41
CA GLU G 130 5.20 -34.26 -49.93
C GLU G 130 5.83 -33.10 -50.78
N MET G 131 7.13 -33.03 -50.79
CA MET G 131 7.78 -32.05 -51.62
C MET G 131 8.85 -32.70 -52.48
N ARG G 132 9.28 -32.06 -53.58
CA ARG G 132 10.39 -32.59 -54.35
C ARG G 132 11.73 -32.08 -53.87
N PRO G 133 12.79 -32.82 -54.16
CA PRO G 133 14.09 -32.20 -54.11
C PRO G 133 14.24 -30.99 -55.00
N LEU G 134 15.24 -30.15 -54.68
CA LEU G 134 15.65 -29.01 -55.51
C LEU G 134 16.55 -29.55 -56.58
N GLY G 135 16.28 -29.19 -57.82
CA GLY G 135 17.08 -29.71 -58.91
C GLY G 135 18.28 -28.81 -59.17
N CYS G 136 19.12 -28.69 -58.17
CA CYS G 136 20.28 -27.83 -58.30
C CYS G 136 21.38 -28.37 -57.41
N MET G 138 25.10 -26.95 -55.37
CA MET G 138 25.77 -25.75 -54.83
C MET G 138 27.23 -26.06 -54.61
N ILE G 139 28.09 -25.19 -55.12
CA ILE G 139 29.51 -25.24 -54.85
C ILE G 139 29.93 -23.94 -54.09
N LEU G 140 30.57 -24.14 -52.93
CA LEU G 140 30.94 -23.08 -52.02
C LEU G 140 32.43 -22.96 -52.01
N ILE G 141 32.92 -21.72 -51.98
CA ILE G 141 34.34 -21.47 -51.72
C ILE G 141 34.51 -20.47 -50.53
N GLY G 142 35.59 -20.68 -49.80
CA GLY G 142 36.05 -19.73 -48.73
C GLY G 142 37.37 -20.13 -48.18
N ILE G 143 37.97 -19.25 -47.37
CA ILE G 143 39.25 -19.53 -46.70
C ILE G 143 38.94 -19.92 -45.24
N ASP G 144 39.43 -21.07 -44.83
CA ASP G 144 39.47 -21.48 -43.47
C ASP G 144 40.79 -21.14 -42.89
N GLU G 145 40.77 -20.62 -41.67
CA GLU G 145 41.98 -20.03 -41.06
C GLU G 145 43.09 -21.05 -40.84
N GLU G 146 42.74 -22.30 -40.54
CA GLU G 146 43.73 -23.42 -40.39
C GLU G 146 43.96 -24.22 -41.71
N GLN G 147 42.90 -24.60 -42.40
CA GLN G 147 43.00 -25.52 -43.53
C GLN G 147 43.25 -24.82 -44.90
N GLY G 148 43.16 -23.52 -44.96
CA GLY G 148 43.39 -22.79 -46.17
C GLY G 148 42.13 -22.68 -47.05
N PRO G 149 42.33 -22.40 -48.36
CA PRO G 149 41.22 -22.32 -49.32
C PRO G 149 40.36 -23.63 -49.33
N GLN G 150 39.07 -23.49 -49.41
CA GLN G 150 38.15 -24.65 -49.40
C GLN G 150 37.26 -24.61 -50.61
N VAL G 151 37.01 -25.79 -51.16
CA VAL G 151 35.92 -25.95 -52.17
C VAL G 151 35.01 -27.05 -51.66
N TYR G 152 33.72 -26.77 -51.49
CA TYR G 152 32.75 -27.79 -51.01
C TYR G 152 31.61 -27.84 -52.00
N LYS G 153 31.04 -29.04 -52.19
CA LYS G 153 29.89 -29.23 -53.03
C LYS G 153 28.79 -30.04 -52.32
N CYS G 154 27.56 -29.63 -52.47
CA CYS G 154 26.42 -30.44 -52.09
C CYS G 154 25.40 -30.63 -53.21
N ASP G 155 24.59 -31.70 -53.11
CA ASP G 155 23.77 -32.17 -54.19
C ASP G 155 22.32 -32.52 -53.70
N PRO G 156 21.43 -32.86 -54.66
CA PRO G 156 20.02 -33.06 -54.28
C PRO G 156 19.77 -34.36 -53.44
N ALA G 157 20.74 -35.26 -53.34
CA ALA G 157 20.65 -36.42 -52.45
C ALA G 157 21.01 -36.02 -51.00
N GLY G 158 21.51 -34.80 -50.79
CA GLY G 158 22.07 -34.41 -49.48
C GLY G 158 23.48 -34.93 -49.21
N TYR G 159 24.17 -35.46 -50.24
CA TYR G 159 25.60 -35.75 -50.11
C TYR G 159 26.40 -34.43 -50.15
N TYR G 160 27.56 -34.37 -49.47
CA TYR G 160 28.46 -33.26 -49.59
C TYR G 160 29.87 -33.71 -49.37
N GLY G 162 34.18 -31.99 -49.47
CA GLY G 162 35.22 -30.99 -49.81
C GLY G 162 36.08 -31.57 -50.94
N PHE G 163 36.69 -30.71 -51.73
CA PHE G 163 37.45 -31.14 -52.91
C PHE G 163 38.72 -30.31 -53.19
N LYS G 164 39.65 -30.94 -53.89
CA LYS G 164 40.74 -30.26 -54.55
C LYS G 164 40.21 -29.48 -55.75
N ALA G 165 39.31 -30.15 -56.47
CA ALA G 165 38.64 -29.50 -57.56
C ALA G 165 37.42 -30.29 -57.79
N THR G 166 36.42 -29.65 -58.36
CA THR G 166 35.24 -30.36 -58.75
C THR G 166 34.47 -29.62 -59.85
N ALA G 167 33.37 -30.23 -60.28
CA ALA G 167 32.54 -29.66 -61.29
C ALA G 167 31.09 -30.03 -61.12
N ALA G 168 30.24 -29.38 -61.91
CA ALA G 168 28.83 -29.65 -61.92
C ALA G 168 28.19 -29.36 -63.26
N GLY G 169 27.03 -29.98 -63.47
CA GLY G 169 26.25 -29.74 -64.68
C GLY G 169 26.62 -30.68 -65.85
N VAL G 170 26.37 -30.21 -67.07
CA VAL G 170 26.28 -31.09 -68.24
C VAL G 170 27.58 -31.85 -68.43
N LYS G 171 28.72 -31.16 -68.28
CA LYS G 171 30.03 -31.77 -68.52
C LYS G 171 30.81 -32.12 -67.27
N GLN G 172 30.08 -32.45 -66.23
CA GLN G 172 30.68 -32.77 -64.95
C GLN G 172 31.69 -33.92 -65.05
N THR G 173 31.32 -34.99 -65.75
CA THR G 173 32.16 -36.19 -65.83
C THR G 173 33.46 -35.96 -66.53
N GLU G 174 33.37 -35.21 -67.61
CA GLU G 174 34.50 -34.87 -68.44
C GLU G 174 35.39 -33.89 -67.68
N SER G 175 34.79 -32.96 -66.93
CA SER G 175 35.56 -32.05 -66.08
C SER G 175 36.30 -32.85 -65.04
N THR G 176 35.60 -33.74 -64.35
CA THR G 176 36.23 -34.60 -63.36
C THR G 176 37.41 -35.38 -63.90
N SER G 177 37.28 -35.97 -65.10
CA SER G 177 38.39 -36.65 -65.80
C SER G 177 39.58 -35.75 -66.07
N PHE G 178 39.31 -34.59 -66.67
CA PHE G 178 40.34 -33.60 -66.94
C PHE G 178 41.11 -33.23 -65.64
N LEU G 179 40.37 -32.98 -64.54
CA LEU G 179 40.99 -32.46 -63.31
C LEU G 179 41.81 -33.53 -62.65
N GLU G 180 41.27 -34.76 -62.59
CA GLU G 180 42.03 -35.91 -62.11
C GLU G 180 43.33 -36.08 -62.85
N LYS G 181 43.28 -36.08 -64.18
CA LYS G 181 44.49 -36.30 -65.00
C LYS G 181 45.51 -35.23 -64.64
N LYS G 182 45.06 -34.00 -64.42
CA LYS G 182 45.98 -32.87 -64.14
C LYS G 182 46.57 -32.93 -62.71
N VAL G 183 45.77 -33.25 -61.68
CA VAL G 183 46.41 -33.36 -60.31
C VAL G 183 47.43 -34.47 -60.06
N LYS G 184 47.25 -35.62 -60.70
CA LYS G 184 48.18 -36.71 -60.57
C LYS G 184 49.60 -36.26 -60.93
N LYS G 185 49.72 -35.58 -62.07
CA LYS G 185 50.97 -34.91 -62.57
C LYS G 185 51.65 -34.02 -61.54
N LYS G 186 50.83 -33.27 -60.81
CA LYS G 186 51.27 -32.23 -59.86
C LYS G 186 51.84 -32.80 -58.52
N PHE G 187 52.99 -32.25 -58.07
CA PHE G 187 53.65 -32.67 -56.80
C PHE G 187 52.82 -32.30 -55.52
N ASP G 188 52.70 -33.33 -54.67
CA ASP G 188 51.86 -33.32 -53.46
C ASP G 188 50.40 -33.15 -53.88
N TRP G 189 50.07 -33.72 -55.06
CA TRP G 189 48.71 -33.73 -55.66
C TRP G 189 47.89 -32.43 -55.45
N THR G 190 48.48 -31.27 -55.77
CA THR G 190 47.82 -29.99 -55.50
C THR G 190 47.98 -29.00 -56.65
N PHE G 191 46.88 -28.33 -56.99
CA PHE G 191 46.84 -27.34 -58.08
C PHE G 191 47.59 -26.08 -57.64
N GLU G 192 48.30 -25.49 -58.58
CA GLU G 192 49.07 -24.25 -58.32
C GLU G 192 48.51 -23.04 -59.16
N GLN G 193 48.22 -23.25 -60.45
CA GLN G 193 47.67 -22.20 -61.32
C GLN G 193 46.18 -22.33 -61.39
N THR G 194 45.51 -21.79 -60.39
CA THR G 194 44.20 -22.30 -60.12
C THR G 194 43.12 -21.70 -61.04
N VAL G 195 43.23 -20.39 -61.29
CA VAL G 195 42.28 -19.78 -62.22
C VAL G 195 42.48 -20.34 -63.64
N GLU G 196 43.74 -20.59 -64.04
CA GLU G 196 44.02 -21.15 -65.39
C GLU G 196 43.53 -22.58 -65.58
N THR G 197 43.71 -23.41 -64.56
CA THR G 197 43.20 -24.76 -64.58
C THR G 197 41.69 -24.76 -64.79
N ALA G 198 40.98 -23.91 -64.01
CA ALA G 198 39.53 -23.86 -64.04
C ALA G 198 39.01 -23.47 -65.42
N ILE G 199 39.55 -22.39 -65.96
CA ILE G 199 39.13 -21.93 -67.30
C ILE G 199 39.51 -22.93 -68.37
N THR G 200 40.69 -23.50 -68.26
CA THR G 200 41.19 -24.47 -69.24
C THR G 200 40.30 -25.71 -69.22
N CYS G 201 39.97 -26.20 -68.03
CA CYS G 201 39.10 -27.34 -67.89
C CYS G 201 37.81 -27.05 -68.57
N LEU G 202 37.25 -25.89 -68.33
CA LEU G 202 35.94 -25.60 -68.89
C LEU G 202 35.99 -25.52 -70.39
N SER G 203 37.03 -24.90 -70.90
CA SER G 203 37.22 -24.70 -72.34
C SER G 203 37.43 -26.01 -73.07
N THR G 204 38.21 -26.91 -72.47
CA THR G 204 38.44 -28.22 -73.07
C THR G 204 37.15 -29.01 -73.16
N VAL G 205 36.46 -29.19 -72.04
CA VAL G 205 35.30 -30.07 -72.03
C VAL G 205 34.13 -29.54 -72.86
N LEU G 206 34.04 -28.22 -73.07
CA LEU G 206 33.04 -27.61 -73.97
C LEU G 206 33.51 -27.37 -75.42
N SER G 207 34.82 -27.46 -75.65
CA SER G 207 35.45 -27.07 -76.89
C SER G 207 35.10 -25.66 -77.35
N ILE G 208 35.29 -24.62 -76.51
CA ILE G 208 34.81 -23.28 -76.86
C ILE G 208 35.89 -22.22 -77.11
N ASP G 209 36.90 -22.09 -76.26
CA ASP G 209 37.85 -20.92 -76.38
C ASP G 209 37.04 -19.60 -76.17
N PHE G 210 36.93 -19.21 -74.91
CA PHE G 210 35.93 -18.22 -74.52
C PHE G 210 36.24 -16.79 -74.89
N LYS G 211 35.21 -15.99 -75.06
CA LYS G 211 35.31 -14.55 -74.92
C LYS G 211 35.18 -14.22 -73.43
N PRO G 212 35.67 -13.04 -73.01
CA PRO G 212 35.48 -12.68 -71.59
C PRO G 212 34.04 -12.48 -71.08
N SER G 213 33.09 -12.22 -71.97
CA SER G 213 31.66 -12.14 -71.62
C SER G 213 30.91 -13.46 -71.51
N GLU G 214 31.58 -14.56 -71.84
CA GLU G 214 30.95 -15.90 -71.86
C GLU G 214 31.23 -16.80 -70.64
N ILE G 215 32.09 -16.34 -69.72
CA ILE G 215 32.28 -16.98 -68.44
C ILE G 215 32.19 -15.91 -67.31
N GLU G 216 31.97 -16.40 -66.10
CA GLU G 216 32.07 -15.63 -64.87
C GLU G 216 33.07 -16.36 -63.97
N VAL G 217 33.82 -15.58 -63.21
CA VAL G 217 34.88 -16.08 -62.36
C VAL G 217 34.72 -15.41 -61.01
N GLY G 218 34.74 -16.21 -59.94
CA GLY G 218 34.74 -15.74 -58.55
C GLY G 218 35.89 -16.34 -57.79
N VAL G 219 36.48 -15.59 -56.84
CA VAL G 219 37.64 -15.99 -56.14
C VAL G 219 37.62 -15.65 -54.63
N VAL G 220 38.34 -16.43 -53.84
CA VAL G 220 38.76 -16.08 -52.47
C VAL G 220 40.22 -16.44 -52.35
N THR G 221 40.99 -15.59 -51.66
CA THR G 221 42.41 -15.84 -51.46
C THR G 221 42.82 -15.72 -49.98
N VAL G 222 43.90 -16.36 -49.63
CA VAL G 222 44.42 -16.27 -48.28
C VAL G 222 44.77 -14.80 -47.92
N GLU G 223 45.39 -14.10 -48.83
CA GLU G 223 45.62 -12.69 -48.62
C GLU G 223 44.37 -11.82 -48.69
N ASN G 224 43.36 -12.21 -49.47
CA ASN G 224 42.17 -11.42 -49.66
C ASN G 224 40.97 -12.37 -49.56
N PRO G 225 40.51 -12.69 -48.32
CA PRO G 225 39.47 -13.68 -48.11
C PRO G 225 38.11 -13.26 -48.53
N LYS G 226 37.86 -11.98 -48.72
CA LYS G 226 36.57 -11.54 -49.15
C LYS G 226 36.27 -12.10 -50.57
N PHE G 227 35.11 -12.66 -50.77
CA PHE G 227 34.74 -13.17 -52.10
C PHE G 227 34.68 -12.04 -53.13
N ARG G 228 35.32 -12.24 -54.25
CA ARG G 228 35.39 -11.24 -55.31
C ARG G 228 35.01 -11.83 -56.68
N ILE G 229 34.23 -11.06 -57.45
CA ILE G 229 33.84 -11.40 -58.82
C ILE G 229 34.72 -10.61 -59.79
N LEU G 230 35.38 -11.32 -60.71
CA LEU G 230 36.22 -10.71 -61.66
C LEU G 230 35.37 -9.94 -62.64
N THR G 231 35.89 -8.79 -63.07
CA THR G 231 35.36 -8.03 -64.15
C THR G 231 35.69 -8.77 -65.50
N GLU G 232 35.08 -8.30 -66.57
CA GLU G 232 35.38 -8.72 -67.93
C GLU G 232 36.85 -8.52 -68.29
N ALA G 233 37.39 -7.34 -68.01
CA ALA G 233 38.78 -7.01 -68.30
C ALA G 233 39.74 -7.89 -67.53
N GLU G 234 39.46 -8.10 -66.27
CA GLU G 234 40.26 -9.01 -65.50
C GLU G 234 40.29 -10.43 -66.17
N ILE G 235 39.09 -10.93 -66.52
CA ILE G 235 38.92 -12.25 -67.12
C ILE G 235 39.66 -12.28 -68.46
N ASP G 236 39.49 -11.20 -69.21
CA ASP G 236 40.22 -11.05 -70.46
C ASP G 236 41.71 -11.19 -70.22
N ALA G 237 42.26 -10.59 -69.17
CA ALA G 237 43.71 -10.73 -68.96
C ALA G 237 44.15 -12.21 -68.81
N HIS G 238 43.29 -13.04 -68.22
CA HIS G 238 43.57 -14.46 -68.08
C HIS G 238 43.43 -15.18 -69.42
N LEU G 239 42.39 -14.89 -70.16
CA LEU G 239 42.22 -15.44 -71.49
C LEU G 239 43.40 -15.15 -72.43
N VAL G 240 43.95 -13.93 -72.36
CA VAL G 240 45.04 -13.46 -73.24
C VAL G 240 46.33 -14.11 -72.79
N ALA G 241 46.53 -14.24 -71.46
CA ALA G 241 47.76 -14.85 -70.91
C ALA G 241 47.87 -16.33 -71.27
N LEU G 242 46.71 -16.98 -71.32
CA LEU G 242 46.61 -18.37 -71.76
C LEU G 242 46.86 -18.55 -73.24
N ALA G 243 46.19 -17.73 -74.06
CA ALA G 243 46.33 -17.77 -75.51
C ALA G 243 47.80 -17.57 -76.01
N GLU G 244 48.59 -16.86 -75.22
CA GLU G 244 49.99 -16.59 -75.50
C GLU G 244 51.08 -17.49 -74.85
N ARG G 245 51.21 -18.77 -75.26
CA ARG G 245 52.43 -19.57 -74.95
C ARG G 245 52.95 -20.41 -76.14
N THR H 1 29.95 -15.24 -2.02
CA THR H 1 30.82 -15.74 -3.05
C THR H 1 31.83 -14.65 -3.54
N THR H 2 33.06 -15.07 -3.74
CA THR H 2 34.05 -14.29 -4.41
C THR H 2 34.58 -15.14 -5.59
N ILE H 3 34.37 -14.63 -6.80
CA ILE H 3 34.93 -15.19 -8.00
C ILE H 3 35.62 -14.09 -8.80
N ALA H 4 36.62 -14.51 -9.51
CA ALA H 4 37.48 -13.58 -10.23
C ALA H 4 38.23 -14.29 -11.33
N GLY H 5 38.72 -13.46 -12.23
CA GLY H 5 39.61 -13.90 -13.23
C GLY H 5 40.55 -12.79 -13.74
N VAL H 6 41.64 -13.25 -14.31
CA VAL H 6 42.69 -12.45 -14.91
C VAL H 6 43.15 -13.07 -16.23
N VAL H 7 43.47 -12.18 -17.19
CA VAL H 7 44.30 -12.52 -18.37
C VAL H 7 45.79 -12.26 -18.06
N TYR H 8 46.62 -13.30 -18.14
CA TYR H 8 48.05 -13.19 -18.02
C TYR H 8 48.76 -13.43 -19.37
N LYS H 9 50.09 -13.42 -19.39
CA LYS H 9 50.85 -13.40 -20.65
C LYS H 9 50.38 -14.51 -21.62
N ASP H 10 50.17 -15.70 -21.07
CA ASP H 10 49.93 -16.91 -21.85
C ASP H 10 48.57 -17.52 -21.64
N GLY H 11 47.66 -16.83 -20.97
CA GLY H 11 46.41 -17.46 -20.64
C GLY H 11 45.52 -16.72 -19.69
N ILE H 12 44.71 -17.51 -19.02
CA ILE H 12 43.68 -17.06 -18.08
C ILE H 12 43.91 -17.73 -16.70
N VAL H 13 43.74 -16.98 -15.61
CA VAL H 13 43.60 -17.59 -14.30
C VAL H 13 42.25 -17.21 -13.75
N LEU H 14 41.46 -18.24 -13.40
CA LEU H 14 40.20 -18.08 -12.71
C LEU H 14 40.34 -18.48 -11.29
N GLY H 15 39.53 -17.86 -10.46
CA GLY H 15 39.59 -18.10 -9.01
C GLY H 15 38.22 -18.10 -8.39
N ALA H 16 38.09 -18.82 -7.27
CA ALA H 16 36.85 -18.82 -6.52
C ALA H 16 37.04 -19.29 -5.08
N ASP H 17 36.16 -18.83 -4.19
CA ASP H 17 36.07 -19.35 -2.83
C ASP H 17 35.14 -20.60 -2.88
N THR H 18 34.90 -21.22 -1.72
CA THR H 18 34.15 -22.47 -1.65
C THR H 18 32.99 -22.52 -0.65
N ARG H 19 32.55 -21.36 -0.15
CA ARG H 19 31.38 -21.24 0.71
C ARG H 19 30.10 -21.11 -0.04
N ALA H 20 29.13 -21.92 0.31
CA ALA H 20 27.73 -21.63 -0.04
C ALA H 20 26.93 -21.36 1.26
N THR H 21 26.05 -20.36 1.23
CA THR H 21 25.26 -19.99 2.34
C THR H 21 23.78 -20.19 2.02
N GLU H 22 23.00 -20.49 3.06
CA GLU H 22 21.54 -20.38 3.02
C GLU H 22 21.20 -19.42 4.14
N GLY H 23 20.58 -18.31 3.81
CA GLY H 23 20.45 -17.19 4.77
C GLY H 23 21.85 -16.75 5.22
N MET H 24 22.06 -16.64 6.50
CA MET H 24 23.35 -16.26 6.99
C MET H 24 23.97 -17.45 7.71
N VAL H 25 23.72 -18.67 7.19
CA VAL H 25 24.32 -19.89 7.64
C VAL H 25 25.12 -20.52 6.53
N VAL H 26 26.28 -21.05 6.87
CA VAL H 26 27.07 -21.84 5.89
C VAL H 26 26.46 -23.23 5.69
N ALA H 27 25.98 -23.50 4.49
CA ALA H 27 25.45 -24.82 4.07
C ALA H 27 26.52 -25.75 3.54
N ASP H 28 27.42 -25.21 2.76
CA ASP H 28 28.53 -25.99 2.23
C ASP H 28 29.83 -25.23 2.42
N LYS H 29 30.79 -25.91 3.00
CA LYS H 29 32.11 -25.40 3.22
C LYS H 29 32.99 -25.63 2.04
N ASN H 30 32.56 -26.49 1.12
CA ASN H 30 33.43 -26.87 0.02
C ASN H 30 32.71 -27.07 -1.29
N CYS H 31 31.99 -26.07 -1.71
CA CYS H 31 31.31 -26.25 -2.97
C CYS H 31 32.24 -25.76 -4.10
N SER H 32 32.00 -26.27 -5.30
CA SER H 32 32.86 -26.02 -6.45
C SER H 32 32.23 -24.98 -7.31
N LYS H 33 32.88 -23.81 -7.44
CA LYS H 33 32.29 -22.71 -8.20
C LYS H 33 32.93 -22.48 -9.57
N ILE H 34 33.98 -23.22 -9.90
CA ILE H 34 34.64 -23.09 -11.20
C ILE H 34 34.13 -24.25 -12.10
N HIS H 35 33.22 -23.95 -12.99
CA HIS H 35 32.48 -25.00 -13.72
C HIS H 35 33.11 -25.22 -15.14
N PHE H 36 33.18 -26.51 -15.55
CA PHE H 36 33.61 -26.94 -16.84
C PHE H 36 32.64 -26.38 -17.91
N ILE H 37 33.20 -25.80 -18.97
CA ILE H 37 32.41 -25.43 -20.15
C ILE H 37 32.82 -26.29 -21.32
N SER H 38 34.12 -26.29 -21.62
CA SER H 38 34.69 -27.18 -22.60
C SER H 38 36.14 -27.43 -22.15
N PRO H 39 36.91 -28.35 -22.79
CA PRO H 39 38.27 -28.54 -22.29
C PRO H 39 39.15 -27.28 -22.22
N ASN H 40 38.85 -26.24 -22.99
CA ASN H 40 39.60 -25.02 -23.06
C ASN H 40 38.89 -23.80 -22.49
N ILE H 41 37.71 -24.01 -21.90
CA ILE H 41 36.90 -22.93 -21.39
C ILE H 41 36.26 -23.34 -20.03
N TYR H 42 36.44 -22.48 -19.03
CA TYR H 42 35.77 -22.64 -17.72
C TYR H 42 35.06 -21.34 -17.35
N CYS H 43 34.17 -21.47 -16.36
CA CYS H 43 33.28 -20.40 -15.95
C CYS H 43 33.06 -20.48 -14.44
N CYS H 44 33.47 -19.45 -13.72
CA CYS H 44 33.08 -19.26 -12.29
C CYS H 44 31.68 -18.77 -12.18
N GLY H 45 30.98 -19.24 -11.17
CA GLY H 45 29.61 -18.80 -10.95
C GLY H 45 29.32 -18.24 -9.55
N ALA H 46 28.55 -17.16 -9.53
CA ALA H 46 28.01 -16.53 -8.32
C ALA H 46 26.52 -16.28 -8.48
N GLY H 47 25.80 -16.24 -7.42
CA GLY H 47 24.42 -15.80 -7.43
C GLY H 47 23.63 -16.99 -6.96
N THR H 48 22.49 -17.25 -7.58
CA THR H 48 21.61 -18.39 -7.20
C THR H 48 22.24 -19.70 -7.69
N ALA H 49 22.60 -20.56 -6.75
CA ALA H 49 23.48 -21.68 -7.00
C ALA H 49 22.87 -22.64 -8.03
N ALA H 50 21.58 -22.93 -7.95
CA ALA H 50 20.98 -23.93 -8.87
C ALA H 50 21.05 -23.29 -10.32
N ASP H 51 20.86 -21.96 -10.40
CA ASP H 51 20.93 -21.24 -11.69
C ASP H 51 22.28 -21.23 -12.31
N THR H 52 23.33 -21.07 -11.51
CA THR H 52 24.67 -21.11 -12.04
C THR H 52 25.04 -22.53 -12.52
N ASP H 53 24.75 -23.53 -11.70
CA ASP H 53 24.98 -24.92 -12.06
C ASP H 53 24.23 -25.30 -13.36
N MET H 54 22.94 -25.03 -13.42
CA MET H 54 22.14 -25.47 -14.52
C MET H 54 22.49 -24.71 -15.83
N THR H 55 22.75 -23.42 -15.72
CA THR H 55 23.09 -22.57 -16.86
C THR H 55 24.40 -23.01 -17.47
N THR H 56 25.44 -23.18 -16.66
CA THR H 56 26.73 -23.61 -17.15
C THR H 56 26.69 -25.00 -17.73
N GLN H 57 25.97 -25.90 -17.07
CA GLN H 57 25.80 -27.28 -17.61
C GLN H 57 25.11 -27.26 -19.00
N LEU H 58 24.08 -26.46 -19.17
CA LEU H 58 23.33 -26.43 -20.43
C LEU H 58 24.19 -25.90 -21.57
N ILE H 59 24.87 -24.79 -21.30
CA ILE H 59 25.76 -24.22 -22.29
C ILE H 59 26.90 -25.13 -22.62
N SER H 60 27.46 -25.77 -21.61
CA SER H 60 28.55 -26.73 -21.82
C SER H 60 28.07 -27.87 -22.74
N SER H 61 26.88 -28.38 -22.46
CA SER H 61 26.28 -29.41 -23.31
C SER H 61 26.03 -28.91 -24.80
N ASN H 62 25.46 -27.70 -24.96
CA ASN H 62 25.25 -27.17 -26.32
C ASN H 62 26.56 -26.93 -27.03
N LEU H 63 27.62 -26.55 -26.28
CA LEU H 63 28.92 -26.37 -26.87
C LEU H 63 29.55 -27.65 -27.29
N GLU H 64 29.32 -28.72 -26.54
CA GLU H 64 29.80 -30.01 -26.92
C GLU H 64 29.12 -30.48 -28.22
N LEU H 65 27.81 -30.31 -28.36
CA LEU H 65 27.11 -30.56 -29.62
C LEU H 65 27.71 -29.70 -30.78
N HIS H 66 27.99 -28.44 -30.49
CA HIS H 66 28.61 -27.56 -31.46
C HIS H 66 29.96 -28.09 -31.90
N SER H 67 30.84 -28.40 -30.96
CA SER H 67 32.18 -28.86 -31.29
C SER H 67 32.24 -30.23 -31.93
N LEU H 68 31.36 -31.11 -31.53
CA LEU H 68 31.20 -32.41 -32.19
C LEU H 68 30.87 -32.20 -33.72
N SER H 69 29.98 -31.27 -33.98
CA SER H 69 29.60 -30.91 -35.30
C SER H 69 30.74 -30.28 -36.12
N THR H 70 31.34 -29.24 -35.60
CA THR H 70 32.39 -28.51 -36.30
C THR H 70 33.70 -29.30 -36.44
N GLY H 71 33.93 -30.24 -35.50
CA GLY H 71 35.23 -30.88 -35.34
C GLY H 71 36.30 -29.90 -34.77
N ARG H 72 35.97 -28.71 -34.30
CA ARG H 72 36.98 -27.76 -33.82
C ARG H 72 36.76 -27.49 -32.31
N LEU H 73 37.83 -27.02 -31.74
CA LEU H 73 37.86 -26.49 -30.35
C LEU H 73 36.94 -25.25 -30.31
N PRO H 74 36.06 -25.16 -29.32
CA PRO H 74 35.13 -24.04 -29.31
C PRO H 74 35.77 -22.70 -28.95
N ARG H 75 35.06 -21.64 -29.24
CA ARG H 75 35.54 -20.30 -28.95
C ARG H 75 34.89 -19.70 -27.72
N VAL H 76 35.63 -18.85 -27.03
CA VAL H 76 35.11 -18.21 -25.85
C VAL H 76 33.95 -17.32 -26.23
N VAL H 77 34.03 -16.59 -27.37
CA VAL H 77 32.88 -15.76 -27.78
C VAL H 77 31.60 -16.54 -27.95
N THR H 78 31.70 -17.77 -28.39
CA THR H 78 30.51 -18.59 -28.56
C THR H 78 29.84 -18.91 -27.22
N ALA H 79 30.63 -19.31 -26.25
CA ALA H 79 30.06 -19.52 -24.87
C ALA H 79 29.41 -18.23 -24.34
N ASN H 80 30.11 -17.11 -24.55
CA ASN H 80 29.63 -15.78 -24.11
C ASN H 80 28.30 -15.47 -24.73
N ARG H 81 28.21 -15.58 -26.06
CA ARG H 81 26.93 -15.32 -26.71
C ARG H 81 25.80 -16.22 -26.26
N MET H 82 26.08 -17.50 -26.18
CA MET H 82 25.04 -18.46 -25.76
C MET H 82 24.53 -18.13 -24.33
N LEU H 83 25.46 -17.88 -23.43
CA LEU H 83 25.09 -17.50 -22.02
C LEU H 83 24.28 -16.21 -22.00
N LYS H 84 24.78 -15.19 -22.69
CA LYS H 84 24.14 -13.88 -22.59
C LYS H 84 22.77 -13.84 -23.28
N GLN H 85 22.61 -14.51 -24.43
CA GLN H 85 21.34 -14.58 -25.08
C GLN H 85 20.28 -15.36 -24.20
N MET H 86 20.69 -16.43 -23.54
CA MET H 86 19.78 -17.11 -22.66
C MET H 86 19.42 -16.24 -21.41
N LEU H 87 20.43 -15.68 -20.76
CA LEU H 87 20.17 -14.79 -19.62
C LEU H 87 19.30 -13.59 -19.97
N PHE H 88 19.52 -12.99 -21.15
CA PHE H 88 18.69 -11.87 -21.57
C PHE H 88 17.25 -12.26 -21.71
N ARG H 89 17.02 -13.36 -22.44
CA ARG H 89 15.67 -13.89 -22.62
C ARG H 89 14.92 -14.02 -21.27
N TYR H 90 15.62 -14.44 -20.22
CA TYR H 90 14.97 -14.67 -18.91
C TYR H 90 14.90 -13.43 -18.04
N GLN H 91 15.43 -12.30 -18.51
CA GLN H 91 15.15 -10.98 -17.92
C GLN H 91 15.67 -10.85 -16.50
N GLY H 92 16.75 -11.54 -16.22
CA GLY H 92 17.33 -11.48 -14.89
C GLY H 92 16.74 -12.47 -13.93
N TYR H 93 15.72 -13.23 -14.33
CA TYR H 93 15.15 -14.23 -13.40
C TYR H 93 16.03 -15.42 -13.20
N ILE H 94 17.00 -15.66 -14.08
CA ILE H 94 18.00 -16.67 -13.84
C ILE H 94 19.16 -15.95 -13.23
N GLY H 95 19.44 -16.20 -11.95
CA GLY H 95 20.31 -15.32 -11.17
C GLY H 95 21.73 -15.81 -11.24
N ALA H 96 22.30 -15.83 -12.43
CA ALA H 96 23.64 -16.35 -12.68
C ALA H 96 24.56 -15.16 -13.03
N ALA H 97 25.63 -15.00 -12.26
CA ALA H 97 26.59 -14.00 -12.43
C ALA H 97 27.91 -14.76 -12.63
N LEU H 98 28.51 -14.59 -13.82
CA LEU H 98 29.55 -15.47 -14.26
C LEU H 98 30.83 -14.80 -14.66
N VAL H 99 31.91 -15.49 -14.39
CA VAL H 99 33.18 -15.14 -14.92
C VAL H 99 33.61 -16.23 -15.89
N LEU H 100 33.67 -15.88 -17.16
CA LEU H 100 33.95 -16.86 -18.21
C LEU H 100 35.35 -16.58 -18.77
N GLY H 101 36.19 -17.60 -18.75
CA GLY H 101 37.52 -17.50 -19.27
C GLY H 101 37.91 -18.71 -20.07
N GLY H 102 38.66 -18.49 -21.14
CA GLY H 102 39.30 -19.57 -21.84
C GLY H 102 40.35 -19.15 -22.86
N VAL H 103 40.86 -20.15 -23.55
CA VAL H 103 41.84 -19.95 -24.59
C VAL H 103 41.40 -20.73 -25.85
N ASP H 104 41.29 -20.00 -26.95
CA ASP H 104 40.82 -20.56 -28.21
C ASP H 104 41.86 -20.22 -29.31
N VAL H 105 41.54 -20.51 -30.58
CA VAL H 105 42.44 -20.22 -31.68
C VAL H 105 42.83 -18.78 -31.74
N THR H 106 41.98 -17.86 -31.32
CA THR H 106 42.36 -16.44 -31.19
C THR H 106 43.04 -16.01 -29.89
N GLY H 107 43.45 -16.98 -29.07
CA GLY H 107 44.14 -16.66 -27.81
C GLY H 107 43.25 -16.62 -26.57
N PRO H 108 43.75 -16.00 -25.48
CA PRO H 108 42.98 -15.85 -24.24
C PRO H 108 41.89 -14.81 -24.24
N HIS H 109 40.76 -15.09 -23.58
CA HIS H 109 39.65 -14.17 -23.52
C HIS H 109 38.93 -14.34 -22.17
N LEU H 110 38.49 -13.21 -21.59
CA LEU H 110 37.84 -13.19 -20.29
C LEU H 110 36.66 -12.25 -20.31
N TYR H 111 35.49 -12.75 -19.86
CA TYR H 111 34.28 -11.96 -19.85
C TYR H 111 33.60 -12.04 -18.49
N SER H 112 32.90 -10.99 -18.09
CA SER H 112 32.02 -11.10 -16.97
C SER H 112 30.63 -11.08 -17.58
N ILE H 113 29.72 -11.91 -17.08
CA ILE H 113 28.36 -12.00 -17.54
C ILE H 113 27.40 -11.83 -16.42
N TYR H 114 26.48 -10.86 -16.56
CA TYR H 114 25.52 -10.51 -15.57
C TYR H 114 24.15 -11.17 -15.79
N PRO H 115 23.33 -11.34 -14.70
CA PRO H 115 22.07 -12.05 -14.81
C PRO H 115 21.12 -11.55 -15.85
N HIS H 116 21.11 -10.25 -16.09
CA HIS H 116 20.19 -9.68 -17.04
C HIS H 116 20.73 -9.80 -18.54
N GLY H 117 21.93 -10.30 -18.71
CA GLY H 117 22.47 -10.59 -20.02
C GLY H 117 23.50 -9.60 -20.52
N SER H 118 24.01 -8.65 -19.70
CA SER H 118 25.11 -7.78 -20.19
C SER H 118 26.36 -8.54 -20.00
N THR H 119 27.35 -8.27 -20.83
CA THR H 119 28.66 -8.85 -20.70
C THR H 119 29.72 -7.72 -20.92
N ASP H 120 30.86 -7.90 -20.30
CA ASP H 120 31.99 -7.01 -20.44
C ASP H 120 33.22 -7.89 -20.74
N LYS H 121 34.00 -7.52 -21.74
CA LYS H 121 35.21 -8.25 -22.05
C LYS H 121 36.36 -7.39 -21.49
N LEU H 122 37.14 -7.95 -20.58
CA LEU H 122 38.07 -7.18 -19.77
C LEU H 122 39.22 -8.03 -19.36
N PRO H 123 40.36 -7.44 -19.00
CA PRO H 123 41.51 -8.24 -18.63
C PRO H 123 41.51 -8.72 -17.18
N TYR H 124 40.61 -8.17 -16.36
CA TYR H 124 40.33 -8.71 -15.08
C TYR H 124 38.93 -8.35 -14.62
N VAL H 125 38.31 -9.28 -13.92
CA VAL H 125 36.95 -9.11 -13.46
C VAL H 125 36.73 -9.84 -12.16
N THR H 126 35.75 -9.37 -11.43
CA THR H 126 35.31 -9.98 -10.20
C THR H 126 33.79 -9.98 -10.13
N MET H 127 33.23 -10.95 -9.39
CA MET H 127 31.78 -11.01 -9.18
CA MET H 127 31.78 -11.01 -9.16
C MET H 127 31.51 -11.65 -7.79
N GLY H 128 30.28 -11.49 -7.33
CA GLY H 128 29.83 -12.07 -6.03
C GLY H 128 29.83 -11.02 -4.92
N SER H 129 29.34 -11.42 -3.77
CA SER H 129 29.29 -10.51 -2.62
C SER H 129 30.70 -9.99 -2.20
N GLY H 130 31.75 -10.72 -2.55
CA GLY H 130 33.13 -10.39 -2.27
C GLY H 130 33.83 -9.66 -3.40
N SER H 131 33.08 -9.22 -4.41
CA SER H 131 33.72 -8.77 -5.60
C SER H 131 34.50 -7.43 -5.42
N LEU H 132 34.09 -6.58 -4.50
CA LEU H 132 34.80 -5.31 -4.33
C LEU H 132 36.12 -5.50 -3.62
N ALA H 133 36.14 -6.41 -2.64
CA ALA H 133 37.39 -6.76 -1.99
C ALA H 133 38.39 -7.33 -3.01
N ALA H 134 37.95 -8.27 -3.84
CA ALA H 134 38.79 -8.82 -4.86
C ALA H 134 39.20 -7.76 -5.90
N MET H 135 38.28 -6.87 -6.26
CA MET H 135 38.60 -5.84 -7.25
C MET H 135 39.61 -4.85 -6.72
N ALA H 136 39.54 -4.54 -5.43
CA ALA H 136 40.56 -3.65 -4.85
C ALA H 136 41.96 -4.24 -5.03
N VAL H 137 42.12 -5.54 -4.82
CA VAL H 137 43.40 -6.19 -5.00
C VAL H 137 43.90 -6.02 -6.41
N PHE H 138 43.01 -6.36 -7.37
CA PHE H 138 43.31 -6.21 -8.81
C PHE H 138 43.66 -4.77 -9.17
N GLU H 139 42.88 -3.76 -8.72
CA GLU H 139 43.22 -2.39 -9.12
C GLU H 139 44.59 -1.97 -8.59
N ASP H 140 44.92 -2.40 -7.38
CA ASP H 140 46.14 -2.07 -6.70
C ASP H 140 47.38 -2.75 -7.30
N LYS H 141 47.22 -3.97 -7.85
CA LYS H 141 48.36 -4.87 -8.15
C LYS H 141 48.39 -5.52 -9.57
N PHE H 142 47.30 -5.53 -10.30
CA PHE H 142 47.34 -6.11 -11.65
C PHE H 142 48.38 -5.37 -12.55
N ARG H 143 49.10 -6.13 -13.39
CA ARG H 143 49.92 -5.54 -14.44
C ARG H 143 49.56 -6.33 -15.67
N PRO H 144 49.58 -5.71 -16.84
CA PRO H 144 49.46 -6.57 -18.07
C PRO H 144 50.61 -7.56 -18.21
N ASP H 145 50.34 -8.72 -18.78
CA ASP H 145 51.36 -9.66 -19.21
C ASP H 145 52.10 -10.26 -18.04
N MET H 146 51.40 -10.57 -16.99
CA MET H 146 52.08 -11.25 -15.90
C MET H 146 52.45 -12.65 -16.32
N GLU H 147 53.44 -13.18 -15.63
CA GLU H 147 53.82 -14.58 -15.70
C GLU H 147 52.79 -15.43 -14.92
N GLU H 148 52.78 -16.73 -15.20
CA GLU H 148 51.81 -17.63 -14.68
C GLU H 148 51.75 -17.52 -13.15
N GLU H 149 52.89 -17.69 -12.49
CA GLU H 149 52.93 -17.72 -11.04
C GLU H 149 52.51 -16.39 -10.40
N GLU H 150 52.88 -15.26 -11.02
CA GLU H 150 52.42 -13.95 -10.56
C GLU H 150 50.91 -13.87 -10.68
N ALA H 151 50.35 -14.33 -11.79
CA ALA H 151 48.92 -14.23 -12.00
C ALA H 151 48.16 -15.08 -11.00
N LYS H 152 48.70 -16.25 -10.68
CA LYS H 152 48.06 -17.16 -9.74
C LYS H 152 48.12 -16.55 -8.32
N ASN H 153 49.25 -15.95 -7.96
CA ASN H 153 49.39 -15.17 -6.71
C ASN H 153 48.39 -14.04 -6.57
N LEU H 154 48.22 -13.28 -7.65
CA LEU H 154 47.29 -12.17 -7.65
C LEU H 154 45.85 -12.67 -7.51
N VAL H 155 45.46 -13.69 -8.25
CA VAL H 155 44.10 -14.20 -8.15
C VAL H 155 43.81 -14.78 -6.76
N SER H 156 44.74 -15.53 -6.18
CA SER H 156 44.48 -16.08 -4.87
C SER H 156 44.46 -15.00 -3.81
N GLU H 157 45.31 -13.99 -3.93
CA GLU H 157 45.20 -12.82 -3.06
C GLU H 157 43.83 -12.14 -3.11
N ALA H 158 43.30 -12.02 -4.32
CA ALA H 158 42.02 -11.39 -4.53
C ALA H 158 40.88 -12.17 -3.99
N ILE H 159 40.92 -13.48 -4.15
CA ILE H 159 39.90 -14.37 -3.55
C ILE H 159 40.05 -14.29 -2.01
N ALA H 160 41.28 -14.28 -1.49
CA ALA H 160 41.52 -14.21 -0.06
C ALA H 160 40.91 -12.93 0.55
N ALA H 161 41.05 -11.82 -0.17
CA ALA H 161 40.41 -10.56 0.23
C ALA H 161 38.91 -10.70 0.41
N GLY H 162 38.23 -11.37 -0.52
CA GLY H 162 36.82 -11.64 -0.36
C GLY H 162 36.52 -12.58 0.77
N ILE H 163 37.32 -13.63 0.89
CA ILE H 163 37.15 -14.62 1.99
C ILE H 163 37.15 -14.00 3.40
N PHE H 164 38.11 -13.13 3.61
CA PHE H 164 38.31 -12.55 4.91
C PHE H 164 37.46 -11.31 5.17
N ASN H 165 37.03 -10.60 4.13
CA ASN H 165 36.25 -9.36 4.30
C ASN H 165 34.76 -9.41 3.98
N ASP H 166 34.30 -10.51 3.42
CA ASP H 166 32.92 -10.67 3.09
C ASP H 166 32.38 -11.89 3.88
N LEU H 167 31.28 -11.64 4.58
CA LEU H 167 30.62 -12.69 5.34
C LEU H 167 30.03 -13.79 4.40
N GLY H 168 29.71 -13.42 3.17
CA GLY H 168 29.26 -14.36 2.17
C GLY H 168 30.30 -15.29 1.59
N SER H 169 31.56 -15.11 1.93
CA SER H 169 32.65 -15.88 1.34
C SER H 169 33.45 -16.56 2.36
N GLY H 170 34.02 -17.69 1.98
CA GLY H 170 34.90 -18.43 2.89
C GLY H 170 35.58 -19.68 2.39
N SER H 171 36.25 -20.31 3.32
CA SER H 171 36.79 -21.63 3.22
C SER H 171 37.94 -21.53 2.24
N ASN H 172 37.98 -22.35 1.21
CA ASN H 172 39.19 -22.54 0.40
C ASN H 172 39.24 -21.62 -0.83
N ILE H 173 40.43 -21.56 -1.44
CA ILE H 173 40.66 -20.87 -2.68
C ILE H 173 40.89 -21.95 -3.75
N ASP H 174 40.02 -22.00 -4.76
CA ASP H 174 40.25 -22.83 -5.97
C ASP H 174 40.72 -21.94 -7.11
N LEU H 175 41.65 -22.44 -7.93
CA LEU H 175 42.06 -21.77 -9.15
C LEU H 175 41.91 -22.69 -10.35
N CYS H 176 41.78 -22.09 -11.53
CA CYS H 176 41.90 -22.82 -12.78
C CYS H 176 42.81 -22.04 -13.72
N VAL H 177 43.89 -22.66 -14.16
CA VAL H 177 44.85 -22.03 -15.02
C VAL H 177 44.67 -22.62 -16.42
N ILE H 178 44.38 -21.77 -17.39
CA ILE H 178 44.19 -22.19 -18.79
C ILE H 178 45.18 -21.48 -19.67
N SER H 179 46.00 -22.24 -20.39
CA SER H 179 46.87 -21.71 -21.50
C SER H 179 46.70 -22.53 -22.80
N LYS H 180 47.41 -22.15 -23.88
CA LYS H 180 47.43 -22.98 -25.14
C LYS H 180 47.82 -24.43 -24.84
N ASN H 181 48.71 -24.64 -23.87
CA ASN H 181 49.34 -25.91 -23.61
C ASN H 181 48.81 -26.74 -22.45
N LYS H 182 48.05 -26.15 -21.55
CA LYS H 182 47.86 -26.71 -20.23
C LYS H 182 46.51 -26.28 -19.69
N LEU H 183 45.88 -27.21 -18.95
CA LEU H 183 44.78 -26.88 -18.07
C LEU H 183 45.10 -27.37 -16.69
N ASP H 184 45.21 -26.46 -15.72
CA ASP H 184 45.53 -26.86 -14.32
C ASP H 184 44.31 -26.48 -13.53
N PHE H 185 43.58 -27.47 -13.06
CA PHE H 185 42.35 -27.26 -12.24
C PHE H 185 42.81 -27.55 -10.88
N LEU H 186 42.96 -26.50 -10.05
CA LEU H 186 43.63 -26.59 -8.75
C LEU H 186 42.55 -26.40 -7.66
N ARG H 187 41.99 -27.54 -7.21
CA ARG H 187 40.92 -27.62 -6.23
CA ARG H 187 40.93 -27.63 -6.23
C ARG H 187 41.32 -28.61 -5.12
N PRO H 188 41.68 -28.15 -3.92
CA PRO H 188 41.87 -26.75 -3.54
C PRO H 188 43.24 -26.22 -3.96
N TYR H 189 43.39 -24.92 -4.16
CA TYR H 189 44.66 -24.28 -4.34
C TYR H 189 45.23 -23.96 -3.02
N THR H 190 44.44 -23.32 -2.14
CA THR H 190 44.81 -22.98 -0.75
C THR H 190 43.63 -23.25 0.21
N VAL H 191 43.97 -23.57 1.46
CA VAL H 191 42.97 -23.94 2.48
C VAL H 191 43.37 -23.02 3.60
N PRO H 192 43.09 -21.71 3.48
CA PRO H 192 43.47 -20.77 4.55
C PRO H 192 42.59 -20.83 5.81
N ASN H 193 41.51 -21.58 5.77
CA ASN H 193 40.61 -21.76 6.92
C ASN H 193 40.35 -23.21 7.32
N LYS H 194 40.37 -23.44 8.62
CA LYS H 194 40.32 -24.78 9.20
C LYS H 194 39.45 -24.71 10.46
N LYS H 195 38.69 -25.76 10.70
CA LYS H 195 38.02 -25.91 11.96
C LYS H 195 39.04 -26.12 13.04
N GLY H 196 38.88 -25.38 14.13
CA GLY H 196 39.66 -25.66 15.35
C GLY H 196 39.40 -27.08 15.85
N THR H 197 40.27 -27.59 16.70
CA THR H 197 40.06 -28.95 17.14
C THR H 197 39.18 -29.00 18.38
N ARG H 198 38.64 -30.20 18.58
CA ARG H 198 37.68 -30.50 19.61
C ARG H 198 38.45 -30.88 20.87
N LEU H 199 38.12 -30.25 22.00
CA LEU H 199 38.85 -30.41 23.27
C LEU H 199 38.24 -31.47 24.18
N GLY H 200 36.91 -31.58 24.17
CA GLY H 200 36.18 -32.62 24.91
C GLY H 200 35.72 -33.75 24.01
N ARG H 201 35.55 -34.96 24.55
CA ARG H 201 34.92 -36.08 23.76
C ARG H 201 33.45 -36.47 24.17
N TYR H 202 32.62 -36.60 23.15
CA TYR H 202 31.22 -37.03 23.28
C TYR H 202 30.96 -38.36 22.43
N ARG H 203 31.86 -39.33 22.62
CA ARG H 203 31.75 -40.73 22.12
C ARG H 203 30.76 -41.53 23.04
N CYS H 204 29.48 -41.33 22.72
CA CYS H 204 28.40 -41.84 23.55
C CYS H 204 28.22 -43.34 23.21
N GLU H 205 28.46 -44.16 24.22
CA GLU H 205 28.45 -45.58 24.11
C GLU H 205 27.08 -46.16 23.87
N LYS H 206 27.07 -47.37 23.29
CA LYS H 206 25.85 -48.09 22.98
C LYS H 206 24.97 -48.18 24.23
N GLY H 207 23.69 -47.84 24.08
CA GLY H 207 22.71 -47.84 25.14
C GLY H 207 22.34 -46.47 25.71
N THR H 208 23.19 -45.46 25.46
CA THR H 208 22.96 -44.06 25.81
C THR H 208 21.62 -43.51 25.31
N THR H 209 21.28 -43.85 24.06
CA THR H 209 20.00 -43.51 23.44
C THR H 209 18.98 -44.58 23.70
N ALA H 210 17.92 -44.29 24.46
CA ALA H 210 16.86 -45.26 24.68
C ALA H 210 16.04 -45.51 23.38
N VAL H 211 15.68 -46.76 23.13
CA VAL H 211 15.06 -47.18 21.88
C VAL H 211 13.70 -47.74 22.17
N LEU H 212 12.66 -47.26 21.46
CA LEU H 212 11.31 -47.78 21.59
C LEU H 212 11.08 -49.04 20.75
N THR H 213 11.55 -49.05 19.52
CA THR H 213 11.21 -50.12 18.55
C THR H 213 12.43 -50.35 17.69
N GLU H 214 12.64 -51.58 17.26
CA GLU H 214 13.74 -51.92 16.39
C GLU H 214 13.28 -53.00 15.36
N LYS H 215 13.66 -52.80 14.11
CA LYS H 215 13.47 -53.82 13.08
C LYS H 215 14.76 -53.89 12.26
N ILE H 216 15.32 -55.11 12.19
CA ILE H 216 16.41 -55.46 11.33
C ILE H 216 15.81 -56.14 10.09
N THR H 217 16.12 -55.60 8.93
CA THR H 217 15.80 -56.23 7.63
C THR H 217 17.10 -56.65 6.93
N PRO H 218 17.36 -57.97 6.83
CA PRO H 218 18.56 -58.49 6.15
C PRO H 218 18.44 -58.30 4.63
N LEU H 219 19.56 -58.01 3.97
CA LEU H 219 19.62 -57.77 2.52
C LEU H 219 20.57 -58.77 1.81
N GLU H 220 20.45 -58.93 0.49
CA GLU H 220 21.38 -59.82 -0.28
C GLU H 220 22.79 -59.32 -0.52
N SER I 2 6.30 -18.21 7.12
CA SER I 2 7.22 -18.92 6.15
C SER I 2 6.60 -20.27 5.66
N ILE I 3 6.54 -20.50 4.36
CA ILE I 3 5.89 -21.68 3.81
C ILE I 3 6.53 -22.93 4.38
N MET I 4 7.83 -22.89 4.57
CA MET I 4 8.60 -24.02 5.00
C MET I 4 8.41 -24.37 6.39
N SER I 5 7.86 -23.51 7.19
CA SER I 5 7.57 -23.90 8.52
C SER I 5 6.09 -24.22 8.81
N TYR I 6 5.24 -24.23 7.77
CA TYR I 6 3.81 -24.37 7.97
C TYR I 6 3.55 -25.76 8.64
N ASN I 7 4.32 -26.74 8.23
CA ASN I 7 4.26 -28.10 8.76
C ASN I 7 5.40 -28.46 9.76
N GLY I 8 6.46 -27.67 9.78
CA GLY I 8 7.60 -28.01 10.64
C GLY I 8 8.30 -29.24 10.14
N GLY I 9 9.27 -29.74 10.90
CA GLY I 9 9.88 -30.98 10.61
C GLY I 9 11.36 -30.89 10.34
N ALA I 10 12.00 -32.01 10.48
CA ALA I 10 13.45 -32.08 10.37
C ALA I 10 13.92 -33.40 9.87
N VAL I 11 14.90 -33.37 8.95
CA VAL I 11 15.59 -34.55 8.52
C VAL I 11 17.07 -34.32 8.55
N MET I 12 17.82 -35.38 8.77
CA MET I 12 19.28 -35.35 8.63
C MET I 12 19.85 -36.66 8.17
N ALA I 13 21.06 -36.61 7.64
CA ALA I 13 21.77 -37.81 7.25
C ALA I 13 23.21 -37.67 7.64
N MET I 14 23.84 -38.82 7.84
CA MET I 14 25.17 -38.86 8.39
CA MET I 14 25.17 -38.86 8.39
C MET I 14 25.96 -40.06 7.87
N LYS I 15 27.23 -39.81 7.54
CA LYS I 15 28.13 -40.80 7.05
C LYS I 15 28.97 -41.45 8.17
N GLY I 16 29.09 -42.76 8.09
CA GLY I 16 30.07 -43.53 8.85
C GLY I 16 31.00 -44.36 7.95
N LYS I 17 31.76 -45.25 8.55
N LYS I 17 31.69 -45.30 8.62
CA LYS I 17 32.82 -45.98 7.82
CA LYS I 17 32.53 -46.34 8.02
C LYS I 17 32.55 -46.63 6.41
C LYS I 17 31.64 -47.47 7.60
N ASN I 18 31.60 -47.56 6.30
CA ASN I 18 30.88 -48.39 5.32
C ASN I 18 29.40 -48.46 5.63
N CYS I 19 28.86 -47.34 6.16
CA CYS I 19 27.47 -47.27 6.55
C CYS I 19 27.02 -45.83 6.54
N VAL I 20 25.70 -45.62 6.41
CA VAL I 20 25.12 -44.29 6.47
C VAL I 20 23.88 -44.38 7.35
N ALA I 21 23.45 -43.22 7.81
CA ALA I 21 22.27 -43.06 8.66
C ALA I 21 21.41 -41.90 8.18
N ILE I 22 20.10 -42.07 8.29
CA ILE I 22 19.19 -41.04 7.94
C ILE I 22 18.11 -41.09 9.01
N ALA I 23 17.65 -39.92 9.43
CA ALA I 23 16.70 -39.73 10.52
C ALA I 23 15.71 -38.60 10.24
N ALA I 24 14.55 -38.70 10.89
CA ALA I 24 13.52 -37.74 10.76
C ALA I 24 12.68 -37.67 12.02
N ASP I 25 12.07 -36.51 12.30
CA ASP I 25 11.04 -36.39 13.28
C ASP I 25 9.76 -36.98 12.70
N ARG I 26 8.74 -37.12 13.53
CA ARG I 26 7.53 -37.88 13.17
CA ARG I 26 7.54 -37.89 13.17
C ARG I 26 6.26 -37.06 13.17
N ARG I 27 6.33 -35.83 13.67
CA ARG I 27 5.19 -34.93 13.68
C ARG I 27 4.68 -34.52 12.30
N PHE I 28 3.36 -34.60 12.14
CA PHE I 28 2.65 -33.89 11.08
C PHE I 28 1.73 -32.97 11.80
N GLY I 29 2.00 -31.68 11.64
CA GLY I 29 1.19 -30.67 12.17
C GLY I 29 0.96 -29.54 11.23
N ILE I 30 -0.05 -28.74 11.56
CA ILE I 30 -0.48 -27.58 10.84
C ILE I 30 -0.39 -26.36 11.79
N GLN I 31 0.63 -25.53 11.51
CA GLN I 31 1.06 -24.45 12.40
C GLN I 31 1.16 -25.06 13.83
N ALA I 32 0.47 -24.53 14.84
CA ALA I 32 0.66 -24.99 16.17
C ALA I 32 0.12 -26.45 16.37
N GLN I 33 -0.88 -26.86 15.60
CA GLN I 33 -1.63 -28.06 15.92
C GLN I 33 -0.99 -29.37 15.38
N MET I 34 -0.55 -30.22 16.30
CA MET I 34 -0.20 -31.59 15.93
C MET I 34 -1.48 -32.30 15.42
N VAL I 35 -1.32 -32.96 14.29
CA VAL I 35 -2.45 -33.79 13.66
C VAL I 35 -2.14 -35.26 13.84
N THR I 36 -0.89 -35.65 13.62
CA THR I 36 -0.51 -37.01 13.78
C THR I 36 0.90 -37.09 14.24
N THR I 37 1.31 -38.23 14.78
CA THR I 37 2.65 -38.46 15.25
C THR I 37 3.40 -39.63 14.61
N ASP I 38 3.03 -40.04 13.39
CA ASP I 38 3.72 -41.15 12.73
C ASP I 38 3.81 -40.85 11.25
N PHE I 39 4.13 -39.61 10.88
CA PHE I 39 4.09 -39.18 9.50
C PHE I 39 5.43 -39.54 8.87
N GLN I 40 5.37 -40.18 7.74
CA GLN I 40 6.56 -40.65 7.07
C GLN I 40 7.22 -39.54 6.21
N LYS I 41 8.52 -39.40 6.40
CA LYS I 41 9.34 -38.37 5.72
C LYS I 41 10.55 -38.96 5.03
N ILE I 42 10.89 -40.21 5.34
CA ILE I 42 11.98 -40.93 4.76
C ILE I 42 11.41 -42.10 3.93
N PHE I 43 11.84 -42.21 2.66
CA PHE I 43 11.29 -43.17 1.69
C PHE I 43 12.38 -43.94 1.02
N PRO I 44 12.19 -45.27 0.90
CA PRO I 44 13.16 -46.12 0.19
C PRO I 44 13.17 -45.85 -1.31
N MET I 45 14.37 -45.75 -1.86
CA MET I 45 14.55 -45.56 -3.29
C MET I 45 15.45 -46.68 -3.85
N GLY I 46 15.62 -47.73 -3.09
CA GLY I 46 16.50 -48.82 -3.38
C GLY I 46 16.70 -49.55 -2.06
N ASP I 47 17.31 -50.70 -2.15
CA ASP I 47 17.56 -51.47 -0.97
C ASP I 47 18.47 -50.74 0.03
N ARG I 48 19.42 -49.96 -0.49
CA ARG I 48 20.43 -49.26 0.26
C ARG I 48 20.49 -47.75 -0.04
N LEU I 49 19.34 -47.17 -0.32
CA LEU I 49 19.26 -45.80 -0.77
C LEU I 49 17.93 -45.22 -0.36
N TYR I 50 17.98 -44.18 0.47
CA TYR I 50 16.82 -43.55 1.01
C TYR I 50 16.87 -42.04 0.75
N ILE I 51 15.68 -41.44 0.70
CA ILE I 51 15.51 -40.04 0.58
C ILE I 51 14.61 -39.54 1.69
N GLY I 52 15.05 -38.47 2.36
CA GLY I 52 14.32 -37.79 3.39
C GLY I 52 13.93 -36.41 3.00
N LEU I 53 12.70 -36.03 3.26
CA LEU I 53 12.17 -34.78 2.83
C LEU I 53 11.52 -34.03 3.97
N ALA I 54 12.01 -32.80 4.20
CA ALA I 54 11.36 -31.87 5.11
C ALA I 54 10.85 -30.76 4.31
N GLY I 55 9.85 -30.10 4.86
CA GLY I 55 9.22 -28.96 4.25
C GLY I 55 7.73 -29.14 4.28
N LEU I 56 7.05 -28.62 3.29
CA LEU I 56 5.60 -28.65 3.22
C LEU I 56 5.14 -30.09 2.91
N ALA I 57 4.28 -30.61 3.80
CA ALA I 57 3.95 -32.06 3.84
C ALA I 57 3.39 -32.49 2.50
N THR I 58 2.53 -31.69 1.88
CA THR I 58 1.99 -32.07 0.60
C THR I 58 3.07 -32.32 -0.47
N ASP I 59 4.13 -31.48 -0.46
CA ASP I 59 5.24 -31.56 -1.40
C ASP I 59 6.24 -32.64 -1.02
N VAL I 60 6.40 -32.91 0.26
CA VAL I 60 7.13 -34.08 0.71
C VAL I 60 6.57 -35.36 0.00
N GLN I 61 5.25 -35.47 -0.03
CA GLN I 61 4.54 -36.65 -0.55
C GLN I 61 4.56 -36.65 -2.09
N THR I 62 4.28 -35.51 -2.69
CA THR I 62 4.34 -35.38 -4.14
C THR I 62 5.74 -35.68 -4.70
N VAL I 63 6.76 -35.09 -4.12
CA VAL I 63 8.13 -35.30 -4.58
C VAL I 63 8.54 -36.73 -4.42
N ALA I 64 8.26 -37.35 -3.26
CA ALA I 64 8.56 -38.75 -3.03
C ALA I 64 7.87 -39.64 -4.13
N GLN I 65 6.62 -39.34 -4.45
CA GLN I 65 5.82 -40.12 -5.40
C GLN I 65 6.25 -39.91 -6.83
N ARG I 66 6.52 -38.69 -7.21
CA ARG I 66 6.89 -38.39 -8.57
C ARG I 66 8.31 -38.87 -8.80
N LEU I 67 9.14 -38.78 -7.78
CA LEU I 67 10.48 -39.33 -7.86
C LEU I 67 10.45 -40.87 -8.07
N LYS I 68 9.58 -41.54 -7.33
CA LYS I 68 9.50 -42.97 -7.45
C LYS I 68 9.06 -43.40 -8.89
N PHE I 69 8.09 -42.69 -9.43
CA PHE I 69 7.63 -42.84 -10.79
C PHE I 69 8.83 -42.83 -11.73
N ARG I 70 9.64 -41.79 -11.61
CA ARG I 70 10.77 -41.64 -12.49
C ARG I 70 11.81 -42.70 -12.29
N LEU I 71 12.08 -43.01 -11.04
CA LEU I 71 13.07 -44.01 -10.72
C LEU I 71 12.67 -45.41 -11.22
N ASN I 72 11.42 -45.76 -11.04
CA ASN I 72 10.96 -47.09 -11.44
C ASN I 72 11.10 -47.26 -12.95
N LEU I 73 10.80 -46.19 -13.70
CA LEU I 73 10.98 -46.21 -15.15
C LEU I 73 12.43 -46.35 -15.54
N TYR I 74 13.28 -45.56 -14.87
CA TYR I 74 14.71 -45.69 -15.06
C TYR I 74 15.22 -47.11 -14.85
N GLU I 75 14.85 -47.73 -13.74
CA GLU I 75 15.39 -49.02 -13.39
C GLU I 75 14.90 -50.10 -14.33
N LEU I 76 13.66 -50.01 -14.79
CA LEU I 76 13.12 -50.93 -15.80
C LEU I 76 13.88 -50.78 -17.13
N LYS I 77 14.17 -49.56 -17.51
CA LYS I 77 14.81 -49.30 -18.82
C LYS I 77 16.29 -49.62 -18.77
N GLU I 78 16.91 -49.30 -17.64
CA GLU I 78 18.34 -49.47 -17.48
C GLU I 78 18.49 -50.86 -16.85
N GLY I 79 19.71 -51.30 -16.89
CA GLY I 79 19.83 -52.67 -16.37
C GLY I 79 19.53 -52.97 -14.91
N ARG I 80 19.26 -51.97 -14.07
CA ARG I 80 20.00 -51.87 -12.84
C ARG I 80 19.49 -50.87 -11.83
N GLN I 81 20.00 -51.05 -10.63
CA GLN I 81 19.69 -50.18 -9.55
C GLN I 81 20.43 -48.86 -9.70
N ILE I 82 19.73 -47.79 -9.40
CA ILE I 82 20.33 -46.46 -9.54
C ILE I 82 21.47 -46.22 -8.54
N LYS I 83 22.55 -45.64 -9.03
CA LYS I 83 23.59 -45.11 -8.19
C LYS I 83 23.18 -43.85 -7.36
N PRO I 84 23.73 -43.72 -6.14
CA PRO I 84 23.31 -42.59 -5.30
C PRO I 84 23.45 -41.23 -5.99
N TYR I 85 24.60 -40.98 -6.56
CA TYR I 85 24.89 -39.75 -7.23
C TYR I 85 23.90 -39.42 -8.38
N THR I 86 23.50 -40.49 -9.08
CA THR I 86 22.53 -40.40 -10.13
C THR I 86 21.16 -40.08 -9.60
N LEU I 87 20.75 -40.68 -8.48
CA LEU I 87 19.50 -40.30 -7.83
C LEU I 87 19.47 -38.79 -7.49
N MET I 88 20.55 -38.32 -6.90
CA MET I 88 20.70 -36.89 -6.63
C MET I 88 20.40 -36.09 -7.92
N SER I 89 21.00 -36.48 -9.03
CA SER I 89 20.87 -35.72 -10.26
C SER I 89 19.44 -35.73 -10.75
N MET I 90 18.82 -36.91 -10.66
CA MET I 90 17.42 -37.09 -11.05
C MET I 90 16.55 -36.15 -10.24
N VAL I 91 16.81 -36.08 -8.94
CA VAL I 91 16.03 -35.25 -8.04
C VAL I 91 16.28 -33.77 -8.37
N ALA I 92 17.52 -33.39 -8.58
CA ALA I 92 17.87 -32.01 -8.99
C ALA I 92 17.10 -31.56 -10.21
N ASN I 93 17.05 -32.44 -11.22
CA ASN I 93 16.38 -32.14 -12.43
C ASN I 93 14.89 -32.03 -12.17
N LEU I 94 14.31 -32.97 -11.37
CA LEU I 94 12.89 -32.84 -11.02
C LEU I 94 12.54 -31.48 -10.31
N LEU I 95 13.35 -31.11 -9.33
CA LEU I 95 13.12 -29.85 -8.60
C LEU I 95 13.33 -28.61 -9.48
N TYR I 96 14.36 -28.60 -10.33
CA TYR I 96 14.65 -27.42 -11.19
C TYR I 96 13.63 -27.22 -12.34
N GLU I 97 12.93 -28.28 -12.79
CA GLU I 97 11.78 -28.09 -13.67
C GLU I 97 10.78 -27.15 -13.10
N LYS I 98 10.68 -27.09 -11.77
CA LYS I 98 9.76 -26.16 -11.11
C LYS I 98 10.44 -24.91 -10.55
N ARG I 99 11.53 -24.53 -11.20
CA ARG I 99 12.34 -23.38 -10.81
C ARG I 99 11.51 -22.15 -10.45
N PHE I 100 10.49 -21.85 -11.25
CA PHE I 100 9.68 -20.69 -11.03
C PHE I 100 8.33 -20.96 -10.28
N GLY I 101 8.12 -22.15 -9.72
CA GLY I 101 6.95 -22.42 -8.84
C GLY I 101 7.30 -23.69 -8.11
N PRO I 102 8.28 -23.62 -7.24
CA PRO I 102 8.92 -24.81 -6.72
C PRO I 102 8.08 -25.59 -5.74
N TYR I 103 8.47 -26.84 -5.58
CA TYR I 103 8.03 -27.70 -4.52
C TYR I 103 8.76 -27.19 -3.28
N TYR I 104 8.06 -27.15 -2.15
CA TYR I 104 8.66 -26.62 -0.92
C TYR I 104 9.17 -27.74 -0.10
N THR I 105 10.23 -28.32 -0.61
CA THR I 105 10.89 -29.36 0.07
C THR I 105 12.37 -29.37 -0.23
N GLU I 106 13.18 -29.76 0.74
CA GLU I 106 14.63 -29.73 0.65
C GLU I 106 15.17 -31.05 1.10
N PRO I 107 15.32 -31.99 0.17
CA PRO I 107 15.65 -33.38 0.53
C PRO I 107 17.05 -33.63 0.97
N VAL I 108 17.22 -34.74 1.70
CA VAL I 108 18.50 -35.35 1.93
C VAL I 108 18.43 -36.76 1.37
N ILE I 109 19.55 -37.22 0.84
CA ILE I 109 19.70 -38.57 0.38
C ILE I 109 20.80 -39.29 1.14
N ALA I 110 20.56 -40.56 1.47
CA ALA I 110 21.54 -41.38 2.15
C ALA I 110 21.55 -42.76 1.54
N GLY I 111 22.72 -43.25 1.15
CA GLY I 111 22.80 -44.59 0.72
C GLY I 111 24.17 -45.15 0.51
N LEU I 112 24.17 -46.39 0.04
CA LEU I 112 25.39 -47.08 -0.32
C LEU I 112 25.34 -47.37 -1.81
N ASP I 113 26.46 -47.20 -2.50
CA ASP I 113 26.50 -47.54 -3.95
C ASP I 113 26.10 -49.01 -4.17
N PRO I 114 25.09 -49.27 -5.05
CA PRO I 114 24.62 -50.71 -5.18
C PRO I 114 25.66 -51.75 -5.59
N LYS I 115 26.78 -51.34 -6.16
CA LYS I 115 27.86 -52.29 -6.53
C LYS I 115 29.07 -52.23 -5.60
N THR I 116 29.52 -51.04 -5.22
CA THR I 116 30.72 -50.86 -4.37
C THR I 116 30.43 -50.72 -2.87
N PHE I 117 29.17 -50.43 -2.51
CA PHE I 117 28.77 -50.20 -1.13
C PHE I 117 29.44 -48.99 -0.45
N LYS I 118 29.97 -48.07 -1.26
CA LYS I 118 30.61 -46.85 -0.75
C LYS I 118 29.49 -45.93 -0.22
N PRO I 119 29.69 -45.33 0.97
CA PRO I 119 28.70 -44.41 1.52
C PRO I 119 28.53 -43.10 0.76
N PHE I 120 27.30 -42.63 0.65
CA PHE I 120 26.98 -41.36 -0.01
C PHE I 120 25.93 -40.61 0.76
N ILE I 121 26.12 -39.31 0.95
CA ILE I 121 25.07 -38.44 1.49
C ILE I 121 25.06 -37.11 0.76
N CYS I 122 23.89 -36.51 0.64
CA CYS I 122 23.77 -35.21 0.02
C CYS I 122 22.50 -34.55 0.46
N SER I 123 22.37 -33.27 0.14
CA SER I 123 21.15 -32.59 0.27
C SER I 123 20.95 -31.69 -0.91
N LEU I 124 19.73 -31.24 -1.10
CA LEU I 124 19.48 -30.29 -2.16
C LEU I 124 18.59 -29.20 -1.64
N ASP I 125 18.68 -28.02 -2.20
CA ASP I 125 17.73 -26.95 -1.91
C ASP I 125 16.49 -27.18 -2.76
N LEU I 126 15.50 -26.33 -2.57
CA LEU I 126 14.19 -26.53 -3.16
C LEU I 126 14.08 -26.40 -4.67
N ILE I 127 15.09 -25.74 -5.29
CA ILE I 127 15.18 -25.69 -6.72
C ILE I 127 16.26 -26.64 -7.29
N GLY I 128 16.77 -27.56 -6.52
CA GLY I 128 17.61 -28.58 -7.02
C GLY I 128 19.10 -28.39 -7.05
N CYS I 129 19.64 -27.44 -6.31
CA CYS I 129 21.05 -27.31 -6.20
C CYS I 129 21.63 -28.45 -5.33
N PRO I 130 22.53 -29.26 -5.87
CA PRO I 130 23.04 -30.37 -5.04
C PRO I 130 24.26 -30.00 -4.19
N MET I 131 24.35 -30.66 -3.06
CA MET I 131 25.43 -30.53 -2.18
C MET I 131 25.78 -31.91 -1.58
N VAL I 132 26.88 -32.47 -2.01
CA VAL I 132 27.47 -33.68 -1.44
C VAL I 132 28.43 -33.33 -0.29
N THR I 133 28.40 -34.09 0.81
CA THR I 133 29.37 -33.97 1.87
C THR I 133 29.92 -35.29 2.31
N ASP I 134 31.04 -35.22 3.04
CA ASP I 134 31.66 -36.39 3.68
C ASP I 134 31.32 -36.58 5.15
N ASP I 135 30.37 -35.82 5.68
CA ASP I 135 30.02 -35.91 7.10
C ASP I 135 28.55 -35.98 7.39
N PHE I 136 27.82 -34.90 7.14
CA PHE I 136 26.41 -34.88 7.41
C PHE I 136 25.79 -33.83 6.60
N VAL I 137 24.47 -33.91 6.54
CA VAL I 137 23.61 -32.91 5.98
C VAL I 137 22.35 -32.84 6.82
N VAL I 138 21.72 -31.68 6.84
CA VAL I 138 20.54 -31.41 7.66
C VAL I 138 19.55 -30.58 6.85
N SER I 139 18.26 -30.73 7.10
CA SER I 139 17.26 -29.90 6.41
C SER I 139 16.02 -29.81 7.32
N GLY I 140 15.46 -28.63 7.53
CA GLY I 140 14.21 -28.52 8.28
C GLY I 140 14.15 -27.26 9.11
N THR I 141 13.10 -27.14 9.89
CA THR I 141 12.85 -25.90 10.66
C THR I 141 13.82 -25.73 11.83
N CYS I 142 14.56 -26.73 12.23
CA CYS I 142 15.61 -26.56 13.22
C CYS I 142 17.01 -26.82 12.66
N ALA I 143 17.31 -26.32 11.45
CA ALA I 143 18.62 -26.58 10.82
C ALA I 143 19.80 -26.03 11.65
N GLU I 144 19.64 -24.85 12.24
CA GLU I 144 20.71 -24.32 13.13
C GLU I 144 21.02 -25.28 14.27
N GLN I 145 19.98 -25.71 14.96
CA GLN I 145 20.12 -26.66 16.07
C GLN I 145 20.80 -27.95 15.62
N MET I 146 20.33 -28.48 14.48
CA MET I 146 20.94 -29.59 13.91
C MET I 146 22.41 -29.37 13.61
N TYR I 147 22.79 -28.27 12.96
CA TYR I 147 24.17 -28.00 12.70
C TYR I 147 25.02 -27.93 13.94
N GLY I 148 24.49 -27.33 14.99
CA GLY I 148 25.22 -27.23 16.18
C GLY I 148 25.50 -28.60 16.78
N MET I 149 24.50 -29.51 16.78
CA MET I 149 24.73 -30.86 17.30
C MET I 149 25.71 -31.66 16.43
N CYS I 150 25.52 -31.63 15.10
CA CYS I 150 26.37 -32.37 14.21
C CYS I 150 27.81 -31.88 14.29
N GLU I 151 28.04 -30.57 14.27
CA GLU I 151 29.40 -30.08 14.26
C GLU I 151 30.13 -30.48 15.45
N SER I 152 29.42 -30.52 16.59
CA SER I 152 30.04 -30.85 17.82
C SER I 152 30.24 -32.36 18.01
N LEU I 153 29.34 -33.23 17.54
CA LEU I 153 29.43 -34.67 17.86
C LEU I 153 30.05 -35.53 16.74
N TRP I 154 29.82 -35.22 15.47
CA TRP I 154 30.22 -36.12 14.38
C TRP I 154 31.74 -36.32 14.37
N GLU I 155 32.19 -37.55 14.16
CA GLU I 155 33.60 -37.84 13.94
C GLU I 155 33.70 -38.75 12.70
N PRO I 156 34.89 -38.80 12.09
CA PRO I 156 35.03 -39.69 10.94
C PRO I 156 35.07 -41.16 11.29
N ASN I 157 34.77 -41.97 10.27
CA ASN I 157 34.96 -43.40 10.34
C ASN I 157 34.27 -44.12 11.52
N MET I 158 33.08 -43.64 11.87
CA MET I 158 32.31 -44.29 12.93
C MET I 158 31.74 -45.65 12.51
N ASP I 159 31.71 -46.60 13.46
CA ASP I 159 31.05 -47.88 13.23
C ASP I 159 29.53 -47.69 13.32
N PRO I 160 28.73 -48.66 12.83
CA PRO I 160 27.26 -48.51 12.87
C PRO I 160 26.66 -48.13 14.24
N ASP I 161 27.13 -48.72 15.35
CA ASP I 161 26.60 -48.42 16.70
C ASP I 161 26.84 -46.97 17.14
N HIS I 162 28.05 -46.49 16.90
CA HIS I 162 28.42 -45.11 17.21
C HIS I 162 27.72 -44.10 16.30
N LEU I 163 27.61 -44.42 15.02
CA LEU I 163 26.80 -43.64 14.08
C LEU I 163 25.36 -43.51 14.52
N PHE I 164 24.75 -44.64 14.92
CA PHE I 164 23.38 -44.62 15.46
C PHE I 164 23.24 -43.70 16.70
N GLU I 165 24.15 -43.80 17.65
CA GLU I 165 24.11 -42.89 18.85
C GLU I 165 24.34 -41.41 18.46
N THR I 166 25.28 -41.11 17.58
CA THR I 166 25.53 -39.76 17.20
C THR I 166 24.34 -39.14 16.49
N ILE I 167 23.75 -39.83 15.52
CA ILE I 167 22.67 -39.22 14.74
C ILE I 167 21.46 -39.12 15.64
N SER I 168 21.24 -40.11 16.49
CA SER I 168 20.12 -40.05 17.44
C SER I 168 20.21 -38.85 18.43
N GLN I 169 21.40 -38.62 18.95
CA GLN I 169 21.60 -37.55 19.93
C GLN I 169 21.54 -36.19 19.21
N ALA I 170 22.06 -36.12 18.00
CA ALA I 170 21.94 -34.90 17.21
C ALA I 170 20.47 -34.52 16.92
N MET I 171 19.65 -35.47 16.46
CA MET I 171 18.23 -35.23 16.23
C MET I 171 17.44 -34.87 17.51
N LEU I 172 17.52 -35.73 18.54
CA LEU I 172 16.68 -35.54 19.74
C LEU I 172 16.88 -34.18 20.38
N ASN I 173 18.15 -33.80 20.50
CA ASN I 173 18.54 -32.59 21.16
C ASN I 173 18.28 -31.34 20.28
N ALA I 174 18.45 -31.48 18.98
CA ALA I 174 18.07 -30.43 18.07
C ALA I 174 16.58 -30.15 18.07
N VAL I 175 15.73 -31.18 17.91
CA VAL I 175 14.30 -30.96 17.84
C VAL I 175 13.66 -30.46 19.14
N ASP I 176 14.32 -30.78 20.27
CA ASP I 176 13.86 -30.35 21.59
C ASP I 176 14.10 -28.87 21.79
N ARG I 177 14.83 -28.22 20.87
CA ARG I 177 14.82 -26.76 20.86
C ARG I 177 13.95 -26.12 19.78
N ASP I 178 13.03 -26.89 19.23
CA ASP I 178 12.18 -26.41 18.14
C ASP I 178 10.72 -26.77 18.36
N ALA I 179 9.88 -25.76 18.42
CA ALA I 179 8.47 -25.98 18.80
C ALA I 179 7.71 -26.89 17.81
N VAL I 180 8.04 -26.75 16.51
CA VAL I 180 7.31 -27.41 15.44
C VAL I 180 7.98 -28.65 14.82
N SER I 181 9.02 -29.14 15.45
CA SER I 181 9.61 -30.43 15.09
C SER I 181 9.58 -31.34 16.32
N GLY I 182 9.48 -32.63 16.05
CA GLY I 182 9.60 -33.68 17.07
C GLY I 182 8.45 -34.64 17.06
N MET I 183 7.87 -34.79 18.23
CA MET I 183 6.87 -35.78 18.47
C MET I 183 7.33 -37.15 18.06
N GLY I 184 8.62 -37.44 18.22
CA GLY I 184 9.15 -38.71 17.85
C GLY I 184 10.25 -38.56 16.87
N VAL I 185 11.18 -39.54 16.87
CA VAL I 185 12.27 -39.65 15.92
C VAL I 185 12.41 -41.09 15.39
N ILE I 186 12.55 -41.22 14.07
CA ILE I 186 12.87 -42.48 13.44
C ILE I 186 14.26 -42.41 12.81
N VAL I 187 15.00 -43.50 12.91
CA VAL I 187 16.37 -43.60 12.42
C VAL I 187 16.54 -44.90 11.62
N HIS I 188 17.11 -44.78 10.42
CA HIS I 188 17.47 -45.93 9.62
C HIS I 188 18.99 -45.97 9.55
N ILE I 189 19.59 -47.08 9.94
CA ILE I 189 21.01 -47.28 9.68
C ILE I 189 21.13 -48.23 8.47
N ILE I 190 21.86 -47.80 7.47
CA ILE I 190 22.07 -48.57 6.23
C ILE I 190 23.47 -49.13 6.16
N GLU I 191 23.54 -50.45 6.10
CA GLU I 191 24.77 -51.23 5.98
C GLU I 191 24.67 -52.13 4.71
N LYS I 192 25.82 -52.68 4.30
CA LYS I 192 25.92 -53.61 3.14
C LYS I 192 24.92 -54.74 3.23
N ASP I 193 24.80 -55.35 4.39
CA ASP I 193 24.03 -56.57 4.57
C ASP I 193 22.70 -56.40 5.31
N LYS I 194 22.34 -55.20 5.73
CA LYS I 194 21.04 -54.97 6.43
C LYS I 194 20.70 -53.50 6.67
N ILE I 195 19.42 -53.26 6.85
CA ILE I 195 18.85 -52.04 7.31
C ILE I 195 18.30 -52.26 8.72
N THR I 196 18.69 -51.38 9.61
CA THR I 196 18.17 -51.32 10.97
C THR I 196 17.32 -50.07 11.17
N THR I 197 16.04 -50.28 11.45
CA THR I 197 15.09 -49.22 11.66
C THR I 197 14.68 -49.16 13.16
N ARG I 198 14.83 -47.96 13.75
CA ARG I 198 14.47 -47.70 15.16
C ARG I 198 13.66 -46.44 15.35
N THR I 199 12.69 -46.50 16.27
CA THR I 199 12.09 -45.28 16.80
C THR I 199 12.67 -45.10 18.23
N LEU I 200 12.87 -43.82 18.58
CA LEU I 200 13.60 -43.41 19.77
C LEU I 200 12.62 -43.00 20.86
N LYS I 201 13.01 -43.23 22.08
CA LYS I 201 12.24 -42.63 23.14
C LYS I 201 12.49 -41.14 23.03
N ALA I 202 11.42 -40.35 22.93
CA ALA I 202 11.56 -38.92 22.69
C ALA I 202 10.46 -38.13 23.36
N ARG I 203 10.74 -36.88 23.63
CA ARG I 203 9.74 -35.97 24.15
C ARG I 203 8.55 -35.92 23.21
N MET I 204 7.37 -35.78 23.79
CA MET I 204 6.12 -35.67 23.07
C MET I 204 5.37 -34.36 23.32
N ASP I 205 6.13 -33.29 23.48
CA ASP I 205 5.57 -31.92 23.63
C ASP I 205 6.08 -30.90 22.57
N MET J 1 -19.87 -22.83 11.15
CA MET J 1 -18.65 -23.35 10.42
CA MET J 1 -18.72 -23.35 10.33
C MET J 1 -18.38 -24.80 10.69
N GLU J 2 -17.77 -25.46 9.74
CA GLU J 2 -18.08 -26.85 9.52
C GLU J 2 -17.28 -27.82 10.34
N TYR J 3 -17.91 -28.82 10.88
CA TYR J 3 -17.21 -29.74 11.75
C TYR J 3 -17.30 -31.13 11.19
N LEU J 4 -16.17 -31.81 11.15
CA LEU J 4 -16.09 -33.23 10.73
C LEU J 4 -15.32 -33.94 11.82
N ILE J 5 -15.73 -35.17 12.10
CA ILE J 5 -14.99 -36.03 12.98
C ILE J 5 -15.04 -37.48 12.47
N GLY J 6 -13.94 -38.19 12.69
CA GLY J 6 -13.88 -39.62 12.54
C GLY J 6 -13.17 -40.36 13.68
N ILE J 7 -13.66 -41.57 14.00
CA ILE J 7 -13.05 -42.44 14.97
C ILE J 7 -13.05 -43.86 14.45
N GLN J 8 -11.87 -44.48 14.37
CA GLN J 8 -11.71 -45.80 13.81
C GLN J 8 -11.49 -46.76 14.93
N GLY J 9 -12.36 -47.74 15.03
CA GLY J 9 -12.17 -48.92 15.87
C GLY J 9 -11.57 -50.14 15.17
N PRO J 10 -11.50 -51.28 15.86
CA PRO J 10 -10.85 -52.50 15.32
C PRO J 10 -11.47 -53.04 14.06
N ASP J 11 -12.77 -52.88 13.90
CA ASP J 11 -13.47 -53.36 12.69
C ASP J 11 -14.56 -52.39 12.15
N TYR J 12 -14.47 -51.09 12.46
CA TYR J 12 -15.43 -50.12 11.91
C TYR J 12 -14.79 -48.76 11.97
N VAL J 13 -15.38 -47.80 11.27
CA VAL J 13 -15.01 -46.41 11.42
C VAL J 13 -16.33 -45.73 11.60
N LEU J 14 -16.37 -44.86 12.59
CA LEU J 14 -17.53 -44.01 12.86
C LEU J 14 -17.16 -42.58 12.41
N VAL J 15 -18.15 -41.84 11.86
CA VAL J 15 -17.93 -40.52 11.38
C VAL J 15 -19.16 -39.70 11.63
N ALA J 16 -18.90 -38.40 11.85
CA ALA J 16 -19.99 -37.50 12.03
C ALA J 16 -19.65 -36.17 11.50
N SER J 17 -20.66 -35.37 11.23
CA SER J 17 -20.49 -34.05 10.63
C SER J 17 -21.67 -33.19 11.06
N ASP J 18 -21.46 -31.90 11.23
CA ASP J 18 -22.58 -31.04 11.51
C ASP J 18 -23.55 -30.87 10.30
N ARG J 19 -24.73 -30.35 10.57
CA ARG J 19 -25.77 -30.27 9.57
C ARG J 19 -26.18 -28.87 9.23
N VAL J 20 -25.27 -27.93 9.48
CA VAL J 20 -25.59 -26.54 9.26
C VAL J 20 -25.00 -26.11 7.92
N ALA J 21 -25.76 -25.34 7.18
CA ALA J 21 -25.21 -24.55 6.09
C ALA J 21 -25.44 -23.13 6.46
N ALA J 22 -24.37 -22.40 6.61
CA ALA J 22 -24.53 -21.05 7.00
C ALA J 22 -24.13 -20.05 5.97
N SER J 23 -24.58 -18.85 6.18
CA SER J 23 -24.30 -17.77 5.35
C SER J 23 -24.43 -16.51 6.17
N ASN J 24 -23.31 -15.78 6.28
CA ASN J 24 -23.25 -14.46 6.97
C ASN J 24 -23.66 -14.71 8.44
N ILE J 25 -24.69 -14.08 8.94
CA ILE J 25 -25.11 -14.37 10.36
C ILE J 25 -26.22 -15.44 10.51
N VAL J 26 -26.66 -16.10 9.43
CA VAL J 26 -27.82 -17.04 9.52
C VAL J 26 -27.45 -18.46 9.16
N GLN J 27 -28.05 -19.41 9.87
CA GLN J 27 -28.08 -20.82 9.43
CA GLN J 27 -28.07 -20.80 9.43
C GLN J 27 -29.15 -20.85 8.31
N MET J 28 -28.81 -21.29 7.10
CA MET J 28 -29.80 -21.36 6.00
C MET J 28 -30.42 -22.75 5.80
N LYS J 29 -29.75 -23.74 6.36
CA LYS J 29 -30.23 -25.06 6.40
C LYS J 29 -29.70 -25.71 7.70
N ASP J 30 -30.57 -26.45 8.36
CA ASP J 30 -30.21 -27.21 9.58
C ASP J 30 -30.19 -28.73 9.42
N ASP J 31 -30.54 -29.24 8.24
CA ASP J 31 -30.39 -30.67 7.92
C ASP J 31 -29.38 -30.89 6.74
N HIS J 32 -28.32 -30.13 6.68
CA HIS J 32 -27.31 -30.29 5.67
C HIS J 32 -26.51 -31.59 5.90
N ASP J 33 -26.11 -32.25 4.82
CA ASP J 33 -25.32 -33.50 4.91
C ASP J 33 -23.99 -33.27 4.25
N LYS J 34 -22.87 -33.53 4.93
CA LYS J 34 -21.56 -33.25 4.38
C LYS J 34 -20.82 -34.52 4.00
N MET J 35 -21.53 -35.64 3.99
CA MET J 35 -20.98 -36.95 3.63
C MET J 35 -21.37 -37.35 2.20
N PHE J 36 -20.44 -37.93 1.47
CA PHE J 36 -20.64 -38.37 0.08
C PHE J 36 -20.28 -39.82 0.01
N LYS J 37 -21.20 -40.66 -0.44
CA LYS J 37 -20.89 -42.08 -0.55
C LYS J 37 -20.09 -42.33 -1.85
N MET J 38 -18.87 -42.85 -1.73
CA MET J 38 -18.04 -43.09 -2.89
C MET J 38 -18.27 -44.47 -3.47
N SER J 39 -18.61 -45.42 -2.57
CA SER J 39 -18.71 -46.85 -2.90
C SER J 39 -19.42 -47.56 -1.72
N GLU J 40 -19.63 -48.85 -1.76
CA GLU J 40 -20.35 -49.51 -0.66
C GLU J 40 -19.73 -49.31 0.73
N LYS J 41 -18.41 -49.13 0.78
CA LYS J 41 -17.65 -49.15 2.00
C LYS J 41 -16.73 -47.91 2.13
N ILE J 42 -17.09 -46.80 1.47
CA ILE J 42 -16.27 -45.53 1.51
C ILE J 42 -17.19 -44.32 1.60
N LEU J 43 -16.92 -43.48 2.61
CA LEU J 43 -17.50 -42.15 2.72
C LEU J 43 -16.38 -41.08 2.57
N LEU J 44 -16.68 -40.02 1.86
CA LEU J 44 -15.84 -38.86 1.82
C LEU J 44 -16.60 -37.74 2.49
N LEU J 45 -15.98 -37.09 3.49
CA LEU J 45 -16.65 -35.99 4.20
C LEU J 45 -15.83 -34.76 3.78
N CYS J 46 -16.51 -33.72 3.33
CA CYS J 46 -15.88 -32.60 2.68
C CYS J 46 -16.45 -31.26 3.18
N VAL J 47 -15.54 -30.36 3.63
CA VAL J 47 -15.87 -29.02 4.04
C VAL J 47 -14.88 -28.04 3.35
N GLY J 48 -15.21 -26.76 3.38
CA GLY J 48 -14.34 -25.72 2.88
C GLY J 48 -15.14 -24.72 2.13
N GLU J 49 -14.56 -24.20 1.06
CA GLU J 49 -15.17 -23.11 0.38
C GLU J 49 -16.41 -23.57 -0.38
N ALA J 50 -17.40 -22.72 -0.45
CA ALA J 50 -18.58 -22.99 -1.20
C ALA J 50 -18.21 -23.21 -2.70
N GLY J 51 -18.92 -24.15 -3.31
CA GLY J 51 -18.75 -24.50 -4.70
C GLY J 51 -17.65 -25.54 -4.82
N ASP J 52 -16.44 -25.19 -4.38
CA ASP J 52 -15.30 -26.12 -4.37
C ASP J 52 -15.65 -27.42 -3.67
N THR J 53 -16.39 -27.34 -2.57
CA THR J 53 -16.58 -28.56 -1.76
C THR J 53 -17.39 -29.56 -2.52
N VAL J 54 -18.56 -29.19 -3.03
CA VAL J 54 -19.41 -30.14 -3.76
C VAL J 54 -18.74 -30.49 -5.10
N GLN J 55 -18.17 -29.51 -5.82
CA GLN J 55 -17.60 -29.80 -7.11
C GLN J 55 -16.52 -30.82 -7.00
N PHE J 56 -15.68 -30.68 -5.98
CA PHE J 56 -14.60 -31.58 -5.75
C PHE J 56 -15.10 -32.97 -5.30
N ALA J 57 -15.95 -33.01 -4.30
CA ALA J 57 -16.45 -34.29 -3.80
C ALA J 57 -17.17 -35.07 -4.90
N GLU J 58 -18.07 -34.44 -5.63
CA GLU J 58 -18.81 -35.11 -6.70
C GLU J 58 -17.94 -35.58 -7.85
N TYR J 59 -16.89 -34.85 -8.19
CA TYR J 59 -15.95 -35.30 -9.16
C TYR J 59 -15.25 -36.56 -8.71
N ILE J 60 -14.75 -36.55 -7.48
CA ILE J 60 -14.15 -37.77 -6.90
C ILE J 60 -15.17 -38.96 -6.89
N GLN J 61 -16.39 -38.68 -6.48
CA GLN J 61 -17.42 -39.69 -6.36
C GLN J 61 -17.71 -40.35 -7.73
N LYS J 62 -17.93 -39.52 -8.76
CA LYS J 62 -18.17 -40.02 -10.08
C LYS J 62 -17.03 -40.83 -10.65
N ASN J 63 -15.78 -40.43 -10.39
CA ASN J 63 -14.63 -41.19 -10.86
C ASN J 63 -14.44 -42.50 -10.10
N VAL J 64 -14.76 -42.52 -8.83
CA VAL J 64 -14.69 -43.80 -8.09
C VAL J 64 -15.75 -44.80 -8.59
N GLN J 65 -16.95 -44.31 -8.86
CA GLN J 65 -18.03 -45.08 -9.39
C GLN J 65 -17.70 -45.55 -10.81
N LEU J 66 -16.99 -44.72 -11.58
CA LEU J 66 -16.56 -45.07 -12.92
C LEU J 66 -15.58 -46.23 -12.88
N TYR J 67 -14.66 -46.16 -11.94
CA TYR J 67 -13.69 -47.21 -11.81
C TYR J 67 -14.42 -48.56 -11.55
N LYS J 68 -15.43 -48.50 -10.68
CA LYS J 68 -16.24 -49.71 -10.36
C LYS J 68 -16.89 -50.25 -11.66
N MET J 69 -17.49 -49.37 -12.48
CA MET J 69 -18.18 -49.79 -13.65
C MET J 69 -17.21 -50.33 -14.64
N ARG J 70 -16.00 -49.74 -14.72
CA ARG J 70 -15.05 -50.20 -15.74
C ARG J 70 -14.47 -51.54 -15.39
N ASN J 71 -14.23 -51.78 -14.12
CA ASN J 71 -13.43 -52.94 -13.79
C ASN J 71 -14.20 -54.18 -13.15
N GLY J 72 -15.46 -54.00 -12.80
CA GLY J 72 -16.17 -54.98 -12.00
C GLY J 72 -15.97 -54.99 -10.45
N TYR J 73 -15.05 -54.23 -9.85
CA TYR J 73 -14.82 -54.25 -8.36
C TYR J 73 -14.46 -52.80 -7.96
N GLU J 74 -14.41 -52.53 -6.65
CA GLU J 74 -14.22 -51.16 -6.14
C GLU J 74 -12.78 -50.80 -5.74
N LEU J 75 -12.44 -49.51 -5.80
CA LEU J 75 -11.18 -48.99 -5.23
C LEU J 75 -11.15 -49.06 -3.68
N SER J 76 -10.01 -49.47 -3.17
CA SER J 76 -9.85 -49.69 -1.76
C SER J 76 -9.92 -48.29 -1.07
N PRO J 77 -10.28 -48.28 0.22
CA PRO J 77 -10.18 -46.95 0.87
C PRO J 77 -8.82 -46.26 0.68
N THR J 78 -7.73 -47.00 0.76
CA THR J 78 -6.46 -46.45 0.58
C THR J 78 -6.16 -45.92 -0.90
N ALA J 79 -6.57 -46.67 -1.90
CA ALA J 79 -6.44 -46.26 -3.24
C ALA J 79 -7.28 -45.01 -3.45
N ALA J 80 -8.47 -44.96 -2.88
CA ALA J 80 -9.38 -43.85 -3.15
C ALA J 80 -8.81 -42.60 -2.50
N ALA J 81 -8.21 -42.79 -1.34
CA ALA J 81 -7.60 -41.70 -0.60
C ALA J 81 -6.43 -41.09 -1.47
N ASN J 82 -5.58 -41.97 -2.01
CA ASN J 82 -4.49 -41.57 -2.84
C ASN J 82 -4.91 -40.96 -4.18
N PHE J 83 -5.96 -41.49 -4.76
CA PHE J 83 -6.62 -40.88 -5.91
C PHE J 83 -7.13 -39.42 -5.59
N THR J 84 -7.76 -39.28 -4.45
CA THR J 84 -8.30 -38.00 -4.00
C THR J 84 -7.11 -37.01 -3.84
N ARG J 85 -6.05 -37.46 -3.17
CA ARG J 85 -4.91 -36.70 -2.92
C ARG J 85 -4.22 -36.24 -4.21
N ARG J 86 -4.14 -37.09 -5.22
CA ARG J 86 -3.43 -36.81 -6.44
C ARG J 86 -4.18 -35.70 -7.11
N ASN J 87 -5.49 -35.77 -7.14
CA ASN J 87 -6.28 -34.76 -7.79
C ASN J 87 -6.14 -33.40 -7.14
N LEU J 88 -6.24 -33.40 -5.80
CA LEU J 88 -6.13 -32.14 -5.04
C LEU J 88 -4.78 -31.56 -5.23
N ALA J 89 -3.74 -32.36 -5.04
CA ALA J 89 -2.34 -31.85 -5.19
C ALA J 89 -2.02 -31.32 -6.60
N ASP J 90 -2.53 -32.02 -7.60
CA ASP J 90 -2.30 -31.70 -9.02
C ASP J 90 -2.98 -30.36 -9.33
N LEU J 92 -3.36 -27.91 -7.05
CA LEU J 92 -2.90 -26.94 -6.07
C LEU J 92 -2.22 -25.74 -6.72
N ARG J 93 -1.38 -26.00 -7.72
CA ARG J 93 -0.68 -24.95 -8.37
C ARG J 93 -1.29 -24.61 -9.71
N SER J 94 -2.50 -25.07 -10.00
CA SER J 94 -3.15 -24.86 -11.27
C SER J 94 -4.01 -23.62 -11.21
N ARG J 95 -4.70 -23.34 -12.31
CA ARG J 95 -5.68 -22.26 -12.39
C ARG J 95 -6.96 -22.63 -11.63
N THR J 96 -7.15 -23.90 -11.26
CA THR J 96 -8.38 -24.30 -10.56
C THR J 96 -8.04 -25.11 -9.30
N PRO J 97 -7.54 -24.47 -8.24
CA PRO J 97 -7.27 -25.13 -7.00
C PRO J 97 -8.62 -25.33 -6.27
N TYR J 98 -8.71 -26.34 -5.44
CA TYR J 98 -9.95 -26.57 -4.67
C TYR J 98 -9.69 -26.35 -3.18
N HIS J 99 -10.38 -25.41 -2.57
N HIS J 99 -10.36 -25.38 -2.55
CA HIS J 99 -10.14 -25.12 -1.17
CA HIS J 99 -10.11 -25.12 -1.12
C HIS J 99 -11.05 -25.97 -0.28
C HIS J 99 -11.04 -25.96 -0.26
N VAL J 100 -10.62 -27.19 -0.01
CA VAL J 100 -11.44 -28.17 0.69
C VAL J 100 -10.64 -28.94 1.68
N ASN J 101 -11.27 -29.32 2.77
CA ASN J 101 -10.61 -30.15 3.77
C ASN J 101 -11.44 -31.38 3.91
N LEU J 102 -10.80 -32.52 4.07
CA LEU J 102 -11.55 -33.79 3.98
C LEU J 102 -11.19 -34.80 5.03
N LEU J 103 -12.15 -35.71 5.27
CA LEU J 103 -11.89 -37.04 5.85
C LEU J 103 -12.43 -38.14 4.89
N LEU J 104 -11.65 -39.20 4.76
CA LEU J 104 -12.03 -40.35 4.02
C LEU J 104 -12.07 -41.52 4.96
N ALA J 105 -13.26 -42.14 5.06
CA ALA J 105 -13.45 -43.26 5.91
C ALA J 105 -13.81 -44.46 5.03
N GLY J 106 -13.25 -45.63 5.35
CA GLY J 106 -13.61 -46.82 4.63
C GLY J 106 -13.31 -48.11 5.36
N TYR J 107 -13.89 -49.18 4.80
CA TYR J 107 -13.63 -50.51 5.27
C TYR J 107 -13.20 -51.33 4.09
N ASP J 108 -12.02 -51.93 4.19
CA ASP J 108 -11.53 -52.85 3.20
C ASP J 108 -11.64 -54.31 3.67
N GLU J 109 -12.00 -55.23 2.75
CA GLU J 109 -12.13 -56.65 3.09
C GLU J 109 -10.85 -57.15 3.75
N HIS J 110 -9.68 -56.73 3.30
CA HIS J 110 -8.43 -57.31 3.78
C HIS J 110 -7.62 -56.45 4.69
N GLU J 111 -7.79 -55.13 4.63
CA GLU J 111 -7.09 -54.18 5.49
C GLU J 111 -7.88 -53.75 6.70
N GLY J 112 -9.19 -53.99 6.73
CA GLY J 112 -10.01 -53.51 7.80
C GLY J 112 -10.29 -52.01 7.67
N PRO J 113 -10.67 -51.37 8.79
CA PRO J 113 -11.20 -50.03 8.68
C PRO J 113 -10.06 -49.06 8.48
N ALA J 114 -10.33 -47.94 7.84
CA ALA J 114 -9.31 -46.85 7.65
C ALA J 114 -9.95 -45.48 7.71
N LEU J 115 -9.21 -44.54 8.30
CA LEU J 115 -9.60 -43.17 8.35
C LEU J 115 -8.39 -42.33 7.90
N TYR J 116 -8.68 -41.48 6.93
CA TYR J 116 -7.69 -40.62 6.32
C TYR J 116 -8.06 -39.20 6.48
N TYR J 117 -7.05 -38.40 6.79
CA TYR J 117 -7.18 -36.94 6.91
C TYR J 117 -6.42 -36.23 5.82
N MET J 118 -7.13 -35.27 5.23
CA MET J 118 -6.53 -34.43 4.24
C MET J 118 -6.89 -32.98 4.42
N ASP J 119 -5.90 -32.10 4.25
CA ASP J 119 -6.11 -30.65 4.19
C ASP J 119 -6.09 -30.13 2.76
N TYR J 120 -6.45 -28.85 2.60
CA TYR J 120 -6.57 -28.21 1.32
C TYR J 120 -5.26 -28.22 0.57
N LEU J 121 -4.13 -28.29 1.26
CA LEU J 121 -2.84 -28.40 0.59
C LEU J 121 -2.57 -29.84 -0.06
N ALA J 122 -3.35 -30.80 0.40
CA ALA J 122 -3.35 -32.18 -0.06
C ALA J 122 -2.32 -32.99 0.66
N ALA J 123 -1.94 -32.59 1.85
CA ALA J 123 -1.24 -33.50 2.77
C ALA J 123 -2.21 -34.59 3.24
N LEU J 124 -1.79 -35.85 3.15
CA LEU J 124 -2.58 -37.02 3.49
C LEU J 124 -1.97 -37.75 4.67
N ALA J 125 -2.77 -37.97 5.68
CA ALA J 125 -2.33 -38.69 6.88
C ALA J 125 -3.38 -39.73 7.28
N LYS J 126 -2.93 -40.94 7.55
CA LYS J 126 -3.81 -41.98 8.12
C LYS J 126 -3.81 -41.80 9.63
N ALA J 127 -4.96 -41.87 10.26
CA ALA J 127 -5.10 -41.56 11.67
C ALA J 127 -6.08 -42.50 12.37
N PRO J 128 -5.89 -42.76 13.67
CA PRO J 128 -6.93 -43.52 14.40
C PRO J 128 -8.19 -42.71 14.70
N PHE J 129 -8.06 -41.38 14.74
CA PHE J 129 -9.20 -40.48 14.78
C PHE J 129 -8.72 -39.11 14.35
N ALA J 130 -9.66 -38.23 14.01
CA ALA J 130 -9.31 -36.93 13.43
C ALA J 130 -10.54 -36.08 13.36
N ALA J 131 -10.32 -34.78 13.14
CA ALA J 131 -11.39 -33.83 13.02
C ALA J 131 -10.92 -32.58 12.26
N HIS J 132 -11.85 -31.89 11.62
CA HIS J 132 -11.60 -30.68 10.93
C HIS J 132 -12.59 -29.65 11.41
N GLY J 133 -12.26 -28.39 11.19
CA GLY J 133 -13.07 -27.25 11.54
C GLY J 133 -12.50 -26.67 12.84
N TYR J 134 -12.92 -25.47 13.16
CA TYR J 134 -12.64 -24.84 14.49
C TYR J 134 -13.05 -25.74 15.69
N GLY J 135 -14.12 -26.50 15.55
CA GLY J 135 -14.56 -27.44 16.58
C GLY J 135 -13.51 -28.48 16.89
N ALA J 136 -12.65 -28.80 15.93
CA ALA J 136 -11.53 -29.72 16.19
C ALA J 136 -10.62 -29.26 17.33
N PHE J 137 -10.42 -27.94 17.45
CA PHE J 137 -9.56 -27.40 18.50
C PHE J 137 -10.05 -27.76 19.89
N LEU J 138 -11.38 -27.82 20.05
CA LEU J 138 -11.98 -28.16 21.34
C LEU J 138 -12.26 -29.65 21.56
N THR J 139 -12.18 -30.48 20.51
CA THR J 139 -12.51 -31.90 20.65
C THR J 139 -11.32 -32.88 20.49
N LEU J 140 -10.28 -32.52 19.75
CA LEU J 140 -9.13 -33.44 19.56
C LEU J 140 -8.55 -33.95 20.93
N SER J 141 -8.48 -33.09 21.95
CA SER J 141 -7.87 -33.48 23.22
C SER J 141 -8.77 -34.41 24.02
N ILE J 142 -10.08 -34.28 23.83
CA ILE J 142 -11.09 -35.19 24.33
C ILE J 142 -10.89 -36.57 23.72
N LEU J 143 -10.67 -36.64 22.41
CA LEU J 143 -10.32 -37.87 21.76
C LEU J 143 -8.97 -38.43 22.29
N ASP J 144 -7.93 -37.59 22.40
CA ASP J 144 -6.63 -38.09 22.89
C ASP J 144 -6.81 -38.64 24.29
N ARG J 145 -7.70 -38.07 25.07
CA ARG J 145 -7.84 -38.42 26.46
C ARG J 145 -8.49 -39.82 26.66
N TYR J 146 -9.52 -40.11 25.84
CA TYR J 146 -10.38 -41.23 26.03
C TYR J 146 -10.28 -42.30 24.92
N TYR J 147 -9.81 -41.99 23.73
CA TYR J 147 -9.68 -43.07 22.74
C TYR J 147 -8.71 -44.19 23.16
N THR J 148 -9.05 -45.43 22.78
CA THR J 148 -8.10 -46.52 22.71
C THR J 148 -8.30 -47.24 21.38
N PRO J 149 -7.25 -47.90 20.89
CA PRO J 149 -7.41 -48.62 19.57
C PRO J 149 -8.50 -49.71 19.54
N THR J 150 -8.83 -50.29 20.68
CA THR J 150 -9.84 -51.35 20.69
C THR J 150 -11.24 -50.88 21.05
N ILE J 151 -11.44 -49.59 21.04
CA ILE J 151 -12.71 -49.01 21.48
C ILE J 151 -13.89 -49.62 20.74
N SER J 152 -14.91 -50.05 21.47
CA SER J 152 -16.11 -50.63 20.87
C SER J 152 -17.03 -49.56 20.31
N ARG J 153 -17.93 -49.97 19.45
CA ARG J 153 -18.72 -48.97 18.75
C ARG J 153 -19.72 -48.26 19.72
N GLU J 154 -20.31 -49.02 20.68
CA GLU J 154 -21.17 -48.46 21.78
C GLU J 154 -20.40 -47.26 22.60
N ARG J 155 -19.14 -47.55 22.97
CA ARG J 155 -18.23 -46.54 23.56
C ARG J 155 -17.77 -45.45 22.60
N ALA J 156 -17.47 -45.76 21.31
CA ALA J 156 -17.13 -44.73 20.26
C ALA J 156 -18.25 -43.70 20.10
N VAL J 157 -19.51 -44.15 20.09
CA VAL J 157 -20.65 -43.22 19.96
C VAL J 157 -20.75 -42.34 21.27
N GLU J 158 -20.47 -42.97 22.42
CA GLU J 158 -20.37 -42.20 23.67
C GLU J 158 -19.31 -41.12 23.69
N LEU J 159 -18.13 -41.47 23.17
CA LEU J 159 -17.00 -40.57 22.99
C LEU J 159 -17.33 -39.48 22.01
N LEU J 160 -17.92 -39.86 20.88
CA LEU J 160 -18.44 -38.88 19.93
C LEU J 160 -19.38 -37.91 20.62
N ARG J 161 -20.26 -38.44 21.48
CA ARG J 161 -21.24 -37.60 22.17
C ARG J 161 -20.66 -36.68 23.27
N LYS J 162 -19.55 -37.07 23.89
CA LYS J 162 -18.73 -36.11 24.66
C LYS J 162 -18.15 -34.92 23.83
N CYS J 163 -17.64 -35.21 22.64
CA CYS J 163 -17.10 -34.19 21.69
C CYS J 163 -18.16 -33.21 21.28
N LEU J 164 -19.34 -33.73 20.94
CA LEU J 164 -20.42 -32.88 20.46
C LEU J 164 -21.02 -32.06 21.59
N GLU J 165 -21.12 -32.65 22.79
CA GLU J 165 -21.54 -31.91 23.99
C GLU J 165 -20.54 -30.77 24.34
N GLU J 166 -19.25 -31.02 24.17
CA GLU J 166 -18.24 -30.02 24.38
C GLU J 166 -18.44 -28.80 23.43
N LEU J 167 -18.88 -29.06 22.22
CA LEU J 167 -19.15 -27.94 21.27
C LEU J 167 -20.35 -27.14 21.72
N GLN J 168 -21.38 -27.84 22.19
CA GLN J 168 -22.53 -27.13 22.71
C GLN J 168 -22.09 -26.23 23.91
N LYS J 169 -21.22 -26.74 24.74
CA LYS J 169 -20.87 -26.04 25.95
C LYS J 169 -20.00 -24.83 25.59
N ARG J 170 -18.98 -25.06 24.82
CA ARG J 170 -17.80 -24.22 24.80
C ARG J 170 -17.59 -23.52 23.47
N PHE J 171 -18.13 -24.04 22.36
CA PHE J 171 -17.91 -23.43 21.02
C PHE J 171 -18.85 -22.24 20.78
N ILE J 172 -18.36 -21.16 20.18
CA ILE J 172 -19.23 -20.00 19.99
C ILE J 172 -20.27 -20.14 18.93
N LEU J 173 -20.13 -21.11 18.06
CA LEU J 173 -21.12 -21.33 17.05
C LEU J 173 -22.23 -22.32 17.48
N ASN J 174 -23.40 -22.04 16.97
CA ASN J 174 -24.56 -22.84 17.11
C ASN J 174 -24.58 -24.00 16.08
N LEU J 175 -24.05 -25.13 16.51
CA LEU J 175 -24.13 -26.40 15.78
C LEU J 175 -25.00 -27.42 16.50
N PRO J 176 -26.31 -27.34 16.35
CA PRO J 176 -27.13 -28.14 17.20
C PRO J 176 -27.40 -29.58 16.74
N THR J 177 -27.07 -29.95 15.52
CA THR J 177 -27.36 -31.34 15.06
C THR J 177 -26.24 -31.86 14.18
N PHE J 178 -26.04 -33.16 14.30
CA PHE J 178 -24.98 -33.89 13.62
C PHE J 178 -25.49 -35.19 12.97
N SER J 179 -24.98 -35.42 11.74
CA SER J 179 -25.16 -36.66 10.98
C SER J 179 -24.15 -37.63 11.53
N VAL J 180 -24.55 -38.88 11.67
CA VAL J 180 -23.65 -39.90 12.16
C VAL J 180 -23.83 -41.18 11.31
N ARG J 181 -22.72 -41.79 10.93
CA ARG J 181 -22.69 -42.96 10.12
C ARG J 181 -21.54 -43.83 10.57
N ILE J 182 -21.71 -45.15 10.40
CA ILE J 182 -20.64 -46.06 10.65
C ILE J 182 -20.45 -47.01 9.48
N ILE J 183 -19.20 -47.40 9.26
CA ILE J 183 -18.81 -48.30 8.19
C ILE J 183 -18.11 -49.47 8.80
N ASP J 184 -18.42 -50.63 8.27
CA ASP J 184 -17.82 -51.86 8.68
C ASP J 184 -17.94 -52.89 7.52
N LYS J 185 -17.69 -54.18 7.80
CA LYS J 185 -17.77 -55.29 6.82
C LYS J 185 -19.06 -55.29 6.00
N ASN J 186 -20.12 -54.81 6.59
CA ASN J 186 -21.43 -54.83 5.94
C ASN J 186 -21.82 -53.52 5.34
N GLY J 187 -20.88 -52.61 5.15
CA GLY J 187 -21.12 -51.36 4.39
C GLY J 187 -21.35 -50.16 5.31
N ILE J 188 -22.19 -49.24 4.83
CA ILE J 188 -22.38 -47.96 5.44
C ILE J 188 -23.73 -48.00 6.15
N HIS J 189 -23.78 -47.62 7.45
CA HIS J 189 -25.02 -47.61 8.21
C HIS J 189 -25.29 -46.21 8.69
N ASP J 190 -26.53 -45.77 8.52
CA ASP J 190 -26.97 -44.51 9.11
C ASP J 190 -27.32 -44.69 10.56
N LEU J 191 -26.76 -43.87 11.47
CA LEU J 191 -27.22 -43.91 12.86
C LEU J 191 -28.16 -42.75 13.06
N ASP J 192 -28.81 -42.67 14.20
CA ASP J 192 -29.63 -41.52 14.55
C ASP J 192 -28.72 -40.30 14.59
N ASN J 193 -29.27 -39.19 14.13
CA ASN J 193 -28.72 -37.92 14.33
C ASN J 193 -28.53 -37.65 15.83
N ILE J 194 -27.47 -36.92 16.16
CA ILE J 194 -27.23 -36.51 17.55
C ILE J 194 -27.62 -35.07 17.54
N SER J 195 -28.55 -34.72 18.41
CA SER J 195 -29.15 -33.39 18.44
C SER J 195 -29.26 -32.82 19.85
N PHE J 196 -29.36 -31.48 19.87
CA PHE J 196 -29.48 -30.69 21.08
C PHE J 196 -30.67 -29.67 20.93
N THR K 1 -32.82 -5.48 -1.74
CA THR K 1 -33.70 -6.56 -2.27
C THR K 1 -34.11 -7.46 -1.11
N THR K 2 -35.35 -7.92 -1.13
CA THR K 2 -35.72 -9.06 -0.29
C THR K 2 -36.55 -10.04 -1.12
N THR K 3 -36.19 -11.31 -1.06
CA THR K 3 -36.94 -12.38 -1.73
C THR K 3 -37.08 -13.50 -0.70
N LEU K 4 -38.19 -14.24 -0.80
CA LEU K 4 -38.33 -15.44 0.00
C LEU K 4 -39.06 -16.52 -0.76
N ALA K 5 -38.89 -17.74 -0.29
CA ALA K 5 -39.76 -18.82 -0.71
C ALA K 5 -39.87 -19.90 0.34
N PHE K 6 -40.97 -20.65 0.30
CA PHE K 6 -41.14 -21.82 1.20
C PHE K 6 -42.04 -22.91 0.63
N LYS K 7 -41.63 -24.17 0.86
CA LYS K 7 -42.45 -25.34 0.51
C LYS K 7 -43.47 -25.52 1.60
N PHE K 8 -44.62 -26.03 1.22
CA PHE K 8 -45.63 -26.43 2.19
C PHE K 8 -46.55 -27.48 1.53
N ARG K 9 -47.57 -27.89 2.25
CA ARG K 9 -48.54 -28.90 1.74
C ARG K 9 -49.06 -28.60 0.31
N HIS K 10 -49.40 -27.35 0.05
CA HIS K 10 -49.99 -26.96 -1.20
C HIS K 10 -49.01 -26.43 -2.27
N GLY K 11 -47.72 -26.71 -2.14
CA GLY K 11 -46.70 -26.31 -3.10
C GLY K 11 -45.59 -25.40 -2.58
N VAL K 12 -45.31 -24.34 -3.32
CA VAL K 12 -44.29 -23.42 -2.92
C VAL K 12 -44.68 -21.98 -3.15
N ILE K 13 -44.58 -21.18 -2.06
CA ILE K 13 -44.84 -19.76 -2.11
C ILE K 13 -43.52 -19.04 -2.45
N VAL K 14 -43.60 -18.04 -3.29
CA VAL K 14 -42.46 -17.28 -3.77
C VAL K 14 -42.84 -15.83 -3.77
N ALA K 15 -42.02 -15.01 -3.10
CA ALA K 15 -42.32 -13.56 -3.02
C ALA K 15 -41.08 -12.68 -3.08
N ALA K 16 -41.29 -11.44 -3.50
CA ALA K 16 -40.21 -10.51 -3.64
C ALA K 16 -40.69 -9.09 -3.54
N ASP K 17 -39.76 -8.20 -3.15
CA ASP K 17 -39.94 -6.77 -3.32
C ASP K 17 -39.66 -6.38 -4.78
N SER K 18 -39.72 -5.08 -5.09
CA SER K 18 -39.55 -4.59 -6.45
C SER K 18 -38.58 -3.42 -6.62
N ARG K 19 -37.72 -3.21 -5.63
CA ARG K 19 -36.79 -2.08 -5.67
C ARG K 19 -35.52 -2.46 -6.34
N ALA K 20 -35.02 -1.53 -7.12
CA ALA K 20 -33.64 -1.54 -7.57
C ALA K 20 -32.93 -0.27 -7.16
N THR K 21 -31.68 -0.43 -6.82
CA THR K 21 -30.83 0.69 -6.45
C THR K 21 -29.53 0.73 -7.21
N ALA K 22 -28.99 1.93 -7.35
CA ALA K 22 -27.62 2.15 -7.79
C ALA K 22 -26.96 2.89 -6.65
N GLY K 23 -26.18 2.21 -5.86
CA GLY K 23 -25.71 2.75 -4.55
C GLY K 23 -26.93 3.05 -3.68
N ALA K 24 -27.01 4.27 -3.19
CA ALA K 24 -28.19 4.69 -2.41
C ALA K 24 -29.34 5.27 -3.29
N TYR K 25 -29.12 5.42 -4.61
CA TYR K 25 -30.14 5.96 -5.47
C TYR K 25 -31.17 4.88 -5.76
N ILE K 26 -32.45 5.19 -5.59
CA ILE K 26 -33.52 4.27 -5.99
C ILE K 26 -33.76 4.40 -7.49
N ALA K 27 -33.37 3.36 -8.22
CA ALA K 27 -33.39 3.32 -9.71
C ALA K 27 -34.76 2.91 -10.25
N SER K 28 -35.43 2.04 -9.48
CA SER K 28 -36.75 1.56 -9.82
C SER K 28 -37.50 1.08 -8.61
N GLN K 29 -38.84 1.19 -8.67
CA GLN K 29 -39.75 0.61 -7.68
C GLN K 29 -40.61 -0.47 -8.32
N THR K 30 -40.37 -0.80 -9.58
CA THR K 30 -41.25 -1.72 -10.31
C THR K 30 -40.48 -2.82 -11.02
N VAL K 31 -39.43 -3.33 -10.42
CA VAL K 31 -38.70 -4.43 -10.99
C VAL K 31 -39.42 -5.75 -10.74
N LYS K 32 -39.40 -6.61 -11.76
CA LYS K 32 -39.87 -8.00 -11.63
C LYS K 32 -38.77 -8.94 -11.22
N LYS K 33 -38.76 -9.41 -9.99
CA LYS K 33 -37.64 -10.22 -9.49
C LYS K 33 -37.88 -11.71 -9.49
N VAL K 34 -39.04 -12.11 -9.90
CA VAL K 34 -39.42 -13.53 -10.06
C VAL K 34 -39.45 -13.75 -11.57
N ILE K 35 -38.55 -14.55 -12.10
CA ILE K 35 -38.60 -14.81 -13.48
C ILE K 35 -39.31 -16.23 -13.79
N GLU K 36 -40.09 -16.26 -14.86
CA GLU K 36 -40.91 -17.44 -15.26
C GLU K 36 -40.04 -18.27 -16.14
N ILE K 37 -39.36 -19.27 -15.58
CA ILE K 37 -38.44 -20.11 -16.35
C ILE K 37 -39.23 -21.04 -17.27
N ASN K 38 -40.26 -21.65 -16.75
CA ASN K 38 -41.25 -22.29 -17.60
C ASN K 38 -42.56 -22.29 -16.81
N PRO K 39 -43.67 -22.84 -17.35
CA PRO K 39 -44.92 -22.83 -16.56
C PRO K 39 -44.98 -23.64 -15.24
N TYR K 40 -43.93 -24.39 -14.89
CA TYR K 40 -43.80 -25.07 -13.57
C TYR K 40 -42.52 -24.74 -12.72
N LEU K 41 -41.78 -23.70 -13.12
CA LEU K 41 -40.49 -23.34 -12.52
C LEU K 41 -40.26 -21.84 -12.50
N LEU K 42 -39.93 -21.31 -11.32
CA LEU K 42 -39.61 -19.92 -11.17
C LEU K 42 -38.22 -19.77 -10.57
N GLY K 43 -37.60 -18.64 -10.91
CA GLY K 43 -36.29 -18.25 -10.33
C GLY K 43 -36.46 -16.88 -9.72
N THR K 44 -35.88 -16.68 -8.52
CA THR K 44 -35.93 -15.37 -7.91
C THR K 44 -34.54 -14.67 -8.02
N MET K 45 -34.56 -13.33 -7.98
CA MET K 45 -33.36 -12.53 -8.21
C MET K 45 -33.01 -11.61 -6.99
N ALA K 46 -31.78 -11.74 -6.51
CA ALA K 46 -31.19 -10.84 -5.59
C ALA K 46 -29.73 -10.73 -5.92
N GLY K 47 -29.22 -9.49 -5.83
CA GLY K 47 -27.79 -9.19 -5.92
C GLY K 47 -27.61 -8.26 -7.07
N GLY K 48 -26.62 -8.52 -7.91
CA GLY K 48 -26.36 -7.73 -9.13
C GLY K 48 -27.51 -7.87 -10.07
N ALA K 49 -28.09 -6.75 -10.51
CA ALA K 49 -29.27 -6.79 -11.32
C ALA K 49 -29.02 -7.48 -12.69
N ALA K 50 -27.96 -7.05 -13.40
CA ALA K 50 -27.63 -7.60 -14.68
C ALA K 50 -27.26 -9.07 -14.56
N ASP K 51 -26.48 -9.39 -13.52
CA ASP K 51 -26.03 -10.74 -13.30
C ASP K 51 -27.19 -11.70 -13.10
N CYS K 52 -28.13 -11.35 -12.20
CA CYS K 52 -29.32 -12.19 -11.98
C CYS K 52 -30.14 -12.41 -13.26
N SER K 53 -30.50 -11.30 -13.91
CA SER K 53 -31.30 -11.31 -15.14
C SER K 53 -30.66 -12.09 -16.24
N PHE K 54 -29.36 -11.89 -16.46
CA PHE K 54 -28.68 -12.63 -17.50
C PHE K 54 -28.61 -14.12 -17.24
N TRP K 55 -28.16 -14.50 -16.04
CA TRP K 55 -27.88 -15.91 -15.76
C TRP K 55 -29.19 -16.73 -15.61
N GLU K 56 -30.25 -16.09 -15.15
CA GLU K 56 -31.55 -16.76 -15.08
C GLU K 56 -32.18 -16.88 -16.44
N ARG K 57 -31.98 -15.88 -17.30
CA ARG K 57 -32.43 -15.99 -18.68
C ARG K 57 -31.68 -17.12 -19.37
N LEU K 58 -30.41 -17.29 -19.08
CA LEU K 58 -29.61 -18.36 -19.69
C LEU K 58 -30.04 -19.73 -19.17
N LEU K 59 -30.32 -19.80 -17.89
CA LEU K 59 -30.91 -20.99 -17.33
C LEU K 59 -32.20 -21.37 -18.05
N ALA K 60 -33.09 -20.40 -18.26
CA ALA K 60 -34.29 -20.62 -19.01
C ALA K 60 -34.06 -21.18 -20.41
N ARG K 61 -33.12 -20.57 -21.18
CA ARG K 61 -32.71 -21.12 -22.44
C ARG K 61 -32.32 -22.61 -22.34
N GLN K 62 -31.46 -22.93 -21.41
CA GLN K 62 -30.93 -24.28 -21.23
C GLN K 62 -32.01 -25.33 -20.84
N CYS K 63 -32.90 -24.93 -19.93
CA CYS K 63 -34.01 -25.79 -19.49
C CYS K 63 -34.91 -26.08 -20.71
N ARG K 64 -35.18 -25.08 -21.55
CA ARG K 64 -35.97 -25.28 -22.74
C ARG K 64 -35.31 -26.25 -23.75
N ILE K 65 -34.02 -26.05 -24.02
CA ILE K 65 -33.22 -27.00 -24.83
C ILE K 65 -33.31 -28.43 -24.27
N TYR K 66 -33.13 -28.54 -22.95
CA TYR K 66 -33.20 -29.81 -22.29
C TYR K 66 -34.51 -30.52 -22.62
N GLU K 67 -35.59 -29.78 -22.46
CA GLU K 67 -36.92 -30.28 -22.61
C GLU K 67 -37.14 -30.74 -24.07
N LEU K 68 -36.70 -29.93 -25.04
CA LEU K 68 -36.69 -30.35 -26.42
C LEU K 68 -35.90 -31.64 -26.67
N ARG K 69 -34.72 -31.78 -26.09
CA ARG K 69 -33.86 -32.94 -26.36
C ARG K 69 -34.30 -34.20 -25.71
N ASN K 70 -34.75 -34.09 -24.46
CA ASN K 70 -35.09 -35.22 -23.65
C ASN K 70 -36.60 -35.59 -23.61
N LYS K 71 -37.47 -34.72 -24.13
CA LYS K 71 -38.91 -34.93 -24.23
C LYS K 71 -39.60 -35.01 -22.90
N GLU K 72 -39.09 -34.28 -21.93
CA GLU K 72 -39.68 -34.21 -20.59
C GLU K 72 -39.17 -33.00 -19.88
N ARG K 73 -39.97 -32.58 -18.90
CA ARG K 73 -39.72 -31.42 -18.02
C ARG K 73 -38.41 -31.65 -17.27
N ILE K 74 -37.53 -30.65 -17.22
CA ILE K 74 -36.37 -30.74 -16.34
C ILE K 74 -36.84 -30.72 -14.83
N SER K 75 -36.22 -31.55 -14.02
CA SER K 75 -36.45 -31.45 -12.55
C SER K 75 -35.90 -30.15 -11.91
N VAL K 76 -36.42 -29.83 -10.75
CA VAL K 76 -35.95 -28.71 -9.98
C VAL K 76 -34.49 -28.94 -9.59
N ALA K 77 -34.15 -30.17 -9.23
CA ALA K 77 -32.75 -30.52 -8.93
C ALA K 77 -31.78 -30.27 -10.09
N ALA K 78 -32.18 -30.73 -11.28
CA ALA K 78 -31.36 -30.61 -12.47
C ALA K 78 -31.27 -29.16 -12.94
N ALA K 79 -32.38 -28.42 -12.91
CA ALA K 79 -32.34 -26.99 -13.22
C ALA K 79 -31.39 -26.18 -12.29
N SER K 80 -31.57 -26.33 -11.00
CA SER K 80 -30.75 -25.67 -10.01
C SER K 80 -29.27 -26.05 -10.24
N LYS K 81 -29.04 -27.31 -10.63
CA LYS K 81 -27.69 -27.78 -10.86
C LYS K 81 -27.02 -27.15 -12.11
N LEU K 82 -27.82 -26.99 -13.16
CA LEU K 82 -27.36 -26.36 -14.35
C LEU K 82 -26.88 -24.98 -13.95
N LEU K 83 -27.69 -24.22 -13.20
CA LEU K 83 -27.32 -22.84 -12.77
C LEU K 83 -25.99 -22.82 -11.95
N ALA K 84 -25.90 -23.70 -10.98
CA ALA K 84 -24.69 -23.81 -10.17
C ALA K 84 -23.45 -24.10 -11.00
N ASN K 85 -23.56 -25.00 -11.96
CA ASN K 85 -22.43 -25.36 -12.77
C ASN K 85 -22.03 -24.27 -13.70
N MET K 86 -22.98 -23.49 -14.19
CA MET K 86 -22.69 -22.32 -15.04
C MET K 86 -21.89 -21.23 -14.28
N VAL K 87 -22.35 -20.89 -13.07
CA VAL K 87 -21.72 -19.79 -12.31
C VAL K 87 -20.40 -20.20 -11.62
N TYR K 88 -20.21 -21.48 -11.34
CA TYR K 88 -19.05 -21.95 -10.62
C TYR K 88 -17.77 -21.52 -11.32
N GLN K 89 -17.76 -21.56 -12.65
CA GLN K 89 -16.59 -21.20 -13.45
C GLN K 89 -16.20 -19.74 -13.29
N TYR K 90 -17.11 -18.91 -12.87
CA TYR K 90 -16.88 -17.49 -12.68
C TYR K 90 -16.56 -17.09 -11.24
N LYS K 91 -16.40 -18.04 -10.32
CA LYS K 91 -16.14 -17.63 -8.93
C LYS K 91 -14.90 -16.74 -8.88
N GLY K 92 -14.95 -15.69 -8.03
CA GLY K 92 -13.81 -14.85 -7.88
C GLY K 92 -13.75 -13.67 -8.84
N MET K 93 -14.68 -13.57 -9.77
CA MET K 93 -14.66 -12.56 -10.82
C MET K 93 -15.66 -11.50 -10.50
N GLY K 94 -16.29 -11.58 -9.34
CA GLY K 94 -17.19 -10.54 -8.87
C GLY K 94 -18.63 -10.64 -9.34
N LEU K 95 -19.11 -11.81 -9.76
CA LEU K 95 -20.55 -11.94 -9.97
C LEU K 95 -21.20 -11.94 -8.60
N SER K 96 -22.39 -11.37 -8.54
CA SER K 96 -23.20 -11.32 -7.31
C SER K 96 -24.63 -11.77 -7.67
N MET K 97 -25.00 -12.95 -7.21
CA MET K 97 -26.33 -13.49 -7.50
C MET K 97 -26.72 -14.48 -6.40
N GLY K 98 -27.96 -14.33 -5.95
CA GLY K 98 -28.54 -15.22 -4.95
C GLY K 98 -29.93 -15.53 -5.50
N THR K 99 -30.20 -16.79 -5.82
CA THR K 99 -31.47 -17.19 -6.36
C THR K 99 -32.12 -18.38 -5.66
N MET K 100 -33.44 -18.37 -5.65
CA MET K 100 -34.19 -19.55 -5.33
C MET K 100 -34.83 -20.13 -6.59
N ILE K 101 -34.59 -21.41 -6.85
CA ILE K 101 -35.19 -22.16 -7.97
C ILE K 101 -36.37 -22.97 -7.38
N CYS K 102 -37.58 -22.62 -7.78
CA CYS K 102 -38.82 -23.06 -7.14
C CYS K 102 -39.70 -23.77 -8.17
N GLY K 103 -40.08 -25.01 -7.91
CA GLY K 103 -40.90 -25.76 -8.87
C GLY K 103 -41.72 -26.85 -8.21
N TRP K 104 -42.28 -27.69 -9.04
CA TRP K 104 -42.94 -28.89 -8.58
C TRP K 104 -42.67 -29.92 -9.67
N ASP K 105 -42.00 -31.02 -9.35
CA ASP K 105 -41.64 -32.04 -10.34
C ASP K 105 -42.01 -33.42 -9.79
N LYS K 106 -41.39 -34.50 -10.25
CA LYS K 106 -41.77 -35.86 -9.84
C LYS K 106 -41.47 -36.14 -8.35
N ARG K 107 -40.57 -35.39 -7.73
CA ARG K 107 -40.38 -35.51 -6.29
C ARG K 107 -41.30 -34.57 -5.50
N GLY K 108 -42.24 -33.88 -6.16
CA GLY K 108 -43.17 -32.98 -5.45
C GLY K 108 -42.61 -31.55 -5.43
N PRO K 109 -43.12 -30.70 -4.54
CA PRO K 109 -42.61 -29.31 -4.42
C PRO K 109 -41.08 -29.24 -4.26
N GLY K 110 -40.42 -28.33 -4.98
CA GLY K 110 -38.97 -28.26 -4.96
C GLY K 110 -38.46 -26.84 -4.79
N LEU K 111 -37.40 -26.71 -3.99
CA LEU K 111 -36.88 -25.40 -3.63
C LEU K 111 -35.41 -25.51 -3.38
N TYR K 112 -34.63 -24.84 -4.21
CA TYR K 112 -33.18 -24.85 -4.10
C TYR K 112 -32.70 -23.40 -4.01
N TYR K 113 -31.71 -23.16 -3.14
CA TYR K 113 -31.02 -21.88 -3.06
C TYR K 113 -29.74 -22.06 -3.86
N VAL K 114 -29.47 -21.13 -4.77
CA VAL K 114 -28.21 -21.18 -5.56
C VAL K 114 -27.58 -19.77 -5.62
N ASP K 115 -26.29 -19.70 -5.46
CA ASP K 115 -25.63 -18.37 -5.55
C ASP K 115 -24.28 -18.38 -6.25
N SER K 116 -23.78 -17.19 -6.46
CA SER K 116 -22.51 -16.96 -7.22
C SER K 116 -21.30 -17.35 -6.42
N GLU K 117 -21.43 -17.56 -5.10
CA GLU K 117 -20.31 -18.18 -4.30
C GLU K 117 -20.08 -19.65 -4.49
N GLY K 118 -21.03 -20.31 -5.16
CA GLY K 118 -20.98 -21.71 -5.39
C GLY K 118 -21.98 -22.55 -4.59
N ASN K 119 -22.80 -21.95 -3.73
CA ASN K 119 -23.69 -22.75 -2.88
C ASN K 119 -24.85 -23.29 -3.75
N ARG K 120 -25.25 -24.51 -3.45
CA ARG K 120 -26.49 -25.04 -3.99
C ARG K 120 -27.10 -25.95 -2.92
N ILE K 121 -28.24 -25.58 -2.37
CA ILE K 121 -28.83 -26.36 -1.30
C ILE K 121 -30.30 -26.38 -1.39
N SER K 122 -30.85 -27.56 -1.10
CA SER K 122 -32.31 -27.78 -1.02
C SER K 122 -32.78 -27.37 0.36
N GLY K 123 -34.00 -26.84 0.50
CA GLY K 123 -34.54 -26.66 1.87
C GLY K 123 -35.97 -26.25 1.89
N ALA K 124 -36.53 -26.16 3.07
CA ALA K 124 -37.95 -25.91 3.22
C ALA K 124 -38.33 -24.44 3.01
N THR K 125 -37.48 -23.55 3.52
CA THR K 125 -37.75 -22.10 3.48
C THR K 125 -36.37 -21.42 3.23
N PHE K 126 -36.36 -20.29 2.54
CA PHE K 126 -35.19 -19.49 2.38
C PHE K 126 -35.63 -18.06 2.26
N SER K 127 -34.72 -17.15 2.58
CA SER K 127 -34.86 -15.74 2.21
C SER K 127 -33.50 -15.28 1.80
N VAL K 128 -33.46 -14.40 0.77
CA VAL K 128 -32.26 -13.95 0.12
C VAL K 128 -32.31 -12.46 -0.15
N GLY K 129 -31.18 -11.77 0.08
CA GLY K 129 -31.09 -10.36 -0.21
C GLY K 129 -30.73 -9.56 1.01
N SER K 130 -30.50 -8.27 0.79
CA SER K 130 -30.19 -7.34 1.87
C SER K 130 -31.23 -7.34 2.97
N GLY K 131 -32.49 -7.56 2.65
CA GLY K 131 -33.53 -7.64 3.66
C GLY K 131 -33.90 -9.00 4.24
N SER K 132 -33.17 -10.04 3.85
CA SER K 132 -33.47 -11.38 4.21
C SER K 132 -33.56 -11.60 5.70
N VAL K 133 -32.66 -10.99 6.46
CA VAL K 133 -32.68 -11.15 7.91
C VAL K 133 -34.04 -10.74 8.55
N TYR K 134 -34.65 -9.67 8.06
CA TYR K 134 -35.91 -9.17 8.51
C TYR K 134 -37.07 -10.10 8.07
N ALA K 135 -37.05 -10.52 6.81
CA ALA K 135 -38.01 -11.54 6.32
C ALA K 135 -37.90 -12.85 7.09
N TYR K 136 -36.70 -13.28 7.44
CA TYR K 136 -36.58 -14.57 8.18
C TYR K 136 -37.27 -14.54 9.52
N GLY K 137 -37.11 -13.44 10.23
CA GLY K 137 -37.77 -13.31 11.54
C GLY K 137 -39.26 -13.51 11.45
N VAL K 138 -39.89 -12.83 10.48
CA VAL K 138 -41.32 -12.96 10.37
C VAL K 138 -41.77 -14.28 9.80
N MET K 139 -41.10 -14.73 8.73
CA MET K 139 -41.40 -16.01 8.11
C MET K 139 -41.20 -17.14 9.09
N ASP K 140 -40.07 -17.11 9.80
CA ASP K 140 -39.84 -18.16 10.77
C ASP K 140 -40.91 -18.25 11.85
N ARG K 141 -41.43 -17.13 12.35
CA ARG K 141 -42.37 -17.23 13.46
C ARG K 141 -43.76 -17.69 12.99
N GLY K 142 -44.07 -17.58 11.72
CA GLY K 142 -45.39 -17.98 11.25
C GLY K 142 -45.42 -19.24 10.39
N TYR K 143 -44.25 -19.78 9.99
CA TYR K 143 -44.22 -20.87 9.04
C TYR K 143 -44.70 -22.16 9.63
N SER K 144 -45.45 -22.87 8.81
CA SER K 144 -45.81 -24.26 9.09
C SER K 144 -46.09 -24.96 7.77
N TYR K 145 -45.65 -26.22 7.67
CA TYR K 145 -45.90 -27.03 6.46
C TYR K 145 -47.43 -27.14 6.19
N ASP K 146 -48.23 -27.06 7.25
CA ASP K 146 -49.67 -27.20 7.12
C ASP K 146 -50.43 -25.90 7.10
N LEU K 147 -49.75 -24.81 6.82
CA LEU K 147 -50.44 -23.56 6.53
C LEU K 147 -51.52 -23.81 5.45
N GLU K 148 -52.69 -23.20 5.65
CA GLU K 148 -53.66 -23.10 4.59
C GLU K 148 -53.17 -22.10 3.56
N VAL K 149 -53.64 -22.26 2.33
CA VAL K 149 -53.20 -21.48 1.22
C VAL K 149 -53.28 -19.97 1.49
N GLU K 150 -54.47 -19.47 1.88
CA GLU K 150 -54.58 -18.02 2.14
C GLU K 150 -53.65 -17.56 3.33
N GLN K 151 -53.41 -18.44 4.33
CA GLN K 151 -52.51 -18.10 5.46
C GLN K 151 -51.05 -17.97 4.96
N ALA K 152 -50.68 -18.81 3.98
CA ALA K 152 -49.37 -18.79 3.41
C ALA K 152 -49.12 -17.52 2.57
N TYR K 153 -50.12 -17.13 1.79
CA TYR K 153 -50.08 -15.87 1.05
C TYR K 153 -49.86 -14.70 2.04
N ASP K 154 -50.62 -14.71 3.14
CA ASP K 154 -50.54 -13.66 4.17
C ASP K 154 -49.15 -13.55 4.80
N LEU K 155 -48.56 -14.70 5.09
CA LEU K 155 -47.27 -14.78 5.68
C LEU K 155 -46.14 -14.25 4.80
N ALA K 156 -46.12 -14.70 3.54
CA ALA K 156 -45.16 -14.24 2.58
C ALA K 156 -45.25 -12.74 2.37
N ARG K 157 -46.46 -12.27 2.14
CA ARG K 157 -46.69 -10.87 1.95
C ARG K 157 -46.20 -10.03 3.18
N ARG K 158 -46.55 -10.48 4.40
CA ARG K 158 -46.15 -9.80 5.61
C ARG K 158 -44.62 -9.80 5.82
N ALA K 159 -43.95 -10.93 5.63
CA ALA K 159 -42.52 -11.02 5.78
C ALA K 159 -41.75 -10.05 4.83
N ILE K 160 -42.11 -10.01 3.55
CA ILE K 160 -41.51 -9.06 2.66
C ILE K 160 -41.83 -7.64 3.07
N TYR K 161 -43.09 -7.37 3.42
CA TYR K 161 -43.49 -6.04 3.88
C TYR K 161 -42.56 -5.54 5.02
N GLN K 162 -42.35 -6.40 6.00
CA GLN K 162 -41.60 -6.04 7.22
C GLN K 162 -40.14 -5.80 6.91
N ALA K 163 -39.60 -6.62 5.98
CA ALA K 163 -38.30 -6.35 5.38
C ALA K 163 -38.20 -4.99 4.68
N THR K 164 -39.17 -4.62 3.84
CA THR K 164 -39.16 -3.30 3.23
C THR K 164 -39.15 -2.13 4.26
N TYR K 165 -39.75 -2.39 5.41
CA TYR K 165 -39.88 -1.38 6.45
C TYR K 165 -38.51 -1.10 7.15
N ARG K 166 -37.77 -2.15 7.51
CA ARG K 166 -36.43 -1.98 8.12
C ARG K 166 -35.25 -1.74 7.16
N ASP K 167 -35.29 -2.36 5.99
CA ASP K 167 -34.16 -2.37 5.07
C ASP K 167 -34.32 -1.24 4.08
N ALA K 168 -33.36 -0.31 4.11
CA ALA K 168 -33.34 0.78 3.18
C ALA K 168 -33.36 0.32 1.72
N TYR K 169 -32.76 -0.84 1.50
CA TYR K 169 -32.57 -1.33 0.10
C TYR K 169 -33.68 -2.29 -0.40
N SER K 170 -34.80 -2.35 0.32
CA SER K 170 -35.96 -3.10 -0.13
C SER K 170 -37.17 -2.17 -0.10
N GLY K 171 -38.05 -2.37 -1.08
CA GLY K 171 -39.24 -1.59 -1.18
C GLY K 171 -40.04 -1.79 -2.44
N GLY K 172 -41.00 -0.88 -2.60
CA GLY K 172 -41.90 -0.87 -3.73
C GLY K 172 -43.19 -1.63 -3.52
N ALA K 173 -43.27 -2.81 -4.12
CA ALA K 173 -44.42 -3.62 -4.09
C ALA K 173 -44.00 -4.99 -3.72
N VAL K 174 -44.92 -5.78 -3.13
CA VAL K 174 -44.63 -7.22 -2.93
C VAL K 174 -45.36 -8.06 -3.98
N ASN K 175 -44.59 -8.84 -4.70
CA ASN K 175 -45.10 -9.67 -5.77
C ASN K 175 -45.00 -11.11 -5.30
N LEU K 176 -46.13 -11.79 -5.42
CA LEU K 176 -46.33 -13.08 -4.83
C LEU K 176 -46.84 -14.11 -5.88
N TYR K 177 -46.25 -15.30 -5.84
CA TYR K 177 -46.50 -16.36 -6.76
C TYR K 177 -46.69 -17.61 -5.93
N HIS K 178 -47.42 -18.55 -6.51
CA HIS K 178 -47.65 -19.82 -5.89
C HIS K 178 -47.37 -20.92 -6.92
N VAL K 179 -46.40 -21.81 -6.67
CA VAL K 179 -46.19 -22.98 -7.51
C VAL K 179 -47.08 -24.11 -7.04
N ARG K 180 -47.99 -24.50 -7.92
CA ARG K 180 -48.95 -25.62 -7.67
C ARG K 180 -48.56 -26.80 -8.60
N GLU K 181 -49.21 -27.93 -8.42
CA GLU K 181 -48.82 -29.15 -9.16
C GLU K 181 -49.02 -29.03 -10.69
N ASP K 182 -50.00 -28.26 -11.13
CA ASP K 182 -50.18 -27.98 -12.55
C ASP K 182 -49.62 -26.60 -13.03
N GLY K 183 -48.65 -26.03 -12.34
CA GLY K 183 -48.12 -24.76 -12.76
C GLY K 183 -48.12 -23.72 -11.68
N TRP K 184 -47.32 -22.69 -11.88
CA TRP K 184 -47.32 -21.55 -10.99
C TRP K 184 -48.47 -20.66 -11.39
N ILE K 185 -48.97 -19.88 -10.42
CA ILE K 185 -49.84 -18.73 -10.71
C ILE K 185 -49.24 -17.47 -10.09
N ARG K 186 -49.47 -16.33 -10.74
CA ARG K 186 -49.23 -15.03 -10.15
C ARG K 186 -50.39 -14.68 -9.20
N VAL K 187 -50.14 -14.58 -7.90
CA VAL K 187 -51.25 -14.37 -6.94
C VAL K 187 -51.58 -12.91 -6.63
N SER K 188 -50.58 -12.05 -6.42
CA SER K 188 -50.89 -10.62 -6.24
C SER K 188 -49.64 -9.74 -6.39
N SER K 189 -49.90 -8.44 -6.51
CA SER K 189 -48.92 -7.39 -6.49
C SER K 189 -49.48 -6.29 -5.62
N ASP K 190 -48.87 -6.03 -4.45
CA ASP K 190 -49.43 -5.06 -3.54
C ASP K 190 -48.36 -4.02 -3.22
N ASN K 191 -48.62 -2.77 -3.56
CA ASN K 191 -47.76 -1.69 -3.17
C ASN K 191 -47.64 -1.62 -1.63
N VAL K 192 -46.40 -1.51 -1.19
CA VAL K 192 -46.05 -1.44 0.23
C VAL K 192 -46.77 -0.28 0.95
N ALA K 193 -47.04 0.83 0.24
CA ALA K 193 -47.83 1.94 0.82
C ALA K 193 -49.28 1.56 1.06
N ASP K 194 -49.85 0.70 0.22
CA ASP K 194 -51.20 0.19 0.45
C ASP K 194 -51.19 -0.86 1.53
N LEU K 195 -50.15 -1.72 1.59
CA LEU K 195 -50.03 -2.68 2.72
C LEU K 195 -49.87 -2.02 4.11
N HIS K 196 -49.21 -0.86 4.14
CA HIS K 196 -49.00 -0.12 5.39
C HIS K 196 -50.33 0.35 5.99
N GLU K 197 -51.16 0.94 5.12
CA GLU K 197 -52.53 1.34 5.39
C GLU K 197 -53.28 0.18 6.01
N LYS K 198 -53.21 -0.96 5.36
CA LYS K 198 -53.90 -2.13 5.81
C LYS K 198 -53.38 -2.66 7.14
N TYR K 199 -52.08 -2.84 7.29
CA TYR K 199 -51.59 -3.49 8.50
C TYR K 199 -51.62 -2.59 9.74
N SER K 200 -52.00 -1.31 9.60
CA SER K 200 -52.40 -0.43 10.72
C SER K 200 -53.61 0.46 10.39
N ARG L 1 -0.91 4.12 -13.70
CA ARG L 1 -2.17 3.48 -14.12
C ARG L 1 -2.87 4.48 -15.08
N PHE L 2 -2.74 4.18 -16.38
CA PHE L 2 -3.67 4.65 -17.41
C PHE L 2 -5.09 4.35 -16.94
N SER L 3 -6.03 5.31 -16.89
CA SER L 3 -7.46 5.01 -16.77
CA SER L 3 -7.49 4.98 -16.79
C SER L 3 -8.13 4.97 -18.14
N PRO L 4 -8.89 3.87 -18.44
CA PRO L 4 -9.52 3.79 -19.76
C PRO L 4 -10.83 4.52 -19.87
N TYR L 5 -11.26 5.21 -18.81
CA TYR L 5 -12.53 5.90 -18.81
C TYR L 5 -12.39 7.32 -18.40
N VAL L 6 -13.29 8.14 -18.88
CA VAL L 6 -13.42 9.51 -18.41
C VAL L 6 -14.92 9.82 -18.44
N PHE L 7 -15.35 10.72 -17.59
CA PHE L 7 -16.75 11.12 -17.54
C PHE L 7 -17.00 12.32 -18.46
N ASN L 8 -17.89 12.21 -19.45
CA ASN L 8 -18.12 13.31 -20.38
C ASN L 8 -19.46 14.00 -20.24
N GLY L 9 -20.24 13.60 -19.24
CA GLY L 9 -21.43 14.35 -18.96
C GLY L 9 -22.60 14.05 -19.86
N GLY L 10 -23.66 14.79 -19.65
CA GLY L 10 -24.83 14.53 -20.47
C GLY L 10 -26.00 13.97 -19.70
N THR L 11 -27.14 14.55 -20.03
CA THR L 11 -28.44 14.12 -19.52
C THR L 11 -29.38 13.65 -20.67
N ILE L 12 -29.99 12.47 -20.44
CA ILE L 12 -30.97 11.89 -21.31
C ILE L 12 -32.30 11.63 -20.59
N LEU L 13 -33.36 11.54 -21.41
CA LEU L 13 -34.73 11.45 -20.93
C LEU L 13 -35.59 10.82 -22.03
N ALA L 14 -36.48 9.92 -21.62
CA ALA L 14 -37.51 9.36 -22.54
C ALA L 14 -38.88 9.25 -21.85
N ILE L 15 -39.93 9.50 -22.64
CA ILE L 15 -41.30 9.46 -22.16
C ILE L 15 -42.12 8.67 -23.17
N ALA L 16 -42.86 7.65 -22.68
CA ALA L 16 -43.85 6.95 -23.47
C ALA L 16 -45.24 7.57 -23.35
N GLY L 17 -45.84 7.87 -24.50
CA GLY L 17 -47.25 8.26 -24.61
C GLY L 17 -48.08 7.13 -25.19
N GLU L 18 -49.37 7.39 -25.36
CA GLU L 18 -50.28 6.39 -25.93
C GLU L 18 -49.88 6.07 -27.38
N ASP L 19 -49.51 7.09 -28.14
CA ASP L 19 -49.11 6.92 -29.54
C ASP L 19 -47.85 7.72 -29.88
N PHE L 20 -46.97 7.90 -28.91
CA PHE L 20 -45.73 8.59 -29.19
C PHE L 20 -44.68 8.20 -28.22
N ALA L 21 -43.44 8.45 -28.58
CA ALA L 21 -42.33 8.43 -27.64
C ALA L 21 -41.46 9.66 -27.86
N ILE L 22 -40.94 10.19 -26.75
CA ILE L 22 -40.00 11.30 -26.79
C ILE L 22 -38.67 10.79 -26.27
N VAL L 23 -37.58 11.17 -26.93
CA VAL L 23 -36.23 10.98 -26.42
C VAL L 23 -35.53 12.32 -26.55
N ALA L 24 -34.92 12.76 -25.44
CA ALA L 24 -34.37 14.09 -25.33
C ALA L 24 -33.02 14.04 -24.64
N SER L 25 -32.15 14.98 -24.99
CA SER L 25 -30.85 15.08 -24.40
C SER L 25 -30.29 16.46 -24.53
N ASP L 26 -29.36 16.83 -23.65
CA ASP L 26 -28.65 18.11 -23.81
C ASP L 26 -27.54 17.91 -24.83
N THR L 27 -26.86 18.98 -25.22
CA THR L 27 -25.88 18.87 -26.28
C THR L 27 -24.46 19.16 -25.83
N ARG L 28 -24.22 19.24 -24.52
CA ARG L 28 -22.92 19.56 -24.02
C ARG L 28 -22.08 18.32 -23.83
N LEU L 29 -20.84 18.41 -24.23
CA LEU L 29 -19.89 17.38 -24.01
C LEU L 29 -18.77 17.96 -23.24
N SER L 30 -18.49 17.38 -22.08
CA SER L 30 -17.60 17.93 -21.07
C SER L 30 -16.45 16.99 -20.81
N GLU L 31 -15.45 17.51 -20.14
CA GLU L 31 -14.40 16.69 -19.57
C GLU L 31 -13.73 17.52 -18.48
N GLY L 32 -13.64 16.99 -17.25
CA GLY L 32 -13.07 17.78 -16.12
C GLY L 32 -13.87 19.00 -15.83
N PHE L 33 -13.25 20.16 -15.78
CA PHE L 33 -13.98 21.42 -15.70
C PHE L 33 -14.16 22.16 -17.08
N SER L 34 -14.00 21.46 -18.19
CA SER L 34 -14.02 22.04 -19.55
C SER L 34 -15.14 21.50 -20.38
N ILE L 35 -15.50 22.31 -21.38
CA ILE L 35 -16.45 21.95 -22.40
C ILE L 35 -15.67 21.60 -23.69
N HIS L 36 -15.82 20.36 -24.13
CA HIS L 36 -15.34 19.94 -25.45
C HIS L 36 -16.09 20.65 -26.58
N THR L 37 -17.40 20.57 -26.57
CA THR L 37 -18.25 21.19 -27.55
C THR L 37 -19.61 21.37 -26.99
N ARG L 38 -20.30 22.37 -27.47
CA ARG L 38 -21.67 22.68 -27.14
C ARG L 38 -22.70 22.05 -28.10
N ASP L 39 -22.25 21.25 -29.07
CA ASP L 39 -23.19 20.69 -30.02
C ASP L 39 -22.92 19.21 -30.27
N SER L 40 -23.24 18.42 -29.28
CA SER L 40 -22.99 17.00 -29.25
C SER L 40 -24.22 16.35 -28.62
N PRO L 41 -25.23 16.07 -29.43
CA PRO L 41 -26.43 15.38 -28.95
C PRO L 41 -26.15 13.91 -28.56
N LYS L 42 -27.02 13.42 -27.70
CA LYS L 42 -26.85 12.12 -27.14
C LYS L 42 -27.90 11.16 -27.62
N CYS L 43 -28.69 11.57 -28.62
CA CYS L 43 -29.75 10.77 -29.21
CA CYS L 43 -29.72 10.76 -29.25
C CYS L 43 -29.24 10.23 -30.59
N TYR L 44 -29.62 9.00 -30.91
CA TYR L 44 -29.21 8.33 -32.15
C TYR L 44 -30.42 7.57 -32.74
N LYS L 45 -30.75 7.88 -33.97
CA LYS L 45 -31.84 7.18 -34.65
C LYS L 45 -31.40 5.74 -34.97
N LEU L 46 -32.17 4.75 -34.57
CA LEU L 46 -31.86 3.36 -34.90
C LEU L 46 -32.72 2.83 -36.06
N THR L 47 -34.04 3.03 -36.00
CA THR L 47 -34.98 2.72 -37.09
C THR L 47 -35.92 3.90 -37.14
N ASP L 48 -36.86 3.84 -38.05
CA ASP L 48 -37.98 4.78 -38.12
C ASP L 48 -38.89 4.84 -36.88
N LYS L 49 -38.81 3.81 -36.03
CA LYS L 49 -39.67 3.62 -34.88
C LYS L 49 -38.89 3.63 -33.57
N THR L 50 -37.57 3.77 -33.60
CA THR L 50 -36.73 3.63 -32.40
C THR L 50 -35.54 4.60 -32.39
N VAL L 51 -35.37 5.27 -31.24
CA VAL L 51 -34.28 6.18 -30.98
C VAL L 51 -33.65 5.73 -29.65
N ILE L 52 -32.32 5.89 -29.54
CA ILE L 52 -31.58 5.58 -28.32
C ILE L 52 -30.86 6.85 -27.80
N GLY L 53 -30.93 7.08 -26.48
CA GLY L 53 -30.15 8.10 -25.82
C GLY L 53 -29.01 7.44 -25.08
N CYS L 54 -27.80 7.99 -25.20
CA CYS L 54 -26.59 7.43 -24.59
C CYS L 54 -25.76 8.53 -23.93
N SER L 55 -25.40 8.34 -22.67
CA SER L 55 -24.48 9.28 -21.97
C SER L 55 -23.52 8.56 -21.08
N GLY L 56 -22.43 9.22 -20.74
CA GLY L 56 -21.40 8.62 -19.91
C GLY L 56 -20.10 8.89 -20.59
N PHE L 57 -19.32 7.85 -20.80
CA PHE L 57 -17.99 8.00 -21.34
C PHE L 57 -18.20 8.02 -22.86
N HIS L 58 -17.89 9.16 -23.47
CA HIS L 58 -18.14 9.36 -24.91
C HIS L 58 -17.48 8.30 -25.79
N GLY L 59 -16.27 7.89 -25.49
CA GLY L 59 -15.60 6.86 -26.27
C GLY L 59 -16.43 5.57 -26.39
N ASP L 60 -17.06 5.20 -25.29
CA ASP L 60 -17.93 4.05 -25.27
C ASP L 60 -19.27 4.37 -25.97
N CYS L 61 -19.78 5.61 -25.86
CA CYS L 61 -21.05 5.94 -26.51
C CYS L 61 -20.90 5.75 -28.04
N LEU L 62 -19.76 6.22 -28.56
CA LEU L 62 -19.53 6.16 -29.95
C LEU L 62 -19.39 4.72 -30.37
N THR L 63 -18.57 3.95 -29.69
CA THR L 63 -18.37 2.58 -30.06
C THR L 63 -19.66 1.74 -30.00
N LEU L 64 -20.39 1.88 -28.90
CA LEU L 64 -21.62 1.13 -28.68
C LEU L 64 -22.66 1.45 -29.73
N THR L 65 -22.86 2.73 -30.07
CA THR L 65 -23.82 3.05 -31.11
C THR L 65 -23.45 2.49 -32.51
N LYS L 66 -22.17 2.49 -32.85
CA LYS L 66 -21.70 1.85 -34.05
C LYS L 66 -21.88 0.34 -34.07
N ILE L 67 -21.69 -0.32 -32.94
CA ILE L 67 -22.01 -1.72 -32.82
C ILE L 67 -23.50 -2.01 -33.01
N ILE L 68 -24.33 -1.20 -32.39
CA ILE L 68 -25.76 -1.36 -32.50
C ILE L 68 -26.16 -1.23 -33.96
N GLU L 69 -25.65 -0.19 -34.64
CA GLU L 69 -25.94 0.04 -36.08
C GLU L 69 -25.60 -1.15 -36.97
N ALA L 70 -24.42 -1.72 -36.76
CA ALA L 70 -23.99 -2.92 -37.47
C ALA L 70 -24.91 -4.12 -37.17
N ARG L 71 -25.23 -4.35 -35.93
CA ARG L 71 -26.11 -5.45 -35.54
C ARG L 71 -27.52 -5.31 -36.08
N LEU L 72 -28.07 -4.09 -36.17
CA LEU L 72 -29.38 -3.89 -36.78
C LEU L 72 -29.37 -4.32 -38.24
N LYS L 73 -28.30 -3.98 -38.95
CA LYS L 73 -28.18 -4.46 -40.34
C LYS L 73 -27.99 -5.95 -40.53
N MET L 74 -27.14 -6.53 -39.70
CA MET L 74 -26.97 -7.96 -39.66
C MET L 74 -28.30 -8.68 -39.41
N TYR L 75 -29.08 -8.19 -38.44
CA TYR L 75 -30.42 -8.76 -38.16
C TYR L 75 -31.34 -8.69 -39.39
N LYS L 76 -31.42 -7.50 -40.00
CA LYS L 76 -32.24 -7.29 -41.14
C LYS L 76 -31.85 -8.21 -42.31
N HIS L 77 -30.57 -8.39 -42.52
CA HIS L 77 -30.10 -9.32 -43.51
C HIS L 77 -30.42 -10.76 -43.20
N SER L 78 -30.31 -11.22 -41.96
CA SER L 78 -30.66 -12.63 -41.74
C SER L 78 -32.15 -12.91 -41.56
N ASN L 79 -32.89 -11.95 -41.04
CA ASN L 79 -34.31 -12.15 -40.77
C ASN L 79 -35.29 -11.42 -41.72
N ASN L 80 -34.82 -10.65 -42.68
CA ASN L 80 -35.69 -9.95 -43.66
C ASN L 80 -36.73 -9.02 -43.13
N LYS L 81 -36.42 -8.37 -42.02
CA LYS L 81 -37.26 -7.35 -41.45
C LYS L 81 -36.43 -6.49 -40.44
N ALA L 82 -36.86 -5.25 -40.21
CA ALA L 82 -36.24 -4.36 -39.26
C ALA L 82 -36.49 -4.90 -37.85
N MET L 83 -35.54 -4.69 -36.96
CA MET L 83 -35.71 -5.05 -35.58
C MET L 83 -36.75 -4.17 -34.94
N THR L 84 -37.56 -4.76 -34.07
CA THR L 84 -38.53 -4.01 -33.26
C THR L 84 -37.81 -3.32 -32.07
N THR L 85 -38.53 -2.39 -31.46
CA THR L 85 -38.05 -1.64 -30.32
C THR L 85 -37.70 -2.59 -29.20
N GLY L 86 -38.59 -3.53 -28.90
CA GLY L 86 -38.34 -4.57 -27.89
C GLY L 86 -37.22 -5.54 -28.19
N ALA L 87 -37.02 -5.92 -29.45
CA ALA L 87 -35.87 -6.76 -29.84
C ALA L 87 -34.55 -6.00 -29.79
N ILE L 88 -34.54 -4.72 -30.13
CA ILE L 88 -33.33 -3.90 -29.94
C ILE L 88 -32.95 -3.83 -28.43
N ALA L 89 -33.93 -3.64 -27.59
CA ALA L 89 -33.74 -3.58 -26.13
C ALA L 89 -33.15 -4.89 -25.58
N ALA L 90 -33.74 -6.02 -25.98
CA ALA L 90 -33.23 -7.32 -25.55
C ALA L 90 -31.80 -7.54 -26.09
N MET L 91 -31.53 -7.10 -27.31
CA MET L 91 -30.23 -7.31 -27.87
C MET L 91 -29.20 -6.50 -27.10
N LEU L 92 -29.51 -5.24 -26.89
CA LEU L 92 -28.62 -4.31 -26.13
C LEU L 92 -28.25 -4.87 -24.81
N SER L 93 -29.18 -5.51 -24.14
CA SER L 93 -28.87 -6.16 -22.88
C SER L 93 -27.74 -7.17 -22.98
N THR L 94 -27.77 -7.96 -24.02
CA THR L 94 -26.68 -8.91 -24.23
C THR L 94 -25.34 -8.26 -24.66
N ILE L 95 -25.39 -7.19 -25.47
CA ILE L 95 -24.17 -6.52 -25.91
C ILE L 95 -23.50 -5.89 -24.68
N LEU L 96 -24.28 -5.26 -23.84
CA LEU L 96 -23.75 -4.69 -22.57
C LEU L 96 -23.14 -5.75 -21.68
N TYR L 97 -23.82 -6.88 -21.52
CA TYR L 97 -23.30 -7.96 -20.65
C TYR L 97 -22.07 -8.61 -21.21
N SER L 98 -21.90 -8.62 -22.53
CA SER L 98 -20.67 -9.17 -23.07
C SER L 98 -19.41 -8.46 -22.54
N ARG L 99 -19.55 -7.20 -22.12
CA ARG L 99 -18.49 -6.45 -21.46
C ARG L 99 -18.64 -6.37 -19.97
N ARG L 100 -19.30 -7.39 -19.39
CA ARG L 100 -19.47 -7.49 -17.96
C ARG L 100 -18.20 -7.24 -17.14
N PHE L 101 -17.08 -7.78 -17.57
CA PHE L 101 -15.82 -7.63 -16.91
C PHE L 101 -14.93 -6.44 -17.45
N PHE L 102 -15.45 -5.59 -18.37
CA PHE L 102 -14.80 -4.29 -18.77
C PHE L 102 -15.90 -3.43 -19.34
N PRO L 103 -16.77 -2.92 -18.50
CA PRO L 103 -18.02 -2.40 -19.04
C PRO L 103 -17.94 -1.22 -20.00
N TYR L 104 -18.90 -1.14 -20.90
CA TYR L 104 -19.32 0.11 -21.50
C TYR L 104 -19.84 1.07 -20.42
N TYR L 105 -19.15 2.19 -20.23
CA TYR L 105 -19.56 3.24 -19.32
C TYR L 105 -20.54 4.13 -20.02
N VAL L 106 -21.74 3.59 -20.18
CA VAL L 106 -22.84 4.22 -20.85
C VAL L 106 -24.18 3.91 -20.12
N TYR L 107 -24.99 4.95 -19.93
CA TYR L 107 -26.35 4.86 -19.51
C TYR L 107 -27.19 5.01 -20.76
N ASN L 108 -28.03 4.01 -21.03
CA ASN L 108 -28.83 3.96 -22.22
C ASN L 108 -30.26 4.03 -21.90
N ILE L 109 -30.98 4.81 -22.68
CA ILE L 109 -32.44 4.80 -22.65
C ILE L 109 -32.95 4.69 -24.10
N ILE L 110 -33.75 3.66 -24.38
CA ILE L 110 -34.43 3.51 -25.68
C ILE L 110 -35.83 4.11 -25.61
N GLY L 111 -36.20 4.92 -26.59
CA GLY L 111 -37.58 5.32 -26.78
C GLY L 111 -38.06 5.03 -28.21
N GLY L 112 -39.29 4.51 -28.31
CA GLY L 112 -39.85 4.11 -29.58
C GLY L 112 -41.28 3.62 -29.50
N LEU L 113 -41.73 3.07 -30.61
CA LEU L 113 -43.07 2.51 -30.69
C LEU L 113 -42.95 1.03 -30.63
N ASP L 114 -43.84 0.42 -29.85
CA ASP L 114 -43.94 -1.02 -29.79
C ASP L 114 -44.73 -1.53 -30.99
N GLU L 115 -44.97 -2.83 -31.04
CA GLU L 115 -45.70 -3.43 -32.19
C GLU L 115 -47.19 -3.17 -32.25
N GLU L 116 -47.79 -2.63 -31.20
CA GLU L 116 -49.19 -2.16 -31.29
C GLU L 116 -49.25 -0.67 -31.62
N GLY L 117 -48.13 0.01 -31.88
CA GLY L 117 -48.14 1.47 -32.13
C GLY L 117 -48.10 2.35 -30.86
N LYS L 118 -47.85 1.74 -29.72
CA LYS L 118 -47.80 2.52 -28.48
C LYS L 118 -46.38 2.94 -28.09
N GLY L 119 -46.26 4.06 -27.36
CA GLY L 119 -44.97 4.47 -26.76
C GLY L 119 -44.30 3.42 -25.88
N ALA L 120 -43.01 3.27 -26.05
CA ALA L 120 -42.23 2.33 -25.28
C ALA L 120 -40.94 2.98 -24.87
N VAL L 121 -40.61 2.86 -23.58
CA VAL L 121 -39.31 3.27 -23.07
C VAL L 121 -38.65 2.09 -22.40
N TYR L 122 -37.38 1.86 -22.71
CA TYR L 122 -36.57 0.88 -22.02
C TYR L 122 -35.33 1.55 -21.48
N SER L 123 -35.02 1.26 -20.22
CA SER L 123 -33.87 1.86 -19.56
C SER L 123 -32.90 0.80 -19.01
N PHE L 124 -31.63 1.10 -19.08
CA PHE L 124 -30.56 0.18 -18.87
C PHE L 124 -29.57 0.71 -17.81
N ASP L 125 -28.93 -0.23 -17.12
CA ASP L 125 -27.69 0.02 -16.46
C ASP L 125 -26.49 -0.32 -17.38
N PRO L 126 -25.26 0.09 -16.97
CA PRO L 126 -24.10 -0.15 -17.86
C PRO L 126 -23.82 -1.58 -18.27
N VAL L 127 -24.24 -2.58 -17.47
CA VAL L 127 -23.99 -3.99 -17.83
C VAL L 127 -25.26 -4.73 -18.34
N GLY L 128 -26.34 -3.98 -18.65
CA GLY L 128 -27.49 -4.47 -19.44
C GLY L 128 -28.71 -4.94 -18.68
N SER L 129 -28.77 -4.70 -17.34
CA SER L 129 -30.03 -4.82 -16.62
C SER L 129 -31.01 -3.80 -17.22
N TYR L 130 -32.23 -4.22 -17.51
CA TYR L 130 -33.20 -3.31 -18.12
C TYR L 130 -34.61 -3.69 -17.87
N GLN L 131 -35.52 -2.76 -18.05
CA GLN L 131 -36.93 -3.01 -18.04
C GLN L 131 -37.60 -1.95 -18.88
N ARG L 132 -38.88 -2.18 -19.12
CA ARG L 132 -39.75 -1.19 -19.67
C ARG L 132 -40.21 -0.21 -18.60
N ASP L 133 -40.36 1.05 -18.98
CA ASP L 133 -40.79 2.12 -18.11
C ASP L 133 -41.79 2.94 -18.87
N SER L 134 -42.54 3.75 -18.17
CA SER L 134 -43.43 4.77 -18.76
C SER L 134 -42.63 6.05 -19.09
N PHE L 135 -41.60 6.30 -18.31
CA PHE L 135 -40.72 7.44 -18.50
C PHE L 135 -39.47 7.21 -17.71
N LYS L 136 -38.39 7.85 -18.09
CA LYS L 136 -37.14 7.63 -17.40
C LYS L 136 -36.12 8.73 -17.68
N ALA L 137 -35.38 9.16 -16.68
CA ALA L 137 -34.25 10.05 -16.84
C ALA L 137 -32.94 9.31 -16.62
N GLY L 138 -31.88 9.77 -17.28
CA GLY L 138 -30.60 9.13 -17.17
C GLY L 138 -29.49 10.14 -17.31
N GLY L 139 -28.31 9.73 -16.90
CA GLY L 139 -27.13 10.55 -17.05
C GLY L 139 -26.95 11.49 -15.88
N SER L 140 -26.20 12.52 -16.18
CA SER L 140 -25.66 13.43 -15.20
C SER L 140 -26.68 14.07 -14.28
N ALA L 141 -27.77 14.58 -14.81
CA ALA L 141 -28.79 15.18 -14.02
C ALA L 141 -29.96 14.25 -13.71
N SER L 142 -29.80 12.91 -13.80
CA SER L 142 -30.99 12.03 -13.65
C SER L 142 -31.63 12.09 -12.33
N ALA L 143 -30.86 12.29 -11.27
CA ALA L 143 -31.47 12.38 -9.95
C ALA L 143 -32.22 13.66 -9.78
N MET L 144 -31.91 14.68 -10.57
CA MET L 144 -32.70 15.92 -10.56
C MET L 144 -33.98 15.79 -11.37
N LEU L 145 -33.93 15.14 -12.50
CA LEU L 145 -35.13 15.04 -13.32
C LEU L 145 -36.13 14.03 -12.81
N GLN L 146 -35.66 12.86 -12.36
CA GLN L 146 -36.55 11.75 -12.12
C GLN L 146 -37.64 11.97 -11.10
N PRO L 147 -37.30 12.53 -9.91
CA PRO L 147 -38.36 12.86 -8.97
C PRO L 147 -39.48 13.73 -9.46
N LEU L 148 -39.15 14.75 -10.24
CA LEU L 148 -40.17 15.58 -10.84
C LEU L 148 -41.08 14.81 -11.83
N LEU L 149 -40.49 13.94 -12.64
CA LEU L 149 -41.27 13.11 -13.56
C LEU L 149 -42.17 12.16 -12.76
N ASP L 150 -41.63 11.59 -11.68
CA ASP L 150 -42.42 10.75 -10.78
C ASP L 150 -43.67 11.46 -10.32
N ASN L 151 -43.50 12.70 -9.87
CA ASN L 151 -44.56 13.50 -9.36
C ASN L 151 -45.57 13.92 -10.46
N GLN L 152 -45.07 14.47 -11.56
CA GLN L 152 -45.89 15.13 -12.60
C GLN L 152 -46.46 14.22 -13.67
N VAL L 153 -45.76 13.15 -14.01
CA VAL L 153 -46.25 12.11 -14.93
C VAL L 153 -46.81 10.91 -14.18
N GLY L 154 -46.13 10.48 -13.12
CA GLY L 154 -46.60 9.37 -12.30
C GLY L 154 -47.67 9.75 -11.31
N PHE L 155 -47.91 11.04 -11.13
CA PHE L 155 -48.84 11.54 -10.14
C PHE L 155 -48.49 11.16 -8.71
N LYS L 156 -47.24 10.81 -8.43
CA LYS L 156 -46.88 10.36 -7.07
C LYS L 156 -46.93 11.43 -6.03
N ASN L 157 -47.39 11.03 -4.84
CA ASN L 157 -47.53 11.89 -3.66
C ASN L 157 -48.61 12.95 -3.77
N MET L 158 -49.46 12.83 -4.79
CA MET L 158 -50.60 13.77 -5.02
C MET L 158 -51.95 13.10 -4.73
N GLN L 159 -52.80 13.79 -3.99
CA GLN L 159 -54.18 13.35 -3.71
C GLN L 159 -55.10 14.19 -4.56
N ASN L 160 -56.31 13.67 -4.78
CA ASN L 160 -57.39 14.43 -5.42
C ASN L 160 -57.01 15.03 -6.80
N VAL L 161 -56.33 14.25 -7.63
CA VAL L 161 -56.07 14.63 -9.04
C VAL L 161 -56.46 13.47 -9.97
N GLU L 162 -57.17 13.81 -11.07
CA GLU L 162 -57.57 12.83 -12.08
C GLU L 162 -56.30 12.41 -12.83
N HIS L 163 -56.08 11.09 -12.89
CA HIS L 163 -54.93 10.48 -13.57
C HIS L 163 -55.25 10.43 -15.08
N VAL L 164 -55.08 11.57 -15.75
CA VAL L 164 -55.39 11.66 -17.17
C VAL L 164 -54.26 11.03 -18.05
N PRO L 165 -54.58 10.71 -19.34
CA PRO L 165 -53.51 10.38 -20.30
C PRO L 165 -52.58 11.58 -20.58
N LEU L 166 -51.32 11.27 -20.75
CA LEU L 166 -50.34 12.27 -21.01
C LEU L 166 -50.40 12.71 -22.50
N SER L 167 -50.79 13.96 -22.71
CA SER L 167 -50.77 14.58 -24.02
C SER L 167 -49.34 14.95 -24.42
N LEU L 168 -49.13 14.96 -25.74
CA LEU L 168 -47.84 15.26 -26.32
C LEU L 168 -47.38 16.65 -25.93
N ASP L 169 -48.33 17.59 -25.98
CA ASP L 169 -48.06 19.00 -25.64
C ASP L 169 -47.62 19.16 -24.17
N ARG L 170 -48.27 18.45 -23.27
CA ARG L 170 -47.88 18.52 -21.88
C ARG L 170 -46.54 17.85 -21.72
N ALA L 171 -46.36 16.66 -22.29
CA ALA L 171 -45.08 15.99 -22.21
C ALA L 171 -43.93 16.82 -22.77
N MET L 172 -44.18 17.57 -23.81
CA MET L 172 -43.18 18.47 -24.35
C MET L 172 -42.80 19.61 -23.37
N ARG L 173 -43.82 20.24 -22.80
CA ARG L 173 -43.69 21.30 -21.82
C ARG L 173 -42.91 20.76 -20.59
N LEU L 174 -43.18 19.54 -20.16
CA LEU L 174 -42.43 18.90 -19.06
C LEU L 174 -40.98 18.67 -19.37
N VAL L 175 -40.70 18.16 -20.56
CA VAL L 175 -39.35 17.90 -20.96
C VAL L 175 -38.54 19.18 -20.95
N LYS L 176 -39.08 20.24 -21.53
CA LYS L 176 -38.34 21.49 -21.60
C LYS L 176 -38.10 22.08 -20.18
N ASP L 177 -39.12 21.98 -19.33
CA ASP L 177 -39.04 22.50 -17.96
C ASP L 177 -37.98 21.78 -17.17
N VAL L 178 -37.94 20.44 -17.22
CA VAL L 178 -37.00 19.71 -16.38
C VAL L 178 -35.56 19.93 -16.83
N PHE L 179 -35.32 20.04 -18.14
CA PHE L 179 -33.98 20.32 -18.60
C PHE L 179 -33.52 21.72 -18.22
N ILE L 180 -34.43 22.67 -18.31
CA ILE L 180 -34.15 24.03 -17.85
C ILE L 180 -33.81 24.06 -16.36
N SER L 181 -34.54 23.29 -15.56
CA SER L 181 -34.23 23.15 -14.13
C SER L 181 -32.91 22.48 -13.88
N ALA L 182 -32.62 21.45 -14.66
CA ALA L 182 -31.34 20.79 -14.56
C ALA L 182 -30.16 21.67 -14.98
N ALA L 183 -30.33 22.51 -16.01
CA ALA L 183 -29.25 23.40 -16.44
C ALA L 183 -28.88 24.43 -15.35
N GLU L 184 -29.84 24.74 -14.46
CA GLU L 184 -29.60 25.63 -13.30
C GLU L 184 -28.65 25.04 -12.27
N ARG L 185 -28.64 23.70 -12.12
CA ARG L 185 -27.91 23.04 -11.01
C ARG L 185 -26.83 22.02 -11.35
N ASP L 186 -27.00 21.26 -12.40
CA ASP L 186 -25.95 20.36 -12.88
C ASP L 186 -25.02 21.16 -13.80
N VAL L 187 -23.74 21.19 -13.46
CA VAL L 187 -22.75 21.91 -14.29
C VAL L 187 -22.57 21.29 -15.66
N TYR L 188 -22.79 19.99 -15.78
CA TYR L 188 -22.66 19.27 -17.06
C TYR L 188 -23.82 19.47 -18.05
N THR L 189 -25.00 19.84 -17.59
CA THR L 189 -26.15 19.98 -18.46
C THR L 189 -26.34 21.42 -18.89
N GLY L 190 -26.39 21.62 -20.19
CA GLY L 190 -26.49 22.98 -20.71
C GLY L 190 -26.42 23.06 -22.23
N ASP L 191 -26.29 24.29 -22.72
CA ASP L 191 -26.10 24.66 -24.13
C ASP L 191 -27.37 24.57 -24.93
N ALA L 192 -27.87 23.36 -25.13
CA ALA L 192 -29.12 23.18 -25.88
C ALA L 192 -29.75 21.87 -25.51
N LEU L 193 -31.06 21.80 -25.69
CA LEU L 193 -31.86 20.61 -25.49
C LEU L 193 -32.33 20.14 -26.89
N ARG L 194 -32.00 18.90 -27.27
CA ARG L 194 -32.49 18.27 -28.52
C ARG L 194 -33.63 17.29 -28.16
N ILE L 195 -34.79 17.46 -28.77
CA ILE L 195 -35.94 16.59 -28.55
C ILE L 195 -36.34 15.84 -29.85
N CYS L 196 -36.45 14.51 -29.79
CA CYS L 196 -36.93 13.67 -30.87
C CYS L 196 -38.30 13.18 -30.47
N ILE L 197 -39.28 13.38 -31.33
CA ILE L 197 -40.59 12.83 -31.14
C ILE L 197 -40.87 11.69 -32.18
N VAL L 198 -40.99 10.46 -31.70
CA VAL L 198 -41.29 9.32 -32.54
C VAL L 198 -42.81 9.09 -32.55
N THR L 199 -43.42 9.10 -33.72
CA THR L 199 -44.84 8.72 -33.92
C THR L 199 -44.96 7.82 -35.17
N LYS L 200 -46.18 7.38 -35.48
CA LYS L 200 -46.43 6.61 -36.70
C LYS L 200 -46.00 7.31 -37.99
N GLU L 201 -46.06 8.64 -38.00
CA GLU L 201 -45.64 9.45 -39.14
C GLU L 201 -44.14 9.52 -39.30
N GLY L 202 -43.37 9.27 -38.25
CA GLY L 202 -41.92 9.25 -38.29
C GLY L 202 -41.31 9.91 -37.08
N ILE L 203 -40.11 10.45 -37.27
CA ILE L 203 -39.33 11.05 -36.17
C ILE L 203 -39.11 12.51 -36.49
N ARG L 204 -39.62 13.40 -35.65
CA ARG L 204 -39.29 14.81 -35.85
C ARG L 204 -38.45 15.36 -34.71
N GLU L 205 -37.91 16.54 -34.92
CA GLU L 205 -36.82 17.07 -34.13
C GLU L 205 -37.16 18.49 -33.76
N GLU L 206 -37.03 18.84 -32.49
CA GLU L 206 -37.04 20.26 -32.02
C GLU L 206 -35.73 20.52 -31.25
N THR L 207 -35.25 21.75 -31.27
CA THR L 207 -34.18 22.12 -30.39
C THR L 207 -34.50 23.42 -29.63
N VAL L 208 -34.15 23.45 -28.34
CA VAL L 208 -34.41 24.57 -27.44
C VAL L 208 -33.08 25.04 -26.83
N SER L 209 -32.91 26.34 -26.71
CA SER L 209 -31.70 26.88 -26.14
C SER L 209 -31.65 26.65 -24.62
N LEU L 210 -30.49 26.32 -24.07
CA LEU L 210 -30.24 26.30 -22.60
C LEU L 210 -29.08 27.21 -22.28
N ARG L 211 -28.97 27.57 -21.00
CA ARG L 211 -27.83 28.39 -20.49
C ARG L 211 -26.48 27.83 -20.92
N LYS L 212 -25.59 28.73 -21.32
CA LYS L 212 -24.24 28.43 -21.78
C LYS L 212 -23.11 28.41 -20.73
N ASP L 213 -23.42 28.85 -19.49
CA ASP L 213 -22.44 28.84 -18.36
C ASP L 213 -22.24 27.47 -17.68
N THR M 1 1.74 2.57 -25.23
CA THR M 1 2.51 3.31 -24.20
C THR M 1 1.83 3.35 -22.85
N GLN M 2 2.55 2.95 -21.83
CA GLN M 2 2.13 3.16 -20.45
C GLN M 2 2.67 4.52 -19.91
N ASN M 3 3.85 4.91 -20.37
CA ASN M 3 4.57 6.06 -19.84
C ASN M 3 5.06 6.92 -21.01
N PRO M 4 4.44 8.11 -21.24
CA PRO M 4 4.89 8.91 -22.38
C PRO M 4 6.34 9.37 -22.16
N MET M 5 7.11 9.53 -23.24
CA MET M 5 8.52 9.85 -23.12
C MET M 5 8.68 11.24 -23.71
N VAL M 6 9.10 11.39 -24.95
CA VAL M 6 9.12 12.69 -25.57
C VAL M 6 7.73 13.08 -26.01
N THR M 7 7.27 14.25 -25.60
CA THR M 7 5.89 14.71 -25.83
C THR M 7 5.76 16.11 -26.46
N GLY M 8 4.63 16.33 -27.10
CA GLY M 8 4.31 17.61 -27.64
C GLY M 8 3.10 18.16 -26.93
N THR M 9 3.03 19.49 -26.94
CA THR M 9 1.99 20.19 -26.20
C THR M 9 0.82 20.49 -27.14
N SER M 10 0.11 21.58 -26.90
CA SER M 10 -1.11 21.90 -27.60
C SER M 10 -1.07 21.84 -29.15
N VAL M 11 -2.24 21.51 -29.71
CA VAL M 11 -2.50 21.69 -31.15
C VAL M 11 -3.78 22.47 -31.19
N LEU M 12 -3.84 23.43 -32.10
CA LEU M 12 -5.00 24.27 -32.32
C LEU M 12 -5.57 24.02 -33.69
N GLY M 13 -6.87 24.25 -33.83
CA GLY M 13 -7.54 24.21 -35.11
C GLY M 13 -8.74 25.11 -35.17
N VAL M 14 -8.94 25.76 -36.30
CA VAL M 14 -10.14 26.54 -36.49
C VAL M 14 -10.61 26.46 -37.95
N LYS M 15 -11.92 26.38 -38.13
CA LYS M 15 -12.52 26.48 -39.43
C LYS M 15 -12.66 27.91 -39.91
N PHE M 16 -12.53 28.09 -41.24
CA PHE M 16 -12.77 29.33 -41.90
C PHE M 16 -13.46 29.05 -43.23
N GLU M 17 -13.95 30.09 -43.84
CA GLU M 17 -14.66 29.99 -45.09
C GLU M 17 -13.68 29.53 -46.18
N GLY M 18 -13.83 28.27 -46.59
CA GLY M 18 -12.98 27.69 -47.64
C GLY M 18 -11.87 26.79 -47.11
N GLY M 19 -11.83 26.51 -45.80
CA GLY M 19 -10.80 25.67 -45.29
C GLY M 19 -10.69 25.60 -43.77
N VAL M 20 -9.53 25.14 -43.32
CA VAL M 20 -9.27 24.88 -41.92
C VAL M 20 -7.79 25.17 -41.75
N VAL M 21 -7.43 25.74 -40.59
CA VAL M 21 -6.05 25.98 -40.23
C VAL M 21 -5.72 25.27 -38.88
N ILE M 22 -4.56 24.65 -38.76
CA ILE M 22 -4.11 24.09 -37.56
C ILE M 22 -2.72 24.59 -37.25
N ALA M 23 -2.37 24.55 -35.97
CA ALA M 23 -1.08 25.07 -35.51
C ALA M 23 -0.48 24.28 -34.44
N ALA M 24 0.83 24.16 -34.48
CA ALA M 24 1.53 23.42 -33.48
C ALA M 24 2.97 23.83 -33.43
N ASP M 25 3.46 23.97 -32.18
CA ASP M 25 4.86 24.24 -31.99
C ASP M 25 5.72 23.02 -32.38
N MET M 26 6.99 23.27 -32.48
CA MET M 26 7.93 22.28 -33.04
C MET M 26 8.80 21.65 -31.98
N LEU M 27 8.26 21.51 -30.77
CA LEU M 27 9.00 21.03 -29.62
C LEU M 27 8.61 19.62 -29.20
N GLY M 28 9.61 18.79 -28.96
CA GLY M 28 9.43 17.60 -28.18
C GLY M 28 10.11 17.75 -26.84
N SER M 29 9.28 17.74 -25.77
CA SER M 29 9.76 17.81 -24.42
C SER M 29 9.94 16.48 -23.78
N TYR M 30 10.96 16.38 -22.95
CA TYR M 30 11.28 15.17 -22.25
C TYR M 30 11.18 15.54 -20.77
N GLY M 31 9.99 15.37 -20.24
CA GLY M 31 9.68 15.96 -18.94
C GLY M 31 9.76 17.48 -19.14
N SER M 32 10.42 18.18 -18.26
CA SER M 32 10.49 19.62 -18.38
C SER M 32 11.56 20.09 -19.46
N LEU M 33 12.44 19.18 -19.88
CA LEU M 33 13.53 19.51 -20.77
C LEU M 33 12.97 19.70 -22.16
N ALA M 34 13.32 20.82 -22.75
CA ALA M 34 12.96 21.17 -24.12
C ALA M 34 14.00 20.53 -25.00
N ARG M 35 13.79 19.26 -25.35
CA ARG M 35 14.85 18.45 -25.83
C ARG M 35 15.04 18.54 -27.38
N PHE M 36 13.97 18.33 -28.12
CA PHE M 36 14.00 18.27 -29.62
C PHE M 36 13.23 19.45 -30.13
N ARG M 37 13.95 20.44 -30.58
CA ARG M 37 13.36 21.76 -30.79
C ARG M 37 13.00 22.08 -32.22
N ASN M 38 13.18 21.12 -33.11
CA ASN M 38 12.78 21.32 -34.50
C ASN M 38 12.02 20.14 -35.12
N ILE M 39 10.97 19.67 -34.46
CA ILE M 39 10.26 18.46 -34.96
C ILE M 39 8.93 18.95 -35.40
N SER M 40 8.40 18.38 -36.47
CA SER M 40 7.07 18.73 -36.95
C SER M 40 6.05 17.77 -36.29
N ARG M 41 4.97 18.35 -35.74
CA ARG M 41 3.88 17.67 -35.06
C ARG M 41 2.61 17.73 -35.90
N ILE M 42 2.81 17.95 -37.22
CA ILE M 42 1.75 18.05 -38.16
C ILE M 42 2.08 17.12 -39.36
N MET M 43 1.06 16.44 -39.85
CA MET M 43 1.13 15.49 -41.00
C MET M 43 0.16 15.91 -42.07
N ARG M 44 0.62 16.01 -43.30
CA ARG M 44 -0.30 16.03 -44.43
C ARG M 44 -0.69 14.57 -44.63
N VAL M 45 -1.97 14.25 -44.45
CA VAL M 45 -2.42 12.82 -44.64
C VAL M 45 -2.59 12.52 -46.18
N ASN M 46 -3.41 13.34 -46.83
CA ASN M 46 -3.61 13.30 -48.31
C ASN M 46 -4.00 14.71 -48.69
N ASN M 47 -4.57 14.89 -49.85
CA ASN M 47 -4.83 16.23 -50.36
C ASN M 47 -5.93 17.05 -49.68
N SER M 48 -6.80 16.39 -48.95
CA SER M 48 -7.94 17.02 -48.37
C SER M 48 -7.82 17.04 -46.85
N THR M 49 -6.77 16.44 -46.29
CA THR M 49 -6.73 16.13 -44.83
C THR M 49 -5.37 16.34 -44.24
N MET M 50 -5.38 16.94 -43.08
CA MET M 50 -4.18 17.04 -42.28
C MET M 50 -4.45 16.71 -40.81
N LEU M 51 -3.37 16.40 -40.13
CA LEU M 51 -3.41 15.92 -38.73
C LEU M 51 -2.32 16.62 -37.88
N GLY M 52 -2.68 17.00 -36.68
CA GLY M 52 -1.74 17.52 -35.66
C GLY M 52 -1.89 16.73 -34.35
N ALA M 53 -0.78 16.35 -33.75
CA ALA M 53 -0.77 15.54 -32.57
C ALA M 53 -0.08 16.15 -31.32
N SER M 54 -0.80 16.18 -30.20
CA SER M 54 -0.20 16.31 -28.85
C SER M 54 0.17 14.92 -28.30
N GLY M 55 1.02 14.92 -27.32
CA GLY M 55 1.34 13.74 -26.56
C GLY M 55 2.57 13.10 -27.10
N ASP M 56 2.68 11.79 -26.90
CA ASP M 56 3.90 11.03 -27.14
C ASP M 56 4.29 11.04 -28.65
N TYR M 57 5.48 11.52 -28.95
CA TYR M 57 5.91 11.74 -30.31
C TYR M 57 6.21 10.44 -31.04
N ALA M 58 6.78 9.44 -30.35
CA ALA M 58 6.97 8.15 -30.93
C ALA M 58 5.67 7.51 -31.42
N ASP M 59 4.63 7.60 -30.57
CA ASP M 59 3.31 7.15 -30.95
C ASP M 59 2.77 7.90 -32.15
N PHE M 60 2.96 9.22 -32.17
CA PHE M 60 2.64 9.99 -33.39
C PHE M 60 3.36 9.50 -34.65
N GLN M 61 4.67 9.25 -34.54
CA GLN M 61 5.41 8.72 -35.66
C GLN M 61 4.85 7.35 -36.17
N TYR M 62 4.37 6.54 -35.23
CA TYR M 62 3.74 5.30 -35.55
C TYR M 62 2.47 5.53 -36.33
N LEU M 63 1.62 6.43 -35.89
CA LEU M 63 0.40 6.74 -36.58
C LEU M 63 0.66 7.31 -37.96
N LYS M 64 1.69 8.15 -38.09
CA LYS M 64 2.07 8.70 -39.35
C LYS M 64 2.49 7.59 -40.32
N GLN M 65 3.27 6.63 -39.81
CA GLN M 65 3.71 5.46 -40.61
C GLN M 65 2.49 4.66 -41.11
N VAL M 66 1.57 4.36 -40.21
CA VAL M 66 0.42 3.53 -40.52
C VAL M 66 -0.52 4.23 -41.51
N LEU M 67 -0.76 5.49 -41.25
CA LEU M 67 -1.69 6.27 -42.01
C LEU M 67 -1.12 6.66 -43.35
N GLY M 68 0.16 6.97 -43.38
CA GLY M 68 0.82 7.20 -44.62
C GLY M 68 0.72 5.97 -45.56
N GLN M 69 0.97 4.78 -45.00
CA GLN M 69 0.93 3.59 -45.76
C GLN M 69 -0.51 3.29 -46.30
N MET M 70 -1.51 3.56 -45.45
CA MET M 70 -2.88 3.38 -45.86
C MET M 70 -3.27 4.26 -47.05
N VAL M 71 -2.79 5.50 -47.06
CA VAL M 71 -3.05 6.42 -48.17
C VAL M 71 -2.35 5.93 -49.42
N ILE M 72 -1.09 5.53 -49.34
CA ILE M 72 -0.40 4.97 -50.50
C ILE M 72 -1.19 3.76 -51.06
N ASP M 73 -1.62 2.87 -50.19
CA ASP M 73 -2.34 1.63 -50.58
C ASP M 73 -3.55 1.98 -51.40
N GLU M 74 -4.27 2.98 -50.96
CA GLU M 74 -5.44 3.45 -51.61
C GLU M 74 -5.16 4.15 -52.94
N GLU M 75 -4.10 4.94 -53.01
CA GLU M 75 -3.70 5.55 -54.27
C GLU M 75 -3.29 4.54 -55.34
N LEU M 76 -2.70 3.42 -54.92
CA LEU M 76 -2.32 2.40 -55.85
C LEU M 76 -3.47 1.93 -56.70
N LEU M 77 -4.67 1.95 -56.13
CA LEU M 77 -5.83 1.39 -56.83
C LEU M 77 -6.27 2.32 -57.96
N GLY M 78 -5.97 3.60 -57.84
CA GLY M 78 -6.28 4.56 -58.89
C GLY M 78 -7.71 4.51 -59.36
N ASP M 79 -8.66 4.46 -58.43
CA ASP M 79 -10.05 4.11 -58.72
C ASP M 79 -11.07 5.23 -58.50
N GLY M 80 -10.62 6.46 -58.34
CA GLY M 80 -11.56 7.57 -58.10
C GLY M 80 -12.16 7.71 -56.71
N HIS M 81 -11.69 6.96 -55.72
CA HIS M 81 -12.21 7.08 -54.38
C HIS M 81 -11.03 7.43 -53.55
N SER M 82 -11.24 8.26 -52.54
CA SER M 82 -10.19 8.69 -51.64
C SER M 82 -10.76 8.73 -50.27
N TYR M 83 -9.97 8.50 -49.27
CA TYR M 83 -10.43 8.79 -47.92
C TYR M 83 -10.72 10.31 -47.72
N SER M 84 -11.97 10.61 -47.35
CA SER M 84 -12.34 11.92 -46.88
C SER M 84 -11.72 12.22 -45.49
N PRO M 85 -11.67 13.50 -45.10
CA PRO M 85 -11.26 13.85 -43.75
C PRO M 85 -12.11 13.17 -42.65
N ARG M 86 -13.39 13.08 -42.88
CA ARG M 86 -14.30 12.39 -41.98
C ARG M 86 -13.98 10.90 -41.86
N ALA M 87 -13.57 10.27 -42.95
CA ALA M 87 -13.19 8.87 -42.91
C ALA M 87 -11.92 8.62 -42.12
N ILE M 88 -10.96 9.51 -42.33
CA ILE M 88 -9.69 9.41 -41.63
C ILE M 88 -9.91 9.61 -40.12
N HIS M 89 -10.78 10.53 -39.77
CA HIS M 89 -11.11 10.84 -38.36
C HIS M 89 -11.84 9.63 -37.74
N SER M 90 -12.76 8.99 -38.53
CA SER M 90 -13.40 7.77 -38.11
C SER M 90 -12.41 6.67 -37.81
N TRP M 91 -11.52 6.43 -38.76
CA TRP M 91 -10.51 5.42 -38.67
C TRP M 91 -9.68 5.65 -37.37
N LEU M 92 -9.34 6.90 -37.15
CA LEU M 92 -8.48 7.27 -36.05
C LEU M 92 -9.21 7.04 -34.70
N THR M 93 -10.47 7.40 -34.66
CA THR M 93 -11.31 7.07 -33.52
C THR M 93 -11.29 5.57 -33.19
N ARG M 94 -11.51 4.72 -34.19
CA ARG M 94 -11.45 3.29 -34.01
C ARG M 94 -10.12 2.79 -33.53
N ALA M 95 -9.03 3.29 -34.11
CA ALA M 95 -7.69 2.84 -33.79
C ALA M 95 -7.37 3.20 -32.31
N MET M 96 -7.71 4.42 -31.89
CA MET M 96 -7.40 4.88 -30.54
C MET M 96 -8.29 4.11 -29.56
N TYR M 97 -9.58 4.01 -29.83
CA TYR M 97 -10.46 3.22 -28.97
C TYR M 97 -9.96 1.79 -28.80
N SER M 98 -9.57 1.18 -29.90
CA SER M 98 -9.15 -0.18 -29.90
C SER M 98 -7.88 -0.39 -29.03
N ARG M 99 -6.92 0.53 -29.14
CA ARG M 99 -5.72 0.45 -28.36
C ARG M 99 -5.98 0.71 -26.83
N ARG M 100 -6.87 1.66 -26.53
CA ARG M 100 -7.37 1.94 -25.20
C ARG M 100 -8.04 0.67 -24.62
N SER M 101 -8.82 -0.05 -25.46
CA SER M 101 -9.55 -1.27 -25.03
C SER M 101 -8.63 -2.46 -24.84
N LYS M 102 -7.44 -2.44 -25.39
CA LYS M 102 -6.37 -3.39 -25.00
C LYS M 102 -5.49 -2.96 -23.81
N MET M 103 -5.82 -1.85 -23.17
CA MET M 103 -5.01 -1.26 -22.07
C MET M 103 -3.61 -0.94 -22.52
N ASN M 104 -3.48 -0.50 -23.79
CA ASN M 104 -2.21 -0.16 -24.31
C ASN M 104 -2.37 1.00 -25.31
N PRO M 105 -2.64 2.20 -24.78
CA PRO M 105 -3.02 3.32 -25.62
C PRO M 105 -1.90 3.86 -26.43
N LEU M 106 -2.28 4.52 -27.50
CA LEU M 106 -1.41 5.43 -28.22
C LEU M 106 -1.61 6.76 -27.50
N TRP M 107 -0.53 7.29 -26.94
CA TRP M 107 -0.66 8.42 -25.98
C TRP M 107 -0.74 9.82 -26.69
N ASN M 108 -1.84 10.05 -27.41
CA ASN M 108 -1.97 11.19 -28.22
C ASN M 108 -3.30 11.79 -28.12
N THR M 109 -3.35 13.12 -28.33
CA THR M 109 -4.60 13.82 -28.56
C THR M 109 -4.42 14.53 -29.90
N MET M 110 -5.38 14.34 -30.82
CA MET M 110 -5.23 14.78 -32.18
C MET M 110 -6.35 15.64 -32.72
N VAL M 111 -5.94 16.48 -33.68
CA VAL M 111 -6.77 17.41 -34.35
C VAL M 111 -6.67 17.10 -35.90
N ILE M 112 -7.78 16.80 -36.52
CA ILE M 112 -7.86 16.45 -37.91
C ILE M 112 -8.56 17.60 -38.55
N GLY M 113 -7.90 18.19 -39.51
CA GLY M 113 -8.48 19.27 -40.33
C GLY M 113 -8.61 18.82 -41.78
N GLY M 114 -9.66 19.27 -42.43
CA GLY M 114 -9.82 18.95 -43.85
C GLY M 114 -10.77 19.81 -44.59
N TYR M 115 -10.72 19.64 -45.89
CA TYR M 115 -11.65 20.31 -46.78
C TYR M 115 -11.98 19.36 -47.91
N ALA M 116 -13.25 19.13 -48.14
CA ALA M 116 -13.71 18.18 -49.19
C ALA M 116 -15.15 18.52 -49.51
N ASP M 117 -15.49 18.49 -50.79
CA ASP M 117 -16.87 18.75 -51.26
C ASP M 117 -17.43 20.07 -50.74
N GLY M 118 -16.65 21.14 -50.76
CA GLY M 118 -17.16 22.41 -50.23
C GLY M 118 -17.33 22.54 -48.72
N GLU M 119 -16.99 21.54 -47.92
CA GLU M 119 -17.21 21.56 -46.45
C GLU M 119 -15.84 21.61 -45.72
N SER M 120 -15.71 22.46 -44.70
CA SER M 120 -14.58 22.42 -43.77
C SER M 120 -14.82 21.30 -42.74
N PHE M 121 -13.82 20.47 -42.50
CA PHE M 121 -13.90 19.45 -41.49
C PHE M 121 -12.88 19.73 -40.39
N LEU M 122 -13.33 19.65 -39.13
CA LEU M 122 -12.43 19.76 -38.01
C LEU M 122 -12.88 18.82 -36.91
N GLY M 123 -12.01 17.91 -36.55
CA GLY M 123 -12.35 16.84 -35.64
C GLY M 123 -11.27 16.55 -34.63
N TYR M 124 -11.71 16.11 -33.47
CA TYR M 124 -10.83 15.79 -32.32
C TYR M 124 -10.88 14.29 -32.07
N VAL M 125 -9.74 13.71 -31.75
CA VAL M 125 -9.69 12.35 -31.20
C VAL M 125 -8.67 12.26 -30.10
N ASP M 126 -9.03 11.63 -28.97
CA ASP M 126 -8.08 11.48 -27.87
C ASP M 126 -7.71 10.01 -27.66
N MET M 127 -6.86 9.76 -26.67
CA MET M 127 -6.29 8.45 -26.49
C MET M 127 -7.24 7.45 -26.02
N LEU M 128 -8.41 7.89 -25.60
CA LEU M 128 -9.43 7.00 -25.17
C LEU M 128 -10.48 6.72 -26.20
N GLY M 129 -10.33 7.28 -27.41
CA GLY M 129 -11.38 7.23 -28.39
C GLY M 129 -12.50 8.21 -28.23
N VAL M 130 -12.32 9.26 -27.39
CA VAL M 130 -13.27 10.38 -27.34
C VAL M 130 -13.07 11.20 -28.62
N ALA M 131 -14.13 11.38 -29.40
CA ALA M 131 -14.04 12.06 -30.68
C ALA M 131 -15.28 12.85 -30.95
N TYR M 132 -15.09 14.00 -31.58
CA TYR M 132 -16.17 14.87 -31.90
C TYR M 132 -15.71 15.90 -32.91
N GLU M 133 -16.66 16.65 -33.41
CA GLU M 133 -16.32 17.78 -34.30
C GLU M 133 -16.74 19.13 -33.70
N ALA M 134 -16.04 20.18 -34.07
CA ALA M 134 -16.39 21.51 -33.62
C ALA M 134 -15.79 22.60 -34.53
N PRO M 135 -16.28 23.85 -34.41
CA PRO M 135 -15.73 24.94 -35.27
C PRO M 135 -14.29 25.33 -34.89
N SER M 136 -13.88 25.05 -33.66
CA SER M 136 -12.49 25.23 -33.25
C SER M 136 -12.14 24.20 -32.19
N LEU M 137 -10.86 23.87 -32.08
CA LEU M 137 -10.39 22.86 -31.18
C LEU M 137 -9.08 23.32 -30.64
N ALA M 138 -8.75 22.84 -29.44
CA ALA M 138 -7.46 23.06 -28.85
C ALA M 138 -7.16 22.00 -27.76
N THR M 139 -6.07 21.28 -27.91
CA THR M 139 -5.72 20.24 -27.04
C THR M 139 -4.78 20.81 -25.97
N GLY M 140 -4.57 19.99 -24.96
CA GLY M 140 -3.68 20.31 -23.87
C GLY M 140 -3.99 21.61 -23.17
N TYR M 141 -2.94 22.36 -22.86
CA TYR M 141 -3.18 23.70 -22.26
C TYR M 141 -4.01 24.62 -23.15
N GLY M 142 -4.02 24.34 -24.46
CA GLY M 142 -4.80 25.13 -25.36
C GLY M 142 -6.25 25.10 -25.04
N ALA M 143 -6.71 24.00 -24.42
CA ALA M 143 -8.11 23.90 -24.04
C ALA M 143 -8.50 24.97 -23.05
N TYR M 144 -7.55 25.34 -22.19
CA TYR M 144 -7.77 26.38 -21.14
C TYR M 144 -7.46 27.80 -21.56
N LEU M 145 -6.44 27.96 -22.41
CA LEU M 145 -5.86 29.26 -22.71
C LEU M 145 -6.28 29.74 -24.10
N ALA M 146 -6.34 28.84 -25.08
CA ALA M 146 -6.65 29.23 -26.49
C ALA M 146 -8.12 29.15 -26.81
N GLN M 147 -8.74 28.01 -26.46
CA GLN M 147 -10.18 27.80 -26.71
C GLN M 147 -11.10 28.88 -26.23
N PRO M 148 -10.87 29.50 -25.03
CA PRO M 148 -11.75 30.62 -24.71
C PRO M 148 -11.68 31.81 -25.70
N LEU M 149 -10.48 32.10 -26.18
CA LEU M 149 -10.32 33.19 -27.15
C LEU M 149 -10.95 32.82 -28.52
N LEU M 150 -10.76 31.56 -28.94
CA LEU M 150 -11.35 31.06 -30.21
C LEU M 150 -12.85 31.17 -30.22
N ARG M 151 -13.47 30.68 -29.16
CA ARG M 151 -14.93 30.68 -29.02
C ARG M 151 -15.53 32.01 -28.84
N GLU M 152 -14.84 32.92 -28.16
CA GLU M 152 -15.36 34.28 -27.98
C GLU M 152 -15.46 34.99 -29.36
N VAL M 153 -14.40 34.90 -30.16
CA VAL M 153 -14.40 35.47 -31.51
C VAL M 153 -15.51 34.81 -32.36
N LEU M 154 -15.57 33.49 -32.38
CA LEU M 154 -16.58 32.73 -33.14
C LEU M 154 -18.04 32.96 -32.77
N GLU M 155 -18.32 33.42 -31.56
CA GLU M 155 -19.69 33.74 -31.17
C GLU M 155 -20.09 35.06 -31.80
N LYS M 156 -19.19 36.01 -31.83
CA LYS M 156 -19.45 37.28 -32.50
C LYS M 156 -19.48 37.21 -34.03
N GLN M 157 -18.91 36.15 -34.59
CA GLN M 157 -18.68 36.06 -36.03
C GLN M 157 -18.36 34.61 -36.34
N PRO M 158 -19.40 33.77 -36.54
CA PRO M 158 -19.13 32.36 -36.75
C PRO M 158 -18.33 32.03 -38.03
N VAL M 159 -18.41 32.90 -39.04
CA VAL M 159 -17.72 32.69 -40.31
C VAL M 159 -16.53 33.64 -40.42
N LEU M 160 -15.33 33.07 -40.36
CA LEU M 160 -14.08 33.80 -40.43
C LEU M 160 -13.51 33.66 -41.81
N SER M 161 -12.81 34.69 -42.24
CA SER M 161 -12.00 34.64 -43.42
C SER M 161 -10.74 33.86 -43.06
N GLN M 162 -10.01 33.44 -44.09
CA GLN M 162 -8.75 32.76 -43.89
C GLN M 162 -7.75 33.63 -43.09
N THR M 163 -7.65 34.92 -43.43
CA THR M 163 -6.63 35.76 -42.83
C THR M 163 -7.03 36.06 -41.36
N GLU M 164 -8.32 36.24 -41.09
CA GLU M 164 -8.84 36.35 -39.72
C GLU M 164 -8.58 35.11 -38.83
N ALA M 165 -8.74 33.90 -39.37
CA ALA M 165 -8.46 32.67 -38.69
C ALA M 165 -6.98 32.54 -38.39
N ARG M 166 -6.17 32.92 -39.34
CA ARG M 166 -4.71 32.91 -39.19
C ARG M 166 -4.23 33.90 -38.10
N ASP M 167 -4.77 35.13 -38.06
CA ASP M 167 -4.38 36.11 -37.06
CA ASP M 167 -4.41 36.10 -37.00
C ASP M 167 -4.80 35.61 -35.63
N LEU M 168 -6.00 35.04 -35.54
CA LEU M 168 -6.55 34.52 -34.30
C LEU M 168 -5.70 33.36 -33.75
N VAL M 169 -5.29 32.47 -34.62
CA VAL M 169 -4.39 31.41 -34.27
C VAL M 169 -3.02 31.96 -33.75
N GLU M 170 -2.45 32.96 -34.42
CA GLU M 170 -1.20 33.60 -33.97
C GLU M 170 -1.35 34.20 -32.58
N ARG M 171 -2.48 34.86 -32.31
CA ARG M 171 -2.75 35.45 -30.98
C ARG M 171 -2.81 34.36 -29.88
N CYS M 172 -3.43 33.20 -30.18
CA CYS M 172 -3.47 32.03 -29.29
C CYS M 172 -2.12 31.43 -29.09
N MET M 173 -1.31 31.36 -30.16
CA MET M 173 0.03 30.81 -30.00
C MET M 173 0.90 31.71 -29.09
N ARG M 174 0.66 33.00 -29.12
CA ARG M 174 1.37 33.92 -28.26
C ARG M 174 1.02 33.67 -26.79
N VAL M 175 -0.26 33.54 -26.53
CA VAL M 175 -0.77 33.32 -25.20
C VAL M 175 -0.15 32.04 -24.65
N LEU M 176 -0.13 30.97 -25.47
CA LEU M 176 0.43 29.73 -25.06
C LEU M 176 1.92 29.80 -24.72
N TYR M 177 2.66 30.55 -25.52
CA TYR M 177 4.06 30.79 -25.22
C TYR M 177 4.22 31.52 -23.87
N TYR M 178 3.34 32.44 -23.57
CA TYR M 178 3.40 33.17 -22.27
C TYR M 178 3.12 32.23 -21.07
N ARG M 179 2.24 31.23 -21.25
CA ARG M 179 1.58 30.59 -20.10
C ARG M 179 1.71 29.11 -19.94
N ASP M 180 2.16 28.42 -20.99
CA ASP M 180 2.39 26.98 -20.97
C ASP M 180 3.92 26.79 -20.89
N ALA M 181 4.39 26.25 -19.76
CA ALA M 181 5.79 26.01 -19.55
C ALA M 181 6.41 24.90 -20.41
N ARG M 182 5.61 24.22 -21.26
CA ARG M 182 6.10 23.24 -22.18
C ARG M 182 5.99 23.73 -23.63
N SER M 183 5.71 25.01 -23.81
CA SER M 183 5.64 25.55 -25.16
C SER M 183 6.99 26.01 -25.61
N TYR M 184 6.99 26.42 -26.86
CA TYR M 184 8.19 26.88 -27.53
C TYR M 184 7.81 27.87 -28.63
N ASN M 185 8.63 28.90 -28.84
CA ASN M 185 8.28 29.97 -29.76
C ASN M 185 8.78 29.73 -31.19
N ARG M 186 8.45 28.61 -31.72
CA ARG M 186 8.83 28.17 -33.07
C ARG M 186 7.70 27.21 -33.40
N PHE M 187 6.87 27.60 -34.36
CA PHE M 187 5.72 26.77 -34.67
C PHE M 187 5.44 26.65 -36.19
N GLN M 188 4.51 25.75 -36.52
CA GLN M 188 3.99 25.58 -37.88
C GLN M 188 2.53 25.87 -37.92
N ILE M 189 2.10 26.38 -39.04
CA ILE M 189 0.74 26.59 -39.31
C ILE M 189 0.47 25.76 -40.56
N ALA M 190 -0.57 24.95 -40.51
CA ALA M 190 -0.99 24.18 -41.70
C ALA M 190 -2.39 24.51 -42.10
N THR M 191 -2.62 24.64 -43.40
CA THR M 191 -3.85 25.12 -43.88
C THR M 191 -4.32 24.14 -45.00
N VAL M 192 -5.61 23.86 -45.03
CA VAL M 192 -6.21 23.06 -46.06
C VAL M 192 -7.35 23.85 -46.63
N THR M 193 -7.39 23.88 -47.95
CA THR M 193 -8.42 24.50 -48.73
C THR M 193 -8.70 23.57 -49.96
N GLU M 194 -9.53 24.03 -50.90
CA GLU M 194 -9.65 23.48 -52.25
C GLU M 194 -8.35 23.08 -52.94
N LYS M 195 -7.32 23.88 -52.72
CA LYS M 195 -6.06 23.73 -53.40
C LYS M 195 -5.19 22.66 -52.75
N GLY M 196 -5.54 22.12 -51.59
CA GLY M 196 -4.69 21.18 -50.92
C GLY M 196 -4.23 21.66 -49.54
N VAL M 197 -3.14 21.04 -49.08
CA VAL M 197 -2.61 21.22 -47.76
C VAL M 197 -1.26 21.89 -47.91
N GLU M 198 -1.09 23.00 -47.21
CA GLU M 198 0.21 23.70 -47.09
C GLU M 198 0.61 23.78 -45.61
N ILE M 199 1.87 23.49 -45.37
CA ILE M 199 2.46 23.56 -44.08
C ILE M 199 3.50 24.66 -44.14
N GLU M 200 3.35 25.71 -43.30
CA GLU M 200 4.31 26.81 -43.20
C GLU M 200 5.04 26.78 -41.88
N GLY M 201 6.29 27.21 -41.93
CA GLY M 201 7.15 27.27 -40.82
C GLY M 201 8.59 27.20 -41.23
N PRO M 202 9.50 27.34 -40.27
CA PRO M 202 9.22 27.65 -38.86
C PRO M 202 8.76 29.11 -38.65
N LEU M 203 7.78 29.32 -37.79
CA LEU M 203 7.21 30.62 -37.49
C LEU M 203 7.43 30.97 -36.02
N SER M 204 7.40 32.27 -35.69
CA SER M 204 7.58 32.81 -34.30
C SER M 204 6.56 33.82 -34.02
N THR M 205 6.13 34.00 -32.78
CA THR M 205 5.29 35.20 -32.44
C THR M 205 6.16 36.31 -31.89
N GLU M 206 5.79 37.58 -32.18
CA GLU M 206 6.28 38.75 -31.39
C GLU M 206 5.81 38.58 -29.93
N THR M 207 6.61 39.03 -28.99
CA THR M 207 6.21 38.95 -27.57
C THR M 207 6.49 40.29 -26.92
N ASN M 208 5.74 40.62 -25.87
CA ASN M 208 5.88 41.85 -25.18
C ASN M 208 6.18 41.58 -23.66
N TRP M 209 7.18 42.28 -23.13
CA TRP M 209 7.66 42.09 -21.78
C TRP M 209 7.64 43.35 -20.95
N ASP M 210 6.80 44.32 -21.35
CA ASP M 210 6.67 45.64 -20.66
C ASP M 210 6.28 45.44 -19.16
N ILE M 211 5.46 44.40 -18.92
CA ILE M 211 5.03 44.12 -17.54
C ILE M 211 6.19 43.83 -16.55
N ALA M 212 7.37 43.44 -17.05
CA ALA M 212 8.58 43.27 -16.26
C ALA M 212 8.99 44.52 -15.49
N HIS M 213 8.64 45.71 -15.99
CA HIS M 213 8.88 46.99 -15.28
C HIS M 213 7.64 47.54 -14.56
N MET M 214 6.54 46.79 -14.46
CA MET M 214 5.30 47.23 -13.74
C MET M 214 5.07 46.54 -12.35
N ILE M 215 6.17 46.20 -11.66
CA ILE M 215 6.18 45.62 -10.29
C ILE M 215 6.79 46.66 -9.37
N SER M 216 6.12 47.03 -8.29
CA SER M 216 6.82 47.84 -7.24
C SER M 216 6.00 47.97 -5.93
N THR N 1 26.32 7.64 -18.06
CA THR N 1 26.77 7.65 -19.44
C THR N 1 26.63 8.99 -20.09
N THR N 2 27.59 9.33 -20.93
CA THR N 2 27.35 10.40 -21.86
C THR N 2 27.75 9.95 -23.26
N ILE N 3 26.89 10.20 -24.24
CA ILE N 3 27.15 9.84 -25.63
C ILE N 3 26.86 11.02 -26.50
N MET N 4 27.53 11.06 -27.65
CA MET N 4 27.44 12.24 -28.52
C MET N 4 27.83 11.82 -29.92
N ALA N 5 27.23 12.49 -30.89
CA ALA N 5 27.70 12.41 -32.30
C ALA N 5 27.45 13.71 -33.01
N VAL N 6 28.25 13.98 -34.01
CA VAL N 6 28.22 15.21 -34.74
C VAL N 6 28.47 15.01 -36.23
N GLN N 7 27.66 15.62 -37.07
CA GLN N 7 27.82 15.50 -38.53
C GLN N 7 28.84 16.54 -39.00
N PHE N 8 29.69 16.18 -39.97
CA PHE N 8 30.49 17.16 -40.78
C PHE N 8 30.38 16.87 -42.25
N ASP N 9 30.93 17.72 -43.12
CA ASP N 9 30.84 17.50 -44.56
C ASP N 9 31.73 16.31 -44.89
N GLY N 10 31.10 15.14 -45.12
CA GLY N 10 31.77 13.90 -45.46
C GLY N 10 31.75 12.81 -44.40
N GLY N 11 31.18 13.05 -43.24
CA GLY N 11 31.17 12.03 -42.24
C GLY N 11 30.60 12.42 -40.91
N VAL N 12 30.94 11.61 -39.91
CA VAL N 12 30.48 11.85 -38.59
C VAL N 12 31.57 11.57 -37.59
N VAL N 13 31.39 12.19 -36.42
CA VAL N 13 32.20 11.92 -35.26
C VAL N 13 31.27 11.43 -34.16
N LEU N 14 31.68 10.39 -33.46
CA LEU N 14 30.94 9.82 -32.35
C LEU N 14 31.84 9.82 -31.12
N GLY N 15 31.24 9.93 -29.94
CA GLY N 15 32.01 9.75 -28.71
C GLY N 15 31.19 9.27 -27.53
N ALA N 16 31.90 8.72 -26.58
CA ALA N 16 31.30 8.28 -25.30
C ALA N 16 32.31 8.27 -24.23
N ASP N 17 31.80 8.35 -23.00
CA ASP N 17 32.59 8.05 -21.81
C ASP N 17 32.67 6.53 -21.70
N SER N 18 33.28 6.03 -20.64
CA SER N 18 33.50 4.61 -20.54
C SER N 18 33.03 4.03 -19.22
N ARG N 19 32.18 4.72 -18.49
CA ARG N 19 31.77 4.25 -17.16
C ARG N 19 30.49 3.38 -17.25
N THR N 20 30.54 2.20 -16.66
CA THR N 20 29.35 1.41 -16.37
C THR N 20 29.18 1.20 -14.87
N THR N 21 28.01 1.56 -14.35
CA THR N 21 27.72 1.53 -12.94
C THR N 21 26.61 0.57 -12.60
N THR N 22 26.77 -0.11 -11.49
CA THR N 22 25.64 -0.75 -10.80
C THR N 22 25.50 0.02 -9.49
N GLY N 23 24.42 0.78 -9.35
CA GLY N 23 24.25 1.68 -8.16
C GLY N 23 25.36 2.70 -8.35
N SER N 24 26.18 2.85 -7.32
CA SER N 24 27.33 3.73 -7.45
C SER N 24 28.69 2.96 -7.44
N TYR N 25 28.66 1.63 -7.70
CA TYR N 25 29.85 0.87 -8.00
C TYR N 25 30.16 0.92 -9.50
N ILE N 26 31.43 1.11 -9.82
CA ILE N 26 31.85 1.13 -11.20
C ILE N 26 32.24 -0.32 -11.60
N ALA N 27 31.37 -0.95 -12.36
CA ALA N 27 31.56 -2.37 -12.77
C ALA N 27 32.46 -2.47 -13.98
N ASN N 28 32.51 -1.42 -14.79
CA ASN N 28 33.53 -1.32 -15.84
C ASN N 28 33.93 0.12 -15.98
N ARG N 29 35.21 0.41 -15.83
CA ARG N 29 35.75 1.80 -15.98
C ARG N 29 36.27 2.13 -17.42
N VAL N 30 36.31 1.10 -18.29
CA VAL N 30 36.81 1.28 -19.65
C VAL N 30 35.85 0.67 -20.72
N THR N 31 34.54 0.79 -20.46
CA THR N 31 33.47 0.38 -21.37
C THR N 31 33.66 0.96 -22.78
N ASP N 32 33.38 0.12 -23.77
CA ASP N 32 33.29 0.58 -25.15
C ASP N 32 31.80 0.71 -25.52
N LYS N 33 31.29 1.94 -25.53
CA LYS N 33 29.88 2.23 -25.80
C LYS N 33 29.57 2.57 -27.28
N LEU N 34 30.57 2.51 -28.13
CA LEU N 34 30.40 2.83 -29.51
C LEU N 34 30.48 1.50 -30.21
N THR N 35 29.36 0.93 -30.66
CA THR N 35 29.41 -0.41 -31.23
C THR N 35 29.16 -0.40 -32.77
N PRO N 36 30.05 -1.09 -33.52
CA PRO N 36 29.89 -1.11 -34.97
C PRO N 36 28.70 -1.94 -35.38
N ILE N 37 27.83 -1.38 -36.16
CA ILE N 37 26.67 -2.09 -36.68
C ILE N 37 26.93 -2.56 -38.14
N HIS N 38 27.70 -1.82 -38.91
CA HIS N 38 28.17 -2.27 -40.21
C HIS N 38 29.49 -1.53 -40.49
N ASP N 39 30.08 -1.68 -41.66
CA ASP N 39 31.39 -1.11 -42.02
C ASP N 39 31.50 0.38 -41.66
N ARG N 40 30.47 1.16 -41.94
CA ARG N 40 30.48 2.61 -41.65
C ARG N 40 29.29 3.15 -40.90
N ILE N 41 28.75 2.34 -39.96
CA ILE N 41 27.57 2.69 -39.19
C ILE N 41 27.81 2.16 -37.77
N PHE N 42 27.72 3.08 -36.82
CA PHE N 42 27.95 2.77 -35.39
C PHE N 42 26.76 3.17 -34.64
N CYS N 43 26.60 2.57 -33.47
CA CYS N 43 25.65 3.15 -32.54
C CYS N 43 26.34 3.49 -31.22
N CYS N 44 25.93 4.59 -30.60
CA CYS N 44 26.37 4.95 -29.27
C CYS N 44 25.24 4.43 -28.32
N ARG N 45 25.60 3.73 -27.28
CA ARG N 45 24.62 3.16 -26.37
C ARG N 45 24.57 3.85 -25.02
N SER N 46 23.38 4.12 -24.55
CA SER N 46 23.11 4.48 -23.16
C SER N 46 21.85 3.76 -22.66
N GLY N 47 21.75 3.68 -21.32
CA GLY N 47 20.63 3.01 -20.66
C GLY N 47 21.12 1.66 -20.19
N SER N 48 20.22 0.71 -20.11
CA SER N 48 20.57 -0.67 -19.68
C SER N 48 21.59 -1.26 -20.64
N ALA N 49 22.70 -1.72 -20.10
CA ALA N 49 23.72 -2.41 -20.86
C ALA N 49 23.18 -3.71 -21.46
N ALA N 50 22.40 -4.46 -20.73
CA ALA N 50 21.84 -5.70 -21.27
C ALA N 50 20.95 -5.45 -22.49
N ASP N 51 20.07 -4.45 -22.35
CA ASP N 51 19.15 -4.02 -23.39
C ASP N 51 19.86 -3.51 -24.66
N THR N 52 20.82 -2.59 -24.48
CA THR N 52 21.43 -2.00 -25.64
C THR N 52 22.34 -3.00 -26.31
N GLN N 53 23.05 -3.83 -25.57
CA GLN N 53 23.81 -4.90 -26.20
C GLN N 53 22.91 -5.88 -27.02
N ALA N 54 21.78 -6.29 -26.43
CA ALA N 54 20.85 -7.27 -27.11
C ALA N 54 20.28 -6.64 -28.39
N VAL N 55 19.84 -5.37 -28.30
CA VAL N 55 19.25 -4.67 -29.40
C VAL N 55 20.30 -4.45 -30.53
N ALA N 56 21.50 -4.02 -30.15
CA ALA N 56 22.57 -3.75 -31.12
C ALA N 56 22.96 -5.05 -31.85
N ASP N 57 23.09 -6.16 -31.13
CA ASP N 57 23.37 -7.48 -31.75
C ASP N 57 22.30 -7.91 -32.77
N ALA N 58 21.05 -7.74 -32.36
CA ALA N 58 19.95 -8.03 -33.24
C ALA N 58 19.95 -7.16 -34.51
N VAL N 59 20.14 -5.89 -34.37
CA VAL N 59 20.17 -4.98 -35.51
C VAL N 59 21.35 -5.27 -36.44
N THR N 60 22.49 -5.60 -35.86
CA THR N 60 23.66 -5.97 -36.62
C THR N 60 23.32 -7.17 -37.54
N TYR N 61 22.63 -8.17 -36.96
CA TYR N 61 22.13 -9.33 -37.70
C TYR N 61 21.21 -8.95 -38.80
N GLN N 62 20.19 -8.15 -38.47
CA GLN N 62 19.19 -7.77 -39.47
C GLN N 62 19.84 -6.98 -40.66
N LEU N 63 20.70 -6.04 -40.31
CA LEU N 63 21.32 -5.14 -41.28
C LEU N 63 22.31 -5.90 -42.16
N GLY N 64 23.06 -6.81 -41.56
CA GLY N 64 24.01 -7.58 -42.30
C GLY N 64 23.33 -8.42 -43.35
N PHE N 65 22.22 -9.06 -42.93
CA PHE N 65 21.49 -9.91 -43.83
C PHE N 65 20.89 -9.11 -44.99
N HIS N 66 20.20 -8.05 -44.64
CA HIS N 66 19.65 -7.08 -45.58
C HIS N 66 20.70 -6.61 -46.61
N SER N 67 21.89 -6.33 -46.10
CA SER N 67 23.00 -5.84 -46.93
C SER N 67 23.50 -6.85 -47.93
N ILE N 68 23.62 -8.12 -47.53
CA ILE N 68 23.99 -9.17 -48.43
C ILE N 68 22.94 -9.33 -49.52
N GLU N 69 21.68 -9.35 -49.13
CA GLU N 69 20.58 -9.53 -50.08
C GLU N 69 20.57 -8.44 -51.15
N LEU N 70 20.74 -7.21 -50.70
CA LEU N 70 20.76 -6.09 -51.64
C LEU N 70 22.05 -5.96 -52.42
N ASN N 71 23.13 -6.56 -51.93
CA ASN N 71 24.45 -6.40 -52.52
C ASN N 71 24.91 -4.93 -52.62
N GLU N 72 24.67 -4.17 -51.57
CA GLU N 72 25.03 -2.76 -51.54
C GLU N 72 25.29 -2.45 -50.12
N PRO N 73 26.11 -1.39 -49.87
CA PRO N 73 26.20 -0.95 -48.48
C PRO N 73 24.86 -0.42 -47.93
N PRO N 74 24.63 -0.64 -46.69
CA PRO N 74 23.41 -0.16 -46.13
C PRO N 74 23.34 1.39 -45.78
N LEU N 75 22.14 1.92 -45.86
CA LEU N 75 21.84 3.26 -45.56
C LEU N 75 21.92 3.55 -44.08
N VAL N 76 22.48 4.69 -43.70
CA VAL N 76 22.46 4.96 -42.28
C VAL N 76 21.03 5.01 -41.74
N HIS N 77 20.17 5.63 -42.55
CA HIS N 77 18.73 5.73 -42.32
C HIS N 77 18.05 4.35 -42.08
N THR N 78 18.56 3.34 -42.75
CA THR N 78 18.03 1.98 -42.59
C THR N 78 18.41 1.44 -41.20
N ALA N 79 19.68 1.56 -40.83
CA ALA N 79 20.13 1.21 -39.50
C ALA N 79 19.35 1.89 -38.42
N ALA N 80 19.08 3.15 -38.60
CA ALA N 80 18.36 3.88 -37.57
C ALA N 80 16.92 3.35 -37.51
N SER N 81 16.31 3.10 -38.67
CA SER N 81 14.95 2.61 -38.79
C SER N 81 14.80 1.24 -38.08
N LEU N 82 15.78 0.37 -38.22
CA LEU N 82 15.78 -0.92 -37.55
C LEU N 82 15.87 -0.79 -36.01
N PHE N 83 16.70 0.13 -35.55
CA PHE N 83 16.74 0.43 -34.13
C PHE N 83 15.42 0.95 -33.62
N LYS N 84 14.89 1.94 -34.33
CA LYS N 84 13.62 2.52 -34.01
C LYS N 84 12.50 1.45 -33.93
N GLU N 85 12.40 0.58 -34.94
CA GLU N 85 11.37 -0.42 -34.93
C GLU N 85 11.42 -1.29 -33.66
N MET N 86 12.58 -1.70 -33.28
CA MET N 86 12.75 -2.57 -32.15
CA MET N 86 12.75 -2.57 -32.15
C MET N 86 12.58 -1.81 -30.81
N CYS N 87 13.19 -0.61 -30.70
CA CYS N 87 13.06 0.26 -29.52
C CYS N 87 11.62 0.76 -29.30
N TYR N 88 10.86 0.96 -30.37
CA TYR N 88 9.47 1.43 -30.26
C TYR N 88 8.53 0.31 -29.87
N ARG N 89 8.59 -0.76 -30.63
CA ARG N 89 7.81 -1.96 -30.41
C ARG N 89 7.95 -2.51 -28.94
N TYR N 90 9.17 -2.58 -28.46
CA TYR N 90 9.46 -3.05 -27.12
C TYR N 90 9.74 -1.94 -26.10
N ARG N 91 9.15 -0.77 -26.32
CA ARG N 91 9.48 0.42 -25.48
C ARG N 91 9.07 0.08 -23.98
N GLU N 92 8.09 -0.75 -23.77
CA GLU N 92 7.72 -1.04 -22.41
C GLU N 92 8.71 -2.00 -21.72
N ASP N 93 9.62 -2.66 -22.45
CA ASP N 93 10.51 -3.66 -21.86
C ASP N 93 11.96 -3.36 -22.07
N LEU N 94 12.29 -2.15 -22.46
CA LEU N 94 13.66 -1.80 -22.73
C LEU N 94 13.96 -0.44 -22.11
N MET N 95 15.20 -0.21 -21.76
CA MET N 95 15.66 1.10 -21.29
C MET N 95 16.89 1.38 -22.14
N ALA N 96 16.68 2.04 -23.26
CA ALA N 96 17.71 2.18 -24.29
C ALA N 96 17.60 3.56 -24.88
N GLY N 97 18.70 4.30 -24.89
CA GLY N 97 18.76 5.63 -25.55
C GLY N 97 19.95 5.56 -26.46
N ILE N 98 19.69 5.60 -27.79
CA ILE N 98 20.65 5.20 -28.81
C ILE N 98 20.93 6.43 -29.74
N ILE N 99 22.16 6.55 -30.17
CA ILE N 99 22.44 7.46 -31.28
C ILE N 99 23.03 6.58 -32.35
N ILE N 100 22.49 6.67 -33.56
CA ILE N 100 23.02 5.96 -34.71
C ILE N 100 23.69 6.96 -35.59
N ALA N 101 24.91 6.69 -35.93
CA ALA N 101 25.61 7.60 -36.82
C ALA N 101 26.50 6.85 -37.79
N GLY N 102 26.68 7.43 -38.95
CA GLY N 102 27.58 6.81 -39.88
C GLY N 102 27.62 7.53 -41.21
N TRP N 103 28.14 6.82 -42.22
CA TRP N 103 28.28 7.33 -43.57
C TRP N 103 27.69 6.32 -44.57
N ASP N 104 27.01 6.81 -45.57
CA ASP N 104 26.69 5.96 -46.79
C ASP N 104 26.84 6.79 -48.05
N PRO N 105 26.94 6.13 -49.23
CA PRO N 105 27.23 6.85 -50.45
C PRO N 105 26.09 7.74 -50.90
N GLN N 106 24.91 7.55 -50.37
CA GLN N 106 23.76 8.23 -50.91
C GLN N 106 23.49 9.53 -50.19
N GLU N 107 23.62 9.52 -48.87
CA GLU N 107 23.34 10.67 -48.06
C GLU N 107 24.51 11.25 -47.25
N GLY N 108 25.68 10.64 -47.27
CA GLY N 108 26.87 11.16 -46.60
C GLY N 108 26.78 10.88 -45.06
N GLY N 109 27.37 11.80 -44.26
CA GLY N 109 27.36 11.67 -42.83
C GLY N 109 26.02 11.96 -42.22
N GLN N 110 25.57 11.09 -41.34
CA GLN N 110 24.29 11.31 -40.79
C GLN N 110 24.25 10.84 -39.32
N VAL N 111 23.55 11.62 -38.51
CA VAL N 111 23.28 11.36 -37.10
C VAL N 111 21.81 11.23 -36.82
N TYR N 112 21.42 10.14 -36.15
CA TYR N 112 20.05 9.96 -35.75
C TYR N 112 19.98 9.69 -34.29
N SER N 113 19.03 10.34 -33.64
CA SER N 113 18.67 9.96 -32.22
C SER N 113 17.46 9.00 -32.19
N VAL N 114 17.59 7.92 -31.42
CA VAL N 114 16.49 7.06 -31.01
C VAL N 114 16.42 7.04 -29.47
N PRO N 115 15.76 8.05 -28.89
CA PRO N 115 15.74 8.14 -27.41
C PRO N 115 14.76 7.14 -26.87
N MET N 116 14.73 7.07 -25.57
CA MET N 116 13.76 6.15 -24.95
C MET N 116 12.37 6.43 -25.37
N GLY N 117 11.62 5.37 -25.63
CA GLY N 117 10.31 5.50 -26.14
C GLY N 117 10.27 5.13 -27.65
N GLY N 118 11.38 5.28 -28.32
CA GLY N 118 11.56 4.82 -29.69
C GLY N 118 11.07 5.76 -30.77
N MET N 119 11.08 7.05 -30.56
CA MET N 119 11.02 8.00 -31.69
C MET N 119 12.38 8.04 -32.41
N MET N 120 12.40 8.62 -33.62
CA MET N 120 13.68 8.69 -34.36
C MET N 120 13.68 10.06 -35.03
N VAL N 121 14.78 10.77 -34.92
CA VAL N 121 14.88 12.10 -35.53
C VAL N 121 16.34 12.27 -36.03
N ARG N 122 16.50 12.83 -37.22
CA ARG N 122 17.81 13.17 -37.68
C ARG N 122 18.22 14.49 -36.99
N GLN N 123 19.48 14.61 -36.62
CA GLN N 123 20.04 15.88 -36.06
C GLN N 123 21.45 16.21 -36.58
N SER N 124 21.84 17.50 -36.59
CA SER N 124 23.21 17.91 -36.88
C SER N 124 24.17 17.34 -35.90
N PHE N 125 23.76 17.38 -34.65
CA PHE N 125 24.53 16.72 -33.59
C PHE N 125 23.54 16.24 -32.53
N ALA N 126 23.92 15.22 -31.78
CA ALA N 126 23.05 14.60 -30.81
C ALA N 126 23.82 14.31 -29.53
N ILE N 127 23.15 14.43 -28.38
CA ILE N 127 23.74 13.99 -27.14
C ILE N 127 22.70 13.12 -26.42
N GLY N 128 23.17 12.25 -25.56
CA GLY N 128 22.29 11.45 -24.70
C GLY N 128 23.03 10.85 -23.54
N GLY N 129 22.30 10.07 -22.78
CA GLY N 129 22.75 9.51 -21.52
C GLY N 129 22.52 10.45 -20.33
N SER N 130 22.74 9.92 -19.14
CA SER N 130 22.53 10.69 -17.91
C SER N 130 23.38 12.02 -17.89
N GLY N 131 24.60 11.99 -18.40
CA GLY N 131 25.49 13.16 -18.33
C GLY N 131 25.12 14.26 -19.31
N SER N 132 24.27 13.94 -20.30
CA SER N 132 23.93 14.91 -21.33
C SER N 132 23.25 16.16 -20.74
N SER N 133 22.51 16.01 -19.66
CA SER N 133 21.86 17.11 -19.01
C SER N 133 22.83 18.27 -18.75
N TYR N 134 24.03 17.95 -18.31
CA TYR N 134 24.98 18.95 -17.89
C TYR N 134 25.70 19.65 -19.05
N ILE N 135 25.51 19.18 -20.30
CA ILE N 135 26.13 19.83 -21.44
C ILE N 135 25.18 20.40 -22.49
N TYR N 136 23.88 20.48 -22.22
CA TYR N 136 22.99 21.16 -23.17
C TYR N 136 23.42 22.63 -23.42
N GLY N 137 23.60 23.38 -22.33
CA GLY N 137 24.06 24.76 -22.49
C GLY N 137 25.37 24.88 -23.25
N TYR N 138 26.36 24.08 -22.92
CA TYR N 138 27.62 24.08 -23.55
C TYR N 138 27.54 23.81 -25.09
N VAL N 139 26.84 22.73 -25.46
CA VAL N 139 26.76 22.38 -26.88
C VAL N 139 25.95 23.40 -27.65
N ASP N 140 24.88 23.96 -27.04
CA ASP N 140 24.08 25.00 -27.62
C ASP N 140 24.87 26.27 -27.91
N ALA N 141 25.77 26.64 -26.99
CA ALA N 141 26.61 27.79 -27.17
C ALA N 141 27.83 27.59 -28.07
N THR N 142 28.36 26.37 -28.11
CA THR N 142 29.60 26.09 -28.80
C THR N 142 29.38 25.60 -30.26
N TYR N 143 28.30 24.87 -30.54
CA TYR N 143 28.06 24.35 -31.88
C TYR N 143 28.11 25.48 -32.92
N ARG N 144 28.77 25.21 -34.05
CA ARG N 144 28.86 26.14 -35.24
C ARG N 144 28.62 25.27 -36.51
N GLU N 145 27.79 25.77 -37.40
CA GLU N 145 27.51 25.08 -38.67
C GLU N 145 28.84 25.09 -39.48
N GLY N 146 29.18 23.97 -40.07
CA GLY N 146 30.35 23.88 -40.94
C GLY N 146 31.67 23.58 -40.26
N MET N 147 31.65 23.01 -39.07
CA MET N 147 32.87 22.52 -38.45
C MET N 147 33.56 21.43 -39.27
N THR N 148 34.88 21.43 -39.23
CA THR N 148 35.63 20.35 -39.86
C THR N 148 35.59 19.11 -39.03
N LYS N 149 36.13 18.03 -39.57
CA LYS N 149 36.28 16.81 -38.79
C LYS N 149 37.06 17.05 -37.48
N GLU N 150 38.18 17.72 -37.58
CA GLU N 150 39.02 17.96 -36.41
C GLU N 150 38.33 18.82 -35.32
N GLU N 151 37.59 19.83 -35.74
CA GLU N 151 36.76 20.63 -34.88
C GLU N 151 35.63 19.83 -34.22
N CYS N 152 34.98 18.93 -34.97
CA CYS N 152 33.97 18.04 -34.43
C CYS N 152 34.56 17.14 -33.34
N LEU N 153 35.78 16.66 -33.60
CA LEU N 153 36.47 15.81 -32.63
C LEU N 153 36.79 16.57 -31.30
N GLN N 154 37.28 17.80 -31.41
CA GLN N 154 37.57 18.63 -30.27
C GLN N 154 36.30 18.98 -29.50
N PHE N 155 35.26 19.43 -30.21
CA PHE N 155 33.95 19.78 -29.68
C PHE N 155 33.33 18.62 -28.92
N THR N 156 33.36 17.43 -29.53
CA THR N 156 32.99 16.18 -28.84
C THR N 156 33.81 15.88 -27.54
N ALA N 157 35.13 15.93 -27.63
CA ALA N 157 36.02 15.59 -26.51
C ALA N 157 35.79 16.55 -25.33
N ASN N 158 35.62 17.84 -25.67
CA ASN N 158 35.34 18.86 -24.67
C ASN N 158 33.99 18.63 -23.96
N ALA N 159 32.93 18.45 -24.75
CA ALA N 159 31.60 18.24 -24.24
C ALA N 159 31.56 17.06 -23.32
N LEU N 160 32.10 15.95 -23.79
CA LEU N 160 32.18 14.71 -23.00
C LEU N 160 33.00 14.91 -21.69
N ALA N 161 34.14 15.61 -21.78
CA ALA N 161 34.95 15.87 -20.60
C ALA N 161 34.16 16.66 -19.50
N LEU N 162 33.40 17.69 -19.93
CA LEU N 162 32.61 18.50 -19.05
C LEU N 162 31.52 17.66 -18.37
N ALA N 163 30.79 16.88 -19.18
CA ALA N 163 29.78 15.92 -18.67
C ALA N 163 30.40 14.98 -17.64
N MET N 164 31.54 14.41 -17.97
CA MET N 164 32.21 13.46 -17.15
C MET N 164 32.63 14.07 -15.82
N GLU N 165 33.02 15.32 -15.82
CA GLU N 165 33.43 15.94 -14.53
C GLU N 165 32.24 16.02 -13.53
N ARG N 166 31.07 16.37 -14.02
CA ARG N 166 29.91 16.66 -13.23
C ARG N 166 28.98 15.42 -12.91
N ASP N 167 28.88 14.50 -13.86
CA ASP N 167 27.95 13.36 -13.73
C ASP N 167 28.67 12.23 -13.08
N GLY N 168 28.24 11.89 -11.87
CA GLY N 168 28.71 10.71 -11.20
C GLY N 168 28.56 9.42 -12.01
N SER N 169 27.58 9.35 -12.88
CA SER N 169 27.38 8.12 -13.67
C SER N 169 28.13 8.09 -15.01
N SER N 170 28.97 9.08 -15.24
CA SER N 170 29.82 9.10 -16.43
C SER N 170 31.29 9.22 -16.00
N GLY N 171 32.26 8.78 -16.81
CA GLY N 171 33.66 8.97 -16.46
C GLY N 171 34.56 8.01 -17.18
N GLY N 172 35.78 7.96 -16.69
CA GLY N 172 36.78 7.05 -17.19
C GLY N 172 37.56 7.66 -18.36
N VAL N 173 37.49 7.03 -19.52
CA VAL N 173 38.19 7.54 -20.75
C VAL N 173 37.16 8.00 -21.76
N ILE N 174 37.61 8.77 -22.73
CA ILE N 174 36.74 9.23 -23.78
C ILE N 174 37.12 8.40 -25.00
N ARG N 175 36.16 7.68 -25.54
CA ARG N 175 36.30 6.94 -26.81
C ARG N 175 35.70 7.77 -27.94
N LEU N 176 36.47 7.96 -29.01
CA LEU N 176 36.03 8.70 -30.18
C LEU N 176 36.13 7.84 -31.41
N ALA N 177 35.26 8.09 -32.36
CA ALA N 177 35.35 7.49 -33.68
C ALA N 177 34.97 8.55 -34.73
N ALA N 178 35.72 8.61 -35.83
CA ALA N 178 35.31 9.36 -36.97
C ALA N 178 35.01 8.40 -38.14
N ILE N 179 33.90 8.63 -38.85
CA ILE N 179 33.49 7.75 -39.95
C ILE N 179 33.30 8.56 -41.21
N ALA N 180 33.91 8.09 -42.31
CA ALA N 180 33.85 8.77 -43.60
C ALA N 180 33.93 7.72 -44.74
N GLU N 181 33.84 8.18 -45.96
CA GLU N 181 33.99 7.25 -47.08
C GLU N 181 35.27 6.38 -47.00
N SER N 182 36.36 6.97 -46.55
CA SER N 182 37.62 6.25 -46.41
C SER N 182 37.62 5.19 -45.27
N GLY N 183 36.71 5.26 -44.31
CA GLY N 183 36.72 4.30 -43.23
C GLY N 183 36.42 4.86 -41.84
N VAL N 184 36.83 4.10 -40.84
CA VAL N 184 36.55 4.42 -39.43
C VAL N 184 37.89 4.63 -38.76
N GLU N 185 38.02 5.68 -38.00
CA GLU N 185 39.27 5.95 -37.25
C GLU N 185 38.86 6.07 -35.78
N ARG N 186 39.37 5.19 -34.94
CA ARG N 186 39.01 5.18 -33.55
C ARG N 186 40.20 5.67 -32.74
N GLN N 187 39.92 6.31 -31.62
CA GLN N 187 40.98 6.65 -30.67
C GLN N 187 40.37 6.76 -29.26
N VAL N 188 41.26 6.73 -28.29
CA VAL N 188 40.95 6.88 -26.87
C VAL N 188 41.71 8.10 -26.27
N LEU N 189 41.00 8.98 -25.55
CA LEU N 189 41.65 10.06 -24.79
C LEU N 189 41.63 9.55 -23.38
N LEU N 190 42.80 9.47 -22.81
CA LEU N 190 42.93 9.12 -21.39
C LEU N 190 43.83 10.03 -20.58
N GLY N 191 43.61 10.00 -19.25
CA GLY N 191 44.39 10.76 -18.33
C GLY N 191 44.54 12.20 -18.76
N ASP N 192 45.77 12.62 -18.93
CA ASP N 192 46.07 14.02 -19.27
C ASP N 192 45.66 14.44 -20.68
N GLN N 193 45.29 13.49 -21.53
CA GLN N 193 44.75 13.80 -22.84
C GLN N 193 43.30 14.26 -22.81
N ILE N 194 42.56 14.02 -21.71
CA ILE N 194 41.20 14.52 -21.60
C ILE N 194 41.26 16.04 -21.40
N PRO N 195 40.43 16.84 -22.13
CA PRO N 195 40.46 18.28 -21.89
C PRO N 195 40.14 18.57 -20.41
N LYS N 196 40.76 19.60 -19.90
CA LYS N 196 40.84 19.93 -18.47
C LYS N 196 40.28 21.33 -18.34
N PHE N 197 39.42 21.59 -17.37
CA PHE N 197 38.96 22.95 -17.12
C PHE N 197 39.04 23.08 -15.57
N ALA N 198 39.90 23.93 -15.05
CA ALA N 198 40.00 24.20 -13.58
C ALA N 198 38.68 24.11 -12.71
N VAL N 199 38.81 23.62 -11.47
CA VAL N 199 37.79 23.85 -10.41
C VAL N 199 37.97 25.33 -10.05
N ALA N 200 36.86 26.02 -9.85
CA ALA N 200 36.91 27.47 -9.59
C ALA N 200 37.18 27.84 -8.10
N THR N 201 38.42 27.63 -7.62
CA THR N 201 38.91 28.00 -6.25
C THR N 201 38.77 29.50 -5.93
N LEU N 202 38.76 29.91 -4.64
CA LEU N 202 38.73 31.33 -4.26
C LEU N 202 40.10 32.00 -4.44
N ARG O 4 6.37 36.26 37.42
CA ARG O 4 4.88 36.07 37.35
C ARG O 4 4.06 37.38 37.65
N GLY O 5 4.36 38.05 38.79
CA GLY O 5 3.54 39.11 39.36
C GLY O 5 3.21 38.83 40.84
N TYR O 6 2.53 39.76 41.49
CA TYR O 6 2.02 39.50 42.82
C TYR O 6 0.64 38.88 42.62
N SER O 7 0.36 37.81 43.33
CA SER O 7 -0.90 37.07 43.11
C SER O 7 -2.06 37.44 44.08
N PHE O 8 -1.79 38.32 45.01
CA PHE O 8 -2.76 38.80 46.00
C PHE O 8 -3.43 40.12 45.59
N SER O 9 -4.67 40.30 45.99
CA SER O 9 -5.43 41.49 45.66
C SER O 9 -4.76 42.69 46.34
N LEU O 10 -4.74 43.83 45.63
CA LEU O 10 -4.28 45.10 46.19
C LEU O 10 -5.44 45.96 46.60
N THR O 11 -6.67 45.60 46.14
CA THR O 11 -7.86 46.21 46.72
C THR O 11 -8.59 45.21 47.58
N THR O 12 -8.87 45.62 48.83
CA THR O 12 -9.50 44.77 49.80
C THR O 12 -10.52 45.58 50.56
N PHE O 13 -11.38 44.87 51.32
CA PHE O 13 -12.38 45.55 52.16
C PHE O 13 -11.71 46.12 53.38
N SER O 14 -12.01 47.39 53.67
CA SER O 14 -11.71 47.98 54.93
C SER O 14 -12.75 47.44 55.92
N PRO O 15 -12.50 47.65 57.26
CA PRO O 15 -13.48 47.14 58.26
C PRO O 15 -14.93 47.61 58.04
N SER O 16 -15.07 48.82 57.50
CA SER O 16 -16.38 49.48 57.35
C SER O 16 -17.01 49.12 56.05
N GLY O 17 -16.41 48.19 55.32
CA GLY O 17 -17.02 47.68 54.14
C GLY O 17 -16.64 48.41 52.86
N LYS O 18 -15.65 49.31 52.93
CA LYS O 18 -15.27 50.09 51.75
C LYS O 18 -14.09 49.41 51.02
N LEU O 19 -14.09 49.52 49.70
CA LEU O 19 -12.93 49.22 48.90
C LEU O 19 -12.16 50.53 48.63
N VAL O 20 -11.28 50.92 49.56
CA VAL O 20 -10.70 52.25 49.49
C VAL O 20 -9.85 52.49 48.23
N GLN O 21 -9.17 51.48 47.66
CA GLN O 21 -8.45 51.74 46.39
C GLN O 21 -9.37 52.20 45.26
N ILE O 22 -10.62 51.73 45.25
CA ILE O 22 -11.60 52.21 44.29
C ILE O 22 -12.04 53.63 44.61
N GLU O 23 -12.26 53.94 45.90
CA GLU O 23 -12.58 55.29 46.22
C GLU O 23 -11.44 56.19 45.71
N TYR O 24 -10.23 55.77 45.97
CA TYR O 24 -9.09 56.62 45.68
C TYR O 24 -8.89 56.79 44.17
N ALA O 25 -9.20 55.73 43.41
CA ALA O 25 -9.31 55.82 41.98
C ALA O 25 -10.36 56.87 41.59
N LEU O 26 -11.54 56.84 42.22
CA LEU O 26 -12.55 57.90 41.98
C LEU O 26 -12.05 59.31 42.29
N ALA O 27 -11.15 59.46 43.27
CA ALA O 27 -10.55 60.75 43.52
C ALA O 27 -9.59 61.18 42.42
N ALA O 28 -8.89 60.26 41.81
CA ALA O 28 -8.13 60.59 40.57
C ALA O 28 -9.06 61.05 39.43
N VAL O 29 -10.23 60.44 39.30
CA VAL O 29 -11.18 60.83 38.29
C VAL O 29 -11.71 62.21 38.56
N ALA O 30 -12.08 62.48 39.81
CA ALA O 30 -12.63 63.77 40.19
C ALA O 30 -11.66 64.93 40.02
N GLY O 31 -10.35 64.67 40.10
CA GLY O 31 -9.36 65.68 39.85
C GLY O 31 -8.97 65.76 38.38
N GLY O 32 -9.56 64.94 37.54
CA GLY O 32 -9.29 64.98 36.11
C GLY O 32 -9.97 66.14 35.42
N ALA O 33 -9.62 66.36 34.16
CA ALA O 33 -10.22 67.43 33.36
C ALA O 33 -11.71 67.15 33.13
N PRO O 34 -12.56 68.18 33.07
CA PRO O 34 -13.99 67.92 32.90
C PRO O 34 -14.35 67.28 31.58
N SER O 35 -15.33 66.38 31.66
CA SER O 35 -15.98 65.81 30.49
C SER O 35 -17.47 65.82 30.69
N VAL O 36 -18.17 65.87 29.58
CA VAL O 36 -19.63 66.01 29.55
C VAL O 36 -20.16 65.12 28.42
N GLY O 37 -21.33 64.54 28.66
CA GLY O 37 -22.06 63.86 27.64
C GLY O 37 -23.52 64.21 27.77
N ILE O 38 -24.16 64.47 26.62
CA ILE O 38 -25.59 64.76 26.57
C ILE O 38 -26.19 63.88 25.50
N LYS O 39 -27.27 63.20 25.83
CA LYS O 39 -28.01 62.40 24.86
C LYS O 39 -29.18 63.20 24.37
N ALA O 40 -29.14 63.60 23.11
CA ALA O 40 -30.27 64.28 22.48
C ALA O 40 -31.25 63.24 21.96
N ALA O 41 -32.36 63.72 21.40
CA ALA O 41 -33.38 62.87 20.79
C ALA O 41 -32.79 62.09 19.62
N ASN O 42 -32.03 62.79 18.77
CA ASN O 42 -31.46 62.26 17.51
C ASN O 42 -29.93 62.03 17.52
N GLY O 43 -29.29 62.06 18.69
CA GLY O 43 -27.85 61.81 18.76
C GLY O 43 -27.26 62.02 20.13
N VAL O 44 -25.94 61.89 20.22
CA VAL O 44 -25.23 62.08 21.47
C VAL O 44 -24.04 62.97 21.17
N VAL O 45 -23.72 63.81 22.14
CA VAL O 45 -22.48 64.59 22.10
C VAL O 45 -21.63 64.28 23.31
N LEU O 46 -20.33 64.15 23.08
CA LEU O 46 -19.32 64.09 24.11
C LEU O 46 -18.41 65.30 24.00
N ALA O 47 -18.09 65.92 25.12
CA ALA O 47 -17.21 67.08 25.12
C ALA O 47 -16.27 67.08 26.28
N THR O 48 -15.07 67.61 26.07
CA THR O 48 -14.07 67.54 27.07
C THR O 48 -13.12 68.70 26.95
N GLU O 49 -12.64 69.11 28.11
CA GLU O 49 -11.63 70.12 28.20
C GLU O 49 -10.27 69.48 28.01
N LYS O 50 -9.46 70.08 27.17
CA LYS O 50 -8.02 69.82 27.18
C LYS O 50 -7.28 70.62 28.25
N LYS O 51 -6.79 69.90 29.29
CA LYS O 51 -5.71 70.41 30.19
C LYS O 51 -4.41 70.72 29.34
N GLN O 52 -4.57 71.62 28.34
CA GLN O 52 -3.55 72.00 27.37
C GLN O 52 -2.81 73.19 27.88
N LYS O 53 -1.78 72.92 28.68
CA LYS O 53 -0.79 73.94 29.07
C LYS O 53 -0.19 74.54 27.81
N SER O 54 1.10 74.87 27.88
CA SER O 54 1.95 75.19 26.76
C SER O 54 1.37 75.30 25.33
N ILE O 55 1.68 76.42 24.70
CA ILE O 55 1.69 76.53 23.25
C ILE O 55 2.51 75.42 22.58
N LEU O 56 3.44 74.83 23.32
CA LEU O 56 4.39 73.89 22.73
C LEU O 56 3.75 72.57 22.30
N TYR O 57 2.62 72.22 22.91
CA TYR O 57 1.88 71.01 22.58
C TYR O 57 1.38 71.07 21.15
N ASP O 58 1.39 69.93 20.46
CA ASP O 58 0.63 69.80 19.24
C ASP O 58 -0.69 69.21 19.69
N GLU O 59 -1.73 70.04 19.72
CA GLU O 59 -3.10 69.67 20.23
C GLU O 59 -3.71 68.53 19.45
N ARG O 60 -3.44 68.46 18.15
CA ARG O 60 -3.96 67.38 17.26
C ARG O 60 -3.29 65.99 17.43
N SER O 61 -2.17 65.92 18.16
CA SER O 61 -1.32 64.72 18.23
C SER O 61 -1.84 63.64 19.13
N VAL O 62 -2.65 63.96 20.13
CA VAL O 62 -3.37 62.93 20.88
C VAL O 62 -4.80 63.41 21.06
N HIS O 63 -5.75 62.49 21.06
CA HIS O 63 -7.15 62.84 21.21
C HIS O 63 -7.67 62.18 22.43
N LYS O 64 -8.58 62.87 23.10
CA LYS O 64 -9.31 62.32 24.23
C LYS O 64 -10.63 61.73 23.78
N VAL O 65 -11.22 62.27 22.75
CA VAL O 65 -12.44 61.75 22.22
C VAL O 65 -12.00 60.78 21.09
N GLU O 66 -12.35 59.49 21.24
CA GLU O 66 -11.81 58.43 20.42
C GLU O 66 -12.89 57.53 19.86
N PRO O 67 -12.74 57.07 18.60
CA PRO O 67 -13.70 56.14 18.06
C PRO O 67 -13.35 54.71 18.52
N ILE O 68 -14.39 53.94 18.80
CA ILE O 68 -14.24 52.50 19.11
C ILE O 68 -14.65 51.65 17.86
N THR O 69 -15.80 51.98 17.28
CA THR O 69 -16.31 51.42 16.03
C THR O 69 -16.84 52.58 15.22
N LYS O 70 -17.42 52.25 14.06
CA LYS O 70 -18.12 53.23 13.21
C LYS O 70 -19.23 53.94 13.97
N HIS O 71 -19.80 53.28 14.98
CA HIS O 71 -21.05 53.73 15.62
C HIS O 71 -20.90 54.02 17.15
N ILE O 72 -19.69 53.90 17.71
CA ILE O 72 -19.41 54.04 19.12
C ILE O 72 -18.12 54.84 19.32
N GLY O 73 -18.19 55.79 20.23
CA GLY O 73 -17.02 56.53 20.69
C GLY O 73 -17.02 56.78 22.20
N LEU O 74 -15.87 57.22 22.69
CA LEU O 74 -15.59 57.37 24.14
C LEU O 74 -14.95 58.72 24.45
N VAL O 75 -15.10 59.12 25.72
CA VAL O 75 -14.20 60.08 26.32
C VAL O 75 -13.99 59.65 27.81
N TYR O 76 -13.15 60.36 28.56
CA TYR O 76 -12.90 60.03 29.95
C TYR O 76 -12.58 61.28 30.74
N SER O 77 -12.59 61.10 32.06
CA SER O 77 -11.90 61.93 33.01
C SER O 77 -11.01 61.03 33.89
N GLY O 78 -9.81 61.51 34.15
CA GLY O 78 -8.89 60.87 35.04
C GLY O 78 -7.56 60.70 34.38
N MET O 79 -6.95 59.53 34.57
CA MET O 79 -5.59 59.34 34.08
C MET O 79 -5.53 58.90 32.62
N GLY O 80 -4.94 59.75 31.78
CA GLY O 80 -4.81 59.50 30.33
C GLY O 80 -4.22 58.14 29.96
N PRO O 81 -3.09 57.78 30.54
CA PRO O 81 -2.51 56.51 30.07
C PRO O 81 -3.37 55.27 30.41
N ASP O 82 -4.04 55.32 31.55
CA ASP O 82 -5.04 54.27 31.89
C ASP O 82 -6.17 54.20 30.83
N TYR O 83 -6.62 55.35 30.38
CA TYR O 83 -7.65 55.42 29.35
C TYR O 83 -7.24 54.73 28.07
N ARG O 84 -5.98 54.90 27.69
CA ARG O 84 -5.50 54.29 26.41
C ARG O 84 -5.58 52.78 26.46
N VAL O 85 -5.28 52.20 27.64
CA VAL O 85 -5.46 50.77 27.89
C VAL O 85 -6.88 50.38 27.56
N LEU O 86 -7.84 51.09 28.11
CA LEU O 86 -9.26 50.77 27.97
C LEU O 86 -9.78 50.99 26.51
N VAL O 87 -9.31 52.05 25.84
CA VAL O 87 -9.62 52.30 24.44
C VAL O 87 -9.19 51.09 23.58
N HIS O 88 -7.95 50.64 23.76
CA HIS O 88 -7.40 49.51 23.01
C HIS O 88 -8.21 48.22 23.28
N ARG O 89 -8.58 47.98 24.54
CA ARG O 89 -9.39 46.81 24.88
C ARG O 89 -10.80 46.91 24.32
N ALA O 90 -11.40 48.09 24.43
CA ALA O 90 -12.74 48.29 23.88
C ALA O 90 -12.76 48.01 22.36
N ARG O 91 -11.75 48.51 21.66
CA ARG O 91 -11.63 48.29 20.24
C ARG O 91 -11.56 46.76 19.94
N LYS O 92 -10.68 46.08 20.66
CA LYS O 92 -10.42 44.65 20.52
C LYS O 92 -11.69 43.85 20.85
N LEU O 93 -12.38 44.22 21.95
CA LEU O 93 -13.69 43.64 22.29
C LEU O 93 -14.71 43.81 21.17
N ALA O 94 -14.74 44.98 20.56
CA ALA O 94 -15.73 45.24 19.54
C ALA O 94 -15.49 44.37 18.30
N GLN O 95 -14.22 44.20 17.95
CA GLN O 95 -13.87 43.39 16.81
C GLN O 95 -14.15 41.88 17.07
N GLN O 96 -13.81 41.42 18.29
CA GLN O 96 -14.14 40.02 18.69
C GLN O 96 -15.60 39.70 18.54
N TYR O 97 -16.45 40.62 19.02
CA TYR O 97 -17.89 40.51 18.79
C TYR O 97 -18.22 40.47 17.32
N TYR O 98 -17.67 41.40 16.55
CA TYR O 98 -18.04 41.47 15.12
C TYR O 98 -17.66 40.18 14.36
N LEU O 99 -16.51 39.59 14.73
CA LEU O 99 -16.03 38.37 14.03
C LEU O 99 -16.99 37.23 14.26
N VAL O 100 -17.54 37.14 15.46
CA VAL O 100 -18.48 36.06 15.74
C VAL O 100 -19.84 36.35 15.12
N TYR O 101 -20.43 37.52 15.46
CA TYR O 101 -21.84 37.79 15.09
C TYR O 101 -22.08 38.45 13.76
N GLN O 102 -21.05 39.01 13.16
CA GLN O 102 -21.16 39.77 11.91
C GLN O 102 -22.14 40.95 11.96
N GLU O 103 -22.20 41.60 13.11
CA GLU O 103 -23.08 42.74 13.37
C GLU O 103 -22.30 43.65 14.32
N PRO O 104 -22.36 44.98 14.13
CA PRO O 104 -21.62 45.81 15.08
C PRO O 104 -22.11 45.60 16.55
N ILE O 105 -21.18 45.64 17.46
CA ILE O 105 -21.48 45.43 18.88
C ILE O 105 -22.46 46.50 19.37
N PRO O 106 -23.63 46.08 19.94
CA PRO O 106 -24.52 47.05 20.58
C PRO O 106 -23.79 47.79 21.68
N THR O 107 -24.10 49.08 21.80
CA THR O 107 -23.38 49.93 22.71
C THR O 107 -23.37 49.37 24.11
N ALA O 108 -24.51 48.93 24.60
CA ALA O 108 -24.60 48.39 25.92
C ALA O 108 -23.76 47.13 26.12
N GLN O 109 -23.63 46.31 25.07
CA GLN O 109 -22.79 45.12 25.15
C GLN O 109 -21.32 45.49 25.23
N LEU O 110 -20.92 46.52 24.50
CA LEU O 110 -19.57 47.00 24.59
C LEU O 110 -19.29 47.53 26.00
N VAL O 111 -20.23 48.29 26.55
CA VAL O 111 -20.04 48.89 27.91
C VAL O 111 -19.90 47.76 28.94
N GLN O 112 -20.78 46.78 28.86
CA GLN O 112 -20.67 45.61 29.75
C GLN O 112 -19.33 44.95 29.68
N ARG O 113 -18.75 44.79 28.49
CA ARG O 113 -17.49 44.05 28.40
C ARG O 113 -16.32 44.87 28.90
N VAL O 114 -16.32 46.18 28.61
CA VAL O 114 -15.31 47.07 29.11
C VAL O 114 -15.42 47.21 30.66
N ALA O 115 -16.63 47.35 31.19
CA ALA O 115 -16.84 47.49 32.62
C ALA O 115 -16.35 46.22 33.37
N SER O 116 -16.53 45.07 32.74
CA SER O 116 -16.07 43.81 33.28
C SER O 116 -14.51 43.74 33.37
N VAL O 117 -13.82 44.30 32.39
CA VAL O 117 -12.36 44.46 32.48
C VAL O 117 -11.95 45.35 33.66
N MET O 118 -12.64 46.45 33.81
CA MET O 118 -12.35 47.39 34.93
C MET O 118 -12.58 46.69 36.27
N GLN O 119 -13.67 45.94 36.41
CA GLN O 119 -13.88 45.11 37.59
C GLN O 119 -12.70 44.19 37.92
N GLU O 120 -12.10 43.56 36.91
CA GLU O 120 -10.97 42.66 37.13
C GLU O 120 -9.82 43.29 37.81
N TYR O 121 -9.56 44.55 37.43
CA TYR O 121 -8.46 45.31 38.01
C TYR O 121 -8.76 45.80 39.46
N THR O 122 -9.95 45.51 39.99
CA THR O 122 -10.26 45.74 41.43
C THR O 122 -10.11 44.50 42.32
N GLN O 123 -9.75 43.36 41.72
CA GLN O 123 -9.70 42.07 42.43
C GLN O 123 -8.53 41.16 42.04
N SER O 124 -8.10 41.22 40.81
CA SER O 124 -7.06 40.38 40.31
C SER O 124 -5.74 40.71 41.00
N GLY O 125 -4.76 39.84 40.91
CA GLY O 125 -3.54 39.98 41.67
C GLY O 125 -2.59 41.10 41.24
N GLY O 126 -2.05 41.87 42.20
CA GLY O 126 -0.89 42.69 41.95
C GLY O 126 -1.11 43.94 41.07
N VAL O 127 -2.36 44.35 40.91
CA VAL O 127 -2.73 45.53 40.17
C VAL O 127 -3.63 46.47 40.98
N ARG O 128 -3.60 47.75 40.57
CA ARG O 128 -4.54 48.74 41.08
C ARG O 128 -5.67 48.90 40.12
N PRO O 129 -6.80 49.43 40.59
CA PRO O 129 -7.85 49.77 39.63
C PRO O 129 -7.44 50.86 38.64
N PHE O 130 -8.21 50.99 37.57
CA PHE O 130 -8.05 52.08 36.65
C PHE O 130 -8.48 53.37 37.32
N GLY O 131 -7.68 54.40 37.14
CA GLY O 131 -8.04 55.74 37.62
C GLY O 131 -8.77 56.57 36.57
N VAL O 132 -9.79 55.99 35.95
CA VAL O 132 -10.59 56.68 34.92
C VAL O 132 -12.06 56.30 35.04
N SER O 133 -12.92 57.25 34.69
CA SER O 133 -14.29 56.94 34.36
C SER O 133 -14.47 57.28 32.87
N LEU O 134 -15.24 56.42 32.19
CA LEU O 134 -15.49 56.53 30.78
C LEU O 134 -16.87 57.01 30.54
N LEU O 135 -17.05 57.85 29.52
CA LEU O 135 -18.36 58.10 28.93
C LEU O 135 -18.33 57.50 27.51
N ILE O 136 -19.31 56.65 27.24
CA ILE O 136 -19.41 55.90 26.00
C ILE O 136 -20.72 56.22 25.32
N CYS O 137 -20.63 56.62 24.06
CA CYS O 137 -21.83 56.92 23.28
C CYS O 137 -21.91 55.95 22.12
N GLY O 138 -23.14 55.68 21.71
CA GLY O 138 -23.38 54.91 20.53
C GLY O 138 -24.77 55.08 19.99
N TRP O 139 -24.98 54.50 18.81
CA TRP O 139 -26.28 54.48 18.16
C TRP O 139 -26.50 53.08 17.63
N ASN O 140 -27.58 52.43 18.03
CA ASN O 140 -27.99 51.15 17.47
C ASN O 140 -29.43 50.82 17.86
N GLU O 141 -30.09 49.90 17.13
CA GLU O 141 -31.58 49.77 17.14
C GLU O 141 -32.24 51.12 16.94
N GLY O 142 -31.78 51.89 15.95
CA GLY O 142 -32.31 53.21 15.65
C GLY O 142 -32.41 54.22 16.80
N ARG O 143 -31.41 54.29 17.67
CA ARG O 143 -31.61 55.03 18.92
C ARG O 143 -30.30 55.32 19.65
N PRO O 144 -30.18 56.51 20.30
CA PRO O 144 -28.89 56.88 20.92
C PRO O 144 -28.72 56.32 22.33
N TYR O 145 -27.48 56.09 22.72
CA TYR O 145 -27.13 55.63 24.04
C TYR O 145 -25.97 56.45 24.58
N LEU O 146 -26.05 56.78 25.86
CA LEU O 146 -24.96 57.38 26.60
C LEU O 146 -24.75 56.58 27.93
N PHE O 147 -23.53 56.13 28.18
CA PHE O 147 -23.18 55.38 29.36
C PHE O 147 -21.90 55.90 29.97
N GLN O 148 -21.83 55.71 31.28
CA GLN O 148 -20.63 55.94 32.07
C GLN O 148 -20.14 54.62 32.67
N SER O 149 -18.85 54.38 32.68
CA SER O 149 -18.30 53.21 33.36
C SER O 149 -17.24 53.71 34.34
N ASP O 150 -17.35 53.30 35.60
CA ASP O 150 -16.52 53.83 36.67
C ASP O 150 -15.38 52.88 37.06
N PRO O 151 -14.41 53.35 37.88
CA PRO O 151 -13.32 52.45 38.27
C PRO O 151 -13.72 51.12 38.95
N SER O 152 -14.85 51.02 39.62
CA SER O 152 -15.30 49.73 40.18
C SER O 152 -15.75 48.69 39.12
N GLY O 153 -16.11 49.16 37.93
CA GLY O 153 -16.72 48.32 36.95
C GLY O 153 -18.22 48.47 36.94
N ALA O 154 -18.74 49.38 37.71
CA ALA O 154 -20.18 49.72 37.60
C ALA O 154 -20.38 50.63 36.41
N TYR O 155 -21.54 50.48 35.75
CA TYR O 155 -21.93 51.36 34.67
C TYR O 155 -23.40 51.80 34.80
N PHE O 156 -23.70 52.91 34.16
CA PHE O 156 -24.96 53.60 34.31
C PHE O 156 -25.27 54.18 32.98
N ALA O 157 -26.54 54.14 32.61
CA ALA O 157 -27.02 54.82 31.42
C ALA O 157 -27.56 56.22 31.84
N TRP O 158 -27.06 57.26 31.16
CA TRP O 158 -27.42 58.65 31.43
C TRP O 158 -28.09 59.31 30.23
N LYS O 159 -28.97 60.27 30.54
CA LYS O 159 -29.50 61.24 29.58
C LYS O 159 -28.48 62.38 29.42
N ALA O 160 -27.82 62.73 30.50
CA ALA O 160 -26.75 63.71 30.49
C ALA O 160 -26.00 63.60 31.80
N THR O 161 -24.71 63.91 31.73
CA THR O 161 -23.88 63.93 32.91
C THR O 161 -22.56 64.64 32.69
N ALA O 162 -21.82 64.77 33.80
CA ALA O 162 -20.50 65.39 33.82
C ALA O 162 -19.59 64.60 34.75
N MET O 163 -18.30 64.64 34.49
CA MET O 163 -17.35 63.97 35.31
C MET O 163 -16.10 64.77 35.33
N GLY O 164 -15.16 64.44 36.22
CA GLY O 164 -13.93 65.26 36.39
C GLY O 164 -14.15 66.43 37.33
N LYS O 165 -13.15 67.31 37.45
CA LYS O 165 -13.22 68.58 38.25
C LYS O 165 -14.57 69.30 38.06
N ASN O 166 -15.20 69.64 39.17
CA ASN O 166 -16.42 70.42 39.17
C ASN O 166 -17.65 69.73 38.61
N TYR O 167 -17.66 68.41 38.66
CA TYR O 167 -18.74 67.66 38.04
C TYR O 167 -20.07 67.81 38.75
N VAL O 168 -20.03 68.01 40.08
CA VAL O 168 -21.26 68.07 40.87
C VAL O 168 -22.11 69.24 40.38
N ASN O 169 -21.44 70.40 40.23
CA ASN O 169 -22.01 71.60 39.63
C ASN O 169 -22.45 71.40 38.19
N GLY O 170 -21.61 70.75 37.39
CA GLY O 170 -21.91 70.46 36.00
C GLY O 170 -23.20 69.67 35.86
N LYS O 171 -23.40 68.71 36.76
CA LYS O 171 -24.62 67.89 36.79
C LYS O 171 -25.86 68.70 37.15
N THR O 172 -25.76 69.57 38.16
CA THR O 172 -26.89 70.45 38.46
C THR O 172 -27.10 71.48 37.31
N PHE O 173 -26.04 71.97 36.67
CA PHE O 173 -26.21 72.82 35.48
C PHE O 173 -27.04 72.15 34.34
N LEU O 174 -26.76 70.87 34.08
CA LEU O 174 -27.50 70.06 33.10
C LEU O 174 -28.92 69.70 33.55
N GLU O 175 -29.08 69.45 34.85
CA GLU O 175 -30.36 69.18 35.48
C GLU O 175 -31.38 70.29 35.33
N LYS O 176 -30.90 71.54 35.28
CA LYS O 176 -31.73 72.74 34.95
C LYS O 176 -31.51 73.20 33.49
N ARG O 177 -31.50 72.28 32.52
CA ARG O 177 -31.15 72.63 31.13
C ARG O 177 -31.42 71.57 30.08
N TYR O 178 -31.20 70.29 30.41
CA TYR O 178 -31.57 69.18 29.48
C TYR O 178 -33.10 69.05 29.41
N ASN O 179 -33.64 68.81 28.20
CA ASN O 179 -35.00 68.30 28.05
C ASN O 179 -34.99 67.07 27.09
N GLU O 180 -36.00 66.19 27.23
CA GLU O 180 -36.10 64.92 26.49
C GLU O 180 -36.09 65.11 24.98
N ASP O 181 -36.84 66.11 24.51
CA ASP O 181 -37.04 66.36 23.07
C ASP O 181 -35.98 67.28 22.45
N LEU O 182 -34.83 67.44 23.08
CA LEU O 182 -33.76 68.33 22.61
C LEU O 182 -33.05 67.73 21.36
N GLU O 183 -32.71 68.58 20.37
CA GLU O 183 -31.96 68.20 19.15
C GLU O 183 -30.47 68.11 19.40
N LEU O 184 -29.74 67.48 18.49
CA LEU O 184 -28.28 67.29 18.65
C LEU O 184 -27.50 68.61 18.55
N GLU O 185 -27.86 69.47 17.59
CA GLU O 185 -27.11 70.74 17.41
C GLU O 185 -27.31 71.67 18.63
N ASP O 186 -28.49 71.63 19.27
CA ASP O 186 -28.72 72.35 20.56
C ASP O 186 -27.92 71.76 21.70
N ALA O 187 -27.94 70.43 21.79
CA ALA O 187 -27.17 69.64 22.76
C ALA O 187 -25.68 69.90 22.74
N ILE O 188 -25.12 70.10 21.56
CA ILE O 188 -23.70 70.45 21.43
C ILE O 188 -23.48 71.81 22.10
N HIS O 189 -24.34 72.79 21.78
CA HIS O 189 -24.30 74.13 22.42
C HIS O 189 -24.34 73.96 23.94
N THR O 190 -25.25 73.16 24.47
CA THR O 190 -25.40 73.09 25.94
C THR O 190 -24.21 72.34 26.58
N ALA O 191 -23.66 71.34 25.89
CA ALA O 191 -22.46 70.67 26.34
C ALA O 191 -21.25 71.61 26.48
N ILE O 192 -21.09 72.49 25.50
CA ILE O 192 -19.97 73.47 25.50
C ILE O 192 -20.18 74.52 26.59
N LEU O 193 -21.43 74.92 26.81
CA LEU O 193 -21.75 75.82 27.94
C LEU O 193 -21.47 75.15 29.31
N THR O 194 -21.71 73.84 29.39
CA THR O 194 -21.42 73.11 30.63
C THR O 194 -19.93 73.13 30.93
N LEU O 195 -19.09 72.92 29.94
CA LEU O 195 -17.66 73.08 30.11
C LEU O 195 -17.27 74.52 30.49
N LYS O 196 -17.93 75.51 29.88
CA LYS O 196 -17.64 76.93 30.16
C LYS O 196 -17.93 77.30 31.60
N GLU O 197 -18.85 76.57 32.25
CA GLU O 197 -19.12 76.74 33.67
C GLU O 197 -17.88 76.55 34.52
N SER O 198 -17.01 75.64 34.15
CA SER O 198 -15.82 75.41 34.95
C SER O 198 -14.54 75.65 34.14
N PHE O 199 -14.56 76.51 33.12
CA PHE O 199 -13.41 76.53 32.20
C PHE O 199 -12.19 77.24 32.78
N GLU O 200 -12.17 78.58 32.77
CA GLU O 200 -10.96 79.36 33.14
C GLU O 200 -9.95 79.42 31.99
N GLY O 201 -9.89 80.56 31.32
CA GLY O 201 -8.85 80.77 30.33
C GLY O 201 -9.28 81.19 28.94
N GLN O 202 -10.58 81.28 28.67
CA GLN O 202 -11.05 81.56 27.31
C GLN O 202 -10.90 80.31 26.36
N MET O 203 -12.05 79.87 25.85
CA MET O 203 -12.15 78.68 25.06
C MET O 203 -11.80 78.92 23.62
N THR O 204 -11.05 78.01 23.05
CA THR O 204 -10.79 77.98 21.64
C THR O 204 -11.09 76.59 21.17
N GLU O 205 -11.13 76.44 19.84
CA GLU O 205 -11.35 75.15 19.21
C GLU O 205 -10.19 74.19 19.37
N ASP O 206 -9.09 74.65 19.99
CA ASP O 206 -7.90 73.85 20.22
C ASP O 206 -7.77 73.32 21.64
N ASN O 207 -8.54 73.83 22.58
CA ASN O 207 -8.43 73.33 23.95
C ASN O 207 -9.73 72.72 24.46
N ILE O 208 -10.70 72.53 23.59
CA ILE O 208 -11.75 71.55 23.83
C ILE O 208 -11.84 70.59 22.66
N GLU O 209 -12.44 69.44 22.91
CA GLU O 209 -12.58 68.37 21.92
C GLU O 209 -14.01 67.90 22.04
N VAL O 210 -14.66 67.72 20.90
CA VAL O 210 -16.07 67.34 20.83
C VAL O 210 -16.22 66.18 19.86
N GLY O 211 -17.04 65.22 20.26
CA GLY O 211 -17.43 64.11 19.43
C GLY O 211 -18.92 64.00 19.42
N ILE O 212 -19.46 63.49 18.31
CA ILE O 212 -20.89 63.32 18.16
C ILE O 212 -21.19 61.94 17.62
N CYS O 213 -22.43 61.54 17.85
CA CYS O 213 -22.90 60.20 17.50
C CYS O 213 -24.33 60.29 17.04
N ASN O 214 -24.63 59.78 15.86
CA ASN O 214 -26.00 59.72 15.42
C ASN O 214 -26.20 58.50 14.49
N GLU O 215 -27.31 58.50 13.76
CA GLU O 215 -27.58 57.49 12.72
C GLU O 215 -26.41 57.30 11.76
N ALA O 216 -25.80 58.38 11.28
CA ALA O 216 -24.66 58.23 10.35
C ALA O 216 -23.37 57.67 11.00
N GLY O 217 -23.25 57.65 12.33
CA GLY O 217 -22.07 57.12 13.03
C GLY O 217 -21.39 58.07 14.01
N PHE O 218 -20.26 57.66 14.53
CA PHE O 218 -19.51 58.44 15.48
C PHE O 218 -18.35 59.12 14.80
N ARG O 219 -18.09 60.37 15.15
CA ARG O 219 -16.90 61.09 14.67
C ARG O 219 -16.56 62.27 15.57
N ARG O 220 -15.29 62.65 15.58
CA ARG O 220 -14.87 63.88 16.25
C ARG O 220 -15.29 65.01 15.38
N LEU O 221 -15.75 66.08 15.99
CA LEU O 221 -15.89 67.34 15.25
C LEU O 221 -14.48 67.85 14.92
N THR O 222 -14.38 68.50 13.78
CA THR O 222 -13.15 69.14 13.35
C THR O 222 -12.95 70.44 14.12
N PRO O 223 -11.70 70.91 14.23
CA PRO O 223 -11.44 72.25 14.77
C PRO O 223 -12.36 73.33 14.21
N THR O 224 -12.51 73.38 12.89
CA THR O 224 -13.40 74.38 12.22
C THR O 224 -14.88 74.24 12.67
N GLU O 225 -15.38 73.03 12.87
CA GLU O 225 -16.78 72.86 13.32
C GLU O 225 -16.94 73.36 14.74
N VAL O 226 -15.94 73.10 15.58
CA VAL O 226 -15.96 73.55 16.96
C VAL O 226 -15.89 75.06 17.02
N LYS O 227 -14.97 75.67 16.26
CA LYS O 227 -14.87 77.15 16.08
C LYS O 227 -16.23 77.80 15.85
N ASP O 228 -17.00 77.19 14.96
CA ASP O 228 -18.35 77.64 14.64
C ASP O 228 -19.34 77.60 15.79
N TYR O 229 -19.42 76.47 16.49
CA TYR O 229 -20.25 76.39 17.69
C TYR O 229 -19.78 77.44 18.73
N LEU O 230 -18.47 77.70 18.78
CA LEU O 230 -17.89 78.69 19.72
C LEU O 230 -18.29 80.14 19.44
N ALA O 231 -18.73 80.44 18.22
CA ALA O 231 -19.59 81.63 17.96
C ALA O 231 -21.01 81.26 18.40
N ALA O 232 -21.58 82.11 19.24
CA ALA O 232 -22.74 81.86 20.10
C ALA O 232 -22.26 81.87 21.56
N ILE O 233 -21.13 81.21 21.84
CA ILE O 233 -20.46 81.24 23.17
C ILE O 233 -19.35 82.29 23.14
N SER P 2 6.95 41.65 48.71
CA SER P 2 5.93 40.61 48.27
C SER P 2 5.15 40.04 49.49
N ARG P 3 5.86 39.42 50.42
CA ARG P 3 5.28 39.08 51.72
C ARG P 3 4.94 40.34 52.48
N ARG P 4 5.68 41.40 52.24
CA ARG P 4 5.47 42.66 52.95
C ARG P 4 4.16 43.29 52.51
N TYR P 5 3.75 43.12 51.24
CA TYR P 5 2.59 43.85 50.78
C TYR P 5 1.34 43.00 50.81
N ASP P 6 1.44 41.70 51.05
CA ASP P 6 0.29 40.81 50.96
C ASP P 6 -0.63 41.07 52.16
N SER P 7 -1.86 41.52 51.87
CA SER P 7 -3.08 41.67 52.69
CA SER P 7 -2.77 41.76 53.01
C SER P 7 -3.41 40.44 53.55
N ARG P 8 -3.15 39.28 52.95
CA ARG P 8 -3.51 37.98 53.51
C ARG P 8 -5.02 37.89 53.68
N THR P 9 -5.72 37.94 52.58
CA THR P 9 -7.15 37.93 52.60
C THR P 9 -7.81 36.58 52.98
N THR P 10 -7.07 35.45 52.90
CA THR P 10 -7.66 34.12 53.03
C THR P 10 -7.12 33.38 54.22
N ILE P 11 -6.92 34.08 55.33
CA ILE P 11 -6.39 33.49 56.54
C ILE P 11 -7.35 33.69 57.67
N PHE P 12 -7.31 32.80 58.64
CA PHE P 12 -8.01 33.00 59.91
C PHE P 12 -7.35 34.02 60.80
N SER P 13 -8.22 34.79 61.47
CA SER P 13 -7.87 35.62 62.63
C SER P 13 -7.87 34.76 63.90
N PRO P 14 -7.40 35.31 65.03
CA PRO P 14 -7.37 34.51 66.23
C PRO P 14 -8.69 33.92 66.75
N GLU P 15 -9.85 34.45 66.36
CA GLU P 15 -11.08 33.90 66.93
C GLU P 15 -11.73 32.96 65.99
N GLY P 16 -11.01 32.60 64.93
CA GLY P 16 -11.49 31.76 63.87
C GLY P 16 -12.32 32.51 62.89
N ARG P 17 -12.07 33.80 62.71
CA ARG P 17 -12.90 34.57 61.84
C ARG P 17 -12.16 34.84 60.54
N LEU P 18 -12.94 35.16 59.53
CA LEU P 18 -12.47 35.52 58.27
C LEU P 18 -12.87 37.00 58.09
N TYR P 19 -11.89 37.88 58.31
CA TYR P 19 -12.20 39.30 58.36
C TYR P 19 -12.72 39.88 57.07
N GLN P 20 -12.13 39.55 55.93
CA GLN P 20 -12.62 40.06 54.68
C GLN P 20 -14.13 39.80 54.54
N VAL P 21 -14.52 38.54 54.86
CA VAL P 21 -15.89 38.05 54.67
C VAL P 21 -16.78 38.94 55.46
N GLU P 22 -16.41 39.15 56.73
CA GLU P 22 -17.16 40.04 57.60
C GLU P 22 -17.24 41.47 57.06
N TYR P 23 -16.09 41.97 56.56
CA TYR P 23 -16.05 43.34 56.07
C TYR P 23 -16.90 43.46 54.77
N ALA P 24 -16.91 42.42 53.96
CA ALA P 24 -17.78 42.40 52.76
C ALA P 24 -19.25 42.45 53.21
N MET P 25 -19.55 41.68 54.26
CA MET P 25 -20.88 41.67 54.84
CA MET P 25 -20.87 41.67 54.93
C MET P 25 -21.30 43.08 55.35
N GLU P 26 -20.35 43.91 55.82
CA GLU P 26 -20.66 45.33 56.16
C GLU P 26 -21.00 46.16 54.93
N ALA P 27 -20.32 45.93 53.82
CA ALA P 27 -20.63 46.61 52.54
C ALA P 27 -22.06 46.32 52.11
N ILE P 28 -22.45 45.06 52.21
CA ILE P 28 -23.79 44.58 51.80
C ILE P 28 -24.90 45.22 52.62
N GLY P 29 -24.68 45.28 53.95
CA GLY P 29 -25.64 45.85 54.89
C GLY P 29 -25.93 47.33 54.68
N HIS P 30 -25.04 48.02 53.95
CA HIS P 30 -25.22 49.40 53.52
C HIS P 30 -25.86 49.51 52.14
N ALA P 31 -25.85 48.46 51.34
CA ALA P 31 -26.45 48.49 49.98
C ALA P 31 -27.98 48.49 50.02
N GLY P 32 -28.58 48.63 48.82
CA GLY P 32 -30.02 48.72 48.70
C GLY P 32 -30.70 47.56 49.37
N THR P 33 -31.74 47.83 50.10
CA THR P 33 -32.56 46.74 50.66
C THR P 33 -33.16 45.86 49.53
N CYS P 34 -33.15 44.55 49.78
CA CYS P 34 -33.64 43.63 48.81
C CYS P 34 -34.35 42.45 49.49
N LEU P 35 -35.64 42.26 49.24
CA LEU P 35 -36.37 41.16 49.87
C LEU P 35 -36.96 40.15 48.90
N GLY P 36 -37.21 38.96 49.44
CA GLY P 36 -37.77 37.86 48.70
C GLY P 36 -38.86 37.24 49.52
N ILE P 37 -39.98 36.90 48.89
CA ILE P 37 -41.12 36.32 49.59
C ILE P 37 -41.73 35.20 48.76
N LEU P 38 -41.86 34.04 49.40
CA LEU P 38 -42.45 32.84 48.81
C LEU P 38 -43.94 32.69 49.06
N ALA P 39 -44.68 32.37 48.01
CA ALA P 39 -46.11 32.13 48.15
C ALA P 39 -46.51 30.76 47.59
N ASN P 40 -47.76 30.37 47.80
CA ASN P 40 -48.30 29.13 47.21
C ASN P 40 -48.30 29.11 45.69
N ASP P 41 -48.63 30.23 45.06
CA ASP P 41 -48.74 30.33 43.61
C ASP P 41 -47.55 31.10 42.96
N GLY P 42 -46.40 31.19 43.63
CA GLY P 42 -45.31 32.03 43.10
C GLY P 42 -44.33 32.57 44.12
N VAL P 43 -43.34 33.29 43.63
CA VAL P 43 -42.29 33.89 44.44
C VAL P 43 -42.02 35.28 43.91
N LEU P 44 -41.55 36.17 44.77
CA LEU P 44 -41.23 37.50 44.32
C LEU P 44 -39.93 38.02 44.91
N LEU P 45 -39.42 39.06 44.23
CA LEU P 45 -38.30 39.86 44.68
C LEU P 45 -38.75 41.30 44.64
N ALA P 46 -38.40 42.06 45.67
CA ALA P 46 -38.60 43.49 45.71
C ALA P 46 -37.32 44.15 46.22
N ALA P 47 -36.82 45.14 45.48
CA ALA P 47 -35.56 45.79 45.78
C ALA P 47 -35.70 47.33 45.74
N GLU P 48 -34.99 47.98 46.64
CA GLU P 48 -34.73 49.40 46.59
C GLU P 48 -33.81 49.71 45.42
N ARG P 49 -34.20 50.65 44.59
CA ARG P 49 -33.30 51.15 43.56
C ARG P 49 -32.35 52.21 44.14
N ARG P 50 -31.07 52.07 43.83
CA ARG P 50 -30.09 53.14 44.08
C ARG P 50 -29.84 53.99 42.81
N ASN P 51 -29.89 53.37 41.63
CA ASN P 51 -29.95 54.08 40.33
C ASN P 51 -31.34 54.78 40.23
N ILE P 52 -31.54 55.78 41.10
CA ILE P 52 -32.90 56.23 41.43
C ILE P 52 -32.82 57.56 42.10
N HIS P 53 -33.16 58.65 41.42
CA HIS P 53 -33.19 58.77 40.00
C HIS P 53 -32.01 59.75 39.77
N LYS P 54 -32.01 60.44 38.63
CA LYS P 54 -31.33 61.70 38.52
C LYS P 54 -31.84 62.23 37.14
N LEU P 55 -30.89 62.66 36.31
CA LEU P 55 -30.91 62.55 34.85
C LEU P 55 -30.56 61.09 34.27
N LEU P 56 -30.71 59.99 35.03
CA LEU P 56 -30.46 58.59 34.51
C LEU P 56 -31.39 58.24 33.35
N ASP P 57 -31.00 57.27 32.48
CA ASP P 57 -31.73 57.05 31.20
C ASP P 57 -32.74 55.92 31.13
N GLU P 58 -32.65 54.86 31.91
CA GLU P 58 -33.64 53.77 31.77
C GLU P 58 -33.54 53.08 30.41
N VAL P 59 -32.77 52.01 30.39
CA VAL P 59 -32.38 51.32 29.17
C VAL P 59 -32.55 49.82 29.33
N PHE P 60 -32.32 49.26 30.50
CA PHE P 60 -32.60 47.82 30.75
C PHE P 60 -33.95 47.63 31.42
N PHE P 61 -34.39 46.37 31.48
CA PHE P 61 -35.72 46.07 32.08
C PHE P 61 -35.69 46.08 33.61
N SER P 62 -34.49 46.08 34.19
CA SER P 62 -34.35 46.32 35.60
C SER P 62 -32.95 46.80 35.98
N GLU P 63 -32.75 47.05 37.27
CA GLU P 63 -31.49 47.56 37.82
C GLU P 63 -30.75 46.44 38.49
N LYS P 64 -31.46 45.65 39.29
CA LYS P 64 -30.83 44.66 40.15
C LYS P 64 -31.53 43.31 40.07
N ILE P 65 -32.49 43.14 39.15
CA ILE P 65 -33.15 41.82 38.99
C ILE P 65 -32.53 41.16 37.75
N TYR P 66 -32.00 39.96 37.89
CA TYR P 66 -31.36 39.29 36.74
C TYR P 66 -32.05 37.97 36.45
N LYS P 67 -32.41 37.77 35.19
CA LYS P 67 -32.84 36.42 34.73
C LYS P 67 -31.62 35.51 34.65
N LEU P 68 -31.72 34.31 35.21
CA LEU P 68 -30.58 33.36 35.23
C LEU P 68 -30.71 32.27 34.16
N ASN P 69 -31.93 31.75 33.98
CA ASN P 69 -32.30 30.80 32.94
C ASN P 69 -33.83 30.85 32.80
N GLU P 70 -34.42 29.85 32.18
CA GLU P 70 -35.88 29.83 31.97
C GLU P 70 -36.74 29.88 33.23
N ASP P 71 -36.25 29.25 34.27
CA ASP P 71 -36.98 29.03 35.51
C ASP P 71 -36.51 29.80 36.74
N MET P 72 -35.55 30.71 36.62
CA MET P 72 -34.91 31.31 37.77
C MET P 72 -34.50 32.74 37.54
N ALA P 73 -34.63 33.55 38.59
CA ALA P 73 -34.05 34.91 38.66
C ALA P 73 -33.38 35.17 40.00
N CYS P 74 -32.65 36.27 40.06
CA CYS P 74 -32.05 36.67 41.28
C CYS P 74 -32.02 38.20 41.43
N SER P 75 -31.79 38.62 42.67
CA SER P 75 -31.43 40.00 42.94
C SER P 75 -30.21 40.00 43.83
N VAL P 76 -29.60 41.16 43.96
CA VAL P 76 -28.32 41.26 44.63
C VAL P 76 -28.30 42.52 45.50
N ALA P 77 -27.49 42.47 46.55
CA ALA P 77 -27.17 43.61 47.32
C ALA P 77 -25.66 43.60 47.47
N GLY P 78 -25.03 44.74 47.21
CA GLY P 78 -23.61 44.90 47.44
C GLY P 78 -22.90 45.54 46.28
N ILE P 79 -21.67 45.14 46.01
CA ILE P 79 -20.88 45.79 44.99
C ILE P 79 -21.46 45.38 43.62
N THR P 80 -21.96 46.34 42.84
CA THR P 80 -22.61 46.05 41.55
C THR P 80 -21.71 45.28 40.51
N SER P 81 -20.46 45.72 40.34
CA SER P 81 -19.53 45.09 39.39
C SER P 81 -19.29 43.61 39.82
N ASP P 82 -19.14 43.36 41.14
CA ASP P 82 -18.99 42.01 41.62
C ASP P 82 -20.25 41.22 41.29
N ALA P 83 -21.43 41.83 41.44
CA ALA P 83 -22.69 41.11 41.15
C ALA P 83 -22.78 40.68 39.66
N ASN P 84 -22.31 41.56 38.75
CA ASN P 84 -22.25 41.26 37.33
C ASN P 84 -21.39 40.01 36.96
N VAL P 85 -20.22 39.87 37.60
CA VAL P 85 -19.41 38.70 37.48
C VAL P 85 -20.19 37.46 37.92
N LEU P 86 -20.81 37.53 39.10
CA LEU P 86 -21.45 36.33 39.66
C LEU P 86 -22.68 35.91 38.90
N THR P 87 -23.46 36.87 38.40
CA THR P 87 -24.66 36.55 37.70
C THR P 87 -24.32 35.98 36.32
N ASN P 88 -23.24 36.47 35.72
CA ASN P 88 -22.72 35.87 34.48
C ASN P 88 -22.31 34.40 34.71
N GLU P 89 -21.63 34.17 35.82
CA GLU P 89 -21.24 32.84 36.15
C GLU P 89 -22.44 31.94 36.40
N LEU P 90 -23.47 32.43 37.12
CA LEU P 90 -24.72 31.65 37.33
C LEU P 90 -25.37 31.20 36.03
N ARG P 91 -25.42 32.08 35.05
CA ARG P 91 -25.97 31.77 33.73
C ARG P 91 -25.17 30.66 33.04
N LEU P 92 -23.83 30.77 33.07
CA LEU P 92 -22.95 29.75 32.54
C LEU P 92 -23.16 28.39 33.17
N ILE P 93 -23.24 28.35 34.51
CA ILE P 93 -23.44 27.11 35.25
C ILE P 93 -24.77 26.48 34.83
N ALA P 94 -25.80 27.31 34.73
CA ALA P 94 -27.11 26.82 34.36
C ALA P 94 -27.12 26.26 32.94
N GLN P 95 -26.38 26.87 32.02
CA GLN P 95 -26.30 26.33 30.65
C GLN P 95 -25.43 25.10 30.52
N ARG P 96 -24.38 25.00 31.33
CA ARG P 96 -23.59 23.77 31.40
C ARG P 96 -24.45 22.62 31.82
N TYR P 97 -25.27 22.82 32.83
CA TYR P 97 -26.11 21.75 33.31
C TYR P 97 -27.08 21.31 32.17
N LEU P 98 -27.75 22.28 31.57
CA LEU P 98 -28.70 22.00 30.54
C LEU P 98 -28.07 21.21 29.36
N LEU P 99 -26.85 21.62 28.99
CA LEU P 99 -26.12 21.00 27.95
C LEU P 99 -25.93 19.50 28.27
N GLN P 100 -25.50 19.27 29.48
CA GLN P 100 -25.15 17.94 29.95
C GLN P 100 -26.34 16.97 30.13
N TYR P 101 -27.41 17.47 30.73
CA TYR P 101 -28.54 16.63 31.18
C TYR P 101 -29.81 16.84 30.35
N GLN P 102 -29.85 17.93 29.57
CA GLN P 102 -31.04 18.32 28.79
C GLN P 102 -32.26 18.53 29.64
N GLU P 103 -32.05 19.07 30.83
CA GLU P 103 -33.14 19.52 31.69
C GLU P 103 -32.59 20.72 32.48
N PRO P 104 -33.48 21.57 32.97
CA PRO P 104 -33.06 22.76 33.75
C PRO P 104 -32.40 22.41 35.10
N ILE P 105 -31.38 23.18 35.49
CA ILE P 105 -30.68 22.98 36.72
C ILE P 105 -31.67 23.24 37.89
N PRO P 106 -31.77 22.29 38.79
CA PRO P 106 -32.59 22.54 39.96
C PRO P 106 -31.99 23.68 40.77
N CYS P 107 -32.88 24.44 41.39
CA CYS P 107 -32.52 25.72 41.96
C CYS P 107 -31.40 25.63 42.95
N GLU P 108 -31.52 24.69 43.85
CA GLU P 108 -30.55 24.56 44.94
C GLU P 108 -29.18 24.20 44.38
N GLN P 109 -29.15 23.48 43.26
CA GLN P 109 -27.89 23.07 42.65
C GLN P 109 -27.17 24.21 42.03
N LEU P 110 -27.90 25.17 41.48
CA LEU P 110 -27.29 26.33 40.90
C LEU P 110 -26.70 27.21 42.06
N VAL P 111 -27.49 27.41 43.11
CA VAL P 111 -27.05 28.20 44.29
C VAL P 111 -25.76 27.62 44.86
N THR P 112 -25.76 26.31 45.09
CA THR P 112 -24.62 25.61 45.63
C THR P 112 -23.38 25.73 44.78
N ALA P 113 -23.53 25.59 43.45
CA ALA P 113 -22.41 25.70 42.58
C ALA P 113 -21.75 27.06 42.70
N LEU P 114 -22.54 28.12 42.74
CA LEU P 114 -21.97 29.46 42.86
C LEU P 114 -21.30 29.60 44.21
N CYS P 115 -22.00 29.14 45.25
CA CYS P 115 -21.48 29.18 46.60
C CYS P 115 -20.15 28.46 46.78
N ASP P 116 -19.90 27.41 45.99
CA ASP P 116 -18.56 26.78 45.99
C ASP P 116 -17.44 27.68 45.46
N ILE P 117 -17.78 28.51 44.49
CA ILE P 117 -16.85 29.48 43.95
C ILE P 117 -16.53 30.53 45.05
N LYS P 118 -17.59 31.06 45.65
CA LYS P 118 -17.45 32.04 46.74
C LYS P 118 -16.65 31.48 47.89
N GLN P 119 -16.94 30.24 48.29
CA GLN P 119 -16.14 29.58 49.30
C GLN P 119 -14.64 29.49 48.95
N ALA P 120 -14.32 29.11 47.72
CA ALA P 120 -12.94 29.00 47.31
C ALA P 120 -12.17 30.32 47.56
N TYR P 121 -12.81 31.44 47.25
CA TYR P 121 -12.24 32.77 47.37
C TYR P 121 -11.94 33.15 48.79
N THR P 122 -12.55 32.44 49.74
CA THR P 122 -12.27 32.63 51.15
C THR P 122 -11.21 31.71 51.67
N GLN P 123 -10.85 30.69 50.91
CA GLN P 123 -9.90 29.65 51.38
C GLN P 123 -8.54 29.62 50.68
N PHE P 124 -8.48 29.95 49.40
CA PHE P 124 -7.20 30.04 48.75
C PHE P 124 -7.20 31.13 47.69
N GLY P 125 -6.04 31.40 47.10
CA GLY P 125 -5.85 32.41 46.07
C GLY P 125 -5.46 33.82 46.51
N GLY P 126 -5.58 34.16 47.79
CA GLY P 126 -5.16 35.48 48.28
C GLY P 126 -5.87 36.70 47.69
N LYS P 127 -7.08 36.51 47.19
CA LYS P 127 -7.86 37.57 46.64
C LYS P 127 -8.93 38.04 47.61
N ARG P 128 -9.42 39.27 47.44
CA ARG P 128 -10.63 39.73 48.13
C ARG P 128 -11.85 38.91 47.67
N PRO P 129 -12.76 38.61 48.58
CA PRO P 129 -13.99 37.99 48.18
C PRO P 129 -14.89 38.94 47.39
N PHE P 130 -15.93 38.36 46.81
CA PHE P 130 -16.99 39.11 46.13
C PHE P 130 -17.89 39.74 47.18
N GLY P 131 -18.21 41.03 47.03
CA GLY P 131 -18.99 41.77 47.99
C GLY P 131 -20.47 41.80 47.67
N VAL P 132 -21.06 40.62 47.63
CA VAL P 132 -22.38 40.44 47.12
C VAL P 132 -23.13 39.38 47.94
N SER P 133 -24.36 39.70 48.31
CA SER P 133 -25.32 38.71 48.74
C SER P 133 -26.38 38.62 47.68
N LEU P 134 -26.93 37.43 47.48
CA LEU P 134 -27.97 37.25 46.49
C LEU P 134 -29.21 36.63 47.07
N LEU P 135 -30.34 37.01 46.51
CA LEU P 135 -31.57 36.27 46.68
C LEU P 135 -31.92 35.62 45.34
N TYR P 136 -32.28 34.35 45.38
CA TYR P 136 -32.58 33.58 44.18
C TYR P 136 -34.02 33.13 44.29
N ILE P 137 -34.80 33.34 43.23
CA ILE P 137 -36.14 32.79 43.11
C ILE P 137 -36.22 31.84 41.92
N GLY P 138 -37.07 30.83 42.04
CA GLY P 138 -37.16 29.83 41.01
C GLY P 138 -38.23 28.82 41.19
N TRP P 139 -38.46 28.02 40.15
CA TRP P 139 -39.29 26.81 40.16
C TRP P 139 -38.52 25.64 39.60
N ASP P 140 -38.60 24.49 40.26
CA ASP P 140 -38.16 23.26 39.61
C ASP P 140 -39.14 22.13 39.95
N LYS P 141 -38.95 21.03 39.24
CA LYS P 141 -39.84 19.91 39.39
C LYS P 141 -39.59 19.07 40.60
N HIS P 142 -38.54 19.31 41.37
CA HIS P 142 -38.31 18.61 42.61
C HIS P 142 -39.01 19.24 43.81
N TYR P 143 -38.91 20.56 43.96
CA TYR P 143 -39.46 21.29 45.12
C TYR P 143 -40.35 22.47 44.77
N GLY P 144 -40.72 22.63 43.51
CA GLY P 144 -41.60 23.72 43.14
C GLY P 144 -40.97 25.10 43.38
N PHE P 145 -41.79 26.03 43.92
CA PHE P 145 -41.36 27.42 44.10
C PHE P 145 -40.38 27.52 45.21
N GLN P 146 -39.28 28.25 45.00
CA GLN P 146 -38.19 28.28 45.93
C GLN P 146 -37.57 29.65 46.04
N LEU P 147 -37.00 29.91 47.20
CA LEU P 147 -36.28 31.14 47.51
C LEU P 147 -35.03 30.78 48.28
N TYR P 148 -33.87 31.27 47.80
CA TYR P 148 -32.59 31.05 48.44
C TYR P 148 -31.86 32.37 48.73
N GLN P 149 -30.97 32.32 49.70
CA GLN P 149 -30.08 33.44 49.99
C GLN P 149 -28.67 32.93 50.06
N SER P 150 -27.74 33.67 49.50
CA SER P 150 -26.34 33.37 49.67
C SER P 150 -25.60 34.65 50.08
N ASP P 151 -24.47 34.47 50.77
CA ASP P 151 -23.61 35.60 51.12
C ASP P 151 -22.13 35.34 50.82
N PRO P 152 -21.29 36.37 51.01
CA PRO P 152 -19.90 36.19 50.60
C PRO P 152 -19.12 35.04 51.23
N SER P 153 -19.55 34.46 52.36
CA SER P 153 -18.85 33.27 52.91
C SER P 153 -19.00 32.01 52.04
N GLY P 154 -19.82 32.04 51.00
CA GLY P 154 -20.24 30.85 50.34
C GLY P 154 -21.30 30.05 51.08
N ASN P 155 -21.92 30.65 52.08
CA ASN P 155 -23.02 30.04 52.75
C ASN P 155 -24.34 30.35 52.05
N TYR P 156 -25.29 29.44 52.10
CA TYR P 156 -26.64 29.70 51.56
C TYR P 156 -27.68 28.90 52.33
N GLY P 157 -28.91 29.35 52.19
CA GLY P 157 -30.03 28.71 52.77
C GLY P 157 -31.29 29.04 52.02
N GLY P 158 -32.30 28.21 52.28
CA GLY P 158 -33.63 28.38 51.71
C GLY P 158 -34.53 29.03 52.75
N TRP P 159 -35.44 29.87 52.27
CA TRP P 159 -36.26 30.75 53.09
C TRP P 159 -37.67 30.79 52.50
N LYS P 160 -38.66 31.00 53.38
CA LYS P 160 -40.02 31.30 52.97
C LYS P 160 -40.17 32.82 52.81
N ALA P 161 -39.36 33.58 53.54
CA ALA P 161 -39.17 35.02 53.29
C ALA P 161 -37.88 35.49 53.91
N THR P 162 -37.27 36.50 53.33
CA THR P 162 -36.04 37.01 53.89
C THR P 162 -35.78 38.43 53.35
N CYS P 163 -34.63 38.99 53.80
CA CYS P 163 -34.17 40.32 53.36
C CYS P 163 -32.66 40.49 53.49
N ILE P 164 -32.06 41.18 52.53
CA ILE P 164 -30.65 41.55 52.59
C ILE P 164 -30.55 43.04 52.33
N GLY P 165 -29.39 43.59 52.66
CA GLY P 165 -29.13 45.01 52.42
C GLY P 165 -29.64 45.87 53.58
N ASN P 166 -29.83 47.14 53.28
CA ASN P 166 -30.12 48.13 54.29
C ASN P 166 -31.36 47.81 55.13
N ASN P 167 -31.21 47.92 56.46
CA ASN P 167 -32.24 47.58 57.41
C ASN P 167 -32.80 46.16 57.38
N SER P 168 -32.00 45.21 56.95
CA SER P 168 -32.38 43.77 56.92
C SER P 168 -33.03 43.23 58.16
N ALA P 169 -32.40 43.52 59.31
CA ALA P 169 -32.87 43.00 60.64
C ALA P 169 -34.30 43.43 60.85
N ALA P 170 -34.56 44.73 60.69
CA ALA P 170 -35.92 45.28 60.85
C ALA P 170 -36.89 44.62 59.88
N ALA P 171 -36.49 44.49 58.62
CA ALA P 171 -37.32 43.83 57.61
C ALA P 171 -37.69 42.39 57.97
N VAL P 172 -36.71 41.61 58.43
CA VAL P 172 -36.97 40.23 58.87
C VAL P 172 -37.90 40.13 60.05
N SER P 173 -37.84 41.10 60.98
CA SER P 173 -38.78 41.13 62.10
C SER P 173 -40.18 41.27 61.61
N MET P 174 -40.41 42.22 60.71
CA MET P 174 -41.74 42.41 60.18
C MET P 174 -42.23 41.22 59.41
N LEU P 175 -41.33 40.55 58.71
CA LEU P 175 -41.67 39.31 58.00
C LEU P 175 -42.05 38.20 58.97
N LYS P 176 -41.20 37.91 59.97
CA LYS P 176 -41.52 36.98 61.09
C LYS P 176 -42.92 37.18 61.67
N GLN P 177 -43.39 38.40 61.75
CA GLN P 177 -44.68 38.62 62.38
C GLN P 177 -45.84 38.57 61.40
N ASP P 178 -45.68 38.92 60.12
CA ASP P 178 -46.84 38.97 59.23
C ASP P 178 -46.98 37.78 58.29
N TYR P 179 -45.90 37.02 58.10
CA TYR P 179 -45.87 35.99 57.07
C TYR P 179 -46.64 34.77 57.59
N LYS P 180 -47.61 34.28 56.81
CA LYS P 180 -48.46 33.15 57.19
C LYS P 180 -47.98 31.89 56.46
N GLU P 181 -47.21 31.03 57.14
CA GLU P 181 -46.69 29.78 56.53
C GLU P 181 -47.78 28.91 55.91
N GLY P 182 -47.65 28.62 54.61
CA GLY P 182 -48.60 27.74 53.92
C GLY P 182 -49.84 28.43 53.38
N GLU P 183 -50.00 29.72 53.66
CA GLU P 183 -51.20 30.41 53.31
C GLU P 183 -51.02 31.69 52.54
N MET P 184 -49.80 32.04 52.15
CA MET P 184 -49.57 33.26 51.37
C MET P 184 -49.98 33.05 49.91
N THR P 185 -50.53 34.09 49.29
CA THR P 185 -50.67 34.18 47.85
C THR P 185 -49.71 35.25 47.32
N LEU P 186 -49.58 35.33 45.99
CA LEU P 186 -48.69 36.31 45.37
C LEU P 186 -49.18 37.71 45.65
N LYS P 187 -50.50 37.83 45.69
CA LYS P 187 -51.19 39.11 45.97
C LYS P 187 -51.00 39.61 47.39
N SER P 188 -51.01 38.69 48.37
CA SER P 188 -50.74 39.05 49.77
C SER P 188 -49.24 39.17 50.04
N ALA P 189 -48.39 38.39 49.36
CA ALA P 189 -46.93 38.56 49.46
C ALA P 189 -46.53 39.94 48.92
N LEU P 190 -47.16 40.33 47.82
CA LEU P 190 -46.93 41.65 47.24
C LEU P 190 -47.26 42.75 48.23
N ALA P 191 -48.44 42.64 48.87
CA ALA P 191 -48.87 43.61 49.88
C ALA P 191 -47.84 43.66 50.99
N LEU P 192 -47.38 42.49 51.43
CA LEU P 192 -46.41 42.42 52.51
C LEU P 192 -45.07 43.05 52.12
N ALA P 193 -44.62 42.80 50.90
CA ALA P 193 -43.38 43.35 50.40
C ALA P 193 -43.40 44.86 50.49
N ILE P 194 -44.52 45.44 50.07
CA ILE P 194 -44.66 46.90 50.13
C ILE P 194 -44.74 47.42 51.55
N LYS P 195 -45.45 46.70 52.42
CA LYS P 195 -45.48 47.05 53.83
C LYS P 195 -44.07 47.10 54.40
N VAL P 196 -43.24 46.11 54.06
CA VAL P 196 -41.88 46.00 54.60
C VAL P 196 -40.96 47.10 54.06
N LEU P 197 -40.95 47.33 52.76
CA LEU P 197 -40.12 48.41 52.17
C LEU P 197 -40.53 49.79 52.65
N ASN P 198 -41.82 49.94 52.92
CA ASN P 198 -42.34 51.19 53.45
C ASN P 198 -41.73 51.53 54.81
N LYS P 199 -41.59 50.55 55.69
CA LYS P 199 -40.93 50.75 56.98
C LYS P 199 -39.41 50.88 56.84
N THR P 200 -38.79 50.09 55.99
CA THR P 200 -37.33 50.01 55.98
C THR P 200 -36.62 51.00 55.04
N MET P 201 -37.35 51.70 54.18
CA MET P 201 -36.81 52.84 53.48
C MET P 201 -37.01 54.17 54.19
N ASP P 202 -36.04 54.51 55.04
CA ASP P 202 -35.96 55.84 55.70
C ASP P 202 -35.58 57.05 54.77
N VAL P 203 -35.32 56.80 53.47
CA VAL P 203 -35.65 57.81 52.42
C VAL P 203 -37.21 57.81 52.34
N SER P 204 -37.83 58.77 53.06
CA SER P 204 -39.20 58.65 53.70
C SER P 204 -40.39 58.18 52.78
N LYS P 205 -41.06 59.10 52.06
CA LYS P 205 -42.31 58.75 51.36
C LYS P 205 -41.96 57.84 50.13
N LEU P 206 -42.21 56.53 50.29
CA LEU P 206 -41.95 55.48 49.27
C LEU P 206 -42.67 55.74 47.96
N SER P 207 -42.02 55.38 46.88
CA SER P 207 -42.45 55.79 45.56
C SER P 207 -42.05 54.70 44.57
N ALA P 208 -42.79 54.58 43.48
CA ALA P 208 -42.55 53.53 42.48
C ALA P 208 -41.18 53.65 41.83
N GLU P 209 -40.81 54.86 41.45
CA GLU P 209 -39.48 55.18 40.93
C GLU P 209 -38.36 54.61 41.82
N LYS P 210 -38.62 54.41 43.12
CA LYS P 210 -37.60 53.96 44.06
C LYS P 210 -37.57 52.44 44.33
N VAL P 211 -38.51 51.66 43.77
CA VAL P 211 -38.48 50.18 43.93
C VAL P 211 -38.65 49.41 42.63
N GLU P 212 -38.24 48.16 42.69
CA GLU P 212 -38.34 47.22 41.59
C GLU P 212 -38.93 45.97 42.16
N ILE P 213 -39.92 45.41 41.48
CA ILE P 213 -40.53 44.16 41.90
C ILE P 213 -40.61 43.21 40.71
N ALA P 214 -40.16 41.98 40.92
CA ALA P 214 -40.31 40.91 39.92
C ALA P 214 -41.10 39.78 40.50
N THR P 215 -41.98 39.18 39.73
CA THR P 215 -42.68 37.98 40.15
C THR P 215 -42.25 36.79 39.32
N LEU P 216 -42.32 35.61 39.92
CA LEU P 216 -42.06 34.33 39.26
C LEU P 216 -43.25 33.43 39.55
N THR P 217 -43.95 33.07 38.48
CA THR P 217 -45.14 32.22 38.51
C THR P 217 -45.04 31.10 37.47
N ARG P 218 -46.04 30.22 37.51
CA ARG P 218 -46.18 29.10 36.55
C ARG P 218 -47.49 29.26 35.82
N GLU P 219 -47.47 29.15 34.50
CA GLU P 219 -48.66 29.28 33.64
C GLU P 219 -48.54 28.28 32.50
N ASN P 220 -49.41 27.28 32.51
CA ASN P 220 -49.51 26.29 31.41
C ASN P 220 -48.22 25.55 31.21
N GLY P 221 -47.65 25.06 32.31
CA GLY P 221 -46.44 24.26 32.27
C GLY P 221 -45.17 25.00 31.92
N LYS P 222 -45.17 26.32 32.09
CA LYS P 222 -44.07 27.20 31.71
C LYS P 222 -43.86 28.22 32.85
N THR P 223 -42.61 28.50 33.21
CA THR P 223 -42.29 29.55 34.18
C THR P 223 -42.39 30.94 33.56
N VAL P 224 -43.04 31.89 34.24
CA VAL P 224 -43.13 33.26 33.74
C VAL P 224 -42.43 34.13 34.77
N ILE P 225 -41.52 34.98 34.28
CA ILE P 225 -40.72 35.88 35.12
C ILE P 225 -41.03 37.27 34.61
N ARG P 226 -41.62 38.14 35.44
CA ARG P 226 -42.11 39.47 35.00
C ARG P 226 -41.60 40.49 35.98
N VAL P 227 -41.11 41.62 35.46
CA VAL P 227 -40.77 42.81 36.24
C VAL P 227 -41.97 43.69 36.14
N LEU P 228 -42.60 44.00 37.28
CA LEU P 228 -43.83 44.80 37.26
C LEU P 228 -43.59 46.19 36.65
N LYS P 229 -44.57 46.67 35.89
CA LYS P 229 -44.50 48.02 35.33
C LYS P 229 -44.81 49.03 36.46
N GLN P 230 -44.43 50.29 36.23
CA GLN P 230 -44.55 51.33 37.26
C GLN P 230 -46.02 51.59 37.62
N LYS P 231 -46.93 51.38 36.65
CA LYS P 231 -48.39 51.45 36.85
C LYS P 231 -48.82 50.48 37.98
N GLU P 232 -48.37 49.22 37.91
CA GLU P 232 -48.72 48.21 38.93
C GLU P 232 -48.06 48.49 40.29
N VAL P 233 -46.83 49.01 40.29
CA VAL P 233 -46.10 49.34 41.54
C VAL P 233 -46.79 50.52 42.27
N GLU P 234 -47.15 51.58 41.56
CA GLU P 234 -47.93 52.71 42.17
C GLU P 234 -49.26 52.24 42.75
N GLN P 235 -49.94 51.38 42.01
CA GLN P 235 -51.20 50.82 42.45
C GLN P 235 -51.01 50.03 43.76
N LEU P 236 -49.96 49.23 43.89
CA LEU P 236 -49.77 48.50 45.17
C LEU P 236 -49.42 49.43 46.34
N ILE P 237 -48.68 50.51 46.01
CA ILE P 237 -48.34 51.54 47.00
C ILE P 237 -49.62 52.27 47.44
N LYS P 238 -50.43 52.73 46.48
CA LYS P 238 -51.76 53.28 46.76
C LYS P 238 -52.62 52.32 47.64
N LYS P 239 -52.67 51.01 47.33
CA LYS P 239 -53.47 50.05 48.13
C LYS P 239 -52.97 49.90 49.57
N HIS P 240 -51.66 49.81 49.74
CA HIS P 240 -51.10 49.82 51.09
C HIS P 240 -51.41 51.12 51.89
N GLU P 241 -51.44 52.28 51.22
CA GLU P 241 -51.72 53.56 51.89
C GLU P 241 -53.23 53.67 52.20
N GLU P 242 -54.09 53.19 51.29
CA GLU P 242 -55.51 52.95 51.60
C GLU P 242 -55.66 52.02 52.82
N GLU P 243 -54.93 50.91 52.81
CA GLU P 243 -55.00 49.94 53.92
C GLU P 243 -54.66 50.52 55.32
N GLU P 244 -53.54 51.25 55.46
CA GLU P 244 -53.21 51.97 56.74
C GLU P 244 -54.30 53.02 57.09
N ALA P 245 -55.16 52.70 58.08
CA ALA P 245 -56.60 53.15 58.13
C ALA P 245 -57.39 52.32 57.07
N LYS P 246 -57.84 51.09 57.40
CA LYS P 246 -58.74 50.79 58.54
C LYS P 246 -58.25 50.87 59.99
N ALA P 247 -56.94 50.71 60.18
CA ALA P 247 -56.30 50.73 61.50
C ALA P 247 -56.73 51.91 62.42
N GLU P 248 -57.27 53.01 61.87
CA GLU P 248 -57.69 54.22 62.63
C GLU P 248 -59.23 54.32 62.68
N SER Q 2 -0.31 32.34 40.19
CA SER Q 2 -1.04 31.61 41.25
C SER Q 2 -0.43 31.76 42.69
N TYR Q 3 -1.28 31.75 43.68
CA TYR Q 3 -0.92 32.27 44.99
C TYR Q 3 -0.27 31.22 45.81
N ASP Q 4 0.99 31.42 46.15
CA ASP Q 4 1.85 30.43 46.81
C ASP Q 4 2.30 30.79 48.22
N ARG Q 5 1.72 31.77 48.88
CA ARG Q 5 2.12 32.13 50.23
C ARG Q 5 1.97 30.93 51.19
N ALA Q 6 2.99 30.70 51.99
CA ALA Q 6 2.91 29.78 53.08
C ALA Q 6 2.00 30.38 54.08
N ILE Q 7 0.85 29.78 54.29
CA ILE Q 7 -0.13 30.34 55.21
C ILE Q 7 -0.02 29.72 56.57
N THR Q 8 0.11 28.40 56.63
CA THR Q 8 0.24 27.75 57.91
C THR Q 8 1.71 27.48 58.16
N VAL Q 9 2.24 28.08 59.22
CA VAL Q 9 3.66 27.99 59.55
C VAL Q 9 3.77 27.82 61.03
N PHE Q 10 4.92 27.34 61.47
CA PHE Q 10 5.20 27.22 62.89
C PHE Q 10 5.49 28.55 63.49
N SER Q 11 5.14 28.64 64.76
CA SER Q 11 5.51 29.73 65.62
C SER Q 11 6.47 29.20 66.63
N PRO Q 12 7.10 30.12 67.45
CA PRO Q 12 8.17 29.67 68.29
C PRO Q 12 7.95 28.49 69.23
N ASP Q 13 6.76 28.20 69.65
CA ASP Q 13 6.79 27.17 70.73
C ASP Q 13 6.19 25.90 70.09
N GLY Q 14 6.40 25.78 68.76
CA GLY Q 14 5.91 24.65 68.04
C GLY Q 14 4.46 24.71 67.67
N HIS Q 15 3.82 25.83 67.80
CA HIS Q 15 2.42 25.95 67.43
C HIS Q 15 2.23 26.20 65.94
N LEU Q 16 1.12 25.68 65.41
CA LEU Q 16 0.60 26.05 64.12
C LEU Q 16 -0.63 26.88 64.38
N PHE Q 17 -0.43 28.20 64.46
CA PHE Q 17 -1.54 29.12 64.73
C PHE Q 17 -2.74 29.09 63.76
N GLN Q 18 -2.57 28.92 62.45
CA GLN Q 18 -3.75 28.86 61.62
C GLN Q 18 -4.69 27.68 62.04
N VAL Q 19 -4.03 26.60 62.41
CA VAL Q 19 -4.74 25.31 62.80
C VAL Q 19 -5.49 25.57 64.10
N GLU Q 20 -4.79 26.19 65.02
CA GLU Q 20 -5.41 26.60 66.30
C GLU Q 20 -6.56 27.58 66.05
N TYR Q 21 -6.43 28.46 65.05
CA TYR Q 21 -7.51 29.38 64.77
C TYR Q 21 -8.66 28.67 64.08
N ALA Q 22 -8.36 27.69 63.24
CA ALA Q 22 -9.38 26.85 62.62
C ALA Q 22 -10.20 26.09 63.70
N GLN Q 23 -9.50 25.56 64.69
CA GLN Q 23 -10.10 24.98 65.93
C GLN Q 23 -10.98 25.95 66.69
N GLU Q 24 -10.62 27.22 66.75
CA GLU Q 24 -11.50 28.25 67.34
C GLU Q 24 -12.81 28.40 66.54
N ALA Q 25 -12.72 28.27 65.21
CA ALA Q 25 -13.89 28.37 64.36
C ALA Q 25 -14.84 27.22 64.64
N VAL Q 26 -14.26 26.04 64.89
CA VAL Q 26 -15.05 24.86 65.21
C VAL Q 26 -15.76 25.09 66.53
N LYS Q 27 -15.08 25.72 67.49
CA LYS Q 27 -15.63 25.90 68.82
C LYS Q 27 -16.81 26.83 68.85
N LYS Q 28 -16.90 27.73 67.90
CA LYS Q 28 -18.06 28.59 67.74
C LYS Q 28 -19.14 27.98 66.85
N GLY Q 29 -18.97 26.77 66.33
CA GLY Q 29 -20.02 26.13 65.57
C GLY Q 29 -21.07 25.59 66.52
N SER Q 30 -22.22 25.16 65.97
CA SER Q 30 -23.27 24.53 66.72
C SER Q 30 -22.78 23.19 67.22
N THR Q 31 -23.23 22.87 68.43
CA THR Q 31 -22.83 21.61 69.09
C THR Q 31 -23.25 20.45 68.26
N ALA Q 32 -22.42 19.43 68.15
CA ALA Q 32 -22.80 18.16 67.49
C ALA Q 32 -22.39 17.03 68.37
N VAL Q 33 -23.22 16.00 68.47
CA VAL Q 33 -22.95 14.85 69.34
C VAL Q 33 -23.16 13.55 68.62
N GLY Q 34 -22.30 12.62 68.88
CA GLY Q 34 -22.41 11.28 68.32
C GLY Q 34 -22.35 10.28 69.44
N VAL Q 35 -23.18 9.26 69.36
CA VAL Q 35 -23.08 8.14 70.24
C VAL Q 35 -23.17 6.85 69.46
N ARG Q 36 -22.16 6.00 69.66
CA ARG Q 36 -22.14 4.66 69.13
C ARG Q 36 -22.91 3.70 70.07
N GLY Q 37 -24.05 3.21 69.57
CA GLY Q 37 -24.85 2.16 70.28
C GLY Q 37 -24.30 0.76 70.05
N ARG Q 38 -25.11 -0.21 70.44
CA ARG Q 38 -24.77 -1.62 70.31
C ARG Q 38 -25.01 -2.07 68.84
N ASP Q 39 -26.16 -1.67 68.30
CA ASP Q 39 -26.49 -1.90 66.87
C ASP Q 39 -27.19 -0.69 66.21
N ILE Q 40 -26.90 0.48 66.74
CA ILE Q 40 -27.37 1.72 66.18
C ILE Q 40 -26.25 2.77 66.39
N VAL Q 41 -26.23 3.78 65.54
CA VAL Q 41 -25.37 4.93 65.76
C VAL Q 41 -26.22 6.17 65.58
N VAL Q 42 -26.02 7.16 66.45
CA VAL Q 42 -26.89 8.33 66.48
C VAL Q 42 -26.05 9.60 66.38
N LEU Q 43 -26.55 10.57 65.62
CA LEU Q 43 -25.98 11.89 65.54
C LEU Q 43 -27.04 12.91 65.88
N GLY Q 44 -26.68 13.89 66.70
CA GLY Q 44 -27.61 14.98 67.04
C GLY Q 44 -26.88 16.28 67.00
N VAL Q 45 -27.54 17.35 66.58
CA VAL Q 45 -26.89 18.63 66.45
C VAL Q 45 -27.82 19.79 66.76
N GLU Q 46 -27.26 20.82 67.37
CA GLU Q 46 -27.98 22.01 67.77
C GLU Q 46 -28.39 22.90 66.60
N LYS Q 47 -29.52 23.57 66.81
CA LYS Q 47 -29.96 24.84 66.17
C LYS Q 47 -29.65 24.96 64.69
N LYS Q 48 -28.38 25.31 64.34
CA LYS Q 48 -28.06 26.34 63.30
C LYS Q 48 -28.65 27.71 63.79
N SER Q 49 -29.85 28.12 63.31
CA SER Q 49 -30.56 29.32 63.82
C SER Q 49 -31.77 29.12 64.79
N VAL Q 50 -32.60 28.10 64.58
CA VAL Q 50 -34.07 28.29 64.71
C VAL Q 50 -34.40 29.16 63.46
N ALA Q 51 -35.37 30.07 63.57
CA ALA Q 51 -35.77 31.02 62.49
C ALA Q 51 -37.00 30.47 61.74
N LYS Q 52 -38.17 30.99 62.07
CA LYS Q 52 -39.45 30.47 61.58
C LYS Q 52 -39.56 30.50 60.07
N LEU Q 53 -38.90 31.45 59.42
CA LEU Q 53 -39.06 31.60 57.99
C LEU Q 53 -38.10 30.72 57.18
N GLN Q 54 -37.21 30.03 57.86
CA GLN Q 54 -36.25 29.15 57.24
C GLN Q 54 -36.95 27.94 56.68
N ASP Q 55 -36.50 27.53 55.47
CA ASP Q 55 -36.80 26.20 54.93
C ASP Q 55 -35.81 25.24 55.54
N GLU Q 56 -36.26 24.53 56.56
CA GLU Q 56 -35.44 23.62 57.41
C GLU Q 56 -34.54 22.64 56.61
N ARG Q 57 -35.13 22.02 55.57
CA ARG Q 57 -34.43 21.03 54.68
C ARG Q 57 -33.02 21.46 54.18
N THR Q 58 -32.90 22.75 53.91
CA THR Q 58 -31.73 23.36 53.24
C THR Q 58 -30.52 23.61 54.13
N VAL Q 59 -30.64 23.40 55.44
CA VAL Q 59 -29.51 23.70 56.35
C VAL Q 59 -29.11 22.55 57.28
N ARG Q 60 -29.54 21.32 57.02
CA ARG Q 60 -29.14 20.20 57.85
C ARG Q 60 -27.62 20.13 57.98
N LYS Q 61 -27.21 19.73 59.19
CA LYS Q 61 -25.83 19.63 59.55
C LYS Q 61 -25.43 18.15 59.64
N ILE Q 62 -26.32 17.24 59.26
CA ILE Q 62 -26.04 15.81 59.17
C ILE Q 62 -26.20 15.41 57.68
N ALA Q 64 -25.38 12.46 54.39
CA ALA Q 64 -24.99 11.17 53.89
C ALA Q 64 -23.77 11.30 52.98
N LEU Q 65 -22.78 10.44 53.16
CA LEU Q 65 -21.58 10.40 52.32
C LEU Q 65 -21.72 9.30 51.25
N ASP Q 66 -22.32 8.20 51.68
CA ASP Q 66 -22.66 7.06 50.85
C ASP Q 66 -23.85 6.40 51.56
N ASP Q 67 -24.29 5.24 51.13
CA ASP Q 67 -25.40 4.51 51.81
C ASP Q 67 -25.08 4.05 53.23
N ASN Q 68 -23.85 3.63 53.44
CA ASN Q 68 -23.44 3.10 54.75
C ASN Q 68 -22.64 4.06 55.70
N VAL Q 69 -22.52 5.35 55.35
CA VAL Q 69 -21.66 6.31 56.09
C VAL Q 69 -22.27 7.69 56.09
N CYS Q 70 -22.37 8.34 57.23
CA CYS Q 70 -22.83 9.71 57.21
C CYS Q 70 -21.97 10.51 58.16
N MET Q 71 -22.22 11.80 58.25
CA MET Q 71 -21.39 12.66 59.05
C MET Q 71 -22.14 13.89 59.49
N ALA Q 72 -21.73 14.36 60.66
CA ALA Q 72 -22.09 15.63 61.12
C ALA Q 72 -20.81 16.46 61.22
N PHE Q 73 -20.96 17.77 61.29
CA PHE Q 73 -19.81 18.64 61.44
C PHE Q 73 -20.17 19.77 62.35
N ALA Q 74 -19.17 20.44 62.86
CA ALA Q 74 -19.31 21.77 63.43
C ALA Q 74 -18.18 22.65 62.91
N GLY Q 75 -18.52 23.90 62.71
CA GLY Q 75 -17.58 24.89 62.30
C GLY Q 75 -18.14 25.61 61.08
N LEU Q 76 -17.25 26.00 60.17
CA LEU Q 76 -17.65 26.79 59.01
C LEU Q 76 -18.45 25.94 58.04
N THR Q 77 -19.72 26.27 57.86
CA THR Q 77 -20.61 25.38 57.10
C THR Q 77 -20.17 25.30 55.62
N ALA Q 78 -19.70 26.41 55.04
CA ALA Q 78 -19.23 26.42 53.66
C ALA Q 78 -18.01 25.50 53.47
N ASP Q 79 -17.06 25.58 54.40
CA ASP Q 79 -15.98 24.65 54.42
C ASP Q 79 -16.49 23.19 54.48
N ALA Q 80 -17.42 22.91 55.39
CA ALA Q 80 -17.96 21.54 55.48
C ALA Q 80 -18.49 20.97 54.17
N ARG Q 81 -19.21 21.80 53.43
CA ARG Q 81 -19.81 21.41 52.17
C ARG Q 81 -18.72 20.94 51.17
N ILE Q 82 -17.58 21.59 51.19
CA ILE Q 82 -16.45 21.19 50.36
C ILE Q 82 -15.90 19.83 50.77
N VAL Q 83 -15.72 19.62 52.06
CA VAL Q 83 -15.17 18.38 52.58
C VAL Q 83 -16.16 17.25 52.26
N ILE Q 84 -17.45 17.52 52.47
CA ILE Q 84 -18.48 16.53 52.25
C ILE Q 84 -18.49 16.07 50.78
N ASN Q 85 -18.46 17.02 49.87
CA ASN Q 85 -18.45 16.70 48.45
C ASN Q 85 -17.18 15.93 48.02
N ARG Q 86 -16.02 16.37 48.51
CA ARG Q 86 -14.81 15.67 48.27
C ARG Q 86 -14.94 14.20 48.75
N ALA Q 87 -15.49 14.01 49.97
CA ALA Q 87 -15.67 12.65 50.49
C ALA Q 87 -16.66 11.84 49.66
N ARG Q 88 -17.71 12.50 49.16
CA ARG Q 88 -18.72 11.80 48.41
C ARG Q 88 -18.10 11.25 47.10
N VAL Q 89 -17.20 12.04 46.50
CA VAL Q 89 -16.51 11.69 45.29
C VAL Q 89 -15.62 10.49 45.60
N GLU Q 90 -14.87 10.59 46.67
CA GLU Q 90 -13.97 9.50 47.07
C GLU Q 90 -14.69 8.17 47.36
N CYS Q 91 -15.89 8.22 47.98
CA CYS Q 91 -16.71 6.99 48.18
C CYS Q 91 -17.04 6.29 46.89
N GLN Q 92 -17.35 7.05 45.86
CA GLN Q 92 -17.56 6.49 44.51
C GLN Q 92 -16.27 5.99 43.82
N SER Q 93 -15.11 6.64 43.94
CA SER Q 93 -13.86 5.97 43.50
C SER Q 93 -13.64 4.63 44.21
N HIS Q 94 -13.65 4.63 45.52
CA HIS Q 94 -13.50 3.37 46.26
C HIS Q 94 -14.39 2.23 45.68
N ARG Q 95 -15.71 2.39 45.69
CA ARG Q 95 -16.63 1.42 45.08
C ARG Q 95 -16.20 1.07 43.66
N LEU Q 96 -15.74 2.06 42.90
CA LEU Q 96 -15.32 1.82 41.53
C LEU Q 96 -14.16 0.82 41.48
N THR Q 97 -13.15 1.03 42.29
CA THR Q 97 -11.86 0.27 42.16
C THR Q 97 -11.73 -0.97 43.09
N VAL Q 98 -12.52 -0.99 44.15
CA VAL Q 98 -12.51 -2.11 45.11
C VAL Q 98 -13.82 -2.91 45.13
N GLU Q 99 -14.92 -2.36 44.57
CA GLU Q 99 -16.21 -3.03 44.51
C GLU Q 99 -16.73 -3.40 45.89
N ASP Q 100 -16.37 -2.58 46.88
CA ASP Q 100 -16.98 -2.63 48.20
C ASP Q 100 -17.23 -1.22 48.55
N PRO Q 101 -18.26 -1.01 49.38
CA PRO Q 101 -18.34 0.30 50.02
C PRO Q 101 -17.11 0.57 50.90
N VAL Q 102 -16.87 1.84 51.15
CA VAL Q 102 -15.77 2.24 51.98
C VAL Q 102 -16.05 1.72 53.38
N THR Q 103 -15.04 1.41 54.14
CA THR Q 103 -15.24 1.37 55.61
C THR Q 103 -15.35 2.78 56.13
N VAL Q 104 -15.88 2.93 57.34
CA VAL Q 104 -15.98 4.22 57.97
C VAL Q 104 -14.55 4.75 58.23
N GLU Q 105 -13.64 3.85 58.60
CA GLU Q 105 -12.28 4.19 58.82
C GLU Q 105 -11.58 4.67 57.55
N TYR Q 106 -11.84 4.01 56.43
CA TYR Q 106 -11.24 4.43 55.17
C TYR Q 106 -11.60 5.88 54.81
N ILE Q 107 -12.87 6.21 54.89
CA ILE Q 107 -13.27 7.54 54.48
C ILE Q 107 -12.87 8.63 55.50
N THR Q 108 -12.85 8.26 56.77
CA THR Q 108 -12.38 9.08 57.85
C THR Q 108 -10.89 9.45 57.62
N ARG Q 109 -10.11 8.42 57.37
CA ARG Q 109 -8.75 8.57 57.01
C ARG Q 109 -8.51 9.53 55.77
N TYR Q 110 -9.34 9.38 54.74
CA TYR Q 110 -9.28 10.18 53.56
C TYR Q 110 -9.57 11.66 53.95
N ILE Q 111 -10.62 11.88 54.74
CA ILE Q 111 -11.01 13.22 55.15
C ILE Q 111 -9.91 13.87 55.99
N ALA Q 112 -9.35 13.08 56.93
CA ALA Q 112 -8.35 13.57 57.81
C ALA Q 112 -7.07 13.99 57.00
N SER Q 113 -6.75 13.22 56.01
CA SER Q 113 -5.57 13.45 55.17
C SER Q 113 -5.73 14.68 54.24
N LEU Q 114 -6.93 14.92 53.73
CA LEU Q 114 -7.28 16.13 53.09
C LEU Q 114 -7.15 17.38 54.01
N LYS Q 115 -7.70 17.27 55.23
CA LYS Q 115 -7.54 18.30 56.20
C LYS Q 115 -6.04 18.54 56.53
N GLN Q 116 -5.27 17.50 56.82
CA GLN Q 116 -3.83 17.69 57.11
C GLN Q 116 -3.13 18.43 55.93
N ARG Q 117 -3.46 18.07 54.71
CA ARG Q 117 -2.81 18.70 53.52
C ARG Q 117 -3.10 20.20 53.46
N TYR Q 118 -4.30 20.61 53.79
CA TYR Q 118 -4.59 22.01 53.84
C TYR Q 118 -3.96 22.75 55.01
N THR Q 119 -3.21 22.05 55.84
CA THR Q 119 -2.37 22.71 56.84
C THR Q 119 -0.88 22.76 56.47
N GLN Q 120 -0.51 22.18 55.33
CA GLN Q 120 0.84 22.11 54.90
C GLN Q 120 1.06 22.53 53.44
N SER Q 121 0.08 23.14 52.78
CA SER Q 121 0.19 23.49 51.40
C SER Q 121 0.09 24.98 51.24
N ASN Q 122 0.92 25.49 50.35
CA ASN Q 122 0.93 26.89 50.01
C ASN Q 122 -0.36 27.37 49.45
N GLY Q 123 -0.69 28.60 49.79
CA GLY Q 123 -1.82 29.30 49.24
C GLY Q 123 -3.18 29.07 49.86
N ARG Q 124 -3.28 28.19 50.84
CA ARG Q 124 -4.53 27.72 51.42
C ARG Q 124 -4.54 27.85 52.96
N ARG Q 125 -5.69 28.21 53.49
CA ARG Q 125 -5.92 28.06 54.94
C ARG Q 125 -6.54 26.68 55.26
N PRO Q 126 -6.36 26.22 56.47
CA PRO Q 126 -7.03 24.98 56.90
C PRO Q 126 -8.55 25.06 56.81
N PHE Q 127 -9.17 23.90 56.83
CA PHE Q 127 -10.62 23.82 56.92
C PHE Q 127 -11.01 24.10 58.35
N GLY Q 128 -11.97 24.97 58.54
CA GLY Q 128 -12.49 25.27 59.89
C GLY Q 128 -13.63 24.38 60.32
N ILE Q 129 -13.41 23.06 60.26
CA ILE Q 129 -14.44 22.11 60.69
C ILE Q 129 -13.82 20.94 61.40
N SER Q 130 -14.62 20.36 62.33
CA SER Q 130 -14.48 18.99 62.72
C SER Q 130 -15.66 18.19 62.24
N ALA Q 131 -15.46 16.89 62.10
CA ALA Q 131 -16.53 16.00 61.69
C ALA Q 131 -16.66 14.81 62.63
N LEU Q 132 -17.89 14.40 62.86
CA LEU Q 132 -18.22 13.08 63.43
C LEU Q 132 -18.76 12.20 62.29
N ILE Q 133 -18.08 11.07 62.07
CA ILE Q 133 -18.37 10.25 60.96
C ILE Q 133 -18.81 8.91 61.50
N VAL Q 134 -19.97 8.46 61.01
CA VAL Q 134 -20.56 7.23 61.54
C VAL Q 134 -21.00 6.33 60.47
N GLY Q 135 -20.96 5.05 60.83
CA GLY Q 135 -21.74 4.04 60.09
C GLY Q 135 -21.40 2.64 60.58
N PHE Q 136 -21.53 1.70 59.67
CA PHE Q 136 -21.23 0.30 59.93
C PHE Q 136 -20.29 -0.26 58.88
N ASP Q 137 -19.36 -1.09 59.36
CA ASP Q 137 -18.52 -1.92 58.49
C ASP Q 137 -19.23 -3.21 57.99
N PHE Q 138 -18.81 -3.64 56.78
CA PHE Q 138 -19.30 -4.89 56.13
C PHE Q 138 -19.76 -5.97 57.13
N ASP Q 139 -19.01 -6.18 58.21
CA ASP Q 139 -19.35 -7.21 59.25
C ASP Q 139 -20.33 -6.80 60.39
N GLY Q 140 -21.02 -5.67 60.23
CA GLY Q 140 -22.00 -5.19 61.20
C GLY Q 140 -21.51 -4.33 62.37
N THR Q 141 -20.19 -4.16 62.54
CA THR Q 141 -19.64 -3.35 63.66
C THR Q 141 -19.97 -1.86 63.49
N PRO Q 142 -20.64 -1.26 64.50
CA PRO Q 142 -20.96 0.18 64.45
C PRO Q 142 -19.72 1.06 64.74
N ARG Q 143 -19.62 2.24 64.09
CA ARG Q 143 -18.41 3.10 64.19
C ARG Q 143 -18.72 4.57 64.36
N LEU Q 144 -17.87 5.22 65.14
CA LEU Q 144 -17.96 6.66 65.33
C LEU Q 144 -16.52 7.13 65.31
N TYR Q 145 -16.14 7.94 64.32
CA TYR Q 145 -14.80 8.55 64.25
C TYR Q 145 -14.98 10.05 64.34
N GLN Q 146 -13.92 10.74 64.75
CA GLN Q 146 -13.91 12.17 64.71
C GLN Q 146 -12.64 12.66 63.99
N THR Q 147 -12.79 13.69 63.17
CA THR Q 147 -11.63 14.41 62.53
C THR Q 147 -11.62 15.85 63.00
N ASP Q 148 -10.44 16.46 63.04
CA ASP Q 148 -10.39 17.91 63.28
C ASP Q 148 -9.50 18.63 62.27
N PRO Q 149 -9.47 19.98 62.34
CA PRO Q 149 -8.77 20.75 61.34
C PRO Q 149 -7.32 20.36 61.15
N SER Q 150 -6.66 19.80 62.15
CA SER Q 150 -5.29 19.38 62.02
C SER Q 150 -5.08 18.19 61.09
N GLY Q 151 -6.15 17.43 60.84
CA GLY Q 151 -6.05 16.11 60.18
C GLY Q 151 -5.90 14.95 61.16
N THR Q 152 -5.94 15.24 62.44
CA THR Q 152 -5.96 14.20 63.48
C THR Q 152 -7.30 13.46 63.40
N TYR Q 153 -7.29 12.14 63.58
CA TYR Q 153 -8.55 11.41 63.75
C TYR Q 153 -8.46 10.24 64.73
N HIS Q 154 -9.57 9.96 65.37
CA HIS Q 154 -9.68 8.87 66.35
C HIS Q 154 -11.09 8.29 66.35
N ALA Q 155 -11.23 7.08 66.87
CA ALA Q 155 -12.55 6.47 67.09
C ALA Q 155 -13.01 6.76 68.53
N TRP Q 156 -14.32 6.86 68.71
CA TRP Q 156 -14.94 7.23 69.93
C TRP Q 156 -16.17 6.37 70.16
N LYS Q 157 -16.46 6.15 71.45
CA LYS Q 157 -17.70 5.55 71.92
C LYS Q 157 -18.83 6.56 71.86
N ALA Q 158 -18.48 7.79 72.20
CA ALA Q 158 -19.37 8.93 72.09
C ALA Q 158 -18.46 10.11 72.09
N ASN Q 159 -18.96 11.26 71.62
CA ASN Q 159 -18.21 12.48 71.62
C ASN Q 159 -19.11 13.65 71.28
N ALA Q 160 -18.63 14.86 71.51
CA ALA Q 160 -19.26 16.09 71.05
C ALA Q 160 -18.20 16.99 70.44
N ILE Q 161 -18.58 17.83 69.47
CA ILE Q 161 -17.74 18.89 68.91
C ILE Q 161 -18.58 20.17 68.87
N GLY Q 162 -17.94 21.32 68.63
CA GLY Q 162 -18.67 22.59 68.59
C GLY Q 162 -18.78 23.24 69.98
N ARG Q 163 -19.60 24.28 70.07
CA ARG Q 163 -19.69 25.06 71.27
C ARG Q 163 -20.29 24.18 72.35
N GLY Q 164 -19.71 24.26 73.55
CA GLY Q 164 -20.10 23.41 74.63
C GLY Q 164 -19.65 21.96 74.56
N ALA Q 165 -18.83 21.58 73.59
CA ALA Q 165 -18.23 20.24 73.57
C ALA Q 165 -17.59 19.75 74.92
N LYS Q 166 -16.92 20.65 75.65
CA LYS Q 166 -16.17 20.28 76.91
C LYS Q 166 -17.14 19.72 77.92
N SER Q 167 -18.21 20.49 78.18
CA SER Q 167 -19.21 20.05 79.16
C SER Q 167 -20.02 18.86 78.64
N VAL Q 168 -20.39 18.87 77.34
CA VAL Q 168 -21.13 17.71 76.78
C VAL Q 168 -20.29 16.44 76.86
N ARG Q 169 -19.00 16.54 76.51
CA ARG Q 169 -18.12 15.38 76.68
C ARG Q 169 -18.05 14.90 78.16
N GLU Q 170 -18.02 15.83 79.12
CA GLU Q 170 -17.97 15.49 80.54
C GLU Q 170 -19.23 14.70 80.89
N PHE Q 171 -20.37 15.24 80.47
CA PHE Q 171 -21.65 14.56 80.63
C PHE Q 171 -21.71 13.14 80.04
N LEU Q 172 -21.18 12.94 78.85
CA LEU Q 172 -21.10 11.62 78.21
C LEU Q 172 -20.20 10.65 78.95
N GLU Q 173 -19.01 11.14 79.39
CA GLU Q 173 -18.06 10.33 80.17
C GLU Q 173 -18.75 9.71 81.39
N LYS Q 174 -19.63 10.46 82.02
CA LYS Q 174 -20.32 9.97 83.23
C LYS Q 174 -21.54 9.12 82.86
N ASN Q 175 -22.22 9.44 81.75
CA ASN Q 175 -23.50 8.81 81.36
C ASN Q 175 -23.44 7.73 80.27
N TYR Q 176 -22.29 7.53 79.63
CA TYR Q 176 -22.18 6.47 78.68
C TYR Q 176 -21.85 5.17 79.39
N THR Q 177 -22.86 4.32 79.53
CA THR Q 177 -22.71 3.00 80.15
C THR Q 177 -23.45 1.95 79.34
N ASP Q 178 -23.11 0.67 79.57
CA ASP Q 178 -23.84 -0.46 78.96
C ASP Q 178 -25.37 -0.27 79.10
N GLU Q 179 -25.79 0.24 80.27
CA GLU Q 179 -27.21 0.53 80.62
C GLU Q 179 -27.86 1.64 79.74
N ALA Q 180 -27.17 2.75 79.54
CA ALA Q 180 -27.73 3.83 78.71
C ALA Q 180 -27.89 3.47 77.21
N ILE Q 181 -27.13 2.47 76.73
CA ILE Q 181 -27.15 2.02 75.29
C ILE Q 181 -27.69 0.59 75.10
N GLU Q 182 -28.41 0.08 76.10
CA GLU Q 182 -28.95 -1.28 76.03
C GLU Q 182 -29.92 -1.36 74.87
N THR Q 183 -30.71 -0.29 74.69
CA THR Q 183 -31.67 -0.21 73.60
C THR Q 183 -31.51 1.01 72.75
N ASP Q 184 -32.21 0.97 71.62
CA ASP Q 184 -32.24 2.03 70.64
C ASP Q 184 -32.79 3.36 71.16
N ASP Q 185 -33.94 3.31 71.84
CA ASP Q 185 -34.62 4.50 72.42
C ASP Q 185 -33.75 5.24 73.45
N LEU Q 186 -32.96 4.49 74.23
CA LEU Q 186 -32.13 5.05 75.30
C LEU Q 186 -30.88 5.70 74.69
N THR Q 187 -30.27 5.03 73.71
CA THR Q 187 -29.18 5.58 72.90
C THR Q 187 -29.59 6.94 72.33
N ILE Q 188 -30.75 6.96 71.69
CA ILE Q 188 -31.30 8.21 71.18
C ILE Q 188 -31.51 9.20 72.32
N LYS Q 189 -32.13 8.78 73.43
CA LYS Q 189 -32.36 9.66 74.62
C LYS Q 189 -31.06 10.19 75.32
N LEU Q 190 -30.00 9.36 75.27
CA LEU Q 190 -28.65 9.80 75.70
C LEU Q 190 -28.13 10.98 74.88
N VAL Q 191 -28.26 10.92 73.56
CA VAL Q 191 -27.88 12.04 72.68
C VAL Q 191 -28.68 13.31 72.96
N ILE Q 192 -29.99 13.17 73.14
CA ILE Q 192 -30.84 14.31 73.38
C ILE Q 192 -30.54 14.94 74.76
N LYS Q 193 -30.40 14.09 75.80
CA LYS Q 193 -30.00 14.60 77.13
C LYS Q 193 -28.66 15.35 76.99
N ALA Q 194 -27.70 14.77 76.28
CA ALA Q 194 -26.39 15.37 76.12
C ALA Q 194 -26.50 16.77 75.52
N LEU Q 195 -27.23 16.90 74.41
CA LEU Q 195 -27.52 18.23 73.82
C LEU Q 195 -28.23 19.17 74.79
N LEU Q 196 -29.26 18.65 75.46
CA LEU Q 196 -30.03 19.45 76.41
C LEU Q 196 -29.16 20.03 77.54
N GLU Q 197 -27.99 19.43 77.75
CA GLU Q 197 -26.97 19.96 78.65
C GLU Q 197 -26.43 21.36 78.24
N VAL Q 198 -26.38 21.68 76.95
CA VAL Q 198 -26.02 23.06 76.52
C VAL Q 198 -27.03 23.83 75.68
N VAL Q 199 -27.98 23.15 75.04
CA VAL Q 199 -28.76 23.79 73.98
C VAL Q 199 -29.75 24.86 74.48
N GLN Q 200 -29.39 26.10 74.12
CA GLN Q 200 -30.09 27.36 74.42
C GLN Q 200 -31.61 27.35 74.02
N SER Q 201 -32.37 26.52 74.74
CA SER Q 201 -33.86 26.31 74.61
C SER Q 201 -34.27 24.81 74.71
N GLY Q 202 -33.56 23.95 73.98
CA GLY Q 202 -33.73 22.49 74.11
C GLY Q 202 -34.78 21.69 73.34
N GLY Q 203 -35.99 22.23 73.10
CA GLY Q 203 -37.07 21.55 72.32
C GLY Q 203 -36.70 21.27 70.86
N LYS Q 204 -36.87 22.29 70.01
CA LYS Q 204 -36.33 22.22 68.65
C LYS Q 204 -36.07 23.62 68.00
N ASN Q 205 -34.82 24.07 67.83
CA ASN Q 205 -33.55 23.45 68.30
C ASN Q 205 -33.29 22.01 67.79
N ILE Q 206 -32.24 21.35 68.26
CA ILE Q 206 -31.98 19.90 68.01
C ILE Q 206 -32.50 19.19 66.67
N GLU Q 207 -31.57 18.90 65.75
CA GLU Q 207 -31.80 17.98 64.58
C GLU Q 207 -31.17 16.61 64.97
N LEU Q 208 -31.85 15.53 64.62
CA LEU Q 208 -31.36 14.21 64.98
C LEU Q 208 -31.56 13.12 63.92
N ALA Q 209 -30.54 12.25 63.80
CA ALA Q 209 -30.54 11.15 62.85
C ALA Q 209 -29.94 9.89 63.44
N VAL Q 210 -30.45 8.77 62.93
CA VAL Q 210 -30.04 7.43 63.36
C VAL Q 210 -29.61 6.61 62.17
N MET Q 211 -28.67 5.68 62.40
CA MET Q 211 -28.29 4.71 61.39
C MET Q 211 -28.29 3.36 62.01
N ARG Q 212 -29.12 2.48 61.46
CA ARG Q 212 -29.20 1.09 61.90
C ARG Q 212 -28.41 0.21 60.94
N ARG Q 213 -27.91 -0.90 61.47
CA ARG Q 213 -27.15 -1.91 60.67
C ARG Q 213 -27.96 -2.26 59.40
N ASP Q 214 -27.38 -1.97 58.25
CA ASP Q 214 -27.99 -2.19 56.92
C ASP Q 214 -29.14 -1.24 56.53
N GLN Q 215 -29.68 -0.44 57.45
CA GLN Q 215 -31.00 0.19 57.23
C GLN Q 215 -30.91 1.64 56.69
N SER Q 216 -29.71 2.17 56.46
CA SER Q 216 -29.51 3.56 55.95
C SER Q 216 -30.13 4.76 56.74
N LEU Q 217 -29.49 5.91 56.61
CA LEU Q 217 -29.80 7.10 57.42
C LEU Q 217 -31.31 7.41 57.52
N LYS Q 218 -31.86 7.43 58.74
CA LYS Q 218 -33.23 7.91 59.02
C LYS Q 218 -33.09 9.19 59.84
N ILE Q 219 -33.63 10.32 59.37
CA ILE Q 219 -33.68 11.54 60.16
C ILE Q 219 -35.04 11.59 60.91
N LEU Q 220 -35.03 11.93 62.19
CA LEU Q 220 -36.29 12.22 62.96
C LEU Q 220 -36.46 13.72 62.63
N ASN Q 221 -37.56 14.48 62.63
CA ASN Q 221 -38.97 14.24 62.94
C ASN Q 221 -39.30 15.05 64.17
N PRO Q 222 -39.71 16.34 64.00
CA PRO Q 222 -39.93 17.21 65.18
C PRO Q 222 -40.93 16.63 66.15
N GLU Q 223 -42.01 16.03 65.63
CA GLU Q 223 -42.99 15.35 66.46
C GLU Q 223 -42.35 14.28 67.42
N GLU Q 224 -41.55 13.40 66.85
CA GLU Q 224 -40.92 12.28 67.58
C GLU Q 224 -39.82 12.76 68.51
N ILE Q 225 -39.19 13.89 68.17
CA ILE Q 225 -38.10 14.50 68.96
C ILE Q 225 -38.64 15.14 70.24
N GLU Q 226 -39.65 16.00 70.09
CA GLU Q 226 -40.25 16.67 71.25
C GLU Q 226 -40.95 15.73 72.24
N LYS Q 227 -41.20 14.48 71.81
CA LYS Q 227 -41.56 13.35 72.73
C LYS Q 227 -40.46 13.08 73.76
N TYR Q 228 -39.27 12.82 73.22
CA TYR Q 228 -38.09 12.58 74.02
C TYR Q 228 -37.71 13.80 74.87
N VAL Q 229 -37.92 15.01 74.34
CA VAL Q 229 -37.54 16.26 75.03
C VAL Q 229 -38.33 16.44 76.33
N ALA Q 230 -39.66 16.29 76.25
CA ALA Q 230 -40.58 16.34 77.40
C ALA Q 230 -40.27 15.24 78.44
N GLU Q 231 -40.14 14.00 77.94
CA GLU Q 231 -39.74 12.81 78.70
C GLU Q 231 -38.38 12.93 79.47
N ILE Q 232 -37.52 13.88 79.05
CA ILE Q 232 -36.22 14.21 79.71
C ILE Q 232 -36.23 15.49 80.62
N GLU Q 233 -37.05 16.47 80.25
CA GLU Q 233 -37.18 17.80 80.88
C GLU Q 233 -37.99 17.71 82.17
N LYS Q 234 -39.06 16.94 82.09
CA LYS Q 234 -39.82 16.59 83.29
C LYS Q 234 -39.08 15.62 84.23
N GLU Q 235 -38.12 14.83 83.72
CA GLU Q 235 -37.20 14.05 84.59
C GLU Q 235 -36.15 14.92 85.31
N LYS Q 236 -35.66 15.98 84.65
CA LYS Q 236 -34.77 17.00 85.27
C LYS Q 236 -35.43 18.05 86.20
N GLU Q 237 -36.76 18.03 86.30
CA GLU Q 237 -37.53 18.92 87.19
C GLU Q 237 -37.69 18.22 88.51
N GLU Q 238 -38.23 16.99 88.43
CA GLU Q 238 -38.29 15.99 89.54
C GLU Q 238 -36.99 15.99 90.34
N ASN Q 239 -35.87 15.87 89.58
CA ASN Q 239 -34.50 15.82 90.15
C ASN Q 239 -33.92 17.19 90.56
N GLU Q 240 -34.76 17.95 91.31
CA GLU Q 240 -34.35 19.00 92.24
C GLU Q 240 -35.10 18.74 93.57
N LYS Q 241 -36.44 18.69 93.52
CA LYS Q 241 -37.24 18.23 94.64
C LYS Q 241 -36.89 16.78 95.04
N ASP R 9 7.20 39.94 60.10
CA ASP R 9 6.95 38.70 59.26
C ASP R 9 8.08 38.48 58.21
N ARG R 10 8.50 37.22 58.13
CA ARG R 10 9.69 36.75 57.43
C ARG R 10 9.26 35.46 56.74
N GLY R 11 10.05 35.00 55.80
CA GLY R 11 9.73 33.84 55.09
C GLY R 11 10.11 32.54 55.77
N VAL R 12 9.53 31.45 55.28
CA VAL R 12 9.76 30.12 55.88
C VAL R 12 11.16 29.59 55.71
N ASN R 13 11.90 30.12 54.75
CA ASN R 13 13.30 29.75 54.57
C ASN R 13 14.31 30.81 55.09
N THR R 14 13.94 31.52 56.15
CA THR R 14 14.83 32.51 56.75
C THR R 14 15.76 31.87 57.79
N PHE R 15 17.05 32.18 57.68
CA PHE R 15 18.02 31.83 58.72
C PHE R 15 18.00 32.85 59.89
N SER R 16 18.19 32.33 61.10
CA SER R 16 18.38 33.13 62.28
C SER R 16 19.86 33.54 62.31
N PRO R 17 20.19 34.52 63.17
CA PRO R 17 21.59 34.92 63.28
C PRO R 17 22.51 33.77 63.73
N GLU R 18 21.97 32.76 64.38
CA GLU R 18 22.77 31.62 64.79
C GLU R 18 22.92 30.61 63.71
N GLY R 19 22.39 30.82 62.52
CA GLY R 19 22.64 29.83 61.49
C GLY R 19 21.72 28.66 61.54
N ARG R 20 20.51 28.90 62.01
CA ARG R 20 19.45 27.85 62.00
C ARG R 20 18.23 28.38 61.24
N LEU R 21 17.49 27.46 60.64
CA LEU R 21 16.21 27.81 60.05
C LEU R 21 15.13 27.87 61.12
N PHE R 22 14.53 29.08 61.29
CA PHE R 22 13.52 29.30 62.29
C PHE R 22 12.44 28.15 62.26
N GLN R 23 11.89 27.88 61.05
CA GLN R 23 10.84 26.88 60.93
C GLN R 23 11.25 25.49 61.44
N VAL R 24 12.49 25.09 61.15
CA VAL R 24 13.01 23.83 61.62
C VAL R 24 13.20 23.83 63.14
N GLU R 25 13.70 24.93 63.66
CA GLU R 25 13.82 25.04 65.16
C GLU R 25 12.47 24.96 65.78
N TYR R 26 11.49 25.63 65.21
CA TYR R 26 10.18 25.65 65.76
C TYR R 26 9.49 24.24 65.68
N ALA R 27 9.71 23.54 64.56
CA ALA R 27 9.25 22.19 64.40
C ALA R 27 9.85 21.24 65.42
N ILE R 28 11.13 21.41 65.75
CA ILE R 28 11.81 20.61 66.80
C ILE R 28 11.17 20.87 68.19
N GLU R 29 10.76 22.10 68.47
CA GLU R 29 9.97 22.40 69.67
C GLU R 29 8.59 21.72 69.70
N ALA R 30 7.95 21.54 68.54
CA ALA R 30 6.70 20.80 68.49
C ALA R 30 6.86 19.33 68.93
N ILE R 31 8.01 18.73 68.71
CA ILE R 31 8.30 17.34 69.08
C ILE R 31 8.27 17.19 70.61
N LYS R 32 8.72 18.22 71.29
CA LYS R 32 8.72 18.24 72.77
C LYS R 32 7.33 18.19 73.33
N LEU R 33 6.32 18.54 72.56
CA LEU R 33 4.96 18.46 73.04
C LEU R 33 4.39 17.05 72.79
N GLY R 34 5.08 16.20 72.03
CA GLY R 34 4.54 14.88 71.75
C GLY R 34 4.71 13.92 72.92
N SER R 35 4.01 12.80 72.83
CA SER R 35 4.17 11.66 73.80
C SER R 35 5.50 11.04 73.65
N THR R 36 5.93 10.41 74.69
CA THR R 36 7.25 9.83 74.70
C THR R 36 7.25 8.48 73.95
N ALA R 37 8.24 8.26 73.10
CA ALA R 37 8.46 6.98 72.48
C ALA R 37 9.91 6.58 72.72
N ILE R 38 10.15 5.29 72.84
CA ILE R 38 11.44 4.71 73.11
C ILE R 38 11.77 3.59 72.10
N GLY R 39 13.04 3.54 71.68
CA GLY R 39 13.53 2.50 70.87
C GLY R 39 14.77 1.94 71.46
N ILE R 40 14.92 0.63 71.42
CA ILE R 40 16.16 -0.02 71.86
C ILE R 40 16.54 -1.08 70.82
N GLN R 41 17.82 -1.12 70.48
CA GLN R 41 18.40 -2.05 69.58
C GLN R 41 19.27 -3.04 70.34
N THR R 42 18.93 -4.33 70.22
CA THR R 42 19.70 -5.40 70.81
C THR R 42 20.15 -6.32 69.65
N SER R 43 21.07 -7.23 69.95
CA SER R 43 21.47 -8.26 69.00
C SER R 43 20.33 -9.28 68.69
N GLU R 44 19.26 -9.32 69.48
CA GLU R 44 18.11 -10.19 69.20
C GLU R 44 16.93 -9.48 68.59
N GLY R 45 17.06 -8.21 68.29
CA GLY R 45 15.98 -7.48 67.62
C GLY R 45 15.83 -6.08 68.18
N VAL R 46 14.88 -5.33 67.65
CA VAL R 46 14.61 -4.03 68.20
C VAL R 46 13.19 -3.94 68.72
N CYS R 47 13.04 -3.16 69.82
CA CYS R 47 11.72 -2.79 70.33
C CYS R 47 11.44 -1.32 70.31
N LEU R 48 10.17 -1.00 70.15
CA LEU R 48 9.64 0.32 69.99
C LEU R 48 8.49 0.34 70.97
N ALA R 49 8.47 1.35 71.86
CA ALA R 49 7.42 1.52 72.86
C ALA R 49 7.00 2.97 72.91
N VAL R 50 5.72 3.21 73.09
CA VAL R 50 5.20 4.54 73.02
C VAL R 50 4.06 4.69 74.03
N GLU R 51 4.01 5.90 74.61
CA GLU R 51 2.96 6.36 75.44
C GLU R 51 1.82 6.78 74.57
N LYS R 52 0.61 6.28 74.80
CA LYS R 52 -0.51 6.66 73.92
C LYS R 52 -1.00 8.07 74.18
N ARG R 53 -1.09 8.42 75.46
CA ARG R 53 -1.63 9.67 75.92
C ARG R 53 -3.14 9.78 75.63
N ILE R 54 -3.93 9.03 76.42
CA ILE R 54 -5.38 8.96 76.28
C ILE R 54 -5.93 10.19 76.96
N THR R 55 -6.78 10.96 76.27
CA THR R 55 -7.30 12.24 76.80
C THR R 55 -8.75 12.15 77.29
N SER R 56 -9.43 11.03 77.04
CA SER R 56 -10.82 10.80 77.52
C SER R 56 -11.07 9.28 77.54
N PRO R 57 -11.79 8.79 78.58
CA PRO R 57 -12.18 7.37 78.51
C PRO R 57 -13.11 6.97 77.31
N LEU R 58 -13.80 7.95 76.74
CA LEU R 58 -14.66 7.73 75.57
C LEU R 58 -13.88 7.45 74.25
N MET R 59 -12.62 7.87 74.19
CA MET R 59 -11.81 7.60 73.05
C MET R 59 -11.50 6.12 73.04
N GLU R 60 -11.50 5.49 71.85
CA GLU R 60 -11.00 4.14 71.66
C GLU R 60 -9.48 4.14 71.60
N PRO R 61 -8.85 3.60 72.65
CA PRO R 61 -7.37 3.42 72.60
C PRO R 61 -6.74 2.74 71.39
N SER R 62 -7.38 1.71 70.85
CA SER R 62 -6.83 1.05 69.64
C SER R 62 -6.82 1.98 68.39
N SER R 63 -7.64 3.04 68.36
CA SER R 63 -7.53 4.04 67.29
C SER R 63 -6.33 5.00 67.42
N ILE R 64 -5.52 4.94 68.49
CA ILE R 64 -4.27 5.73 68.56
C ILE R 64 -3.21 4.79 67.97
N GLU R 65 -2.57 5.16 66.86
CA GLU R 65 -1.55 4.31 66.34
C GLU R 65 -0.31 5.15 66.18
N LYS R 66 0.66 4.95 67.06
CA LYS R 66 1.89 5.74 67.05
C LYS R 66 3.06 4.81 66.74
N ILE R 67 2.80 3.51 66.59
CA ILE R 67 3.75 2.59 66.04
C ILE R 67 3.06 2.02 64.80
N VAL R 68 3.76 1.99 63.68
CA VAL R 68 3.22 1.45 62.43
C VAL R 68 4.28 0.53 61.76
N GLU R 69 3.76 -0.42 60.98
CA GLU R 69 4.58 -1.25 60.12
C GLU R 69 4.92 -0.44 58.85
N ILE R 70 6.19 -0.37 58.52
CA ILE R 70 6.66 0.13 57.19
C ILE R 70 6.68 -1.01 56.17
N ASP R 71 7.30 -2.12 56.57
CA ASP R 71 7.33 -3.36 55.81
C ASP R 71 7.51 -4.47 56.86
N ALA R 72 7.68 -5.70 56.44
CA ALA R 72 7.66 -6.83 57.36
C ALA R 72 8.84 -6.77 58.31
N HIS R 73 9.93 -6.13 57.87
CA HIS R 73 11.20 -6.13 58.59
C HIS R 73 11.47 -4.74 59.21
N ILE R 74 10.48 -3.84 59.17
CA ILE R 74 10.70 -2.42 59.59
C ILE R 74 9.45 -1.82 60.19
N GLY R 75 9.54 -1.40 61.45
CA GLY R 75 8.50 -0.63 62.11
C GLY R 75 8.97 0.80 62.35
N CYS R 76 8.02 1.64 62.66
CA CYS R 76 8.26 3.03 62.93
C CYS R 76 7.40 3.57 64.08
N ALA R 77 8.07 4.20 65.07
CA ALA R 77 7.40 4.96 66.17
C ALA R 77 7.56 6.49 65.99
N MET R 78 6.50 7.23 66.25
CA MET R 78 6.49 8.66 65.99
C MET R 78 6.15 9.43 67.25
N SER R 79 6.61 10.68 67.30
CA SER R 79 6.16 11.64 68.30
C SER R 79 6.14 13.03 67.71
N GLY R 80 5.13 13.80 68.08
CA GLY R 80 5.04 15.18 67.70
C GLY R 80 3.69 15.38 67.16
N LEU R 81 3.57 16.02 65.98
CA LEU R 81 2.27 16.31 65.40
C LEU R 81 1.97 15.16 64.45
N ILE R 82 1.14 14.25 64.96
CA ILE R 82 1.00 12.93 64.38
C ILE R 82 0.39 12.97 62.96
N ALA R 83 -0.52 13.89 62.69
CA ALA R 83 -1.14 13.98 61.38
C ALA R 83 -0.06 14.25 60.29
N ASP R 84 0.96 15.05 60.64
CA ASP R 84 2.11 15.29 59.78
C ASP R 84 2.87 14.01 59.43
N ALA R 85 2.84 13.00 60.29
CA ALA R 85 3.63 11.82 60.04
C ALA R 85 3.08 10.96 58.86
N LYS R 86 1.84 11.19 58.40
CA LYS R 86 1.20 10.26 57.46
C LYS R 86 1.87 10.21 56.15
N THR R 87 2.19 11.36 55.60
CA THR R 87 2.85 11.35 54.36
C THR R 87 4.24 10.77 54.48
N LEU R 88 4.89 10.92 55.64
CA LEU R 88 6.22 10.37 55.80
C LEU R 88 6.18 8.83 55.79
N ILE R 89 5.20 8.31 56.51
CA ILE R 89 5.04 6.88 56.70
C ILE R 89 4.70 6.29 55.29
N ASP R 90 3.83 6.96 54.56
CA ASP R 90 3.42 6.48 53.22
C ASP R 90 4.59 6.45 52.32
N LYS R 91 5.45 7.47 52.40
CA LYS R 91 6.66 7.56 51.60
C LYS R 91 7.57 6.40 51.96
N ALA R 92 7.72 6.09 53.26
CA ALA R 92 8.57 5.00 53.62
C ALA R 92 8.03 3.64 53.00
N ARG R 93 6.73 3.46 53.06
CA ARG R 93 6.08 2.24 52.58
C ARG R 93 6.31 2.05 51.08
N VAL R 94 6.01 3.07 50.34
CA VAL R 94 6.14 3.13 48.89
C VAL R 94 7.58 2.91 48.47
N GLU R 95 8.55 3.58 49.11
CA GLU R 95 9.95 3.32 48.86
C GLU R 95 10.42 1.87 49.04
N THR R 96 9.96 1.23 50.12
CA THR R 96 10.39 -0.11 50.37
C THR R 96 9.81 -1.04 49.31
N GLN R 97 8.58 -0.79 48.89
CA GLN R 97 7.98 -1.58 47.84
C GLN R 97 8.61 -1.32 46.46
N ASN R 98 8.96 -0.08 46.14
CA ASN R 98 9.66 0.23 44.92
C ASN R 98 11.00 -0.48 44.87
N HIS R 99 11.70 -0.47 46.01
CA HIS R 99 13.00 -1.09 46.07
C HIS R 99 12.84 -2.64 45.83
N TRP R 100 11.87 -3.26 46.49
CA TRP R 100 11.56 -4.66 46.25
C TRP R 100 11.30 -4.87 44.71
N PHE R 101 10.44 -4.01 44.15
CA PHE R 101 10.00 -4.17 42.78
C PHE R 101 11.25 -4.18 41.84
N THR R 102 12.11 -3.20 42.03
CA THR R 102 13.21 -2.98 41.12
C THR R 102 14.41 -3.96 41.35
N TYR R 103 14.68 -4.20 42.64
CA TYR R 103 15.88 -4.92 43.05
C TYR R 103 15.68 -6.30 43.66
N ASN R 104 14.41 -6.70 43.81
CA ASN R 104 14.07 -7.98 44.33
C ASN R 104 14.80 -8.31 45.62
N GLU R 105 14.80 -7.37 46.55
CA GLU R 105 15.51 -7.53 47.79
C GLU R 105 14.84 -6.54 48.78
N THR R 106 15.07 -6.72 50.08
CA THR R 106 14.52 -5.78 51.07
C THR R 106 15.42 -4.59 51.19
N MET R 107 14.83 -3.45 51.43
CA MET R 107 15.57 -2.23 51.55
C MET R 107 16.13 -2.15 52.97
N THR R 108 17.34 -1.62 53.12
CA THR R 108 17.88 -1.49 54.50
C THR R 108 17.16 -0.42 55.33
N VAL R 109 17.24 -0.57 56.66
CA VAL R 109 16.61 0.40 57.56
C VAL R 109 17.23 1.76 57.35
N GLU R 110 18.55 1.80 57.25
CA GLU R 110 19.25 3.06 56.96
C GLU R 110 18.75 3.73 55.65
N SER R 111 18.60 2.92 54.60
CA SER R 111 18.15 3.45 53.32
C SER R 111 16.76 3.97 53.38
N VAL R 112 15.87 3.26 54.08
CA VAL R 112 14.51 3.74 54.23
C VAL R 112 14.54 5.10 54.93
N THR R 113 15.33 5.17 56.00
CA THR R 113 15.35 6.36 56.83
C THR R 113 15.87 7.52 55.96
N GLN R 114 16.92 7.22 55.19
CA GLN R 114 17.52 8.23 54.24
C GLN R 114 16.49 8.75 53.25
N ALA R 115 15.72 7.88 52.65
CA ALA R 115 14.69 8.32 51.67
C ALA R 115 13.65 9.24 52.28
N VAL R 116 13.23 8.92 53.50
CA VAL R 116 12.27 9.79 54.18
C VAL R 116 12.91 11.11 54.54
N SER R 117 14.13 11.06 54.98
CA SER R 117 14.76 12.27 55.47
C SER R 117 15.05 13.27 54.32
N ASN R 118 15.17 12.79 53.09
CA ASN R 118 15.25 13.68 51.95
C ASN R 118 14.03 14.56 51.68
N LEU R 119 12.89 14.26 52.30
CA LEU R 119 11.76 15.18 52.26
C LEU R 119 11.89 16.38 53.23
N ALA R 120 12.74 16.21 54.23
N ALA R 120 12.62 16.31 54.32
CA ALA R 120 12.90 17.18 55.22
CA ALA R 120 12.33 17.24 55.45
C ALA R 120 13.92 18.00 54.48
C ALA R 120 12.46 18.79 55.20
N LEU R 121 13.50 19.24 54.46
CA LEU R 121 13.76 20.62 54.02
C LEU R 121 13.10 21.04 52.68
N GLN R 122 12.23 20.20 52.13
CA GLN R 122 11.53 20.46 50.90
C GLN R 122 10.25 21.18 51.19
N PHE R 123 10.41 22.38 51.72
CA PHE R 123 9.34 23.34 51.88
C PHE R 123 9.81 24.73 51.43
N GLY R 124 8.86 25.61 51.11
CA GLY R 124 9.12 26.93 50.62
C GLY R 124 8.08 27.42 49.67
N GLU R 125 8.10 28.73 49.43
CA GLU R 125 6.99 29.46 48.84
C GLU R 125 7.29 30.28 47.59
N GLU R 126 8.42 30.00 46.89
CA GLU R 126 8.88 30.75 45.64
C GLU R 126 9.21 29.82 44.45
N ASP R 127 10.08 28.84 44.71
CA ASP R 127 10.42 27.75 43.72
C ASP R 127 9.10 26.98 43.43
N ALA R 128 8.72 26.10 44.37
CA ALA R 128 7.32 25.72 44.67
C ALA R 128 6.43 25.29 43.47
N ASP R 129 6.29 23.96 43.27
CA ASP R 129 5.65 23.33 42.08
C ASP R 129 4.09 23.34 42.12
N PRO R 130 3.45 22.27 42.67
CA PRO R 130 2.05 22.39 43.18
C PRO R 130 1.80 23.65 44.05
N GLY R 131 0.75 23.54 44.87
CA GLY R 131 0.83 24.03 46.28
C GLY R 131 1.68 22.98 47.08
N ALA R 132 3.02 23.06 46.91
CA ALA R 132 4.05 22.18 47.49
C ALA R 132 4.03 22.45 49.01
N MET R 133 4.89 21.76 49.78
CA MET R 133 4.91 21.92 51.30
C MET R 133 5.24 23.37 51.74
N SER R 134 4.46 23.93 52.65
CA SER R 134 4.64 25.25 53.14
C SER R 134 5.52 25.35 54.41
N ARG R 135 5.83 24.22 55.03
CA ARG R 135 6.45 24.17 56.29
C ARG R 135 7.04 22.82 56.48
N PRO R 136 8.04 22.69 57.34
CA PRO R 136 8.51 21.39 57.72
C PRO R 136 7.45 20.51 58.51
N PHE R 137 7.83 19.26 58.67
CA PHE R 137 7.04 18.21 59.37
C PHE R 137 7.33 18.29 60.84
N GLY R 138 6.27 18.42 61.64
CA GLY R 138 6.39 18.56 63.10
C GLY R 138 6.50 17.22 63.83
N VAL R 139 7.44 16.37 63.42
CA VAL R 139 7.46 14.96 63.77
C VAL R 139 8.84 14.49 63.94
N ALA R 140 9.08 13.69 64.95
CA ALA R 140 10.29 12.90 64.97
C ALA R 140 9.94 11.40 64.80
N LEU R 141 10.88 10.63 64.29
CA LEU R 141 10.63 9.20 63.99
C LEU R 141 11.77 8.33 64.42
N LEU R 142 11.38 7.16 64.92
CA LEU R 142 12.28 6.08 65.20
C LEU R 142 11.92 4.92 64.24
N PHE R 143 12.87 4.54 63.40
CA PHE R 143 12.73 3.39 62.48
C PHE R 143 13.51 2.26 63.13
N GLY R 144 12.83 1.18 63.45
CA GLY R 144 13.46 0.00 63.99
C GLY R 144 13.19 -1.22 63.09
N GLY R 145 14.23 -1.95 62.81
CA GLY R 145 14.11 -3.11 61.98
C GLY R 145 15.31 -3.99 61.92
N VAL R 146 15.24 -4.99 61.02
CA VAL R 146 16.26 -5.97 60.84
C VAL R 146 16.57 -6.09 59.28
N ASP R 147 17.85 -5.99 58.93
CA ASP R 147 18.30 -6.15 57.55
C ASP R 147 19.60 -6.95 57.63
N GLU R 148 20.35 -7.08 56.56
CA GLU R 148 21.63 -7.85 56.62
C GLU R 148 22.69 -7.27 57.56
N LYS R 149 22.58 -6.00 57.97
CA LYS R 149 23.45 -5.50 59.07
C LYS R 149 23.02 -6.06 60.43
N GLY R 150 21.90 -6.79 60.51
CA GLY R 150 21.32 -7.20 61.77
C GLY R 150 20.24 -6.20 62.20
N PRO R 151 19.85 -6.25 63.47
CA PRO R 151 18.88 -5.30 63.99
C PRO R 151 19.39 -3.85 64.00
N GLN R 152 18.48 -2.90 63.80
CA GLN R 152 18.86 -1.51 63.69
C GLN R 152 17.81 -0.49 63.99
N LEU R 153 18.24 0.56 64.72
CA LEU R 153 17.36 1.64 65.15
C LEU R 153 17.97 2.90 64.65
N PHE R 154 17.15 3.71 64.05
CA PHE R 154 17.58 4.97 63.49
C PHE R 154 16.59 6.04 63.95
N HIS R 155 17.12 7.23 64.23
CA HIS R 155 16.30 8.37 64.62
C HIS R 155 16.33 9.41 63.52
N MET R 156 15.20 10.05 63.28
CA MET R 156 15.16 11.18 62.39
C MET R 156 14.32 12.31 63.00
N ASP R 157 14.72 13.56 62.75
CA ASP R 157 13.98 14.72 63.20
C ASP R 157 13.63 15.71 62.07
N PRO R 158 12.92 16.81 62.37
CA PRO R 158 12.51 17.69 61.26
C PRO R 158 13.63 18.40 60.47
N SER R 159 14.86 18.33 60.93
CA SER R 159 15.96 18.83 60.20
C SER R 159 16.38 17.94 59.01
N GLY R 160 15.87 16.71 58.94
CA GLY R 160 16.35 15.75 58.02
C GLY R 160 17.64 15.11 58.45
N THR R 161 18.13 15.38 59.65
CA THR R 161 19.26 14.67 60.18
C THR R 161 18.76 13.28 60.70
N PHE R 162 19.49 12.21 60.38
CA PHE R 162 19.16 10.89 60.83
C PHE R 162 20.44 10.23 61.24
N VAL R 163 20.34 9.30 62.19
CA VAL R 163 21.52 8.65 62.75
C VAL R 163 21.05 7.34 63.43
N GLN R 164 21.91 6.32 63.46
CA GLN R 164 21.68 5.04 64.15
C GLN R 164 21.85 5.34 65.65
N CYS R 165 20.99 4.75 66.48
CA CYS R 165 21.12 4.82 67.94
C CYS R 165 20.97 3.44 68.59
N ASP R 166 21.73 3.16 69.63
CA ASP R 166 21.57 1.93 70.35
C ASP R 166 20.27 1.94 71.17
N ALA R 167 19.92 3.12 71.71
CA ALA R 167 18.65 3.37 72.37
C ALA R 167 18.34 4.85 72.27
N ARG R 168 17.09 5.22 72.07
CA ARG R 168 16.74 6.61 71.94
C ARG R 168 15.34 6.87 72.41
N ALA R 169 15.15 7.98 73.13
CA ALA R 169 13.80 8.45 73.44
C ALA R 169 13.49 9.76 72.72
N ILE R 170 12.25 9.98 72.38
CA ILE R 170 11.81 11.20 71.72
C ILE R 170 10.53 11.64 72.33
N GLY R 171 10.21 12.91 72.17
CA GLY R 171 8.97 13.44 72.72
C GLY R 171 9.20 14.10 74.10
N SER R 172 8.11 14.43 74.78
CA SER R 172 8.16 15.35 75.95
C SER R 172 9.13 14.93 77.05
N ALA R 173 9.23 13.65 77.37
CA ALA R 173 10.15 13.32 78.49
C ALA R 173 11.49 12.79 78.04
N SER R 174 11.94 13.13 76.84
CA SER R 174 13.09 12.45 76.27
C SER R 174 14.37 12.66 76.98
N GLU R 175 14.56 13.83 77.58
CA GLU R 175 15.85 14.12 78.34
C GLU R 175 16.05 13.15 79.48
N GLY R 176 14.98 13.01 80.29
CA GLY R 176 14.88 12.05 81.43
C GLY R 176 14.99 10.60 80.98
N ALA R 177 14.15 10.22 80.03
CA ALA R 177 14.14 8.86 79.48
C ALA R 177 15.51 8.49 78.88
N GLN R 178 16.17 9.43 78.21
CA GLN R 178 17.44 9.16 77.58
C GLN R 178 18.48 8.90 78.59
N SER R 179 18.42 9.63 79.69
CA SER R 179 19.26 9.36 80.78
C SER R 179 19.09 7.88 81.28
N SER R 180 17.85 7.52 81.56
CA SER R 180 17.59 6.17 82.14
C SER R 180 18.07 5.13 81.11
N LEU R 181 17.95 5.45 79.80
CA LEU R 181 18.47 4.59 78.75
C LEU R 181 19.98 4.42 78.80
N GLN R 182 20.76 5.51 78.96
CA GLN R 182 22.25 5.37 79.13
C GLN R 182 22.54 4.47 80.32
N GLU R 183 21.78 4.64 81.38
CA GLU R 183 22.02 3.89 82.61
C GLU R 183 21.84 2.37 82.38
N VAL R 184 20.71 1.95 81.83
CA VAL R 184 20.39 0.49 81.69
C VAL R 184 20.92 -0.20 80.41
N TYR R 185 21.16 0.53 79.33
CA TYR R 185 21.59 -0.12 78.07
C TYR R 185 22.97 -0.79 78.18
N HIS R 186 23.11 -1.97 77.58
CA HIS R 186 24.43 -2.58 77.37
C HIS R 186 24.35 -3.39 76.09
N LYS R 187 25.45 -3.48 75.37
CA LYS R 187 25.51 -4.09 74.00
C LYS R 187 24.95 -5.53 74.02
N SER R 188 25.28 -6.28 75.07
CA SER R 188 24.87 -7.70 75.19
C SER R 188 23.48 -7.95 75.86
N MET R 189 22.72 -6.90 76.07
CA MET R 189 21.38 -6.98 76.60
C MET R 189 20.45 -7.79 75.70
N THR R 190 19.57 -8.57 76.28
CA THR R 190 18.58 -9.32 75.52
C THR R 190 17.42 -8.47 75.09
N LEU R 191 16.68 -8.94 74.09
CA LEU R 191 15.45 -8.25 73.73
C LEU R 191 14.45 -8.21 74.88
N LYS R 192 14.26 -9.30 75.64
CA LYS R 192 13.23 -9.24 76.72
C LYS R 192 13.60 -8.22 77.81
N GLU R 193 14.89 -8.12 78.12
CA GLU R 193 15.43 -7.08 79.01
C GLU R 193 15.15 -5.68 78.48
N ALA R 194 15.34 -5.47 77.16
CA ALA R 194 15.09 -4.16 76.55
C ALA R 194 13.60 -3.78 76.58
N ILE R 195 12.73 -4.77 76.35
CA ILE R 195 11.31 -4.57 76.55
C ILE R 195 10.94 -4.09 77.98
N LYS R 196 11.41 -4.83 78.99
CA LYS R 196 11.18 -4.50 80.39
C LYS R 196 11.69 -3.09 80.70
N SER R 197 12.95 -2.84 80.34
CA SER R 197 13.57 -1.51 80.57
C SER R 197 12.75 -0.36 79.99
N SER R 198 12.22 -0.53 78.77
CA SER R 198 11.50 0.56 78.15
C SER R 198 10.13 0.73 78.79
N LEU R 199 9.54 -0.34 79.30
CA LEU R 199 8.28 -0.16 80.00
C LEU R 199 8.50 0.47 81.39
N ILE R 200 9.60 0.11 82.06
CA ILE R 200 9.94 0.71 83.37
C ILE R 200 10.17 2.21 83.18
N ILE R 201 10.89 2.56 82.12
CA ILE R 201 11.14 3.97 81.84
C ILE R 201 9.87 4.72 81.42
N LEU R 202 9.05 4.16 80.51
CA LEU R 202 7.76 4.80 80.20
C LEU R 202 6.96 4.99 81.42
N LYS R 203 6.93 3.95 82.27
CA LYS R 203 6.22 4.08 83.52
C LYS R 203 6.67 5.31 84.35
N GLN R 204 7.98 5.52 84.54
CA GLN R 204 8.48 6.71 85.33
C GLN R 204 7.97 7.98 84.68
N VAL R 205 8.10 8.09 83.34
CA VAL R 205 7.96 9.39 82.70
C VAL R 205 6.54 9.76 82.34
N MET R 206 5.67 8.79 82.18
CA MET R 206 4.28 9.03 81.85
C MET R 206 3.52 9.76 82.95
N GLU R 207 2.70 10.75 82.57
CA GLU R 207 1.76 11.41 83.52
C GLU R 207 0.66 10.49 84.00
N GLU R 208 0.09 9.72 83.07
CA GLU R 208 -0.94 8.69 83.41
C GLU R 208 -0.25 7.42 83.96
N LYS R 209 -0.92 6.74 84.88
CA LYS R 209 -0.42 5.46 85.41
C LYS R 209 -0.40 4.44 84.27
N LEU R 210 0.73 3.81 84.02
CA LEU R 210 0.86 2.86 82.93
C LEU R 210 -0.09 1.66 83.07
N ASN R 211 -0.63 1.19 81.96
CA ASN R 211 -1.41 -0.05 81.86
C ASN R 211 -1.38 -0.57 80.43
N ALA R 212 -2.00 -1.73 80.23
CA ALA R 212 -2.01 -2.39 78.96
C ALA R 212 -2.76 -1.72 77.80
N THR R 213 -3.51 -0.65 78.07
CA THR R 213 -4.25 0.03 76.98
C THR R 213 -3.74 1.42 76.65
N ASN R 214 -2.92 2.03 77.49
CA ASN R 214 -2.40 3.39 77.23
C ASN R 214 -0.93 3.45 76.79
N ILE R 215 -0.38 2.31 76.41
CA ILE R 215 0.89 2.21 75.76
C ILE R 215 0.73 1.30 74.51
N GLU R 216 1.71 1.34 73.60
CA GLU R 216 1.86 0.31 72.56
C GLU R 216 3.28 -0.16 72.56
N LEU R 217 3.49 -1.36 72.09
CA LEU R 217 4.83 -1.86 71.96
C LEU R 217 4.92 -2.77 70.72
N ALA R 218 6.02 -2.67 70.00
CA ALA R 218 6.27 -3.58 68.87
C ALA R 218 7.71 -4.03 68.86
N THR R 219 7.93 -5.18 68.27
CA THR R 219 9.25 -5.67 68.04
C THR R 219 9.50 -6.03 66.54
N VAL R 220 10.77 -6.12 66.18
CA VAL R 220 11.20 -6.81 64.99
C VAL R 220 12.46 -7.59 65.34
N GLN R 221 12.55 -8.84 64.90
CA GLN R 221 13.64 -9.76 65.27
C GLN R 221 14.15 -10.44 64.01
N PRO R 222 15.43 -10.84 63.98
CA PRO R 222 15.87 -11.64 62.86
C PRO R 222 14.93 -12.83 62.54
N GLY R 223 14.49 -13.57 63.53
CA GLY R 223 13.53 -14.62 63.26
C GLY R 223 12.29 -14.15 62.48
N GLN R 224 11.73 -13.04 62.92
CA GLN R 224 10.31 -12.85 62.91
C GLN R 224 9.95 -11.44 62.44
N ASN R 225 8.79 -11.35 61.80
CA ASN R 225 8.34 -10.12 61.25
C ASN R 225 7.90 -9.09 62.32
N PHE R 226 7.85 -7.83 61.90
CA PHE R 226 7.16 -6.78 62.66
C PHE R 226 5.96 -7.34 63.43
N HIS R 227 5.97 -7.17 64.75
CA HIS R 227 4.93 -7.65 65.62
C HIS R 227 4.52 -6.62 66.69
N MET R 228 3.26 -6.20 66.58
CA MET R 228 2.58 -5.38 67.55
C MET R 228 2.10 -6.25 68.69
N PHE R 229 2.44 -5.86 69.92
CA PHE R 229 1.95 -6.60 71.09
C PHE R 229 0.43 -6.42 71.24
N THR R 230 -0.24 -7.53 71.55
CA THR R 230 -1.65 -7.57 71.96
C THR R 230 -1.84 -7.05 73.39
N LYS R 231 -3.09 -6.77 73.78
CA LYS R 231 -3.41 -6.40 75.17
C LYS R 231 -2.81 -7.44 76.07
N GLU R 232 -3.05 -8.70 75.71
CA GLU R 232 -2.69 -9.83 76.56
C GLU R 232 -1.16 -9.94 76.69
N GLU R 233 -0.44 -9.76 75.57
CA GLU R 233 1.03 -9.84 75.63
C GLU R 233 1.64 -8.65 76.41
N LEU R 234 0.94 -7.54 76.41
CA LEU R 234 1.36 -6.37 77.19
C LEU R 234 1.15 -6.67 78.72
N GLU R 235 -0.05 -7.09 79.03
CA GLU R 235 -0.40 -7.48 80.39
C GLU R 235 0.63 -8.40 81.03
N GLU R 236 1.04 -9.46 80.34
CA GLU R 236 2.14 -10.32 80.78
C GLU R 236 3.41 -9.54 81.13
N VAL R 237 3.90 -8.69 80.22
CA VAL R 237 5.12 -7.90 80.46
C VAL R 237 4.92 -6.88 81.56
N ILE R 238 3.71 -6.34 81.70
CA ILE R 238 3.41 -5.32 82.71
C ILE R 238 3.39 -5.84 84.16
N LYS R 239 3.23 -7.15 84.38
CA LYS R 239 3.20 -7.75 85.75
C LYS R 239 4.43 -7.44 86.61
N ASP R 240 5.59 -7.53 85.98
CA ASP R 240 6.88 -7.20 86.63
C ASP R 240 6.96 -5.70 87.01
N ILE R 241 6.06 -4.93 86.38
CA ILE R 241 5.70 -3.52 86.65
C ILE R 241 6.90 -2.62 86.39
N ASN S 4 17.75 45.20 61.50
CA ASN S 4 16.55 44.27 61.46
C ASN S 4 15.73 44.20 60.17
N GLN S 5 15.52 45.33 59.48
CA GLN S 5 14.73 45.31 58.21
C GLN S 5 15.54 44.70 57.06
N TYR S 6 16.85 44.54 57.27
CA TYR S 6 17.75 44.05 56.28
C TYR S 6 18.15 42.60 56.52
N ASP S 7 17.62 41.91 57.51
CA ASP S 7 18.19 40.58 57.68
C ASP S 7 17.32 39.38 57.42
N ASN S 8 16.18 39.56 56.80
CA ASN S 8 15.33 38.42 56.66
C ASN S 8 15.27 37.85 55.28
N ASP S 9 15.71 38.60 54.25
CA ASP S 9 15.55 38.21 52.85
C ASP S 9 16.91 38.20 52.18
N VAL S 10 17.22 37.14 51.48
CA VAL S 10 18.48 37.05 50.79
C VAL S 10 18.58 38.05 49.61
N THR S 11 17.44 38.59 49.15
CA THR S 11 17.46 39.64 48.17
C THR S 11 17.64 41.08 48.68
N VAL S 12 17.81 41.29 50.00
CA VAL S 12 17.87 42.64 50.56
C VAL S 12 19.32 42.91 50.89
N TRP S 13 19.94 43.76 50.07
CA TRP S 13 21.24 44.37 50.43
C TRP S 13 21.09 45.30 51.65
N SER S 14 22.03 45.24 52.55
CA SER S 14 22.08 46.25 53.63
C SER S 14 22.77 47.56 53.19
N PRO S 15 22.63 48.62 54.01
CA PRO S 15 23.33 49.89 53.68
C PRO S 15 24.85 49.88 53.79
N GLN S 16 25.44 48.82 54.31
CA GLN S 16 26.87 48.58 54.17
C GLN S 16 27.31 47.67 52.99
N GLY S 17 26.41 47.27 52.09
CA GLY S 17 26.82 46.38 51.02
C GLY S 17 27.02 44.93 51.43
N ARG S 18 26.15 44.48 52.35
N ARG S 18 26.26 44.40 52.41
CA ARG S 18 26.15 43.11 52.89
CA ARG S 18 26.21 42.91 52.55
C ARG S 18 24.79 42.44 52.79
C ARG S 18 24.74 42.44 52.77
N ILE S 19 24.79 41.11 52.85
CA ILE S 19 23.56 40.31 52.73
C ILE S 19 23.56 39.46 53.98
N HIS S 20 22.77 39.89 54.95
CA HIS S 20 22.79 39.25 56.27
C HIS S 20 22.35 37.76 56.21
N GLN S 21 21.39 37.43 55.32
CA GLN S 21 21.00 35.98 55.15
C GLN S 21 22.17 35.07 54.74
N ILE S 22 23.09 35.58 53.94
CA ILE S 22 24.27 34.85 53.58
C ILE S 22 25.19 34.74 54.78
N GLU S 23 25.38 35.83 55.52
CA GLU S 23 26.24 35.77 56.71
C GLU S 23 25.66 34.77 57.72
N TYR S 24 24.35 34.82 57.88
CA TYR S 24 23.70 33.94 58.85
C TYR S 24 23.84 32.47 58.44
N ALA S 25 23.75 32.18 57.14
CA ALA S 25 24.03 30.83 56.59
C ALA S 25 25.43 30.37 56.91
N MET S 26 26.39 31.31 56.89
CA MET S 26 27.75 30.96 57.20
C MET S 26 27.91 30.58 58.64
N GLU S 27 27.04 31.06 59.52
CA GLU S 27 27.10 30.66 60.93
C GLU S 27 26.71 29.23 61.11
N ALA S 28 25.87 28.69 60.21
CA ALA S 28 25.61 27.26 60.21
C ALA S 28 26.91 26.48 60.04
N VAL S 29 27.80 26.90 59.19
CA VAL S 29 29.05 26.15 59.05
C VAL S 29 29.97 26.31 60.27
N LYS S 30 30.04 27.53 60.83
CA LYS S 30 30.94 27.82 61.96
C LYS S 30 30.54 27.05 63.19
N GLN S 31 29.26 26.71 63.31
CA GLN S 31 28.78 25.86 64.38
C GLN S 31 28.84 24.38 64.13
N GLY S 32 29.13 23.93 62.91
CA GLY S 32 29.37 22.52 62.69
C GLY S 32 30.61 22.00 63.37
N SER S 33 30.75 20.68 63.49
CA SER S 33 31.97 20.16 64.07
C SER S 33 33.12 20.35 63.08
N ALA S 34 34.33 20.52 63.57
CA ALA S 34 35.45 20.90 62.70
C ALA S 34 35.87 19.77 61.75
N THR S 35 36.33 20.17 60.56
CA THR S 35 36.96 19.27 59.66
C THR S 35 38.20 19.97 59.05
N VAL S 36 39.17 19.15 58.66
CA VAL S 36 40.41 19.58 58.10
C VAL S 36 40.62 18.85 56.73
N GLY S 37 41.14 19.63 55.78
CA GLY S 37 41.59 19.13 54.51
C GLY S 37 43.02 19.62 54.22
N LEU S 38 43.86 18.70 53.75
CA LEU S 38 45.20 19.03 53.31
C LEU S 38 45.67 18.10 52.15
N LYS S 39 46.71 18.52 51.46
CA LYS S 39 47.32 17.75 50.37
C LYS S 39 48.85 17.76 50.32
N SER S 40 49.38 16.67 49.76
CA SER S 40 50.76 16.55 49.39
C SER S 40 50.83 16.61 47.85
N LYS S 41 52.00 16.28 47.30
CA LYS S 41 52.19 16.09 45.87
C LYS S 41 51.26 15.01 45.32
N THR S 42 50.97 13.96 46.12
CA THR S 42 50.32 12.74 45.65
C THR S 42 48.96 12.41 46.24
N HIS S 43 48.60 12.95 47.39
CA HIS S 43 47.32 12.60 48.01
C HIS S 43 46.60 13.83 48.51
N ALA S 44 45.29 13.67 48.67
CA ALA S 44 44.43 14.68 49.29
C ALA S 44 43.70 13.97 50.42
N VAL S 45 43.80 14.54 51.61
CA VAL S 45 43.17 13.97 52.82
C VAL S 45 42.17 14.92 53.53
N LEU S 46 41.09 14.32 54.01
CA LEU S 46 40.09 14.92 54.82
C LEU S 46 40.05 14.25 56.18
N VAL S 47 39.84 15.04 57.21
CA VAL S 47 39.83 14.53 58.55
C VAL S 47 38.68 15.26 59.21
N ALA S 48 37.81 14.54 59.89
CA ALA S 48 36.62 15.18 60.44
C ALA S 48 36.34 14.74 61.85
N LEU S 49 35.89 15.69 62.65
CA LEU S 49 35.33 15.33 63.97
C LEU S 49 33.84 15.04 63.88
N LYS S 50 33.44 13.92 64.40
CA LYS S 50 32.05 13.57 64.41
C LYS S 50 31.46 13.87 65.75
N ARG S 51 30.32 14.55 65.72
CA ARG S 51 29.46 14.74 66.90
C ARG S 51 28.53 13.56 67.18
N ALA S 52 28.47 13.09 68.42
CA ALA S 52 27.42 12.17 68.81
C ALA S 52 26.40 12.91 69.69
N GLN S 53 25.14 13.00 69.22
CA GLN S 53 24.00 13.65 69.95
C GLN S 53 23.99 13.17 71.42
N SER S 54 23.64 11.90 71.66
CA SER S 54 23.79 11.24 72.99
C SER S 54 25.02 10.28 73.00
N GLU S 55 25.33 9.76 74.19
CA GLU S 55 26.33 8.69 74.39
C GLU S 55 26.02 7.35 73.63
N LEU S 56 24.73 7.13 73.31
CA LEU S 56 24.22 5.92 72.58
C LEU S 56 23.90 6.16 71.06
N ALA S 57 23.91 7.42 70.62
CA ALA S 57 23.93 7.74 69.18
C ALA S 57 25.30 7.35 68.58
N ALA S 58 25.26 6.94 67.30
CA ALA S 58 26.46 6.81 66.50
C ALA S 58 26.81 8.27 66.20
N HIS S 59 28.07 8.44 65.89
CA HIS S 59 28.58 9.71 65.42
C HIS S 59 28.07 9.98 63.96
N GLN S 60 27.67 11.23 63.76
CA GLN S 60 27.11 11.71 62.54
C GLN S 60 28.18 11.61 61.45
N LYS S 61 27.83 11.03 60.30
CA LYS S 61 28.74 11.04 59.17
C LYS S 61 29.15 12.46 58.74
N LYS S 62 30.45 12.64 58.61
CA LYS S 62 30.97 13.88 58.10
C LYS S 62 31.56 13.80 56.70
N ILE S 63 31.86 12.59 56.22
CA ILE S 63 32.67 12.42 55.02
C ILE S 63 31.83 11.57 54.07
N LEU S 64 31.78 11.97 52.80
CA LEU S 64 30.84 11.34 51.82
C LEU S 64 31.53 11.12 50.49
N HIS S 65 31.26 9.96 49.91
CA HIS S 65 31.81 9.58 48.60
CA HIS S 65 31.73 9.55 48.58
C HIS S 65 31.03 10.36 47.51
N VAL S 66 31.76 10.94 46.57
CA VAL S 66 31.14 11.57 45.43
C VAL S 66 31.43 10.73 44.16
N ASP S 67 32.69 10.41 43.91
CA ASP S 67 33.04 9.52 42.76
C ASP S 67 34.39 8.86 43.11
N ASN S 68 34.91 7.97 42.28
CA ASN S 68 36.16 7.33 42.58
C ASN S 68 37.30 8.30 42.93
N HIS S 69 37.26 9.50 42.37
CA HIS S 69 38.33 10.48 42.46
C HIS S 69 38.04 11.70 43.37
N ILE S 70 36.86 11.72 43.99
CA ILE S 70 36.35 12.88 44.72
C ILE S 70 35.55 12.43 45.93
N GLY S 71 35.86 13.03 47.08
CA GLY S 71 35.01 12.92 48.23
C GLY S 71 34.90 14.25 48.95
N ILE S 72 33.93 14.36 49.87
CA ILE S 72 33.67 15.62 50.57
C ILE S 72 33.54 15.45 52.08
N SER S 73 33.84 16.55 52.80
CA SER S 73 33.61 16.68 54.25
C SER S 73 32.65 17.85 54.38
N ILE S 74 31.75 17.74 55.32
CA ILE S 74 30.63 18.68 55.39
C ILE S 74 30.64 19.42 56.75
N ALA S 75 30.08 20.61 56.76
CA ALA S 75 29.84 21.33 57.99
C ALA S 75 28.66 22.26 57.79
N GLY S 76 27.64 22.09 58.62
CA GLY S 76 26.43 22.85 58.51
C GLY S 76 25.22 21.97 58.36
N LEU S 77 24.20 22.43 57.67
CA LEU S 77 22.95 21.67 57.67
C LEU S 77 23.13 20.34 56.89
N THR S 78 22.88 19.25 57.58
CA THR S 78 23.06 17.88 57.04
C THR S 78 22.27 17.63 55.77
N ALA S 79 21.08 18.18 55.74
CA ALA S 79 20.15 17.94 54.64
C ALA S 79 20.56 18.71 53.42
N ASP S 80 21.06 19.95 53.61
CA ASP S 80 21.71 20.69 52.53
C ASP S 80 22.96 20.00 52.04
N ALA S 81 23.71 19.38 52.94
CA ALA S 81 24.91 18.66 52.56
C ALA S 81 24.54 17.49 51.63
N ARG S 82 23.49 16.76 51.94
CA ARG S 82 23.06 15.65 51.09
C ARG S 82 22.57 16.16 49.72
N LEU S 83 21.82 17.24 49.69
CA LEU S 83 21.32 17.76 48.47
C LEU S 83 22.51 18.15 47.55
N LEU S 84 23.54 18.80 48.11
CA LEU S 84 24.66 19.21 47.36
C LEU S 84 25.50 18.02 46.93
N CYS S 85 25.67 17.08 47.82
CA CYS S 85 26.41 15.89 47.52
C CYS S 85 25.75 15.14 46.33
N ASN S 86 24.42 15.10 46.33
CA ASN S 86 23.68 14.38 45.33
C ASN S 86 23.84 15.10 43.96
N PHE S 87 23.82 16.42 43.99
CA PHE S 87 24.15 17.23 42.81
C PHE S 87 25.55 16.89 42.27
N MET S 88 26.54 16.87 43.14
CA MET S 88 27.89 16.54 42.76
C MET S 88 28.01 15.15 42.12
N ARG S 89 27.34 14.18 42.77
CA ARG S 89 27.31 12.83 42.31
C ARG S 89 26.76 12.70 40.87
N GLN S 90 25.69 13.43 40.63
CA GLN S 90 25.01 13.41 39.38
C GLN S 90 25.92 14.08 38.30
N GLU S 91 26.60 15.18 38.64
CA GLU S 91 27.49 15.86 37.71
C GLU S 91 28.63 14.94 37.30
N CYS S 92 29.16 14.20 38.25
CA CYS S 92 30.17 13.21 37.98
C CYS S 92 29.68 12.04 37.10
N LEU S 93 28.47 11.53 37.35
CA LEU S 93 27.91 10.48 36.49
C LEU S 93 27.72 10.98 35.06
N ASP S 94 27.13 12.16 34.91
CA ASP S 94 26.95 12.78 33.62
C ASP S 94 28.25 12.87 32.81
N SER S 95 29.33 13.30 33.45
CA SER S 95 30.57 13.42 32.76
C SER S 95 31.13 12.10 32.31
N ARG S 96 31.06 11.07 33.15
CA ARG S 96 31.49 9.72 32.74
C ARG S 96 30.60 9.17 31.66
N PHE S 97 29.30 9.47 31.70
CA PHE S 97 28.40 8.98 30.67
C PHE S 97 28.74 9.61 29.30
N VAL S 98 28.90 10.92 29.30
CA VAL S 98 29.06 11.67 28.08
C VAL S 98 30.49 11.49 27.49
N PHE S 99 31.49 11.66 28.35
CA PHE S 99 32.89 11.76 27.92
C PHE S 99 33.74 10.52 28.22
N ASP S 100 33.18 9.61 29.00
CA ASP S 100 33.89 8.43 29.46
C ASP S 100 35.23 8.76 30.21
N ARG S 101 35.23 9.84 30.95
CA ARG S 101 36.37 10.19 31.82
C ARG S 101 35.94 10.96 33.04
N PRO S 102 36.74 10.93 34.13
CA PRO S 102 36.32 11.68 35.37
C PRO S 102 36.14 13.17 35.20
N LEU S 103 35.17 13.76 35.88
CA LEU S 103 34.93 15.19 35.80
C LEU S 103 36.10 15.89 36.54
N PRO S 104 36.83 16.79 35.85
CA PRO S 104 37.86 17.43 36.57
C PRO S 104 37.35 18.16 37.82
N VAL S 105 38.14 18.07 38.87
CA VAL S 105 37.71 18.59 40.18
C VAL S 105 37.34 20.06 40.15
N SER S 106 38.18 20.89 39.55
CA SER S 106 37.93 22.33 39.50
C SER S 106 36.70 22.65 38.71
N ARG S 107 36.33 21.85 37.69
CA ARG S 107 35.06 22.09 36.99
C ARG S 107 33.88 21.76 37.85
N LEU S 108 33.98 20.70 38.64
CA LEU S 108 32.88 20.32 39.52
C LEU S 108 32.65 21.49 40.51
N VAL S 109 33.74 22.03 41.03
CA VAL S 109 33.63 23.11 42.05
C VAL S 109 32.97 24.36 41.43
N SER S 110 33.31 24.69 40.15
CA SER S 110 32.63 25.74 39.43
C SER S 110 31.16 25.54 39.35
N LEU S 111 30.74 24.35 38.94
CA LEU S 111 29.35 23.98 38.91
C LEU S 111 28.65 24.18 40.28
N ILE S 112 29.35 23.87 41.36
CA ILE S 112 28.82 24.12 42.71
C ILE S 112 28.58 25.61 42.95
N GLY S 113 29.56 26.40 42.61
CA GLY S 113 29.40 27.87 42.69
C GLY S 113 28.19 28.40 41.92
N SER S 114 28.03 27.95 40.68
CA SER S 114 26.86 28.43 39.89
C SER S 114 25.60 27.98 40.49
N LYS S 115 25.53 26.70 40.78
CA LYS S 115 24.31 26.17 41.40
C LYS S 115 23.99 26.96 42.68
N THR S 116 24.96 27.10 43.56
CA THR S 116 24.66 27.63 44.91
C THR S 116 24.48 29.13 44.94
N GLN S 117 24.92 29.83 43.88
CA GLN S 117 24.72 31.30 43.79
C GLN S 117 23.27 31.64 43.49
N ILE S 118 22.59 30.78 42.73
CA ILE S 118 21.24 31.07 42.21
C ILE S 118 20.25 31.44 43.28
N PRO S 119 20.09 30.60 44.30
CA PRO S 119 19.10 31.05 45.28
C PRO S 119 19.50 32.31 46.12
N THR S 120 20.73 32.77 46.08
CA THR S 120 21.14 33.99 46.81
C THR S 120 20.62 35.27 46.18
N GLN S 121 19.95 35.14 45.03
CA GLN S 121 19.54 36.29 44.28
C GLN S 121 18.07 36.33 43.99
N ARG S 122 17.30 35.36 44.50
CA ARG S 122 15.89 35.30 44.25
C ARG S 122 15.03 35.30 45.53
N TYR S 123 13.91 36.01 45.50
CA TYR S 123 13.10 36.25 46.61
C TYR S 123 12.47 34.99 47.11
N GLY S 124 12.53 34.81 48.44
CA GLY S 124 11.95 33.65 49.08
C GLY S 124 12.81 32.39 48.95
N ARG S 125 13.98 32.43 48.31
CA ARG S 125 14.93 31.36 48.33
C ARG S 125 15.93 31.62 49.41
N ARG S 126 16.84 30.69 49.66
CA ARG S 126 17.82 30.92 50.73
C ARG S 126 19.16 30.34 50.32
N PRO S 127 20.25 30.81 50.92
CA PRO S 127 21.47 30.10 50.68
C PRO S 127 21.49 28.70 51.19
N TYR S 128 22.39 27.92 50.61
CA TYR S 128 22.77 26.62 51.15
C TYR S 128 23.49 26.84 52.51
N GLY S 129 23.09 26.13 53.54
CA GLY S 129 23.64 26.32 54.84
C GLY S 129 24.70 25.29 55.12
N VAL S 130 25.56 25.06 54.15
CA VAL S 130 26.61 24.08 54.32
C VAL S 130 27.90 24.55 53.67
N GLY S 131 29.02 24.13 54.25
CA GLY S 131 30.32 24.40 53.71
C GLY S 131 30.92 23.04 53.50
N LEU S 132 31.70 22.93 52.43
CA LEU S 132 32.38 21.71 52.08
C LEU S 132 33.86 21.84 51.98
N LEU S 133 34.57 20.84 52.47
CA LEU S 133 35.91 20.58 52.03
C LEU S 133 35.84 19.44 50.98
N ILE S 134 36.47 19.67 49.83
CA ILE S 134 36.42 18.72 48.66
C ILE S 134 37.84 18.23 48.39
N ALA S 135 38.04 16.92 48.58
CA ALA S 135 39.29 16.29 48.25
C ALA S 135 39.13 15.56 46.92
N GLY S 136 40.06 15.81 46.01
CA GLY S 136 40.04 15.11 44.70
C GLY S 136 41.38 14.89 44.12
N TYR S 137 41.43 14.05 43.07
CA TYR S 137 42.68 13.73 42.34
C TYR S 137 42.30 13.59 40.87
N ASP S 138 42.95 14.37 40.03
CA ASP S 138 42.76 14.31 38.58
C ASP S 138 44.12 14.58 37.91
N ASP S 139 44.09 14.91 36.63
CA ASP S 139 45.31 15.06 35.82
C ASP S 139 46.13 16.20 36.30
N MET S 140 45.52 17.14 37.00
CA MET S 140 46.30 18.20 37.63
C MET S 140 46.72 17.85 39.04
N GLY S 141 46.64 16.58 39.45
CA GLY S 141 47.11 16.14 40.76
C GLY S 141 46.06 16.28 41.88
N PRO S 142 46.51 16.33 43.16
CA PRO S 142 45.56 16.37 44.28
C PRO S 142 45.00 17.75 44.46
N HIS S 143 43.77 17.82 44.92
CA HIS S 143 43.11 19.09 45.23
C HIS S 143 42.38 19.07 46.59
N ILE S 144 42.35 20.24 47.21
CA ILE S 144 41.48 20.54 48.35
C ILE S 144 40.78 21.84 48.00
N PHE S 145 39.47 21.78 47.86
CA PHE S 145 38.70 22.99 47.63
C PHE S 145 37.77 23.19 48.84
N GLN S 146 37.33 24.41 49.02
CA GLN S 146 36.37 24.80 50.00
C GLN S 146 35.22 25.53 49.38
N THR S 147 34.00 25.20 49.77
CA THR S 147 32.83 25.90 49.25
C THR S 147 32.05 26.49 50.40
N PRO S 149 28.42 28.95 51.81
CA PRO S 149 27.05 29.37 51.59
C PRO S 149 26.91 30.62 50.77
N SER S 150 27.95 31.47 50.71
CA SER S 150 27.98 32.61 49.81
C SER S 150 28.09 32.19 48.32
N ALA S 151 28.35 30.90 48.06
CA ALA S 151 28.61 30.33 46.72
C ALA S 151 30.03 30.56 46.23
N ASN S 152 30.85 31.28 47.01
CA ASN S 152 32.24 31.43 46.73
CA ASN S 152 32.26 31.41 46.80
C ASN S 152 32.94 30.11 47.04
N TYR S 153 34.09 29.94 46.45
CA TYR S 153 34.86 28.77 46.65
C TYR S 153 36.31 29.10 46.51
N PHE S 154 37.16 28.22 47.04
CA PHE S 154 38.54 28.50 47.22
C PHE S 154 39.34 27.27 46.93
N ASP S 155 40.47 27.45 46.29
CA ASP S 155 41.43 26.39 46.03
C ASP S 155 42.49 26.51 47.12
N CYS S 156 42.74 25.43 47.85
CA CYS S 156 43.48 25.49 49.11
C CYS S 156 44.66 24.56 49.16
N ARG S 157 45.74 25.04 49.76
CA ARG S 157 46.84 24.18 50.14
C ARG S 157 46.37 23.26 51.27
N ALA S 158 45.54 23.84 52.15
CA ALA S 158 44.91 23.15 53.25
C ALA S 158 43.85 24.05 53.79
N MET S 159 42.93 23.50 54.59
CA MET S 159 41.86 24.32 55.15
C MET S 159 41.18 23.60 56.34
N SER S 160 40.50 24.39 57.16
CA SER S 160 39.63 23.88 58.25
C SER S 160 38.46 24.81 58.38
N ILE S 161 37.29 24.21 58.51
CA ILE S 161 36.02 24.92 58.71
C ILE S 161 35.35 24.24 59.91
N GLY S 162 34.42 24.94 60.53
CA GLY S 162 33.67 24.42 61.67
C GLY S 162 34.13 25.01 63.00
N ALA S 163 33.62 24.48 64.10
CA ALA S 163 33.80 25.13 65.42
C ALA S 163 35.24 25.01 65.87
N ARG S 164 35.78 26.16 66.27
CA ARG S 164 37.18 26.32 66.66
C ARG S 164 38.19 25.95 65.58
N SER S 165 37.76 26.01 64.31
CA SER S 165 38.66 25.76 63.19
C SER S 165 39.81 26.78 63.03
N GLN S 166 39.70 27.99 63.63
CA GLN S 166 40.80 28.95 63.69
C GLN S 166 42.08 28.25 64.16
N SER S 167 41.97 27.41 65.18
CA SER S 167 43.13 26.70 65.72
C SER S 167 43.75 25.77 64.74
N ALA S 168 42.89 25.08 64.04
CA ALA S 168 43.34 24.14 63.02
C ALA S 168 44.04 24.85 61.89
N ARG S 169 43.47 25.96 61.47
CA ARG S 169 44.09 26.85 60.47
C ARG S 169 45.44 27.36 60.89
N THR S 170 45.59 27.76 62.18
CA THR S 170 46.87 28.21 62.69
C THR S 170 47.91 27.08 62.56
N TYR S 171 47.54 25.87 62.96
CA TYR S 171 48.48 24.77 62.92
C TYR S 171 48.90 24.54 61.47
N LEU S 172 47.90 24.55 60.58
CA LEU S 172 48.14 24.28 59.15
C LEU S 172 49.10 25.30 58.53
N GLU S 173 48.92 26.59 58.82
CA GLU S 173 49.86 27.62 58.38
C GLU S 173 51.24 27.39 58.90
N ARG S 174 51.32 26.99 60.15
CA ARG S 174 52.60 26.72 60.78
C ARG S 174 53.40 25.62 60.09
N HIS S 175 52.74 24.58 59.62
CA HIS S 175 53.45 23.41 59.04
C HIS S 175 53.26 23.19 57.51
N MET S 176 52.62 24.12 56.82
CA MET S 176 52.20 23.83 55.42
C MET S 176 53.37 23.69 54.44
N SER S 177 54.50 24.31 54.72
CA SER S 177 55.69 24.11 53.92
C SER S 177 56.26 22.70 53.99
N GLU S 178 55.83 21.87 54.94
CA GLU S 178 56.19 20.45 54.98
C GLU S 178 55.24 19.54 54.16
N PHE S 179 54.04 20.02 53.80
CA PHE S 179 53.01 19.10 53.32
C PHE S 179 53.33 18.43 51.97
N MET S 180 53.93 19.18 51.05
CA MET S 180 54.07 18.74 49.66
C MET S 180 54.90 17.43 49.55
N GLU S 181 55.92 17.33 50.36
CA GLU S 181 56.83 16.17 50.37
C GLU S 181 56.47 15.08 51.36
N CYS S 182 55.33 15.18 52.03
CA CYS S 182 54.97 14.20 53.06
C CYS S 182 54.54 12.92 52.42
N ASN S 183 54.97 11.79 52.96
CA ASN S 183 54.29 10.52 52.67
C ASN S 183 52.87 10.54 53.26
N LEU S 184 52.09 9.52 52.96
CA LEU S 184 50.66 9.57 53.29
C LEU S 184 50.41 9.57 54.83
N ASN S 185 51.11 8.72 55.55
CA ASN S 185 51.02 8.64 57.00
C ASN S 185 51.33 9.95 57.67
N GLU S 186 52.45 10.55 57.29
CA GLU S 186 52.82 11.88 57.74
C GLU S 186 51.73 12.91 57.49
N LEU S 187 51.17 12.91 56.29
CA LEU S 187 50.19 13.92 55.91
C LEU S 187 48.91 13.75 56.73
N VAL S 188 48.48 12.52 56.93
CA VAL S 188 47.26 12.30 57.70
C VAL S 188 47.49 12.70 59.20
N LYS S 189 48.64 12.30 59.75
CA LYS S 189 49.09 12.71 61.11
C LYS S 189 49.02 14.23 61.23
N HIS S 190 49.49 14.97 60.23
CA HIS S 190 49.34 16.44 60.22
C HIS S 190 47.86 16.86 60.27
N GLY S 191 47.01 16.20 59.48
CA GLY S 191 45.60 16.49 59.48
C GLY S 191 44.97 16.27 60.86
N LEU S 192 45.35 15.15 61.49
CA LEU S 192 44.89 14.80 62.79
C LEU S 192 45.39 15.77 63.90
N ARG S 193 46.67 16.19 63.83
CA ARG S 193 47.18 17.16 64.75
C ARG S 193 46.45 18.49 64.64
N ALA S 194 46.18 18.94 63.42
CA ALA S 194 45.44 20.17 63.22
C ALA S 194 44.01 20.09 63.81
N LEU S 195 43.31 19.00 63.49
CA LEU S 195 41.99 18.75 64.01
C LEU S 195 41.98 18.70 65.55
N ARG S 196 42.99 18.07 66.13
CA ARG S 196 43.13 17.96 67.58
C ARG S 196 43.23 19.30 68.27
N GLU S 197 43.78 20.31 67.60
CA GLU S 197 43.83 21.68 68.15
C GLU S 197 42.46 22.29 68.35
N THR S 198 41.44 21.78 67.63
CA THR S 198 40.09 22.32 67.80
C THR S 198 39.43 21.83 69.08
N LEU S 199 39.97 20.81 69.73
CA LEU S 199 39.35 20.19 70.91
C LEU S 199 39.58 20.91 72.22
N PRO S 200 38.55 20.93 73.10
CA PRO S 200 38.80 21.37 74.48
C PRO S 200 39.96 20.55 75.03
N ALA S 201 40.78 21.18 75.86
CA ALA S 201 42.09 20.65 76.26
C ALA S 201 42.01 19.26 76.93
N GLU S 202 40.90 19.01 77.60
CA GLU S 202 40.55 17.70 78.23
C GLU S 202 40.34 16.54 77.20
N GLN S 203 39.77 16.88 76.05
CA GLN S 203 39.22 15.92 75.07
C GLN S 203 40.33 15.40 74.12
N ASP S 204 40.17 14.18 73.59
CA ASP S 204 41.13 13.55 72.68
C ASP S 204 40.51 12.95 71.45
N LEU S 205 41.35 12.71 70.44
CA LEU S 205 40.92 11.99 69.27
C LEU S 205 40.76 10.54 69.64
N THR S 206 39.65 9.94 69.21
CA THR S 206 39.41 8.53 69.47
C THR S 206 38.86 7.92 68.20
N THR S 207 38.82 6.60 68.18
CA THR S 207 38.23 5.89 67.07
C THR S 207 36.75 6.16 66.91
N LYS S 208 36.06 6.59 67.96
CA LYS S 208 34.63 6.93 67.88
C LYS S 208 34.40 8.32 67.27
N ASN S 209 35.30 9.28 67.48
CA ASN S 209 35.05 10.65 67.00
C ASN S 209 35.76 11.09 65.71
N VAL S 210 36.66 10.30 65.15
CA VAL S 210 37.43 10.73 63.98
C VAL S 210 36.96 9.95 62.78
N SER S 211 36.83 10.65 61.68
CA SER S 211 36.61 10.05 60.40
C SER S 211 37.69 10.61 59.44
N ILE S 212 38.22 9.73 58.56
CA ILE S 212 39.27 10.06 57.61
C ILE S 212 38.83 9.69 56.16
N GLY S 213 39.14 10.56 55.22
CA GLY S 213 38.96 10.33 53.78
C GLY S 213 40.24 10.62 53.04
N ILE S 214 40.64 9.73 52.14
CA ILE S 214 41.89 9.82 51.39
C ILE S 214 41.63 9.48 49.92
N VAL S 215 42.20 10.30 49.03
CA VAL S 215 42.30 9.96 47.61
C VAL S 215 43.69 10.35 47.13
N GLY S 216 44.24 9.63 46.16
CA GLY S 216 45.47 10.06 45.50
C GLY S 216 45.77 9.28 44.24
N LYS S 217 46.99 9.45 43.74
CA LYS S 217 47.49 8.77 42.53
C LYS S 217 47.16 7.24 42.54
N ASP S 218 47.55 6.54 43.60
CA ASP S 218 47.38 5.09 43.68
C ASP S 218 46.04 4.66 44.35
N LEU S 219 45.14 5.60 44.66
CA LEU S 219 44.08 5.32 45.61
C LEU S 219 42.76 6.05 45.35
N GLU S 220 41.72 5.29 45.17
CA GLU S 220 40.37 5.84 45.01
C GLU S 220 39.85 6.39 46.32
N PHE S 221 38.90 7.30 46.26
CA PHE S 221 38.41 7.95 47.47
C PHE S 221 37.90 6.90 48.41
N THR S 222 38.53 6.82 49.58
CA THR S 222 38.23 5.80 50.60
C THR S 222 37.96 6.51 51.97
N ILE S 223 36.97 5.99 52.70
CA ILE S 223 36.56 6.51 54.01
C ILE S 223 36.97 5.52 55.09
N TYR S 224 37.61 6.04 56.14
CA TYR S 224 38.02 5.24 57.30
C TYR S 224 37.29 5.71 58.57
N ASP S 225 36.58 4.79 59.22
CA ASP S 225 35.81 5.04 60.43
C ASP S 225 36.07 3.95 61.41
N ASP S 226 35.82 4.27 62.68
CA ASP S 226 35.83 3.35 63.79
C ASP S 226 37.11 2.60 63.87
N ASP S 227 37.11 1.29 63.89
CA ASP S 227 38.37 0.54 63.97
C ASP S 227 39.36 0.87 62.86
N ASP S 228 38.88 1.26 61.67
CA ASP S 228 39.77 1.60 60.58
C ASP S 228 40.61 2.88 60.73
N VAL S 229 40.29 3.73 61.73
CA VAL S 229 41.13 4.91 61.96
C VAL S 229 42.31 4.62 62.89
N SER S 230 42.28 3.51 63.62
CA SER S 230 43.31 3.18 64.60
C SER S 230 44.71 3.18 64.06
N PRO S 231 44.96 2.57 62.88
CA PRO S 231 46.34 2.67 62.33
C PRO S 231 46.86 4.13 62.22
N PHE S 232 45.99 5.05 61.79
CA PHE S 232 46.35 6.47 61.70
C PHE S 232 46.49 7.17 63.06
N LEU S 233 45.71 6.76 64.06
CA LEU S 233 45.78 7.37 65.40
C LEU S 233 46.97 6.95 66.20
N GLU S 234 47.51 5.77 65.90
CA GLU S 234 48.72 5.30 66.54
C GLU S 234 49.91 5.25 65.61
N GLY S 235 50.54 6.37 65.20
CA GLY S 235 50.13 7.76 65.40
C GLY S 235 50.69 8.31 66.70
N LEU S 236 50.00 9.30 67.27
CA LEU S 236 50.17 9.74 68.69
C LEU S 236 51.37 10.59 69.02
N GLU S 237 51.84 11.40 68.08
CA GLU S 237 52.87 12.39 68.41
C GLU S 237 52.18 13.50 69.18
N GLU S 238 52.27 13.43 70.52
CA GLU S 238 51.70 14.42 71.52
C GLU S 238 51.00 13.71 72.73
N ARG S 239 50.71 14.35 73.88
CA ARG S 239 51.12 15.71 74.43
C ARG S 239 50.87 16.96 73.55
N THR T 6 17.92 55.95 54.08
CA THR T 6 16.60 55.77 53.39
C THR T 6 15.52 54.93 54.15
N GLY T 7 14.44 54.54 53.45
CA GLY T 7 13.10 54.42 54.15
C GLY T 7 12.10 53.30 53.82
N TYR T 8 12.02 52.74 52.60
CA TYR T 8 12.34 53.10 51.10
C TYR T 8 13.47 52.38 50.40
N ASP T 9 14.25 51.62 51.13
CA ASP T 9 15.47 51.07 50.64
C ASP T 9 15.48 49.51 50.69
N LEU T 10 14.31 48.86 50.65
CA LEU T 10 14.29 47.41 50.79
C LEU T 10 14.11 46.61 49.47
N SER T 11 13.69 47.28 48.40
CA SER T 11 13.36 46.62 47.17
C SER T 11 13.88 47.43 46.01
N ALA T 12 14.45 46.75 45.01
CA ALA T 12 14.77 47.41 43.73
C ALA T 12 13.54 47.86 42.91
N SER T 13 12.32 47.44 43.26
CA SER T 13 11.09 47.98 42.66
C SER T 13 10.48 49.23 43.33
N THR T 14 11.21 49.85 44.27
CA THR T 14 10.73 50.99 44.99
C THR T 14 11.70 52.15 44.80
N PHE T 15 11.22 53.27 44.27
CA PHE T 15 11.96 54.54 44.27
C PHE T 15 11.83 55.16 45.67
N SER T 16 12.87 55.85 46.10
CA SER T 16 12.79 56.78 47.21
C SER T 16 12.16 58.10 46.71
N PRO T 17 11.65 58.94 47.62
CA PRO T 17 11.04 60.23 47.23
C PRO T 17 11.94 61.12 46.37
N ASP T 18 13.28 60.93 46.41
CA ASP T 18 14.23 61.76 45.65
C ASP T 18 14.59 61.07 44.35
N GLY T 19 13.98 59.93 44.08
CA GLY T 19 14.16 59.25 42.81
C GLY T 19 15.36 58.35 42.76
N ARG T 20 15.73 57.77 43.90
CA ARG T 20 16.89 56.88 43.97
C ARG T 20 16.38 55.46 44.14
N VAL T 21 17.21 54.50 43.76
CA VAL T 21 16.91 53.12 43.96
C VAL T 21 18.01 52.67 44.89
N PHE T 22 17.73 52.70 46.22
CA PHE T 22 18.79 52.38 47.16
C PHE T 22 19.37 51.03 47.11
N GLN T 23 18.53 50.01 46.78
CA GLN T 23 19.09 48.68 46.65
C GLN T 23 20.23 48.65 45.63
N VAL T 24 20.12 49.39 44.54
CA VAL T 24 21.23 49.44 43.53
C VAL T 24 22.45 50.11 44.16
N GLU T 25 22.20 51.19 44.89
CA GLU T 25 23.28 51.90 45.58
C GLU T 25 23.98 51.02 46.61
N TYR T 26 23.24 50.11 47.24
CA TYR T 26 23.86 49.26 48.25
C TYR T 26 24.71 48.19 47.64
N ALA T 27 24.22 47.62 46.55
CA ALA T 27 25.00 46.71 45.70
C ALA T 27 26.31 47.37 45.23
N MET T 28 26.23 48.62 44.82
CA MET T 28 27.47 49.42 44.53
C MET T 28 28.42 49.53 45.69
N LYS T 29 27.88 49.60 46.92
CA LYS T 29 28.74 49.63 48.09
C LYS T 29 29.49 48.31 48.22
N ALA T 30 28.89 47.17 47.85
CA ALA T 30 29.65 45.87 47.89
C ALA T 30 30.87 45.87 46.91
N VAL T 31 30.72 46.53 45.80
CA VAL T 31 31.81 46.63 44.82
C VAL T 31 32.86 47.56 45.44
N GLU T 32 32.39 48.66 45.95
CA GLU T 32 33.31 49.60 46.60
C GLU T 32 34.02 49.15 47.91
N ASN T 33 33.62 48.04 48.50
CA ASN T 33 34.38 47.36 49.60
C ASN T 33 35.45 46.35 49.14
N SER T 34 35.37 46.02 47.88
CA SER T 34 36.29 45.11 47.25
C SER T 34 37.64 45.75 46.90
N SER T 35 38.70 44.96 46.87
CA SER T 35 40.00 45.48 46.45
C SER T 35 39.98 45.84 44.96
N THR T 36 41.02 46.52 44.49
CA THR T 36 40.94 47.28 43.26
C THR T 36 41.36 46.45 42.04
N ALA T 37 40.60 46.63 40.98
CA ALA T 37 40.94 46.11 39.66
C ALA T 37 41.03 47.27 38.70
N ILE T 38 41.94 47.19 37.73
CA ILE T 38 42.08 48.24 36.73
C ILE T 38 42.20 47.63 35.33
N GLY T 39 41.72 48.40 34.35
CA GLY T 39 42.01 48.11 32.96
C GLY T 39 42.57 49.35 32.28
N ILE T 40 43.45 49.11 31.31
CA ILE T 40 43.98 50.16 30.51
C ILE T 40 44.02 49.67 29.04
N ARG T 41 43.34 50.44 28.18
CA ARG T 41 43.45 50.30 26.73
C ARG T 41 44.67 51.08 26.24
N CYS T 42 45.42 50.51 25.29
CA CYS T 42 46.55 51.21 24.71
C CYS T 42 46.58 51.03 23.22
N LYS T 43 47.75 51.29 22.58
CA LYS T 43 47.88 51.40 21.11
C LYS T 43 47.41 50.10 20.46
N ASP T 44 47.78 48.96 21.04
CA ASP T 44 47.71 47.64 20.43
C ASP T 44 46.98 46.59 21.33
N GLY T 45 46.14 47.03 22.26
CA GLY T 45 45.51 46.12 23.19
C GLY T 45 45.03 46.67 24.52
N VAL T 46 44.60 45.74 25.35
CA VAL T 46 44.03 46.03 26.69
C VAL T 46 44.75 45.17 27.71
N VAL T 47 45.10 45.79 28.85
CA VAL T 47 45.75 45.10 29.97
C VAL T 47 44.88 45.28 31.24
N PHE T 48 44.73 44.19 32.01
CA PHE T 48 44.01 44.15 33.27
C PHE T 48 44.93 43.82 34.40
N GLY T 49 44.67 44.45 35.55
CA GLY T 49 45.39 44.11 36.76
C GLY T 49 44.43 44.06 37.94
N VAL T 50 44.69 43.16 38.88
CA VAL T 50 43.87 43.07 40.10
C VAL T 50 44.73 42.89 41.32
N GLU T 51 44.45 43.74 42.31
CA GLU T 51 45.00 43.63 43.65
C GLU T 51 44.20 42.48 44.28
N LYS T 52 44.79 41.32 44.42
CA LYS T 52 43.99 40.20 44.83
C LYS T 52 44.39 39.88 46.26
N LEU T 53 43.53 40.26 47.22
CA LEU T 53 43.89 40.15 48.61
C LEU T 53 43.97 38.68 48.95
N VAL T 54 44.99 38.31 49.69
CA VAL T 54 45.12 36.93 50.15
C VAL T 54 44.71 36.89 51.63
N LEU T 55 43.53 36.28 51.88
CA LEU T 55 42.91 36.34 53.17
C LEU T 55 43.53 35.31 54.05
N SER T 56 44.04 34.25 53.45
CA SER T 56 44.81 33.27 54.20
C SER T 56 45.99 32.79 53.38
N LYS T 57 47.10 32.58 54.06
CA LYS T 57 48.25 31.87 53.53
C LYS T 57 47.93 30.39 53.15
N LEU T 58 46.81 29.84 53.61
CA LEU T 58 46.40 28.47 53.27
C LEU T 58 45.86 28.30 51.84
N TYR T 59 45.50 29.37 51.17
CA TYR T 59 45.08 29.35 49.79
C TYR T 59 46.24 29.22 48.78
N GLU T 60 45.97 28.50 47.66
CA GLU T 60 46.90 28.36 46.54
C GLU T 60 47.04 29.66 45.84
N GLU T 61 48.23 29.91 45.30
CA GLU T 61 48.42 30.87 44.19
C GLU T 61 47.38 30.65 43.08
N GLY T 62 46.73 31.72 42.61
CA GLY T 62 45.65 31.57 41.60
C GLY T 62 44.25 31.35 42.16
N SER T 63 44.10 30.95 43.43
CA SER T 63 42.72 30.84 44.01
C SER T 63 41.88 32.13 43.85
N ASN T 64 40.57 32.00 43.66
CA ASN T 64 39.67 33.18 43.55
C ASN T 64 40.12 34.20 42.51
N LYS T 65 40.46 33.68 41.32
CA LYS T 65 40.78 34.52 40.17
C LYS T 65 39.71 35.55 39.99
N ARG T 66 40.12 36.75 39.69
CA ARG T 66 39.20 37.82 39.38
C ARG T 66 39.28 38.20 37.92
N LEU T 67 40.09 37.46 37.17
CA LEU T 67 40.25 37.65 35.71
C LEU T 67 39.75 36.41 35.01
N PHE T 68 38.84 36.59 34.08
CA PHE T 68 38.16 35.45 33.33
C PHE T 68 38.27 35.56 31.83
N ASN T 69 38.34 34.42 31.14
CA ASN T 69 38.19 34.43 29.65
C ASN T 69 36.73 34.24 29.44
N VAL T 70 36.09 35.21 28.77
CA VAL T 70 34.67 35.03 28.42
C VAL T 70 34.42 34.66 26.95
N ASP T 71 35.35 34.99 26.07
CA ASP T 71 35.43 34.39 24.74
C ASP T 71 36.88 34.35 24.42
N ARG T 72 37.26 33.72 23.30
CA ARG T 72 38.69 33.59 23.03
C ARG T 72 39.38 34.97 22.88
N HIS T 73 38.61 35.97 22.47
CA HIS T 73 39.08 37.32 22.25
C HIS T 73 38.66 38.30 23.36
N VAL T 74 37.97 37.84 24.41
CA VAL T 74 37.40 38.73 25.42
C VAL T 74 37.78 38.34 26.84
N GLY T 75 38.42 39.26 27.53
CA GLY T 75 38.74 39.10 28.96
C GLY T 75 37.80 39.89 29.83
N MET T 76 37.62 39.40 31.05
CA MET T 76 36.72 40.04 32.03
C MET T 76 37.45 40.18 33.35
N ALA T 77 37.39 41.40 33.90
CA ALA T 77 38.00 41.68 35.18
C ALA T 77 36.93 42.21 36.14
N VAL T 78 36.92 41.67 37.34
CA VAL T 78 35.77 41.88 38.23
C VAL T 78 36.16 42.49 39.58
N ALA T 79 35.18 43.15 40.17
CA ALA T 79 35.24 43.50 41.62
C ALA T 79 33.86 43.34 42.25
N GLY T 80 33.83 43.05 43.55
CA GLY T 80 32.58 42.91 44.26
C GLY T 80 32.35 41.50 44.80
N LEU T 81 31.11 41.12 44.90
CA LEU T 81 30.80 39.74 45.42
C LEU T 81 31.14 38.68 44.33
N LEU T 82 32.08 37.80 44.63
CA LEU T 82 32.77 37.06 43.61
C LEU T 82 31.80 36.00 42.98
N ALA T 83 30.91 35.38 43.79
CA ALA T 83 29.84 34.52 43.25
C ALA T 83 28.94 35.24 42.24
N ASP T 84 28.60 36.51 42.48
CA ASP T 84 27.78 37.25 41.55
C ASP T 84 28.62 37.50 40.27
N ALA T 85 29.91 37.78 40.41
CA ALA T 85 30.76 38.08 39.24
C ALA T 85 30.91 36.82 38.35
N ARG T 86 31.11 35.68 38.98
CA ARG T 86 31.26 34.44 38.28
C ARG T 86 30.03 34.03 37.50
N SER T 87 28.87 34.28 38.08
CA SER T 87 27.63 34.11 37.42
C SER T 87 27.54 35.01 36.16
N LEU T 88 28.02 36.24 36.28
CA LEU T 88 27.97 37.18 35.16
C LEU T 88 28.94 36.78 34.07
N ALA T 89 30.08 36.20 34.43
CA ALA T 89 31.03 35.67 33.51
C ALA T 89 30.35 34.53 32.75
N ASP T 90 29.55 33.71 33.45
CA ASP T 90 28.81 32.68 32.74
C ASP T 90 27.79 33.23 31.73
N ILE T 91 27.06 34.27 32.14
CA ILE T 91 26.10 34.92 31.27
C ILE T 91 26.88 35.45 30.05
N ALA T 92 28.03 36.13 30.29
CA ALA T 92 28.82 36.66 29.19
C ALA T 92 29.26 35.57 28.21
N ARG T 93 29.74 34.45 28.73
CA ARG T 93 30.18 33.33 27.92
C ARG T 93 29.08 32.80 27.04
N GLU T 94 27.92 32.61 27.65
CA GLU T 94 26.77 32.10 26.98
C GLU T 94 26.35 33.07 25.87
N GLU T 95 26.42 34.37 26.14
CA GLU T 95 26.07 35.34 25.15
C GLU T 95 27.00 35.34 23.98
N ALA T 96 28.27 35.20 24.26
CA ALA T 96 29.27 35.16 23.19
C ALA T 96 29.11 33.89 22.33
N SER T 97 28.84 32.75 22.97
CA SER T 97 28.65 31.44 22.32
C SER T 97 27.40 31.45 21.43
N ASN T 98 26.29 31.96 21.95
CA ASN T 98 25.07 32.11 21.18
C ASN T 98 25.22 33.03 19.95
N PHE T 99 26.01 34.09 20.12
CA PHE T 99 26.20 35.05 19.08
C PHE T 99 26.91 34.38 17.93
N ARG T 100 28.02 33.67 18.23
CA ARG T 100 28.70 32.91 17.22
C ARG T 100 27.79 31.89 16.50
N SER T 101 26.98 31.15 17.25
CA SER T 101 26.06 30.18 16.65
C SER T 101 25.00 30.81 15.73
N ASN T 102 24.45 31.96 16.12
CA ASN T 102 23.37 32.60 15.37
C ASN T 102 23.86 33.41 14.17
N PHE T 103 24.96 34.16 14.36
CA PHE T 103 25.48 35.11 13.36
C PHE T 103 26.76 34.69 12.65
N GLY T 104 27.50 33.75 13.20
CA GLY T 104 28.61 33.08 12.53
C GLY T 104 29.91 33.88 12.59
N TYR T 105 30.08 34.74 13.58
CA TYR T 105 31.39 35.42 13.75
C TYR T 105 31.53 35.82 15.24
N ASN T 106 32.75 36.20 15.61
CA ASN T 106 33.05 36.59 17.00
C ASN T 106 32.27 37.81 17.44
N ILE T 107 31.68 37.75 18.61
CA ILE T 107 30.84 38.86 19.08
C ILE T 107 31.65 40.15 19.29
N PRO T 108 31.15 41.27 18.74
CA PRO T 108 31.91 42.52 18.91
C PRO T 108 31.78 42.93 20.36
N LEU T 109 32.85 43.51 20.87
CA LEU T 109 32.97 43.78 22.28
C LEU T 109 31.86 44.70 22.80
N LYS T 110 31.59 45.75 22.07
CA LYS T 110 30.51 46.66 22.44
C LYS T 110 29.16 45.98 22.54
N HIS T 111 28.83 45.12 21.56
CA HIS T 111 27.58 44.41 21.60
C HIS T 111 27.54 43.43 22.77
N LEU T 112 28.65 42.78 23.09
CA LEU T 112 28.66 41.89 24.26
C LEU T 112 28.44 42.67 25.58
N ALA T 113 29.14 43.79 25.70
CA ALA T 113 28.97 44.69 26.82
C ALA T 113 27.55 45.15 26.95
N ASP T 114 26.93 45.60 25.87
CA ASP T 114 25.55 46.07 25.93
C ASP T 114 24.58 44.92 26.27
N ARG T 115 24.84 43.69 25.80
CA ARG T 115 23.92 42.59 26.11
C ARG T 115 23.99 42.16 27.57
N VAL T 116 25.19 41.98 28.08
CA VAL T 116 25.34 41.62 29.49
C VAL T 116 24.85 42.77 30.41
N ALA T 117 25.13 44.03 30.03
CA ALA T 117 24.59 45.19 30.80
C ALA T 117 23.05 45.16 30.88
N MET T 118 22.38 44.73 29.82
CA MET T 118 20.92 44.69 29.89
C MET T 118 20.42 43.58 30.79
N TYR T 119 21.23 42.56 30.93
CA TYR T 119 20.94 41.48 31.86
C TYR T 119 21.12 41.96 33.34
N VAL T 120 22.24 42.64 33.60
CA VAL T 120 22.48 43.28 34.90
C VAL T 120 21.35 44.26 35.21
N HIS T 121 20.99 45.06 34.23
CA HIS T 121 19.86 46.00 34.33
C HIS T 121 18.54 45.38 34.73
N ALA T 122 18.26 44.21 34.20
CA ALA T 122 17.01 43.52 34.49
C ALA T 122 16.90 43.14 35.97
N TYR T 123 18.01 43.08 36.69
CA TYR T 123 17.98 42.76 38.10
C TYR T 123 17.87 44.05 39.00
N THR T 124 17.43 45.18 38.44
CA THR T 124 17.32 46.45 39.14
C THR T 124 15.91 47.02 39.15
N LEU T 125 14.94 46.24 38.68
CA LEU T 125 13.53 46.65 38.51
C LEU T 125 12.57 45.97 39.46
N TYR T 126 13.00 44.92 40.18
CA TYR T 126 12.00 43.98 40.78
C TYR T 126 12.21 43.66 42.25
N SER T 127 11.12 43.51 43.02
CA SER T 127 11.24 42.87 44.34
C SER T 127 11.59 41.40 44.25
N ALA T 128 11.33 40.75 43.09
CA ALA T 128 11.59 39.30 42.98
C ALA T 128 13.07 38.92 43.01
N VAL T 129 13.98 39.84 42.64
CA VAL T 129 15.37 39.52 42.59
C VAL T 129 16.20 40.75 43.13
N ARG T 130 17.49 40.55 43.43
CA ARG T 130 18.34 41.63 43.82
C ARG T 130 19.38 41.96 42.77
N PRO T 131 19.88 43.19 42.83
CA PRO T 131 20.95 43.59 41.90
C PRO T 131 22.18 42.81 42.16
N PHE T 132 22.97 42.60 41.13
CA PHE T 132 24.33 42.01 41.25
C PHE T 132 25.23 42.94 42.07
N GLY T 133 26.03 42.38 42.95
CA GLY T 133 26.97 43.13 43.74
C GLY T 133 28.34 43.14 43.11
N CYS T 134 28.37 43.49 41.82
CA CYS T 134 29.64 43.46 41.10
CA CYS T 134 29.58 43.34 40.96
C CYS T 134 29.67 44.47 39.96
N SER T 135 30.88 44.96 39.72
CA SER T 135 31.22 45.76 38.52
C SER T 135 32.26 44.92 37.79
N PHE T 136 32.31 45.06 36.47
CA PHE T 136 33.29 44.28 35.70
C PHE T 136 33.71 45.04 34.46
N MET T 137 34.92 44.73 34.03
CA MET T 137 35.46 45.30 32.80
C MET T 137 35.52 44.17 31.76
N LEU T 138 35.24 44.52 30.49
CA LEU T 138 35.48 43.64 29.35
C LEU T 138 36.52 44.27 28.40
N GLY T 139 37.51 43.50 27.97
CA GLY T 139 38.55 43.97 27.12
C GLY T 139 38.72 43.04 25.92
N SER T 140 38.90 43.62 24.72
CA SER T 140 39.32 42.84 23.58
C SER T 140 40.18 43.65 22.59
N TYR T 141 40.71 42.92 21.62
CA TYR T 141 41.46 43.48 20.57
C TYR T 141 41.26 42.63 19.32
N SER T 142 41.15 43.30 18.19
CA SER T 142 41.19 42.64 16.87
C SER T 142 41.76 43.65 15.91
N VAL T 143 42.22 43.17 14.75
CA VAL T 143 42.77 44.09 13.76
C VAL T 143 41.67 45.02 13.26
N ASN T 144 40.48 44.50 13.03
CA ASN T 144 39.35 45.32 12.55
C ASN T 144 38.72 46.33 13.48
N ASP T 145 38.52 45.95 14.74
CA ASP T 145 37.88 46.84 15.74
C ASP T 145 38.87 47.61 16.62
N GLY T 146 40.14 47.25 16.57
CA GLY T 146 41.13 47.75 17.51
C GLY T 146 40.93 47.29 18.96
N ALA T 147 41.52 48.04 19.87
CA ALA T 147 41.49 47.75 21.31
C ALA T 147 40.22 48.36 21.86
N GLN T 148 39.55 47.62 22.73
CA GLN T 148 38.34 48.10 23.37
C GLN T 148 38.19 47.62 24.79
N LEU T 149 37.74 48.55 25.63
CA LEU T 149 37.65 48.39 27.10
C LEU T 149 36.36 49.02 27.53
N TYR T 150 35.50 48.20 28.15
CA TYR T 150 34.17 48.63 28.61
C TYR T 150 34.06 48.30 30.07
N MET T 151 33.20 49.05 30.74
CA MET T 151 32.94 48.81 32.15
C MET T 151 31.48 48.95 32.42
N ILE T 152 31.02 47.97 33.22
CA ILE T 152 29.64 47.82 33.53
C ILE T 152 29.51 47.73 35.08
N ASP T 153 28.54 48.47 35.62
CA ASP T 153 28.31 48.55 37.07
C ASP T 153 26.95 47.93 37.44
N PRO T 154 26.65 47.80 38.76
CA PRO T 154 25.44 47.14 39.19
C PRO T 154 24.15 47.76 38.67
N SER T 155 24.12 49.04 38.27
CA SER T 155 22.88 49.59 37.67
C SER T 155 22.63 49.12 36.23
N GLY T 156 23.67 48.54 35.60
CA GLY T 156 23.62 48.12 34.19
C GLY T 156 24.13 49.16 33.19
N VAL T 157 24.74 50.25 33.69
CA VAL T 157 25.36 51.29 32.79
C VAL T 157 26.69 50.71 32.25
N SER T 158 26.96 51.06 31.00
CA SER T 158 28.03 50.48 30.21
C SER T 158 28.63 51.61 29.36
N TYR T 159 29.94 51.83 29.50
CA TYR T 159 30.64 52.87 28.73
C TYR T 159 31.96 52.27 28.33
N GLY T 160 32.55 52.82 27.29
CA GLY T 160 33.91 52.52 26.92
C GLY T 160 34.94 53.50 27.47
N TYR T 161 36.14 52.98 27.72
CA TYR T 161 37.17 53.66 28.49
C TYR T 161 38.53 53.54 27.83
N TRP T 162 39.32 54.58 28.05
CA TRP T 162 40.74 54.47 27.89
C TRP T 162 41.41 53.80 29.08
N GLY T 163 40.90 54.13 30.27
CA GLY T 163 41.39 53.55 31.52
C GLY T 163 40.25 53.51 32.52
N CYS T 164 40.33 52.58 33.43
CA CYS T 164 39.19 52.30 34.29
C CYS T 164 39.66 51.63 35.52
N ALA T 165 38.96 51.93 36.61
CA ALA T 165 39.23 51.26 37.85
C ALA T 165 37.93 51.07 38.64
N ILE T 166 37.90 49.98 39.35
CA ILE T 166 36.75 49.59 40.17
C ILE T 166 37.23 49.03 41.50
N GLY T 167 36.36 49.19 42.48
CA GLY T 167 36.71 48.74 43.82
C GLY T 167 37.07 49.93 44.69
N LYS T 168 37.69 49.62 45.81
CA LYS T 168 37.83 50.61 46.91
C LYS T 168 38.86 51.69 46.74
N ALA T 169 39.87 51.50 45.89
CA ALA T 169 40.84 52.59 45.66
C ALA T 169 40.72 53.15 44.24
N ARG T 170 39.49 53.11 43.76
CA ARG T 170 39.09 53.51 42.42
C ARG T 170 39.65 54.89 42.03
N GLN T 171 39.38 55.88 42.87
CA GLN T 171 39.78 57.27 42.62
C GLN T 171 41.27 57.43 42.63
N ALA T 172 41.92 56.93 43.65
CA ALA T 172 43.38 56.93 43.65
C ALA T 172 43.95 56.25 42.37
N ALA T 173 43.39 55.12 41.97
CA ALA T 173 43.86 54.45 40.73
C ALA T 173 43.70 55.33 39.46
N LYS T 174 42.51 55.90 39.29
CA LYS T 174 42.23 56.78 38.17
C LYS T 174 43.21 57.92 38.09
N THR T 175 43.50 58.57 39.22
CA THR T 175 44.42 59.69 39.15
C THR T 175 45.83 59.25 38.70
N GLU T 176 46.28 58.06 39.08
CA GLU T 176 47.55 57.55 38.52
C GLU T 176 47.46 57.19 37.02
N ILE T 177 46.34 56.59 36.61
CA ILE T 177 46.09 56.18 35.21
C ILE T 177 46.11 57.43 34.34
N GLU T 178 45.48 58.52 34.81
CA GLU T 178 45.52 59.82 34.11
C GLU T 178 46.89 60.36 33.76
N LYS T 179 47.94 59.94 34.46
CA LYS T 179 49.29 60.35 34.16
C LYS T 179 49.90 59.66 32.97
N LEU T 180 49.34 58.54 32.53
CA LEU T 180 49.88 57.82 31.37
C LEU T 180 49.29 58.37 30.09
N GLN T 181 50.14 58.44 29.07
CA GLN T 181 49.70 58.64 27.69
C GLN T 181 49.50 57.25 27.05
N MET T 182 48.43 56.59 27.46
CA MET T 182 48.22 55.20 27.04
C MET T 182 47.97 55.02 25.54
N LYS T 183 47.38 55.99 24.86
CA LYS T 183 47.13 55.95 23.38
C LYS T 183 48.35 55.65 22.57
N GLU T 184 49.52 55.97 23.09
CA GLU T 184 50.74 55.82 22.37
C GLU T 184 51.62 54.73 22.98
N MET T 185 51.14 53.93 23.91
CA MET T 185 51.98 52.94 24.55
C MET T 185 51.51 51.55 24.09
N THR T 186 52.41 50.58 24.22
CA THR T 186 52.12 49.19 23.89
C THR T 186 51.70 48.40 25.17
N CYS T 187 51.08 47.24 24.95
CA CYS T 187 50.74 46.35 26.03
C CYS T 187 51.96 45.97 26.86
N ARG T 188 53.11 45.73 26.22
CA ARG T 188 54.30 45.29 26.96
C ARG T 188 54.82 46.39 27.92
N ASP T 189 54.60 47.67 27.58
CA ASP T 189 54.94 48.87 28.42
C ASP T 189 53.87 49.02 29.56
N ILE T 190 52.60 48.86 29.17
CA ILE T 190 51.47 49.16 30.03
C ILE T 190 51.36 48.16 31.19
N VAL T 191 51.67 46.87 30.95
CA VAL T 191 51.69 45.90 32.09
C VAL T 191 52.44 46.43 33.32
N LYS T 192 53.61 46.96 33.05
CA LYS T 192 54.46 47.45 34.11
C LYS T 192 53.68 48.55 34.88
N GLU T 193 53.00 49.41 34.14
CA GLU T 193 52.32 50.56 34.69
C GLU T 193 51.08 50.17 35.48
N VAL T 194 50.44 49.09 35.01
CA VAL T 194 49.36 48.47 35.74
C VAL T 194 49.85 47.95 37.08
N ALA T 195 50.95 47.22 37.08
CA ALA T 195 51.49 46.75 38.32
C ALA T 195 51.85 47.91 39.22
N LYS T 196 52.53 48.90 38.66
CA LYS T 196 52.95 50.08 39.43
C LYS T 196 51.77 50.71 40.19
N ILE T 197 50.70 51.01 39.46
CA ILE T 197 49.50 51.61 40.02
C ILE T 197 48.81 50.72 41.08
N ILE T 198 48.77 49.42 40.89
CA ILE T 198 48.21 48.53 41.94
C ILE T 198 49.04 48.73 43.23
N TYR T 199 50.36 48.75 43.13
CA TYR T 199 51.21 48.93 44.31
C TYR T 199 51.04 50.28 45.00
N ILE T 200 50.75 51.30 44.22
CA ILE T 200 50.57 52.64 44.75
C ILE T 200 49.30 52.68 45.56
N VAL T 201 48.21 52.17 45.03
CA VAL T 201 46.90 52.29 45.70
C VAL T 201 46.68 51.27 46.82
N HIS T 202 47.45 50.18 46.82
CA HIS T 202 47.41 49.17 47.85
C HIS T 202 47.77 49.78 49.18
N ASP T 203 46.95 49.50 50.17
CA ASP T 203 47.19 49.97 51.52
C ASP T 203 47.92 48.90 52.31
N GLU T 204 49.26 48.94 52.31
CA GLU T 204 50.09 47.88 52.94
C GLU T 204 49.86 47.75 54.47
N VAL T 205 49.51 48.89 55.11
CA VAL T 205 49.12 48.90 56.52
C VAL T 205 47.73 48.19 56.70
N LYS T 206 46.65 48.70 56.10
CA LYS T 206 45.29 48.13 56.24
C LYS T 206 45.11 47.09 55.16
N ASP T 207 45.37 45.81 55.46
CA ASP T 207 45.48 44.67 54.43
C ASP T 207 46.96 44.41 53.93
N LYS T 208 47.75 43.76 54.78
CA LYS T 208 48.98 43.10 54.30
C LYS T 208 48.52 41.86 53.44
N ALA T 209 49.26 41.64 52.35
CA ALA T 209 49.27 40.45 51.50
C ALA T 209 48.27 40.46 50.37
N PHE T 210 48.87 40.68 49.19
CA PHE T 210 48.13 40.53 47.97
C PHE T 210 48.95 39.81 46.88
N GLU T 211 48.23 39.31 45.90
CA GLU T 211 48.82 38.74 44.70
C GLU T 211 48.45 39.72 43.63
N LEU T 212 49.41 40.00 42.75
CA LEU T 212 49.05 40.70 41.55
C LEU T 212 48.51 39.69 40.47
N GLU T 213 47.32 39.95 39.94
CA GLU T 213 46.82 39.18 38.80
C GLU T 213 46.85 40.06 37.59
N LEU T 214 47.41 39.54 36.51
CA LEU T 214 47.56 40.30 35.24
C LEU T 214 47.15 39.47 34.00
N SER T 215 46.37 40.08 33.13
CA SER T 215 45.97 39.48 31.90
C SER T 215 45.99 40.54 30.80
N TRP T 216 46.02 40.07 29.55
CA TRP T 216 46.02 40.96 28.42
C TRP T 216 45.47 40.37 27.15
N VAL T 217 45.10 41.26 26.24
CA VAL T 217 44.64 40.84 24.92
C VAL T 217 45.10 41.92 23.99
N GLY T 218 45.85 41.55 22.95
CA GLY T 218 46.36 42.56 22.01
C GLY T 218 47.01 41.99 20.78
N GLU T 219 47.57 42.86 19.94
CA GLU T 219 48.32 42.36 18.79
C GLU T 219 49.31 41.27 19.23
N LEU T 220 49.99 41.48 20.34
CA LEU T 220 51.01 40.54 20.81
C LEU T 220 50.47 39.16 21.23
N THR T 221 49.17 39.03 21.44
CA THR T 221 48.57 37.73 21.73
C THR T 221 47.70 37.23 20.56
N ASN T 222 47.82 37.94 19.46
CA ASN T 222 47.02 37.74 18.27
C ASN T 222 45.53 37.84 18.56
N GLY T 223 45.12 38.80 19.36
CA GLY T 223 43.70 38.91 19.68
C GLY T 223 43.10 37.86 20.62
N ARG T 224 43.93 37.03 21.25
CA ARG T 224 43.48 36.12 22.25
C ARG T 224 43.66 36.76 23.68
N HIS T 225 42.64 36.63 24.54
CA HIS T 225 42.78 37.08 25.97
C HIS T 225 43.48 35.97 26.72
N GLU T 226 44.56 36.29 27.41
CA GLU T 226 45.49 35.34 28.04
C GLU T 226 46.01 35.94 29.38
N ILE T 227 46.44 35.09 30.33
CA ILE T 227 47.18 35.56 31.49
C ILE T 227 48.51 36.14 30.97
N VAL T 228 49.06 37.13 31.67
CA VAL T 228 50.40 37.63 31.35
C VAL T 228 51.39 36.54 31.77
N PRO T 229 52.35 36.18 30.92
CA PRO T 229 53.28 35.13 31.34
C PRO T 229 53.98 35.47 32.65
N LYS T 230 54.29 34.43 33.40
CA LYS T 230 54.90 34.53 34.73
C LYS T 230 56.14 35.41 34.76
N ASP T 231 57.10 35.18 33.86
CA ASP T 231 58.32 36.03 33.83
C ASP T 231 58.01 37.52 33.60
N ILE T 232 57.09 37.84 32.69
CA ILE T 232 56.69 39.24 32.51
C ILE T 232 55.95 39.83 33.74
N ARG T 233 55.10 39.04 34.41
CA ARG T 233 54.46 39.52 35.65
C ARG T 233 55.49 39.84 36.73
N GLU T 234 56.48 38.95 36.90
CA GLU T 234 57.51 39.16 37.90
C GLU T 234 58.37 40.40 37.62
N GLU T 235 58.73 40.62 36.35
CA GLU T 235 59.46 41.85 35.95
C GLU T 235 58.58 43.09 36.19
N ALA T 236 57.26 42.98 35.97
CA ALA T 236 56.38 44.10 36.25
C ALA T 236 56.25 44.36 37.78
N GLU T 237 56.17 43.30 38.58
CA GLU T 237 56.10 43.44 40.06
C GLU T 237 57.36 44.10 40.58
N LYS T 238 58.50 43.57 40.15
CA LYS T 238 59.78 44.13 40.52
C LYS T 238 59.86 45.63 40.15
N TYR T 239 59.41 46.00 38.95
CA TYR T 239 59.37 47.41 38.53
C TYR T 239 58.48 48.29 39.41
N ALA T 240 57.31 47.77 39.74
CA ALA T 240 56.34 48.45 40.65
C ALA T 240 56.88 48.64 42.06
N LYS T 241 57.54 47.59 42.55
CA LYS T 241 58.08 47.54 43.90
C LYS T 241 59.27 48.51 44.03
N GLU T 242 60.22 48.43 43.10
CA GLU T 242 61.38 49.34 43.10
C GLU T 242 60.93 50.79 42.84
N SER T 243 59.91 50.99 42.00
CA SER T 243 59.32 52.31 41.82
C SER T 243 58.71 52.93 43.09
N LEU T 244 58.16 52.10 43.97
CA LEU T 244 57.59 52.55 45.28
C LEU T 244 58.64 52.97 46.31
N LYS T 245 59.75 52.21 46.42
CA LYS T 245 60.90 52.55 47.28
C LYS T 245 61.78 53.60 46.59
N SER U 2 -6.31 64.66 52.41
CA SER U 2 -5.79 65.26 51.14
C SER U 2 -4.87 66.48 51.42
N ARG U 3 -4.15 66.91 50.37
CA ARG U 3 -2.91 67.77 50.39
C ARG U 3 -1.69 66.97 50.93
N GLY U 4 -1.13 66.10 50.07
CA GLY U 4 -0.02 65.24 50.45
C GLY U 4 -0.27 64.09 51.41
N SER U 5 -1.52 63.64 51.57
CA SER U 5 -1.78 62.52 52.48
C SER U 5 -1.27 61.15 51.95
N SER U 6 -1.08 60.22 52.89
CA SER U 6 -0.57 58.88 52.60
C SER U 6 -1.25 57.84 53.51
N ALA U 7 -1.61 56.68 52.95
CA ALA U 7 -2.08 55.50 53.72
C ALA U 7 -1.33 54.24 53.24
N GLY U 8 -1.04 53.34 54.17
CA GLY U 8 -0.57 52.01 53.87
C GLY U 8 0.68 52.08 53.03
N PHE U 9 0.69 51.35 51.93
CA PHE U 9 1.90 51.25 51.11
C PHE U 9 1.98 52.18 49.88
N ASP U 10 1.21 53.27 49.89
CA ASP U 10 1.07 54.16 48.74
C ASP U 10 2.29 54.99 48.40
N ARG U 11 3.35 54.98 49.22
CA ARG U 11 4.66 55.52 48.84
C ARG U 11 5.72 54.52 48.37
N HIS U 12 5.39 53.22 48.41
CA HIS U 12 6.29 52.14 48.11
C HIS U 12 6.01 51.42 46.79
N ILE U 13 4.72 51.28 46.47
CA ILE U 13 4.26 50.62 45.26
C ILE U 13 3.22 51.49 44.60
N THR U 14 2.89 51.18 43.34
CA THR U 14 1.95 51.93 42.54
C THR U 14 0.51 51.61 42.86
N ILE U 15 0.08 51.98 44.07
CA ILE U 15 -1.35 52.04 44.42
C ILE U 15 -1.70 53.53 44.68
N PHE U 16 -3.00 53.84 44.66
CA PHE U 16 -3.47 55.16 44.77
C PHE U 16 -3.32 55.64 46.20
N SER U 17 -2.89 56.90 46.35
CA SER U 17 -2.96 57.60 47.60
C SER U 17 -4.40 58.15 47.81
N PRO U 18 -4.70 58.71 48.99
CA PRO U 18 -6.08 59.26 49.29
C PRO U 18 -6.62 60.47 48.45
N GLU U 19 -5.62 61.22 47.91
CA GLU U 19 -5.92 62.14 46.77
C GLU U 19 -6.03 61.49 45.32
N GLY U 20 -5.70 60.21 45.16
CA GLY U 20 -5.68 59.61 43.78
C GLY U 20 -4.39 59.77 43.04
N ARG U 21 -3.30 60.01 43.75
CA ARG U 21 -1.94 60.11 43.22
C ARG U 21 -1.18 58.80 43.22
N LEU U 22 -0.16 58.71 42.36
CA LEU U 22 0.74 57.61 42.34
C LEU U 22 2.12 58.14 42.70
N TYR U 23 2.46 58.15 44.00
CA TYR U 23 3.74 58.65 44.44
C TYR U 23 4.93 58.01 43.80
N GLN U 24 4.92 56.67 43.61
CA GLN U 24 6.02 56.00 42.93
C GLN U 24 6.31 56.58 41.54
N VAL U 25 5.25 56.94 40.83
CA VAL U 25 5.37 57.52 39.48
C VAL U 25 5.97 58.92 39.59
N GLU U 26 5.44 59.71 40.49
CA GLU U 26 5.98 61.04 40.78
C GLU U 26 7.48 60.91 41.10
N TYR U 27 7.86 59.89 41.85
CA TYR U 27 9.26 59.72 42.21
C TYR U 27 10.16 59.35 41.04
N ALA U 28 9.61 58.62 40.08
CA ALA U 28 10.32 58.29 38.88
C ALA U 28 10.65 59.54 38.06
N PHE U 29 9.80 60.55 38.08
CA PHE U 29 10.13 61.86 37.44
C PHE U 29 11.33 62.52 38.13
N LYS U 30 11.43 62.45 39.46
CA LYS U 30 12.62 62.91 40.14
C LYS U 30 13.87 62.14 39.71
N ALA U 31 13.76 60.81 39.49
CA ALA U 31 14.90 60.01 39.09
C ALA U 31 15.50 60.54 37.74
N ILE U 32 14.66 61.09 36.86
CA ILE U 32 15.10 61.68 35.57
C ILE U 32 16.17 62.76 35.77
N ASN U 33 16.00 63.55 36.82
CA ASN U 33 16.98 64.61 37.18
C ASN U 33 18.22 64.14 37.93
N GLN U 34 18.24 62.88 38.42
CA GLN U 34 19.45 62.40 39.09
C GLN U 34 20.69 62.54 38.19
N GLY U 35 20.53 62.25 36.90
CA GLY U 35 21.60 62.44 35.89
C GLY U 35 22.22 63.80 35.70
N GLY U 36 21.54 64.88 36.11
CA GLY U 36 22.08 66.23 36.01
C GLY U 36 22.07 66.84 34.61
N LEU U 37 21.41 66.21 33.64
CA LEU U 37 21.48 66.68 32.24
C LEU U 37 20.14 67.26 31.79
N THR U 38 20.23 68.16 30.79
CA THR U 38 19.04 68.70 30.09
C THR U 38 19.15 68.42 28.57
N SER U 39 17.99 68.07 27.98
CA SER U 39 17.84 67.87 26.52
C SER U 39 16.73 68.80 25.97
N VAL U 40 16.91 69.22 24.71
CA VAL U 40 15.98 70.07 23.99
C VAL U 40 15.69 69.49 22.58
N ALA U 41 14.47 69.66 22.10
CA ALA U 41 14.14 69.21 20.78
C ALA U 41 13.27 70.21 20.13
N VAL U 42 13.50 70.50 18.85
CA VAL U 42 12.59 71.41 18.11
C VAL U 42 12.30 70.93 16.69
N ARG U 43 11.10 71.27 16.23
CA ARG U 43 10.66 70.92 14.88
C ARG U 43 10.30 72.22 14.10
N GLY U 44 10.70 72.24 12.83
CA GLY U 44 10.19 73.20 11.87
C GLY U 44 9.48 72.50 10.74
N LYS U 45 9.20 73.27 9.70
CA LYS U 45 8.58 72.71 8.52
C LYS U 45 9.49 71.71 7.81
N ASP U 46 10.80 71.95 7.86
CA ASP U 46 11.78 71.18 7.07
C ASP U 46 12.54 70.12 7.85
N ALA U 48 13.58 68.35 12.09
CA ALA U 48 13.48 68.22 13.52
C ALA U 48 14.87 67.94 14.04
N VAL U 49 15.15 68.50 15.23
CA VAL U 49 16.49 68.49 15.81
C VAL U 49 16.42 68.14 17.28
N ILE U 50 17.43 67.42 17.74
CA ILE U 50 17.59 67.06 19.15
C ILE U 50 18.99 67.52 19.53
N VAL U 51 19.07 68.21 20.68
CA VAL U 51 20.37 68.61 21.27
C VAL U 51 20.35 68.24 22.76
N THR U 52 21.49 67.77 23.26
CA THR U 52 21.61 67.42 24.69
C THR U 52 23.02 67.81 25.09
N GLN U 53 23.21 67.95 26.39
CA GLN U 53 24.52 68.14 26.96
C GLN U 53 25.32 66.89 26.86
N LYS U 54 26.60 67.05 26.68
CA LYS U 54 27.50 65.95 26.67
C LYS U 54 28.52 66.30 27.69
N LYS U 55 28.51 65.62 28.84
CA LYS U 55 29.46 65.86 29.91
C LYS U 55 30.40 64.66 30.02
N VAL U 56 31.68 64.91 29.73
CA VAL U 56 32.78 63.94 29.83
C VAL U 56 33.78 64.53 30.87
N PRO U 57 33.42 64.49 32.17
CA PRO U 57 34.31 65.04 33.20
C PRO U 57 35.67 64.32 33.23
N ASP U 58 35.61 63.00 33.10
CA ASP U 58 36.77 62.12 33.16
C ASP U 58 37.82 62.35 32.02
N LYS U 59 37.65 61.79 30.83
CA LYS U 59 38.76 61.76 29.83
C LYS U 59 39.55 60.45 29.84
N LEU U 60 39.48 59.70 30.94
CA LEU U 60 39.73 58.28 30.87
C LEU U 60 38.59 57.54 30.18
N LEU U 61 37.49 58.24 29.95
CA LEU U 61 36.40 57.76 29.14
C LEU U 61 36.75 57.84 27.69
N ASP U 62 36.24 56.84 26.93
CA ASP U 62 36.21 56.90 25.46
C ASP U 62 34.98 57.72 25.14
N SER U 63 35.18 58.99 24.80
CA SER U 63 34.07 59.93 24.71
C SER U 63 33.17 59.62 23.55
N SER U 64 33.67 58.88 22.56
CA SER U 64 32.78 58.42 21.48
C SER U 64 31.68 57.46 21.99
N THR U 65 31.86 56.85 23.16
CA THR U 65 30.82 55.96 23.72
C THR U 65 29.90 56.69 24.69
N VAL U 66 30.17 57.99 24.95
CA VAL U 66 29.29 58.78 25.80
C VAL U 66 28.34 59.54 24.91
N THR U 67 27.13 59.04 24.83
CA THR U 67 26.07 59.67 24.08
C THR U 67 24.73 59.38 24.73
N HIS U 68 23.81 60.28 24.52
CA HIS U 68 22.42 60.07 24.81
C HIS U 68 21.55 60.08 23.56
N LEU U 69 22.18 60.03 22.38
CA LEU U 69 21.48 60.04 21.10
C LEU U 69 21.50 58.60 20.57
N PHE U 70 20.37 58.16 20.06
CA PHE U 70 20.30 56.77 19.59
C PHE U 70 19.49 56.67 18.31
N LYS U 71 20.01 55.88 17.39
CA LYS U 71 19.23 55.52 16.18
C LYS U 71 18.25 54.36 16.56
N ILE U 72 16.97 54.59 16.33
CA ILE U 72 15.96 53.58 16.51
C ILE U 72 15.75 52.74 15.20
N THR U 73 15.60 53.43 14.08
CA THR U 73 15.56 52.85 12.74
C THR U 73 16.44 53.82 11.94
N GLU U 74 16.57 53.59 10.65
CA GLU U 74 17.33 54.50 9.84
C GLU U 74 16.75 55.92 9.86
N ASN U 75 15.43 56.01 9.96
CA ASN U 75 14.70 57.26 9.90
C ASN U 75 14.12 57.79 11.24
N ILE U 76 14.41 57.12 12.36
CA ILE U 76 13.93 57.59 13.66
C ILE U 76 15.10 57.66 14.60
N GLY U 77 15.30 58.89 15.12
CA GLY U 77 16.33 59.13 16.13
C GLY U 77 15.72 59.41 17.49
N CYS U 78 16.54 59.32 18.52
CA CYS U 78 16.05 59.69 19.84
C CYS U 78 17.10 60.20 20.79
N VAL U 79 16.64 61.05 21.69
CA VAL U 79 17.46 61.46 22.83
C VAL U 79 16.83 60.96 24.11
N MET U 80 17.66 60.33 24.94
CA MET U 80 17.26 59.78 26.24
CA MET U 80 17.27 59.77 26.24
C MET U 80 17.76 60.71 27.39
N THR U 81 16.89 60.93 28.36
CA THR U 81 17.21 61.75 29.54
C THR U 81 16.77 60.97 30.77
N GLY U 82 17.67 60.90 31.76
CA GLY U 82 17.39 60.19 33.00
C GLY U 82 18.36 59.12 33.30
N MET U 83 17.92 58.10 34.02
CA MET U 83 18.78 57.04 34.45
C MET U 83 19.22 56.25 33.18
N THR U 84 20.51 55.94 33.13
CA THR U 84 21.15 55.57 31.90
C THR U 84 20.79 54.17 31.45
N ALA U 85 20.93 53.22 32.39
CA ALA U 85 20.60 51.83 32.10
C ALA U 85 19.10 51.65 31.75
N ASP U 86 18.20 52.25 32.51
CA ASP U 86 16.79 52.33 32.14
C ASP U 86 16.62 52.86 30.72
N SER U 87 17.34 53.92 30.38
CA SER U 87 17.26 54.50 29.05
C SER U 87 17.65 53.51 27.91
N ARG U 88 18.80 52.88 28.08
CA ARG U 88 19.32 51.97 27.17
C ARG U 88 18.35 50.81 26.94
N SER U 89 17.69 50.38 28.00
CA SER U 89 16.63 49.39 27.95
C SER U 89 15.45 49.84 27.14
N GLN U 90 15.00 51.04 27.38
CA GLN U 90 13.88 51.56 26.66
C GLN U 90 14.24 51.76 25.14
N VAL U 91 15.52 52.08 24.86
CA VAL U 91 16.00 52.21 23.48
C VAL U 91 15.90 50.83 22.76
N GLN U 92 16.39 49.79 23.43
CA GLN U 92 16.27 48.40 22.91
C GLN U 92 14.85 47.96 22.61
N ARG U 93 13.96 48.26 23.52
CA ARG U 93 12.57 48.04 23.30
C ARG U 93 12.01 48.81 22.11
N ALA U 94 12.31 50.09 22.04
CA ALA U 94 11.93 50.89 20.87
C ALA U 94 12.39 50.25 19.53
N ARG U 95 13.65 49.81 19.48
CA ARG U 95 14.25 49.22 18.30
C ARG U 95 13.52 47.92 17.92
N TYR U 96 13.20 47.13 18.93
CA TYR U 96 12.46 45.88 18.75
C TYR U 96 11.04 46.17 18.22
N GLU U 97 10.39 47.16 18.80
CA GLU U 97 9.02 47.47 18.41
C GLU U 97 8.98 47.91 16.96
N ALA U 98 9.94 48.75 16.55
CA ALA U 98 9.95 49.30 15.20
C ALA U 98 10.28 48.20 14.19
N ALA U 99 11.27 47.39 14.48
CA ALA U 99 11.63 46.29 13.62
C ALA U 99 10.43 45.31 13.43
N ASN U 100 9.77 45.02 14.52
CA ASN U 100 8.64 44.13 14.51
C ASN U 100 7.46 44.67 13.74
N TRP U 101 7.17 45.94 13.94
CA TRP U 101 6.18 46.65 13.11
C TRP U 101 6.46 46.52 11.60
N LYS U 102 7.70 46.77 11.18
CA LYS U 102 8.05 46.75 9.76
C LYS U 102 7.89 45.30 9.19
N TYR U 103 8.31 44.31 9.99
CA TYR U 103 8.15 42.88 9.61
C TYR U 103 6.65 42.49 9.41
N LYS U 104 5.80 42.90 10.34
CA LYS U 104 4.37 42.57 10.32
C LYS U 104 3.58 43.37 9.34
N TYR U 105 3.92 44.66 9.16
CA TYR U 105 3.04 45.55 8.37
C TYR U 105 3.56 46.06 7.07
N GLY U 106 4.85 45.88 6.82
CA GLY U 106 5.44 46.18 5.53
C GLY U 106 5.76 47.64 5.27
N TYR U 107 5.68 48.48 6.30
CA TYR U 107 6.09 49.90 6.19
C TYR U 107 6.65 50.34 7.53
N GLU U 108 7.42 51.41 7.52
CA GLU U 108 8.12 51.91 8.74
C GLU U 108 7.11 52.35 9.81
N ILE U 109 7.39 52.04 11.06
CA ILE U 109 6.53 52.56 12.12
C ILE U 109 6.54 54.14 12.10
N PRO U 110 5.34 54.79 12.13
CA PRO U 110 5.25 56.22 12.33
C PRO U 110 5.81 56.59 13.71
N VAL U 111 6.41 57.79 13.80
CA VAL U 111 7.04 58.22 15.03
C VAL U 111 6.00 58.25 16.12
N ASP U 112 4.79 58.73 15.81
CA ASP U 112 3.73 58.83 16.79
C ASP U 112 3.35 57.44 17.38
N MET U 113 3.34 56.42 16.53
CA MET U 113 2.98 55.08 16.92
C MET U 113 4.07 54.47 17.77
N LEU U 114 5.34 54.69 17.40
CA LEU U 114 6.42 54.21 18.20
C LEU U 114 6.38 54.83 19.64
N CYS U 115 6.12 56.12 19.68
CA CYS U 115 6.04 56.83 20.96
C CYS U 115 4.88 56.27 21.78
N LYS U 116 3.72 56.15 21.17
CA LYS U 116 2.57 55.57 21.80
C LYS U 116 2.83 54.17 22.31
N ARG U 117 3.46 53.33 21.52
CA ARG U 117 3.76 52.00 22.00
C ARG U 117 4.68 52.00 23.25
N ILE U 118 5.76 52.77 23.24
CA ILE U 118 6.64 52.85 24.41
C ILE U 118 5.92 53.43 25.64
N ALA U 119 5.08 54.42 25.40
CA ALA U 119 4.26 54.92 26.45
C ALA U 119 3.29 53.89 27.04
N ASP U 120 2.68 53.09 26.18
CA ASP U 120 1.75 52.04 26.65
C ASP U 120 2.47 50.95 27.49
N ILE U 121 3.68 50.60 27.09
CA ILE U 121 4.49 49.69 27.83
C ILE U 121 4.81 50.30 29.22
N SER U 122 5.16 51.59 29.26
CA SER U 122 5.41 52.30 30.56
C SER U 122 4.18 52.34 31.44
N GLN U 123 3.02 52.48 30.80
CA GLN U 123 1.80 52.51 31.57
C GLN U 123 1.66 51.29 32.50
N VAL U 124 2.01 50.12 31.96
CA VAL U 124 1.90 48.87 32.70
C VAL U 124 2.67 48.94 34.05
N TYR U 125 3.85 49.59 34.06
CA TYR U 125 4.63 49.71 35.22
C TYR U 125 3.97 50.64 36.28
N THR U 126 3.05 51.49 35.87
CA THR U 126 2.34 52.35 36.80
C THR U 126 1.15 51.65 37.44
N GLN U 127 0.75 50.49 36.92
CA GLN U 127 -0.49 49.80 37.39
C GLN U 127 -0.24 48.44 38.01
N ASN U 128 0.92 47.83 37.71
CA ASN U 128 1.33 46.58 38.30
C ASN U 128 2.39 46.77 39.38
N ALA U 129 2.21 46.14 40.54
CA ALA U 129 2.93 46.55 41.76
C ALA U 129 4.35 46.04 41.84
N GLU U 130 4.66 44.97 41.09
CA GLU U 130 5.91 44.28 41.33
C GLU U 130 7.19 44.84 40.68
N MET U 131 7.04 45.78 39.75
CA MET U 131 8.26 46.43 39.19
C MET U 131 8.13 47.94 39.31
N ARG U 132 9.26 48.64 39.26
CA ARG U 132 9.23 50.10 39.21
C ARG U 132 9.08 50.65 37.80
N PRO U 133 8.60 51.88 37.71
CA PRO U 133 8.81 52.63 36.44
C PRO U 133 10.28 52.83 36.12
N LEU U 134 10.53 53.04 34.85
CA LEU U 134 11.85 53.41 34.37
C LEU U 134 12.00 54.92 34.66
N GLY U 135 13.11 55.31 35.23
CA GLY U 135 13.32 56.72 35.55
C GLY U 135 13.95 57.46 34.38
N CYS U 136 13.27 57.45 33.25
CA CYS U 136 13.83 58.06 32.05
C CYS U 136 12.71 58.55 31.20
N MET U 138 11.93 59.72 26.92
CA MET U 138 12.38 59.47 25.55
C MET U 138 11.79 60.51 24.66
N ILE U 139 12.66 61.13 23.86
CA ILE U 139 12.21 62.07 22.82
C ILE U 139 12.58 61.51 21.46
N LEU U 140 11.58 61.40 20.59
CA LEU U 140 11.74 60.82 19.26
C LEU U 140 11.61 61.89 18.18
N ILE U 141 12.44 61.81 17.15
CA ILE U 141 12.24 62.59 15.93
C ILE U 141 12.21 61.69 14.67
N GLY U 142 11.41 62.12 13.69
CA GLY U 142 11.36 61.54 12.35
C GLY U 142 10.47 62.32 11.43
N ILE U 143 10.53 61.99 10.13
CA ILE U 143 9.70 62.64 9.13
C ILE U 143 8.54 61.71 8.85
N ASP U 144 7.31 62.22 9.01
CA ASP U 144 6.12 61.58 8.50
C ASP U 144 5.82 62.13 7.07
N GLU U 145 5.45 61.24 6.15
CA GLU U 145 5.31 61.63 4.73
C GLU U 145 4.18 62.63 4.52
N GLU U 146 3.10 62.53 5.29
CA GLU U 146 1.94 63.43 5.18
C GLU U 146 2.00 64.65 6.14
N GLN U 147 2.43 64.45 7.40
CA GLN U 147 2.47 65.55 8.44
C GLN U 147 3.83 66.33 8.57
N GLY U 148 4.92 65.88 7.96
CA GLY U 148 6.22 66.55 8.05
C GLY U 148 7.07 66.10 9.22
N PRO U 149 8.09 66.88 9.59
CA PRO U 149 8.94 66.56 10.77
C PRO U 149 8.12 66.40 12.05
N GLN U 150 8.51 65.44 12.87
CA GLN U 150 7.80 65.14 14.13
C GLN U 150 8.75 65.11 15.28
N VAL U 151 8.30 65.62 16.43
CA VAL U 151 8.98 65.38 17.69
C VAL U 151 7.94 64.92 18.70
N TYR U 152 8.23 63.78 19.33
CA TYR U 152 7.32 63.17 20.25
C TYR U 152 8.09 62.88 21.51
N LYS U 153 7.40 62.98 22.63
CA LYS U 153 8.01 62.70 23.93
C LYS U 153 7.10 61.77 24.68
N CYS U 154 7.70 60.77 25.32
CA CYS U 154 6.98 60.00 26.37
C CYS U 154 7.73 59.98 27.74
N ASP U 155 6.99 59.66 28.79
CA ASP U 155 7.49 59.79 30.15
C ASP U 155 7.14 58.56 31.05
N PRO U 156 7.64 58.55 32.28
CA PRO U 156 7.40 57.39 33.14
C PRO U 156 5.96 57.17 33.57
N ALA U 157 5.10 58.17 33.43
CA ALA U 157 3.66 58.01 33.69
C ALA U 157 2.95 57.31 32.53
N GLY U 158 3.63 57.16 31.39
CA GLY U 158 2.99 56.67 30.18
C GLY U 158 2.18 57.72 29.43
N TYR U 159 2.34 59.01 29.81
CA TYR U 159 1.83 60.09 28.94
C TYR U 159 2.72 60.21 27.69
N TYR U 160 2.15 60.66 26.59
CA TYR U 160 2.98 61.06 25.43
C TYR U 160 2.28 62.13 24.63
N GLY U 162 2.94 64.76 20.85
CA GLY U 162 3.73 65.41 19.83
C GLY U 162 3.94 66.90 20.22
N PHE U 163 5.03 67.50 19.76
CA PHE U 163 5.40 68.86 20.15
C PHE U 163 5.97 69.67 18.99
N LYS U 164 5.77 70.98 19.09
CA LYS U 164 6.50 71.96 18.27
C LYS U 164 7.95 72.09 18.75
N ALA U 165 8.10 72.04 20.06
CA ALA U 165 9.40 71.93 20.67
C ALA U 165 9.17 71.46 22.08
N THR U 166 10.20 70.90 22.68
CA THR U 166 10.08 70.43 24.04
C THR U 166 11.44 70.22 24.66
N ALA U 167 11.42 69.85 25.93
CA ALA U 167 12.67 69.59 26.66
C ALA U 167 12.49 68.54 27.72
N ALA U 168 13.62 68.15 28.30
CA ALA U 168 13.63 67.20 29.39
C ALA U 168 14.80 67.39 30.30
N GLY U 169 14.66 66.88 31.53
CA GLY U 169 15.76 66.89 32.51
C GLY U 169 15.76 68.13 33.40
N VAL U 170 16.94 68.45 33.93
CA VAL U 170 17.10 69.37 35.07
C VAL U 170 16.53 70.77 34.79
N LYS U 171 16.78 71.32 33.58
CA LYS U 171 16.25 72.68 33.16
C LYS U 171 15.00 72.64 32.24
N GLN U 172 14.18 71.61 32.38
CA GLN U 172 13.00 71.40 31.53
C GLN U 172 12.02 72.55 31.57
N THR U 173 11.72 73.01 32.77
CA THR U 173 10.77 74.12 33.00
C THR U 173 11.24 75.47 32.40
N GLU U 174 12.54 75.76 32.52
CA GLU U 174 13.16 76.98 31.94
C GLU U 174 13.28 76.87 30.40
N SER U 175 13.57 75.66 29.89
CA SER U 175 13.54 75.40 28.46
C SER U 175 12.15 75.59 27.91
N THR U 176 11.17 74.99 28.54
CA THR U 176 9.76 75.19 28.18
C THR U 176 9.31 76.65 28.09
N SER U 177 9.68 77.45 29.11
CA SER U 177 9.44 78.91 29.11
C SER U 177 10.11 79.63 27.94
N PHE U 178 11.41 79.40 27.77
CA PHE U 178 12.16 79.96 26.64
C PHE U 178 11.47 79.62 25.30
N LEU U 179 11.09 78.33 25.11
CA LEU U 179 10.58 77.88 23.80
C LEU U 179 9.18 78.44 23.56
N GLU U 180 8.30 78.41 24.59
CA GLU U 180 6.99 79.08 24.51
C GLU U 180 7.10 80.53 24.09
N LYS U 181 7.96 81.30 24.77
CA LYS U 181 8.12 82.73 24.45
C LYS U 181 8.49 82.87 22.99
N LYS U 182 9.35 81.98 22.49
CA LYS U 182 9.84 82.05 21.09
C LYS U 182 8.80 81.54 20.04
N VAL U 183 8.15 80.42 20.32
CA VAL U 183 7.10 79.87 19.46
C VAL U 183 5.82 80.73 19.44
N LYS U 184 5.62 81.61 20.43
CA LYS U 184 4.47 82.52 20.47
C LYS U 184 4.37 83.53 19.31
N LYS U 185 5.52 83.99 18.81
CA LYS U 185 5.63 84.83 17.59
C LYS U 185 5.42 84.03 16.26
N LYS U 186 4.93 84.73 15.22
CA LYS U 186 4.77 84.27 13.80
C LYS U 186 5.93 84.73 12.87
N GLN U 193 15.36 79.29 12.32
CA GLN U 193 16.38 78.26 12.25
C GLN U 193 16.26 77.27 13.43
N THR U 194 15.93 76.01 13.14
CA THR U 194 15.53 75.08 14.20
C THR U 194 16.76 74.64 15.02
N VAL U 195 17.88 74.41 14.33
CA VAL U 195 19.10 73.95 15.00
C VAL U 195 19.62 75.09 15.87
N GLU U 196 19.51 76.34 15.41
CA GLU U 196 19.92 77.49 16.24
C GLU U 196 19.00 77.76 17.47
N THR U 197 17.69 77.60 17.31
CA THR U 197 16.77 77.70 18.45
C THR U 197 17.14 76.68 19.55
N ALA U 198 17.35 75.41 19.15
CA ALA U 198 17.65 74.35 20.10
C ALA U 198 18.92 74.62 20.91
N ILE U 199 19.99 74.93 20.21
CA ILE U 199 21.28 75.14 20.88
C ILE U 199 21.27 76.50 21.68
N THR U 200 20.54 77.51 21.19
CA THR U 200 20.33 78.78 21.94
C THR U 200 19.53 78.55 23.21
N CYS U 201 18.42 77.81 23.12
CA CYS U 201 17.62 77.44 24.29
C CYS U 201 18.46 76.74 25.34
N LEU U 202 19.23 75.75 24.92
CA LEU U 202 20.05 75.03 25.87
C LEU U 202 21.11 75.92 26.54
N SER U 203 21.75 76.77 25.73
CA SER U 203 22.80 77.67 26.22
C SER U 203 22.28 78.72 27.20
N THR U 204 21.06 79.22 26.93
CA THR U 204 20.43 80.21 27.81
C THR U 204 20.11 79.60 29.15
N VAL U 205 19.36 78.52 29.14
CA VAL U 205 18.90 77.95 30.39
C VAL U 205 20.04 77.39 31.25
N LEU U 206 21.16 76.98 30.65
CA LEU U 206 22.36 76.54 31.41
C LEU U 206 23.39 77.63 31.67
N SER U 207 23.26 78.75 30.96
CA SER U 207 24.27 79.82 30.96
C SER U 207 25.68 79.34 30.63
N ILE U 208 25.86 78.61 29.51
CA ILE U 208 27.17 78.01 29.22
C ILE U 208 27.95 78.60 28.01
N ASP U 209 27.34 78.80 26.84
CA ASP U 209 28.12 79.19 25.63
C ASP U 209 29.10 78.04 25.28
N PHE U 210 28.62 77.09 24.50
CA PHE U 210 29.23 75.75 24.41
C PHE U 210 30.47 75.66 23.58
N LYS U 211 31.35 74.73 23.92
CA LYS U 211 32.33 74.21 22.97
C LYS U 211 31.63 73.14 22.13
N PRO U 212 32.16 72.84 20.94
CA PRO U 212 31.49 71.78 20.13
C PRO U 212 31.53 70.36 20.72
N SER U 213 32.47 70.07 21.62
CA SER U 213 32.53 68.77 22.33
C SER U 213 31.58 68.63 23.54
N GLU U 214 30.88 69.70 23.91
CA GLU U 214 29.97 69.69 25.09
C GLU U 214 28.49 69.52 24.81
N ILE U 215 28.11 69.46 23.54
CA ILE U 215 26.76 69.09 23.14
C ILE U 215 26.82 68.00 22.08
N GLU U 216 25.69 67.34 21.89
CA GLU U 216 25.45 66.43 20.76
C GLU U 216 24.21 66.91 20.07
N VAL U 217 24.18 66.75 18.76
CA VAL U 217 23.06 67.20 17.95
C VAL U 217 22.71 66.07 17.00
N GLY U 218 21.42 65.84 16.81
CA GLY U 218 20.91 64.87 15.85
C GLY U 218 19.79 65.51 15.07
N VAL U 219 19.61 65.10 13.82
CA VAL U 219 18.66 65.73 12.90
C VAL U 219 17.97 64.76 11.92
N VAL U 220 16.74 65.09 11.55
CA VAL U 220 16.10 64.48 10.42
C VAL U 220 15.56 65.64 9.59
N THR U 221 15.63 65.50 8.27
CA THR U 221 15.09 66.53 7.36
C THR U 221 14.20 65.93 6.25
N VAL U 222 13.31 66.76 5.71
CA VAL U 222 12.41 66.30 4.67
C VAL U 222 13.26 65.86 3.44
N GLU U 223 14.32 66.63 3.14
CA GLU U 223 15.36 66.28 2.16
C GLU U 223 16.07 64.99 2.43
N ASN U 224 16.46 64.81 3.68
CA ASN U 224 17.32 63.73 4.12
C ASN U 224 16.74 63.13 5.38
N PRO U 225 15.74 62.20 5.23
CA PRO U 225 15.02 61.68 6.38
C PRO U 225 15.84 60.77 7.28
N LYS U 226 16.98 60.26 6.79
CA LYS U 226 17.83 59.35 7.59
C LYS U 226 18.36 60.13 8.79
N PHE U 227 18.19 59.60 9.99
CA PHE U 227 18.65 60.25 11.22
C PHE U 227 20.15 60.38 11.15
N ARG U 228 20.63 61.59 11.37
CA ARG U 228 22.04 61.90 11.30
C ARG U 228 22.52 62.59 12.59
N ILE U 229 23.68 62.17 13.07
CA ILE U 229 24.37 62.80 14.18
C ILE U 229 25.46 63.69 13.65
N LEU U 230 25.43 64.96 14.08
CA LEU U 230 26.40 65.92 13.62
C LEU U 230 27.74 65.55 14.21
N THR U 231 28.78 65.78 13.41
CA THR U 231 30.16 65.76 13.85
C THR U 231 30.46 67.04 14.67
N GLU U 232 31.60 67.03 15.35
CA GLU U 232 32.12 68.18 16.10
C GLU U 232 32.25 69.42 15.22
N ALA U 233 32.85 69.23 14.05
CA ALA U 233 33.03 70.29 13.09
C ALA U 233 31.69 70.85 12.62
N GLU U 234 30.72 69.97 12.39
CA GLU U 234 29.41 70.44 11.95
C GLU U 234 28.75 71.30 13.02
N ILE U 235 28.86 70.84 14.26
CA ILE U 235 28.35 71.58 15.41
C ILE U 235 29.09 72.92 15.58
N ASP U 236 30.41 72.86 15.46
CA ASP U 236 31.21 74.07 15.52
C ASP U 236 30.72 75.09 14.51
N ALA U 237 30.37 74.66 13.28
CA ALA U 237 29.90 75.66 12.28
C ALA U 237 28.63 76.39 12.77
N HIS U 238 27.77 75.70 13.52
CA HIS U 238 26.58 76.33 14.09
C HIS U 238 26.94 77.26 15.24
N LEU U 239 27.84 76.82 16.10
CA LEU U 239 28.30 77.66 17.21
C LEU U 239 28.92 78.95 16.74
N VAL U 240 29.70 78.87 15.67
CA VAL U 240 30.41 80.02 15.11
C VAL U 240 29.39 80.94 14.43
N ALA U 241 28.41 80.38 13.71
CA ALA U 241 27.40 81.19 13.01
C ALA U 241 26.53 81.99 13.99
N LEU U 242 26.27 81.37 15.14
CA LEU U 242 25.57 82.04 16.24
C LEU U 242 26.38 83.13 16.95
N ALA U 243 27.63 82.80 17.31
CA ALA U 243 28.57 83.75 17.95
C ALA U 243 28.81 85.04 17.15
N GLU U 244 28.65 84.92 15.83
CA GLU U 244 28.72 86.03 14.92
C GLU U 244 27.29 86.47 14.55
N ARG U 245 26.36 86.45 15.54
CA ARG U 245 25.01 87.10 15.47
C ARG U 245 24.72 87.69 14.09
N THR V 1 -14.82 28.97 -9.84
CA THR V 1 -14.67 30.38 -9.59
C THR V 1 -13.73 31.00 -10.61
N THR V 2 -14.11 32.19 -11.06
CA THR V 2 -13.19 33.06 -11.79
C THR V 2 -13.11 34.44 -11.08
N ILE V 3 -11.91 34.81 -10.67
CA ILE V 3 -11.64 36.09 -10.09
C ILE V 3 -10.42 36.68 -10.75
N ALA V 4 -10.42 37.99 -10.77
CA ALA V 4 -9.39 38.70 -11.47
C ALA V 4 -9.31 40.16 -11.01
N GLY V 5 -8.17 40.75 -11.32
CA GLY V 5 -7.95 42.12 -11.14
C GLY V 5 -6.96 42.70 -12.12
N VAL V 6 -7.07 44.02 -12.27
CA VAL V 6 -6.24 44.81 -13.09
C VAL V 6 -5.91 46.16 -12.39
N VAL V 7 -4.68 46.63 -12.57
CA VAL V 7 -4.30 48.01 -12.35
C VAL V 7 -4.54 48.86 -13.61
N TYR V 8 -5.36 49.90 -13.50
CA TYR V 8 -5.56 50.88 -14.58
C TYR V 8 -4.95 52.25 -14.20
N LYS V 9 -5.15 53.25 -15.05
CA LYS V 9 -4.43 54.52 -14.97
C LYS V 9 -4.52 55.14 -13.60
N ASP V 10 -5.73 55.12 -13.05
CA ASP V 10 -6.06 55.76 -11.77
C ASP V 10 -6.42 54.83 -10.63
N GLY V 11 -6.23 53.54 -10.78
CA GLY V 11 -6.74 52.61 -9.76
C GLY V 11 -6.68 51.14 -10.09
N ILE V 12 -7.66 50.44 -9.53
CA ILE V 12 -7.76 48.99 -9.56
C ILE V 12 -9.16 48.62 -10.02
N VAL V 13 -9.27 47.57 -10.84
CA VAL V 13 -10.58 46.96 -11.09
C VAL V 13 -10.48 45.50 -10.72
N LEU V 14 -11.33 45.09 -9.79
CA LEU V 14 -11.50 43.67 -9.43
C LEU V 14 -12.76 43.13 -10.04
N GLY V 15 -12.74 41.84 -10.30
CA GLY V 15 -13.89 41.14 -10.89
C GLY V 15 -14.09 39.75 -10.33
N ALA V 16 -15.32 39.27 -10.38
CA ALA V 16 -15.62 37.92 -9.98
C ALA V 16 -16.89 37.41 -10.57
N ASP V 17 -17.00 36.09 -10.73
CA ASP V 17 -18.26 35.44 -11.03
C ASP V 17 -19.03 35.22 -9.73
N THR V 18 -20.23 34.62 -9.82
CA THR V 18 -21.10 34.44 -8.66
C THR V 18 -21.59 33.01 -8.38
N ARG V 19 -20.97 32.01 -8.96
CA ARG V 19 -21.32 30.57 -8.71
C ARG V 19 -20.54 29.95 -7.58
N ALA V 20 -21.24 29.30 -6.66
CA ALA V 20 -20.59 28.39 -5.72
C ALA V 20 -21.07 26.99 -5.99
N THR V 21 -20.16 26.03 -6.02
CA THR V 21 -20.49 24.66 -6.29
C THR V 21 -20.21 23.78 -5.09
N GLU V 22 -20.97 22.70 -4.98
CA GLU V 22 -20.68 21.62 -4.03
C GLU V 22 -20.64 20.41 -4.93
N GLY V 23 -19.49 19.76 -4.98
CA GLY V 23 -19.22 18.76 -6.02
C GLY V 23 -19.40 19.40 -7.37
N MET V 24 -20.15 18.74 -8.24
CA MET V 24 -20.40 19.35 -9.55
C MET V 24 -21.87 19.79 -9.66
N VAL V 25 -22.41 20.29 -8.54
CA VAL V 25 -23.74 20.90 -8.43
C VAL V 25 -23.60 22.37 -8.03
N VAL V 26 -24.40 23.25 -8.59
CA VAL V 26 -24.43 24.63 -8.21
C VAL V 26 -25.25 24.74 -6.93
N ALA V 27 -24.60 25.19 -5.88
CA ALA V 27 -25.27 25.48 -4.58
C ALA V 27 -25.80 26.93 -4.52
N ASP V 28 -24.99 27.87 -5.00
CA ASP V 28 -25.37 29.27 -4.96
C ASP V 28 -25.16 29.85 -6.31
N LYS V 29 -26.20 30.46 -6.83
CA LYS V 29 -26.14 31.15 -8.10
C LYS V 29 -25.71 32.59 -7.96
N ASN V 30 -25.67 33.11 -6.74
CA ASN V 30 -25.33 34.50 -6.53
C ASN V 30 -24.51 34.76 -5.29
N CYS V 31 -23.38 34.12 -5.15
CA CYS V 31 -22.60 34.37 -3.99
C CYS V 31 -21.68 35.51 -4.30
N SER V 32 -21.23 36.19 -3.25
CA SER V 32 -20.41 37.38 -3.38
C SER V 32 -18.98 37.02 -3.09
N LYS V 33 -18.11 37.18 -4.08
CA LYS V 33 -16.71 36.82 -3.93
C LYS V 33 -15.75 37.97 -3.79
N ILE V 34 -16.24 39.21 -3.89
CA ILE V 34 -15.40 40.37 -3.71
C ILE V 34 -15.67 40.83 -2.26
N HIS V 35 -14.69 40.61 -1.39
CA HIS V 35 -14.83 40.87 0.05
C HIS V 35 -14.20 42.20 0.46
N PHE V 36 -14.87 42.89 1.37
CA PHE V 36 -14.36 44.08 2.02
C PHE V 36 -13.11 43.76 2.88
N ILE V 37 -12.06 44.57 2.72
CA ILE V 37 -10.91 44.54 3.58
C ILE V 37 -10.87 45.85 4.42
N SER V 38 -10.88 46.99 3.74
CA SER V 38 -10.98 48.29 4.38
C SER V 38 -11.67 49.19 3.33
N PRO V 39 -11.98 50.45 3.65
CA PRO V 39 -12.71 51.23 2.63
C PRO V 39 -11.96 51.43 1.33
N ASN V 40 -10.64 51.33 1.34
CA ASN V 40 -9.80 51.51 0.19
C ASN V 40 -9.18 50.19 -0.35
N ILE V 41 -9.57 49.04 0.22
CA ILE V 41 -8.97 47.73 -0.14
C ILE V 41 -10.03 46.62 -0.14
N TYR V 42 -10.10 45.92 -1.26
CA TYR V 42 -10.95 44.75 -1.40
C TYR V 42 -10.12 43.56 -1.89
N CYS V 43 -10.74 42.37 -1.78
CA CYS V 43 -10.07 41.12 -1.97
C CYS V 43 -11.06 40.11 -2.55
N CYS V 44 -10.83 39.66 -3.79
CA CYS V 44 -11.62 38.52 -4.32
C CYS V 44 -11.10 37.23 -3.75
N GLY V 45 -12.00 36.27 -3.56
CA GLY V 45 -11.60 34.99 -3.00
C GLY V 45 -12.03 33.80 -3.83
N ALA V 46 -11.13 32.84 -3.94
CA ALA V 46 -11.37 31.53 -4.58
C ALA V 46 -10.78 30.41 -3.70
N GLY V 47 -11.28 29.22 -3.84
CA GLY V 47 -10.75 28.06 -3.16
C GLY V 47 -11.80 27.66 -2.17
N THR V 48 -11.39 27.29 -0.96
CA THR V 48 -12.35 26.78 0.02
C THR V 48 -13.13 27.99 0.63
N ALA V 49 -14.43 28.01 0.42
CA ALA V 49 -15.23 29.15 0.67
C ALA V 49 -15.21 29.59 2.12
N ALA V 50 -15.27 28.65 3.07
CA ALA V 50 -15.25 29.04 4.49
C ALA V 50 -13.90 29.68 4.78
N ASP V 51 -12.83 29.16 4.16
CA ASP V 51 -11.50 29.69 4.40
C ASP V 51 -11.27 31.11 3.81
N THR V 52 -11.86 31.38 2.67
CA THR V 52 -11.72 32.72 2.11
C THR V 52 -12.55 33.73 2.88
N ASP V 53 -13.79 33.37 3.23
CA ASP V 53 -14.63 34.20 4.09
C ASP V 53 -13.96 34.52 5.41
N MET V 54 -13.50 33.51 6.13
CA MET V 54 -12.98 33.69 7.49
C MET V 54 -11.63 34.40 7.52
N THR V 55 -10.77 34.11 6.55
CA THR V 55 -9.45 34.74 6.39
C THR V 55 -9.59 36.23 6.08
N THR V 56 -10.42 36.59 5.10
CA THR V 56 -10.63 38.01 4.77
C THR V 56 -11.26 38.78 5.94
N GLN V 57 -12.27 38.20 6.58
CA GLN V 57 -12.95 38.80 7.73
C GLN V 57 -11.92 39.06 8.81
N LEU V 58 -11.01 38.12 9.05
CA LEU V 58 -10.06 38.29 10.16
C LEU V 58 -9.08 39.41 9.88
N ILE V 59 -8.52 39.39 8.69
CA ILE V 59 -7.57 40.42 8.26
C ILE V 59 -8.24 41.80 8.19
N SER V 60 -9.46 41.86 7.70
CA SER V 60 -10.21 43.09 7.68
C SER V 60 -10.40 43.65 9.11
N SER V 61 -10.77 42.80 10.04
CA SER V 61 -10.90 43.17 11.45
C SER V 61 -9.57 43.66 12.08
N ASN V 62 -8.50 42.92 11.87
CA ASN V 62 -7.19 43.36 12.35
C ASN V 62 -6.75 44.67 11.72
N LEU V 63 -7.15 44.90 10.46
CA LEU V 63 -6.79 46.14 9.77
C LEU V 63 -7.55 47.30 10.32
N GLU V 64 -8.82 47.06 10.69
CA GLU V 64 -9.59 48.08 11.29
C GLU V 64 -8.98 48.47 12.63
N LEU V 65 -8.52 47.52 13.43
CA LEU V 65 -7.83 47.83 14.72
C LEU V 65 -6.55 48.63 14.40
N HIS V 66 -5.82 48.20 13.39
CA HIS V 66 -4.63 48.89 12.99
C HIS V 66 -4.95 50.37 12.65
N SER V 67 -5.91 50.60 11.75
CA SER V 67 -6.21 52.00 11.31
C SER V 67 -6.84 52.87 12.38
N LEU V 68 -7.65 52.26 13.25
CA LEU V 68 -8.17 52.94 14.44
C LEU V 68 -7.01 53.49 15.33
N SER V 69 -5.99 52.67 15.49
CA SER V 69 -4.81 53.04 16.22
C SER V 69 -3.97 54.15 15.54
N THR V 70 -3.62 53.94 14.28
CA THR V 70 -2.75 54.91 13.58
C THR V 70 -3.46 56.26 13.30
N GLY V 71 -4.80 56.23 13.22
CA GLY V 71 -5.57 57.29 12.57
C GLY V 71 -5.34 57.45 11.04
N ARG V 72 -4.75 56.48 10.33
CA ARG V 72 -4.53 56.57 8.86
C ARG V 72 -5.26 55.50 8.10
N LEU V 73 -5.42 55.80 6.83
CA LEU V 73 -5.89 54.88 5.85
C LEU V 73 -4.87 53.69 5.73
N PRO V 74 -5.37 52.46 5.71
CA PRO V 74 -4.40 51.37 5.65
C PRO V 74 -3.70 51.17 4.32
N ARG V 75 -2.60 50.44 4.32
CA ARG V 75 -1.86 50.17 3.09
C ARG V 75 -2.14 48.75 2.54
N VAL V 76 -2.02 48.62 1.22
CA VAL V 76 -2.25 47.32 0.60
C VAL V 76 -1.16 46.38 1.03
N VAL V 77 0.09 46.86 1.07
CA VAL V 77 1.20 46.00 1.54
C VAL V 77 0.95 45.39 2.95
N THR V 78 0.23 46.07 3.79
CA THR V 78 -0.08 45.55 5.12
C THR V 78 -1.08 44.42 5.06
N ALA V 79 -2.14 44.60 4.28
CA ALA V 79 -3.10 43.51 4.10
C ALA V 79 -2.38 42.25 3.52
N ASN V 80 -1.52 42.50 2.54
CA ASN V 80 -0.73 41.45 1.88
C ASN V 80 0.12 40.72 2.85
N ARG V 81 0.90 41.43 3.66
CA ARG V 81 1.73 40.79 4.69
C ARG V 81 0.94 39.95 5.70
N MET V 82 -0.13 40.53 6.23
CA MET V 82 -0.95 39.85 7.23
C MET V 82 -1.52 38.55 6.64
N LEU V 83 -2.08 38.65 5.44
CA LEU V 83 -2.64 37.47 4.79
C LEU V 83 -1.54 36.41 4.59
N LYS V 84 -0.42 36.82 4.00
CA LYS V 84 0.59 35.84 3.57
C LYS V 84 1.27 35.20 4.78
N GLN V 85 1.51 35.98 5.82
CA GLN V 85 2.07 35.41 7.03
C GLN V 85 1.12 34.39 7.70
N MET V 86 -0.17 34.67 7.69
CA MET V 86 -1.10 33.73 8.22
C MET V 86 -1.19 32.45 7.35
N LEU V 87 -1.38 32.63 6.06
CA LEU V 87 -1.43 31.46 5.14
C LEU V 87 -0.17 30.62 5.20
N PHE V 88 0.99 31.25 5.33
CA PHE V 88 2.22 30.51 5.45
C PHE V 88 2.24 29.61 6.71
N ARG V 89 1.86 30.21 7.81
CA ARG V 89 1.85 29.54 9.08
C ARG V 89 0.99 28.24 9.01
N TYR V 90 -0.12 28.27 8.28
CA TYR V 90 -1.01 27.13 8.11
C TYR V 90 -0.64 26.15 6.97
N GLN V 91 0.43 26.43 6.22
CA GLN V 91 1.09 25.46 5.39
C GLN V 91 0.18 25.01 4.27
N GLY V 92 -0.68 25.90 3.79
CA GLY V 92 -1.60 25.55 2.72
C GLY V 92 -2.87 24.86 3.21
N TYR V 93 -3.03 24.59 4.50
CA TYR V 93 -4.27 24.00 4.96
C TYR V 93 -5.45 24.93 5.00
N ILE V 94 -5.20 26.23 4.96
CA ILE V 94 -6.26 27.19 4.75
C ILE V 94 -6.27 27.42 3.27
N GLY V 95 -7.34 27.06 2.59
CA GLY V 95 -7.33 27.01 1.11
C GLY V 95 -7.87 28.26 0.48
N ALA V 96 -7.21 29.39 0.77
CA ALA V 96 -7.65 30.71 0.34
C ALA V 96 -6.70 31.17 -0.74
N ALA V 97 -7.27 31.44 -1.89
CA ALA V 97 -6.57 31.90 -3.02
C ALA V 97 -7.21 33.29 -3.32
N LEU V 98 -6.40 34.33 -3.25
CA LEU V 98 -6.92 35.69 -3.18
C LEU V 98 -6.36 36.63 -4.23
N VAL V 99 -7.23 37.47 -4.75
CA VAL V 99 -6.81 38.67 -5.49
C VAL V 99 -7.04 39.94 -4.67
N LEU V 100 -5.95 40.59 -4.24
CA LEU V 100 -6.02 41.69 -3.27
C LEU V 100 -5.69 43.00 -4.06
N GLY V 101 -6.63 43.95 -4.04
CA GLY V 101 -6.41 45.18 -4.69
C GLY V 101 -6.83 46.34 -3.86
N GLY V 102 -6.05 47.42 -3.91
CA GLY V 102 -6.51 48.66 -3.40
C GLY V 102 -5.70 49.89 -3.78
N VAL V 103 -6.04 51.01 -3.16
CA VAL V 103 -5.35 52.25 -3.36
C VAL V 103 -5.03 52.89 -2.01
N ASP V 104 -3.75 53.19 -1.80
CA ASP V 104 -3.26 53.84 -0.56
CA ASP V 104 -3.26 53.79 -0.56
C ASP V 104 -2.47 55.08 -0.86
N VAL V 105 -1.81 55.60 0.16
CA VAL V 105 -1.03 56.82 0.06
C VAL V 105 0.09 56.69 -0.97
N THR V 106 0.57 55.46 -1.24
CA THR V 106 1.49 55.19 -2.36
C THR V 106 0.83 54.79 -3.72
N GLY V 107 -0.49 54.92 -3.85
CA GLY V 107 -1.18 54.64 -5.12
C GLY V 107 -1.78 53.24 -5.22
N PRO V 108 -2.07 52.78 -6.45
CA PRO V 108 -2.73 51.49 -6.64
C PRO V 108 -1.79 50.32 -6.53
N HIS V 109 -2.27 49.23 -5.94
CA HIS V 109 -1.48 48.03 -5.80
C HIS V 109 -2.39 46.77 -5.93
N LEU V 110 -1.87 45.74 -6.59
CA LEU V 110 -2.59 44.50 -6.82
C LEU V 110 -1.67 43.34 -6.52
N TYR V 111 -2.16 42.39 -5.74
CA TYR V 111 -1.39 41.17 -5.46
C TYR V 111 -2.24 39.91 -5.69
N SER V 112 -1.62 38.81 -6.03
CA SER V 112 -2.30 37.53 -5.96
C SER V 112 -1.66 36.83 -4.77
N ILE V 113 -2.49 36.15 -3.97
CA ILE V 113 -2.00 35.48 -2.77
C ILE V 113 -2.45 34.06 -2.80
N TYR V 114 -1.50 33.15 -2.68
CA TYR V 114 -1.77 31.68 -2.78
C TYR V 114 -1.90 31.01 -1.42
N PRO V 115 -2.57 29.85 -1.36
CA PRO V 115 -2.85 29.21 -0.06
C PRO V 115 -1.64 28.91 0.79
N HIS V 116 -0.52 28.60 0.16
CA HIS V 116 0.71 28.30 0.92
C HIS V 116 1.45 29.58 1.41
N GLY V 117 1.00 30.75 1.00
CA GLY V 117 1.59 31.99 1.47
C GLY V 117 2.50 32.71 0.49
N SER V 118 2.58 32.29 -0.77
CA SER V 118 3.38 33.09 -1.72
C SER V 118 2.47 34.19 -2.19
N THR V 119 3.06 35.31 -2.57
CA THR V 119 2.32 36.37 -3.19
C THR V 119 3.12 36.85 -4.41
N ASP V 120 2.40 37.39 -5.35
CA ASP V 120 2.99 38.05 -6.52
C ASP V 120 2.34 39.43 -6.66
N LYS V 121 3.16 40.45 -6.89
CA LYS V 121 2.65 41.80 -7.07
C LYS V 121 2.78 42.06 -8.59
N LEU V 122 1.65 42.35 -9.24
CA LEU V 122 1.56 42.32 -10.68
C LEU V 122 0.48 43.24 -11.12
N PRO V 123 0.50 43.65 -12.44
CA PRO V 123 -0.50 44.61 -12.89
C PRO V 123 -1.80 43.95 -13.33
N TYR V 124 -1.80 42.63 -13.47
CA TYR V 124 -3.01 41.87 -13.65
C TYR V 124 -2.83 40.42 -13.19
N VAL V 125 -3.88 39.86 -12.61
CA VAL V 125 -3.84 38.53 -12.04
C VAL V 125 -5.20 37.89 -12.15
N THR V 126 -5.20 36.55 -12.12
CA THR V 126 -6.41 35.76 -12.14
C THR V 126 -6.22 34.57 -11.17
N MET V 127 -7.31 34.09 -10.61
CA MET V 127 -7.30 32.93 -9.74
CA MET V 127 -7.30 32.93 -9.74
C MET V 127 -8.61 32.18 -9.89
N GLY V 128 -8.60 30.97 -9.42
CA GLY V 128 -9.79 30.09 -9.47
C GLY V 128 -9.73 29.10 -10.61
N SER V 129 -10.69 28.20 -10.65
CA SER V 129 -10.76 27.19 -11.74
C SER V 129 -10.91 27.81 -13.17
N GLY V 130 -11.40 29.06 -13.23
CA GLY V 130 -11.49 29.83 -14.50
C GLY V 130 -10.31 30.71 -14.85
N SER V 131 -9.23 30.59 -14.11
CA SER V 131 -8.21 31.61 -14.17
C SER V 131 -7.45 31.62 -15.48
N LEU V 132 -7.33 30.47 -16.15
CA LEU V 132 -6.60 30.47 -17.39
C LEU V 132 -7.42 31.11 -18.50
N ALA V 133 -8.74 30.90 -18.48
CA ALA V 133 -9.61 31.56 -19.41
C ALA V 133 -9.53 33.08 -19.26
N ALA V 134 -9.65 33.53 -18.01
CA ALA V 134 -9.49 34.96 -17.70
C ALA V 134 -8.08 35.49 -18.05
N MET V 135 -7.05 34.69 -17.77
CA MET V 135 -5.69 35.13 -18.10
C MET V 135 -5.46 35.26 -19.58
N ALA V 136 -6.10 34.41 -20.36
CA ALA V 136 -5.91 34.48 -21.80
C ALA V 136 -6.41 35.83 -22.32
N VAL V 137 -7.56 36.26 -21.83
CA VAL V 137 -8.13 37.56 -22.16
C VAL V 137 -7.13 38.67 -21.84
N PHE V 138 -6.60 38.64 -20.62
CA PHE V 138 -5.62 39.63 -20.17
C PHE V 138 -4.35 39.63 -21.03
N GLU V 139 -3.79 38.48 -21.35
CA GLU V 139 -2.59 38.46 -22.17
C GLU V 139 -2.84 39.04 -23.60
N ASP V 140 -4.01 38.72 -24.17
CA ASP V 140 -4.40 39.16 -25.47
C ASP V 140 -4.71 40.66 -25.55
N LYS V 141 -5.18 41.29 -24.45
CA LYS V 141 -5.81 42.62 -24.49
C LYS V 141 -5.39 43.66 -23.45
N PHE V 142 -4.71 43.28 -22.39
CA PHE V 142 -4.28 44.27 -21.43
C PHE V 142 -3.33 45.30 -22.07
N ARG V 143 -3.46 46.57 -21.70
CA ARG V 143 -2.46 47.57 -22.01
C ARG V 143 -2.22 48.31 -20.69
N PRO V 144 -1.00 48.83 -20.47
CA PRO V 144 -0.81 49.65 -19.28
C PRO V 144 -1.62 50.91 -19.38
N ASP V 145 -2.06 51.44 -18.23
CA ASP V 145 -2.64 52.79 -18.14
C ASP V 145 -3.96 52.87 -18.86
N MET V 146 -4.76 51.84 -18.76
CA MET V 146 -6.08 51.96 -19.37
C MET V 146 -6.92 52.93 -18.60
N GLU V 147 -7.90 53.47 -19.29
CA GLU V 147 -8.94 54.32 -18.68
C GLU V 147 -9.91 53.40 -17.95
N GLU V 148 -10.72 54.01 -17.09
CA GLU V 148 -11.61 53.30 -16.20
C GLU V 148 -12.52 52.37 -16.97
N GLU V 149 -13.21 52.91 -17.97
CA GLU V 149 -14.20 52.12 -18.72
C GLU V 149 -13.57 50.99 -19.56
N GLU V 150 -12.36 51.22 -20.08
CA GLU V 150 -11.62 50.17 -20.76
C GLU V 150 -11.24 49.06 -19.79
N ALA V 151 -10.75 49.44 -18.60
CA ALA V 151 -10.35 48.46 -17.61
C ALA V 151 -11.53 47.62 -17.15
N LYS V 152 -12.69 48.24 -16.99
CA LYS V 152 -13.90 47.55 -16.58
C LYS V 152 -14.35 46.61 -17.65
N ASN V 153 -14.33 47.04 -18.91
CA ASN V 153 -14.63 46.15 -20.05
C ASN V 153 -13.72 44.93 -20.10
N LEU V 154 -12.42 45.15 -19.90
CA LEU V 154 -11.44 44.09 -19.91
C LEU V 154 -11.66 43.08 -18.78
N VAL V 155 -11.91 43.57 -17.56
CA VAL V 155 -12.16 42.67 -16.49
C VAL V 155 -13.42 41.84 -16.71
N SER V 156 -14.48 42.47 -17.19
CA SER V 156 -15.73 41.73 -17.31
C SER V 156 -15.62 40.73 -18.46
N GLU V 157 -14.88 41.08 -19.52
CA GLU V 157 -14.58 40.12 -20.56
C GLU V 157 -13.80 38.91 -20.05
N ALA V 158 -12.83 39.17 -19.20
CA ALA V 158 -12.07 38.11 -18.58
C ALA V 158 -12.88 37.20 -17.67
N ILE V 159 -13.79 37.76 -16.90
CA ILE V 159 -14.68 36.98 -16.04
C ILE V 159 -15.64 36.21 -16.94
N ALA V 160 -16.17 36.85 -17.96
CA ALA V 160 -17.06 36.15 -18.90
C ALA V 160 -16.39 34.92 -19.51
N ALA V 161 -15.10 35.03 -19.88
CA ALA V 161 -14.33 33.89 -20.41
C ALA V 161 -14.34 32.70 -19.46
N GLY V 162 -14.13 32.97 -18.16
CA GLY V 162 -14.25 31.92 -17.15
C GLY V 162 -15.65 31.36 -17.02
N ILE V 163 -16.64 32.24 -17.02
CA ILE V 163 -18.05 31.85 -16.90
C ILE V 163 -18.48 30.83 -17.94
N PHE V 164 -18.14 31.15 -19.17
CA PHE V 164 -18.56 30.33 -20.29
C PHE V 164 -17.70 29.11 -20.54
N ASN V 165 -16.43 29.10 -20.12
CA ASN V 165 -15.49 28.02 -20.43
C ASN V 165 -15.09 27.12 -19.29
N ASP V 166 -15.47 27.48 -18.05
CA ASP V 166 -15.18 26.72 -16.86
C ASP V 166 -16.49 26.30 -16.19
N LEU V 167 -16.62 24.98 -16.03
CA LEU V 167 -17.81 24.45 -15.43
C LEU V 167 -17.91 24.90 -13.93
N GLY V 168 -16.78 25.23 -13.33
CA GLY V 168 -16.74 25.83 -12.00
C GLY V 168 -17.21 27.23 -11.86
N SER V 169 -17.48 27.92 -12.96
CA SER V 169 -17.83 29.34 -12.91
C SER V 169 -19.16 29.59 -13.59
N GLY V 170 -19.87 30.59 -13.10
CA GLY V 170 -21.14 30.96 -13.70
C GLY V 170 -21.87 32.17 -13.19
N SER V 171 -23.08 32.31 -13.73
CA SER V 171 -24.06 33.30 -13.27
C SER V 171 -23.51 34.70 -13.58
N ASN V 172 -23.37 35.60 -12.60
CA ASN V 172 -23.20 37.00 -12.88
C ASN V 172 -21.76 37.40 -12.84
N ILE V 173 -21.51 38.62 -13.34
CA ILE V 173 -20.19 39.29 -13.22
C ILE V 173 -20.34 40.45 -12.22
N ASP V 174 -19.57 40.41 -11.11
CA ASP V 174 -19.43 41.54 -10.16
C ASP V 174 -18.10 42.23 -10.45
N LEU V 175 -18.08 43.55 -10.38
CA LEU V 175 -16.85 44.33 -10.36
C LEU V 175 -16.74 45.21 -9.10
N CYS V 176 -15.50 45.58 -8.78
CA CYS V 176 -15.25 46.63 -7.81
C CYS V 176 -14.19 47.54 -8.36
N VAL V 177 -14.50 48.84 -8.48
CA VAL V 177 -13.59 49.84 -9.00
C VAL V 177 -13.10 50.77 -7.87
N ILE V 178 -11.77 50.85 -7.70
CA ILE V 178 -11.17 51.57 -6.60
C ILE V 178 -10.17 52.56 -7.17
N SER V 179 -10.39 53.84 -6.92
CA SER V 179 -9.40 54.90 -7.21
C SER V 179 -9.17 55.79 -5.99
N LYS V 180 -8.28 56.79 -6.11
CA LYS V 180 -8.10 57.82 -5.05
C LYS V 180 -9.43 58.46 -4.65
N ASN V 181 -10.36 58.59 -5.60
CA ASN V 181 -11.58 59.36 -5.45
C ASN V 181 -12.90 58.62 -5.25
N LYS V 182 -12.91 57.32 -5.50
CA LYS V 182 -14.18 56.62 -5.69
C LYS V 182 -13.98 55.16 -5.30
N LEU V 183 -15.07 54.59 -4.79
CA LEU V 183 -15.21 53.17 -4.70
C LEU V 183 -16.55 52.80 -5.30
N ASP V 184 -16.53 52.03 -6.40
CA ASP V 184 -17.76 51.60 -7.07
C ASP V 184 -17.85 50.08 -6.95
N PHE V 185 -18.80 49.60 -6.16
CA PHE V 185 -18.96 48.18 -5.87
C PHE V 185 -20.17 47.82 -6.68
N LEU V 186 -19.94 47.15 -7.80
CA LEU V 186 -20.96 46.97 -8.82
C LEU V 186 -21.36 45.49 -8.77
N ARG V 187 -22.41 45.21 -7.98
CA ARG V 187 -22.96 43.87 -7.78
C ARG V 187 -24.49 43.83 -8.04
N PRO V 188 -25.00 43.24 -9.15
CA PRO V 188 -24.23 42.68 -10.28
C PRO V 188 -23.77 43.77 -11.26
N TYR V 189 -22.67 43.55 -11.95
CA TYR V 189 -22.26 44.42 -13.03
C TYR V 189 -23.03 43.96 -14.25
N THR V 190 -22.96 42.65 -14.58
CA THR V 190 -23.67 42.02 -15.70
C THR V 190 -24.29 40.69 -15.28
N VAL V 191 -25.39 40.34 -15.95
CA VAL V 191 -26.18 39.18 -15.61
C VAL V 191 -26.27 38.51 -16.95
N PRO V 192 -25.17 37.90 -17.44
CA PRO V 192 -25.23 37.24 -18.77
C PRO V 192 -26.00 35.91 -18.81
N ASN V 193 -26.37 35.38 -17.66
CA ASN V 193 -27.10 34.10 -17.60
C ASN V 193 -28.45 34.28 -16.92
N LYS V 194 -29.46 33.66 -17.50
CA LYS V 194 -30.85 33.84 -17.10
C LYS V 194 -31.52 32.45 -17.18
N LYS V 195 -32.24 32.08 -16.12
CA LYS V 195 -33.00 30.81 -16.11
C LYS V 195 -34.12 30.89 -17.13
N GLY V 196 -34.19 29.92 -18.02
CA GLY V 196 -35.24 29.88 -19.04
C GLY V 196 -36.63 29.83 -18.43
N THR V 197 -37.62 30.25 -19.21
CA THR V 197 -38.99 30.54 -18.73
C THR V 197 -39.78 29.27 -18.47
N ARG V 198 -40.52 29.22 -17.34
CA ARG V 198 -41.08 27.95 -16.81
C ARG V 198 -42.42 27.73 -17.54
N LEU V 199 -42.45 26.68 -18.36
CA LEU V 199 -43.40 26.58 -19.48
C LEU V 199 -44.69 25.89 -19.10
N GLY V 200 -44.64 25.00 -18.10
CA GLY V 200 -45.84 24.36 -17.57
C GLY V 200 -46.28 25.07 -16.29
N ARG V 201 -47.59 25.33 -16.16
CA ARG V 201 -48.18 25.70 -14.87
C ARG V 201 -48.40 24.40 -14.07
N TYR V 202 -48.00 24.40 -12.80
CA TYR V 202 -48.21 23.25 -11.91
C TYR V 202 -49.12 23.65 -10.73
N ARG V 203 -50.19 24.42 -10.99
CA ARG V 203 -50.99 24.99 -9.87
C ARG V 203 -51.42 23.84 -8.89
N CYS V 204 -50.67 23.66 -7.77
CA CYS V 204 -50.85 22.55 -6.80
C CYS V 204 -51.86 22.98 -5.74
N GLU V 205 -53.10 22.50 -5.88
CA GLU V 205 -54.22 22.93 -5.04
C GLU V 205 -54.03 22.54 -3.55
N LYS V 206 -54.44 23.41 -2.62
CA LYS V 206 -54.58 23.05 -1.18
C LYS V 206 -55.32 21.69 -1.07
N GLY V 207 -54.76 20.73 -0.32
CA GLY V 207 -55.30 19.36 -0.17
C GLY V 207 -54.56 18.27 -0.94
N THR V 208 -53.77 18.67 -1.95
CA THR V 208 -52.92 17.79 -2.77
C THR V 208 -51.95 16.92 -1.92
N THR V 209 -51.35 17.54 -0.91
CA THR V 209 -50.50 16.87 0.05
C THR V 209 -51.36 16.36 1.21
N ALA V 210 -51.45 15.04 1.37
CA ALA V 210 -52.12 14.43 2.50
C ALA V 210 -51.33 14.65 3.82
N VAL V 211 -52.07 14.94 4.90
CA VAL V 211 -51.47 15.31 6.18
C VAL V 211 -51.88 14.29 7.22
N LEU V 212 -50.93 13.73 7.99
CA LEU V 212 -51.24 12.79 9.11
C LEU V 212 -51.59 13.53 10.40
N THR V 213 -50.91 14.63 10.67
CA THR V 213 -50.90 15.20 12.01
C THR V 213 -50.70 16.70 11.87
N GLU V 214 -51.34 17.49 12.71
CA GLU V 214 -51.21 18.94 12.69
C GLU V 214 -51.26 19.56 14.09
N LYS V 215 -50.38 20.52 14.33
CA LYS V 215 -50.40 21.31 15.55
C LYS V 215 -50.16 22.75 15.14
N ILE V 216 -51.10 23.61 15.53
CA ILE V 216 -50.93 25.04 15.45
C ILE V 216 -50.45 25.54 16.83
N THR V 217 -49.34 26.26 16.85
CA THR V 217 -48.88 26.99 18.02
C THR V 217 -48.94 28.51 17.75
N PRO V 218 -49.88 29.22 18.41
CA PRO V 218 -50.00 30.68 18.22
C PRO V 218 -48.88 31.44 18.92
N LEU V 219 -48.45 32.59 18.35
CA LEU V 219 -47.36 33.44 18.89
C LEU V 219 -47.84 34.92 19.15
N GLU V 220 -47.23 35.66 20.09
CA GLU V 220 -47.70 37.02 20.54
C GLU V 220 -46.89 38.16 19.90
N SER W 2 -19.01 6.89 2.77
CA SER W 2 -19.09 8.38 3.07
C SER W 2 -19.71 8.68 4.46
N ILE W 3 -19.01 9.48 5.28
CA ILE W 3 -19.44 9.74 6.64
C ILE W 3 -20.83 10.34 6.66
N MET W 4 -21.11 11.23 5.70
CA MET W 4 -22.37 11.94 5.63
C MET W 4 -23.53 11.05 5.23
N SER W 5 -23.31 9.88 4.67
CA SER W 5 -24.44 8.99 4.39
C SER W 5 -24.61 7.82 5.37
N TYR W 6 -23.83 7.79 6.45
CA TYR W 6 -23.90 6.68 7.42
C TYR W 6 -25.29 6.60 8.02
N ASN W 7 -25.89 7.76 8.28
CA ASN W 7 -27.24 7.89 8.80
C ASN W 7 -28.31 8.36 7.77
N GLY W 8 -27.90 8.88 6.65
CA GLY W 8 -28.84 9.37 5.69
C GLY W 8 -29.52 10.63 6.17
N GLY W 9 -30.53 11.05 5.47
CA GLY W 9 -31.38 12.12 5.91
C GLY W 9 -31.35 13.32 5.01
N ALA W 10 -32.38 14.15 5.16
CA ALA W 10 -32.56 15.31 4.29
C ALA W 10 -33.30 16.42 4.99
N VAL W 11 -32.85 17.65 4.80
CA VAL W 11 -33.55 18.81 5.26
C VAL W 11 -33.61 19.82 4.15
N MET W 12 -34.66 20.62 4.16
CA MET W 12 -34.74 21.79 3.25
C MET W 12 -35.49 22.95 3.91
N ALA W 13 -35.21 24.15 3.41
CA ALA W 13 -35.99 25.34 3.80
C ALA W 13 -36.34 26.16 2.57
N MET W 14 -37.42 26.90 2.69
CA MET W 14 -38.00 27.59 1.59
C MET W 14 -38.68 28.88 2.00
N LYS W 15 -38.49 29.92 1.20
CA LYS W 15 -39.04 31.24 1.45
C LYS W 15 -40.33 31.48 0.71
N GLY W 16 -41.29 32.12 1.39
CA GLY W 16 -42.51 32.66 0.80
C GLY W 16 -42.66 34.15 1.09
N LYS W 17 -43.90 34.61 0.84
N LYS W 17 -43.84 34.73 0.95
CA LYS W 17 -44.41 35.93 1.18
CA LYS W 17 -43.98 36.20 1.04
C LYS W 17 -44.86 35.87 2.63
C LYS W 17 -43.46 36.88 2.34
N ASN W 18 -44.12 36.57 3.44
CA ASN W 18 -43.94 36.96 4.82
C ASN W 18 -43.97 35.69 5.70
N CYS W 19 -43.42 34.61 5.17
CA CYS W 19 -43.42 33.32 5.83
C CYS W 19 -42.23 32.50 5.33
N VAL W 20 -41.80 31.52 6.11
CA VAL W 20 -40.78 30.54 5.71
C VAL W 20 -41.22 29.14 6.11
N ALA W 21 -40.61 28.15 5.47
CA ALA W 21 -40.90 26.74 5.71
C ALA W 21 -39.62 25.95 5.87
N ILE W 22 -39.64 24.98 6.76
CA ILE W 22 -38.52 24.12 6.94
C ILE W 22 -39.08 22.72 7.13
N ALA W 23 -38.41 21.73 6.50
CA ALA W 23 -38.83 20.33 6.47
C ALA W 23 -37.65 19.35 6.60
N ALA W 24 -38.00 18.15 7.06
CA ALA W 24 -37.06 17.08 7.25
C ALA W 24 -37.69 15.74 7.14
N ASP W 25 -36.91 14.72 6.79
CA ASP W 25 -37.33 13.35 6.92
C ASP W 25 -37.24 12.96 8.38
N ARG W 26 -37.77 11.79 8.72
CA ARG W 26 -37.92 11.34 10.09
CA ARG W 26 -37.96 11.34 10.09
C ARG W 26 -37.13 10.10 10.44
N ARG W 27 -36.50 9.46 9.46
CA ARG W 27 -35.67 8.29 9.69
C ARG W 27 -34.39 8.54 10.48
N PHE W 28 -34.14 7.69 11.45
CA PHE W 28 -32.82 7.50 12.07
C PHE W 28 -32.47 6.06 11.74
N GLY W 29 -31.44 5.90 10.91
CA GLY W 29 -30.93 4.61 10.55
C GLY W 29 -29.42 4.58 10.51
N ILE W 30 -28.91 3.36 10.56
CA ILE W 30 -27.53 3.04 10.58
C ILE W 30 -27.28 2.14 9.37
N GLN W 31 -26.62 2.73 8.37
CA GLN W 31 -26.46 2.13 7.05
C GLN W 31 -27.82 1.66 6.53
N ALA W 32 -27.98 0.39 6.23
CA ALA W 32 -29.31 -0.08 5.71
C ALA W 32 -30.42 -0.11 6.77
N GLN W 33 -30.08 -0.20 8.05
CA GLN W 33 -31.07 -0.48 9.03
C GLN W 33 -31.76 0.77 9.61
N MET W 34 -33.07 0.87 9.41
CA MET W 34 -33.86 1.84 10.12
C MET W 34 -33.92 1.44 11.64
N VAL W 35 -33.76 2.42 12.51
CA VAL W 35 -33.75 2.20 13.96
C VAL W 35 -35.01 2.80 14.52
N THR W 36 -35.31 4.00 14.07
CA THR W 36 -36.46 4.70 14.50
C THR W 36 -37.01 5.57 13.38
N THR W 37 -38.28 5.93 13.49
CA THR W 37 -38.98 6.72 12.50
C THR W 37 -39.52 8.05 13.00
N ASP W 38 -39.01 8.56 14.10
CA ASP W 38 -39.48 9.84 14.62
C ASP W 38 -38.28 10.62 15.14
N PHE W 39 -37.16 10.61 14.41
CA PHE W 39 -35.96 11.26 14.86
C PHE W 39 -36.01 12.76 14.51
N GLN W 40 -35.75 13.60 15.53
CA GLN W 40 -35.83 15.03 15.37
C GLN W 40 -34.55 15.62 14.71
N LYS W 41 -34.74 16.38 13.65
CA LYS W 41 -33.66 17.04 12.91
C LYS W 41 -33.81 18.56 12.82
N ILE W 42 -35.01 19.06 13.14
CA ILE W 42 -35.30 20.47 13.13
C ILE W 42 -35.55 20.88 14.60
N PHE W 43 -34.84 21.92 15.03
CA PHE W 43 -34.84 22.40 16.41
C PHE W 43 -35.16 23.88 16.49
N PRO W 44 -36.03 24.25 17.44
CA PRO W 44 -36.37 25.68 17.62
C PRO W 44 -35.23 26.47 18.21
N MET W 45 -34.97 27.65 17.66
CA MET W 45 -33.94 28.53 18.14
C MET W 45 -34.54 29.92 18.43
N GLY W 46 -35.85 29.97 18.56
CA GLY W 46 -36.57 31.18 18.83
C GLY W 46 -37.99 30.85 18.47
N ASP W 47 -38.88 31.77 18.77
CA ASP W 47 -40.27 31.55 18.46
C ASP W 47 -40.50 31.44 16.96
N ARG W 48 -39.70 32.18 16.18
CA ARG W 48 -39.83 32.24 14.71
C ARG W 48 -38.53 31.92 13.97
N LEU W 49 -37.74 31.02 14.53
CA LEU W 49 -36.41 30.76 14.01
C LEU W 49 -35.99 29.34 14.34
N TYR W 50 -35.80 28.58 13.29
CA TYR W 50 -35.55 27.12 13.36
C TYR W 50 -34.28 26.73 12.61
N ILE W 51 -33.62 25.69 13.09
CA ILE W 51 -32.46 25.16 12.45
C ILE W 51 -32.70 23.69 12.16
N GLY W 52 -32.40 23.28 10.93
CA GLY W 52 -32.47 21.90 10.49
C GLY W 52 -31.10 21.35 10.16
N LEU W 53 -30.81 20.14 10.63
CA LEU W 53 -29.51 19.57 10.51
C LEU W 53 -29.62 18.18 9.93
N ALA W 54 -28.97 17.97 8.80
CA ALA W 54 -28.76 16.66 8.25
C ALA W 54 -27.28 16.30 8.38
N GLY W 55 -27.01 15.01 8.38
CA GLY W 55 -25.66 14.51 8.38
C GLY W 55 -25.61 13.42 9.44
N LEU W 56 -24.46 13.30 10.09
CA LEU W 56 -24.24 12.28 11.07
C LEU W 56 -25.05 12.61 12.34
N ALA W 57 -25.90 11.66 12.73
CA ALA W 57 -26.92 11.88 13.76
C ALA W 57 -26.28 12.35 15.08
N THR W 58 -25.15 11.80 15.44
CA THR W 58 -24.50 12.26 16.67
C THR W 58 -24.13 13.76 16.67
N ASP W 59 -23.69 14.26 15.52
CA ASP W 59 -23.34 15.67 15.35
C ASP W 59 -24.55 16.55 15.12
N VAL W 60 -25.61 16.04 14.48
CA VAL W 60 -26.87 16.73 14.45
C VAL W 60 -27.31 17.14 15.86
N GLN W 61 -27.20 16.20 16.79
CA GLN W 61 -27.59 16.44 18.16
C GLN W 61 -26.60 17.36 18.88
N THR W 62 -25.30 17.11 18.71
CA THR W 62 -24.31 17.89 19.39
C THR W 62 -24.36 19.35 18.96
N VAL W 63 -24.44 19.58 17.64
CA VAL W 63 -24.49 20.93 17.14
C VAL W 63 -25.74 21.63 17.62
N ALA W 64 -26.90 20.96 17.57
CA ALA W 64 -28.12 21.56 18.04
C ALA W 64 -27.99 21.99 19.53
N GLN W 65 -27.43 21.13 20.36
CA GLN W 65 -27.32 21.35 21.80
C GLN W 65 -26.28 22.38 22.14
N ARG W 66 -25.13 22.35 21.45
CA ARG W 66 -24.05 23.33 21.73
C ARG W 66 -24.48 24.72 21.20
N LEU W 67 -25.22 24.74 20.09
CA LEU W 67 -25.75 25.96 19.60
C LEU W 67 -26.76 26.58 20.57
N LYS W 68 -27.67 25.76 21.10
CA LYS W 68 -28.62 26.24 22.07
C LYS W 68 -27.93 26.82 23.33
N PHE W 69 -26.87 26.17 23.79
CA PHE W 69 -26.05 26.70 24.92
C PHE W 69 -25.61 28.13 24.63
N ARG W 70 -25.00 28.31 23.46
CA ARG W 70 -24.51 29.61 23.04
C ARG W 70 -25.59 30.63 22.84
N LEU W 71 -26.69 30.21 22.25
CA LEU W 71 -27.82 31.11 22.03
C LEU W 71 -28.49 31.58 23.34
N ASN W 72 -28.72 30.65 24.24
CA ASN W 72 -29.35 31.00 25.49
C ASN W 72 -28.52 32.04 26.25
N LEU W 73 -27.20 31.87 26.23
CA LEU W 73 -26.31 32.83 26.85
C LEU W 73 -26.38 34.17 26.16
N TYR W 74 -26.33 34.17 24.84
CA TYR W 74 -26.54 35.39 24.08
C TYR W 74 -27.82 36.13 24.45
N GLU W 75 -28.94 35.43 24.48
CA GLU W 75 -30.22 36.07 24.72
C GLU W 75 -30.33 36.63 26.14
N LEU W 76 -29.80 35.91 27.12
CA LEU W 76 -29.76 36.40 28.51
C LEU W 76 -28.89 37.66 28.65
N LYS W 77 -27.74 37.66 27.98
CA LYS W 77 -26.83 38.79 28.05
C LYS W 77 -27.31 40.02 27.25
N GLU W 78 -27.91 39.77 26.10
CA GLU W 78 -28.36 40.80 25.22
C GLU W 78 -29.81 41.04 25.56
N GLY W 79 -30.32 42.10 25.05
CA GLY W 79 -31.70 42.37 25.49
C GLY W 79 -32.80 41.40 25.06
N ARG W 80 -32.51 40.39 24.25
CA ARG W 80 -33.37 40.21 23.10
C ARG W 80 -33.23 38.91 22.36
N GLN W 81 -34.20 38.68 21.51
CA GLN W 81 -34.14 37.51 20.63
C GLN W 81 -33.13 37.71 19.49
N ILE W 82 -32.39 36.66 19.18
CA ILE W 82 -31.39 36.71 18.13
C ILE W 82 -32.04 36.92 16.72
N LYS W 83 -31.43 37.78 15.94
CA LYS W 83 -31.75 37.92 14.51
C LYS W 83 -31.30 36.71 13.65
N PRO W 84 -32.07 36.36 12.62
CA PRO W 84 -31.73 35.17 11.82
C PRO W 84 -30.29 35.20 11.31
N TYR W 85 -29.90 36.33 10.73
CA TYR W 85 -28.57 36.49 10.15
C TYR W 85 -27.48 36.30 11.22
N THR W 86 -27.75 36.81 12.44
CA THR W 86 -26.85 36.64 13.53
C THR W 86 -26.74 35.18 13.94
N LEU W 87 -27.85 34.45 13.96
CA LEU W 87 -27.78 33.02 14.26
C LEU W 87 -26.90 32.27 13.25
N MET W 88 -27.08 32.60 11.97
CA MET W 88 -26.20 32.07 10.93
C MET W 88 -24.75 32.30 11.29
N SER W 89 -24.43 33.51 11.71
CA SER W 89 -23.02 33.85 12.02
C SER W 89 -22.48 33.11 13.25
N MET W 90 -23.33 32.97 14.26
CA MET W 90 -23.05 32.16 15.46
C MET W 90 -22.77 30.70 15.11
N VAL W 91 -23.60 30.13 14.24
CA VAL W 91 -23.44 28.76 13.77
C VAL W 91 -22.13 28.63 12.94
N ALA W 92 -21.90 29.57 12.04
CA ALA W 92 -20.67 29.56 11.22
C ALA W 92 -19.44 29.50 12.11
N ASN W 93 -19.44 30.36 13.14
CA ASN W 93 -18.30 30.49 14.03
C ASN W 93 -18.13 29.16 14.77
N LEU W 94 -19.24 28.59 15.27
CA LEU W 94 -19.18 27.26 15.91
C LEU W 94 -18.60 26.17 15.00
N LEU W 95 -19.09 26.10 13.78
CA LEU W 95 -18.57 25.10 12.83
C LEU W 95 -17.11 25.32 12.46
N TYR W 96 -16.71 26.56 12.23
CA TYR W 96 -15.35 26.85 11.79
C TYR W 96 -14.33 26.66 12.89
N GLU W 97 -14.71 26.77 14.14
CA GLU W 97 -13.81 26.34 15.24
C GLU W 97 -13.29 24.93 15.07
N LYS W 98 -14.09 24.09 14.48
CA LYS W 98 -13.69 22.68 14.24
C LYS W 98 -13.24 22.48 12.79
N ARG W 99 -12.69 23.56 12.19
CA ARG W 99 -12.21 23.52 10.80
C ARG W 99 -11.45 22.25 10.48
N PHE W 100 -10.57 21.85 11.36
CA PHE W 100 -9.68 20.76 11.07
C PHE W 100 -10.11 19.39 11.70
N GLY W 101 -11.32 19.31 12.23
CA GLY W 101 -11.91 18.02 12.71
C GLY W 101 -13.38 18.28 12.85
N PRO W 102 -14.05 18.49 11.74
CA PRO W 102 -15.37 19.09 11.76
C PRO W 102 -16.48 18.19 12.26
N TYR W 103 -17.57 18.84 12.65
CA TYR W 103 -18.86 18.19 12.85
C TYR W 103 -19.40 17.86 11.46
N TYR W 104 -19.97 16.67 11.30
CA TYR W 104 -20.48 16.20 10.02
C TYR W 104 -21.92 16.51 9.85
N THR W 105 -22.18 17.80 9.77
CA THR W 105 -23.51 18.28 9.64
C THR W 105 -23.54 19.57 8.84
N GLU W 106 -24.57 19.73 8.03
CA GLU W 106 -24.70 20.87 7.14
C GLU W 106 -26.09 21.46 7.33
N PRO W 107 -26.21 22.47 8.18
CA PRO W 107 -27.51 22.98 8.58
C PRO W 107 -28.21 23.88 7.59
N VAL W 108 -29.52 23.91 7.68
CA VAL W 108 -30.28 24.98 7.12
C VAL W 108 -30.99 25.75 8.23
N ILE W 109 -31.14 27.06 8.05
CA ILE W 109 -31.84 27.91 9.03
C ILE W 109 -33.03 28.56 8.34
N ALA W 110 -34.16 28.60 9.02
CA ALA W 110 -35.36 29.26 8.49
C ALA W 110 -35.99 30.10 9.60
N GLY W 111 -36.25 31.36 9.30
CA GLY W 111 -36.97 32.16 10.27
C GLY W 111 -37.41 33.51 9.83
N LEU W 112 -38.07 34.22 10.74
CA LEU W 112 -38.53 35.56 10.52
C LEU W 112 -37.79 36.50 11.49
N ASP W 113 -37.39 37.68 11.04
CA ASP W 113 -36.73 38.61 11.93
C ASP W 113 -37.65 38.96 13.12
N PRO W 114 -37.15 38.80 14.38
CA PRO W 114 -38.05 38.99 15.54
C PRO W 114 -38.71 40.36 15.69
N LYS W 115 -38.15 41.41 15.06
CA LYS W 115 -38.79 42.75 15.08
C LYS W 115 -39.59 43.03 13.80
N THR W 116 -39.00 42.81 12.63
CA THR W 116 -39.61 43.18 11.34
C THR W 116 -40.36 42.03 10.63
N PHE W 117 -40.19 40.79 11.11
CA PHE W 117 -40.87 39.62 10.55
C PHE W 117 -40.49 39.32 9.08
N LYS W 118 -39.35 39.85 8.63
CA LYS W 118 -38.85 39.60 7.26
C LYS W 118 -38.35 38.16 7.18
N PRO W 119 -38.73 37.43 6.14
CA PRO W 119 -38.22 36.05 5.96
C PRO W 119 -36.73 35.92 5.70
N PHE W 120 -36.12 34.87 6.25
CA PHE W 120 -34.71 34.56 6.07
C PHE W 120 -34.51 33.07 5.93
N ILE W 121 -33.69 32.67 4.97
CA ILE W 121 -33.24 31.26 4.90
C ILE W 121 -31.78 31.24 4.54
N CYS W 122 -31.11 30.21 5.02
CA CYS W 122 -29.72 30.01 4.65
C CYS W 122 -29.32 28.58 4.85
N SER W 123 -28.13 28.26 4.40
CA SER W 123 -27.52 26.99 4.74
C SER W 123 -26.07 27.22 4.97
N LEU W 124 -25.43 26.29 5.61
CA LEU W 124 -24.02 26.35 5.76
C LEU W 124 -23.41 25.00 5.47
N ASP W 125 -22.17 24.99 5.03
CA ASP W 125 -21.47 23.71 4.87
C ASP W 125 -20.88 23.35 6.21
N LEU W 126 -20.20 22.23 6.27
CA LEU W 126 -19.81 21.63 7.54
C LEU W 126 -18.73 22.36 8.29
N ILE W 127 -18.01 23.24 7.56
CA ILE W 127 -17.03 24.13 8.21
C ILE W 127 -17.49 25.56 8.29
N GLY W 128 -18.75 25.81 8.07
CA GLY W 128 -19.34 27.09 8.42
C GLY W 128 -19.38 28.17 7.35
N CYS W 129 -19.25 27.81 6.08
CA CYS W 129 -19.45 28.75 4.97
C CYS W 129 -20.93 29.06 4.87
N PRO W 130 -21.31 30.33 5.11
CA PRO W 130 -22.70 30.64 4.95
C PRO W 130 -23.15 30.92 3.50
N MET W 131 -24.41 30.57 3.24
CA MET W 131 -25.05 30.85 1.99
C MET W 131 -26.49 31.25 2.25
N VAL W 132 -26.77 32.54 2.10
CA VAL W 132 -28.13 33.09 2.13
C VAL W 132 -28.77 33.03 0.73
N THR W 133 -30.05 32.62 0.64
CA THR W 133 -30.77 32.69 -0.63
C THR W 133 -32.14 33.27 -0.47
N ASP W 134 -32.71 33.69 -1.60
CA ASP W 134 -34.07 34.22 -1.63
C ASP W 134 -35.12 33.21 -2.02
N ASP W 135 -34.74 31.94 -2.16
CA ASP W 135 -35.68 30.89 -2.63
C ASP W 135 -35.72 29.63 -1.77
N PHE W 136 -34.66 28.86 -1.79
CA PHE W 136 -34.62 27.60 -1.04
C PHE W 136 -33.19 27.21 -0.84
N VAL W 137 -33.01 26.31 0.13
CA VAL W 137 -31.78 25.69 0.42
C VAL W 137 -32.10 24.24 0.78
N VAL W 138 -31.15 23.34 0.51
CA VAL W 138 -31.33 21.90 0.72
C VAL W 138 -30.05 21.30 1.25
N SER W 139 -30.13 20.26 2.06
CA SER W 139 -28.95 19.62 2.59
C SER W 139 -29.27 18.16 2.89
N GLY W 140 -28.41 17.25 2.51
CA GLY W 140 -28.62 15.85 2.83
C GLY W 140 -28.23 14.89 1.75
N THR W 141 -28.54 13.61 1.93
CA THR W 141 -28.08 12.56 1.01
C THR W 141 -28.80 12.60 -0.33
N CYS W 142 -29.92 13.26 -0.43
CA CYS W 142 -30.63 13.39 -1.70
C CYS W 142 -30.65 14.85 -2.18
N ALA W 143 -29.54 15.57 -2.05
CA ALA W 143 -29.53 16.99 -2.38
C ALA W 143 -29.90 17.17 -3.85
N GLU W 144 -29.40 16.31 -4.76
CA GLU W 144 -29.71 16.45 -6.18
C GLU W 144 -31.22 16.38 -6.43
N GLN W 145 -31.82 15.35 -5.92
CA GLN W 145 -33.25 15.15 -6.01
C GLN W 145 -34.00 16.37 -5.47
N MET W 146 -33.60 16.82 -4.27
CA MET W 146 -34.14 18.04 -3.72
C MET W 146 -33.98 19.27 -4.65
N TYR W 147 -32.79 19.54 -5.17
CA TYR W 147 -32.59 20.62 -6.14
C TYR W 147 -33.48 20.50 -7.36
N GLY W 148 -33.66 19.28 -7.86
CA GLY W 148 -34.52 19.08 -9.00
C GLY W 148 -35.95 19.48 -8.68
N MET W 149 -36.45 19.14 -7.49
CA MET W 149 -37.84 19.45 -7.14
C MET W 149 -38.04 20.91 -6.89
N CYS W 150 -37.12 21.50 -6.14
CA CYS W 150 -37.18 22.93 -5.79
C CYS W 150 -37.04 23.81 -7.02
N GLU W 151 -36.06 23.54 -7.89
CA GLU W 151 -35.92 24.34 -9.10
C GLU W 151 -37.16 24.31 -9.95
N SER W 152 -37.82 23.16 -9.99
CA SER W 152 -38.99 23.01 -10.82
C SER W 152 -40.27 23.61 -10.20
N LEU W 153 -40.45 23.58 -8.87
CA LEU W 153 -41.73 23.98 -8.29
C LEU W 153 -41.74 25.37 -7.62
N TRP W 154 -40.62 25.78 -7.03
CA TRP W 154 -40.62 27.03 -6.26
C TRP W 154 -40.97 28.20 -7.14
N GLU W 155 -41.80 29.09 -6.61
CA GLU W 155 -42.10 30.38 -7.24
C GLU W 155 -41.98 31.48 -6.20
N PRO W 156 -41.79 32.73 -6.66
CA PRO W 156 -41.73 33.81 -5.69
C PRO W 156 -43.08 34.12 -5.08
N ASN W 157 -43.02 34.79 -3.93
CA ASN W 157 -44.18 35.36 -3.29
C ASN W 157 -45.33 34.40 -2.93
N MET W 158 -45.03 33.16 -2.55
CA MET W 158 -46.06 32.18 -2.24
C MET W 158 -46.71 32.45 -0.91
N ASP W 159 -48.00 32.20 -0.83
CA ASP W 159 -48.72 32.33 0.44
C ASP W 159 -48.45 31.10 1.27
N PRO W 160 -48.74 31.14 2.60
CA PRO W 160 -48.42 29.98 3.45
C PRO W 160 -48.93 28.63 2.96
N ASP W 161 -50.14 28.55 2.45
CA ASP W 161 -50.69 27.26 1.93
C ASP W 161 -49.97 26.67 0.70
N HIS W 162 -49.62 27.55 -0.25
CA HIS W 162 -48.88 27.17 -1.45
C HIS W 162 -47.44 26.81 -1.08
N LEU W 163 -46.85 27.58 -0.16
CA LEU W 163 -45.53 27.25 0.40
C LEU W 163 -45.51 25.89 1.00
N PHE W 164 -46.52 25.58 1.82
CA PHE W 164 -46.65 24.24 2.42
C PHE W 164 -46.70 23.12 1.37
N GLU W 165 -47.55 23.30 0.35
CA GLU W 165 -47.64 22.28 -0.72
C GLU W 165 -46.34 22.13 -1.50
N THR W 166 -45.70 23.24 -1.85
CA THR W 166 -44.45 23.18 -2.57
C THR W 166 -43.34 22.49 -1.79
N ILE W 167 -43.15 22.83 -0.50
CA ILE W 167 -42.04 22.24 0.27
C ILE W 167 -42.35 20.79 0.55
N SER W 168 -43.62 20.47 0.80
CA SER W 168 -44.04 19.09 0.99
C SER W 168 -43.80 18.21 -0.25
N GLN W 169 -44.15 18.72 -1.40
CA GLN W 169 -44.05 17.92 -2.63
C GLN W 169 -42.59 17.81 -2.99
N ALA W 170 -41.82 18.87 -2.80
CA ALA W 170 -40.36 18.80 -3.02
C ALA W 170 -39.72 17.71 -2.14
N MET W 171 -40.01 17.70 -0.84
CA MET W 171 -39.46 16.65 0.05
C MET W 171 -39.88 15.24 -0.24
N LEU W 172 -41.19 15.03 -0.34
CA LEU W 172 -41.72 13.65 -0.51
C LEU W 172 -41.13 12.98 -1.73
N ASN W 173 -41.15 13.71 -2.84
CA ASN W 173 -40.73 13.17 -4.10
C ASN W 173 -39.19 13.01 -4.18
N ALA W 174 -38.45 13.95 -3.58
CA ALA W 174 -37.01 13.82 -3.49
C ALA W 174 -36.60 12.61 -2.68
N VAL W 175 -37.15 12.43 -1.47
CA VAL W 175 -36.72 11.32 -0.62
C VAL W 175 -37.13 9.94 -1.12
N ASP W 176 -38.18 9.92 -1.92
CA ASP W 176 -38.63 8.67 -2.55
C ASP W 176 -37.72 8.21 -3.67
N ARG W 177 -36.73 9.02 -4.07
CA ARG W 177 -35.64 8.49 -4.88
C ARG W 177 -34.30 8.20 -4.14
N ASP W 178 -34.37 8.12 -2.81
CA ASP W 178 -33.18 7.95 -1.96
C ASP W 178 -33.44 6.85 -0.91
N ALA W 179 -32.64 5.78 -0.99
CA ALA W 179 -32.83 4.60 -0.14
C ALA W 179 -32.74 4.91 1.37
N VAL W 180 -31.87 5.88 1.73
CA VAL W 180 -31.55 6.20 3.14
C VAL W 180 -32.16 7.48 3.71
N SER W 181 -33.10 8.07 2.99
CA SER W 181 -33.89 9.17 3.51
C SER W 181 -35.35 8.76 3.43
N GLY W 182 -36.11 9.30 4.36
CA GLY W 182 -37.54 9.20 4.35
C GLY W 182 -38.07 8.66 5.66
N MET W 183 -38.91 7.63 5.54
CA MET W 183 -39.70 7.08 6.62
C MET W 183 -40.51 8.16 7.31
N GLY W 184 -41.00 9.13 6.59
CA GLY W 184 -41.80 10.18 7.13
C GLY W 184 -41.18 11.52 6.83
N VAL W 185 -42.04 12.53 6.75
CA VAL W 185 -41.64 13.92 6.54
C VAL W 185 -42.38 14.84 7.55
N ILE W 186 -41.63 15.72 8.24
CA ILE W 186 -42.21 16.75 9.09
C ILE W 186 -41.95 18.13 8.45
N VAL W 187 -42.96 19.01 8.54
CA VAL W 187 -42.89 20.37 7.96
C VAL W 187 -43.37 21.42 8.98
N HIS W 188 -42.59 22.47 9.15
CA HIS W 188 -42.97 23.59 10.01
C HIS W 188 -43.16 24.81 9.10
N ILE W 189 -44.34 25.43 9.15
CA ILE W 189 -44.55 26.69 8.47
C ILE W 189 -44.49 27.79 9.51
N ILE W 190 -43.60 28.75 9.30
CA ILE W 190 -43.41 29.86 10.20
C ILE W 190 -44.01 31.16 9.65
N GLU W 191 -44.97 31.70 10.40
CA GLU W 191 -45.63 32.99 10.11
C GLU W 191 -45.49 33.93 11.31
N LYS W 192 -45.80 35.22 11.08
CA LYS W 192 -45.73 36.26 12.14
C LYS W 192 -46.52 35.87 13.36
N ASP W 193 -47.71 35.31 13.17
CA ASP W 193 -48.64 35.03 14.26
C ASP W 193 -48.76 33.56 14.69
N LYS W 194 -48.07 32.63 14.04
CA LYS W 194 -48.16 31.21 14.43
C LYS W 194 -47.17 30.32 13.73
N ILE W 195 -46.92 29.17 14.35
CA ILE W 195 -46.21 28.04 13.79
C ILE W 195 -47.22 26.92 13.57
N THR W 196 -47.20 26.39 12.35
CA THR W 196 -47.97 25.21 11.97
C THR W 196 -47.01 24.05 11.69
N THR W 197 -47.21 22.98 12.44
CA THR W 197 -46.41 21.79 12.35
C THR W 197 -47.25 20.63 11.88
N ARG W 198 -46.77 20.00 10.80
CA ARG W 198 -47.45 18.85 10.18
C ARG W 198 -46.52 17.68 9.89
N THR W 199 -47.01 16.46 10.09
CA THR W 199 -46.41 15.28 9.51
C THR W 199 -47.25 14.85 8.30
N LEU W 200 -46.56 14.36 7.28
CA LEU W 200 -47.13 14.04 5.98
C LEU W 200 -47.38 12.55 5.84
N LYS W 201 -48.40 12.20 5.08
CA LYS W 201 -48.58 10.82 4.69
C LYS W 201 -47.47 10.51 3.67
N ALA W 202 -46.68 9.48 3.94
CA ALA W 202 -45.45 9.27 3.22
C ALA W 202 -45.13 7.82 3.16
N ARG W 203 -44.42 7.43 2.11
CA ARG W 203 -43.95 6.08 1.98
C ARG W 203 -43.08 5.70 3.19
N MET W 204 -43.20 4.44 3.60
CA MET W 204 -42.45 3.90 4.72
C MET W 204 -41.57 2.73 4.34
N ASP W 205 -41.00 2.81 3.10
CA ASP W 205 -39.98 1.88 2.63
C ASP W 205 -38.57 2.54 2.37
N MET X 1 -21.48 -13.21 20.28
CA MET X 1 -21.57 -11.71 20.12
C MET X 1 -22.87 -11.18 20.59
N GLU X 2 -22.84 -9.95 21.07
CA GLU X 2 -23.66 -9.62 22.21
C GLU X 2 -25.04 -9.18 21.78
N TYR X 3 -26.07 -9.62 22.45
CA TYR X 3 -27.41 -9.21 22.13
C TYR X 3 -28.05 -8.43 23.27
N LEU X 4 -28.72 -7.34 22.93
CA LEU X 4 -29.47 -6.54 23.91
C LEU X 4 -30.81 -6.30 23.27
N ILE X 5 -31.84 -6.32 24.10
CA ILE X 5 -33.18 -6.01 23.68
C ILE X 5 -33.98 -5.31 24.78
N GLY X 6 -34.85 -4.39 24.38
CA GLY X 6 -35.73 -3.68 25.26
C GLY X 6 -37.11 -3.53 24.62
N ILE X 7 -38.14 -3.65 25.46
CA ILE X 7 -39.52 -3.45 25.05
C ILE X 7 -40.23 -2.61 26.12
N GLN X 8 -40.77 -1.47 25.73
CA GLN X 8 -41.43 -0.56 26.66
C GLN X 8 -42.94 -0.72 26.50
N GLY X 9 -43.61 -1.05 27.59
CA GLY X 9 -45.08 -0.95 27.73
C GLY X 9 -45.60 0.31 28.40
N PRO X 10 -46.91 0.35 28.67
CA PRO X 10 -47.53 1.59 29.19
C PRO X 10 -46.96 2.05 30.52
N ASP X 11 -46.54 1.10 31.37
CA ASP X 11 -46.04 1.41 32.70
C ASP X 11 -44.86 0.56 33.14
N TYR X 12 -44.13 -0.01 32.21
CA TYR X 12 -42.93 -0.78 32.54
C TYR X 12 -42.01 -0.78 31.29
N VAL X 13 -40.74 -1.14 31.48
CA VAL X 13 -39.87 -1.47 30.39
C VAL X 13 -39.28 -2.78 30.77
N LEU X 14 -39.25 -3.67 29.78
CA LEU X 14 -38.66 -4.99 29.91
C LEU X 14 -37.37 -4.98 29.10
N VAL X 15 -36.33 -5.65 29.62
CA VAL X 15 -35.06 -5.73 28.98
C VAL X 15 -34.44 -7.11 29.17
N ALA X 16 -33.65 -7.51 28.19
CA ALA X 16 -32.93 -8.74 28.24
C ALA X 16 -31.61 -8.63 27.52
N SER X 17 -30.67 -9.46 27.92
CA SER X 17 -29.35 -9.45 27.35
C SER X 17 -28.78 -10.85 27.39
N ASP X 18 -27.92 -11.23 26.41
CA ASP X 18 -27.30 -12.57 26.49
C ASP X 18 -26.29 -12.68 27.63
N ARG X 19 -25.93 -13.90 27.99
CA ARG X 19 -25.07 -14.14 29.16
C ARG X 19 -23.77 -14.75 28.80
N VAL X 20 -23.34 -14.56 27.54
CA VAL X 20 -22.10 -15.12 27.06
C VAL X 20 -21.01 -14.10 27.08
N ALA X 21 -19.83 -14.50 27.53
CA ALA X 21 -18.61 -13.71 27.31
C ALA X 21 -17.72 -14.56 26.47
N ALA X 22 -17.46 -14.10 25.29
CA ALA X 22 -16.68 -14.96 24.35
C ALA X 22 -15.35 -14.40 24.03
N SER X 23 -14.49 -15.28 23.61
CA SER X 23 -13.16 -14.96 23.23
C SER X 23 -12.69 -15.92 22.17
N ASN X 24 -12.39 -15.40 20.99
CA ASN X 24 -11.94 -16.17 19.86
C ASN X 24 -13.03 -17.23 19.55
N ILE X 25 -12.73 -18.52 19.56
CA ILE X 25 -13.78 -19.54 19.27
C ILE X 25 -14.52 -20.09 20.51
N VAL X 26 -14.24 -19.56 21.70
CA VAL X 26 -14.81 -20.19 22.95
C VAL X 26 -15.69 -19.26 23.72
N GLN X 27 -16.77 -19.79 24.30
CA GLN X 27 -17.50 -19.04 25.34
C GLN X 27 -16.67 -19.22 26.62
N MET X 28 -16.27 -18.14 27.26
CA MET X 28 -15.48 -18.23 28.51
C MET X 28 -16.32 -18.08 29.78
N LYS X 29 -17.53 -17.56 29.63
CA LYS X 29 -18.50 -17.47 30.68
C LYS X 29 -19.90 -17.55 30.06
N ASP X 30 -20.78 -18.33 30.69
CA ASP X 30 -22.18 -18.49 30.27
C ASP X 30 -23.21 -17.89 31.20
N ASP X 31 -22.77 -17.28 32.31
CA ASP X 31 -23.64 -16.49 33.20
C ASP X 31 -23.18 -15.00 33.28
N HIS X 32 -22.77 -14.43 32.18
CA HIS X 32 -22.37 -13.06 32.17
C HIS X 32 -23.59 -12.15 32.27
N ASP X 33 -23.44 -11.01 32.93
CA ASP X 33 -24.55 -10.05 33.08
C ASP X 33 -24.11 -8.74 32.43
N LYS X 34 -24.90 -8.23 31.50
CA LYS X 34 -24.53 -7.05 30.76
C LYS X 34 -25.31 -5.83 31.18
N MET X 35 -26.03 -5.95 32.31
CA MET X 35 -26.86 -4.89 32.84
C MET X 35 -26.16 -4.23 34.03
N PHE X 36 -26.27 -2.92 34.10
CA PHE X 36 -25.67 -2.14 35.19
C PHE X 36 -26.76 -1.32 35.83
N LYS X 37 -26.96 -1.45 37.13
CA LYS X 37 -27.98 -0.67 37.83
C LYS X 37 -27.45 0.73 38.12
N MET X 38 -28.10 1.75 37.59
CA MET X 38 -27.60 3.12 37.71
C MET X 38 -28.21 3.78 38.95
N SER X 39 -29.44 3.36 39.24
CA SER X 39 -30.30 3.92 40.29
C SER X 39 -31.45 2.97 40.56
N GLU X 40 -32.36 3.28 41.46
CA GLU X 40 -33.48 2.36 41.74
C GLU X 40 -34.34 2.00 40.54
N LYS X 41 -34.43 2.89 39.54
CA LYS X 41 -35.34 2.77 38.44
C LYS X 41 -34.64 2.95 37.08
N ILE X 42 -33.32 2.71 37.01
CA ILE X 42 -32.54 2.84 35.75
C ILE X 42 -31.57 1.66 35.58
N LEU X 43 -31.69 0.98 34.43
CA LEU X 43 -30.69 0.01 34.00
C LEU X 43 -29.96 0.53 32.73
N LEU X 44 -28.64 0.35 32.71
CA LEU X 44 -27.85 0.62 31.51
C LEU X 44 -27.33 -0.74 30.99
N LEU X 45 -27.60 -1.07 29.72
CA LEU X 45 -27.15 -2.34 29.13
C LEU X 45 -26.14 -1.96 28.10
N CYS X 46 -24.96 -2.58 28.20
CA CYS X 46 -23.80 -2.14 27.47
CA CYS X 46 -23.79 -2.19 27.41
C CYS X 46 -23.08 -3.36 26.82
N VAL X 47 -22.81 -3.23 25.52
CA VAL X 47 -22.00 -4.17 24.73
C VAL X 47 -20.99 -3.36 23.88
N GLY X 48 -20.01 -4.05 23.36
CA GLY X 48 -18.99 -3.48 22.51
C GLY X 48 -17.62 -4.00 22.84
N GLU X 49 -16.62 -3.15 22.66
CA GLU X 49 -15.27 -3.60 22.77
C GLU X 49 -14.93 -3.91 24.23
N ALA X 50 -14.11 -4.93 24.43
CA ALA X 50 -13.64 -5.31 25.75
C ALA X 50 -12.90 -4.09 26.36
N GLY X 51 -13.10 -3.93 27.65
CA GLY X 51 -12.46 -2.89 28.44
C GLY X 51 -13.35 -1.66 28.37
N ASP X 52 -13.53 -1.11 27.15
CA ASP X 52 -14.40 0.03 26.95
C ASP X 52 -15.77 -0.16 27.58
N THR X 53 -16.36 -1.35 27.48
CA THR X 53 -17.72 -1.49 27.85
C THR X 53 -17.87 -1.31 29.37
N VAL X 54 -17.08 -2.01 30.14
CA VAL X 54 -17.18 -1.91 31.59
C VAL X 54 -16.65 -0.53 32.08
N GLN X 55 -15.54 -0.04 31.52
CA GLN X 55 -14.98 1.18 31.97
C GLN X 55 -16.00 2.27 31.78
N PHE X 56 -16.69 2.26 30.64
CA PHE X 56 -17.68 3.26 30.37
C PHE X 56 -18.92 3.15 31.26
N ALA X 57 -19.51 1.96 31.32
CA ALA X 57 -20.71 1.74 32.10
C ALA X 57 -20.52 2.08 33.60
N GLU X 58 -19.41 1.65 34.16
CA GLU X 58 -19.08 1.96 35.57
C GLU X 58 -18.78 3.41 35.88
N TYR X 59 -18.19 4.12 34.94
CA TYR X 59 -17.99 5.54 35.07
C TYR X 59 -19.30 6.26 35.12
N ILE X 60 -20.21 5.90 34.21
CA ILE X 60 -21.55 6.45 34.23
C ILE X 60 -22.28 6.10 35.57
N GLN X 61 -22.23 4.84 35.96
CA GLN X 61 -22.89 4.36 37.11
C GLN X 61 -22.44 5.18 38.36
N LYS X 62 -21.13 5.29 38.57
CA LYS X 62 -20.60 6.00 39.66
C LYS X 62 -21.01 7.44 39.68
N ASN X 63 -21.02 8.09 38.54
CA ASN X 63 -21.45 9.47 38.45
C ASN X 63 -22.93 9.66 38.71
N VAL X 64 -23.76 8.73 38.24
CA VAL X 64 -25.21 8.78 38.54
C VAL X 64 -25.43 8.64 40.06
N GLN X 65 -24.72 7.72 40.67
CA GLN X 65 -24.81 7.49 42.11
C GLN X 65 -24.29 8.70 42.90
N LEU X 66 -23.25 9.34 42.38
CA LEU X 66 -22.70 10.54 42.99
C LEU X 66 -23.73 11.66 42.96
N TYR X 67 -24.44 11.79 41.85
CA TYR X 67 -25.49 12.76 41.75
C TYR X 67 -26.55 12.57 42.85
N LYS X 68 -26.93 11.30 43.07
CA LYS X 68 -27.90 10.97 44.07
C LYS X 68 -27.38 11.38 45.46
N MET X 69 -26.11 11.12 45.77
CA MET X 69 -25.57 11.43 47.07
C MET X 69 -25.45 12.93 47.24
N ARG X 70 -25.13 13.68 46.16
CA ARG X 70 -24.95 15.11 46.27
C ARG X 70 -26.28 15.81 46.46
N ASN X 71 -27.33 15.31 45.82
CA ASN X 71 -28.51 16.08 45.74
C ASN X 71 -29.71 15.58 46.60
N GLY X 72 -29.65 14.36 47.13
CA GLY X 72 -30.80 13.78 47.79
C GLY X 72 -31.85 13.06 46.95
N TYR X 73 -31.81 13.10 45.59
CA TYR X 73 -32.77 12.43 44.72
C TYR X 73 -32.00 12.02 43.46
N GLU X 74 -32.65 11.20 42.62
CA GLU X 74 -32.04 10.55 41.47
C GLU X 74 -32.27 11.26 40.14
N LEU X 75 -31.33 11.08 39.23
CA LEU X 75 -31.48 11.53 37.84
C LEU X 75 -32.59 10.77 37.15
N SER X 76 -33.38 11.51 36.40
CA SER X 76 -34.43 10.89 35.61
C SER X 76 -33.83 9.98 34.47
N PRO X 77 -34.61 8.98 34.00
CA PRO X 77 -34.04 8.20 32.89
C PRO X 77 -33.57 9.09 31.73
N THR X 78 -34.33 10.13 31.43
CA THR X 78 -33.99 11.01 30.39
C THR X 78 -32.73 11.80 30.66
N ALA X 79 -32.60 12.33 31.85
CA ALA X 79 -31.43 13.08 32.19
C ALA X 79 -30.24 12.13 32.15
N ALA X 80 -30.39 10.89 32.63
CA ALA X 80 -29.26 9.96 32.68
C ALA X 80 -28.81 9.57 31.25
N ALA X 81 -29.77 9.44 30.35
CA ALA X 81 -29.49 9.10 28.98
C ALA X 81 -28.71 10.21 28.34
N ASN X 82 -29.14 11.45 28.57
CA ASN X 82 -28.43 12.59 28.05
C ASN X 82 -27.06 12.79 28.61
N PHE X 83 -26.94 12.55 29.93
CA PHE X 83 -25.62 12.57 30.56
C PHE X 83 -24.70 11.53 29.86
N THR X 84 -25.26 10.37 29.60
CA THR X 84 -24.50 9.27 29.06
C THR X 84 -24.04 9.68 27.64
N ARG X 85 -24.95 10.23 26.86
CA ARG X 85 -24.68 10.69 25.54
C ARG X 85 -23.63 11.80 25.50
N ARG X 86 -23.62 12.72 26.46
CA ARG X 86 -22.65 13.85 26.51
C ARG X 86 -21.29 13.31 26.67
N ASN X 87 -21.16 12.36 27.58
CA ASN X 87 -19.87 11.77 27.81
C ASN X 87 -19.35 11.02 26.57
N LEU X 88 -20.21 10.22 25.95
CA LEU X 88 -19.77 9.45 24.79
C LEU X 88 -19.38 10.36 23.64
N ALA X 89 -20.25 11.29 23.28
CA ALA X 89 -19.98 12.27 22.25
C ALA X 89 -18.74 13.14 22.47
N ASP X 90 -18.51 13.55 23.73
CA ASP X 90 -17.35 14.33 24.11
C ASP X 90 -16.07 13.52 23.93
N LEU X 92 -15.70 11.07 21.63
CA LEU X 92 -15.68 10.57 20.27
C LEU X 92 -14.49 11.04 19.45
N ARG X 93 -14.13 12.30 19.59
CA ARG X 93 -13.01 12.81 18.82
C ARG X 93 -11.79 12.98 19.68
N SER X 94 -11.75 12.38 20.86
CA SER X 94 -10.64 12.53 21.80
C SER X 94 -9.63 11.44 21.58
N ARG X 95 -8.61 11.43 22.41
CA ARG X 95 -7.66 10.29 22.49
C ARG X 95 -8.25 9.06 23.18
N THR X 96 -9.41 9.18 23.83
CA THR X 96 -9.99 8.02 24.53
C THR X 96 -11.46 7.84 24.15
N PRO X 97 -11.76 7.45 22.93
CA PRO X 97 -13.14 7.16 22.51
C PRO X 97 -13.55 5.82 23.13
N TYR X 98 -14.81 5.62 23.39
CA TYR X 98 -15.32 4.31 23.95
C TYR X 98 -16.17 3.62 22.90
N HIS X 99 -15.78 2.43 22.48
CA HIS X 99 -16.57 1.70 21.42
CA HIS X 99 -16.50 1.70 21.45
C HIS X 99 -17.60 0.83 22.10
N VAL X 100 -18.74 1.44 22.40
CA VAL X 100 -19.81 0.78 23.15
C VAL X 100 -21.16 1.09 22.54
N ASN X 101 -22.09 0.12 22.59
CA ASN X 101 -23.44 0.34 22.16
C ASN X 101 -24.32 0.08 23.33
N LEU X 102 -25.36 0.89 23.51
CA LEU X 102 -26.11 0.87 24.75
C LEU X 102 -27.65 0.85 24.53
N LEU X 103 -28.36 0.27 25.51
CA LEU X 103 -29.73 0.64 25.86
C LEU X 103 -29.80 1.23 27.32
N LEU X 104 -30.59 2.27 27.46
CA LEU X 104 -30.94 2.76 28.75
C LEU X 104 -32.42 2.59 28.94
N ALA X 105 -32.78 1.88 30.01
CA ALA X 105 -34.18 1.62 30.36
C ALA X 105 -34.44 2.22 31.72
N GLY X 106 -35.57 2.90 31.85
CA GLY X 106 -35.93 3.48 33.16
C GLY X 106 -37.39 3.71 33.35
N TYR X 107 -37.75 3.96 34.60
CA TYR X 107 -39.07 4.40 34.95
C TYR X 107 -38.98 5.69 35.75
N ASP X 108 -39.66 6.72 35.28
CA ASP X 108 -39.76 7.98 35.98
C ASP X 108 -41.12 8.18 36.63
N GLU X 109 -41.14 8.73 37.83
CA GLU X 109 -42.38 8.98 38.58
C GLU X 109 -43.38 9.76 37.73
N HIS X 110 -42.93 10.74 36.97
CA HIS X 110 -43.84 11.62 36.23
C HIS X 110 -43.93 11.42 34.73
N GLU X 111 -42.89 10.88 34.09
CA GLU X 111 -42.90 10.60 32.65
C GLU X 111 -43.24 9.12 32.34
N GLY X 112 -43.26 8.21 33.33
CA GLY X 112 -43.50 6.81 33.04
C GLY X 112 -42.27 6.12 32.48
N PRO X 113 -42.46 4.96 31.88
CA PRO X 113 -41.34 4.18 31.43
C PRO X 113 -40.65 4.78 30.18
N ALA X 114 -39.35 4.52 30.03
CA ALA X 114 -38.58 5.01 28.85
C ALA X 114 -37.53 3.98 28.44
N LEU X 115 -37.31 3.90 27.13
CA LEU X 115 -36.25 3.11 26.55
C LEU X 115 -35.48 3.98 25.54
N TYR X 116 -34.19 4.02 25.73
CA TYR X 116 -33.28 4.78 24.93
C TYR X 116 -32.27 3.88 24.27
N TYR X 117 -32.01 4.21 23.01
CA TYR X 117 -30.99 3.54 22.18
C TYR X 117 -29.84 4.48 21.89
N MET X 118 -28.65 3.96 22.07
CA MET X 118 -27.44 4.68 21.72
C MET X 118 -26.44 3.80 21.03
N ASP X 119 -25.83 4.33 19.97
CA ASP X 119 -24.69 3.67 19.32
C ASP X 119 -23.39 4.31 19.76
N TYR X 120 -22.27 3.70 19.31
CA TYR X 120 -20.93 4.11 19.68
C TYR X 120 -20.59 5.53 19.20
N LEU X 121 -21.25 6.00 18.17
CA LEU X 121 -21.13 7.38 17.74
C LEU X 121 -21.83 8.41 18.67
N ALA X 122 -22.72 7.91 19.51
CA ALA X 122 -23.44 8.67 20.56
C ALA X 122 -24.68 9.32 19.99
N ALA X 123 -25.24 8.80 18.90
CA ALA X 123 -26.58 9.15 18.50
C ALA X 123 -27.54 8.55 19.51
N LEU X 124 -28.47 9.35 20.01
CA LEU X 124 -29.44 8.95 21.03
C LEU X 124 -30.84 9.03 20.44
N ALA X 125 -31.55 7.92 20.51
CA ALA X 125 -32.96 7.85 20.09
C ALA X 125 -33.80 7.21 21.19
N LYS X 126 -34.94 7.81 21.49
CA LYS X 126 -35.95 7.16 22.31
C LYS X 126 -36.80 6.23 21.39
N ALA X 127 -37.13 5.06 21.85
CA ALA X 127 -37.81 4.06 21.03
C ALA X 127 -38.81 3.25 21.87
N PRO X 128 -39.89 2.74 21.24
CA PRO X 128 -40.81 1.90 22.01
C PRO X 128 -40.22 0.51 22.25
N PHE X 129 -39.27 0.14 21.39
CA PHE X 129 -38.51 -1.08 21.53
C PHE X 129 -37.25 -0.97 20.68
N ALA X 130 -36.25 -1.81 20.95
CA ALA X 130 -34.98 -1.67 20.24
C ALA X 130 -34.14 -2.88 20.59
N ALA X 131 -33.08 -3.07 19.80
CA ALA X 131 -32.09 -4.12 20.02
C ALA X 131 -30.75 -3.80 19.41
N HIS X 132 -29.69 -4.37 19.96
CA HIS X 132 -28.34 -4.20 19.49
C HIS X 132 -27.79 -5.55 19.25
N GLY X 133 -26.74 -5.60 18.44
CA GLY X 133 -26.02 -6.84 18.12
C GLY X 133 -26.54 -7.38 16.79
N TYR X 134 -25.81 -8.27 16.19
CA TYR X 134 -26.23 -8.99 15.02
C TYR X 134 -27.58 -9.68 15.19
N GLY X 135 -27.91 -10.12 16.42
CA GLY X 135 -29.19 -10.69 16.70
C GLY X 135 -30.31 -9.76 16.40
N ALA X 136 -30.06 -8.47 16.50
CA ALA X 136 -31.09 -7.46 16.18
C ALA X 136 -31.64 -7.57 14.78
N PHE X 137 -30.78 -7.95 13.85
CA PHE X 137 -31.18 -8.11 12.45
C PHE X 137 -32.29 -9.16 12.28
N LEU X 138 -32.27 -10.16 13.11
CA LEU X 138 -33.23 -11.23 13.07
C LEU X 138 -34.44 -11.08 14.00
N THR X 139 -34.39 -10.12 14.93
CA THR X 139 -35.48 -9.91 15.87
C THR X 139 -36.27 -8.60 15.72
N LEU X 140 -35.68 -7.54 15.17
CA LEU X 140 -36.42 -6.31 15.04
C LEU X 140 -37.76 -6.43 14.31
N SER X 141 -37.82 -7.25 13.28
CA SER X 141 -39.05 -7.35 12.47
C SER X 141 -40.10 -8.10 13.19
N ILE X 142 -39.67 -9.03 14.04
CA ILE X 142 -40.54 -9.73 14.95
C ILE X 142 -41.21 -8.73 15.89
N LEU X 143 -40.42 -7.80 16.43
CA LEU X 143 -40.98 -6.73 17.28
C LEU X 143 -41.89 -5.81 16.49
N ASP X 144 -41.50 -5.43 15.26
CA ASP X 144 -42.39 -4.60 14.41
C ASP X 144 -43.68 -5.30 14.08
N ARG X 145 -43.65 -6.61 13.93
CA ARG X 145 -44.82 -7.39 13.55
C ARG X 145 -45.87 -7.48 14.68
N TYR X 146 -45.42 -7.68 15.90
CA TYR X 146 -46.31 -8.01 17.03
C TYR X 146 -46.40 -6.93 18.12
N TYR X 147 -45.43 -6.03 18.28
CA TYR X 147 -45.57 -4.99 19.32
C TYR X 147 -46.78 -4.10 19.12
N THR X 148 -47.43 -3.75 20.23
CA THR X 148 -48.37 -2.63 20.25
C THR X 148 -48.03 -1.78 21.48
N PRO X 149 -48.36 -0.47 21.44
CA PRO X 149 -48.00 0.38 22.59
C PRO X 149 -48.63 -0.04 23.93
N THR X 150 -49.78 -0.72 23.88
CA THR X 150 -50.46 -1.14 25.13
C THR X 150 -50.10 -2.55 25.55
N ILE X 151 -49.11 -3.13 24.94
CA ILE X 151 -48.71 -4.49 25.27
C ILE X 151 -48.53 -4.70 26.78
N SER X 152 -49.15 -5.71 27.33
CA SER X 152 -49.01 -6.06 28.74
C SER X 152 -47.71 -6.78 29.01
N ARG X 153 -47.33 -6.81 30.27
CA ARG X 153 -46.03 -7.36 30.56
C ARG X 153 -46.00 -8.90 30.28
N GLU X 154 -47.08 -9.59 30.57
CA GLU X 154 -47.23 -11.03 30.26
C GLU X 154 -47.04 -11.40 28.75
N ARG X 155 -47.64 -10.57 27.88
CA ARG X 155 -47.46 -10.62 26.45
C ARG X 155 -46.07 -10.10 25.98
N ALA X 156 -45.49 -9.07 26.62
CA ALA X 156 -44.10 -8.61 26.37
C ALA X 156 -43.08 -9.71 26.59
N VAL X 157 -43.20 -10.48 27.69
CA VAL X 157 -42.26 -11.60 27.96
C VAL X 157 -42.43 -12.73 26.91
N GLU X 158 -43.68 -12.94 26.51
CA GLU X 158 -43.93 -13.83 25.39
C GLU X 158 -43.31 -13.42 24.05
N LEU X 159 -43.44 -12.14 23.71
CA LEU X 159 -42.83 -11.54 22.52
C LEU X 159 -41.31 -11.59 22.61
N LEU X 160 -40.75 -11.27 23.80
CA LEU X 160 -39.32 -11.45 24.05
C LEU X 160 -38.91 -12.88 23.78
N ARG X 161 -39.68 -13.83 24.28
CA ARG X 161 -39.37 -15.23 24.08
C ARG X 161 -39.43 -15.68 22.59
N LYS X 162 -40.30 -15.09 21.79
CA LYS X 162 -40.31 -15.35 20.31
C LYS X 162 -38.99 -14.87 19.66
N CYS X 163 -38.52 -13.68 20.05
CA CYS X 163 -37.23 -13.14 19.62
C CYS X 163 -36.07 -14.06 19.94
N LEU X 164 -36.05 -14.55 21.18
CA LEU X 164 -34.94 -15.36 21.64
C LEU X 164 -34.95 -16.72 21.01
N GLU X 165 -36.14 -17.25 20.79
CA GLU X 165 -36.29 -18.51 20.02
C GLU X 165 -35.81 -18.35 18.58
N GLU X 166 -36.05 -17.20 17.99
CA GLU X 166 -35.60 -16.94 16.60
C GLU X 166 -34.08 -16.98 16.53
N LEU X 167 -33.43 -16.57 17.61
CA LEU X 167 -31.94 -16.64 17.66
C LEU X 167 -31.45 -18.08 17.76
N GLN X 168 -32.16 -18.89 18.51
CA GLN X 168 -31.82 -20.31 18.59
C GLN X 168 -32.01 -21.02 17.23
N LYS X 169 -33.06 -20.62 16.54
CA LYS X 169 -33.35 -21.25 15.28
C LYS X 169 -32.38 -20.79 14.20
N ARG X 170 -32.22 -19.49 14.08
CA ARG X 170 -31.68 -18.89 12.84
C ARG X 170 -30.31 -18.26 12.98
N PHE X 171 -29.92 -17.81 14.19
CA PHE X 171 -28.64 -17.14 14.35
C PHE X 171 -27.45 -18.12 14.37
N ILE X 172 -26.33 -17.75 13.80
CA ILE X 172 -25.20 -18.65 13.74
C ILE X 172 -24.40 -18.80 15.02
N LEU X 173 -24.54 -17.85 15.92
CA LEU X 173 -23.89 -17.93 17.19
C LEU X 173 -24.75 -18.62 18.28
N ASN X 174 -24.03 -19.32 19.12
CA ASN X 174 -24.57 -20.01 20.29
C ASN X 174 -24.77 -19.06 21.48
N LEU X 175 -25.99 -18.56 21.59
CA LEU X 175 -26.47 -17.77 22.72
C LEU X 175 -27.57 -18.49 23.46
N PRO X 176 -27.22 -19.34 24.41
CA PRO X 176 -28.27 -20.17 24.98
C PRO X 176 -29.05 -19.64 26.20
N THR X 177 -28.59 -18.55 26.83
CA THR X 177 -29.27 -18.02 27.98
C THR X 177 -29.25 -16.51 27.99
N PHE X 178 -30.31 -15.96 28.55
CA PHE X 178 -30.55 -14.54 28.64
C PHE X 178 -31.04 -14.09 30.02
N SER X 179 -30.48 -12.95 30.46
CA SER X 179 -30.88 -12.22 31.65
C SER X 179 -32.12 -11.48 31.24
N VAL X 180 -33.11 -11.45 32.11
CA VAL X 180 -34.30 -10.69 31.86
C VAL X 180 -34.65 -9.87 33.13
N ARG X 181 -34.99 -8.59 32.94
CA ARG X 181 -35.38 -7.72 34.05
C ARG X 181 -36.49 -6.78 33.61
N ILE X 182 -37.34 -6.35 34.56
CA ILE X 182 -38.37 -5.36 34.25
C ILE X 182 -38.24 -4.23 35.25
N ILE X 183 -38.58 -3.02 34.79
CA ILE X 183 -38.59 -1.82 35.57
C ILE X 183 -39.93 -1.15 35.47
N ASP X 184 -40.45 -0.76 36.64
CA ASP X 184 -41.76 -0.12 36.76
C ASP X 184 -41.73 0.79 37.99
N LYS X 185 -42.91 1.29 38.40
CA LYS X 185 -42.99 2.23 39.53
C LYS X 185 -42.37 1.71 40.83
N ASN X 186 -42.29 0.40 41.00
CA ASN X 186 -41.68 -0.24 42.14
C ASN X 186 -40.23 -0.67 41.97
N GLY X 187 -39.54 -0.15 40.97
CA GLY X 187 -38.12 -0.40 40.80
C GLY X 187 -37.84 -1.54 39.80
N ILE X 188 -36.72 -2.22 40.02
CA ILE X 188 -36.11 -3.13 39.10
C ILE X 188 -36.36 -4.49 39.65
N HIS X 189 -36.88 -5.39 38.80
CA HIS X 189 -37.25 -6.76 39.20
C HIS X 189 -36.53 -7.77 38.32
N ASP X 190 -35.91 -8.75 38.95
CA ASP X 190 -35.24 -9.82 38.22
C ASP X 190 -36.28 -10.82 37.79
N LEU X 191 -36.34 -11.17 36.52
CA LEU X 191 -37.19 -12.30 36.09
C LEU X 191 -36.33 -13.53 35.91
N ASP X 192 -36.93 -14.70 35.76
CA ASP X 192 -36.19 -15.89 35.50
C ASP X 192 -35.43 -15.66 34.21
N ASN X 193 -34.22 -16.21 34.18
CA ASN X 193 -33.43 -16.34 32.96
C ASN X 193 -34.24 -17.14 31.93
N ILE X 194 -34.06 -16.80 30.67
CA ILE X 194 -34.71 -17.52 29.57
C ILE X 194 -33.61 -18.30 29.00
N SER X 195 -33.77 -19.61 28.99
CA SER X 195 -32.74 -20.56 28.65
C SER X 195 -33.21 -21.63 27.69
N PHE X 196 -32.21 -22.17 26.97
CA PHE X 196 -32.40 -23.23 25.99
C PHE X 196 -31.38 -24.36 26.30
N THR Y 1 1.90 -21.47 25.37
CA THR Y 1 1.53 -21.56 26.80
C THR Y 1 0.18 -22.19 26.99
N THR Y 2 0.00 -22.97 28.06
CA THR Y 2 -1.32 -23.31 28.53
C THR Y 2 -1.36 -23.10 30.10
N THR Y 3 -2.38 -22.40 30.54
CA THR Y 3 -2.67 -22.22 31.95
C THR Y 3 -4.13 -22.55 32.14
N LEU Y 4 -4.45 -23.08 33.32
CA LEU Y 4 -5.85 -23.21 33.71
C LEU Y 4 -6.06 -22.97 35.19
N ALA Y 5 -7.30 -22.69 35.54
CA ALA Y 5 -7.72 -22.69 36.95
C ALA Y 5 -9.17 -22.93 37.12
N PHE Y 6 -9.54 -23.46 38.31
CA PHE Y 6 -10.95 -23.69 38.59
C PHE Y 6 -11.26 -23.68 40.05
N LYS Y 7 -12.40 -23.10 40.39
CA LYS Y 7 -12.91 -23.16 41.76
C LYS Y 7 -13.60 -24.49 41.97
N PHE Y 8 -13.59 -24.95 43.20
CA PHE Y 8 -14.37 -26.14 43.57
C PHE Y 8 -14.58 -26.12 45.07
N ARG Y 9 -15.24 -27.16 45.58
CA ARG Y 9 -15.54 -27.23 47.04
C ARG Y 9 -14.34 -26.96 47.97
N HIS Y 10 -13.17 -27.47 47.62
CA HIS Y 10 -11.96 -27.29 48.40
C HIS Y 10 -11.00 -26.16 48.00
N GLY Y 11 -11.48 -25.17 47.22
CA GLY Y 11 -10.72 -23.98 46.87
C GLY Y 11 -10.52 -23.76 45.36
N VAL Y 12 -9.29 -23.47 44.97
CA VAL Y 12 -8.99 -23.24 43.59
C VAL Y 12 -7.72 -23.93 43.18
N ILE Y 13 -7.84 -24.71 42.10
CA ILE Y 13 -6.70 -25.35 41.46
C ILE Y 13 -6.17 -24.44 40.37
N VAL Y 14 -4.86 -24.36 40.29
CA VAL Y 14 -4.17 -23.48 39.35
C VAL Y 14 -3.03 -24.27 38.76
N ALA Y 15 -2.97 -24.33 37.41
CA ALA Y 15 -1.92 -25.09 36.76
C ALA Y 15 -1.41 -24.45 35.48
N ALA Y 16 -0.16 -24.75 35.16
CA ALA Y 16 0.46 -24.20 33.97
C ALA Y 16 1.52 -25.12 33.45
N ASP Y 17 1.78 -24.97 32.12
CA ASP Y 17 2.98 -25.50 31.53
C ASP Y 17 4.20 -24.61 31.86
N SER Y 18 5.37 -24.93 31.29
CA SER Y 18 6.58 -24.22 31.61
C SER Y 18 7.45 -23.82 30.42
N ARG Y 19 6.84 -23.82 29.22
CA ARG Y 19 7.56 -23.46 28.00
C ARG Y 19 7.54 -21.99 27.73
N ALA Y 20 8.65 -21.50 27.28
CA ALA Y 20 8.72 -20.23 26.61
C ALA Y 20 9.33 -20.35 25.21
N THR Y 21 8.79 -19.55 24.30
CA THR Y 21 9.30 -19.51 22.93
C THR Y 21 9.65 -18.13 22.47
N ALA Y 22 10.57 -18.09 21.49
CA ALA Y 22 10.79 -16.91 20.67
C ALA Y 22 10.53 -17.32 19.23
N GLY Y 23 9.40 -16.94 18.66
CA GLY Y 23 8.93 -17.55 17.43
C GLY Y 23 8.78 -19.05 17.66
N ALA Y 24 9.38 -19.84 16.79
CA ALA Y 24 9.37 -21.30 16.93
C ALA Y 24 10.53 -21.86 17.78
N TYR Y 25 11.45 -20.99 18.24
CA TYR Y 25 12.56 -21.44 18.99
C TYR Y 25 12.07 -21.67 20.44
N ILE Y 26 12.35 -22.83 21.01
CA ILE Y 26 12.10 -23.08 22.44
C ILE Y 26 13.21 -22.41 23.26
N ALA Y 27 12.83 -21.34 23.91
CA ALA Y 27 13.76 -20.48 24.76
C ALA Y 27 13.95 -21.10 26.15
N SER Y 28 12.89 -21.73 26.66
CA SER Y 28 12.98 -22.36 27.99
C SER Y 28 11.94 -23.41 28.15
N GLN Y 29 12.27 -24.40 28.99
CA GLN Y 29 11.33 -25.46 29.42
C GLN Y 29 11.05 -25.36 30.92
N THR Y 30 11.53 -24.31 31.56
CA THR Y 30 11.48 -24.23 33.02
C THR Y 30 11.03 -22.87 33.53
N VAL Y 31 10.12 -22.25 32.85
CA VAL Y 31 9.56 -21.00 33.30
C VAL Y 31 8.52 -21.26 34.41
N LYS Y 32 8.53 -20.38 35.41
CA LYS Y 32 7.46 -20.31 36.41
C LYS Y 32 6.34 -19.38 36.04
N LYS Y 33 5.19 -19.89 35.65
CA LYS Y 33 4.11 -19.10 35.11
C LYS Y 33 3.01 -18.77 36.11
N VAL Y 34 3.16 -19.24 37.32
CA VAL Y 34 2.25 -18.95 38.47
C VAL Y 34 3.04 -18.06 39.41
N ILE Y 35 2.67 -16.80 39.50
CA ILE Y 35 3.32 -15.86 40.42
C ILE Y 35 2.59 -15.81 41.79
N GLU Y 36 3.40 -15.82 42.83
CA GLU Y 36 2.93 -15.78 44.20
C GLU Y 36 2.77 -14.27 44.52
N ILE Y 37 1.56 -13.72 44.41
CA ILE Y 37 1.31 -12.31 44.73
C ILE Y 37 1.32 -12.07 46.21
N ASN Y 38 0.66 -12.91 46.99
CA ASN Y 38 0.88 -12.97 48.42
C ASN Y 38 0.55 -14.40 48.88
N PRO Y 39 0.65 -14.71 50.20
CA PRO Y 39 0.35 -16.11 50.63
C PRO Y 39 -1.11 -16.64 50.49
N TYR Y 40 -2.04 -15.78 50.03
CA TYR Y 40 -3.42 -16.21 49.63
C TYR Y 40 -3.91 -15.88 48.15
N LEU Y 41 -2.97 -15.44 47.28
CA LEU Y 41 -3.28 -14.94 45.95
C LEU Y 41 -2.20 -15.30 44.96
N LEU Y 42 -2.63 -15.88 43.83
CA LEU Y 42 -1.78 -16.21 42.74
C LEU Y 42 -2.25 -15.59 41.45
N GLY Y 43 -1.29 -15.33 40.59
CA GLY Y 43 -1.57 -14.88 39.22
C GLY Y 43 -0.92 -15.81 38.24
N THR Y 44 -1.61 -16.10 37.14
CA THR Y 44 -1.00 -16.89 36.07
C THR Y 44 -0.65 -16.05 34.85
N MET Y 45 0.29 -16.57 34.06
CA MET Y 45 0.93 -15.82 32.95
C MET Y 45 0.80 -16.56 31.60
N ALA Y 46 0.20 -15.87 30.66
CA ALA Y 46 0.16 -16.30 29.28
C ALA Y 46 0.24 -15.04 28.41
N GLY Y 47 1.03 -15.12 27.33
CA GLY Y 47 1.11 -14.10 26.25
C GLY Y 47 2.54 -13.65 26.18
N GLY Y 48 2.76 -12.34 26.11
CA GLY Y 48 4.07 -11.78 26.16
C GLY Y 48 4.76 -12.02 27.51
N ALA Y 49 5.98 -12.58 27.49
CA ALA Y 49 6.67 -13.02 28.70
C ALA Y 49 7.03 -11.82 29.59
N ALA Y 50 7.65 -10.81 29.01
CA ALA Y 50 7.96 -9.58 29.72
C ALA Y 50 6.71 -8.85 30.24
N ASP Y 51 5.68 -8.76 29.41
CA ASP Y 51 4.49 -8.08 29.74
C ASP Y 51 3.78 -8.73 30.97
N CYS Y 52 3.59 -10.05 30.93
CA CYS Y 52 3.01 -10.76 32.08
C CYS Y 52 3.82 -10.53 33.34
N SER Y 53 5.12 -10.79 33.27
CA SER Y 53 6.02 -10.74 34.45
C SER Y 53 6.03 -9.35 35.05
N PHE Y 54 6.09 -8.33 34.18
CA PHE Y 54 6.22 -6.98 34.67
C PHE Y 54 4.92 -6.57 35.35
N TRP Y 55 3.79 -6.83 34.69
CA TRP Y 55 2.50 -6.32 35.19
C TRP Y 55 1.99 -7.08 36.45
N GLU Y 56 2.26 -8.39 36.53
CA GLU Y 56 1.96 -9.13 37.73
C GLU Y 56 2.86 -8.76 38.89
N ARG Y 57 4.12 -8.45 38.62
CA ARG Y 57 5.00 -7.96 39.66
C ARG Y 57 4.53 -6.60 40.19
N LEU Y 58 3.96 -5.77 39.32
CA LEU Y 58 3.48 -4.48 39.67
C LEU Y 58 2.19 -4.61 40.45
N LEU Y 59 1.35 -5.55 40.05
CA LEU Y 59 0.19 -5.89 40.82
C LEU Y 59 0.54 -6.29 42.21
N ALA Y 60 1.54 -7.15 42.34
CA ALA Y 60 2.03 -7.57 43.66
C ALA Y 60 2.49 -6.38 44.54
N ARG Y 61 3.32 -5.48 43.97
CA ARG Y 61 3.65 -4.23 44.65
C ARG Y 61 2.40 -3.51 45.20
N GLN Y 62 1.45 -3.26 44.33
CA GLN Y 62 0.25 -2.51 44.65
C GLN Y 62 -0.60 -3.19 45.75
N CYS Y 63 -0.79 -4.51 45.62
CA CYS Y 63 -1.54 -5.26 46.64
C CYS Y 63 -0.87 -5.15 48.00
N ARG Y 64 0.47 -5.22 48.04
CA ARG Y 64 1.21 -5.06 49.27
C ARG Y 64 1.03 -3.65 49.87
N ILE Y 65 1.17 -2.62 49.06
CA ILE Y 65 0.89 -1.22 49.52
C ILE Y 65 -0.52 -1.11 50.10
N TYR Y 66 -1.48 -1.68 49.38
CA TYR Y 66 -2.87 -1.68 49.83
C TYR Y 66 -2.98 -2.26 51.21
N GLU Y 67 -2.36 -3.42 51.41
CA GLU Y 67 -2.39 -4.12 52.70
C GLU Y 67 -1.82 -3.28 53.83
N LEU Y 68 -0.66 -2.65 53.57
CA LEU Y 68 -0.07 -1.73 54.51
C LEU Y 68 -0.96 -0.53 54.83
N ARG Y 69 -1.61 0.08 53.84
CA ARG Y 69 -2.44 1.26 54.09
C ARG Y 69 -3.74 0.93 54.82
N ASN Y 70 -4.40 -0.16 54.40
CA ASN Y 70 -5.73 -0.51 54.82
C ASN Y 70 -5.80 -1.56 55.94
N LYS Y 71 -4.70 -2.21 56.24
CA LYS Y 71 -4.56 -3.11 57.40
C LYS Y 71 -5.36 -4.36 57.26
N GLU Y 72 -5.51 -4.79 56.01
CA GLU Y 72 -6.25 -5.99 55.69
C GLU Y 72 -5.88 -6.41 54.29
N ARG Y 73 -6.09 -7.69 54.06
CA ARG Y 73 -5.81 -8.41 52.82
C ARG Y 73 -6.66 -7.78 51.72
N ILE Y 74 -6.10 -7.51 50.56
CA ILE Y 74 -6.93 -7.14 49.41
C ILE Y 74 -7.81 -8.37 48.93
N SER Y 75 -9.04 -8.11 48.56
CA SER Y 75 -9.90 -9.12 47.98
C SER Y 75 -9.45 -9.53 46.55
N VAL Y 76 -9.88 -10.69 46.10
CA VAL Y 76 -9.61 -11.14 44.73
C VAL Y 76 -10.23 -10.19 43.74
N ALA Y 77 -11.43 -9.72 44.01
CA ALA Y 77 -12.10 -8.76 43.16
C ALA Y 77 -11.31 -7.46 42.98
N ALA Y 78 -10.84 -6.94 44.11
CA ALA Y 78 -10.12 -5.69 44.11
C ALA Y 78 -8.75 -5.87 43.44
N ALA Y 79 -8.06 -6.98 43.69
CA ALA Y 79 -6.77 -7.21 43.08
C ALA Y 79 -6.90 -7.32 41.55
N SER Y 80 -7.89 -8.12 41.09
CA SER Y 80 -8.12 -8.29 39.65
C SER Y 80 -8.48 -6.94 38.98
N LYS Y 81 -9.20 -6.10 39.74
CA LYS Y 81 -9.61 -4.84 39.27
C LYS Y 81 -8.45 -3.87 39.16
N LEU Y 82 -7.49 -3.93 40.11
CA LEU Y 82 -6.31 -3.10 40.05
C LEU Y 82 -5.55 -3.44 38.73
N LEU Y 83 -5.35 -4.71 38.45
CA LEU Y 83 -4.67 -5.13 37.24
C LEU Y 83 -5.40 -4.64 35.98
N ALA Y 84 -6.72 -4.87 35.89
CA ALA Y 84 -7.53 -4.42 34.76
C ALA Y 84 -7.39 -2.91 34.52
N ASN Y 85 -7.45 -2.10 35.57
CA ASN Y 85 -7.32 -0.69 35.44
C ASN Y 85 -5.92 -0.26 35.03
N MET Y 86 -4.89 -0.93 35.49
CA MET Y 86 -3.54 -0.63 35.05
C MET Y 86 -3.31 -0.85 33.54
N VAL Y 87 -3.74 -2.00 33.04
CA VAL Y 87 -3.51 -2.33 31.64
C VAL Y 87 -4.45 -1.58 30.65
N TYR Y 88 -5.62 -1.13 31.14
CA TYR Y 88 -6.65 -0.57 30.31
C TYR Y 88 -6.04 0.58 29.54
N GLN Y 89 -5.22 1.34 30.22
CA GLN Y 89 -4.61 2.57 29.65
C GLN Y 89 -3.71 2.26 28.51
N TYR Y 90 -3.21 1.05 28.43
CA TYR Y 90 -2.33 0.63 27.37
C TYR Y 90 -3.02 -0.06 26.22
N LYS Y 91 -4.34 -0.11 26.18
CA LYS Y 91 -5.00 -0.87 25.07
C LYS Y 91 -4.58 -0.29 23.73
N GLY Y 92 -4.29 -1.19 22.79
CA GLY Y 92 -3.94 -0.75 21.47
C GLY Y 92 -2.46 -0.57 21.25
N MET Y 93 -1.66 -0.73 22.30
CA MET Y 93 -0.23 -0.49 22.21
C MET Y 93 0.55 -1.77 22.12
N GLY Y 94 -0.16 -2.89 22.02
CA GLY Y 94 0.48 -4.14 21.74
C GLY Y 94 0.93 -4.92 22.95
N LEU Y 95 0.41 -4.61 24.13
CA LEU Y 95 0.62 -5.53 25.26
C LEU Y 95 -0.16 -6.77 24.99
N SER Y 96 0.42 -7.89 25.39
CA SER Y 96 -0.22 -9.19 25.27
C SER Y 96 -0.14 -9.92 26.59
N MET Y 97 -1.26 -10.06 27.24
CA MET Y 97 -1.30 -10.69 28.58
CA MET Y 97 -1.32 -10.71 28.57
C MET Y 97 -2.68 -11.28 28.78
N GLY Y 98 -2.68 -12.49 29.31
CA GLY Y 98 -3.93 -13.16 29.74
C GLY Y 98 -3.60 -13.81 31.06
N THR Y 99 -4.30 -13.40 32.12
CA THR Y 99 -4.01 -13.89 33.44
C THR Y 99 -5.24 -14.36 34.19
N MET Y 100 -5.04 -15.35 35.00
CA MET Y 100 -6.04 -15.67 36.02
C MET Y 100 -5.56 -15.20 37.38
N ILE Y 101 -6.43 -14.47 38.09
CA ILE Y 101 -6.17 -14.04 39.50
C ILE Y 101 -7.01 -14.99 40.43
N CYS Y 102 -6.33 -15.74 41.26
CA CYS Y 102 -6.86 -16.88 41.99
C CYS Y 102 -6.58 -16.67 43.47
N GLY Y 103 -7.63 -16.67 44.29
CA GLY Y 103 -7.45 -16.48 45.73
C GLY Y 103 -8.58 -17.08 46.54
N TRP Y 104 -8.59 -16.72 47.82
CA TRP Y 104 -9.66 -17.12 48.71
C TRP Y 104 -9.76 -15.94 49.70
N ASP Y 105 -10.89 -15.26 49.71
CA ASP Y 105 -11.09 -14.05 50.52
C ASP Y 105 -12.41 -14.18 51.29
N LYS Y 106 -13.00 -13.11 51.78
CA LYS Y 106 -14.25 -13.24 52.59
C LYS Y 106 -15.42 -13.77 51.76
N ARG Y 107 -15.40 -13.66 50.44
CA ARG Y 107 -16.48 -14.24 49.66
C ARG Y 107 -16.15 -15.71 49.32
N GLY Y 108 -15.06 -16.27 49.85
CA GLY Y 108 -14.68 -17.66 49.54
C GLY Y 108 -13.71 -17.74 48.37
N PRO Y 109 -13.58 -18.92 47.75
CA PRO Y 109 -12.65 -19.08 46.60
C PRO Y 109 -12.95 -18.06 45.50
N GLY Y 110 -11.94 -17.51 44.86
CA GLY Y 110 -12.13 -16.46 43.89
C GLY Y 110 -11.30 -16.72 42.68
N LEU Y 111 -11.87 -16.40 41.53
CA LEU Y 111 -11.16 -16.63 40.22
C LEU Y 111 -11.61 -15.66 39.22
N TYR Y 112 -10.67 -14.83 38.71
CA TYR Y 112 -10.99 -13.83 37.72
C TYR Y 112 -10.02 -13.97 36.53
N TYR Y 113 -10.55 -13.84 35.34
CA TYR Y 113 -9.73 -13.79 34.14
C TYR Y 113 -9.54 -12.32 33.78
N VAL Y 114 -8.32 -11.91 33.53
CA VAL Y 114 -7.99 -10.50 33.19
C VAL Y 114 -6.98 -10.47 32.03
N ASP Y 115 -7.22 -9.64 31.04
CA ASP Y 115 -6.31 -9.61 29.92
C ASP Y 115 -6.06 -8.21 29.40
N SER Y 116 -5.08 -8.13 28.53
CA SER Y 116 -4.62 -6.83 27.94
C SER Y 116 -5.63 -6.23 26.99
N GLU Y 117 -6.63 -6.99 26.55
CA GLU Y 117 -7.74 -6.42 25.77
C GLU Y 117 -8.75 -5.62 26.53
N GLY Y 118 -8.66 -5.74 27.86
CA GLY Y 118 -9.57 -5.11 28.77
C GLY Y 118 -10.60 -6.02 29.49
N ASN Y 119 -10.60 -7.31 29.23
CA ASN Y 119 -11.60 -8.22 29.83
C ASN Y 119 -11.25 -8.39 31.28
N ARG Y 120 -12.29 -8.41 32.09
CA ARG Y 120 -12.17 -8.83 33.49
C ARG Y 120 -13.45 -9.54 33.88
N ILE Y 121 -13.34 -10.85 34.18
CA ILE Y 121 -14.54 -11.64 34.43
C ILE Y 121 -14.30 -12.70 35.43
N SER Y 122 -15.28 -12.83 36.32
CA SER Y 122 -15.29 -13.87 37.33
C SER Y 122 -15.85 -15.16 36.70
N GLY Y 123 -15.38 -16.31 37.10
CA GLY Y 123 -16.00 -17.54 36.67
C GLY Y 123 -15.52 -18.76 37.44
N ALA Y 124 -16.14 -19.91 37.15
CA ALA Y 124 -15.82 -21.15 37.82
C ALA Y 124 -14.53 -21.79 37.32
N THR Y 125 -14.29 -21.73 36.00
CA THR Y 125 -13.18 -22.41 35.40
C THR Y 125 -12.72 -21.51 34.26
N PHE Y 126 -11.44 -21.54 33.95
CA PHE Y 126 -10.89 -20.83 32.83
C PHE Y 126 -9.67 -21.58 32.33
N SER Y 127 -9.34 -21.37 31.06
CA SER Y 127 -8.04 -21.77 30.52
C SER Y 127 -7.62 -20.65 29.55
N VAL Y 128 -6.31 -20.34 29.55
CA VAL Y 128 -5.72 -19.23 28.81
C VAL Y 128 -4.41 -19.62 28.13
N GLY Y 129 -4.20 -19.16 26.88
CA GLY Y 129 -2.95 -19.39 26.19
C GLY Y 129 -3.20 -20.15 24.90
N SER Y 130 -2.14 -20.33 24.12
CA SER Y 130 -2.15 -20.97 22.83
C SER Y 130 -2.75 -22.38 22.96
N GLY Y 131 -2.55 -23.06 24.08
CA GLY Y 131 -3.11 -24.40 24.30
C GLY Y 131 -4.44 -24.50 25.03
N SER Y 132 -5.08 -23.37 25.34
CA SER Y 132 -6.29 -23.34 26.11
C SER Y 132 -7.42 -24.18 25.52
N VAL Y 133 -7.57 -24.14 24.20
CA VAL Y 133 -8.61 -24.93 23.57
C VAL Y 133 -8.54 -26.44 23.89
N TYR Y 134 -7.33 -26.96 23.98
CA TYR Y 134 -7.08 -28.35 24.28
C TYR Y 134 -7.36 -28.61 25.75
N ALA Y 135 -6.88 -27.71 26.61
CA ALA Y 135 -7.14 -27.88 28.05
C ALA Y 135 -8.62 -27.80 28.34
N TYR Y 136 -9.36 -26.94 27.66
CA TYR Y 136 -10.78 -26.81 27.93
C TYR Y 136 -11.53 -28.09 27.70
N GLY Y 137 -11.22 -28.75 26.58
CA GLY Y 137 -11.88 -30.03 26.28
C GLY Y 137 -11.72 -30.99 27.43
N VAL Y 138 -10.50 -31.15 27.95
CA VAL Y 138 -10.30 -32.13 28.98
C VAL Y 138 -10.82 -31.71 30.33
N MET Y 139 -10.56 -30.46 30.70
CA MET Y 139 -11.10 -29.91 31.94
C MET Y 139 -12.60 -29.96 31.91
N ASP Y 140 -13.23 -29.54 30.83
CA ASP Y 140 -14.66 -29.52 30.78
C ASP Y 140 -15.26 -30.89 30.96
N ARG Y 141 -14.66 -31.97 30.37
CA ARG Y 141 -15.29 -33.28 30.50
CA ARG Y 141 -15.25 -33.30 30.49
C ARG Y 141 -15.14 -33.90 31.91
N GLY Y 142 -14.20 -33.42 32.70
CA GLY Y 142 -13.97 -33.97 34.01
C GLY Y 142 -14.33 -33.08 35.17
N TYR Y 143 -14.68 -31.81 34.93
CA TYR Y 143 -14.88 -30.87 36.00
C TYR Y 143 -16.15 -31.14 36.79
N SER Y 144 -16.06 -31.01 38.11
CA SER Y 144 -17.22 -30.97 38.94
C SER Y 144 -16.87 -30.15 40.16
N TYR Y 145 -17.82 -29.36 40.64
CA TYR Y 145 -17.61 -28.57 41.90
C TYR Y 145 -17.28 -29.54 43.05
N ASP Y 146 -17.78 -30.75 42.99
CA ASP Y 146 -17.60 -31.71 44.08
C ASP Y 146 -16.51 -32.71 43.85
N LEU Y 147 -15.59 -32.38 42.95
CA LEU Y 147 -14.36 -33.18 42.86
C LEU Y 147 -13.70 -33.31 44.23
N GLU Y 148 -13.18 -34.49 44.52
CA GLU Y 148 -12.26 -34.64 45.64
C GLU Y 148 -10.91 -33.98 45.30
N VAL Y 149 -10.13 -33.66 46.33
CA VAL Y 149 -8.89 -32.94 46.14
C VAL Y 149 -7.97 -33.64 45.15
N GLU Y 150 -7.68 -34.94 45.39
CA GLU Y 150 -6.75 -35.68 44.53
C GLU Y 150 -7.31 -35.81 43.11
N GLN Y 151 -8.64 -35.89 42.96
CA GLN Y 151 -9.25 -35.97 41.62
C GLN Y 151 -9.05 -34.62 40.87
N ALA Y 152 -9.13 -33.50 41.59
CA ALA Y 152 -8.95 -32.17 41.00
C ALA Y 152 -7.51 -31.96 40.56
N TYR Y 153 -6.57 -32.39 41.38
CA TYR Y 153 -5.17 -32.37 41.01
C TYR Y 153 -4.95 -33.14 39.72
N ASP Y 154 -5.51 -34.36 39.67
CA ASP Y 154 -5.37 -35.27 38.52
C ASP Y 154 -5.90 -34.60 37.26
N LEU Y 155 -7.06 -33.98 37.37
CA LEU Y 155 -7.72 -33.33 36.23
C LEU Y 155 -6.90 -32.19 35.66
N ALA Y 156 -6.45 -31.29 36.55
CA ALA Y 156 -5.61 -30.16 36.16
C ALA Y 156 -4.35 -30.61 35.47
N ARG Y 157 -3.70 -31.57 36.06
CA ARG Y 157 -2.49 -32.12 35.53
C ARG Y 157 -2.70 -32.76 34.12
N ARG Y 158 -3.78 -33.53 33.97
CA ARG Y 158 -4.11 -34.16 32.74
C ARG Y 158 -4.48 -33.15 31.63
N ALA Y 159 -5.29 -32.14 31.93
CA ALA Y 159 -5.67 -31.13 30.99
C ALA Y 159 -4.46 -30.39 30.43
N ILE Y 160 -3.54 -29.95 31.28
CA ILE Y 160 -2.35 -29.28 30.82
C ILE Y 160 -1.52 -30.25 29.97
N TYR Y 161 -1.40 -31.47 30.45
CA TYR Y 161 -0.65 -32.50 29.73
C TYR Y 161 -1.14 -32.65 28.30
N GLN Y 162 -2.45 -32.78 28.15
CA GLN Y 162 -3.08 -33.03 26.82
C GLN Y 162 -2.89 -31.80 25.94
N ALA Y 163 -2.99 -30.61 26.52
CA ALA Y 163 -2.58 -29.38 25.82
C ALA Y 163 -1.13 -29.37 25.32
N THR Y 164 -0.18 -29.76 26.14
CA THR Y 164 1.22 -29.82 25.70
C THR Y 164 1.42 -30.79 24.49
N TYR Y 165 0.60 -31.84 24.45
CA TYR Y 165 0.71 -32.81 23.45
C TYR Y 165 0.26 -32.29 22.06
N ARG Y 166 -0.89 -31.62 21.99
CA ARG Y 166 -1.37 -31.06 20.71
C ARG Y 166 -0.71 -29.72 20.28
N ASP Y 167 -0.46 -28.85 21.26
CA ASP Y 167 0.00 -27.47 21.04
C ASP Y 167 1.50 -27.42 21.01
N ALA Y 168 2.04 -27.09 19.82
CA ALA Y 168 3.48 -26.92 19.67
C ALA Y 168 4.08 -25.86 20.65
N TYR Y 169 3.28 -24.89 21.03
CA TYR Y 169 3.78 -23.82 21.88
C TYR Y 169 3.52 -24.07 23.40
N SER Y 170 3.16 -25.28 23.77
CA SER Y 170 3.08 -25.62 25.20
C SER Y 170 3.94 -26.84 25.45
N GLY Y 171 4.57 -26.85 26.65
CA GLY Y 171 5.36 -28.01 27.06
C GLY Y 171 6.12 -27.86 28.36
N GLY Y 172 7.02 -28.81 28.59
CA GLY Y 172 7.94 -28.81 29.70
C GLY Y 172 7.45 -29.59 30.89
N ALA Y 173 6.95 -28.89 31.90
CA ALA Y 173 6.47 -29.51 33.09
C ALA Y 173 5.16 -28.89 33.45
N VAL Y 174 4.33 -29.66 34.15
CA VAL Y 174 3.06 -29.14 34.61
C VAL Y 174 3.31 -28.70 36.08
N ASN Y 175 3.09 -27.42 36.37
CA ASN Y 175 3.21 -26.88 37.76
C ASN Y 175 1.85 -26.58 38.30
N LEU Y 176 1.56 -27.15 39.46
CA LEU Y 176 0.22 -27.20 40.00
C LEU Y 176 0.25 -26.59 41.45
N TYR Y 177 -0.77 -25.78 41.71
CA TYR Y 177 -0.92 -25.11 42.94
C TYR Y 177 -2.36 -25.32 43.38
N HIS Y 178 -2.58 -25.14 44.68
CA HIS Y 178 -3.92 -25.24 45.25
C HIS Y 178 -4.14 -24.13 46.26
N VAL Y 179 -5.11 -23.25 45.98
CA VAL Y 179 -5.45 -22.21 46.92
C VAL Y 179 -6.49 -22.75 47.91
N ARG Y 180 -6.08 -22.80 49.16
CA ARG Y 180 -6.94 -23.22 50.30
C ARG Y 180 -7.24 -22.01 51.17
N GLU Y 181 -8.09 -22.18 52.16
CA GLU Y 181 -8.57 -21.06 52.95
C GLU Y 181 -7.47 -20.40 53.77
N ASP Y 182 -6.46 -21.16 54.19
CA ASP Y 182 -5.30 -20.61 54.90
C ASP Y 182 -4.06 -20.40 54.01
N GLY Y 183 -4.22 -20.26 52.71
CA GLY Y 183 -3.09 -20.02 51.86
C GLY Y 183 -2.99 -21.02 50.74
N TRP Y 184 -2.20 -20.68 49.75
CA TRP Y 184 -1.98 -21.57 48.65
C TRP Y 184 -0.89 -22.52 49.11
N ILE Y 185 -0.84 -23.69 48.49
CA ILE Y 185 0.33 -24.57 48.52
C ILE Y 185 0.76 -24.94 47.06
N ARG Y 186 2.06 -25.10 46.87
CA ARG Y 186 2.63 -25.67 45.69
CA ARG Y 186 2.62 -25.69 45.65
C ARG Y 186 2.43 -27.20 45.74
N VAL Y 187 1.64 -27.78 44.85
CA VAL Y 187 1.31 -29.24 44.98
C VAL Y 187 2.35 -30.09 44.31
N SER Y 188 2.67 -29.81 43.05
CA SER Y 188 3.66 -30.64 42.34
C SER Y 188 4.21 -29.97 41.04
N SER Y 189 5.31 -30.52 40.57
CA SER Y 189 5.93 -30.15 39.31
C SER Y 189 6.25 -31.47 38.62
N ASP Y 190 5.59 -31.74 37.51
CA ASP Y 190 5.80 -33.03 36.85
C ASP Y 190 6.20 -32.83 35.39
N ASN Y 191 7.37 -33.30 35.02
CA ASN Y 191 7.77 -33.25 33.65
C ASN Y 191 6.77 -34.04 32.78
N VAL Y 192 6.38 -33.37 31.70
CA VAL Y 192 5.47 -33.94 30.69
C VAL Y 192 5.98 -35.25 30.10
N ALA Y 193 7.30 -35.47 30.02
CA ALA Y 193 7.83 -36.79 29.60
C ALA Y 193 7.57 -37.90 30.63
N ASP Y 194 7.61 -37.58 31.91
CA ASP Y 194 7.23 -38.58 32.94
C ASP Y 194 5.73 -38.79 32.98
N LEU Y 195 4.94 -37.73 32.79
CA LEU Y 195 3.45 -37.90 32.67
C LEU Y 195 3.02 -38.75 31.47
N HIS Y 196 3.75 -38.66 30.37
CA HIS Y 196 3.41 -39.43 29.14
C HIS Y 196 3.49 -40.93 29.37
N GLU Y 197 4.59 -41.33 29.99
CA GLU Y 197 4.89 -42.66 30.46
C GLU Y 197 3.71 -43.19 31.28
N LYS Y 198 3.28 -42.39 32.24
CA LYS Y 198 2.19 -42.76 33.12
C LYS Y 198 0.85 -42.87 32.35
N TYR Y 199 0.46 -41.90 31.54
CA TYR Y 199 -0.94 -41.90 31.05
C TYR Y 199 -1.25 -42.88 29.86
N ARG Z 1 11.85 5.70 5.22
CA ARG Z 1 11.86 5.34 6.68
C ARG Z 1 13.36 4.98 7.04
N PHE Z 2 13.98 5.93 7.74
CA PHE Z 2 15.15 5.69 8.55
C PHE Z 2 14.82 4.50 9.43
N SER Z 3 15.65 3.45 9.52
CA SER Z 3 15.58 2.45 10.60
C SER Z 3 16.59 2.73 11.72
N PRO Z 4 16.11 2.85 12.95
CA PRO Z 4 16.98 3.09 14.08
C PRO Z 4 17.78 1.88 14.58
N TYR Z 5 17.66 0.73 13.93
CA TYR Z 5 18.37 -0.43 14.32
C TYR Z 5 19.19 -0.98 13.20
N VAL Z 6 20.24 -1.65 13.53
CA VAL Z 6 20.92 -2.53 12.64
C VAL Z 6 21.37 -3.77 13.45
N PHE Z 7 21.58 -4.89 12.77
CA PHE Z 7 22.10 -6.10 13.43
C PHE Z 7 23.63 -6.18 13.34
N ASN Z 8 24.33 -6.26 14.47
CA ASN Z 8 25.78 -6.30 14.48
C ASN Z 8 26.37 -7.60 14.93
N GLY Z 9 25.52 -8.61 15.16
CA GLY Z 9 26.04 -9.95 15.31
C GLY Z 9 26.54 -10.22 16.72
N GLY Z 10 27.11 -11.37 16.91
CA GLY Z 10 27.61 -11.69 18.23
C GLY Z 10 26.90 -12.79 18.97
N THR Z 11 27.73 -13.69 19.49
CA THR Z 11 27.29 -14.83 20.27
C THR Z 11 27.81 -14.78 21.72
N ILE Z 12 26.86 -14.94 22.66
CA ILE Z 12 27.16 -14.96 24.11
C ILE Z 12 26.72 -16.28 24.79
N LEU Z 13 27.39 -16.60 25.88
CA LEU Z 13 27.17 -17.83 26.62
C LEU Z 13 27.55 -17.58 28.10
N ALA Z 14 26.76 -18.17 29.00
CA ALA Z 14 27.11 -18.24 30.42
C ALA Z 14 26.80 -19.61 31.03
N ILE Z 15 27.68 -20.03 31.92
CA ILE Z 15 27.57 -21.30 32.60
C ILE Z 15 27.77 -21.03 34.11
N ALA Z 16 26.83 -21.52 34.91
CA ALA Z 16 26.96 -21.61 36.39
C ALA Z 16 27.54 -22.92 36.92
N GLY Z 17 28.63 -22.81 37.67
CA GLY Z 17 29.20 -23.93 38.39
C GLY Z 17 28.88 -23.82 39.87
N GLU Z 18 29.40 -24.75 40.64
CA GLU Z 18 29.18 -24.73 42.07
C GLU Z 18 29.83 -23.54 42.72
N ASP Z 19 31.04 -23.17 42.30
CA ASP Z 19 31.76 -22.02 42.84
C ASP Z 19 32.38 -21.14 41.69
N PHE Z 20 31.76 -21.12 40.54
CA PHE Z 20 32.26 -20.28 39.46
C PHE Z 20 31.16 -19.94 38.53
N ALA Z 21 31.38 -18.91 37.77
CA ALA Z 21 30.59 -18.61 36.63
C ALA Z 21 31.51 -18.28 35.43
N ILE Z 22 31.09 -18.72 34.25
CA ILE Z 22 31.76 -18.37 33.00
C ILE Z 22 30.84 -17.49 32.19
N VAL Z 23 31.37 -16.43 31.60
CA VAL Z 23 30.68 -15.65 30.59
C VAL Z 23 31.64 -15.53 29.43
N ALA Z 24 31.13 -15.87 28.26
CA ALA Z 24 31.95 -15.99 27.06
C ALA Z 24 31.24 -15.33 25.86
N SER Z 25 32.04 -14.83 24.92
CA SER Z 25 31.53 -14.24 23.70
C SER Z 25 32.56 -14.23 22.59
N ASP Z 26 32.10 -14.17 21.34
CA ASP Z 26 33.04 -13.97 20.22
C ASP Z 26 33.42 -12.47 20.15
N THR Z 27 34.39 -12.10 19.32
CA THR Z 27 34.84 -10.73 19.28
C THR Z 27 34.52 -10.00 17.95
N ARG Z 28 33.68 -10.59 17.11
CA ARG Z 28 33.36 -10.03 15.80
C ARG Z 28 32.24 -9.07 15.93
N LEU Z 29 32.42 -7.93 15.30
CA LEU Z 29 31.35 -6.99 15.14
C LEU Z 29 31.13 -6.80 13.64
N SER Z 30 29.90 -7.02 13.21
CA SER Z 30 29.52 -7.11 11.79
C SER Z 30 28.49 -6.06 11.46
N GLU Z 31 28.25 -5.89 10.20
CA GLU Z 31 27.16 -5.14 9.72
C GLU Z 31 26.95 -5.55 8.25
N GLY Z 32 25.73 -5.90 7.87
CA GLY Z 32 25.46 -6.44 6.46
C GLY Z 32 26.32 -7.66 6.16
N PHE Z 33 27.12 -7.57 5.13
CA PHE Z 33 28.10 -8.61 4.81
C PHE Z 33 29.56 -8.24 5.14
N SER Z 34 29.74 -7.26 6.00
CA SER Z 34 31.07 -6.69 6.35
C SER Z 34 31.37 -6.86 7.84
N ILE Z 35 32.66 -6.83 8.13
CA ILE Z 35 33.19 -6.88 9.45
C ILE Z 35 33.72 -5.47 9.81
N HIS Z 36 33.14 -4.92 10.88
CA HIS Z 36 33.58 -3.65 11.45
C HIS Z 36 34.93 -3.84 12.09
N THR Z 37 35.02 -4.77 13.01
CA THR Z 37 36.26 -5.07 13.66
C THR Z 37 36.21 -6.50 14.12
N ARG Z 38 37.39 -7.08 14.24
CA ARG Z 38 37.57 -8.41 14.78
C ARG Z 38 37.87 -8.44 16.30
N ASP Z 39 37.86 -7.30 16.96
CA ASP Z 39 38.23 -7.24 18.35
C ASP Z 39 37.28 -6.37 19.15
N SER Z 40 36.08 -6.90 19.33
CA SER Z 40 34.96 -6.25 19.93
C SER Z 40 34.23 -7.33 20.78
N PRO Z 41 34.73 -7.54 21.97
CA PRO Z 41 34.08 -8.44 22.97
C PRO Z 41 32.71 -7.93 23.43
N LYS Z 42 31.90 -8.90 23.80
CA LYS Z 42 30.53 -8.65 24.16
C LYS Z 42 30.30 -8.83 25.68
N CYS Z 43 31.38 -9.01 26.42
CA CYS Z 43 31.35 -9.18 27.87
CA CYS Z 43 31.36 -9.16 27.87
C CYS Z 43 31.75 -7.83 28.54
N TYR Z 44 31.14 -7.48 29.66
CA TYR Z 44 31.44 -6.24 30.38
C TYR Z 44 31.47 -6.54 31.89
N LYS Z 45 32.55 -6.14 32.57
CA LYS Z 45 32.63 -6.33 34.00
C LYS Z 45 31.69 -5.34 34.71
N LEU Z 46 30.76 -5.80 35.54
CA LEU Z 46 29.89 -4.91 36.31
C LEU Z 46 30.39 -4.71 37.77
N THR Z 47 30.75 -5.77 38.47
CA THR Z 47 31.35 -5.73 39.79
C THR Z 47 32.36 -6.82 39.77
N ASP Z 48 33.04 -7.00 40.88
CA ASP Z 48 33.99 -8.12 41.06
C ASP Z 48 33.41 -9.50 40.96
N LYS Z 49 32.10 -9.58 41.06
CA LYS Z 49 31.35 -10.81 41.19
C LYS Z 49 30.39 -11.00 40.02
N THR Z 50 30.28 -10.01 39.14
CA THR Z 50 29.27 -10.01 38.09
C THR Z 50 29.79 -9.47 36.73
N VAL Z 51 29.49 -10.22 35.67
CA VAL Z 51 29.81 -9.90 34.32
C VAL Z 51 28.53 -10.05 33.52
N ILE Z 52 28.36 -9.16 32.54
CA ILE Z 52 27.21 -9.21 31.64
C ILE Z 52 27.69 -9.39 30.17
N GLY Z 53 27.00 -10.26 29.42
CA GLY Z 53 27.23 -10.41 27.95
C GLY Z 53 26.07 -9.78 27.23
N CYS Z 54 26.35 -9.05 26.15
CA CYS Z 54 25.37 -8.26 25.43
C CYS Z 54 25.62 -8.37 23.95
N SER Z 55 24.60 -8.79 23.21
CA SER Z 55 24.72 -8.79 21.73
C SER Z 55 23.51 -8.29 21.10
N GLY Z 56 23.63 -7.94 19.81
CA GLY Z 56 22.50 -7.43 19.07
C GLY Z 56 22.92 -6.14 18.37
N PHE Z 57 22.13 -5.09 18.52
CA PHE Z 57 22.42 -3.80 17.91
C PHE Z 57 23.46 -3.10 18.78
N HIS Z 58 24.65 -2.91 18.23
CA HIS Z 58 25.75 -2.37 19.01
C HIS Z 58 25.48 -0.98 19.63
N GLY Z 59 24.77 -0.12 18.95
CA GLY Z 59 24.42 1.19 19.52
C GLY Z 59 23.68 1.05 20.87
N ASP Z 60 22.77 0.05 20.92
CA ASP Z 60 22.04 -0.24 22.12
C ASP Z 60 22.90 -0.96 23.13
N CYS Z 61 23.82 -1.80 22.71
CA CYS Z 61 24.69 -2.47 23.66
C CYS Z 61 25.59 -1.45 24.43
N LEU Z 62 26.13 -0.49 23.68
CA LEU Z 62 26.90 0.55 24.29
C LEU Z 62 26.09 1.41 25.25
N THR Z 63 24.94 1.88 24.84
CA THR Z 63 24.11 2.71 25.68
C THR Z 63 23.68 1.98 26.97
N LEU Z 64 23.16 0.77 26.80
CA LEU Z 64 22.64 0.00 27.91
C LEU Z 64 23.74 -0.27 28.93
N THR Z 65 24.92 -0.67 28.50
CA THR Z 65 25.96 -0.95 29.43
C THR Z 65 26.40 0.30 30.21
N LYS Z 66 26.42 1.46 29.54
CA LYS Z 66 26.71 2.71 30.24
C LYS Z 66 25.61 3.10 31.29
N ILE Z 67 24.34 2.81 30.97
CA ILE Z 67 23.24 3.00 31.88
C ILE Z 67 23.40 2.08 33.13
N ILE Z 68 23.77 0.83 32.88
CA ILE Z 68 23.93 -0.13 33.98
C ILE Z 68 25.05 0.34 34.91
N GLU Z 69 26.17 0.76 34.34
CA GLU Z 69 27.30 1.28 35.09
C GLU Z 69 26.95 2.46 35.99
N ALA Z 70 26.22 3.42 35.43
CA ALA Z 70 25.76 4.54 36.18
C ALA Z 70 24.83 4.11 37.33
N ARG Z 71 23.90 3.20 37.04
CA ARG Z 71 22.95 2.72 38.06
C ARG Z 71 23.62 1.94 39.18
N LEU Z 72 24.68 1.18 38.88
CA LEU Z 72 25.41 0.50 39.90
C LEU Z 72 26.09 1.47 40.88
N LYS Z 73 26.66 2.56 40.37
CA LYS Z 73 27.20 3.57 41.23
C LYS Z 73 26.16 4.33 42.07
N MET Z 74 25.06 4.70 41.44
CA MET Z 74 23.94 5.32 42.16
C MET Z 74 23.47 4.43 43.31
N TYR Z 75 23.31 3.13 43.04
CA TYR Z 75 22.89 2.13 44.05
C TYR Z 75 23.87 2.12 45.19
N LYS Z 76 25.15 2.01 44.88
CA LYS Z 76 26.19 1.98 45.88
C LYS Z 76 26.23 3.25 46.76
N HIS Z 77 26.08 4.42 46.14
CA HIS Z 77 25.92 5.66 46.88
C HIS Z 77 24.69 5.72 47.76
N SER Z 78 23.51 5.30 47.29
CA SER Z 78 22.37 5.36 48.21
C SER Z 78 22.29 4.24 49.24
N ASN Z 79 22.79 3.05 48.93
CA ASN Z 79 22.65 1.91 49.82
C ASN Z 79 23.93 1.45 50.51
N ASN Z 80 25.07 2.06 50.24
CA ASN Z 80 26.35 1.71 50.89
C ASN Z 80 26.87 0.33 50.76
N LYS Z 81 26.59 -0.29 49.65
CA LYS Z 81 27.09 -1.59 49.32
C LYS Z 81 26.98 -1.77 47.78
N ALA Z 82 27.81 -2.64 47.22
CA ALA Z 82 27.71 -3.09 45.82
C ALA Z 82 26.40 -3.89 45.59
N MET Z 83 25.81 -3.74 44.40
CA MET Z 83 24.67 -4.54 44.00
C MET Z 83 25.05 -5.99 43.77
N THR Z 84 24.20 -6.88 44.24
CA THR Z 84 24.39 -8.28 44.09
C THR Z 84 24.02 -8.65 42.64
N THR Z 85 24.44 -9.84 42.27
CA THR Z 85 24.18 -10.39 40.96
C THR Z 85 22.68 -10.42 40.72
N GLY Z 86 21.94 -10.93 41.69
CA GLY Z 86 20.48 -10.99 41.62
C GLY Z 86 19.77 -9.64 41.56
N ALA Z 87 20.28 -8.64 42.29
CA ALA Z 87 19.70 -7.32 42.22
C ALA Z 87 19.98 -6.65 40.87
N ILE Z 88 21.15 -6.90 40.29
CA ILE Z 88 21.50 -6.39 38.95
C ILE Z 88 20.54 -6.97 37.92
N ALA Z 89 20.28 -8.26 38.04
CA ALA Z 89 19.33 -8.92 37.18
C ALA Z 89 17.92 -8.34 37.28
N ALA Z 90 17.39 -8.18 38.51
CA ALA Z 90 16.07 -7.62 38.70
C ALA Z 90 16.02 -6.14 38.17
N MET Z 91 17.09 -5.37 38.38
CA MET Z 91 17.12 -4.01 37.92
C MET Z 91 17.08 -3.97 36.38
N LEU Z 92 17.96 -4.77 35.77
CA LEU Z 92 18.04 -4.87 34.29
C LEU Z 92 16.68 -5.16 33.67
N SER Z 93 15.91 -6.03 34.29
CA SER Z 93 14.54 -6.28 33.81
C SER Z 93 13.70 -5.02 33.70
N THR Z 94 13.76 -4.17 34.74
CA THR Z 94 13.05 -2.92 34.71
C THR Z 94 13.60 -1.91 33.65
N ILE Z 95 14.91 -1.83 33.48
CA ILE Z 95 15.51 -0.90 32.52
C ILE Z 95 15.05 -1.33 31.09
N LEU Z 96 15.06 -2.63 30.85
CA LEU Z 96 14.63 -3.16 29.51
C LEU Z 96 13.18 -2.88 29.28
N TYR Z 97 12.32 -3.07 30.31
CA TYR Z 97 10.90 -2.79 30.18
C TYR Z 97 10.62 -1.29 30.00
N SER Z 98 11.49 -0.40 30.48
CA SER Z 98 11.22 0.99 30.39
C SER Z 98 11.18 1.40 28.89
N ARG Z 99 11.83 0.61 28.03
CA ARG Z 99 11.80 0.78 26.57
C ARG Z 99 10.86 -0.18 25.90
N ARG Z 100 9.84 -0.65 26.63
CA ARG Z 100 8.90 -1.62 26.07
C ARG Z 100 8.39 -1.25 24.64
N PHE Z 101 8.17 0.03 24.42
CA PHE Z 101 7.64 0.56 23.17
C PHE Z 101 8.69 1.06 22.20
N PHE Z 102 9.97 0.94 22.52
CA PHE Z 102 11.12 1.27 21.60
C PHE Z 102 12.30 0.47 22.14
N PRO Z 103 12.27 -0.85 22.01
CA PRO Z 103 13.22 -1.68 22.73
C PRO Z 103 14.68 -1.51 22.45
N TYR Z 104 15.49 -1.68 23.50
CA TYR Z 104 16.90 -2.04 23.37
C TYR Z 104 16.95 -3.38 22.61
N TYR Z 105 17.55 -3.35 21.39
CA TYR Z 105 17.81 -4.55 20.61
C TYR Z 105 19.09 -5.22 21.09
N VAL Z 106 18.97 -5.86 22.27
CA VAL Z 106 20.06 -6.44 22.97
C VAL Z 106 19.58 -7.74 23.65
N TYR Z 107 20.37 -8.78 23.54
CA TYR Z 107 20.19 -10.03 24.25
C TYR Z 107 21.25 -10.02 25.33
N ASN Z 108 20.82 -10.17 26.57
CA ASN Z 108 21.67 -10.06 27.74
C ASN Z 108 21.70 -11.36 28.48
N ILE Z 109 22.89 -11.73 28.89
CA ILE Z 109 23.09 -12.83 29.80
C ILE Z 109 24.03 -12.37 30.91
N ILE Z 110 23.57 -12.48 32.16
CA ILE Z 110 24.41 -12.16 33.32
C ILE Z 110 25.03 -13.43 33.87
N GLY Z 111 26.32 -13.38 34.19
CA GLY Z 111 26.96 -14.43 34.89
C GLY Z 111 27.74 -13.88 36.09
N GLY Z 112 27.61 -14.57 37.21
CA GLY Z 112 28.27 -14.16 38.43
C GLY Z 112 28.07 -15.09 39.61
N LEU Z 113 28.51 -14.61 40.77
CA LEU Z 113 28.33 -15.35 42.02
C LEU Z 113 27.16 -14.75 42.77
N ASP Z 114 26.31 -15.65 43.29
CA ASP Z 114 25.25 -15.30 44.15
C ASP Z 114 25.80 -15.07 45.57
N GLU Z 115 24.89 -14.80 46.50
CA GLU Z 115 25.31 -14.42 47.89
C GLU Z 115 25.82 -15.57 48.71
N GLU Z 116 25.61 -16.81 48.27
CA GLU Z 116 26.26 -17.93 48.94
C GLU Z 116 27.61 -18.30 48.27
N GLY Z 117 28.07 -17.54 47.28
CA GLY Z 117 29.31 -17.90 46.56
C GLY Z 117 29.11 -18.85 45.38
N LYS Z 118 27.88 -19.11 45.02
CA LYS Z 118 27.63 -20.10 43.96
C LYS Z 118 27.43 -19.44 42.59
N GLY Z 119 27.73 -20.17 41.51
CA GLY Z 119 27.48 -19.69 40.17
C GLY Z 119 26.02 -19.29 39.91
N ALA Z 120 25.80 -18.16 39.28
CA ALA Z 120 24.49 -17.72 38.90
C ALA Z 120 24.48 -17.18 37.47
N VAL Z 121 23.51 -17.65 36.70
CA VAL Z 121 23.27 -17.16 35.38
C VAL Z 121 21.86 -16.63 35.31
N TYR Z 122 21.72 -15.45 34.73
CA TYR Z 122 20.41 -14.90 34.38
C TYR Z 122 20.36 -14.54 32.92
N SER Z 123 19.29 -14.93 32.24
CA SER Z 123 19.11 -14.64 30.84
C SER Z 123 17.85 -13.83 30.57
N PHE Z 124 17.91 -12.97 29.55
CA PHE Z 124 16.93 -12.01 29.26
C PHE Z 124 16.48 -11.99 27.83
N ASP Z 125 15.23 -11.66 27.60
CA ASP Z 125 14.79 -11.21 26.30
C ASP Z 125 14.92 -9.64 26.20
N PRO Z 126 14.74 -9.09 24.97
CA PRO Z 126 15.02 -7.64 24.84
C PRO Z 126 14.22 -6.69 25.72
N VAL Z 127 13.05 -7.09 26.18
CA VAL Z 127 12.20 -6.22 26.97
C VAL Z 127 12.16 -6.64 28.46
N GLY Z 128 13.07 -7.52 28.85
CA GLY Z 128 13.39 -7.80 30.23
C GLY Z 128 12.76 -9.02 30.91
N SER Z 129 12.10 -9.88 30.12
CA SER Z 129 11.67 -11.18 30.65
C SER Z 129 12.96 -11.90 31.03
N TYR Z 130 13.02 -12.50 32.21
CA TYR Z 130 14.25 -13.19 32.64
C TYR Z 130 14.00 -14.28 33.60
N GLN Z 131 14.99 -15.14 33.78
CA GLN Z 131 14.99 -16.12 34.87
C GLN Z 131 16.38 -16.51 35.11
N ARG Z 132 16.56 -17.25 36.20
CA ARG Z 132 17.81 -17.88 36.49
C ARG Z 132 17.94 -19.22 35.74
N ASP Z 133 19.13 -19.54 35.27
CA ASP Z 133 19.41 -20.72 34.51
C ASP Z 133 20.67 -21.31 35.07
N SER Z 134 20.91 -22.56 34.75
CA SER Z 134 22.19 -23.21 35.04
C SER Z 134 23.24 -22.87 33.93
N PHE Z 135 22.75 -22.67 32.71
CA PHE Z 135 23.58 -22.36 31.56
C PHE Z 135 22.69 -21.85 30.44
N LYS Z 136 23.25 -21.03 29.58
CA LYS Z 136 22.45 -20.36 28.61
C LYS Z 136 23.30 -19.78 27.45
N ALA Z 137 22.83 -19.97 26.19
CA ALA Z 137 23.44 -19.31 25.06
C ALA Z 137 22.53 -18.21 24.57
N GLY Z 138 23.14 -17.19 23.98
CA GLY Z 138 22.37 -16.09 23.40
C GLY Z 138 23.05 -15.51 22.17
N GLY Z 139 22.29 -14.71 21.46
CA GLY Z 139 22.81 -14.06 20.31
C GLY Z 139 22.76 -14.91 19.05
N SER Z 140 23.62 -14.54 18.12
CA SER Z 140 23.54 -14.96 16.75
C SER Z 140 23.54 -16.51 16.57
N ALA Z 141 24.42 -17.21 17.26
CA ALA Z 141 24.52 -18.65 17.14
C ALA Z 141 23.86 -19.39 18.34
N SER Z 142 22.93 -18.79 19.04
CA SER Z 142 22.36 -19.41 20.23
C SER Z 142 21.66 -20.68 19.93
N ALA Z 143 21.03 -20.80 18.76
CA ALA Z 143 20.37 -22.04 18.44
C ALA Z 143 21.30 -23.16 18.16
N MET Z 144 22.52 -22.83 17.76
CA MET Z 144 23.55 -23.83 17.55
C MET Z 144 24.17 -24.28 18.85
N LEU Z 145 24.40 -23.34 19.77
CA LEU Z 145 25.03 -23.71 21.03
C LEU Z 145 24.12 -24.42 21.99
N GLN Z 146 22.90 -23.93 22.14
CA GLN Z 146 22.03 -24.38 23.23
C GLN Z 146 21.74 -25.87 23.29
N PRO Z 147 21.43 -26.53 22.13
CA PRO Z 147 21.13 -27.94 22.19
C PRO Z 147 22.27 -28.75 22.71
N LEU Z 148 23.49 -28.38 22.32
CA LEU Z 148 24.64 -29.14 22.77
C LEU Z 148 24.87 -28.99 24.32
N LEU Z 149 24.67 -27.78 24.81
CA LEU Z 149 24.72 -27.54 26.27
C LEU Z 149 23.62 -28.34 27.00
N ASP Z 150 22.41 -28.36 26.40
CA ASP Z 150 21.29 -29.16 26.95
C ASP Z 150 21.70 -30.59 27.12
N ASN Z 151 22.35 -31.15 26.07
CA ASN Z 151 22.78 -32.51 26.07
C ASN Z 151 23.93 -32.79 27.06
N GLN Z 152 24.98 -32.00 26.97
CA GLN Z 152 26.24 -32.29 27.64
C GLN Z 152 26.32 -31.78 29.10
N VAL Z 153 25.65 -30.69 29.41
CA VAL Z 153 25.57 -30.09 30.77
C VAL Z 153 24.28 -30.49 31.46
N GLY Z 154 23.17 -30.43 30.74
CA GLY Z 154 21.89 -30.92 31.24
C GLY Z 154 21.73 -32.43 31.24
N PHE Z 155 22.63 -33.16 30.58
CA PHE Z 155 22.46 -34.60 30.39
C PHE Z 155 21.16 -35.02 29.70
N LYS Z 156 20.54 -34.14 28.99
CA LYS Z 156 19.29 -34.51 28.32
C LYS Z 156 19.43 -35.57 27.22
N ASN Z 157 18.41 -36.43 27.15
CA ASN Z 157 18.28 -37.49 26.18
C ASN Z 157 19.29 -38.61 26.34
N MET Z 158 20.01 -38.60 27.47
CA MET Z 158 21.03 -39.64 27.75
C MET Z 158 20.54 -40.62 28.85
N GLN Z 159 20.69 -41.92 28.63
CA GLN Z 159 20.37 -42.93 29.65
C GLN Z 159 21.66 -43.40 30.24
N ASN Z 160 21.56 -43.92 31.48
CA ASN Z 160 22.66 -44.63 32.17
C ASN Z 160 23.97 -43.79 32.16
N VAL Z 161 23.85 -42.49 32.47
CA VAL Z 161 24.98 -41.56 32.65
C VAL Z 161 24.85 -41.04 34.09
N GLU Z 162 25.95 -41.08 34.87
CA GLU Z 162 26.01 -40.41 36.22
C GLU Z 162 25.99 -38.90 36.00
N HIS Z 163 25.02 -38.24 36.64
CA HIS Z 163 24.85 -36.76 36.58
C HIS Z 163 25.85 -36.14 37.57
N VAL Z 164 27.12 -36.04 37.15
CA VAL Z 164 28.18 -35.51 38.03
C VAL Z 164 28.13 -33.96 38.07
N PRO Z 165 28.81 -33.35 39.08
CA PRO Z 165 28.94 -31.86 39.07
C PRO Z 165 29.85 -31.40 37.91
N LEU Z 166 29.56 -30.21 37.41
CA LEU Z 166 30.30 -29.65 36.32
C LEU Z 166 31.59 -29.04 36.83
N SER Z 167 32.72 -29.65 36.47
CA SER Z 167 34.02 -29.07 36.76
C SER Z 167 34.29 -27.86 35.86
N LEU Z 168 35.13 -26.96 36.38
CA LEU Z 168 35.57 -25.82 35.61
C LEU Z 168 36.28 -26.22 34.28
N ASP Z 169 37.16 -27.21 34.37
CA ASP Z 169 37.96 -27.70 33.25
C ASP Z 169 37.07 -28.28 32.14
N ARG Z 170 36.05 -29.04 32.52
CA ARG Z 170 35.12 -29.54 31.56
C ARG Z 170 34.32 -28.39 30.99
N ALA Z 171 33.78 -27.50 31.83
CA ALA Z 171 33.01 -26.38 31.36
C ALA Z 171 33.82 -25.49 30.38
N MET Z 172 35.10 -25.36 30.61
CA MET Z 172 35.95 -24.60 29.70
C MET Z 172 36.09 -25.27 28.29
N ARG Z 173 36.32 -26.57 28.31
CA ARG Z 173 36.44 -27.41 27.13
C ARG Z 173 35.15 -27.31 26.34
N LEU Z 174 34.00 -27.38 27.02
CA LEU Z 174 32.72 -27.24 26.36
C LEU Z 174 32.53 -25.88 25.70
N VAL Z 175 32.86 -24.83 26.42
CA VAL Z 175 32.71 -23.49 25.89
C VAL Z 175 33.52 -23.34 24.59
N LYS Z 176 34.76 -23.76 24.60
CA LYS Z 176 35.60 -23.59 23.46
C LYS Z 176 35.08 -24.41 22.24
N ASP Z 177 34.63 -25.64 22.55
CA ASP Z 177 34.09 -26.54 21.53
C ASP Z 177 32.90 -25.93 20.86
N VAL Z 178 31.97 -25.39 21.64
CA VAL Z 178 30.72 -24.94 21.04
C VAL Z 178 30.90 -23.70 20.21
N PHE Z 179 31.80 -22.83 20.63
CA PHE Z 179 32.12 -21.65 19.81
C PHE Z 179 32.85 -22.03 18.53
N ILE Z 180 33.74 -23.00 18.60
CA ILE Z 180 34.40 -23.50 17.41
C ILE Z 180 33.41 -24.12 16.40
N SER Z 181 32.41 -24.85 16.90
CA SER Z 181 31.34 -25.37 16.10
C SER Z 181 30.49 -24.27 15.51
N ALA Z 182 30.17 -23.28 16.32
CA ALA Z 182 29.41 -22.16 15.81
C ALA Z 182 30.18 -21.37 14.70
N ALA Z 183 31.49 -21.22 14.83
CA ALA Z 183 32.24 -20.45 13.86
C ALA Z 183 32.20 -21.12 12.48
N GLU Z 184 32.03 -22.43 12.47
CA GLU Z 184 31.88 -23.21 11.27
C GLU Z 184 30.62 -22.85 10.46
N ARG Z 185 29.54 -22.47 11.11
CA ARG Z 185 28.27 -22.34 10.45
C ARG Z 185 27.57 -20.97 10.50
N ASP Z 186 27.69 -20.23 11.58
CA ASP Z 186 27.14 -18.89 11.71
C ASP Z 186 28.15 -17.92 11.11
N VAL Z 187 27.74 -17.16 10.09
CA VAL Z 187 28.69 -16.22 9.42
C VAL Z 187 29.12 -15.09 10.37
N TYR Z 188 28.28 -14.77 11.34
CA TYR Z 188 28.60 -13.69 12.32
C TYR Z 188 29.55 -14.08 13.45
N THR Z 189 29.71 -15.35 13.78
CA THR Z 189 30.54 -15.75 14.88
C THR Z 189 31.90 -16.14 14.39
N GLY Z 190 32.89 -15.51 14.95
CA GLY Z 190 34.26 -15.76 14.47
C GLY Z 190 35.30 -14.86 15.13
N ASP Z 191 36.51 -14.94 14.61
CA ASP Z 191 37.71 -14.11 14.99
C ASP Z 191 38.40 -14.57 16.25
N ALA Z 192 37.71 -14.44 17.36
CA ALA Z 192 38.25 -14.88 18.65
C ALA Z 192 37.12 -15.12 19.64
N LEU Z 193 37.40 -16.00 20.61
CA LEU Z 193 36.50 -16.28 21.71
C LEU Z 193 37.15 -15.67 23.00
N ARG Z 194 36.44 -14.77 23.66
CA ARG Z 194 36.85 -14.18 24.95
C ARG Z 194 36.08 -14.87 26.06
N ILE Z 195 36.79 -15.43 27.03
CA ILE Z 195 36.17 -16.13 28.20
C ILE Z 195 36.53 -15.41 29.52
N CYS Z 196 35.53 -15.07 30.32
CA CYS Z 196 35.70 -14.51 31.70
C CYS Z 196 35.29 -15.61 32.69
N ILE Z 197 36.16 -15.91 33.62
CA ILE Z 197 35.85 -16.84 34.72
C ILE Z 197 35.76 -16.07 36.08
N VAL Z 198 34.55 -15.96 36.60
CA VAL Z 198 34.26 -15.30 37.88
C VAL Z 198 34.34 -16.34 39.01
N THR Z 199 35.26 -16.16 39.95
CA THR Z 199 35.33 -17.02 41.16
C THR Z 199 35.48 -16.05 42.35
N LYS Z 200 35.59 -16.62 43.57
CA LYS Z 200 35.80 -15.75 44.73
C LYS Z 200 37.13 -14.99 44.71
N GLU Z 201 38.12 -15.51 43.99
CA GLU Z 201 39.40 -14.83 43.82
C GLU Z 201 39.33 -13.64 42.87
N GLY Z 202 38.37 -13.60 41.97
CA GLY Z 202 38.15 -12.48 41.10
C GLY Z 202 37.77 -12.99 39.72
N ILE Z 203 38.10 -12.17 38.73
CA ILE Z 203 37.65 -12.39 37.32
C ILE Z 203 38.90 -12.55 36.46
N ARG Z 204 39.09 -13.73 35.87
CA ARG Z 204 40.21 -13.90 34.99
C ARG Z 204 39.71 -14.18 33.57
N GLU Z 205 40.61 -14.05 32.64
CA GLU Z 205 40.31 -13.84 31.23
C GLU Z 205 41.17 -14.78 30.46
N GLU Z 206 40.58 -15.55 29.55
CA GLU Z 206 41.33 -16.29 28.52
C GLU Z 206 40.81 -15.83 27.15
N THR Z 207 41.68 -15.86 26.13
CA THR Z 207 41.21 -15.67 24.78
C THR Z 207 41.71 -16.79 23.88
N VAL Z 208 40.87 -17.26 22.97
CA VAL Z 208 41.27 -18.29 22.01
C VAL Z 208 40.89 -17.88 20.59
N SER Z 209 41.72 -18.29 19.64
CA SER Z 209 41.51 -17.92 18.27
C SER Z 209 40.32 -18.67 17.67
N LEU Z 210 39.52 -17.99 16.83
CA LEU Z 210 38.54 -18.62 15.94
C LEU Z 210 38.82 -18.24 14.48
N ARG Z 211 38.23 -19.00 13.56
CA ARG Z 211 38.36 -18.75 12.10
C ARG Z 211 37.99 -17.30 11.75
N LYS Z 212 38.78 -16.73 10.87
CA LYS Z 212 38.65 -15.35 10.41
C LYS Z 212 37.78 -15.07 9.17
N ASP Z 213 37.32 -16.15 8.50
CA ASP Z 213 36.47 -16.03 7.31
C ASP Z 213 34.99 -15.79 7.62
N THR AA 1 17.98 14.95 10.12
CA THR AA 1 17.73 14.69 8.71
C THR AA 1 16.99 13.38 8.48
N GLN AA 2 15.91 13.46 7.73
CA GLN AA 2 15.28 12.28 7.14
C GLN AA 2 15.85 11.90 5.76
N ASN AA 3 16.24 12.91 5.00
CA ASN AA 3 16.58 12.73 3.61
C ASN AA 3 17.87 13.46 3.34
N PRO AA 4 18.99 12.75 3.27
CA PRO AA 4 20.22 13.50 2.99
C PRO AA 4 20.21 14.31 1.66
N MET AA 5 20.93 15.43 1.62
CA MET AA 5 20.91 16.28 0.45
C MET AA 5 22.31 16.27 -0.16
N VAL AA 6 23.17 17.24 0.14
CA VAL AA 6 24.49 17.17 -0.31
C VAL AA 6 25.28 16.25 0.57
N THR AA 7 26.01 15.29 -0.02
CA THR AA 7 26.72 14.26 0.73
C THR AA 7 28.15 14.04 0.34
N GLY AA 8 28.91 13.50 1.27
CA GLY AA 8 30.27 13.07 1.03
C GLY AA 8 30.40 11.56 1.09
N THR AA 9 31.37 11.03 0.36
CA THR AA 9 31.63 9.62 0.32
C THR AA 9 32.63 9.19 1.39
N SER AA 10 33.40 8.15 1.12
CA SER AA 10 34.30 7.54 2.06
C SER AA 10 35.25 8.50 2.86
N VAL AA 11 35.54 8.08 4.12
CA VAL AA 11 36.67 8.62 4.88
C VAL AA 11 37.46 7.42 5.30
N LEU AA 12 38.77 7.54 5.23
CA LEU AA 12 39.71 6.52 5.63
C LEU AA 12 40.52 6.98 6.83
N GLY AA 13 41.00 6.01 7.61
CA GLY AA 13 41.88 6.27 8.71
C GLY AA 13 42.78 5.09 9.00
N VAL AA 14 44.04 5.35 9.32
CA VAL AA 14 44.95 4.32 9.73
C VAL AA 14 45.92 4.82 10.81
N LYS AA 15 46.21 3.95 11.75
CA LYS AA 15 47.19 4.24 12.77
C LYS AA 15 48.59 3.96 12.28
N PHE AA 16 49.52 4.78 12.72
CA PHE AA 16 50.96 4.57 12.52
C PHE AA 16 51.72 4.94 13.80
N GLU AA 17 52.99 4.59 13.83
CA GLU AA 17 53.85 4.82 14.97
C GLU AA 17 54.07 6.32 15.16
N GLY AA 18 53.41 6.88 16.17
CA GLY AA 18 53.47 8.31 16.48
C GLY AA 18 52.28 9.10 16.02
N GLY AA 19 51.26 8.45 15.46
CA GLY AA 19 50.10 9.21 15.05
C GLY AA 19 49.03 8.44 14.31
N VAL AA 20 48.21 9.20 13.60
CA VAL AA 20 47.11 8.68 12.86
C VAL AA 20 46.98 9.59 11.64
N VAL AA 21 46.63 8.98 10.49
CA VAL AA 21 46.33 9.72 9.25
C VAL AA 21 44.90 9.41 8.80
N ILE AA 22 44.16 10.42 8.38
CA ILE AA 22 42.86 10.24 7.80
C ILE AA 22 42.81 10.95 6.42
N ALA AA 23 41.89 10.51 5.57
CA ALA AA 23 41.79 11.03 4.27
C ALA AA 23 40.39 11.12 3.79
N ALA AA 24 40.09 12.15 3.01
CA ALA AA 24 38.78 12.28 2.47
C ALA AA 24 38.84 13.18 1.28
N ASP AA 25 38.10 12.79 0.26
CA ASP AA 25 37.96 13.66 -0.90
C ASP AA 25 37.12 14.93 -0.62
N MET AA 26 37.19 15.87 -1.55
CA MET AA 26 36.66 17.22 -1.33
C MET AA 26 35.34 17.50 -2.03
N LEU AA 27 34.52 16.45 -2.20
CA LEU AA 27 33.33 16.52 -3.00
C LEU AA 27 32.10 16.50 -2.12
N GLY AA 28 31.18 17.40 -2.42
CA GLY AA 28 29.80 17.24 -2.01
C GLY AA 28 28.90 16.93 -3.18
N SER AA 29 28.34 15.69 -3.19
CA SER AA 29 27.50 15.27 -4.26
C SER AA 29 26.07 15.53 -3.93
N TYR AA 30 25.28 15.81 -4.96
CA TYR AA 30 23.84 16.06 -4.85
C TYR AA 30 23.18 15.03 -5.71
N GLY AA 31 22.85 13.88 -5.11
CA GLY AA 31 22.53 12.70 -5.88
C GLY AA 31 23.78 12.29 -6.69
N SER AA 32 23.63 12.05 -7.98
CA SER AA 32 24.78 11.69 -8.81
C SER AA 32 25.64 12.94 -9.23
N LEU AA 33 25.11 14.16 -9.07
CA LEU AA 33 25.81 15.37 -9.50
C LEU AA 33 26.94 15.68 -8.57
N ALA AA 34 28.11 15.87 -9.15
CA ALA AA 34 29.30 16.25 -8.41
C ALA AA 34 29.24 17.79 -8.27
N ARG AA 35 28.56 18.27 -7.25
CA ARG AA 35 28.07 19.62 -7.21
C ARG AA 35 29.07 20.63 -6.62
N PHE AA 36 29.61 20.31 -5.44
CA PHE AA 36 30.54 21.18 -4.71
C PHE AA 36 31.89 20.52 -4.65
N ARG AA 37 32.81 20.99 -5.49
CA ARG AA 37 34.02 20.22 -5.73
C ARG AA 37 35.24 20.67 -4.95
N ASN AA 38 35.04 21.60 -4.03
CA ASN AA 38 36.14 22.04 -3.19
C ASN AA 38 35.76 22.26 -1.71
N ILE AA 39 35.18 21.24 -1.06
CA ILE AA 39 34.73 21.41 0.28
C ILE AA 39 35.59 20.47 1.10
N SER AA 40 35.93 20.83 2.33
CA SER AA 40 36.73 20.01 3.22
C SER AA 40 35.74 19.21 4.13
N ARG AA 41 35.98 17.92 4.22
CA ARG AA 41 35.17 17.00 5.02
C ARG AA 41 35.93 16.56 6.26
N ILE AA 42 36.97 17.33 6.58
CA ILE AA 42 37.82 17.02 7.73
C ILE AA 42 37.80 18.29 8.61
N MET AA 43 37.82 18.07 9.91
CA MET AA 43 37.87 19.11 10.97
C MET AA 43 39.03 18.84 11.92
N ARG AA 44 39.83 19.85 12.21
CA ARG AA 44 40.72 19.81 13.38
C ARG AA 44 39.80 20.08 14.57
N VAL AA 45 39.63 19.15 15.48
CA VAL AA 45 38.79 19.38 16.66
C VAL AA 45 39.55 20.22 17.72
N ASN AA 46 40.72 19.71 18.13
CA ASN AA 46 41.67 20.41 18.99
C ASN AA 46 43.05 19.88 18.64
N ASN AA 47 44.03 20.08 19.48
CA ASN AA 47 45.39 19.74 19.10
C ASN AA 47 45.77 18.28 19.00
N SER AA 48 44.95 17.45 19.59
CA SER AA 48 45.22 16.03 19.68
C SER AA 48 44.22 15.22 18.81
N THR AA 49 43.21 15.87 18.25
CA THR AA 49 42.06 15.20 17.70
C THR AA 49 41.61 15.79 16.39
N MET AA 50 41.29 14.89 15.43
CA MET AA 50 40.66 15.33 14.21
C MET AA 50 39.52 14.40 13.88
N LEU AA 51 38.65 14.91 12.99
CA LEU AA 51 37.44 14.23 12.58
C LEU AA 51 37.24 14.32 11.07
N GLY AA 52 36.81 13.22 10.47
CA GLY AA 52 36.35 13.18 9.08
C GLY AA 52 34.95 12.59 8.95
N ALA AA 53 34.10 13.18 8.11
CA ALA AA 53 32.71 12.78 8.00
C ALA AA 53 32.27 12.39 6.56
N SER AA 54 31.62 11.21 6.45
CA SER AA 54 30.79 10.84 5.31
C SER AA 54 29.35 11.30 5.59
N GLY AA 55 28.55 11.36 4.54
CA GLY AA 55 27.18 11.59 4.65
C GLY AA 55 26.86 13.06 4.49
N ASP AA 56 25.72 13.48 5.05
CA ASP AA 56 25.11 14.78 4.79
C ASP AA 56 26.04 15.95 5.29
N TYR AA 57 26.42 16.83 4.39
CA TYR AA 57 27.39 17.81 4.67
C TYR AA 57 26.82 18.89 5.58
N ALA AA 58 25.53 19.23 5.44
CA ALA AA 58 24.91 20.20 6.36
C ALA AA 58 24.93 19.72 7.80
N ASP AA 59 24.69 18.42 8.00
CA ASP AA 59 24.81 17.81 9.33
C ASP AA 59 26.24 17.79 9.85
N PHE AA 60 27.21 17.53 8.97
CA PHE AA 60 28.60 17.68 9.34
C PHE AA 60 28.90 19.13 9.80
N GLN AA 61 28.43 20.12 9.03
CA GLN AA 61 28.69 21.52 9.37
C GLN AA 61 28.10 21.84 10.79
N TYR AA 62 26.97 21.22 11.09
CA TYR AA 62 26.32 21.40 12.39
C TYR AA 62 27.22 20.83 13.49
N LEU AA 63 27.68 19.60 13.30
CA LEU AA 63 28.55 19.02 14.26
C LEU AA 63 29.81 19.88 14.45
N LYS AA 64 30.40 20.36 13.36
CA LYS AA 64 31.56 21.17 13.43
C LYS AA 64 31.32 22.42 14.25
N GLN AA 65 30.17 23.06 14.05
CA GLN AA 65 29.73 24.22 14.82
C GLN AA 65 29.62 23.88 16.33
N VAL AA 66 28.93 22.78 16.65
CA VAL AA 66 28.72 22.36 18.06
C VAL AA 66 30.05 22.00 18.71
N LEU AA 67 30.85 21.20 18.03
CA LEU AA 67 32.07 20.69 18.60
C LEU AA 67 33.15 21.78 18.67
N GLY AA 68 33.21 22.62 17.67
CA GLY AA 68 34.10 23.75 17.72
C GLY AA 68 33.79 24.68 18.92
N GLN AA 69 32.51 24.92 19.19
CA GLN AA 69 32.09 25.75 20.32
C GLN AA 69 32.44 25.07 21.68
N MET AA 70 32.30 23.76 21.75
CA MET AA 70 32.66 23.04 22.96
C MET AA 70 34.13 23.11 23.27
N VAL AA 71 35.00 23.01 22.25
CA VAL AA 71 36.46 23.13 22.50
C VAL AA 71 36.80 24.56 22.93
N ILE AA 72 36.24 25.59 22.27
CA ILE AA 72 36.43 26.97 22.73
C ILE AA 72 36.04 27.09 24.23
N ASP AA 73 34.88 26.57 24.61
CA ASP AA 73 34.32 26.70 25.96
C ASP AA 73 35.30 26.18 26.94
N GLU AA 74 35.84 25.02 26.62
CA GLU AA 74 36.81 24.37 27.46
C GLU AA 74 38.16 25.16 27.56
N GLU AA 75 38.64 25.68 26.43
CA GLU AA 75 39.84 26.50 26.44
C GLU AA 75 39.69 27.77 27.25
N LEU AA 76 38.49 28.34 27.30
CA LEU AA 76 38.25 29.50 28.20
C LEU AA 76 38.59 29.26 29.67
N LEU AA 77 38.49 28.02 30.11
CA LEU AA 77 38.75 27.75 31.53
C LEU AA 77 40.21 27.75 31.86
N GLY AA 78 41.03 27.43 30.87
CA GLY AA 78 42.50 27.44 31.05
C GLY AA 78 42.96 26.69 32.28
N ASP AA 79 42.42 25.49 32.47
CA ASP AA 79 42.55 24.72 33.72
C ASP AA 79 43.44 23.43 33.56
N GLY AA 80 44.22 23.29 32.50
CA GLY AA 80 45.03 22.10 32.35
C GLY AA 80 44.31 20.80 31.90
N HIS AA 81 43.04 20.83 31.59
CA HIS AA 81 42.36 19.60 31.21
C HIS AA 81 41.87 19.89 29.84
N SER AA 82 41.97 18.92 28.98
CA SER AA 82 41.56 19.01 27.56
C SER AA 82 40.88 17.77 27.20
N TYR AA 83 39.86 17.85 26.37
CA TYR AA 83 39.19 16.65 25.82
C TYR AA 83 40.14 15.78 24.98
N SER AA 84 40.36 14.55 25.43
CA SER AA 84 41.15 13.60 24.75
C SER AA 84 40.36 13.10 23.52
N PRO AA 85 41.08 12.49 22.56
CA PRO AA 85 40.38 11.94 21.39
C PRO AA 85 39.29 10.95 21.80
N ARG AA 86 39.59 10.14 22.78
CA ARG AA 86 38.64 9.18 23.28
C ARG AA 86 37.39 9.87 23.85
N ALA AA 87 37.56 11.01 24.50
CA ALA AA 87 36.43 11.72 25.07
C ALA AA 87 35.52 12.32 23.99
N ILE AA 88 36.16 12.88 22.99
CA ILE AA 88 35.46 13.43 21.85
C ILE AA 88 34.65 12.32 21.16
N HIS AA 89 35.24 11.15 21.03
CA HIS AA 89 34.62 10.02 20.35
C HIS AA 89 33.42 9.54 21.21
N SER AA 90 33.62 9.54 22.52
CA SER AA 90 32.49 9.22 23.47
C SER AA 90 31.37 10.18 23.34
N TRP AA 91 31.71 11.46 23.38
CA TRP AA 91 30.70 12.53 23.23
C TRP AA 91 29.89 12.31 21.91
N LEU AA 92 30.63 12.02 20.86
CA LEU AA 92 30.01 11.91 19.53
C LEU AA 92 29.11 10.67 19.49
N THR AA 93 29.58 9.60 20.05
CA THR AA 93 28.72 8.43 20.21
C THR AA 93 27.37 8.80 20.85
N ARG AA 94 27.42 9.52 21.99
CA ARG AA 94 26.19 9.89 22.72
C ARG AA 94 25.28 10.76 21.90
N ALA AA 95 25.87 11.76 21.23
CA ALA AA 95 25.12 12.71 20.45
C ALA AA 95 24.39 11.97 19.24
N MET AA 96 25.10 11.08 18.54
CA MET AA 96 24.52 10.30 17.40
C MET AA 96 23.43 9.35 17.93
N TYR AA 97 23.71 8.64 19.04
CA TYR AA 97 22.73 7.77 19.63
C TYR AA 97 21.47 8.54 20.00
N SER AA 98 21.69 9.66 20.65
CA SER AA 98 20.59 10.45 21.13
C SER AA 98 19.70 10.96 20.02
N ARG AA 99 20.30 11.41 18.92
CA ARG AA 99 19.56 11.88 17.76
C ARG AA 99 18.77 10.72 17.03
N ARG AA 100 19.40 9.58 16.93
CA ARG AA 100 18.83 8.32 16.43
C ARG AA 100 17.63 7.98 17.28
N SER AA 101 17.75 8.12 18.60
CA SER AA 101 16.67 7.72 19.54
C SER AA 101 15.49 8.68 19.50
N LYS AA 102 15.69 9.94 19.05
CA LYS AA 102 14.57 10.83 18.72
C LYS AA 102 14.03 10.67 17.30
N MET AA 103 14.44 9.65 16.55
CA MET AA 103 14.06 9.40 15.13
C MET AA 103 14.41 10.61 14.22
N ASN AA 104 15.51 11.26 14.51
CA ASN AA 104 15.92 12.41 13.76
C ASN AA 104 17.44 12.41 13.76
N PRO AA 105 18.02 11.49 13.01
CA PRO AA 105 19.47 11.32 13.04
C PRO AA 105 20.23 12.50 12.40
N LEU AA 106 21.48 12.57 12.74
CA LEU AA 106 22.46 13.28 12.00
C LEU AA 106 23.00 12.28 11.04
N TRP AA 107 22.88 12.59 9.77
CA TRP AA 107 23.13 11.58 8.69
C TRP AA 107 24.61 11.44 8.30
N ASN AA 108 25.42 10.94 9.23
CA ASN AA 108 26.83 10.92 9.09
C ASN AA 108 27.43 9.65 9.59
N THR AA 109 28.57 9.31 8.98
CA THR AA 109 29.42 8.30 9.49
C THR AA 109 30.75 8.94 9.62
N MET AA 110 31.35 8.81 10.82
CA MET AA 110 32.58 9.55 11.18
C MET AA 110 33.76 8.75 11.66
N VAL AA 111 34.94 9.32 11.37
CA VAL AA 111 36.20 8.74 11.72
C VAL AA 111 36.89 9.78 12.60
N ILE AA 112 37.25 9.39 13.81
CA ILE AA 112 37.96 10.26 14.77
C ILE AA 112 39.36 9.72 14.93
N GLY AA 113 40.34 10.60 14.69
CA GLY AA 113 41.74 10.25 14.81
C GLY AA 113 42.38 11.13 15.84
N GLY AA 114 43.33 10.57 16.58
CA GLY AA 114 44.00 11.35 17.54
C GLY AA 114 45.30 10.77 18.01
N TYR AA 115 46.03 11.62 18.73
CA TYR AA 115 47.28 11.23 19.36
C TYR AA 115 47.38 11.96 20.74
N ALA AA 116 47.51 11.22 21.81
CA ALA AA 116 47.53 11.79 23.18
C ALA AA 116 48.25 10.81 24.07
N ASP AA 117 49.14 11.33 24.93
CA ASP AA 117 49.90 10.49 25.88
C ASP AA 117 50.67 9.34 25.24
N GLY AA 118 51.34 9.55 24.12
CA GLY AA 118 51.97 8.41 23.44
C GLY AA 118 51.10 7.35 22.78
N GLU AA 119 49.76 7.48 22.73
CA GLU AA 119 48.86 6.47 22.13
C GLU AA 119 48.15 7.04 20.86
N SER AA 120 48.10 6.26 19.80
CA SER AA 120 47.28 6.60 18.61
C SER AA 120 45.82 6.20 18.88
N PHE AA 121 44.89 7.07 18.57
CA PHE AA 121 43.51 6.79 18.71
C PHE AA 121 42.83 6.83 17.35
N LEU AA 122 42.06 5.79 17.06
CA LEU AA 122 41.24 5.79 15.85
C LEU AA 122 39.88 5.17 16.17
N GLY AA 123 38.83 5.92 15.93
CA GLY AA 123 37.48 5.49 16.29
C GLY AA 123 36.42 5.84 15.28
N TYR AA 124 35.41 5.00 15.21
CA TYR AA 124 34.31 5.07 14.27
C TYR AA 124 33.07 5.40 15.03
N VAL AA 125 32.27 6.31 14.50
CA VAL AA 125 30.88 6.50 14.99
C VAL AA 125 29.89 6.67 13.81
N ASP AA 126 28.74 6.01 13.84
CA ASP AA 126 27.77 6.12 12.73
C ASP AA 126 26.53 6.80 13.21
N MET AA 127 25.57 6.96 12.27
CA MET AA 127 24.38 7.68 12.57
C MET AA 127 23.46 7.01 13.59
N LEU AA 128 23.68 5.73 13.89
CA LEU AA 128 22.87 5.02 14.82
C LEU AA 128 23.53 4.96 16.22
N GLY AA 129 24.71 5.56 16.40
CA GLY AA 129 25.47 5.38 17.60
C GLY AA 129 26.23 4.10 17.71
N VAL AA 130 26.39 3.35 16.60
CA VAL AA 130 27.39 2.28 16.53
C VAL AA 130 28.82 2.91 16.56
N ALA AA 131 29.65 2.52 17.55
CA ALA AA 131 31.00 3.06 17.71
C ALA AA 131 31.97 2.00 18.16
N TYR AA 132 33.21 2.09 17.67
CA TYR AA 132 34.23 1.17 18.05
C TYR AA 132 35.56 1.75 17.68
N GLU AA 133 36.60 1.08 18.09
CA GLU AA 133 37.98 1.43 17.70
C GLU AA 133 38.64 0.34 16.86
N ALA AA 134 39.59 0.75 16.02
CA ALA AA 134 40.32 -0.23 15.27
C ALA AA 134 41.59 0.36 14.71
N PRO AA 135 42.52 -0.49 14.24
CA PRO AA 135 43.79 0.04 13.69
C PRO AA 135 43.62 0.76 12.37
N SER AA 136 42.56 0.45 11.64
CA SER AA 136 42.19 1.18 10.40
C SER AA 136 40.71 1.20 10.25
N LEU AA 137 40.20 2.22 9.61
CA LEU AA 137 38.80 2.41 9.41
C LEU AA 137 38.57 2.91 7.99
N ALA AA 138 37.39 2.58 7.46
CA ALA AA 138 36.92 3.10 6.17
C ALA AA 138 35.44 3.10 6.09
N THR AA 139 34.85 4.25 5.85
CA THR AA 139 33.43 4.37 5.77
C THR AA 139 33.00 4.23 4.31
N GLY AA 140 31.70 4.04 4.13
CA GLY AA 140 31.05 4.02 2.81
C GLY AA 140 31.62 2.96 1.93
N TYR AA 141 31.85 3.29 0.67
CA TYR AA 141 32.46 2.30 -0.26
C TYR AA 141 33.85 1.89 0.16
N GLY AA 142 34.50 2.78 0.96
CA GLY AA 142 35.77 2.43 1.52
C GLY AA 142 35.76 1.15 2.32
N ALA AA 143 34.63 0.86 2.95
CA ALA AA 143 34.50 -0.39 3.74
C ALA AA 143 34.71 -1.66 2.86
N TYR AA 144 34.25 -1.58 1.63
CA TYR AA 144 34.39 -2.64 0.65
C TYR AA 144 35.66 -2.65 -0.18
N LEU AA 145 36.14 -1.47 -0.49
CA LEU AA 145 37.28 -1.31 -1.41
C LEU AA 145 38.61 -1.00 -0.72
N ALA AA 146 38.61 -0.17 0.31
CA ALA AA 146 39.85 0.24 0.96
C ALA AA 146 40.19 -0.63 2.14
N GLN AA 147 39.23 -0.87 3.02
CA GLN AA 147 39.48 -1.72 4.21
C GLN AA 147 40.11 -3.08 3.96
N PRO AA 148 39.72 -3.81 2.90
CA PRO AA 148 40.45 -5.06 2.67
C PRO AA 148 41.96 -4.85 2.41
N LEU AA 149 42.31 -3.77 1.72
CA LEU AA 149 43.72 -3.48 1.48
C LEU AA 149 44.45 -3.06 2.78
N LEU AA 150 43.79 -2.22 3.56
CA LEU AA 150 44.35 -1.74 4.83
C LEU AA 150 44.66 -2.90 5.77
N ARG AA 151 43.69 -3.77 5.97
CA ARG AA 151 43.84 -4.96 6.83
C ARG AA 151 44.80 -6.00 6.37
N GLU AA 152 44.92 -6.21 5.05
CA GLU AA 152 45.89 -7.10 4.53
C GLU AA 152 47.35 -6.60 4.85
N VAL AA 153 47.62 -5.31 4.61
CA VAL AA 153 48.94 -4.73 4.94
C VAL AA 153 49.21 -4.84 6.44
N LEU AA 154 48.25 -4.44 7.25
CA LEU AA 154 48.36 -4.48 8.70
C LEU AA 154 48.52 -5.89 9.32
N GLU AA 155 48.12 -6.97 8.63
CA GLU AA 155 48.39 -8.36 9.12
C GLU AA 155 49.84 -8.72 8.91
N LYS AA 156 50.41 -8.37 7.76
CA LYS AA 156 51.86 -8.55 7.51
C LYS AA 156 52.77 -7.64 8.37
N GLN AA 157 52.27 -6.54 8.90
CA GLN AA 157 53.08 -5.53 9.53
C GLN AA 157 52.15 -4.61 10.33
N PRO AA 158 51.79 -5.00 11.55
CA PRO AA 158 50.87 -4.16 12.29
C PRO AA 158 51.32 -2.72 12.54
N VAL AA 159 52.64 -2.50 12.60
CA VAL AA 159 53.19 -1.21 12.96
C VAL AA 159 53.77 -0.61 11.71
N LEU AA 160 53.11 0.44 11.24
CA LEU AA 160 53.51 1.19 10.07
C LEU AA 160 54.22 2.48 10.48
N SER AA 161 55.17 2.88 9.66
CA SER AA 161 55.75 4.19 9.75
C SER AA 161 54.75 5.18 9.18
N GLN AA 162 54.99 6.47 9.48
CA GLN AA 162 54.12 7.54 8.94
C GLN AA 162 54.10 7.51 7.40
N THR AA 163 55.26 7.35 6.78
CA THR AA 163 55.34 7.47 5.34
C THR AA 163 54.70 6.21 4.69
N GLU AA 164 54.89 5.03 5.28
CA GLU AA 164 54.19 3.80 4.90
C GLU AA 164 52.62 3.86 5.02
N ALA AA 165 52.11 4.45 6.07
CA ALA AA 165 50.71 4.71 6.23
C ALA AA 165 50.20 5.69 5.17
N ARG AA 166 50.96 6.74 4.94
CA ARG AA 166 50.61 7.70 3.93
C ARG AA 166 50.53 7.09 2.46
N ASP AA 167 51.51 6.25 2.11
CA ASP AA 167 51.53 5.61 0.80
CA ASP AA 167 51.57 5.48 0.81
C ASP AA 167 50.32 4.65 0.67
N LEU AA 168 50.00 3.94 1.75
CA LEU AA 168 48.89 3.01 1.79
C LEU AA 168 47.54 3.73 1.62
N VAL AA 169 47.41 4.87 2.27
CA VAL AA 169 46.25 5.69 2.09
C VAL AA 169 46.08 6.22 0.64
N GLU AA 170 47.17 6.64 0.02
CA GLU AA 170 47.14 7.09 -1.36
C GLU AA 170 46.70 5.94 -2.32
N ARG AA 171 47.19 4.72 -2.10
CA ARG AA 171 46.80 3.53 -2.90
C ARG AA 171 45.31 3.28 -2.78
N CYS AA 172 44.75 3.39 -1.57
CA CYS AA 172 43.34 3.24 -1.33
C CYS AA 172 42.54 4.36 -1.99
N MET AA 173 43.01 5.61 -1.89
CA MET AA 173 42.28 6.67 -2.50
C MET AA 173 42.21 6.50 -4.04
N ARG AA 174 43.24 5.87 -4.62
CA ARG AA 174 43.26 5.62 -6.05
C ARG AA 174 42.15 4.61 -6.39
N VAL AA 175 42.09 3.52 -5.62
CA VAL AA 175 41.12 2.47 -5.83
C VAL AA 175 39.72 3.03 -5.76
N LEU AA 176 39.47 3.90 -4.79
CA LEU AA 176 38.18 4.52 -4.63
C LEU AA 176 37.79 5.39 -5.82
N TYR AA 177 38.76 6.14 -6.32
CA TYR AA 177 38.53 6.91 -7.47
C TYR AA 177 38.18 6.02 -8.73
N TYR AA 178 38.83 4.89 -8.83
CA TYR AA 178 38.49 3.93 -9.92
C TYR AA 178 37.09 3.35 -9.83
N ARG AA 179 36.60 3.13 -8.61
CA ARG AA 179 35.45 2.22 -8.39
C ARG AA 179 34.23 2.72 -7.70
N ASP AA 180 34.32 3.88 -7.06
CA ASP AA 180 33.19 4.58 -6.43
C ASP AA 180 32.75 5.73 -7.34
N ALA AA 181 31.54 5.66 -7.88
CA ALA AA 181 31.03 6.69 -8.79
C ALA AA 181 30.68 8.03 -8.09
N ARG AA 182 30.80 8.08 -6.76
CA ARG AA 182 30.62 9.32 -6.03
C ARG AA 182 31.96 9.90 -5.53
N SER AA 183 33.08 9.37 -5.97
CA SER AA 183 34.36 9.88 -5.58
C SER AA 183 34.83 11.03 -6.52
N TYR AA 184 35.96 11.60 -6.13
CA TYR AA 184 36.54 12.74 -6.87
C TYR AA 184 38.01 12.77 -6.60
N ASN AA 185 38.81 13.05 -7.64
CA ASN AA 185 40.27 12.94 -7.53
C ASN AA 185 40.95 14.21 -7.00
N ARG AA 186 40.46 14.71 -5.90
CA ARG AA 186 40.94 15.90 -5.25
C ARG AA 186 40.62 15.59 -3.78
N PHE AA 187 41.64 15.35 -3.01
CA PHE AA 187 41.44 14.95 -1.62
C PHE AA 187 42.37 15.63 -0.65
N GLN AA 188 42.06 15.45 0.63
CA GLN AA 188 42.91 15.93 1.74
C GLN AA 188 43.40 14.79 2.55
N ILE AA 189 44.55 14.97 3.17
CA ILE AA 189 45.12 14.04 4.09
C ILE AA 189 45.36 14.84 5.35
N ALA AA 190 44.88 14.33 6.46
CA ALA AA 190 45.10 14.96 7.77
C ALA AA 190 45.84 14.01 8.67
N THR AA 191 46.83 14.53 9.35
CA THR AA 191 47.73 13.73 10.14
C THR AA 191 47.74 14.35 11.56
N VAL AA 192 47.70 13.50 12.58
CA VAL AA 192 47.88 13.96 13.92
C VAL AA 192 49.05 13.21 14.48
N THR AA 193 49.96 13.96 15.10
CA THR AA 193 51.12 13.41 15.81
C THR AA 193 51.31 14.27 17.12
N GLU AA 194 52.41 14.03 17.85
CA GLU AA 194 52.93 14.88 18.92
C GLU AA 194 52.85 16.38 18.65
N LYS AA 195 53.12 16.75 17.41
CA LYS AA 195 53.21 18.14 17.02
C LYS AA 195 51.82 18.77 16.81
N GLY AA 196 50.74 18.00 16.78
CA GLY AA 196 49.44 18.57 16.46
C GLY AA 196 48.79 17.94 15.21
N VAL AA 197 47.84 18.66 14.65
CA VAL AA 197 47.05 18.25 13.54
C VAL AA 197 47.43 19.10 12.33
N GLU AA 198 47.79 18.44 11.25
CA GLU AA 198 48.09 19.08 9.95
C GLU AA 198 47.11 18.50 8.91
N ILE AA 199 46.52 19.39 8.12
CA ILE AA 199 45.65 19.06 7.00
C ILE AA 199 46.37 19.51 5.72
N GLU AA 200 46.64 18.56 4.81
CA GLU AA 200 47.22 18.85 3.52
C GLU AA 200 46.23 18.66 2.43
N GLY AA 201 46.36 19.47 1.40
N GLY AA 201 46.32 19.52 1.43
CA GLY AA 201 45.54 19.40 0.21
CA GLY AA 201 45.62 19.37 0.17
C GLY AA 201 45.55 20.73 -0.50
C GLY AA 201 45.57 20.72 -0.50
N PRO AA 202 44.92 20.81 -1.66
CA PRO AA 202 44.23 19.67 -2.39
C PRO AA 202 45.25 18.73 -3.03
N LEU AA 203 45.01 17.42 -2.93
CA LEU AA 203 45.89 16.36 -3.47
C LEU AA 203 45.10 15.55 -4.52
N SER AA 204 45.84 14.87 -5.38
CA SER AA 204 45.31 14.03 -6.52
C SER AA 204 46.09 12.81 -6.59
N THR AA 205 45.53 11.72 -7.04
CA THR AA 205 46.34 10.51 -7.28
C THR AA 205 46.64 10.46 -8.78
N GLU AA 206 47.81 9.92 -9.15
CA GLU AA 206 48.10 9.46 -10.55
C GLU AA 206 47.19 8.29 -10.83
N THR AA 207 46.75 8.17 -12.08
CA THR AA 207 45.83 7.10 -12.43
C THR AA 207 46.38 6.46 -13.66
N ASN AA 208 46.06 5.18 -13.87
CA ASN AA 208 46.50 4.48 -15.03
C ASN AA 208 45.28 3.91 -15.80
N TRP AA 209 45.26 4.11 -17.11
CA TRP AA 209 44.11 3.75 -17.95
C TRP AA 209 44.56 2.80 -19.12
N ASP AA 210 45.67 2.07 -18.93
CA ASP AA 210 46.21 1.13 -19.93
C ASP AA 210 45.18 0.08 -20.32
N ILE AA 211 44.36 -0.30 -19.34
CA ILE AA 211 43.35 -1.31 -19.57
C ILE AA 211 42.33 -0.92 -20.66
N ALA AA 212 42.17 0.37 -20.92
CA ALA AA 212 41.33 0.85 -22.00
C ALA AA 212 41.71 0.26 -23.35
N HIS AA 213 42.98 -0.10 -23.55
CA HIS AA 213 43.45 -0.77 -24.81
C HIS AA 213 43.56 -2.32 -24.71
N MET AA 214 43.10 -2.94 -23.61
CA MET AA 214 43.17 -4.40 -23.38
C MET AA 214 41.77 -5.10 -23.44
N ILE AA 215 40.84 -4.57 -24.22
CA ILE AA 215 39.55 -5.22 -24.30
C ILE AA 215 39.89 -6.57 -24.98
N SER AA 216 39.91 -7.62 -24.11
CA SER AA 216 41.11 -8.58 -23.97
C SER AA 216 41.24 -9.93 -24.77
N THR BA 1 13.31 27.44 -12.43
CA THR BA 1 14.12 28.60 -12.01
C THR BA 1 15.57 28.39 -12.32
N THR BA 2 16.23 29.43 -12.72
CA THR BA 2 17.67 29.44 -12.76
C THR BA 2 18.16 30.73 -12.05
N ILE BA 3 19.12 30.58 -11.12
CA ILE BA 3 19.70 31.67 -10.39
C ILE BA 3 21.20 31.54 -10.45
N MET BA 4 21.88 32.68 -10.32
CA MET BA 4 23.33 32.68 -10.46
C MET BA 4 23.89 33.92 -9.80
N ALA BA 5 25.12 33.81 -9.32
CA ALA BA 5 25.84 34.96 -8.88
C ALA BA 5 27.32 34.75 -9.04
N VAL BA 6 28.04 35.83 -9.29
CA VAL BA 6 29.43 35.77 -9.65
C VAL BA 6 30.22 36.87 -8.93
N GLN BA 7 31.36 36.52 -8.34
CA GLN BA 7 32.18 37.51 -7.67
C GLN BA 7 33.07 38.23 -8.71
N PHE BA 8 33.30 39.52 -8.53
CA PHE BA 8 34.40 40.22 -9.21
C PHE BA 8 35.18 41.05 -8.21
N ASP BA 9 36.29 41.67 -8.63
CA ASP BA 9 37.07 42.50 -7.74
C ASP BA 9 36.27 43.76 -7.45
N GLY BA 10 35.70 43.84 -6.24
CA GLY BA 10 34.91 45.00 -5.81
C GLY BA 10 33.41 44.79 -5.79
N GLY BA 11 32.92 43.59 -6.09
CA GLY BA 11 31.49 43.36 -5.91
C GLY BA 11 31.02 42.02 -6.41
N VAL BA 12 29.74 41.98 -6.73
CA VAL BA 12 29.11 40.80 -7.27
C VAL BA 12 28.08 41.12 -8.34
N VAL BA 13 27.82 40.13 -9.18
CA VAL BA 13 26.71 40.16 -10.12
C VAL BA 13 25.77 38.97 -9.80
N LEU BA 14 24.47 39.24 -9.82
CA LEU BA 14 23.46 38.30 -9.54
C LEU BA 14 22.52 38.29 -10.70
N GLY BA 15 21.94 37.12 -10.98
CA GLY BA 15 20.93 37.02 -12.03
C GLY BA 15 19.91 35.92 -11.77
N ALA BA 16 18.74 36.12 -12.36
CA ALA BA 16 17.69 35.11 -12.34
C ALA BA 16 16.83 35.22 -13.55
N ASP BA 17 16.18 34.10 -13.86
CA ASP BA 17 15.06 34.11 -14.84
C ASP BA 17 13.85 34.66 -14.10
N SER BA 18 12.70 34.70 -14.76
CA SER BA 18 11.52 35.28 -14.13
C SER BA 18 10.32 34.41 -14.11
N ARG BA 19 10.47 33.10 -14.30
CA ARG BA 19 9.32 32.19 -14.44
C ARG BA 19 8.91 31.53 -13.09
N THR BA 20 7.64 31.65 -12.72
CA THR BA 20 7.06 30.92 -11.64
C THR BA 20 5.98 30.01 -12.16
N THR BA 21 6.11 28.71 -11.87
CA THR BA 21 5.17 27.75 -12.37
C THR BA 21 4.37 27.05 -11.25
N THR BA 22 3.14 26.69 -11.54
CA THR BA 22 2.40 25.69 -10.79
C THR BA 22 2.12 24.55 -11.77
N GLY BA 23 2.76 23.41 -11.56
CA GLY BA 23 2.75 22.37 -12.58
C GLY BA 23 3.46 22.99 -13.79
N SER BA 24 2.81 22.88 -14.95
CA SER BA 24 3.40 23.49 -16.11
C SER BA 24 2.61 24.80 -16.56
N TYR BA 25 1.75 25.37 -15.68
CA TYR BA 25 1.15 26.69 -15.87
C TYR BA 25 2.09 27.79 -15.35
N ILE BA 26 2.28 28.84 -16.14
CA ILE BA 26 3.13 29.92 -15.72
C ILE BA 26 2.25 30.93 -14.97
N ALA BA 27 2.42 30.94 -13.65
CA ALA BA 27 1.59 31.79 -12.79
C ALA BA 27 2.17 33.21 -12.67
N ASN BA 28 3.47 33.36 -12.92
CA ASN BA 28 4.07 34.66 -13.06
C ASN BA 28 5.18 34.58 -14.06
N ARG BA 29 5.08 35.33 -15.16
CA ARG BA 29 6.13 35.36 -16.22
C ARG BA 29 7.24 36.40 -15.95
N VAL BA 30 7.02 37.30 -14.97
CA VAL BA 30 8.00 38.42 -14.72
C VAL BA 30 8.39 38.50 -13.26
N THR BA 31 8.44 37.34 -12.61
CA THR BA 31 8.89 37.22 -11.20
C THR BA 31 10.24 37.92 -10.94
N ASP BA 32 10.31 38.57 -9.79
CA ASP BA 32 11.57 39.11 -9.35
C ASP BA 32 12.10 38.14 -8.28
N LYS BA 33 13.07 37.34 -8.66
CA LYS BA 33 13.69 36.34 -7.76
C LYS BA 33 14.97 36.85 -7.02
N LEU BA 34 15.31 38.11 -7.21
CA LEU BA 34 16.49 38.66 -6.56
C LEU BA 34 15.96 39.59 -5.50
N THR BA 35 16.04 39.23 -4.23
CA THR BA 35 15.40 40.07 -3.21
C THR BA 35 16.42 40.76 -2.29
N PRO BA 36 16.27 42.08 -2.10
CA PRO BA 36 17.24 42.81 -1.27
C PRO BA 36 17.04 42.38 0.19
N ILE BA 37 18.11 41.98 0.83
CA ILE BA 37 18.08 41.67 2.29
C ILE BA 37 18.63 42.86 3.13
N HIS BA 38 19.55 43.64 2.59
CA HIS BA 38 19.98 44.86 3.21
C HIS BA 38 20.48 45.75 2.05
N ASP BA 39 21.05 46.94 2.36
CA ASP BA 39 21.54 47.89 1.33
C ASP BA 39 22.36 47.24 0.21
N ARG BA 40 23.33 46.41 0.57
CA ARG BA 40 24.21 45.77 -0.39
C ARG BA 40 24.32 44.23 -0.31
N ILE BA 41 23.20 43.57 0.04
CA ILE BA 41 23.12 42.13 0.21
C ILE BA 41 21.79 41.71 -0.31
N PHE BA 42 21.84 40.77 -1.26
CA PHE BA 42 20.65 40.26 -1.93
C PHE BA 42 20.62 38.77 -1.77
N CYS BA 43 19.47 38.20 -1.94
CA CYS BA 43 19.43 36.76 -2.13
C CYS BA 43 18.73 36.38 -3.44
N CYS BA 44 19.21 35.33 -4.07
CA CYS BA 44 18.56 34.79 -5.24
C CYS BA 44 17.75 33.61 -4.76
N ARG BA 45 16.47 33.54 -5.12
CA ARG BA 45 15.58 32.49 -4.57
C ARG BA 45 15.19 31.42 -5.60
N SER BA 46 15.32 30.17 -5.23
CA SER BA 46 14.73 29.05 -5.97
C SER BA 46 14.07 28.06 -4.97
N GLY BA 47 13.10 27.32 -5.48
CA GLY BA 47 12.37 26.32 -4.74
C GLY BA 47 11.00 26.86 -4.55
N SER BA 48 10.34 26.46 -3.49
CA SER BA 48 9.03 26.95 -3.14
C SER BA 48 9.03 28.49 -2.93
N ALA BA 49 8.18 29.19 -3.68
CA ALA BA 49 8.00 30.59 -3.57
C ALA BA 49 7.51 31.00 -2.17
N ALA BA 50 6.61 30.25 -1.59
CA ALA BA 50 6.12 30.55 -0.26
C ALA BA 50 7.25 30.47 0.77
N ASP BA 51 8.02 29.41 0.70
CA ASP BA 51 9.16 29.20 1.57
C ASP BA 51 10.26 30.24 1.44
N THR BA 52 10.70 30.50 0.20
CA THR BA 52 11.77 31.45 0.04
C THR BA 52 11.32 32.90 0.38
N GLN BA 53 10.09 33.28 0.09
CA GLN BA 53 9.62 34.58 0.51
C GLN BA 53 9.60 34.70 2.04
N ALA BA 54 9.08 33.66 2.73
CA ALA BA 54 8.94 33.67 4.20
C ALA BA 54 10.34 33.79 4.81
N VAL BA 55 11.28 32.98 4.30
CA VAL BA 55 12.63 32.92 4.87
C VAL BA 55 13.35 34.24 4.61
N ALA BA 56 13.22 34.77 3.41
CA ALA BA 56 13.84 36.06 3.08
C ALA BA 56 13.31 37.22 3.95
N ASP BA 57 11.98 37.31 4.16
CA ASP BA 57 11.35 38.31 4.97
C ASP BA 57 11.81 38.23 6.47
N ALA BA 58 11.91 36.98 6.99
CA ALA BA 58 12.45 36.74 8.30
C ALA BA 58 13.90 37.13 8.45
N VAL BA 59 14.74 36.79 7.49
CA VAL BA 59 16.17 37.14 7.57
C VAL BA 59 16.37 38.66 7.49
N THR BA 60 15.57 39.30 6.63
CA THR BA 60 15.64 40.73 6.44
C THR BA 60 15.41 41.37 7.80
N TYR BA 61 14.35 40.89 8.48
CA TYR BA 61 14.04 41.37 9.83
C TYR BA 61 15.19 41.18 10.79
N GLN BA 62 15.70 39.96 10.86
CA GLN BA 62 16.83 39.65 11.76
C GLN BA 62 18.08 40.52 11.48
N LEU BA 63 18.45 40.61 10.21
CA LEU BA 63 19.61 41.31 9.80
C LEU BA 63 19.48 42.85 10.04
N GLY BA 64 18.30 43.40 9.81
CA GLY BA 64 18.07 44.81 10.00
C GLY BA 64 18.21 45.21 11.44
N PHE BA 65 17.66 44.36 12.32
CA PHE BA 65 17.70 44.62 13.75
C PHE BA 65 19.15 44.54 14.23
N HIS BA 66 19.81 43.46 13.82
CA HIS BA 66 21.26 43.24 14.14
C HIS BA 66 22.12 44.43 13.69
N SER BA 67 21.80 44.93 12.50
CA SER BA 67 22.52 46.07 11.95
C SER BA 67 22.34 47.38 12.72
N ILE BA 68 21.13 47.71 13.14
CA ILE BA 68 20.88 48.87 14.01
C ILE BA 68 21.63 48.76 15.34
N GLU BA 69 21.58 47.58 15.93
CA GLU BA 69 22.23 47.36 17.21
C GLU BA 69 23.74 47.59 17.12
N LEU BA 70 24.34 47.04 16.06
CA LEU BA 70 25.78 47.18 15.86
C LEU BA 70 26.20 48.53 15.32
N ASN BA 71 25.26 49.28 14.73
CA ASN BA 71 25.53 50.55 14.11
C ASN BA 71 26.59 50.44 13.03
N GLU BA 72 26.53 49.39 12.24
CA GLU BA 72 27.51 49.14 11.17
C GLU BA 72 26.81 48.36 10.09
N PRO BA 73 27.32 48.48 8.84
CA PRO BA 73 26.67 47.67 7.79
C PRO BA 73 26.93 46.19 8.04
N PRO BA 74 25.98 45.36 7.72
CA PRO BA 74 26.13 43.94 8.01
C PRO BA 74 27.08 43.21 7.04
N LEU BA 75 27.75 42.20 7.58
CA LEU BA 75 28.62 41.34 6.84
C LEU BA 75 27.85 40.41 5.89
N VAL BA 76 28.38 40.19 4.69
CA VAL BA 76 27.64 39.31 3.79
C VAL BA 76 27.52 37.90 4.42
N HIS BA 77 28.64 37.47 5.00
CA HIS BA 77 28.77 36.24 5.74
C HIS BA 77 27.75 36.09 6.89
N THR BA 78 27.38 37.18 7.52
CA THR BA 78 26.31 37.20 8.53
C THR BA 78 24.92 36.93 7.90
N ALA BA 79 24.59 37.62 6.80
CA ALA BA 79 23.37 37.31 6.07
C ALA BA 79 23.29 35.81 5.68
N ALA BA 80 24.39 35.26 5.21
CA ALA BA 80 24.41 33.90 4.72
C ALA BA 80 24.19 32.97 5.88
N SER BA 81 24.83 33.29 7.01
CA SER BA 81 24.75 32.52 8.23
C SER BA 81 23.31 32.46 8.72
N LEU BA 82 22.60 33.57 8.65
CA LEU BA 82 21.23 33.63 9.15
C LEU BA 82 20.33 32.75 8.24
N PHE BA 83 20.57 32.79 6.94
CA PHE BA 83 19.82 31.98 6.00
C PHE BA 83 20.05 30.51 6.27
N LYS BA 84 21.34 30.20 6.45
CA LYS BA 84 21.79 28.85 6.75
C LYS BA 84 21.10 28.34 8.03
N GLU BA 85 21.09 29.14 9.10
CA GLU BA 85 20.53 28.66 10.33
C GLU BA 85 19.09 28.34 10.16
N MET BA 86 18.35 29.20 9.51
CA MET BA 86 16.94 28.97 9.32
C MET BA 86 16.63 27.76 8.30
N CYS BA 87 17.36 27.72 7.20
CA CYS BA 87 17.27 26.63 6.20
C CYS BA 87 17.74 25.27 6.72
N TYR BA 88 18.71 25.23 7.63
CA TYR BA 88 19.15 24.01 8.23
C TYR BA 88 18.18 23.51 9.27
N ARG BA 89 17.89 24.35 10.29
CA ARG BA 89 16.94 24.02 11.33
C ARG BA 89 15.59 23.51 10.78
N TYR BA 90 15.04 24.18 9.78
CA TYR BA 90 13.76 23.81 9.19
C TYR BA 90 13.84 22.99 7.86
N ARG BA 91 14.96 22.29 7.68
CA ARG BA 91 15.28 21.65 6.40
C ARG BA 91 14.19 20.58 6.10
N GLU BA 92 13.57 20.01 7.09
CA GLU BA 92 12.45 19.11 6.79
C GLU BA 92 11.13 19.76 6.33
N ASP BA 93 10.97 21.05 6.50
CA ASP BA 93 9.72 21.74 6.19
C ASP BA 93 9.89 22.86 5.18
N LEU BA 94 11.01 22.90 4.49
CA LEU BA 94 11.25 23.95 3.52
C LEU BA 94 11.77 23.34 2.24
N MET BA 95 11.51 23.99 1.11
CA MET BA 95 12.15 23.65 -0.15
C MET BA 95 12.70 24.96 -0.66
N ALA BA 96 13.97 25.20 -0.34
CA ALA BA 96 14.57 26.47 -0.55
C ALA BA 96 16.00 26.23 -0.99
N GLY BA 97 16.38 26.75 -2.17
CA GLY BA 97 17.77 26.71 -2.61
C GLY BA 97 18.16 28.17 -2.87
N ILE BA 98 19.08 28.71 -2.07
CA ILE BA 98 19.34 30.14 -1.99
C ILE BA 98 20.76 30.45 -2.39
N ILE BA 99 20.96 31.60 -3.03
CA ILE BA 99 22.31 32.13 -3.14
C ILE BA 99 22.27 33.50 -2.48
N ILE BA 100 23.21 33.74 -1.56
CA ILE BA 100 23.35 35.07 -0.90
C ILE BA 100 24.57 35.73 -1.50
N ALA BA 101 24.42 36.96 -1.97
CA ALA BA 101 25.56 37.66 -2.54
C ALA BA 101 25.50 39.14 -2.25
N GLY BA 102 26.65 39.72 -2.08
CA GLY BA 102 26.65 41.15 -1.77
C GLY BA 102 28.01 41.65 -1.54
N TRP BA 103 28.07 42.87 -0.95
CA TRP BA 103 29.31 43.53 -0.67
C TRP BA 103 29.27 44.01 0.77
N ASP BA 104 30.38 43.85 1.46
CA ASP BA 104 30.57 44.64 2.69
C ASP BA 104 32.01 45.20 2.77
N PRO BA 105 32.25 46.21 3.65
CA PRO BA 105 33.58 46.89 3.66
C PRO BA 105 34.73 45.97 4.08
N GLN BA 106 34.40 44.85 4.71
CA GLN BA 106 35.42 44.10 5.37
C GLN BA 106 35.97 43.05 4.44
N GLU BA 107 35.10 42.41 3.70
CA GLU BA 107 35.43 41.25 2.85
C GLU BA 107 35.11 41.45 1.38
N GLY BA 108 34.50 42.56 0.99
CA GLY BA 108 34.30 42.89 -0.41
C GLY BA 108 33.16 42.09 -1.00
N GLY BA 109 33.24 41.79 -2.29
CA GLY BA 109 32.22 41.00 -2.99
C GLY BA 109 32.23 39.55 -2.62
N GLN BA 110 31.08 39.01 -2.25
CA GLN BA 110 31.06 37.67 -1.79
C GLN BA 110 29.80 36.96 -2.26
N VAL BA 111 29.94 35.69 -2.62
CA VAL BA 111 28.86 34.77 -3.04
C VAL BA 111 28.80 33.52 -2.14
N TYR BA 112 27.64 33.24 -1.55
CA TYR BA 112 27.44 32.07 -0.72
C TYR BA 112 26.29 31.25 -1.24
N SER BA 113 26.50 29.94 -1.36
CA SER BA 113 25.38 29.02 -1.62
C SER BA 113 24.81 28.44 -0.36
N VAL BA 114 23.48 28.49 -0.24
CA VAL BA 114 22.74 27.72 0.82
C VAL BA 114 21.73 26.79 0.11
N PRO BA 115 22.21 25.65 -0.37
CA PRO BA 115 21.32 24.76 -1.11
C PRO BA 115 20.36 24.04 -0.16
N MET BA 116 19.48 23.27 -0.75
CA MET BA 116 18.56 22.50 0.04
C MET BA 116 19.29 21.61 1.03
N GLY BA 117 18.73 21.58 2.24
CA GLY BA 117 19.36 20.90 3.33
C GLY BA 117 20.05 21.86 4.35
N GLY BA 118 20.44 23.03 3.86
CA GLY BA 118 21.02 24.12 4.66
C GLY BA 118 22.49 24.06 4.96
N MET BA 119 23.31 23.46 4.11
CA MET BA 119 24.74 23.70 4.16
C MET BA 119 25.02 25.15 3.67
N MET BA 120 26.23 25.62 3.88
CA MET BA 120 26.63 26.98 3.39
C MET BA 120 28.05 26.88 2.93
N VAL BA 121 28.36 27.42 1.78
CA VAL BA 121 29.72 27.36 1.28
C VAL BA 121 29.92 28.64 0.48
N ARG BA 122 31.09 29.27 0.65
CA ARG BA 122 31.46 30.40 -0.20
C ARG BA 122 31.94 29.85 -1.56
N GLN BA 123 31.57 30.53 -2.63
CA GLN BA 123 32.07 30.21 -3.98
C GLN BA 123 32.43 31.43 -4.86
N SER BA 124 33.34 31.25 -5.83
CA SER BA 124 33.63 32.30 -6.86
C SER BA 124 32.43 32.65 -7.71
N PHE BA 125 31.67 31.64 -8.10
CA PHE BA 125 30.36 31.85 -8.66
C PHE BA 125 29.46 30.67 -8.23
N ALA BA 126 28.16 30.89 -8.27
CA ALA BA 126 27.20 29.89 -7.87
C ALA BA 126 26.03 29.84 -8.86
N ILE BA 127 25.46 28.65 -9.05
CA ILE BA 127 24.24 28.52 -9.83
C ILE BA 127 23.31 27.64 -9.04
N GLY BA 128 22.02 27.80 -9.25
CA GLY BA 128 21.02 26.90 -8.62
C GLY BA 128 19.71 27.02 -9.34
N GLY BA 129 18.71 26.33 -8.79
CA GLY BA 129 17.44 26.17 -9.43
C GLY BA 129 17.42 25.02 -10.44
N SER BA 130 16.24 24.65 -10.85
CA SER BA 130 16.04 23.52 -11.78
C SER BA 130 16.88 23.68 -13.10
N GLY BA 131 17.03 24.91 -13.58
CA GLY BA 131 17.70 25.13 -14.88
C GLY BA 131 19.18 25.01 -14.82
N SER BA 132 19.71 25.05 -13.59
CA SER BA 132 21.14 25.05 -13.40
C SER BA 132 21.77 23.75 -13.96
N SER BA 133 21.04 22.63 -13.90
CA SER BA 133 21.56 21.38 -14.43
C SER BA 133 22.12 21.53 -15.90
N TYR BA 134 21.44 22.30 -16.71
CA TYR BA 134 21.79 22.44 -18.09
C TYR BA 134 22.93 23.41 -18.40
N ILE BA 135 23.41 24.14 -17.39
CA ILE BA 135 24.58 25.02 -17.58
C ILE BA 135 25.83 24.71 -16.79
N TYR BA 136 25.91 23.59 -16.05
CA TYR BA 136 27.16 23.21 -15.41
C TYR BA 136 28.34 23.20 -16.40
N GLY BA 137 28.16 22.49 -17.48
CA GLY BA 137 29.19 22.43 -18.49
C GLY BA 137 29.63 23.78 -19.02
N TYR BA 138 28.64 24.59 -19.35
CA TYR BA 138 28.89 25.86 -19.91
C TYR BA 138 29.69 26.74 -18.91
N VAL BA 139 29.22 26.85 -17.67
CA VAL BA 139 29.90 27.70 -16.69
C VAL BA 139 31.28 27.16 -16.40
N ASP BA 140 31.43 25.83 -16.32
CA ASP BA 140 32.74 25.23 -16.10
C ASP BA 140 33.75 25.56 -17.24
N ALA BA 141 33.28 25.58 -18.49
CA ALA BA 141 34.12 25.87 -19.63
C ALA BA 141 34.39 27.38 -19.80
N THR BA 142 33.45 28.20 -19.37
CA THR BA 142 33.47 29.60 -19.67
C THR BA 142 34.08 30.47 -18.50
N TYR BA 143 33.92 30.05 -17.25
CA TYR BA 143 34.46 30.82 -16.12
C TYR BA 143 35.95 31.09 -16.29
N ARG BA 144 36.35 32.33 -16.00
CA ARG BA 144 37.78 32.75 -15.97
C ARG BA 144 38.00 33.57 -14.70
N GLU BA 145 39.10 33.29 -14.00
CA GLU BA 145 39.50 34.05 -12.85
C GLU BA 145 39.79 35.49 -13.34
N GLY BA 146 39.34 36.48 -12.58
CA GLY BA 146 39.62 37.86 -12.81
C GLY BA 146 38.71 38.57 -13.77
N MET BA 147 37.51 38.06 -14.02
CA MET BA 147 36.56 38.76 -14.90
CA MET BA 147 36.59 38.76 -14.90
C MET BA 147 36.17 40.13 -14.32
N THR BA 148 35.98 41.10 -15.19
CA THR BA 148 35.48 42.38 -14.79
C THR BA 148 34.01 42.35 -14.54
N LYS BA 149 33.49 43.42 -13.97
CA LYS BA 149 32.05 43.53 -13.75
C LYS BA 149 31.25 43.26 -15.05
N GLU BA 150 31.68 43.88 -16.14
CA GLU BA 150 30.95 43.82 -17.40
C GLU BA 150 30.97 42.38 -17.99
N GLU BA 151 32.10 41.70 -17.85
CA GLU BA 151 32.28 40.33 -18.18
C GLU BA 151 31.45 39.37 -17.34
N CYS BA 152 31.39 39.61 -16.03
CA CYS BA 152 30.49 38.86 -15.14
C CYS BA 152 29.03 39.04 -15.51
N LEU BA 153 28.65 40.28 -15.91
CA LEU BA 153 27.28 40.52 -16.35
C LEU BA 153 26.96 39.73 -17.65
N GLN BA 154 27.89 39.75 -18.61
CA GLN BA 154 27.71 39.01 -19.88
C GLN BA 154 27.64 37.51 -19.69
N PHE BA 155 28.59 36.97 -18.92
CA PHE BA 155 28.70 35.58 -18.52
C PHE BA 155 27.42 35.08 -17.82
N THR BA 156 26.92 35.86 -16.89
CA THR BA 156 25.63 35.63 -16.25
C THR BA 156 24.44 35.66 -17.20
N ALA BA 157 24.31 36.70 -18.01
CA ALA BA 157 23.22 36.77 -18.99
C ALA BA 157 23.21 35.54 -19.96
N ASN BA 158 24.40 35.16 -20.41
CA ASN BA 158 24.56 34.07 -21.37
C ASN BA 158 24.17 32.71 -20.72
N ALA BA 159 24.70 32.45 -19.52
CA ALA BA 159 24.38 31.25 -18.76
C ALA BA 159 22.90 31.11 -18.54
N LEU BA 160 22.30 32.18 -18.06
CA LEU BA 160 20.84 32.17 -17.81
C LEU BA 160 20.03 32.00 -19.09
N ALA BA 161 20.45 32.65 -20.18
CA ALA BA 161 19.74 32.46 -21.46
C ALA BA 161 19.73 31.01 -21.93
N LEU BA 162 20.88 30.34 -21.79
CA LEU BA 162 21.04 28.93 -22.19
C LEU BA 162 20.14 28.02 -21.33
N ALA BA 163 20.18 28.21 -20.01
CA ALA BA 163 19.28 27.51 -19.07
C ALA BA 163 17.83 27.72 -19.40
N MET BA 164 17.43 28.95 -19.70
CA MET BA 164 16.07 29.31 -19.98
C MET BA 164 15.59 28.67 -21.28
N GLU BA 165 16.45 28.50 -22.26
CA GLU BA 165 16.04 27.88 -23.56
C GLU BA 165 15.63 26.38 -23.35
N ARG BA 166 16.39 25.67 -22.51
CA ARG BA 166 16.26 24.26 -22.29
C ARG BA 166 15.29 23.83 -21.15
N ASP BA 167 15.26 24.58 -20.07
CA ASP BA 167 14.46 24.23 -18.89
C ASP BA 167 13.08 24.78 -19.04
N GLY BA 168 12.11 23.90 -19.19
CA GLY BA 168 10.68 24.23 -19.15
C GLY BA 168 10.31 25.06 -17.90
N SER BA 169 10.97 24.83 -16.77
CA SER BA 169 10.60 25.56 -15.52
C SER BA 169 11.35 26.89 -15.36
N SER BA 170 12.07 27.32 -16.38
CA SER BA 170 12.75 28.64 -16.36
C SER BA 170 12.35 29.45 -17.57
N GLY BA 171 12.44 30.78 -17.53
CA GLY BA 171 12.11 31.56 -18.71
C GLY BA 171 11.73 32.98 -18.42
N GLY BA 172 11.22 33.65 -19.46
CA GLY BA 172 10.67 34.96 -19.32
C GLY BA 172 11.72 36.03 -19.58
N VAL BA 173 12.06 36.86 -18.57
CA VAL BA 173 13.14 37.87 -18.74
C VAL BA 173 14.30 37.51 -17.86
N ILE BA 174 15.42 38.20 -18.08
CA ILE BA 174 16.60 38.00 -17.26
C ILE BA 174 16.72 39.23 -16.41
N ARG BA 175 16.70 39.03 -15.10
CA ARG BA 175 16.95 40.14 -14.10
C ARG BA 175 18.36 40.06 -13.58
N LEU BA 176 19.08 41.19 -13.67
CA LEU BA 176 20.46 41.22 -13.26
C LEU BA 176 20.62 42.32 -12.24
N ALA BA 177 21.59 42.15 -11.36
CA ALA BA 177 21.97 43.20 -10.41
C ALA BA 177 23.45 43.13 -10.19
N ALA BA 178 24.09 44.30 -10.09
CA ALA BA 178 25.48 44.40 -9.71
C ALA BA 178 25.57 45.20 -8.39
N ILE BA 179 26.41 44.71 -7.49
CA ILE BA 179 26.50 45.29 -6.16
C ILE BA 179 27.94 45.56 -5.89
N ALA BA 180 28.18 46.78 -5.43
CA ALA BA 180 29.52 47.24 -5.14
C ALA BA 180 29.50 48.36 -4.02
N GLU BA 181 30.66 48.78 -3.62
CA GLU BA 181 30.70 49.88 -2.63
C GLU BA 181 29.83 51.11 -3.02
N SER BA 182 29.78 51.43 -4.32
CA SER BA 182 28.95 52.52 -4.80
C SER BA 182 27.45 52.29 -4.76
N GLY BA 183 26.99 51.04 -4.72
CA GLY BA 183 25.55 50.75 -4.65
C GLY BA 183 25.10 49.50 -5.42
N VAL BA 184 23.82 49.49 -5.75
CA VAL BA 184 23.16 48.41 -6.48
C VAL BA 184 22.61 48.91 -7.82
N GLU BA 185 22.88 48.19 -8.91
CA GLU BA 185 22.45 48.61 -10.26
C GLU BA 185 21.67 47.44 -10.81
N ARG BA 186 20.39 47.64 -11.07
CA ARG BA 186 19.53 46.60 -11.50
C ARG BA 186 19.13 46.85 -12.94
N GLN BA 187 18.95 45.79 -13.71
CA GLN BA 187 18.45 45.92 -15.08
C GLN BA 187 17.75 44.61 -15.48
N VAL BA 188 16.96 44.72 -16.53
CA VAL BA 188 16.21 43.62 -17.10
C VAL BA 188 16.62 43.44 -18.54
N LEU BA 189 16.89 42.20 -18.96
CA LEU BA 189 17.09 41.88 -20.39
C LEU BA 189 15.80 41.26 -20.83
N LEU BA 190 15.20 41.82 -21.86
CA LEU BA 190 14.00 41.20 -22.43
C LEU BA 190 14.01 41.08 -23.92
N GLY BA 191 13.15 40.18 -24.41
CA GLY BA 191 13.00 39.95 -25.84
C GLY BA 191 14.34 39.82 -26.53
N ASP BA 192 14.57 40.69 -27.50
CA ASP BA 192 15.79 40.63 -28.32
C ASP BA 192 17.07 40.97 -27.59
N GLN BA 193 16.97 41.53 -26.38
CA GLN BA 193 18.13 41.76 -25.57
C GLN BA 193 18.71 40.49 -24.94
N ILE BA 194 17.94 39.41 -24.87
CA ILE BA 194 18.44 38.13 -24.27
C ILE BA 194 19.41 37.51 -25.28
N PRO BA 195 20.60 37.05 -24.82
CA PRO BA 195 21.49 36.43 -25.78
C PRO BA 195 20.79 35.29 -26.48
N LYS BA 196 21.14 35.10 -27.74
CA LYS BA 196 20.46 34.23 -28.69
C LYS BA 196 21.52 33.25 -29.19
N PHE BA 197 21.20 31.96 -29.26
CA PHE BA 197 22.13 30.99 -29.87
C PHE BA 197 21.25 30.11 -30.76
N ALA BA 198 21.45 30.15 -32.07
CA ALA BA 198 20.68 29.29 -33.03
C ALA BA 198 20.26 27.85 -32.56
N VAL BA 199 19.07 27.40 -32.98
CA VAL BA 199 18.69 25.97 -32.94
C VAL BA 199 19.49 25.38 -34.14
N ALA BA 200 20.13 24.22 -33.93
CA ALA BA 200 21.10 23.69 -34.94
C ALA BA 200 20.40 22.93 -36.05
N THR BA 201 19.65 23.66 -36.87
CA THR BA 201 18.90 23.10 -38.03
C THR BA 201 19.85 22.42 -39.04
N LEU BA 202 19.29 21.51 -39.81
CA LEU BA 202 20.12 20.61 -40.60
C LEU BA 202 20.76 21.25 -41.85
N PRO BA 203 22.10 20.99 -42.09
CA PRO BA 203 22.75 21.37 -43.38
C PRO BA 203 22.15 20.69 -44.63
#